data_3JQO
#
_entry.id   3JQO
#
_cell.length_a   202.400
_cell.length_b   211.630
_cell.length_c   203.440
_cell.angle_alpha   90.00
_cell.angle_beta   90.00
_cell.angle_gamma   90.00
#
_symmetry.space_group_name_H-M   'P 21 21 2'
#
loop_
_entity.id
_entity.type
_entity.pdbx_description
1 polymer 'TraF protein'
2 polymer 'TraO protein'
3 polymer 'TraN protein'
4 non-polymer (4S)-2-METHYL-2,4-PENTANEDIOL
5 non-polymer 'LAURYL DIMETHYLAMINE-N-OXIDE'
6 water water
#
loop_
_entity_poly.entity_id
_entity_poly.type
_entity_poly.pdbx_seq_one_letter_code
_entity_poly.pdbx_strand_id
1 'polypeptide(L)'
;SNSPGAQPQDNETSEGSSALAKNLTPARLKASRAGV(MSE)ANPSLTVPKGK(MSE)IPCGTGTELDTTVPGQVSCRVSQ
DVYSADGLVRLIDKGSWVDGQITGGIKDGQARVFVLWERIRNDQDGTIVNIDSAGTNSLGSAGIPGQVDAH(MSE)WERL
RGAI(MSE)ISLFSDTLTALVNQTQSNNIQYNSTENSGGQLASEALRSY(MSE)SIPPTLYDQQGDAVSIFVARDLDFSG
VYTLADN
;
A,D,G,J,M,P,S,V,Y,b,e,h,k,n
2 'polypeptide(L)'
;SAADKKRITQKLKQTAFAGAKNYQYV(MSE)SEQPE(MSE)RSIQPVHVWDNYRFTRFEFPANAELPQVY(MSE)ISASG
KETLPNSHVVGENRNIIEVETVAKEWRIRLGDKVVGVRNNNFAPGRGAVATGTASPDVRRVQIGEDN
;
B,E,H,K,N,Q,T,W,Z,c,f,i,l,o
3 'polypeptide(L)' CSSGHKPPPEPDWSNTVPVNKTIPVDTQGGRNES C,F,I,L,O,R,U,X,a,d,g,j,m,p
#
loop_
_chem_comp.id
_chem_comp.type
_chem_comp.name
_chem_comp.formula
LDA non-polymer 'LAURYL DIMETHYLAMINE-N-OXIDE' 'C14 H31 N O'
MPD non-polymer (4S)-2-METHYL-2,4-PENTANEDIOL 'C6 H14 O2'
#
# COMPACT_ATOMS: atom_id res chain seq x y z
N GLU A 12 4.02 32.52 18.64
CA GLU A 12 5.36 32.27 19.24
C GLU A 12 5.49 32.71 20.69
N THR A 13 4.57 32.28 21.55
CA THR A 13 4.91 32.23 22.96
C THR A 13 5.46 30.85 23.26
N SER A 14 6.27 30.74 24.29
CA SER A 14 6.87 29.46 24.65
C SER A 14 5.84 28.32 24.80
N GLU A 15 6.08 27.20 24.14
CA GLU A 15 5.29 25.99 24.34
C GLU A 15 5.23 25.51 25.76
N GLY A 16 6.40 25.43 26.40
CA GLY A 16 6.54 25.04 27.79
C GLY A 16 5.66 25.96 28.58
N SER A 17 5.83 27.24 28.36
CA SER A 17 5.07 28.20 29.13
C SER A 17 3.56 28.05 28.94
N SER A 18 3.10 27.85 27.70
CA SER A 18 1.67 27.61 27.47
C SER A 18 1.17 26.30 28.07
N ALA A 19 1.95 25.21 27.93
CA ALA A 19 1.51 23.97 28.54
C ALA A 19 1.30 24.21 30.06
N LEU A 20 2.27 24.88 30.70
CA LEU A 20 2.09 25.11 32.10
C LEU A 20 0.87 26.02 32.39
N ALA A 21 0.68 27.11 31.59
CA ALA A 21 -0.44 28.01 31.85
C ALA A 21 -1.72 27.24 31.75
N LYS A 22 -1.82 26.42 30.73
CA LYS A 22 -3.01 25.64 30.53
C LYS A 22 -3.22 24.68 31.70
N ASN A 23 -2.19 24.00 32.16
CA ASN A 23 -2.42 23.20 33.35
C ASN A 23 -2.79 23.98 34.62
N LEU A 24 -2.57 25.29 34.63
CA LEU A 24 -3.02 26.08 35.75
C LEU A 24 -4.44 26.65 35.60
N THR A 25 -5.13 26.29 34.52
CA THR A 25 -6.45 26.81 34.24
C THR A 25 -7.52 25.74 34.46
N PRO A 26 -8.22 25.78 35.58
CA PRO A 26 -9.14 24.65 35.85
C PRO A 26 -10.46 24.75 35.11
N ALA A 27 -11.16 23.66 34.99
CA ALA A 27 -12.52 23.72 34.51
C ALA A 27 -13.35 24.17 35.68
N ARG A 28 -13.97 25.36 35.68
CA ARG A 28 -14.74 25.71 36.88
C ARG A 28 -16.00 24.88 36.97
N LEU A 29 -16.25 24.24 38.09
CA LEU A 29 -17.50 23.55 38.31
C LEU A 29 -18.62 24.54 38.71
N LYS A 30 -19.85 24.30 38.24
CA LYS A 30 -20.99 25.13 38.60
C LYS A 30 -21.44 24.76 39.98
N ALA A 31 -21.78 25.78 40.79
CA ALA A 31 -22.44 25.58 42.09
C ALA A 31 -23.75 24.93 41.80
N SER A 32 -24.39 24.38 42.83
CA SER A 32 -25.63 23.67 42.68
C SER A 32 -26.59 24.16 43.75
N ARG A 33 -27.87 24.36 43.37
CA ARG A 33 -28.91 24.82 44.30
C ARG A 33 -29.75 23.70 44.81
N ALA A 34 -29.87 23.57 46.14
CA ALA A 34 -30.84 22.66 46.72
C ALA A 34 -32.25 23.06 46.43
N GLY A 35 -33.14 22.08 46.32
CA GLY A 35 -34.56 22.30 46.12
C GLY A 35 -35.31 21.41 47.08
N VAL A 36 -36.60 21.20 46.83
CA VAL A 36 -37.33 20.23 47.63
C VAL A 36 -38.22 19.31 46.81
N MSE A 37 -38.32 18.07 47.24
CA MSE A 37 -39.05 17.08 46.47
C MSE A 37 -40.56 17.34 46.55
O MSE A 37 -41.10 17.53 47.62
CB MSE A 37 -38.68 15.71 46.97
CG MSE A 37 -39.41 14.63 46.25
SE MSE A 37 -38.67 12.86 46.59
CE MSE A 37 -37.11 13.03 45.38
N ALA A 38 -41.23 17.32 45.40
CA ALA A 38 -42.65 17.72 45.33
C ALA A 38 -43.66 16.83 46.08
N ASN A 39 -43.61 15.53 45.88
CA ASN A 39 -44.61 14.70 46.53
C ASN A 39 -43.93 13.54 47.29
N PRO A 40 -43.24 13.86 48.36
CA PRO A 40 -42.49 12.80 49.03
C PRO A 40 -43.36 11.64 49.49
N SER A 41 -44.63 11.89 49.82
CA SER A 41 -45.50 10.80 50.27
C SER A 41 -46.02 9.98 49.11
N LEU A 42 -45.86 10.47 47.88
CA LEU A 42 -46.39 9.72 46.77
C LEU A 42 -45.31 9.30 45.75
N THR A 43 -44.03 9.31 46.19
CA THR A 43 -42.89 9.07 45.32
C THR A 43 -42.03 7.95 45.88
N VAL A 44 -41.61 6.97 45.06
CA VAL A 44 -40.54 6.07 45.49
C VAL A 44 -39.24 6.64 44.93
N PRO A 45 -38.31 7.14 45.80
CA PRO A 45 -37.18 7.87 45.25
C PRO A 45 -35.98 7.00 44.90
N LYS A 46 -35.06 7.53 44.09
CA LYS A 46 -33.80 6.90 43.69
C LYS A 46 -33.16 6.27 44.90
N GLY A 47 -32.61 5.07 44.76
CA GLY A 47 -31.77 4.53 45.82
C GLY A 47 -32.55 3.54 46.70
N LYS A 48 -33.87 3.56 46.71
CA LYS A 48 -34.55 2.61 47.55
C LYS A 48 -34.43 1.24 46.89
N MSE A 49 -34.56 0.17 47.68
CA MSE A 49 -34.43 -1.15 47.14
C MSE A 49 -35.81 -1.79 47.01
O MSE A 49 -36.69 -1.59 47.85
CB MSE A 49 -33.54 -1.95 48.05
CG MSE A 49 -32.20 -1.33 48.29
SE MSE A 49 -31.18 -0.96 46.67
CE MSE A 49 -31.06 -2.86 46.07
N ILE A 50 -36.05 -2.52 45.94
CA ILE A 50 -37.25 -3.33 45.83
C ILE A 50 -36.82 -4.81 45.98
N PRO A 51 -37.13 -5.43 47.10
CA PRO A 51 -36.75 -6.85 47.23
C PRO A 51 -37.69 -7.70 46.35
N CYS A 52 -37.14 -8.73 45.71
CA CYS A 52 -37.88 -9.50 44.71
C CYS A 52 -37.52 -10.98 44.83
N GLY A 53 -38.41 -11.87 44.48
CA GLY A 53 -38.05 -13.25 44.24
C GLY A 53 -38.25 -13.63 42.76
N THR A 54 -37.24 -14.16 42.09
CA THR A 54 -37.37 -14.36 40.67
C THR A 54 -38.46 -15.39 40.43
N GLY A 55 -39.28 -15.21 39.40
CA GLY A 55 -40.18 -16.24 38.98
C GLY A 55 -39.46 -17.12 37.98
N THR A 56 -39.07 -16.57 36.85
CA THR A 56 -38.24 -17.32 35.87
C THR A 56 -36.82 -17.66 36.34
N GLU A 57 -36.43 -18.90 36.16
CA GLU A 57 -35.02 -19.29 36.06
C GLU A 57 -34.31 -18.38 35.09
N LEU A 58 -33.00 -18.34 35.14
CA LEU A 58 -32.23 -17.46 34.26
C LEU A 58 -31.05 -18.24 33.75
N ASP A 59 -30.69 -17.99 32.49
CA ASP A 59 -29.58 -18.67 31.84
C ASP A 59 -29.09 -17.74 30.74
N THR A 60 -27.86 -17.26 30.83
CA THR A 60 -27.48 -16.23 29.86
C THR A 60 -27.02 -16.79 28.54
N THR A 61 -27.26 -18.06 28.21
CA THR A 61 -26.87 -18.58 26.90
C THR A 61 -27.58 -17.80 25.77
N VAL A 62 -28.86 -17.53 25.93
CA VAL A 62 -29.61 -16.88 24.88
C VAL A 62 -30.24 -15.65 25.49
N PRO A 63 -30.08 -14.47 24.85
CA PRO A 63 -30.70 -13.26 25.42
C PRO A 63 -32.19 -13.43 25.54
N GLY A 64 -32.80 -12.92 26.61
CA GLY A 64 -34.23 -12.99 26.76
C GLY A 64 -34.73 -12.25 27.97
N GLN A 65 -35.87 -12.70 28.51
CA GLN A 65 -36.61 -11.98 29.55
C GLN A 65 -36.52 -12.66 30.89
N VAL A 66 -36.80 -11.93 31.96
CA VAL A 66 -36.87 -12.44 33.31
C VAL A 66 -38.13 -11.85 33.95
N SER A 67 -38.67 -12.51 34.97
CA SER A 67 -39.68 -11.91 35.84
C SER A 67 -39.31 -12.09 37.32
N CYS A 68 -39.81 -11.19 38.19
CA CYS A 68 -39.75 -11.40 39.62
C CYS A 68 -41.01 -10.80 40.28
N ARG A 69 -41.35 -11.23 41.50
CA ARG A 69 -42.49 -10.73 42.18
C ARG A 69 -42.01 -10.01 43.43
N VAL A 70 -42.48 -8.78 43.64
CA VAL A 70 -42.06 -8.01 44.76
C VAL A 70 -42.35 -8.77 46.04
N SER A 71 -41.32 -8.86 46.86
CA SER A 71 -41.29 -9.72 48.00
C SER A 71 -41.86 -9.14 49.26
N GLN A 72 -41.84 -7.80 49.34
CA GLN A 72 -42.25 -7.06 50.53
C GLN A 72 -42.62 -5.67 50.08
N ASP A 73 -43.46 -4.94 50.82
CA ASP A 73 -43.91 -3.62 50.38
C ASP A 73 -42.79 -2.63 50.34
N VAL A 74 -42.91 -1.67 49.45
CA VAL A 74 -41.98 -0.57 49.40
C VAL A 74 -42.71 0.73 49.55
N TYR A 75 -42.28 1.50 50.54
CA TYR A 75 -42.95 2.76 50.93
C TYR A 75 -42.34 3.96 50.25
N SER A 76 -43.07 5.08 50.36
CA SER A 76 -42.73 6.40 49.74
C SER A 76 -41.47 7.04 50.32
N ALA A 77 -41.01 8.10 49.70
CA ALA A 77 -39.82 8.82 50.16
C ALA A 77 -39.73 9.05 51.67
N ASP A 78 -40.86 9.24 52.34
CA ASP A 78 -40.89 9.54 53.76
C ASP A 78 -41.23 8.34 54.62
N GLY A 79 -41.49 7.22 53.99
CA GLY A 79 -41.75 5.99 54.71
C GLY A 79 -43.19 5.88 55.10
N LEU A 80 -44.02 6.83 54.70
CA LEU A 80 -45.35 6.85 55.26
C LEU A 80 -46.45 6.12 54.46
N VAL A 81 -46.25 5.97 53.15
CA VAL A 81 -47.29 5.49 52.27
C VAL A 81 -46.75 4.32 51.51
N ARG A 82 -47.49 3.22 51.53
CA ARG A 82 -47.16 2.03 50.76
C ARG A 82 -47.42 2.35 49.29
N LEU A 83 -46.39 2.19 48.44
CA LEU A 83 -46.52 2.48 46.99
C LEU A 83 -46.30 1.31 46.03
N ILE A 84 -45.23 0.54 46.24
CA ILE A 84 -44.97 -0.67 45.46
C ILE A 84 -45.37 -1.86 46.30
N ASP A 85 -46.40 -2.54 45.88
CA ASP A 85 -47.08 -3.47 46.76
C ASP A 85 -46.47 -4.88 46.64
N LYS A 86 -46.25 -5.49 47.79
CA LYS A 86 -45.88 -6.88 47.89
C LYS A 86 -46.81 -7.65 47.00
N GLY A 87 -46.25 -8.51 46.15
CA GLY A 87 -47.09 -9.31 45.30
C GLY A 87 -47.06 -8.81 43.90
N SER A 88 -46.60 -7.57 43.67
CA SER A 88 -46.50 -7.04 42.29
C SER A 88 -45.55 -7.83 41.43
N TRP A 89 -45.84 -7.90 40.13
CA TRP A 89 -44.96 -8.62 39.19
C TRP A 89 -44.07 -7.60 38.49
N VAL A 90 -42.82 -7.95 38.26
CA VAL A 90 -41.89 -7.11 37.54
C VAL A 90 -41.43 -7.92 36.34
N ASP A 91 -41.42 -7.33 35.17
CA ASP A 91 -40.90 -8.00 34.00
C ASP A 91 -39.63 -7.28 33.58
N GLY A 92 -38.58 -7.98 33.19
CA GLY A 92 -37.36 -7.32 32.75
C GLY A 92 -36.60 -8.18 31.74
N GLN A 93 -35.34 -7.85 31.48
CA GLN A 93 -34.65 -8.52 30.36
C GLN A 93 -33.19 -8.70 30.66
N ILE A 94 -32.61 -9.76 30.14
CA ILE A 94 -31.18 -9.99 30.26
C ILE A 94 -30.75 -10.15 28.83
N THR A 95 -30.02 -9.19 28.28
CA THR A 95 -29.87 -9.22 26.82
C THR A 95 -28.45 -9.44 26.38
N GLY A 96 -27.56 -9.64 27.34
CA GLY A 96 -26.15 -9.91 27.04
C GLY A 96 -25.73 -11.02 27.95
N GLY A 97 -24.53 -11.56 27.78
CA GLY A 97 -24.10 -12.66 28.61
C GLY A 97 -22.98 -12.20 29.54
N ILE A 98 -22.17 -13.16 30.03
CA ILE A 98 -21.07 -12.89 30.94
C ILE A 98 -19.73 -13.24 30.27
N LYS A 99 -18.66 -12.73 30.82
CA LYS A 99 -17.32 -12.94 30.30
C LYS A 99 -16.56 -13.79 31.33
N ASP A 100 -15.49 -14.44 30.92
CA ASP A 100 -14.60 -15.07 31.91
C ASP A 100 -14.21 -14.02 32.95
N GLY A 101 -14.24 -14.40 34.22
CA GLY A 101 -13.85 -13.52 35.31
C GLY A 101 -15.05 -12.76 35.85
N GLN A 102 -16.26 -13.08 35.37
CA GLN A 102 -17.54 -12.59 35.94
C GLN A 102 -18.45 -13.70 36.43
N ALA A 103 -19.15 -13.45 37.52
CA ALA A 103 -20.05 -14.43 38.05
C ALA A 103 -21.44 -13.83 38.32
N ARG A 104 -21.71 -12.74 37.63
CA ARG A 104 -22.99 -12.04 37.76
C ARG A 104 -23.29 -11.24 36.51
N VAL A 105 -24.56 -11.01 36.21
CA VAL A 105 -24.96 -10.37 34.96
C VAL A 105 -25.86 -9.13 35.12
N PHE A 106 -25.67 -8.15 34.25
CA PHE A 106 -26.57 -6.97 34.16
C PHE A 106 -28.00 -7.45 33.79
N VAL A 107 -28.98 -6.98 34.54
CA VAL A 107 -30.41 -7.21 34.35
C VAL A 107 -31.20 -5.85 34.32
N LEU A 108 -31.96 -5.60 33.26
CA LEU A 108 -32.77 -4.40 33.18
C LEU A 108 -34.20 -4.74 33.63
N TRP A 109 -34.61 -4.24 34.78
CA TRP A 109 -36.01 -4.43 35.17
C TRP A 109 -36.86 -3.28 34.64
N GLU A 110 -37.90 -3.64 33.90
CA GLU A 110 -38.62 -2.66 33.12
C GLU A 110 -39.84 -2.13 33.85
N ARG A 111 -40.85 -2.98 34.08
CA ARG A 111 -42.13 -2.51 34.56
C ARG A 111 -42.60 -3.27 35.80
N ILE A 112 -43.23 -2.54 36.71
CA ILE A 112 -43.87 -3.14 37.89
C ILE A 112 -45.34 -3.13 37.62
N ARG A 113 -46.03 -4.22 37.88
CA ARG A 113 -47.43 -4.31 37.63
C ARG A 113 -48.08 -4.86 38.89
N ASN A 114 -49.01 -4.10 39.45
CA ASN A 114 -49.73 -4.54 40.62
C ASN A 114 -50.94 -5.35 40.11
N ASP A 115 -51.05 -6.63 40.46
CA ASP A 115 -52.13 -7.38 39.89
C ASP A 115 -53.46 -7.29 40.64
N GLN A 116 -53.47 -6.70 41.81
CA GLN A 116 -54.72 -6.46 42.49
C GLN A 116 -55.39 -5.26 41.84
N ASP A 117 -54.56 -4.32 41.45
CA ASP A 117 -54.88 -2.92 41.34
C ASP A 117 -54.81 -2.35 39.93
N GLY A 118 -53.96 -2.95 39.08
CA GLY A 118 -53.62 -2.44 37.78
C GLY A 118 -52.57 -1.34 37.67
N THR A 119 -52.06 -0.83 38.80
CA THR A 119 -51.02 0.20 38.76
C THR A 119 -49.78 -0.38 38.04
N ILE A 120 -49.27 0.41 37.11
CA ILE A 120 -48.12 0.06 36.33
C ILE A 120 -47.14 1.22 36.35
N VAL A 121 -45.87 0.91 36.49
CA VAL A 121 -44.86 1.95 36.34
C VAL A 121 -43.60 1.37 35.62
N ASN A 122 -43.04 2.12 34.67
CA ASN A 122 -41.82 1.71 34.05
C ASN A 122 -40.67 2.16 34.95
N ILE A 123 -40.06 1.24 35.68
CA ILE A 123 -38.97 1.65 36.58
C ILE A 123 -37.64 1.77 35.86
N ASP A 124 -37.50 1.07 34.73
CA ASP A 124 -36.24 1.03 33.98
C ASP A 124 -35.04 1.08 34.92
N SER A 125 -34.89 0.05 35.75
CA SER A 125 -33.87 0.03 36.79
C SER A 125 -33.07 -1.29 36.81
N ALA A 126 -31.89 -1.23 37.39
CA ALA A 126 -30.92 -2.34 37.29
C ALA A 126 -31.16 -3.34 38.44
N GLY A 127 -31.11 -4.64 38.15
CA GLY A 127 -31.22 -5.67 39.16
C GLY A 127 -29.96 -5.75 39.99
N THR A 128 -30.12 -6.19 41.24
CA THR A 128 -28.97 -6.40 42.16
C THR A 128 -29.15 -7.68 42.98
N ASN A 129 -28.10 -8.08 43.68
CA ASN A 129 -28.05 -8.72 44.99
C ASN A 129 -29.10 -8.28 45.97
N SER A 130 -29.30 -9.09 47.01
CA SER A 130 -29.95 -8.61 48.19
C SER A 130 -29.28 -7.43 48.92
N LEU A 131 -27.97 -7.27 48.77
CA LEU A 131 -27.24 -6.21 49.48
C LEU A 131 -26.99 -5.02 48.55
N GLY A 132 -27.53 -5.09 47.31
CA GLY A 132 -27.50 -3.89 46.44
C GLY A 132 -26.40 -3.69 45.43
N SER A 133 -25.45 -4.61 45.33
CA SER A 133 -24.38 -4.50 44.38
C SER A 133 -24.88 -4.98 43.03
N ALA A 134 -24.23 -4.59 41.96
CA ALA A 134 -24.85 -4.53 40.66
C ALA A 134 -24.87 -5.90 39.98
N GLY A 135 -26.00 -6.27 39.37
CA GLY A 135 -26.10 -7.52 38.59
C GLY A 135 -26.61 -8.65 39.45
N ILE A 136 -27.28 -9.63 38.83
CA ILE A 136 -27.72 -10.82 39.61
C ILE A 136 -26.59 -11.89 39.69
N PRO A 137 -26.15 -12.24 40.89
CA PRO A 137 -25.11 -13.32 40.95
C PRO A 137 -25.63 -14.65 40.45
N GLY A 138 -24.79 -15.51 39.90
CA GLY A 138 -25.23 -16.80 39.39
C GLY A 138 -24.11 -17.81 39.41
N GLN A 139 -24.39 -18.99 38.87
CA GLN A 139 -23.41 -20.05 38.81
C GLN A 139 -22.80 -20.08 37.40
N VAL A 140 -21.50 -20.07 37.30
CA VAL A 140 -20.81 -19.98 36.03
C VAL A 140 -20.53 -21.37 35.45
N ASP A 141 -20.82 -21.54 34.16
CA ASP A 141 -20.39 -22.75 33.42
C ASP A 141 -19.40 -22.28 32.40
N ALA A 142 -18.12 -22.57 32.65
CA ALA A 142 -17.01 -22.11 31.78
C ALA A 142 -16.93 -22.76 30.40
N HIS A 143 -17.70 -23.82 30.16
CA HIS A 143 -17.60 -24.61 28.95
C HIS A 143 -16.17 -24.95 28.50
N MSE A 144 -15.31 -25.29 29.45
CA MSE A 144 -13.91 -25.67 29.17
C MSE A 144 -13.82 -26.78 28.14
O MSE A 144 -13.15 -26.61 27.13
CB MSE A 144 -13.16 -26.07 30.45
CG MSE A 144 -12.90 -24.91 31.40
SE MSE A 144 -11.92 -23.46 30.49
CE MSE A 144 -10.17 -24.34 30.49
N TRP A 145 -14.51 -27.89 28.37
CA TRP A 145 -14.44 -29.02 27.44
C TRP A 145 -14.72 -28.57 26.01
N GLU A 146 -15.90 -27.99 25.78
CA GLU A 146 -16.17 -27.51 24.42
C GLU A 146 -15.14 -26.50 23.96
N ARG A 147 -14.49 -25.78 24.86
CA ARG A 147 -13.57 -24.74 24.45
C ARG A 147 -12.20 -25.32 24.18
N LEU A 148 -12.00 -26.57 24.57
CA LEU A 148 -10.70 -27.22 24.47
C LEU A 148 -10.69 -28.46 23.56
N ARG A 149 -11.83 -29.10 23.36
CA ARG A 149 -11.86 -30.43 22.73
C ARG A 149 -11.23 -30.51 21.35
N GLY A 150 -11.36 -29.46 20.54
CA GLY A 150 -10.79 -29.45 19.20
C GLY A 150 -9.29 -29.69 19.29
N ALA A 151 -8.59 -28.73 19.90
CA ALA A 151 -7.14 -28.80 20.11
C ALA A 151 -6.71 -30.11 20.80
N ILE A 152 -7.44 -30.52 21.84
CA ILE A 152 -7.14 -31.77 22.49
C ILE A 152 -7.13 -32.92 21.48
N MSE A 153 -8.26 -33.13 20.80
CA MSE A 153 -8.40 -34.19 19.81
C MSE A 153 -7.31 -34.14 18.75
O MSE A 153 -6.65 -35.14 18.48
CB MSE A 153 -9.75 -34.06 19.12
CG MSE A 153 -10.48 -35.34 19.10
SE MSE A 153 -11.18 -35.54 20.87
CE MSE A 153 -10.99 -37.49 21.14
N ILE A 154 -7.15 -32.97 18.15
CA ILE A 154 -6.14 -32.80 17.13
C ILE A 154 -4.76 -33.23 17.64
N SER A 155 -4.26 -32.55 18.68
CA SER A 155 -2.95 -32.84 19.23
C SER A 155 -2.78 -34.31 19.59
N LEU A 156 -3.85 -34.95 20.05
CA LEU A 156 -3.79 -36.38 20.37
C LEU A 156 -3.33 -37.20 19.17
N PHE A 157 -3.74 -36.81 17.96
CA PHE A 157 -3.11 -37.39 16.77
C PHE A 157 -1.65 -36.96 16.76
N SER A 158 -1.36 -35.66 16.60
CA SER A 158 0.04 -35.17 16.58
C SER A 158 0.96 -35.95 17.53
N ASP A 159 0.45 -36.26 18.72
CA ASP A 159 1.15 -37.11 19.68
C ASP A 159 1.30 -38.52 19.13
N THR A 160 0.17 -39.16 18.86
CA THR A 160 0.19 -40.49 18.22
C THR A 160 0.73 -40.42 16.77
N LEU A 161 0.85 -39.19 16.24
CA LEU A 161 1.30 -38.98 14.86
C LEU A 161 2.80 -39.09 14.78
N THR A 162 3.49 -38.53 15.78
CA THR A 162 4.92 -38.71 15.93
C THR A 162 5.12 -40.14 16.40
N ALA A 163 4.08 -40.66 17.07
CA ALA A 163 4.05 -42.01 17.61
C ALA A 163 3.14 -42.93 16.80
N LEU A 185 -0.66 -24.21 16.41
CA LEU A 185 -1.89 -24.90 16.85
C LEU A 185 -2.32 -24.36 18.21
N ALA A 186 -1.45 -24.51 19.22
CA ALA A 186 -1.67 -23.99 20.57
C ALA A 186 -2.15 -22.54 20.55
N SER A 187 -1.52 -21.70 19.74
CA SER A 187 -1.91 -20.29 19.63
C SER A 187 -3.24 -20.12 18.91
N GLU A 188 -3.54 -21.06 17.99
CA GLU A 188 -4.85 -21.06 17.36
C GLU A 188 -5.86 -21.57 18.39
N ALA A 189 -5.45 -22.53 19.20
CA ALA A 189 -6.32 -23.11 20.21
C ALA A 189 -6.88 -22.00 21.12
N LEU A 190 -5.97 -21.23 21.70
CA LEU A 190 -6.32 -20.18 22.65
C LEU A 190 -7.28 -19.19 22.02
N ARG A 191 -7.02 -18.86 20.74
CA ARG A 191 -7.95 -18.06 19.94
C ARG A 191 -9.39 -18.64 19.95
N SER A 192 -9.49 -19.94 19.67
CA SER A 192 -10.75 -20.67 19.63
C SER A 192 -11.39 -20.79 21.02
N TYR A 193 -10.52 -20.89 22.02
CA TYR A 193 -10.89 -20.95 23.41
C TYR A 193 -11.62 -19.69 23.83
N MSE A 194 -11.24 -18.57 23.25
CA MSE A 194 -11.80 -17.29 23.60
C MSE A 194 -13.08 -16.96 22.82
O MSE A 194 -13.79 -16.03 23.15
CB MSE A 194 -10.77 -16.20 23.38
CG MSE A 194 -9.60 -16.22 24.36
SE MSE A 194 -8.25 -14.81 23.92
CE MSE A 194 -9.51 -13.25 23.97
N SER A 195 -13.37 -17.71 21.79
CA SER A 195 -14.51 -17.42 20.98
C SER A 195 -15.79 -17.94 21.61
N ILE A 196 -15.72 -18.82 22.60
CA ILE A 196 -16.97 -19.18 23.27
C ILE A 196 -17.05 -18.70 24.74
N PRO A 197 -18.15 -18.01 25.09
CA PRO A 197 -18.15 -17.40 26.45
C PRO A 197 -18.60 -18.40 27.48
N PRO A 198 -18.26 -18.13 28.75
CA PRO A 198 -18.92 -18.93 29.80
C PRO A 198 -20.41 -18.50 29.80
N THR A 199 -21.28 -19.24 30.48
CA THR A 199 -22.65 -18.80 30.61
C THR A 199 -23.05 -18.91 32.07
N LEU A 200 -24.06 -18.14 32.46
CA LEU A 200 -24.46 -18.00 33.83
C LEU A 200 -25.85 -18.55 33.97
N TYR A 201 -26.06 -19.25 35.08
CA TYR A 201 -27.39 -19.76 35.39
C TYR A 201 -27.78 -19.26 36.74
N ASP A 202 -29.06 -19.08 36.99
CA ASP A 202 -29.52 -18.83 38.35
C ASP A 202 -30.89 -19.44 38.54
N GLN A 203 -31.04 -20.24 39.59
CA GLN A 203 -32.27 -20.94 39.87
C GLN A 203 -33.51 -20.00 39.86
N GLN A 204 -34.69 -20.56 39.59
CA GLN A 204 -35.96 -19.95 39.81
C GLN A 204 -36.12 -19.65 41.27
N GLY A 205 -36.83 -18.56 41.61
CA GLY A 205 -37.19 -18.27 42.99
C GLY A 205 -36.05 -17.73 43.82
N ASP A 206 -35.06 -17.18 43.17
CA ASP A 206 -33.93 -16.61 43.89
C ASP A 206 -34.35 -15.29 44.57
N ALA A 207 -33.73 -14.99 45.72
CA ALA A 207 -33.97 -13.75 46.50
C ALA A 207 -33.02 -12.70 45.98
N VAL A 208 -33.58 -11.65 45.41
CA VAL A 208 -32.83 -10.74 44.59
C VAL A 208 -33.44 -9.33 44.76
N SER A 209 -32.77 -8.31 44.25
CA SER A 209 -33.30 -7.00 44.51
C SER A 209 -33.16 -6.03 43.35
N ILE A 210 -33.76 -4.86 43.48
CA ILE A 210 -33.75 -3.87 42.37
C ILE A 210 -33.38 -2.50 42.92
N PHE A 211 -32.37 -1.87 42.37
CA PHE A 211 -32.02 -0.56 42.83
C PHE A 211 -32.87 0.46 42.07
N VAL A 212 -33.75 1.19 42.74
CA VAL A 212 -34.60 2.13 42.00
C VAL A 212 -33.73 3.21 41.37
N ALA A 213 -33.70 3.33 40.06
CA ALA A 213 -32.75 4.22 39.41
C ALA A 213 -33.17 5.70 39.23
N ARG A 214 -34.46 5.94 39.30
CA ARG A 214 -35.08 7.21 38.92
C ARG A 214 -36.28 7.34 39.86
N ASP A 215 -36.62 8.54 40.27
CA ASP A 215 -37.81 8.76 41.11
C ASP A 215 -39.05 8.21 40.39
N LEU A 216 -39.86 7.50 41.16
CA LEU A 216 -41.10 6.91 40.68
C LEU A 216 -42.25 7.63 41.33
N ASP A 217 -43.06 8.29 40.48
CA ASP A 217 -44.07 9.20 40.91
C ASP A 217 -45.43 8.55 40.79
N PHE A 218 -46.06 8.30 41.92
CA PHE A 218 -47.38 7.73 41.98
C PHE A 218 -48.51 8.78 42.17
N SER A 219 -48.14 10.07 42.26
CA SER A 219 -49.10 11.23 42.23
C SER A 219 -50.35 11.10 41.41
N GLY A 220 -50.27 10.48 40.25
CA GLY A 220 -51.39 10.45 39.35
C GLY A 220 -52.22 9.22 39.57
N VAL A 221 -51.83 8.37 40.53
CA VAL A 221 -52.53 7.13 40.67
C VAL A 221 -53.14 7.02 42.06
N TYR A 222 -52.44 7.50 43.08
CA TYR A 222 -52.89 7.31 44.45
C TYR A 222 -53.02 8.61 45.11
N THR A 223 -53.90 8.62 46.10
CA THR A 223 -54.05 9.76 46.93
C THR A 223 -54.34 9.33 48.34
N LEU A 224 -54.42 10.27 49.26
CA LEU A 224 -54.61 9.95 50.67
C LEU A 224 -55.97 10.42 51.27
N ALA A 225 -56.53 9.64 52.18
CA ALA A 225 -57.77 9.97 52.89
C ALA A 225 -57.71 9.34 54.27
N ASP A 226 -58.32 9.97 55.26
CA ASP A 226 -58.62 9.21 56.48
C ASP A 226 -59.92 8.50 56.17
N ASN A 227 -60.05 7.20 56.47
CA ASN A 227 -59.26 6.46 57.46
C ASN A 227 -58.87 5.04 57.03
N ALA B 2 -57.78 19.91 49.17
CA ALA B 2 -57.38 21.28 49.67
C ALA B 2 -55.95 21.24 50.19
N ALA B 3 -55.35 22.40 50.32
CA ALA B 3 -53.98 22.51 50.85
C ALA B 3 -53.98 22.29 52.35
N ASP B 4 -55.08 22.68 52.98
CA ASP B 4 -55.23 22.52 54.41
C ASP B 4 -55.58 21.07 54.74
N LYS B 5 -56.24 20.40 53.80
CA LYS B 5 -56.59 18.99 53.97
C LYS B 5 -55.36 18.10 53.82
N LYS B 6 -54.55 18.39 52.82
CA LYS B 6 -53.29 17.71 52.63
C LYS B 6 -52.41 17.83 53.89
N ARG B 7 -52.52 18.94 54.60
CA ARG B 7 -51.69 19.21 55.77
C ARG B 7 -52.15 18.45 57.01
N ILE B 8 -53.47 18.32 57.19
CA ILE B 8 -54.03 17.56 58.30
C ILE B 8 -53.76 16.08 58.12
N THR B 9 -54.07 15.54 56.94
CA THR B 9 -53.81 14.12 56.62
C THR B 9 -52.35 13.75 56.83
N GLN B 10 -51.47 14.61 56.34
CA GLN B 10 -50.03 14.49 56.49
C GLN B 10 -49.52 14.41 57.93
N LYS B 11 -50.07 15.27 58.80
CA LYS B 11 -49.75 15.27 60.22
C LYS B 11 -50.29 14.04 60.91
N LEU B 12 -51.55 13.71 60.62
CA LEU B 12 -52.19 12.51 61.16
C LEU B 12 -51.30 11.33 60.89
N LYS B 13 -50.86 11.20 59.64
CA LYS B 13 -50.10 10.06 59.22
C LYS B 13 -48.75 10.04 59.85
N GLN B 14 -48.09 11.19 59.85
CA GLN B 14 -46.79 11.33 60.46
C GLN B 14 -46.92 10.79 61.87
N THR B 15 -48.16 10.54 62.30
CA THR B 15 -48.36 9.62 63.42
C THR B 15 -49.10 8.25 63.20
N ALA B 16 -48.32 7.33 62.60
CA ALA B 16 -48.34 5.97 63.05
C ALA B 16 -47.04 5.11 62.84
N PHE B 17 -46.43 4.90 64.02
CA PHE B 17 -45.74 3.77 64.48
C PHE B 17 -46.74 3.28 65.56
N ALA B 18 -48.03 3.42 65.28
CA ALA B 18 -49.09 3.02 66.18
C ALA B 18 -49.22 1.51 66.36
N GLY B 19 -49.66 1.09 67.54
CA GLY B 19 -50.02 -0.30 67.76
C GLY B 19 -49.29 -0.92 68.92
N ALA B 20 -49.77 -2.07 69.35
CA ALA B 20 -49.08 -2.87 70.37
C ALA B 20 -47.59 -2.88 70.01
N LYS B 21 -46.73 -2.75 71.01
CA LYS B 21 -45.30 -2.66 70.76
C LYS B 21 -44.58 -3.94 71.24
N ASN B 22 -43.43 -4.23 70.65
CA ASN B 22 -42.61 -5.38 71.07
C ASN B 22 -41.21 -4.89 71.40
N TYR B 23 -40.72 -5.25 72.57
CA TYR B 23 -39.42 -4.80 73.11
C TYR B 23 -38.51 -6.01 73.30
N GLN B 24 -38.97 -7.17 72.86
CA GLN B 24 -38.25 -8.39 73.12
C GLN B 24 -37.03 -8.54 72.19
N TYR B 25 -36.00 -7.73 72.42
CA TYR B 25 -34.79 -7.77 71.57
C TYR B 25 -33.54 -8.03 72.36
N VAL B 26 -32.69 -8.86 71.80
CA VAL B 26 -31.39 -9.11 72.41
C VAL B 26 -30.32 -8.74 71.39
N MSE B 27 -29.08 -8.51 71.84
CA MSE B 27 -27.96 -8.22 70.94
C MSE B 27 -26.68 -8.89 71.38
O MSE B 27 -26.52 -9.11 72.58
CB MSE B 27 -27.76 -6.70 70.85
CG MSE B 27 -27.20 -6.12 72.08
SE MSE B 27 -26.81 -4.20 72.15
CE MSE B 27 -28.46 -3.47 71.63
N SER B 28 -25.80 -9.24 70.45
CA SER B 28 -24.41 -9.63 70.81
C SER B 28 -23.80 -8.50 71.61
N GLU B 29 -22.98 -8.85 72.58
CA GLU B 29 -22.27 -7.86 73.35
C GLU B 29 -20.80 -8.10 73.16
N GLN B 30 -20.14 -7.26 72.37
CA GLN B 30 -18.70 -7.27 72.23
C GLN B 30 -18.20 -5.87 72.52
N PRO B 31 -17.30 -5.70 73.49
CA PRO B 31 -16.91 -4.37 73.84
C PRO B 31 -16.33 -3.57 72.67
N GLU B 32 -15.57 -4.17 71.74
CA GLU B 32 -15.07 -3.46 70.53
C GLU B 32 -16.17 -2.79 69.74
N MSE B 33 -17.40 -3.25 69.91
CA MSE B 33 -18.50 -2.81 69.05
C MSE B 33 -19.43 -1.82 69.73
O MSE B 33 -20.37 -1.40 69.14
CB MSE B 33 -19.33 -3.99 68.51
CG MSE B 33 -18.55 -5.18 68.02
SE MSE B 33 -17.39 -4.81 66.53
CE MSE B 33 -16.93 -6.69 66.21
N ARG B 34 -19.15 -1.43 70.96
CA ARG B 34 -20.04 -0.49 71.69
C ARG B 34 -20.28 0.80 70.94
N SER B 35 -19.33 1.20 70.10
CA SER B 35 -19.47 2.47 69.43
C SER B 35 -20.60 2.54 68.45
N ILE B 36 -21.21 1.40 68.16
CA ILE B 36 -22.32 1.37 67.22
C ILE B 36 -23.55 0.67 67.78
N GLN B 37 -23.48 0.27 69.04
CA GLN B 37 -24.60 -0.34 69.70
C GLN B 37 -25.80 0.62 69.82
N PRO B 38 -27.04 0.09 69.67
CA PRO B 38 -28.21 0.91 69.81
C PRO B 38 -28.58 0.99 71.27
N VAL B 39 -29.30 2.05 71.67
CA VAL B 39 -29.80 2.21 73.00
C VAL B 39 -31.12 1.48 73.05
N HIS B 40 -31.92 1.55 72.00
CA HIS B 40 -33.18 0.82 71.94
C HIS B 40 -33.41 0.15 70.57
N VAL B 41 -34.06 -1.01 70.59
CA VAL B 41 -34.60 -1.58 69.42
C VAL B 41 -35.99 -2.04 69.77
N TRP B 42 -36.98 -1.66 68.97
CA TRP B 42 -38.36 -2.09 69.23
C TRP B 42 -39.25 -1.95 67.97
N ASP B 43 -40.38 -2.63 68.00
CA ASP B 43 -41.23 -2.54 66.85
C ASP B 43 -42.67 -2.53 67.21
N ASN B 44 -43.41 -2.40 66.14
CA ASN B 44 -44.82 -2.15 65.92
C ASN B 44 -45.53 -3.38 65.41
N TYR B 45 -44.78 -4.49 65.20
CA TYR B 45 -45.20 -5.57 64.30
C TYR B 45 -45.33 -5.19 62.79
N ARG B 46 -45.02 -3.93 62.42
CA ARG B 46 -44.90 -3.49 61.03
C ARG B 46 -43.53 -2.89 60.66
N PHE B 47 -43.09 -1.90 61.44
CA PHE B 47 -41.82 -1.15 61.28
C PHE B 47 -40.98 -1.38 62.50
N THR B 48 -39.65 -1.29 62.37
CA THR B 48 -38.75 -1.58 63.50
C THR B 48 -37.90 -0.37 63.74
N ARG B 49 -37.76 0.05 64.99
CA ARG B 49 -36.95 1.22 65.29
C ARG B 49 -35.66 0.87 65.94
N PHE B 50 -34.56 1.39 65.38
CA PHE B 50 -33.23 1.28 66.02
C PHE B 50 -32.82 2.65 66.52
N GLU B 51 -32.66 2.79 67.84
CA GLU B 51 -32.38 4.08 68.41
C GLU B 51 -30.95 4.21 68.90
N PHE B 52 -30.26 5.26 68.48
CA PHE B 52 -28.83 5.48 68.85
C PHE B 52 -28.68 6.71 69.75
N PRO B 53 -27.57 6.87 70.48
CA PRO B 53 -27.45 8.07 71.25
C PRO B 53 -27.57 9.30 70.35
N ALA B 54 -28.14 10.38 70.89
CA ALA B 54 -28.47 11.58 70.16
C ALA B 54 -27.43 12.10 69.19
N ASN B 55 -26.15 12.15 69.59
CA ASN B 55 -25.06 12.68 68.78
C ASN B 55 -24.13 11.57 68.29
N ALA B 56 -24.57 10.33 68.38
CA ALA B 56 -23.73 9.30 67.80
C ALA B 56 -23.73 9.34 66.25
N GLU B 57 -22.64 8.97 65.65
CA GLU B 57 -22.66 8.61 64.22
C GLU B 57 -23.68 7.49 63.93
N LEU B 58 -24.45 7.66 62.86
CA LEU B 58 -25.46 6.68 62.44
C LEU B 58 -24.80 5.52 61.72
N PRO B 59 -24.88 4.30 62.27
CA PRO B 59 -24.34 3.16 61.54
C PRO B 59 -25.44 2.72 60.59
N GLN B 60 -25.28 1.60 59.94
CA GLN B 60 -26.23 1.20 58.94
C GLN B 60 -26.88 -0.12 59.39
N VAL B 61 -28.11 -0.40 58.95
CA VAL B 61 -28.75 -1.63 59.42
C VAL B 61 -29.20 -2.59 58.31
N TYR B 62 -28.97 -3.87 58.54
CA TYR B 62 -29.37 -4.90 57.57
C TYR B 62 -30.33 -5.91 58.22
N MSE B 63 -31.24 -6.49 57.43
CA MSE B 63 -32.07 -7.55 57.97
C MSE B 63 -31.70 -8.93 57.43
O MSE B 63 -31.17 -9.04 56.30
CB MSE B 63 -33.53 -7.29 57.72
CG MSE B 63 -33.99 -7.56 56.34
SE MSE B 63 -35.93 -7.37 56.19
CE MSE B 63 -36.17 -9.03 55.22
N ILE B 64 -31.97 -9.97 58.24
CA ILE B 64 -31.89 -11.32 57.75
C ILE B 64 -33.24 -11.63 57.16
N SER B 65 -33.27 -11.93 55.87
CA SER B 65 -34.53 -12.18 55.21
C SER B 65 -35.09 -13.57 55.49
N ALA B 66 -36.37 -13.79 55.13
CA ALA B 66 -36.92 -15.13 55.11
C ALA B 66 -36.05 -16.10 54.27
N SER B 67 -35.31 -15.54 53.34
CA SER B 67 -34.52 -16.33 52.44
C SER B 67 -33.24 -16.87 53.10
N GLY B 68 -32.93 -16.36 54.28
CA GLY B 68 -31.69 -16.75 54.96
C GLY B 68 -30.51 -15.80 54.73
N LYS B 69 -30.62 -14.91 53.76
CA LYS B 69 -29.58 -13.97 53.42
C LYS B 69 -29.68 -12.58 54.12
N GLU B 70 -28.51 -12.02 54.46
CA GLU B 70 -28.44 -10.64 54.95
C GLU B 70 -28.91 -9.69 53.81
N THR B 71 -29.75 -8.70 54.09
CA THR B 71 -30.42 -7.98 53.03
C THR B 71 -30.53 -6.52 53.37
N LEU B 72 -30.41 -5.65 52.39
CA LEU B 72 -30.56 -4.22 52.57
C LEU B 72 -32.02 -3.84 52.52
N PRO B 73 -32.60 -3.37 53.63
CA PRO B 73 -34.00 -2.97 53.65
C PRO B 73 -34.17 -1.49 53.32
N ASN B 74 -35.38 -0.98 53.31
CA ASN B 74 -35.60 0.44 53.24
C ASN B 74 -35.93 1.01 54.63
N SER B 75 -35.52 2.25 54.89
CA SER B 75 -35.70 2.85 56.20
C SER B 75 -35.51 4.38 56.10
N HIS B 76 -36.11 5.13 57.04
CA HIS B 76 -35.96 6.59 57.09
C HIS B 76 -35.58 6.96 58.51
N VAL B 77 -34.99 8.13 58.79
CA VAL B 77 -34.75 8.50 60.18
C VAL B 77 -35.84 9.36 60.82
N VAL B 78 -36.13 9.13 62.09
CA VAL B 78 -37.13 9.92 62.79
C VAL B 78 -36.52 10.51 64.04
N GLY B 79 -37.16 11.51 64.61
CA GLY B 79 -36.59 12.23 65.77
C GLY B 79 -35.92 13.57 65.43
N GLU B 80 -36.08 14.51 66.36
CA GLU B 80 -35.36 15.76 66.43
C GLU B 80 -33.85 15.62 66.30
N ASN B 81 -33.31 14.47 66.74
CA ASN B 81 -31.88 14.29 66.71
C ASN B 81 -31.40 13.38 65.58
N ARG B 82 -32.34 12.97 64.72
CA ARG B 82 -32.02 12.15 63.59
C ARG B 82 -31.25 10.87 64.03
N ASN B 83 -31.59 10.33 65.20
CA ASN B 83 -30.86 9.22 65.76
C ASN B 83 -31.65 7.92 65.82
N ILE B 84 -32.79 7.87 65.15
CA ILE B 84 -33.62 6.71 65.15
C ILE B 84 -33.86 6.29 63.74
N ILE B 85 -33.51 5.04 63.42
CA ILE B 85 -33.70 4.52 62.09
C ILE B 85 -34.92 3.68 62.15
N GLU B 86 -35.94 4.04 61.41
CA GLU B 86 -37.19 3.30 61.38
C GLU B 86 -37.21 2.51 60.10
N VAL B 87 -36.90 1.21 60.23
CA VAL B 87 -36.89 0.30 59.10
C VAL B 87 -38.34 -0.04 58.74
N GLU B 88 -38.64 -0.04 57.43
CA GLU B 88 -39.98 -0.15 56.94
C GLU B 88 -40.48 -1.60 56.90
N THR B 89 -40.02 -2.38 57.85
CA THR B 89 -40.24 -3.78 57.79
C THR B 89 -39.95 -4.41 59.17
N VAL B 90 -40.24 -5.70 59.30
CA VAL B 90 -40.07 -6.39 60.60
C VAL B 90 -39.34 -7.74 60.38
N ALA B 91 -38.56 -8.20 61.31
CA ALA B 91 -37.76 -9.37 61.00
C ALA B 91 -37.30 -10.12 62.22
N LYS B 92 -36.98 -11.39 62.04
CA LYS B 92 -36.46 -12.22 63.14
C LYS B 92 -35.09 -11.74 63.60
N GLU B 93 -34.28 -11.17 62.69
CA GLU B 93 -32.87 -10.93 62.99
C GLU B 93 -32.23 -9.84 62.14
N TRP B 94 -31.27 -9.13 62.72
CA TRP B 94 -30.73 -7.92 62.11
C TRP B 94 -29.19 -7.85 62.27
N ARG B 95 -28.54 -7.01 61.46
CA ARG B 95 -27.17 -6.64 61.68
C ARG B 95 -27.10 -5.12 61.69
N ILE B 96 -26.28 -4.59 62.61
CA ILE B 96 -25.94 -3.17 62.60
C ILE B 96 -24.46 -3.09 62.17
N ARG B 97 -24.14 -2.24 61.19
CA ARG B 97 -22.80 -2.22 60.62
C ARG B 97 -22.29 -0.83 60.34
N LEU B 98 -21.02 -0.60 60.59
CA LEU B 98 -20.30 0.61 60.14
C LEU B 98 -18.84 0.27 60.08
N GLY B 99 -18.26 0.34 58.90
CA GLY B 99 -16.88 -0.17 58.73
C GLY B 99 -16.87 -1.64 59.18
N ASP B 100 -15.90 -2.01 59.99
CA ASP B 100 -15.77 -3.41 60.35
C ASP B 100 -16.38 -3.70 61.67
N LYS B 101 -17.14 -2.77 62.20
CA LYS B 101 -17.90 -3.04 63.39
C LYS B 101 -19.21 -3.70 63.03
N VAL B 102 -19.60 -4.67 63.84
CA VAL B 102 -20.91 -5.30 63.64
C VAL B 102 -21.58 -5.59 64.98
N VAL B 103 -22.90 -5.38 65.05
CA VAL B 103 -23.72 -5.83 66.19
C VAL B 103 -24.86 -6.68 65.62
N GLY B 104 -25.01 -7.91 66.12
CA GLY B 104 -26.16 -8.72 65.78
C GLY B 104 -27.30 -8.42 66.70
N VAL B 105 -28.51 -8.33 66.14
CA VAL B 105 -29.67 -8.01 66.95
C VAL B 105 -30.76 -9.02 66.63
N ARG B 106 -31.31 -9.63 67.67
CA ARG B 106 -32.30 -10.66 67.45
C ARG B 106 -33.67 -10.32 68.03
N ASN B 107 -34.72 -10.63 67.28
CA ASN B 107 -36.07 -10.32 67.72
C ASN B 107 -36.71 -11.55 68.32
N ASN B 108 -36.85 -11.56 69.65
CA ASN B 108 -37.41 -12.74 70.32
C ASN B 108 -38.93 -12.87 70.25
N ASN B 109 -39.61 -11.97 69.56
CA ASN B 109 -41.03 -12.11 69.38
C ASN B 109 -41.45 -11.69 67.97
N PHE B 110 -40.86 -12.36 66.98
CA PHE B 110 -41.17 -12.12 65.57
C PHE B 110 -42.45 -12.86 65.31
N ALA B 111 -43.50 -12.12 64.94
CA ALA B 111 -44.83 -12.70 64.74
C ALA B 111 -45.42 -12.12 63.45
N PRO B 112 -44.86 -12.52 62.31
CA PRO B 112 -45.43 -12.03 61.07
C PRO B 112 -46.87 -12.53 61.12
N GLY B 113 -47.82 -11.88 60.52
CA GLY B 113 -49.12 -12.46 60.95
C GLY B 113 -49.83 -11.58 61.93
N ARG B 114 -49.12 -11.11 62.95
CA ARG B 114 -49.68 -10.04 63.76
C ARG B 114 -49.36 -8.66 63.21
N GLY B 115 -50.23 -7.71 63.56
CA GLY B 115 -49.96 -6.31 63.34
C GLY B 115 -50.08 -5.72 61.96
N ALA B 116 -50.65 -6.43 60.98
CA ALA B 116 -50.84 -5.83 59.66
C ALA B 116 -51.89 -4.72 59.73
N VAL B 117 -51.77 -3.68 58.90
CA VAL B 117 -52.89 -2.77 58.68
C VAL B 117 -53.17 -2.81 57.20
N ALA B 118 -54.43 -2.71 56.82
CA ALA B 118 -54.81 -2.90 55.43
C ALA B 118 -55.19 -1.56 54.81
N THR B 119 -54.46 -0.55 55.16
CA THR B 119 -54.88 0.79 54.94
C THR B 119 -54.22 1.39 53.68
N GLY B 120 -53.09 0.77 53.25
CA GLY B 120 -52.21 1.30 52.24
C GLY B 120 -51.26 2.41 52.71
N THR B 121 -51.20 2.70 54.03
CA THR B 121 -50.22 3.64 54.54
C THR B 121 -49.62 3.03 55.76
N ALA B 122 -48.68 3.71 56.39
CA ALA B 122 -48.11 3.21 57.64
C ALA B 122 -49.06 3.34 58.79
N SER B 123 -50.15 4.05 58.63
CA SER B 123 -51.06 4.37 59.75
C SER B 123 -52.40 3.67 59.67
N PRO B 124 -52.96 3.27 60.82
CA PRO B 124 -54.31 2.71 60.84
C PRO B 124 -55.36 3.75 60.52
N ASP B 125 -54.98 5.03 60.55
CA ASP B 125 -55.92 6.14 60.47
C ASP B 125 -55.91 6.89 59.17
N VAL B 126 -54.93 6.63 58.32
CA VAL B 126 -54.90 7.24 56.98
C VAL B 126 -54.92 6.11 55.94
N ARG B 127 -55.60 6.31 54.83
CA ARG B 127 -55.69 5.24 53.87
C ARG B 127 -55.33 5.66 52.46
N ARG B 128 -54.76 4.72 51.69
CA ARG B 128 -54.33 5.04 50.32
C ARG B 128 -55.51 4.82 49.40
N VAL B 129 -55.78 5.75 48.53
CA VAL B 129 -56.97 5.65 47.71
C VAL B 129 -56.54 5.79 46.26
N GLN B 130 -57.06 4.91 45.42
CA GLN B 130 -56.71 4.95 44.02
C GLN B 130 -57.55 6.02 43.30
N ILE B 131 -56.94 7.08 42.79
CA ILE B 131 -57.71 8.03 41.99
C ILE B 131 -57.98 7.43 40.62
N SER C 3 -7.09 -11.79 44.09
CA SER C 3 -7.96 -12.92 43.67
C SER C 3 -8.88 -13.46 44.80
N GLY C 4 -9.61 -12.58 45.51
CA GLY C 4 -10.72 -13.00 46.41
C GLY C 4 -11.49 -11.90 47.21
N HIS C 5 -12.62 -12.30 47.83
CA HIS C 5 -13.37 -11.38 48.67
C HIS C 5 -13.83 -11.97 50.00
N LYS C 6 -13.39 -11.34 51.09
CA LYS C 6 -13.82 -11.78 52.40
C LYS C 6 -15.00 -10.92 52.92
N PRO C 7 -16.11 -11.58 53.31
CA PRO C 7 -17.34 -10.88 53.71
C PRO C 7 -17.16 -10.12 55.02
N PRO C 8 -18.07 -9.22 55.35
CA PRO C 8 -17.81 -8.42 56.56
C PRO C 8 -17.92 -9.32 57.80
N PRO C 9 -17.48 -8.85 58.96
CA PRO C 9 -17.52 -9.68 60.18
C PRO C 9 -18.93 -10.06 60.62
N GLU C 10 -19.00 -11.18 61.34
CA GLU C 10 -20.24 -11.72 61.87
C GLU C 10 -20.21 -11.52 63.39
N PRO C 11 -21.38 -11.40 64.01
CA PRO C 11 -21.28 -11.04 65.41
C PRO C 11 -20.94 -12.26 66.21
N ASP C 12 -20.25 -12.09 67.34
CA ASP C 12 -20.03 -13.18 68.22
C ASP C 12 -21.12 -13.19 69.29
N TRP C 13 -21.90 -14.26 69.39
CA TRP C 13 -23.05 -14.28 70.32
C TRP C 13 -22.77 -14.90 71.69
N SER C 14 -21.51 -15.30 71.94
CA SER C 14 -21.12 -15.88 73.19
C SER C 14 -21.75 -15.20 74.35
N ASN C 15 -21.77 -13.88 74.34
CA ASN C 15 -22.41 -13.13 75.37
C ASN C 15 -23.51 -12.32 74.67
N THR C 16 -24.77 -12.66 74.93
CA THR C 16 -25.91 -11.98 74.34
C THR C 16 -26.59 -11.31 75.54
N VAL C 17 -27.30 -10.23 75.30
CA VAL C 17 -27.70 -9.32 76.33
C VAL C 17 -28.99 -8.62 75.85
N PRO C 18 -29.87 -8.22 76.75
CA PRO C 18 -31.05 -7.53 76.24
C PRO C 18 -30.67 -6.16 75.74
N VAL C 19 -31.38 -5.66 74.72
CA VAL C 19 -31.08 -4.38 74.18
C VAL C 19 -31.67 -3.31 75.09
N ASN C 20 -32.93 -3.46 75.48
CA ASN C 20 -33.62 -2.39 76.19
C ASN C 20 -33.41 -2.46 77.70
N LYS C 21 -32.42 -1.73 78.20
CA LYS C 21 -32.25 -1.56 79.65
C LYS C 21 -33.43 -0.75 80.23
N THR C 22 -34.08 0.06 79.40
CA THR C 22 -35.27 0.76 79.82
C THR C 22 -36.26 0.71 78.66
N ILE C 23 -37.52 1.06 78.89
CA ILE C 23 -38.53 1.00 77.84
C ILE C 23 -38.50 2.30 77.04
N PRO C 24 -38.34 2.21 75.72
CA PRO C 24 -38.33 3.42 74.90
C PRO C 24 -39.68 4.09 74.83
N VAL C 25 -39.73 5.35 74.44
CA VAL C 25 -40.99 6.07 74.22
C VAL C 25 -41.07 6.71 72.83
N ASP C 26 -42.24 6.63 72.20
CA ASP C 26 -42.45 7.24 70.89
C ASP C 26 -42.96 8.66 71.14
N THR C 27 -42.12 9.63 70.82
CA THR C 27 -42.45 11.01 71.09
C THR C 27 -43.38 11.60 70.03
N GLN C 28 -44.34 10.81 69.55
CA GLN C 28 -45.46 11.30 68.70
C GLN C 28 -46.85 10.68 68.93
N GLU D 12 -7.92 26.28 25.80
CA GLU D 12 -6.82 26.03 26.77
C GLU D 12 -7.24 26.06 28.24
N THR D 13 -8.24 25.27 28.62
CA THR D 13 -8.32 24.86 30.00
C THR D 13 -7.64 23.49 30.16
N SER D 14 -7.16 23.18 31.34
CA SER D 14 -6.49 21.93 31.57
C SER D 14 -7.29 20.67 31.12
N GLU D 15 -6.63 19.81 30.39
CA GLU D 15 -7.19 18.57 30.00
C GLU D 15 -7.59 17.69 31.14
N GLY D 16 -6.67 17.54 32.10
CA GLY D 16 -6.88 16.77 33.28
C GLY D 16 -8.08 17.33 33.98
N SER D 17 -8.14 18.64 34.10
CA SER D 17 -9.24 19.29 34.81
C SER D 17 -10.56 19.05 34.08
N SER D 18 -10.57 19.07 32.75
CA SER D 18 -11.83 18.85 32.03
C SER D 18 -12.24 17.43 32.13
N ALA D 19 -11.26 16.52 32.07
CA ALA D 19 -11.62 15.10 32.10
C ALA D 19 -12.28 14.84 33.44
N LEU D 20 -11.79 15.51 34.48
CA LEU D 20 -12.37 15.23 35.75
C LEU D 20 -13.74 15.89 35.82
N ALA D 21 -13.89 17.07 35.22
CA ALA D 21 -15.19 17.83 35.36
C ALA D 21 -16.22 17.02 34.64
N LYS D 22 -15.81 16.47 33.52
CA LYS D 22 -16.70 15.62 32.74
C LYS D 22 -17.14 14.41 33.53
N ASN D 23 -16.20 13.77 34.22
CA ASN D 23 -16.59 12.56 34.97
C ASN D 23 -17.49 12.85 36.16
N LEU D 24 -17.53 14.12 36.60
CA LEU D 24 -18.41 14.54 37.65
C LEU D 24 -19.78 15.02 37.15
N THR D 25 -20.08 14.89 35.85
CA THR D 25 -21.31 15.35 35.26
C THR D 25 -22.12 14.16 34.83
N PRO D 26 -23.10 13.73 35.64
CA PRO D 26 -23.87 12.54 35.31
C PRO D 26 -24.93 12.78 34.24
N ALA D 27 -25.34 11.71 33.56
CA ALA D 27 -26.50 11.72 32.66
C ALA D 27 -27.73 11.73 33.56
N ARG D 28 -28.51 12.79 33.66
CA ARG D 28 -29.66 12.75 34.57
C ARG D 28 -30.72 11.85 34.03
N LEU D 29 -31.17 10.91 34.82
CA LEU D 29 -32.25 10.03 34.43
C LEU D 29 -33.58 10.79 34.60
N LYS D 30 -34.53 10.58 33.70
CA LYS D 30 -35.89 11.10 33.87
C LYS D 30 -36.67 10.32 34.91
N ALA D 31 -37.36 11.04 35.79
CA ALA D 31 -38.37 10.40 36.67
C ALA D 31 -39.42 9.72 35.82
N SER D 32 -40.19 8.80 36.44
CA SER D 32 -41.19 8.03 35.70
C SER D 32 -42.50 8.08 36.46
N ARG D 33 -43.61 8.25 35.74
CA ARG D 33 -44.92 8.33 36.33
C ARG D 33 -45.67 7.00 36.26
N ALA D 34 -46.17 6.54 37.41
CA ALA D 34 -47.06 5.42 37.41
C ALA D 34 -48.39 5.75 36.66
N GLY D 35 -49.00 4.74 36.06
CA GLY D 35 -50.33 4.86 35.48
C GLY D 35 -51.12 3.62 35.89
N VAL D 36 -52.18 3.33 35.16
CA VAL D 36 -52.93 2.13 35.45
C VAL D 36 -53.37 1.43 34.20
N MSE D 37 -53.36 0.12 34.24
CA MSE D 37 -53.61 -0.66 33.07
C MSE D 37 -55.09 -0.58 32.70
O MSE D 37 -55.96 -0.74 33.55
CB MSE D 37 -53.15 -2.10 33.30
CG MSE D 37 -53.40 -3.00 32.15
SE MSE D 37 -52.51 -4.71 32.30
CE MSE D 37 -50.70 -4.17 31.77
N ALA D 38 -55.36 -0.34 31.43
CA ALA D 38 -56.72 -0.13 30.96
C ALA D 38 -57.71 -1.31 31.12
N ASN D 39 -57.35 -2.50 30.64
CA ASN D 39 -58.36 -3.56 30.65
C ASN D 39 -57.82 -4.81 31.31
N PRO D 40 -57.54 -4.73 32.61
CA PRO D 40 -56.80 -5.87 33.20
C PRO D 40 -57.53 -7.20 33.03
N SER D 41 -58.85 -7.20 32.89
CA SER D 41 -59.58 -8.48 32.86
C SER D 41 -59.53 -9.02 31.43
N LEU D 42 -59.05 -8.17 30.52
CA LEU D 42 -59.12 -8.56 29.15
C LEU D 42 -57.75 -8.52 28.48
N THR D 43 -56.70 -8.52 29.30
CA THR D 43 -55.35 -8.43 28.81
C THR D 43 -54.49 -9.54 29.43
N VAL D 44 -53.63 -10.17 28.64
CA VAL D 44 -52.60 -11.10 29.17
C VAL D 44 -51.33 -10.29 29.19
N PRO D 45 -50.83 -9.94 30.36
CA PRO D 45 -49.72 -8.96 30.39
C PRO D 45 -48.33 -9.58 30.31
N LYS D 46 -47.33 -8.78 29.96
CA LYS D 46 -45.93 -9.13 29.94
C LYS D 46 -45.57 -9.99 31.13
N GLY D 47 -44.80 -11.04 30.88
CA GLY D 47 -44.22 -11.76 31.99
C GLY D 47 -45.03 -12.98 32.41
N LYS D 48 -46.28 -13.08 31.98
CA LYS D 48 -47.00 -14.30 32.23
C LYS D 48 -46.43 -15.42 31.33
N MSE D 49 -46.59 -16.67 31.78
CA MSE D 49 -46.04 -17.80 31.02
C MSE D 49 -47.16 -18.50 30.30
O MSE D 49 -48.27 -18.60 30.82
CB MSE D 49 -45.32 -18.73 31.98
CG MSE D 49 -44.26 -18.02 32.85
SE MSE D 49 -42.87 -17.18 31.77
CE MSE D 49 -42.32 -18.84 30.82
N ILE D 50 -46.91 -18.96 29.08
CA ILE D 50 -47.85 -19.83 28.38
C ILE D 50 -47.21 -21.22 28.35
N PRO D 51 -47.66 -22.13 29.17
CA PRO D 51 -47.14 -23.52 29.04
C PRO D 51 -47.62 -24.19 27.76
N CYS D 52 -46.74 -24.92 27.09
CA CYS D 52 -46.96 -25.41 25.72
C CYS D 52 -46.40 -26.82 25.60
N GLY D 53 -46.93 -27.63 24.69
CA GLY D 53 -46.33 -28.90 24.33
C GLY D 53 -45.97 -28.86 22.86
N THR D 54 -44.70 -29.11 22.53
CA THR D 54 -44.32 -28.91 21.11
C THR D 54 -45.05 -29.94 20.23
N GLY D 55 -45.56 -29.51 19.06
CA GLY D 55 -46.14 -30.45 18.11
C GLY D 55 -44.97 -31.00 17.31
N THR D 56 -44.36 -30.15 16.51
CA THR D 56 -43.20 -30.52 15.69
C THR D 56 -41.95 -30.81 16.51
N GLU D 57 -41.27 -31.89 16.16
CA GLU D 57 -39.86 -32.12 16.50
C GLU D 57 -39.04 -30.89 16.10
N LEU D 58 -37.85 -30.73 16.66
CA LEU D 58 -37.03 -29.58 16.31
C LEU D 58 -35.61 -30.04 16.03
N ASP D 59 -34.99 -29.43 15.01
CA ASP D 59 -33.63 -29.76 14.59
C ASP D 59 -33.03 -28.50 14.04
N THR D 60 -32.00 -27.97 14.64
CA THR D 60 -31.52 -26.69 14.14
C THR D 60 -30.62 -26.82 12.93
N THR D 61 -30.60 -27.91 12.22
CA THR D 61 -29.67 -27.98 11.06
C THR D 61 -30.10 -27.02 9.95
N VAL D 62 -31.41 -26.92 9.74
CA VAL D 62 -31.93 -26.11 8.71
C VAL D 62 -32.91 -25.17 9.33
N PRO D 63 -32.83 -23.85 8.97
CA PRO D 63 -33.74 -22.95 9.73
C PRO D 63 -35.12 -23.31 9.31
N GLY D 64 -36.07 -23.31 10.23
CA GLY D 64 -37.48 -23.44 9.85
C GLY D 64 -38.45 -23.05 10.94
N GLN D 65 -39.58 -23.73 10.94
CA GLN D 65 -40.74 -23.39 11.79
C GLN D 65 -40.96 -24.44 12.80
N VAL D 66 -41.70 -24.07 13.87
CA VAL D 66 -42.05 -24.98 14.95
C VAL D 66 -43.48 -24.72 15.30
N SER D 67 -44.17 -25.71 15.88
CA SER D 67 -45.49 -25.50 16.47
C SER D 67 -45.57 -26.01 17.93
N CYS D 68 -46.48 -25.45 18.73
CA CYS D 68 -46.81 -26.05 19.98
C CYS D 68 -48.26 -25.80 20.30
N ARG D 69 -48.82 -26.59 21.22
CA ARG D 69 -50.24 -26.45 21.61
C ARG D 69 -50.34 -26.03 23.06
N VAL D 70 -51.09 -24.97 23.34
CA VAL D 70 -51.14 -24.49 24.69
C VAL D 70 -51.66 -25.63 25.59
N SER D 71 -50.88 -25.90 26.61
CA SER D 71 -51.07 -26.97 27.55
C SER D 71 -52.13 -26.77 28.64
N GLN D 72 -52.32 -25.52 29.05
CA GLN D 72 -53.21 -25.18 30.13
C GLN D 72 -53.70 -23.76 29.90
N ASP D 73 -54.87 -23.41 30.46
CA ASP D 73 -55.43 -22.08 30.26
C ASP D 73 -54.56 -20.98 30.85
N VAL D 74 -54.56 -19.84 30.19
CA VAL D 74 -53.87 -18.67 30.71
C VAL D 74 -54.88 -17.55 30.84
N TYR D 75 -54.95 -17.04 32.08
CA TYR D 75 -55.89 -16.00 32.47
C TYR D 75 -55.33 -14.59 32.35
N SER D 76 -56.24 -13.63 32.48
CA SER D 76 -55.96 -12.20 32.35
C SER D 76 -55.07 -11.66 33.45
N ALA D 77 -54.73 -10.39 33.36
CA ALA D 77 -53.82 -9.70 34.32
C ALA D 77 -54.24 -9.89 35.75
N ASP D 78 -55.53 -10.01 36.01
CA ASP D 78 -56.04 -10.13 37.39
C ASP D 78 -56.42 -11.54 37.80
N GLY D 79 -56.27 -12.48 36.85
CA GLY D 79 -56.49 -13.89 37.12
C GLY D 79 -57.95 -14.26 36.97
N LEU D 80 -58.80 -13.33 36.50
CA LEU D 80 -60.23 -13.58 36.58
C LEU D 80 -60.88 -14.12 35.31
N VAL D 81 -60.28 -13.80 34.16
CA VAL D 81 -60.84 -14.20 32.86
C VAL D 81 -59.88 -15.05 32.08
N ARG D 82 -60.34 -16.21 31.64
CA ARG D 82 -59.58 -17.12 30.76
C ARG D 82 -59.46 -16.47 29.37
N LEU D 83 -58.22 -16.30 28.88
CA LEU D 83 -57.97 -15.59 27.63
C LEU D 83 -57.22 -16.43 26.61
N ILE D 84 -56.15 -17.10 27.03
CA ILE D 84 -55.45 -17.98 26.14
C ILE D 84 -55.84 -19.41 26.47
N ASP D 85 -56.71 -19.95 25.63
CA ASP D 85 -57.34 -21.24 25.87
C ASP D 85 -56.43 -22.46 25.64
N LYS D 86 -56.44 -23.36 26.61
CA LYS D 86 -55.89 -24.68 26.49
C LYS D 86 -56.31 -25.24 25.16
N GLY D 87 -55.36 -25.84 24.45
CA GLY D 87 -55.67 -26.42 23.14
C GLY D 87 -55.37 -25.51 21.95
N SER D 88 -55.09 -24.24 22.20
CA SER D 88 -54.74 -23.34 21.12
C SER D 88 -53.44 -23.76 20.47
N TRP D 89 -53.32 -23.50 19.19
CA TRP D 89 -52.08 -23.83 18.47
C TRP D 89 -51.22 -22.57 18.38
N VAL D 90 -49.89 -22.72 18.51
CA VAL D 90 -48.98 -21.58 18.38
C VAL D 90 -48.02 -21.94 17.25
N ASP D 91 -47.81 -21.01 16.32
CA ASP D 91 -46.87 -21.27 15.27
C ASP D 91 -45.67 -20.36 15.49
N GLY D 92 -44.45 -20.86 15.28
CA GLY D 92 -43.27 -20.05 15.53
C GLY D 92 -42.13 -20.45 14.62
N GLN D 93 -40.95 -19.87 14.80
CA GLN D 93 -39.84 -20.14 13.92
C GLN D 93 -38.52 -20.30 14.69
N ILE D 94 -37.60 -21.07 14.12
CA ILE D 94 -36.27 -21.21 14.66
C ILE D 94 -35.38 -20.90 13.48
N THR D 95 -34.72 -19.73 13.45
CA THR D 95 -34.14 -19.26 12.21
C THR D 95 -32.66 -19.22 12.22
N GLY D 96 -32.04 -19.55 13.34
CA GLY D 96 -30.61 -19.69 13.36
C GLY D 96 -30.28 -20.96 14.13
N GLY D 97 -28.99 -21.31 14.22
CA GLY D 97 -28.59 -22.50 14.94
C GLY D 97 -27.94 -22.20 16.29
N ILE D 98 -27.22 -23.20 16.82
CA ILE D 98 -26.47 -23.09 18.05
C ILE D 98 -24.98 -23.06 17.76
N LYS D 99 -24.21 -22.59 18.72
CA LYS D 99 -22.76 -22.54 18.67
C LYS D 99 -22.24 -23.52 19.69
N ASP D 100 -20.98 -23.89 19.62
CA ASP D 100 -20.31 -24.72 20.62
C ASP D 100 -20.44 -23.98 21.94
N GLY D 101 -20.76 -24.67 23.02
CA GLY D 101 -20.92 -24.03 24.28
C GLY D 101 -22.38 -23.69 24.58
N GLN D 102 -23.30 -24.02 23.65
CA GLN D 102 -24.73 -23.81 23.86
C GLN D 102 -25.54 -25.09 23.74
N ALA D 103 -26.59 -25.24 24.56
CA ALA D 103 -27.42 -26.44 24.52
C ALA D 103 -28.85 -26.01 24.46
N ARG D 104 -29.07 -24.82 23.94
CA ARG D 104 -30.43 -24.36 23.79
C ARG D 104 -30.53 -23.31 22.71
N VAL D 105 -31.72 -23.11 22.13
CA VAL D 105 -31.78 -22.24 20.96
C VAL D 105 -32.94 -21.18 21.05
N PHE D 106 -32.68 -19.98 20.55
CA PHE D 106 -33.71 -18.92 20.49
C PHE D 106 -34.87 -19.41 19.61
N VAL D 107 -36.10 -19.17 20.05
CA VAL D 107 -37.28 -19.56 19.32
C VAL D 107 -38.27 -18.37 19.35
N LEU D 108 -38.73 -17.93 18.16
CA LEU D 108 -39.73 -16.88 18.09
C LEU D 108 -41.11 -17.47 17.90
N TRP D 109 -41.98 -17.32 18.90
CA TRP D 109 -43.35 -17.80 18.79
C TRP D 109 -44.14 -16.65 18.26
N GLU D 110 -44.84 -16.87 17.14
CA GLU D 110 -45.50 -15.78 16.50
C GLU D 110 -46.95 -15.58 16.82
N ARG D 111 -47.80 -16.54 16.48
CA ARG D 111 -49.22 -16.36 16.63
C ARG D 111 -49.85 -17.48 17.42
N ILE D 112 -50.82 -17.13 18.26
CA ILE D 112 -51.69 -18.08 18.90
C ILE D 112 -53.04 -18.16 18.16
N ARG D 113 -53.47 -19.38 17.87
CA ARG D 113 -54.70 -19.53 17.18
C ARG D 113 -55.61 -20.46 17.98
N ASN D 114 -56.79 -19.97 18.38
CA ASN D 114 -57.72 -20.80 19.12
C ASN D 114 -58.56 -21.54 18.11
N ASP D 115 -58.53 -22.89 18.11
CA ASP D 115 -59.22 -23.57 17.03
C ASP D 115 -60.71 -23.82 17.28
N GLN D 116 -61.18 -23.59 18.49
CA GLN D 116 -62.61 -23.68 18.73
C GLN D 116 -63.33 -22.44 18.21
N ASP D 117 -62.64 -21.31 18.28
CA ASP D 117 -63.13 -19.96 18.39
C ASP D 117 -62.72 -19.02 17.25
N GLY D 118 -61.55 -19.28 16.65
CA GLY D 118 -60.91 -18.42 15.69
C GLY D 118 -60.07 -17.27 16.22
N THR D 119 -60.00 -17.08 17.55
CA THR D 119 -59.26 -15.91 18.09
C THR D 119 -57.82 -16.11 17.71
N ILE D 120 -57.15 -15.06 17.29
CA ILE D 120 -55.80 -15.07 16.84
C ILE D 120 -55.12 -13.87 17.44
N VAL D 121 -53.89 -14.06 17.91
CA VAL D 121 -53.11 -12.94 18.36
C VAL D 121 -51.64 -13.14 17.99
N ASN D 122 -51.03 -12.13 17.40
CA ASN D 122 -49.59 -12.14 17.23
C ASN D 122 -48.89 -11.83 18.58
N ILE D 123 -48.34 -12.87 19.22
CA ILE D 123 -47.67 -12.66 20.50
C ILE D 123 -46.22 -12.25 20.31
N ASP D 124 -45.62 -12.61 19.16
CA ASP D 124 -44.19 -12.26 18.87
C ASP D 124 -43.35 -12.30 20.17
N SER D 125 -43.22 -13.50 20.76
CA SER D 125 -42.65 -13.72 22.05
C SER D 125 -41.58 -14.89 22.03
N ALA D 126 -40.64 -14.87 22.97
CA ALA D 126 -39.54 -15.82 22.95
C ALA D 126 -39.91 -17.08 23.69
N GLY D 127 -39.54 -18.23 23.13
CA GLY D 127 -39.81 -19.52 23.78
C GLY D 127 -38.82 -19.71 24.93
N THR D 128 -39.23 -20.48 25.96
CA THR D 128 -38.39 -20.81 27.12
C THR D 128 -38.60 -22.25 27.52
N ASN D 129 -37.80 -22.69 28.48
CA ASN D 129 -38.06 -23.74 29.50
C ASN D 129 -39.41 -23.71 30.12
N SER D 130 -39.71 -24.79 30.81
CA SER D 130 -40.73 -24.79 31.83
C SER D 130 -40.55 -23.83 32.98
N LEU D 131 -39.32 -23.41 33.26
CA LEU D 131 -39.08 -22.55 34.42
C LEU D 131 -38.76 -21.14 33.94
N GLY D 132 -38.90 -20.88 32.63
CA GLY D 132 -38.81 -19.48 32.13
C GLY D 132 -37.48 -18.94 31.58
N SER D 133 -36.42 -19.71 31.62
CA SER D 133 -35.20 -19.17 31.16
C SER D 133 -35.19 -19.27 29.64
N ALA D 134 -34.38 -18.48 28.98
CA ALA D 134 -34.46 -18.23 27.55
C ALA D 134 -34.00 -19.34 26.61
N GLY D 135 -34.81 -19.56 25.56
CA GLY D 135 -34.52 -20.60 24.53
C GLY D 135 -35.02 -21.95 24.86
N ILE D 136 -35.32 -22.77 23.87
CA ILE D 136 -35.71 -24.20 24.19
C ILE D 136 -34.46 -25.09 24.38
N PRO D 137 -34.32 -25.78 25.53
CA PRO D 137 -33.19 -26.71 25.68
C PRO D 137 -33.30 -27.86 24.75
N GLY D 138 -32.17 -28.44 24.33
CA GLY D 138 -32.18 -29.63 23.49
C GLY D 138 -30.94 -30.48 23.60
N GLN D 139 -30.78 -31.41 22.67
CA GLN D 139 -29.68 -32.33 22.76
C GLN D 139 -28.65 -31.93 21.68
N VAL D 140 -27.38 -31.80 22.03
CA VAL D 140 -26.42 -31.25 21.13
C VAL D 140 -25.74 -32.35 20.37
N ASP D 141 -25.57 -32.20 19.08
CA ASP D 141 -24.71 -33.10 18.30
C ASP D 141 -23.55 -32.23 17.79
N ALA D 142 -22.36 -32.46 18.33
CA ALA D 142 -21.19 -31.62 18.00
C ALA D 142 -20.60 -31.87 16.65
N HIS D 143 -21.04 -32.94 15.96
CA HIS D 143 -20.40 -33.34 14.70
C HIS D 143 -18.86 -33.41 14.76
N MSE D 144 -18.29 -33.95 15.84
CA MSE D 144 -16.83 -34.09 15.95
C MSE D 144 -16.21 -34.85 14.80
O MSE D 144 -15.26 -34.38 14.20
CB MSE D 144 -16.42 -34.70 17.28
CG MSE D 144 -16.66 -33.85 18.50
SE MSE D 144 -15.80 -32.10 18.33
CE MSE D 144 -13.99 -32.76 18.68
N TRP D 145 -16.75 -36.02 14.48
CA TRP D 145 -16.17 -36.82 13.40
C TRP D 145 -16.06 -36.03 12.10
N GLU D 146 -17.20 -35.52 11.61
CA GLU D 146 -17.16 -34.70 10.40
C GLU D 146 -16.21 -33.54 10.59
N ARG D 147 -16.12 -32.98 11.78
CA ARG D 147 -15.27 -31.80 11.97
C ARG D 147 -13.81 -32.13 12.02
N LEU D 148 -13.48 -33.42 12.13
CA LEU D 148 -12.11 -33.88 12.35
C LEU D 148 -11.57 -34.80 11.25
N ARG D 149 -12.46 -35.49 10.54
CA ARG D 149 -12.08 -36.59 9.67
C ARG D 149 -11.06 -36.22 8.60
N GLY D 150 -11.12 -34.98 8.09
CA GLY D 150 -10.18 -34.55 7.05
C GLY D 150 -8.76 -34.64 7.61
N ALA D 151 -8.49 -33.82 8.63
CA ALA D 151 -7.18 -33.80 9.28
C ALA D 151 -6.73 -35.21 9.70
N ILE D 152 -7.64 -35.97 10.30
CA ILE D 152 -7.30 -37.31 10.73
C ILE D 152 -6.78 -38.12 9.54
N MSE D 153 -7.60 -38.21 8.50
CA MSE D 153 -7.26 -38.97 7.31
C MSE D 153 -5.92 -38.51 6.72
O MSE D 153 -5.00 -39.34 6.48
CB MSE D 153 -8.33 -38.82 6.24
CG MSE D 153 -8.73 -40.15 5.70
SE MSE D 153 -10.00 -40.88 6.94
CE MSE D 153 -9.45 -42.76 6.90
N ILE D 154 -5.79 -37.20 6.51
CA ILE D 154 -4.58 -36.67 5.92
C ILE D 154 -3.36 -37.07 6.77
N SER D 155 -3.37 -36.69 8.04
CA SER D 155 -2.24 -36.96 8.92
C SER D 155 -1.91 -38.45 8.98
N LEU D 156 -2.93 -39.31 8.89
CA LEU D 156 -2.68 -40.76 8.85
C LEU D 156 -1.74 -41.15 7.71
N PHE D 157 -1.84 -40.48 6.58
CA PHE D 157 -0.79 -40.64 5.58
C PHE D 157 0.52 -40.09 6.17
N SER D 158 0.60 -38.77 6.40
CA SER D 158 1.81 -38.15 6.97
C SER D 158 2.51 -39.07 7.97
N ASP D 159 1.72 -39.75 8.81
CA ASP D 159 2.26 -40.74 9.72
C ASP D 159 2.83 -41.94 8.96
N THR D 160 1.99 -42.58 8.14
CA THR D 160 2.47 -43.67 7.28
C THR D 160 3.50 -43.16 6.25
N LEU D 161 3.88 -41.87 6.37
CA LEU D 161 4.90 -41.21 5.53
C LEU D 161 6.29 -41.06 6.18
N THR D 162 6.39 -41.27 7.48
CA THR D 162 7.70 -41.20 8.14
C THR D 162 7.98 -42.46 8.95
N ALA D 163 7.77 -43.60 8.28
CA ALA D 163 8.14 -44.91 8.80
C ALA D 163 9.05 -45.64 7.80
N LEU D 185 -0.89 -27.73 9.14
CA LEU D 185 -2.02 -28.64 8.97
C LEU D 185 -2.95 -28.56 10.17
N ALA D 186 -2.38 -28.81 11.35
CA ALA D 186 -3.12 -28.77 12.62
C ALA D 186 -3.84 -27.43 12.78
N SER D 187 -3.15 -26.35 12.43
CA SER D 187 -3.72 -25.01 12.53
C SER D 187 -4.78 -24.79 11.49
N GLU D 188 -4.60 -25.39 10.31
CA GLU D 188 -5.65 -25.41 9.31
C GLU D 188 -6.84 -26.28 9.76
N ALA D 189 -6.53 -27.42 10.37
CA ALA D 189 -7.54 -28.33 10.92
C ALA D 189 -8.53 -27.58 11.82
N LEU D 190 -8.00 -26.94 12.85
CA LEU D 190 -8.80 -26.19 13.81
C LEU D 190 -9.70 -25.17 13.12
N ARG D 191 -9.16 -24.52 12.10
CA ARG D 191 -9.91 -23.59 11.25
C ARG D 191 -11.14 -24.28 10.65
N SER D 192 -10.90 -25.44 10.04
CA SER D 192 -11.95 -26.27 9.44
C SER D 192 -12.95 -26.81 10.48
N TYR D 193 -12.40 -27.20 11.64
CA TYR D 193 -13.16 -27.65 12.79
C TYR D 193 -14.22 -26.63 13.21
N MSE D 194 -13.90 -25.35 13.02
CA MSE D 194 -14.76 -24.27 13.48
C MSE D 194 -15.78 -23.89 12.44
O MSE D 194 -16.73 -23.20 12.73
CB MSE D 194 -13.91 -23.08 13.86
CG MSE D 194 -13.18 -23.23 15.20
SE MSE D 194 -12.12 -21.62 15.69
CE MSE D 194 -13.60 -20.27 15.57
N SER D 195 -15.61 -24.34 11.23
CA SER D 195 -16.52 -23.95 10.16
C SER D 195 -17.85 -24.71 10.20
N ILE D 196 -17.90 -25.84 10.92
CA ILE D 196 -19.18 -26.53 11.00
C ILE D 196 -19.76 -26.49 12.40
N PRO D 197 -21.01 -26.01 12.55
CA PRO D 197 -21.54 -25.85 13.89
C PRO D 197 -22.04 -27.15 14.46
N PRO D 198 -22.17 -27.23 15.80
CA PRO D 198 -22.95 -28.30 16.35
C PRO D 198 -24.45 -28.04 16.01
N THR D 199 -25.33 -29.04 16.13
CA THR D 199 -26.73 -28.84 15.89
C THR D 199 -27.52 -29.35 17.08
N LEU D 200 -28.73 -28.82 17.25
CA LEU D 200 -29.54 -29.10 18.41
C LEU D 200 -30.77 -29.83 17.95
N TYR D 201 -31.19 -30.82 18.73
CA TYR D 201 -32.41 -31.57 18.44
C TYR D 201 -33.26 -31.57 19.69
N ASP D 202 -34.57 -31.56 19.51
CA ASP D 202 -35.47 -31.73 20.68
C ASP D 202 -36.70 -32.48 20.18
N GLN D 203 -37.05 -33.54 20.89
CA GLN D 203 -38.11 -34.48 20.56
C GLN D 203 -39.43 -33.77 20.41
N GLN D 204 -40.32 -34.31 19.57
CA GLN D 204 -41.70 -33.88 19.45
C GLN D 204 -42.33 -34.00 20.84
N GLY D 205 -43.30 -33.17 21.17
CA GLY D 205 -44.08 -33.36 22.38
C GLY D 205 -43.43 -32.84 23.64
N ASP D 206 -42.39 -32.03 23.51
CA ASP D 206 -41.70 -31.56 24.69
C ASP D 206 -42.55 -30.56 25.50
N ALA D 207 -42.34 -30.55 26.80
CA ALA D 207 -43.06 -29.58 27.69
C ALA D 207 -42.17 -28.41 27.81
N VAL D 208 -42.68 -27.26 27.38
CA VAL D 208 -41.89 -26.09 27.08
C VAL D 208 -42.79 -24.88 27.37
N SER D 209 -42.24 -23.70 27.33
CA SER D 209 -43.08 -22.55 27.68
C SER D 209 -42.82 -21.31 26.83
N ILE D 210 -43.67 -20.29 26.97
CA ILE D 210 -43.52 -19.03 26.22
C ILE D 210 -43.63 -17.81 27.17
N PHE D 211 -42.69 -16.87 27.13
CA PHE D 211 -42.70 -15.76 28.07
C PHE D 211 -43.40 -14.66 27.33
N VAL D 212 -44.56 -14.25 27.79
CA VAL D 212 -45.30 -13.22 27.07
C VAL D 212 -44.46 -11.93 27.07
N ALA D 213 -44.07 -11.48 25.90
CA ALA D 213 -43.15 -10.34 25.79
C ALA D 213 -43.76 -8.97 25.79
N ARG D 214 -45.03 -8.88 25.46
CA ARG D 214 -45.71 -7.61 25.22
C ARG D 214 -47.17 -7.81 25.70
N ASP D 215 -47.85 -6.77 26.16
CA ASP D 215 -49.23 -6.93 26.62
C ASP D 215 -50.11 -7.42 25.43
N LEU D 216 -50.97 -8.40 25.70
CA LEU D 216 -51.83 -8.96 24.70
C LEU D 216 -53.24 -8.56 25.06
N ASP D 217 -53.84 -7.76 24.19
CA ASP D 217 -55.13 -7.13 24.47
C ASP D 217 -56.22 -7.88 23.76
N PHE D 218 -57.11 -8.50 24.53
CA PHE D 218 -58.28 -9.25 24.04
C PHE D 218 -59.62 -8.40 24.03
N SER D 219 -59.54 -7.13 24.43
CA SER D 219 -60.66 -6.19 24.42
C SER D 219 -61.55 -6.17 23.22
N GLY D 220 -61.01 -6.42 22.04
CA GLY D 220 -61.79 -6.29 20.82
C GLY D 220 -62.37 -7.63 20.45
N VAL D 221 -62.12 -8.66 21.25
CA VAL D 221 -62.59 -9.99 20.90
C VAL D 221 -63.54 -10.55 21.99
N TYR D 222 -63.26 -10.30 23.25
CA TYR D 222 -64.03 -10.90 24.29
C TYR D 222 -64.65 -9.88 25.18
N THR D 223 -65.80 -10.22 25.75
CA THR D 223 -66.40 -9.38 26.71
C THR D 223 -67.03 -10.26 27.74
N LEU D 224 -67.56 -9.62 28.78
CA LEU D 224 -68.07 -10.32 29.97
C LEU D 224 -69.58 -10.15 30.13
N ALA D 225 -70.24 -11.19 30.63
CA ALA D 225 -71.66 -11.20 30.95
C ALA D 225 -71.92 -12.19 32.08
N ASP D 226 -72.89 -11.93 32.94
CA ASP D 226 -73.40 -13.03 33.78
C ASP D 226 -74.39 -13.75 32.88
N ASN D 227 -74.33 -15.09 32.80
CA ASN D 227 -73.78 -16.00 33.79
C ASN D 227 -73.00 -17.20 33.23
N ALA E 2 -72.51 -0.73 29.67
CA ALA E 2 -72.52 0.46 30.59
C ALA E 2 -71.33 0.44 31.53
N ALA E 3 -71.02 1.58 32.12
CA ALA E 3 -69.92 1.66 33.08
C ALA E 3 -70.34 1.03 34.40
N ASP E 4 -71.63 1.13 34.70
CA ASP E 4 -72.19 0.57 35.92
C ASP E 4 -72.34 -0.94 35.78
N LYS E 5 -72.54 -1.40 34.56
CA LYS E 5 -72.63 -2.82 34.28
C LYS E 5 -71.26 -3.48 34.38
N LYS E 6 -70.27 -2.86 33.78
CA LYS E 6 -68.90 -3.32 33.90
C LYS E 6 -68.47 -3.45 35.36
N ARG E 7 -68.97 -2.58 36.22
CA ARG E 7 -68.65 -2.58 37.64
C ARG E 7 -69.32 -3.70 38.42
N ILE E 8 -70.58 -3.98 38.13
CA ILE E 8 -71.29 -5.08 38.77
C ILE E 8 -70.67 -6.43 38.39
N THR E 9 -70.48 -6.67 37.09
CA THR E 9 -69.89 -7.92 36.57
C THR E 9 -68.50 -8.17 37.18
N GLN E 10 -67.70 -7.12 37.24
CA GLN E 10 -66.38 -7.14 37.82
C GLN E 10 -66.35 -7.55 39.28
N LYS E 11 -67.29 -7.02 40.06
CA LYS E 11 -67.42 -7.35 41.48
C LYS E 11 -67.86 -8.81 41.64
N LEU E 12 -68.89 -9.18 40.89
CA LEU E 12 -69.42 -10.52 40.88
C LEU E 12 -68.27 -11.50 40.65
N LYS E 13 -67.47 -11.21 39.64
CA LYS E 13 -66.41 -12.11 39.27
C LYS E 13 -65.32 -12.16 40.31
N GLN E 14 -64.86 -10.98 40.74
CA GLN E 14 -63.93 -10.86 41.84
C GLN E 14 -64.40 -11.77 42.99
N THR E 15 -65.63 -12.27 42.88
CA THR E 15 -65.98 -13.52 43.62
C THR E 15 -66.31 -14.86 42.89
N ALA E 16 -65.22 -15.45 42.38
CA ALA E 16 -65.10 -16.89 42.44
C ALA E 16 -63.65 -17.51 42.50
N PHE E 17 -63.42 -17.95 43.73
CA PHE E 17 -62.69 -19.09 44.13
C PHE E 17 -63.85 -19.99 44.66
N ALA E 18 -65.00 -19.90 44.01
CA ALA E 18 -66.23 -20.59 44.41
C ALA E 18 -66.11 -22.07 44.16
N GLY E 19 -66.76 -22.88 45.00
CA GLY E 19 -66.91 -24.28 44.77
C GLY E 19 -66.42 -25.15 45.92
N ALA E 20 -66.79 -26.42 45.89
CA ALA E 20 -66.30 -27.38 46.88
C ALA E 20 -64.80 -27.13 47.03
N LYS E 21 -64.32 -27.09 48.25
CA LYS E 21 -62.92 -26.88 48.53
C LYS E 21 -62.18 -28.17 48.90
N ASN E 22 -60.87 -28.18 48.69
CA ASN E 22 -60.03 -29.29 49.12
C ASN E 22 -58.92 -28.77 50.03
N TYR E 23 -58.81 -29.34 51.22
CA TYR E 23 -57.81 -28.95 52.21
C TYR E 23 -56.79 -30.02 52.43
N GLN E 24 -56.76 -31.04 51.56
CA GLN E 24 -55.96 -32.19 51.86
C GLN E 24 -54.49 -32.02 51.42
N TYR E 25 -53.75 -31.18 52.16
CA TYR E 25 -52.39 -30.86 51.76
C TYR E 25 -51.39 -31.19 52.83
N VAL E 26 -50.27 -31.78 52.45
CA VAL E 26 -49.21 -32.00 53.42
C VAL E 26 -47.95 -31.29 52.94
N MSE E 27 -46.97 -31.09 53.82
CA MSE E 27 -45.72 -30.45 53.40
C MSE E 27 -44.50 -31.06 54.09
O MSE E 27 -44.61 -31.66 55.13
CB MSE E 27 -45.78 -28.93 53.69
CG MSE E 27 -45.94 -28.65 55.18
SE MSE E 27 -45.78 -26.82 55.77
CE MSE E 27 -47.29 -26.04 54.95
N SER E 28 -43.33 -30.87 53.50
CA SER E 28 -42.10 -31.22 54.20
C SER E 28 -41.95 -30.30 55.38
N GLU E 29 -41.38 -30.82 56.46
CA GLU E 29 -41.18 -30.03 57.65
C GLU E 29 -39.68 -30.08 57.96
N GLN E 30 -38.99 -28.97 57.73
CA GLN E 30 -37.59 -28.81 58.06
C GLN E 30 -37.48 -27.49 58.80
N PRO E 31 -36.87 -27.49 59.98
CA PRO E 31 -36.86 -26.25 60.75
C PRO E 31 -36.17 -25.06 60.03
N GLU E 32 -35.09 -25.30 59.28
CA GLU E 32 -34.42 -24.20 58.52
C GLU E 32 -35.35 -23.54 57.52
N MSE E 33 -36.47 -24.17 57.20
CA MSE E 33 -37.34 -23.67 56.14
C MSE E 33 -38.60 -23.06 56.67
O MSE E 33 -39.43 -22.65 55.87
CB MSE E 33 -37.69 -24.78 55.17
CG MSE E 33 -36.50 -25.65 54.73
SE MSE E 33 -35.07 -24.71 53.74
CE MSE E 33 -34.16 -26.28 53.04
N ARG E 34 -38.78 -22.96 57.99
CA ARG E 34 -40.03 -22.41 58.51
C ARG E 34 -40.29 -20.97 58.06
N SER E 35 -39.24 -20.22 57.73
CA SER E 35 -39.38 -18.83 57.39
C SER E 35 -40.09 -18.59 56.07
N ILE E 36 -40.33 -19.65 55.27
CA ILE E 36 -41.14 -19.53 54.09
C ILE E 36 -42.31 -20.53 54.05
N GLN E 37 -42.61 -21.17 55.17
CA GLN E 37 -43.74 -22.11 55.20
C GLN E 37 -45.07 -21.38 55.10
N PRO E 38 -46.08 -21.98 54.44
CA PRO E 38 -47.39 -21.35 54.35
C PRO E 38 -48.19 -21.71 55.60
N VAL E 39 -49.18 -20.91 55.96
CA VAL E 39 -50.12 -21.20 57.02
C VAL E 39 -51.25 -22.04 56.39
N HIS E 40 -51.69 -21.71 55.17
CA HIS E 40 -52.69 -22.51 54.53
C HIS E 40 -52.37 -22.82 53.07
N VAL E 41 -52.79 -23.99 52.61
CA VAL E 41 -52.79 -24.28 51.19
C VAL E 41 -54.07 -25.02 50.94
N TRP E 42 -54.86 -24.54 49.97
CA TRP E 42 -56.09 -25.20 49.67
C TRP E 42 -56.53 -24.82 48.29
N ASP E 43 -57.43 -25.59 47.75
CA ASP E 43 -57.91 -25.26 46.44
C ASP E 43 -59.40 -25.50 46.29
N ASN E 44 -59.82 -25.09 45.12
CA ASN E 44 -61.11 -25.03 44.49
C ASN E 44 -61.35 -26.18 43.55
N TYR E 45 -60.40 -27.09 43.40
CA TYR E 45 -60.31 -27.86 42.12
C TYR E 45 -60.04 -27.09 40.79
N ARG E 46 -59.88 -25.76 40.82
CA ARG E 46 -59.47 -24.96 39.65
C ARG E 46 -58.19 -24.14 39.90
N PHE E 47 -58.19 -23.36 40.99
CA PHE E 47 -57.14 -22.48 41.39
C PHE E 47 -56.67 -22.98 42.78
N THR E 48 -55.41 -22.69 43.13
CA THR E 48 -54.87 -23.11 44.40
C THR E 48 -54.38 -21.90 45.19
N ARG E 49 -54.76 -21.81 46.47
CA ARG E 49 -54.26 -20.74 47.30
C ARG E 49 -53.14 -21.19 48.23
N PHE E 50 -52.09 -20.36 48.28
CA PHE E 50 -50.99 -20.49 49.26
C PHE E 50 -51.05 -19.29 50.14
N GLU E 51 -51.43 -19.46 51.39
CA GLU E 51 -51.51 -18.35 52.30
C GLU E 51 -50.31 -18.24 53.30
N PHE E 52 -49.70 -17.06 53.39
CA PHE E 52 -48.54 -16.82 54.28
C PHE E 52 -48.94 -15.85 55.38
N PRO E 53 -48.14 -15.75 56.46
CA PRO E 53 -48.49 -14.77 57.48
C PRO E 53 -48.65 -13.38 56.89
N ALA E 54 -49.54 -12.57 57.45
CA ALA E 54 -49.81 -11.23 56.95
C ALA E 54 -48.61 -10.39 56.56
N ASN E 55 -47.61 -10.33 57.43
CA ASN E 55 -46.41 -9.48 57.19
C ASN E 55 -45.17 -10.27 56.77
N ALA E 56 -45.35 -11.55 56.42
CA ALA E 56 -44.19 -12.32 55.97
C ALA E 56 -43.81 -11.92 54.53
N GLU E 57 -42.55 -12.10 54.21
CA GLU E 57 -42.05 -11.91 52.86
C GLU E 57 -42.71 -12.96 51.98
N LEU E 58 -43.10 -12.58 50.76
CA LEU E 58 -43.71 -13.53 49.83
C LEU E 58 -42.65 -14.35 49.13
N PRO E 59 -42.66 -15.68 49.35
CA PRO E 59 -41.80 -16.54 48.54
C PRO E 59 -42.47 -16.84 47.21
N GLN E 60 -41.84 -17.62 46.38
CA GLN E 60 -42.31 -17.84 45.04
C GLN E 60 -42.83 -19.30 44.99
N VAL E 61 -43.78 -19.60 44.11
CA VAL E 61 -44.30 -20.96 44.05
C VAL E 61 -44.19 -21.64 42.67
N TYR E 62 -43.83 -22.92 42.67
CA TYR E 62 -43.67 -23.67 41.41
C TYR E 62 -44.50 -24.95 41.50
N MSE E 63 -45.01 -25.42 40.35
CA MSE E 63 -45.80 -26.65 40.33
C MSE E 63 -45.04 -27.75 39.63
O MSE E 63 -44.19 -27.46 38.78
CB MSE E 63 -47.13 -26.45 39.65
CG MSE E 63 -47.07 -26.43 38.14
SE MSE E 63 -48.82 -26.39 37.26
CE MSE E 63 -48.53 -27.78 35.98
N ILE E 64 -45.30 -29.01 40.03
CA ILE E 64 -44.83 -30.17 39.33
C ILE E 64 -45.86 -30.52 38.29
N SER E 65 -45.52 -30.31 37.04
CA SER E 65 -46.47 -30.47 35.96
C SER E 65 -46.77 -31.93 35.70
N ALA E 66 -47.79 -32.18 34.89
CA ALA E 66 -48.05 -33.53 34.34
C ALA E 66 -46.83 -34.18 33.62
N SER E 67 -45.91 -33.36 33.12
CA SER E 67 -44.74 -33.83 32.40
C SER E 67 -43.64 -34.38 33.33
N GLY E 68 -43.78 -34.12 34.63
CA GLY E 68 -42.77 -34.54 35.56
C GLY E 68 -41.85 -33.42 35.98
N LYS E 69 -41.78 -32.33 35.22
CA LYS E 69 -40.88 -31.21 35.54
C LYS E 69 -41.44 -30.15 36.48
N GLU E 70 -40.59 -29.50 37.28
CA GLU E 70 -40.99 -28.35 38.06
C GLU E 70 -41.30 -27.19 37.07
N THR E 71 -42.40 -26.47 37.28
CA THR E 71 -42.80 -25.53 36.29
C THR E 71 -43.21 -24.17 36.83
N LEU E 72 -42.89 -23.08 36.15
CA LEU E 72 -43.37 -21.76 36.58
C LEU E 72 -44.84 -21.57 36.13
N PRO E 73 -45.81 -21.46 37.08
CA PRO E 73 -47.18 -21.26 36.71
C PRO E 73 -47.51 -19.77 36.64
N ASN E 74 -48.77 -19.42 36.43
CA ASN E 74 -49.22 -18.03 36.57
C ASN E 74 -50.09 -17.86 37.83
N SER E 75 -49.98 -16.70 38.49
CA SER E 75 -50.64 -16.52 39.74
C SER E 75 -50.76 -15.04 40.11
N HIS E 76 -51.72 -14.66 40.95
CA HIS E 76 -51.91 -13.25 41.34
C HIS E 76 -52.09 -13.29 42.86
N VAL E 77 -51.90 -12.17 43.56
CA VAL E 77 -52.11 -12.16 45.01
C VAL E 77 -53.48 -11.63 45.39
N VAL E 78 -54.09 -12.23 46.40
CA VAL E 78 -55.37 -11.78 46.90
C VAL E 78 -55.24 -11.49 48.37
N GLY E 79 -56.16 -10.73 48.91
CA GLY E 79 -56.15 -10.36 50.32
C GLY E 79 -55.72 -8.94 50.55
N GLU E 80 -56.31 -8.33 51.58
CA GLU E 80 -55.89 -7.06 52.20
C GLU E 80 -54.41 -6.99 52.53
N ASN E 81 -53.83 -8.14 52.79
CA ASN E 81 -52.49 -8.15 53.26
C ASN E 81 -51.52 -8.66 52.21
N ARG E 82 -52.03 -8.97 51.02
CA ARG E 82 -51.19 -9.36 49.90
C ARG E 82 -50.40 -10.59 50.26
N ASN E 83 -51.00 -11.47 51.04
CA ASN E 83 -50.29 -12.57 51.62
C ASN E 83 -50.74 -13.93 51.10
N ILE E 84 -51.61 -13.93 50.11
CA ILE E 84 -52.14 -15.15 49.55
C ILE E 84 -51.85 -15.22 48.05
N ILE E 85 -51.17 -16.26 47.66
CA ILE E 85 -50.88 -16.44 46.24
C ILE E 85 -51.94 -17.39 45.71
N GLU E 86 -52.72 -16.90 44.76
CA GLU E 86 -53.73 -17.71 44.11
C GLU E 86 -53.18 -18.15 42.78
N VAL E 87 -52.80 -19.41 42.68
CA VAL E 87 -52.23 -19.93 41.47
C VAL E 87 -53.35 -20.29 40.52
N GLU E 88 -53.21 -19.96 39.26
CA GLU E 88 -54.28 -20.15 38.32
C GLU E 88 -54.42 -21.56 37.89
N THR E 89 -54.11 -22.49 38.76
CA THR E 89 -54.01 -23.86 38.36
C THR E 89 -54.04 -24.84 39.53
N VAL E 90 -54.20 -26.09 39.23
CA VAL E 90 -54.29 -27.05 40.30
C VAL E 90 -53.29 -28.14 40.00
N ALA E 91 -52.73 -28.80 41.00
CA ALA E 91 -51.65 -29.78 40.70
C ALA E 91 -51.43 -30.78 41.81
N LYS E 92 -50.79 -31.89 41.46
CA LYS E 92 -50.51 -32.93 42.41
C LYS E 92 -49.48 -32.49 43.42
N GLU E 93 -48.54 -31.66 43.01
CA GLU E 93 -47.40 -31.33 43.86
C GLU E 93 -46.80 -29.94 43.55
N TRP E 94 -46.15 -29.34 44.56
CA TRP E 94 -45.71 -27.93 44.48
C TRP E 94 -44.35 -27.75 45.17
N ARG E 95 -43.67 -26.64 44.83
CA ARG E 95 -42.48 -26.22 45.57
C ARG E 95 -42.69 -24.79 45.94
N ILE E 96 -42.30 -24.45 47.16
CA ILE E 96 -42.27 -23.04 47.59
C ILE E 96 -40.78 -22.72 47.72
N ARG E 97 -40.34 -21.59 47.17
CA ARG E 97 -38.91 -21.27 47.09
C ARG E 97 -38.66 -19.79 47.31
N LEU E 98 -37.57 -19.50 48.01
CA LEU E 98 -37.00 -18.14 48.12
C LEU E 98 -35.53 -18.31 48.46
N GLY E 99 -34.66 -17.85 47.57
CA GLY E 99 -33.26 -18.07 47.78
C GLY E 99 -33.07 -19.56 47.84
N ASP E 100 -32.32 -20.03 48.83
CA ASP E 100 -32.06 -21.46 48.90
C ASP E 100 -32.99 -22.20 49.82
N LYS E 101 -34.13 -21.58 50.18
CA LYS E 101 -35.11 -22.23 51.04
C LYS E 101 -36.12 -22.91 50.18
N VAL E 102 -36.58 -24.07 50.60
CA VAL E 102 -37.58 -24.77 49.83
C VAL E 102 -38.55 -25.50 50.77
N VAL E 103 -39.83 -25.55 50.37
CA VAL E 103 -40.80 -26.35 51.07
C VAL E 103 -41.59 -27.11 50.01
N GLY E 104 -41.64 -28.44 50.16
CA GLY E 104 -42.41 -29.29 49.27
C GLY E 104 -43.86 -29.25 49.78
N VAL E 105 -44.84 -29.16 48.87
CA VAL E 105 -46.22 -29.20 49.26
C VAL E 105 -46.92 -30.20 48.35
N ARG E 106 -47.66 -31.13 48.93
CA ARG E 106 -48.28 -32.19 48.16
C ARG E 106 -49.77 -32.18 48.34
N ASN E 107 -50.47 -32.33 47.22
CA ASN E 107 -51.91 -32.35 47.20
C ASN E 107 -52.40 -33.77 47.34
N ASN E 108 -52.98 -34.13 48.50
CA ASN E 108 -53.44 -35.50 48.64
C ASN E 108 -54.82 -35.79 48.00
N ASN E 109 -55.41 -34.82 47.31
CA ASN E 109 -56.66 -35.09 46.64
C ASN E 109 -56.70 -34.36 45.31
N PHE E 110 -55.68 -34.60 44.49
CA PHE E 110 -55.63 -34.04 43.17
C PHE E 110 -56.62 -34.80 42.29
N ALA E 111 -57.65 -34.09 41.77
CA ALA E 111 -58.69 -34.75 40.99
C ALA E 111 -59.02 -33.95 39.74
N PRO E 112 -58.07 -33.89 38.78
CA PRO E 112 -58.36 -33.17 37.57
C PRO E 112 -59.60 -33.88 37.04
N GLY E 113 -60.49 -33.22 36.37
CA GLY E 113 -61.69 -34.08 36.20
C GLY E 113 -62.81 -33.52 37.01
N ARG E 114 -62.51 -33.21 38.27
CA ARG E 114 -63.48 -32.51 39.05
C ARG E 114 -63.33 -31.02 38.91
N GLY E 115 -64.40 -30.31 39.17
CA GLY E 115 -64.34 -28.89 39.38
C GLY E 115 -64.16 -27.93 38.22
N ALA E 116 -64.27 -28.39 36.98
CA ALA E 116 -64.17 -27.46 35.86
C ALA E 116 -65.40 -26.56 35.80
N VAL E 117 -65.22 -25.34 35.30
CA VAL E 117 -66.36 -24.51 34.93
C VAL E 117 -66.16 -24.13 33.47
N ALA E 118 -67.24 -24.06 32.71
CA ALA E 118 -67.13 -23.93 31.29
C ALA E 118 -67.59 -22.55 30.88
N THR E 119 -67.22 -21.58 31.68
CA THR E 119 -67.81 -20.26 31.64
C THR E 119 -66.92 -19.25 30.90
N GLY E 120 -65.63 -19.59 30.76
CA GLY E 120 -64.66 -18.69 30.21
C GLY E 120 -64.07 -17.74 31.23
N THR E 121 -64.48 -17.85 32.50
CA THR E 121 -63.90 -17.01 33.55
C THR E 121 -63.61 -17.85 34.74
N ALA E 122 -62.98 -17.26 35.76
CA ALA E 122 -62.73 -17.98 36.99
C ALA E 122 -64.03 -18.27 37.76
N SER E 123 -65.15 -17.66 37.34
CA SER E 123 -66.36 -17.75 38.12
C SER E 123 -67.47 -18.54 37.45
N PRO E 124 -68.27 -19.29 38.23
CA PRO E 124 -69.39 -20.01 37.66
C PRO E 124 -70.49 -19.05 37.23
N ASP E 125 -70.38 -17.79 37.66
CA ASP E 125 -71.49 -16.83 37.53
C ASP E 125 -71.22 -15.75 36.52
N VAL E 126 -69.98 -15.65 36.01
CA VAL E 126 -69.68 -14.70 34.95
C VAL E 126 -69.17 -15.49 33.74
N ARG E 127 -69.56 -15.09 32.53
CA ARG E 127 -69.11 -15.83 31.41
C ARG E 127 -68.44 -14.97 30.34
N ARG E 128 -67.48 -15.57 29.61
CA ARG E 128 -66.72 -14.87 28.58
C ARG E 128 -67.50 -14.94 27.28
N VAL E 129 -67.65 -13.83 26.59
CA VAL E 129 -68.52 -13.81 25.43
C VAL E 129 -67.76 -13.24 24.28
N GLN E 130 -67.83 -13.90 23.15
CA GLN E 130 -67.08 -13.46 22.00
C GLN E 130 -67.86 -12.36 21.35
N ILE E 131 -67.33 -11.13 21.32
CA ILE E 131 -67.94 -10.10 20.49
C ILE E 131 -67.63 -10.33 19.03
N GLY F 4 -20.95 -26.58 35.37
CA GLY F 4 -21.84 -27.65 35.93
C GLY F 4 -22.82 -27.13 36.98
N HIS F 5 -23.85 -26.42 36.49
CA HIS F 5 -24.83 -25.75 37.33
C HIS F 5 -25.52 -26.71 38.30
N LYS F 6 -25.60 -26.34 39.56
CA LYS F 6 -26.28 -27.18 40.53
C LYS F 6 -27.69 -26.65 40.78
N PRO F 7 -28.71 -27.51 40.68
CA PRO F 7 -30.13 -27.08 40.76
C PRO F 7 -30.49 -26.63 42.15
N PRO F 8 -31.65 -26.02 42.34
CA PRO F 8 -31.96 -25.55 43.69
C PRO F 8 -32.28 -26.73 44.65
N PRO F 9 -32.31 -26.50 45.95
CA PRO F 9 -32.49 -27.64 46.86
C PRO F 9 -33.87 -28.28 46.68
N GLU F 10 -33.97 -29.54 47.09
CA GLU F 10 -35.20 -30.29 47.06
C GLU F 10 -35.64 -30.47 48.50
N PRO F 11 -36.93 -30.58 48.72
CA PRO F 11 -37.31 -30.69 50.13
C PRO F 11 -36.96 -32.05 50.70
N ASP F 12 -36.77 -32.12 52.01
CA ASP F 12 -36.57 -33.37 52.66
C ASP F 12 -37.91 -33.74 53.29
N TRP F 13 -38.47 -34.88 52.87
CA TRP F 13 -39.79 -35.28 53.37
C TRP F 13 -39.78 -36.17 54.60
N SER F 14 -38.59 -36.45 55.17
CA SER F 14 -38.51 -37.37 56.32
C SER F 14 -39.60 -37.13 57.30
N ASN F 15 -39.85 -35.86 57.57
CA ASN F 15 -40.95 -35.46 58.39
C ASN F 15 -41.94 -34.69 57.53
N THR F 16 -43.07 -35.30 57.23
CA THR F 16 -44.13 -34.70 56.46
C THR F 16 -45.30 -34.47 57.38
N VAL F 17 -46.05 -33.40 57.17
CA VAL F 17 -46.92 -32.85 58.18
C VAL F 17 -48.08 -32.13 57.49
N PRO F 18 -49.27 -32.14 58.07
CA PRO F 18 -50.37 -31.42 57.39
C PRO F 18 -50.12 -29.95 57.37
N VAL F 19 -50.50 -29.30 56.28
CA VAL F 19 -50.33 -27.87 56.15
C VAL F 19 -51.38 -27.19 57.03
N ASN F 20 -52.65 -27.56 56.90
CA ASN F 20 -53.73 -26.81 57.55
C ASN F 20 -54.00 -27.26 58.99
N LYS F 21 -53.42 -26.56 59.95
CA LYS F 21 -53.72 -26.79 61.36
C LYS F 21 -55.14 -26.32 61.65
N THR F 22 -55.67 -25.41 60.84
CA THR F 22 -57.05 -24.97 60.99
C THR F 22 -57.57 -24.81 59.60
N ILE F 23 -58.90 -24.77 59.43
CA ILE F 23 -59.52 -24.63 58.13
C ILE F 23 -59.48 -23.15 57.71
N PRO F 24 -58.93 -22.84 56.51
CA PRO F 24 -58.94 -21.46 56.02
C PRO F 24 -60.33 -20.99 55.60
N VAL F 25 -60.52 -19.68 55.51
CA VAL F 25 -61.78 -19.11 55.03
C VAL F 25 -61.53 -18.16 53.86
N ASP F 26 -62.43 -18.15 52.88
CA ASP F 26 -62.34 -17.25 51.75
C ASP F 26 -63.16 -16.03 52.09
N THR F 27 -62.47 -14.92 52.32
CA THR F 27 -63.15 -13.70 52.71
C THR F 27 -63.68 -12.94 51.50
N GLN F 28 -64.00 -13.67 50.42
CA GLN F 28 -64.70 -13.08 49.27
C GLN F 28 -65.72 -14.08 48.73
N GLU G 12 -20.07 17.05 26.84
CA GLU G 12 -19.29 16.70 28.08
C GLU G 12 -20.11 16.28 29.33
N THR G 13 -21.01 15.31 29.18
CA THR G 13 -21.44 14.56 30.33
C THR G 13 -20.63 13.25 30.35
N SER G 14 -20.39 12.71 31.54
CA SER G 14 -19.59 11.49 31.68
C SER G 14 -19.97 10.33 30.74
N GLU G 15 -18.96 9.76 30.09
CA GLU G 15 -19.16 8.64 29.24
C GLU G 15 -19.70 7.43 29.95
N GLY G 16 -19.08 7.09 31.07
CA GLY G 16 -19.57 6.04 31.89
C GLY G 16 -21.01 6.24 32.28
N SER G 17 -21.34 7.44 32.70
CA SER G 17 -22.72 7.74 33.06
C SER G 17 -23.69 7.61 31.88
N SER G 18 -23.30 8.01 30.69
CA SER G 18 -24.16 7.87 29.55
C SER G 18 -24.33 6.41 29.16
N ALA G 19 -23.23 5.65 29.17
CA ALA G 19 -23.29 4.24 28.80
C ALA G 19 -24.31 3.59 29.69
N LEU G 20 -24.26 3.94 30.97
CA LEU G 20 -25.18 3.28 31.89
C LEU G 20 -26.58 3.78 31.68
N ALA G 21 -26.75 5.03 31.33
CA ALA G 21 -28.13 5.59 31.16
C ALA G 21 -28.76 4.93 29.96
N LYS G 22 -27.94 4.76 28.93
CA LYS G 22 -28.36 4.05 27.76
C LYS G 22 -28.70 2.60 28.08
N ASN G 23 -27.89 1.91 28.85
CA ASN G 23 -28.28 0.55 29.14
C ASN G 23 -29.53 0.43 29.99
N LEU G 24 -29.99 1.51 30.62
CA LEU G 24 -31.22 1.47 31.41
C LEU G 24 -32.45 1.91 30.63
N THR G 25 -32.29 2.19 29.33
CA THR G 25 -33.35 2.65 28.47
C THR G 25 -33.78 1.56 27.49
N PRO G 26 -34.85 0.80 27.82
CA PRO G 26 -35.23 -0.35 26.99
C PRO G 26 -35.91 0.05 25.70
N ALA G 27 -35.91 -0.85 24.73
CA ALA G 27 -36.74 -0.70 23.51
C ALA G 27 -38.14 -1.08 23.91
N ARG G 28 -39.08 -0.15 24.02
CA ARG G 28 -40.46 -0.57 24.41
C ARG G 28 -41.14 -1.38 23.34
N LEU G 29 -41.57 -2.59 23.68
CA LEU G 29 -42.34 -3.45 22.78
C LEU G 29 -43.79 -2.97 22.66
N LYS G 30 -44.37 -3.03 21.46
CA LYS G 30 -45.78 -2.62 21.28
C LYS G 30 -46.65 -3.74 21.77
N ALA G 31 -47.69 -3.38 22.52
CA ALA G 31 -48.81 -4.29 22.79
C ALA G 31 -49.37 -4.85 21.49
N SER G 32 -50.11 -5.94 21.58
CA SER G 32 -50.67 -6.56 20.42
C SER G 32 -52.14 -6.84 20.67
N ARG G 33 -52.96 -6.62 19.65
CA ARG G 33 -54.42 -6.83 19.76
C ARG G 33 -54.86 -8.16 19.19
N ALA G 34 -55.58 -8.94 19.97
CA ALA G 34 -56.19 -10.14 19.43
C ALA G 34 -57.27 -9.80 18.36
N GLY G 35 -57.53 -10.70 17.44
CA GLY G 35 -58.57 -10.54 16.46
C GLY G 35 -59.20 -11.88 16.22
N VAL G 36 -59.97 -11.98 15.14
CA VAL G 36 -60.54 -13.30 14.78
C VAL G 36 -60.38 -13.70 13.37
N MSE G 37 -60.17 -14.98 13.14
CA MSE G 37 -59.86 -15.43 11.84
C MSE G 37 -61.16 -15.42 11.01
O MSE G 37 -62.18 -15.95 11.45
CB MSE G 37 -59.20 -16.81 11.90
CG MSE G 37 -58.98 -17.37 10.54
SE MSE G 37 -57.95 -18.94 10.54
CE MSE G 37 -56.16 -18.14 10.82
N ALA G 38 -61.09 -14.87 9.81
CA ALA G 38 -62.26 -14.68 8.96
C ALA G 38 -63.02 -15.94 8.50
N ASN G 39 -62.33 -16.93 7.99
CA ASN G 39 -63.04 -18.03 7.37
C ASN G 39 -62.49 -19.36 7.86
N PRO G 40 -62.62 -19.61 9.16
CA PRO G 40 -61.94 -20.77 9.67
C PRO G 40 -62.34 -22.07 9.00
N SER G 41 -63.54 -22.19 8.44
CA SER G 41 -63.95 -23.46 7.84
C SER G 41 -63.42 -23.57 6.43
N LEU G 42 -62.88 -22.48 5.88
CA LEU G 42 -62.39 -22.52 4.54
C LEU G 42 -60.91 -22.12 4.41
N THR G 43 -60.15 -22.28 5.50
CA THR G 43 -58.75 -21.85 5.55
C THR G 43 -57.90 -22.99 6.12
N VAL G 44 -56.75 -23.27 5.52
CA VAL G 44 -55.79 -24.15 6.16
C VAL G 44 -54.78 -23.23 6.85
N PRO G 45 -54.75 -23.21 8.19
CA PRO G 45 -53.90 -22.18 8.82
C PRO G 45 -52.45 -22.57 9.00
N LYS G 46 -51.56 -21.58 9.16
CA LYS G 46 -50.14 -21.80 9.59
C LYS G 46 -50.03 -22.91 10.60
N GLY G 47 -49.09 -23.80 10.43
CA GLY G 47 -48.79 -24.75 11.49
C GLY G 47 -49.35 -26.11 11.21
N LYS G 48 -50.34 -26.19 10.34
CA LYS G 48 -50.88 -27.53 10.04
C LYS G 48 -49.86 -28.30 9.22
N MSE G 49 -49.90 -29.62 9.30
CA MSE G 49 -48.96 -30.44 8.56
C MSE G 49 -49.68 -31.06 7.35
O MSE G 49 -50.86 -31.39 7.43
CB MSE G 49 -48.39 -31.50 9.45
CG MSE G 49 -47.77 -31.00 10.74
SE MSE G 49 -46.28 -29.76 10.49
CE MSE G 49 -45.13 -30.99 9.42
N ILE G 50 -49.00 -31.16 6.23
CA ILE G 50 -49.49 -31.87 5.08
C ILE G 50 -48.58 -33.09 4.95
N PRO G 51 -49.05 -34.27 5.31
CA PRO G 51 -48.25 -35.48 5.08
C PRO G 51 -48.21 -35.84 3.60
N CYS G 52 -47.07 -36.32 3.13
CA CYS G 52 -46.77 -36.36 1.67
C CYS G 52 -45.87 -37.56 1.45
N GLY G 53 -45.95 -38.16 0.27
CA GLY G 53 -45.05 -39.22 -0.16
C GLY G 53 -44.32 -38.70 -1.40
N THR G 54 -42.99 -38.66 -1.34
CA THR G 54 -42.27 -38.05 -2.47
C THR G 54 -42.54 -38.89 -3.72
N GLY G 55 -42.75 -38.23 -4.85
CA GLY G 55 -42.76 -38.92 -6.10
C GLY G 55 -41.35 -39.06 -6.61
N THR G 56 -40.71 -37.94 -6.93
CA THR G 56 -39.30 -37.98 -7.37
C THR G 56 -38.30 -38.38 -6.27
N GLU G 57 -37.37 -39.25 -6.63
CA GLU G 57 -36.11 -39.42 -5.88
C GLU G 57 -35.50 -38.05 -5.71
N LEU G 58 -34.58 -37.92 -4.77
CA LEU G 58 -33.85 -36.68 -4.54
C LEU G 58 -32.35 -36.88 -4.41
N ASP G 59 -31.58 -35.93 -4.95
CA ASP G 59 -30.14 -36.03 -4.93
C ASP G 59 -29.64 -34.60 -4.96
N THR G 60 -28.96 -34.14 -3.92
CA THR G 60 -28.62 -32.72 -3.95
C THR G 60 -27.43 -32.35 -4.79
N THR G 61 -26.84 -33.26 -5.55
CA THR G 61 -25.67 -32.90 -6.40
C THR G 61 -25.92 -31.74 -7.35
N VAL G 62 -27.09 -31.72 -8.00
CA VAL G 62 -27.46 -30.63 -8.94
C VAL G 62 -28.78 -30.04 -8.49
N PRO G 63 -28.84 -28.70 -8.29
CA PRO G 63 -30.14 -28.11 -7.88
C PRO G 63 -31.23 -28.49 -8.84
N GLY G 64 -32.41 -28.77 -8.36
CA GLY G 64 -33.55 -29.00 -9.21
C GLY G 64 -34.84 -29.06 -8.43
N GLN G 65 -35.76 -29.88 -8.90
CA GLN G 65 -37.15 -29.84 -8.52
C GLN G 65 -37.51 -31.13 -7.84
N VAL G 66 -38.59 -31.14 -7.04
CA VAL G 66 -39.09 -32.35 -6.39
C VAL G 66 -40.61 -32.36 -6.52
N SER G 67 -41.22 -33.55 -6.42
CA SER G 67 -42.63 -33.67 -6.28
C SER G 67 -43.03 -34.57 -5.10
N CYS G 68 -44.23 -34.36 -4.56
CA CYS G 68 -44.82 -35.36 -3.68
C CYS G 68 -46.31 -35.34 -3.86
N ARG G 69 -46.97 -36.36 -3.33
CA ARG G 69 -48.43 -36.46 -3.45
C ARG G 69 -48.99 -36.53 -2.07
N VAL G 70 -49.98 -35.67 -1.79
CA VAL G 70 -50.56 -35.63 -0.49
C VAL G 70 -51.06 -37.00 -0.10
N SER G 71 -50.67 -37.42 1.07
CA SER G 71 -50.92 -38.73 1.57
C SER G 71 -52.22 -38.95 2.31
N GLN G 72 -52.81 -37.89 2.82
CA GLN G 72 -54.02 -38.00 3.60
C GLN G 72 -54.65 -36.65 3.57
N ASP G 73 -55.94 -36.59 3.87
CA ASP G 73 -56.67 -35.32 3.74
C ASP G 73 -56.26 -34.36 4.80
N VAL G 74 -56.29 -33.07 4.49
CA VAL G 74 -56.03 -32.03 5.48
C VAL G 74 -57.26 -31.10 5.52
N TYR G 75 -57.77 -30.96 6.72
CA TYR G 75 -58.96 -30.20 6.96
C TYR G 75 -58.66 -28.76 7.37
N SER G 76 -59.74 -27.96 7.40
CA SER G 76 -59.71 -26.54 7.67
C SER G 76 -59.30 -26.22 9.12
N ALA G 77 -59.22 -24.93 9.43
CA ALA G 77 -58.78 -24.46 10.74
C ALA G 77 -59.56 -25.09 11.90
N ASP G 78 -60.83 -25.43 11.69
CA ASP G 78 -61.67 -25.94 12.78
C ASP G 78 -61.84 -27.47 12.69
N GLY G 79 -61.23 -28.05 11.68
CA GLY G 79 -61.30 -29.49 11.51
C GLY G 79 -62.56 -29.94 10.81
N LEU G 80 -63.36 -29.01 10.31
CA LEU G 80 -64.67 -29.40 9.83
C LEU G 80 -64.78 -29.69 8.33
N VAL G 81 -63.97 -29.00 7.54
CA VAL G 81 -64.04 -29.07 6.10
C VAL G 81 -62.73 -29.61 5.52
N ARG G 82 -62.86 -30.57 4.59
CA ARG G 82 -61.73 -31.11 3.84
C ARG G 82 -61.28 -30.06 2.80
N LEU G 83 -60.01 -29.65 2.88
CA LEU G 83 -59.53 -28.61 1.96
C LEU G 83 -58.37 -29.06 1.06
N ILE G 84 -57.35 -29.70 1.63
CA ILE G 84 -56.26 -30.20 0.81
C ILE G 84 -56.49 -31.69 0.70
N ASP G 85 -56.81 -32.13 -0.50
CA ASP G 85 -57.31 -33.48 -0.71
C ASP G 85 -56.17 -34.48 -0.91
N LYS G 86 -56.32 -35.61 -0.24
CA LYS G 86 -55.50 -36.76 -0.49
C LYS G 86 -55.41 -36.97 -1.95
N GLY G 87 -54.20 -37.13 -2.44
CA GLY G 87 -53.98 -37.45 -3.81
C GLY G 87 -53.50 -36.25 -4.57
N SER G 88 -53.54 -35.05 -3.96
CA SER G 88 -53.08 -33.86 -4.67
C SER G 88 -51.59 -33.93 -4.93
N TRP G 89 -51.13 -33.29 -6.00
CA TRP G 89 -49.73 -33.29 -6.30
C TRP G 89 -49.14 -32.00 -5.78
N VAL G 90 -47.92 -32.07 -5.26
CA VAL G 90 -47.23 -30.84 -4.86
C VAL G 90 -45.91 -30.76 -5.63
N ASP G 91 -45.62 -29.58 -6.18
CA ASP G 91 -44.33 -29.45 -6.87
C ASP G 91 -43.47 -28.50 -6.06
N GLY G 92 -42.17 -28.83 -5.90
CA GLY G 92 -41.26 -28.02 -5.13
C GLY G 92 -39.87 -27.96 -5.70
N GLN G 93 -38.97 -27.31 -4.98
CA GLN G 93 -37.61 -27.25 -5.48
C GLN G 93 -36.56 -27.50 -4.40
N ILE G 94 -35.43 -28.08 -4.77
CA ILE G 94 -34.28 -28.13 -3.85
C ILE G 94 -33.14 -27.41 -4.57
N THR G 95 -32.74 -26.22 -4.11
CA THR G 95 -31.89 -25.41 -4.94
C THR G 95 -30.50 -25.21 -4.42
N GLY G 96 -30.20 -25.74 -3.26
CA GLY G 96 -28.85 -25.67 -2.73
C GLY G 96 -28.56 -27.08 -2.25
N GLY G 97 -27.35 -27.29 -1.74
CA GLY G 97 -26.97 -28.62 -1.25
C GLY G 97 -26.83 -28.69 0.26
N ILE G 98 -26.07 -29.68 0.75
CA ILE G 98 -25.75 -29.83 2.13
C ILE G 98 -24.27 -29.55 2.37
N LYS G 99 -23.93 -29.31 3.64
CA LYS G 99 -22.60 -29.06 4.10
C LYS G 99 -22.20 -30.24 4.97
N ASP G 100 -20.91 -30.49 5.19
CA ASP G 100 -20.48 -31.47 6.22
C ASP G 100 -21.14 -31.11 7.54
N GLY G 101 -21.57 -32.11 8.30
CA GLY G 101 -22.26 -31.89 9.52
C GLY G 101 -23.76 -31.76 9.33
N GLN G 102 -24.26 -31.99 8.12
CA GLN G 102 -25.70 -32.00 7.85
C GLN G 102 -26.19 -33.28 7.19
N ALA G 103 -27.37 -33.75 7.51
CA ALA G 103 -27.89 -34.95 6.93
C ALA G 103 -29.33 -34.67 6.42
N ARG G 104 -29.65 -33.41 6.23
CA ARG G 104 -30.97 -33.06 5.75
C ARG G 104 -30.91 -31.74 5.01
N VAL G 105 -31.84 -31.50 4.10
CA VAL G 105 -31.77 -30.36 3.19
C VAL G 105 -33.06 -29.54 3.10
N PHE G 106 -32.92 -28.24 3.04
CA PHE G 106 -34.04 -27.33 2.86
C PHE G 106 -34.74 -27.65 1.54
N VAL G 107 -36.07 -27.59 1.56
CA VAL G 107 -36.96 -27.92 0.44
C VAL G 107 -38.13 -26.88 0.40
N LEU G 108 -38.30 -26.20 -0.72
CA LEU G 108 -39.36 -25.26 -0.82
C LEU G 108 -40.53 -25.89 -1.60
N TRP G 109 -41.63 -26.16 -0.93
CA TRP G 109 -42.76 -26.71 -1.65
C TRP G 109 -43.62 -25.58 -2.15
N GLU G 110 -43.84 -25.57 -3.46
CA GLU G 110 -44.46 -24.39 -4.04
C GLU G 110 -45.94 -24.48 -4.19
N ARG G 111 -46.46 -25.40 -5.01
CA ARG G 111 -47.88 -25.40 -5.33
C ARG G 111 -48.49 -26.78 -5.11
N ILE G 112 -49.69 -26.80 -4.53
CA ILE G 112 -50.52 -27.98 -4.44
C ILE G 112 -51.54 -27.93 -5.58
N ARG G 113 -51.66 -29.03 -6.32
CA ARG G 113 -52.62 -29.12 -7.41
C ARG G 113 -53.51 -30.33 -7.20
N ASN G 114 -54.82 -30.09 -7.08
CA ASN G 114 -55.73 -31.21 -6.89
C ASN G 114 -56.10 -31.71 -8.32
N ASP G 115 -55.83 -32.98 -8.59
CA ASP G 115 -55.98 -33.38 -9.97
C ASP G 115 -57.38 -33.85 -10.30
N GLN G 116 -58.28 -33.93 -9.32
CA GLN G 116 -59.65 -34.29 -9.63
C GLN G 116 -60.40 -33.05 -10.08
N ASP G 117 -59.95 -31.94 -9.51
CA ASP G 117 -60.71 -30.75 -9.22
C ASP G 117 -60.16 -29.48 -9.88
N GLY G 118 -58.83 -29.47 -10.10
CA GLY G 118 -58.10 -28.30 -10.57
C GLY G 118 -57.78 -27.23 -9.54
N THR G 119 -58.12 -27.42 -8.26
CA THR G 119 -57.83 -26.41 -7.27
C THR G 119 -56.32 -26.38 -7.12
N ILE G 120 -55.77 -25.16 -7.14
CA ILE G 120 -54.35 -24.93 -7.06
C ILE G 120 -54.14 -23.86 -6.02
N VAL G 121 -53.12 -24.03 -5.20
CA VAL G 121 -52.74 -22.99 -4.25
C VAL G 121 -51.21 -22.92 -4.10
N ASN G 122 -50.63 -21.73 -4.18
CA ASN G 122 -49.21 -21.59 -3.91
C ASN G 122 -49.01 -21.58 -2.39
N ILE G 123 -48.52 -22.70 -1.84
CA ILE G 123 -48.28 -22.76 -0.41
C ILE G 123 -46.94 -22.16 0.04
N ASP G 124 -45.98 -22.06 -0.89
CA ASP G 124 -44.65 -21.55 -0.59
C ASP G 124 -44.20 -21.88 0.86
N SER G 125 -44.06 -23.18 1.14
CA SER G 125 -43.83 -23.69 2.48
C SER G 125 -42.64 -24.63 2.51
N ALA G 126 -42.08 -24.87 3.68
CA ALA G 126 -40.86 -25.60 3.82
C ALA G 126 -41.18 -27.04 4.09
N GLY G 127 -40.51 -27.95 3.40
CA GLY G 127 -40.62 -29.39 3.67
C GLY G 127 -40.02 -29.81 4.99
N THR G 128 -40.54 -30.91 5.55
CA THR G 128 -40.09 -31.47 6.84
C THR G 128 -40.11 -33.01 6.85
N ASN G 129 -39.51 -33.58 7.89
CA ASN G 129 -39.92 -34.83 8.52
C ASN G 129 -41.37 -35.10 8.61
N SER G 130 -41.68 -36.36 8.86
CA SER G 130 -42.95 -36.72 9.43
C SER G 130 -43.26 -36.13 10.79
N LEU G 131 -42.27 -35.76 11.59
CA LEU G 131 -42.54 -35.23 12.91
C LEU G 131 -42.40 -33.69 12.95
N GLY G 132 -42.12 -33.08 11.80
CA GLY G 132 -42.24 -31.64 11.65
C GLY G 132 -40.97 -30.82 11.64
N SER G 133 -39.81 -31.46 11.84
CA SER G 133 -38.59 -30.70 11.99
C SER G 133 -38.12 -30.34 10.59
N ALA G 134 -37.27 -29.32 10.46
CA ALA G 134 -36.95 -28.65 9.21
C ALA G 134 -36.08 -29.44 8.22
N GLY G 135 -36.51 -29.48 6.97
CA GLY G 135 -35.72 -30.15 5.92
C GLY G 135 -36.03 -31.62 5.76
N ILE G 136 -35.77 -32.18 4.58
CA ILE G 136 -36.02 -33.60 4.41
C ILE G 136 -34.75 -34.35 4.76
N PRO G 137 -34.80 -35.29 5.72
CA PRO G 137 -33.60 -36.09 6.00
C PRO G 137 -33.23 -36.95 4.81
N GLY G 138 -31.95 -37.27 4.66
CA GLY G 138 -31.48 -38.18 3.63
C GLY G 138 -30.21 -38.91 4.02
N GLN G 139 -29.60 -39.53 3.03
CA GLN G 139 -28.40 -40.31 3.24
C GLN G 139 -27.23 -39.52 2.69
N VAL G 140 -26.18 -39.36 3.48
CA VAL G 140 -25.10 -38.50 3.11
C VAL G 140 -24.01 -39.28 2.38
N ASP G 141 -23.50 -38.77 1.28
CA ASP G 141 -22.27 -39.26 0.66
C ASP G 141 -21.22 -38.18 0.77
N ALA G 142 -20.18 -38.44 1.58
CA ALA G 142 -19.16 -37.43 1.93
C ALA G 142 -18.13 -37.25 0.86
N HIS G 143 -18.20 -38.03 -0.21
CA HIS G 143 -17.15 -38.05 -1.24
C HIS G 143 -15.68 -38.01 -0.75
N MSE G 144 -15.37 -38.76 0.32
CA MSE G 144 -14.00 -38.72 0.92
C MSE G 144 -12.92 -39.07 -0.08
O MSE G 144 -11.94 -38.35 -0.20
CB MSE G 144 -13.86 -39.64 2.16
CG MSE G 144 -14.70 -39.24 3.36
SE MSE G 144 -14.26 -37.46 3.86
CE MSE G 144 -12.52 -37.90 4.70
N TRP G 145 -13.10 -40.18 -0.80
CA TRP G 145 -12.10 -40.60 -1.78
C TRP G 145 -11.80 -39.49 -2.75
N GLU G 146 -12.80 -38.99 -3.48
CA GLU G 146 -12.56 -37.84 -4.36
C GLU G 146 -11.96 -36.66 -3.62
N ARG G 147 -12.32 -36.46 -2.36
CA ARG G 147 -11.83 -35.30 -1.63
C ARG G 147 -10.40 -35.47 -1.16
N LEU G 148 -9.90 -36.70 -1.21
CA LEU G 148 -8.58 -37.05 -0.67
C LEU G 148 -7.59 -37.57 -1.70
N ARG G 149 -8.07 -38.10 -2.83
CA ARG G 149 -7.21 -38.88 -3.74
C ARG G 149 -6.01 -38.11 -4.32
N GLY G 150 -6.15 -36.79 -4.46
CA GLY G 150 -5.09 -35.99 -5.03
C GLY G 150 -3.90 -36.07 -4.10
N ALA G 151 -4.09 -35.53 -2.90
CA ALA G 151 -3.08 -35.59 -1.85
C ALA G 151 -2.53 -37.00 -1.64
N ILE G 152 -3.42 -37.98 -1.53
CA ILE G 152 -2.98 -39.36 -1.34
C ILE G 152 -1.98 -39.78 -2.43
N MSE G 153 -2.39 -39.64 -3.70
CA MSE G 153 -1.57 -39.98 -4.85
C MSE G 153 -0.24 -39.25 -4.82
O MSE G 153 0.85 -39.86 -4.92
CB MSE G 153 -2.30 -39.64 -6.12
CG MSE G 153 -2.31 -40.78 -7.08
SE MSE G 153 -3.62 -41.98 -6.37
CE MSE G 153 -2.80 -43.70 -6.83
N ILE G 154 -0.30 -37.93 -4.66
CA ILE G 154 0.90 -37.11 -4.64
C ILE G 154 1.86 -37.60 -3.55
N SER G 155 1.41 -37.58 -2.30
CA SER G 155 2.25 -37.99 -1.18
C SER G 155 2.82 -39.41 -1.37
N LEU G 156 2.05 -40.30 -2.01
CA LEU G 156 2.56 -41.64 -2.29
C LEU G 156 3.87 -41.61 -3.09
N PHE G 157 4.00 -40.66 -4.00
CA PHE G 157 5.32 -40.42 -4.61
C PHE G 157 6.25 -39.89 -3.52
N SER G 158 5.99 -38.70 -2.98
CA SER G 158 6.84 -38.16 -1.90
C SER G 158 7.38 -39.25 -0.96
N ASP G 159 6.52 -40.21 -0.63
CA ASP G 159 6.94 -41.35 0.18
C ASP G 159 7.93 -42.20 -0.59
N THR G 160 7.51 -42.69 -1.75
CA THR G 160 8.39 -43.44 -2.65
C THR G 160 9.56 -42.57 -3.17
N GLN G 184 2.47 -27.16 4.07
CA GLN G 184 2.38 -26.98 2.61
C GLN G 184 1.34 -27.90 1.93
N LEU G 185 1.77 -29.12 1.56
CA LEU G 185 0.90 -30.03 0.82
C LEU G 185 -0.36 -30.39 1.64
N ALA G 186 -0.13 -30.93 2.84
CA ALA G 186 -1.20 -31.28 3.78
C ALA G 186 -2.17 -30.14 3.98
N SER G 187 -1.63 -28.94 4.16
CA SER G 187 -2.46 -27.76 4.34
C SER G 187 -3.20 -27.39 3.08
N GLU G 188 -2.57 -27.63 1.94
CA GLU G 188 -3.24 -27.46 0.67
C GLU G 188 -4.32 -28.54 0.49
N ALA G 189 -4.00 -29.75 0.95
CA ALA G 189 -4.92 -30.89 0.85
C ALA G 189 -6.27 -30.52 1.48
N LEU G 190 -6.21 -30.08 2.73
CA LEU G 190 -7.39 -29.75 3.52
C LEU G 190 -8.22 -28.68 2.83
N ARG G 191 -7.53 -27.70 2.25
CA ARG G 191 -8.16 -26.68 1.43
C ARG G 191 -9.00 -27.30 0.30
N SER G 192 -8.37 -28.21 -0.45
CA SER G 192 -9.00 -28.94 -1.55
C SER G 192 -10.14 -29.84 -1.04
N TYR G 193 -9.89 -30.49 0.10
CA TYR G 193 -10.87 -31.32 0.78
C TYR G 193 -12.19 -30.58 1.05
N MSE G 194 -12.10 -29.28 1.26
CA MSE G 194 -13.25 -28.49 1.66
C MSE G 194 -13.95 -27.91 0.46
O MSE G 194 -15.06 -27.42 0.56
CB MSE G 194 -12.81 -27.36 2.60
CG MSE G 194 -12.50 -27.81 4.01
SE MSE G 194 -11.97 -26.28 5.11
CE MSE G 194 -13.53 -25.11 4.86
N SER G 195 -13.32 -27.98 -0.69
CA SER G 195 -13.92 -27.40 -1.89
C SER G 195 -15.04 -28.29 -2.48
N ILE G 196 -15.09 -29.58 -2.12
CA ILE G 196 -16.16 -30.41 -2.59
C ILE G 196 -17.18 -30.81 -1.52
N PRO G 197 -18.48 -30.54 -1.76
CA PRO G 197 -19.42 -30.81 -0.66
C PRO G 197 -19.84 -32.27 -0.58
N PRO G 198 -20.32 -32.68 0.58
CA PRO G 198 -20.98 -33.97 0.56
C PRO G 198 -22.29 -33.78 -0.22
N THR G 199 -23.00 -34.85 -0.61
CA THR G 199 -24.26 -34.71 -1.26
C THR G 199 -25.25 -35.59 -0.59
N LEU G 200 -26.52 -35.23 -0.65
CA LEU G 200 -27.61 -35.96 0.03
C LEU G 200 -28.49 -36.68 -0.97
N TYR G 201 -28.92 -37.89 -0.64
CA TYR G 201 -29.83 -38.64 -1.49
C TYR G 201 -31.01 -39.03 -0.64
N ASP G 202 -32.20 -39.05 -1.24
CA ASP G 202 -33.34 -39.66 -0.57
C ASP G 202 -34.19 -40.44 -1.56
N GLN G 203 -34.50 -41.69 -1.21
CA GLN G 203 -35.24 -42.60 -2.10
C GLN G 203 -36.58 -42.01 -2.57
N GLN G 204 -37.04 -42.41 -3.75
CA GLN G 204 -38.40 -42.13 -4.20
C GLN G 204 -39.42 -42.66 -3.20
N GLY G 205 -40.59 -42.04 -3.07
CA GLY G 205 -41.66 -42.63 -2.24
C GLY G 205 -41.43 -42.55 -0.73
N ASP G 206 -40.62 -41.57 -0.30
CA ASP G 206 -40.37 -41.37 1.10
C ASP G 206 -41.59 -40.73 1.74
N ALA G 207 -41.85 -41.06 3.00
CA ALA G 207 -42.96 -40.47 3.77
C ALA G 207 -42.37 -39.23 4.44
N VAL G 208 -42.99 -38.10 4.20
CA VAL G 208 -42.35 -36.84 4.47
C VAL G 208 -43.49 -35.83 4.68
N SER G 209 -43.17 -34.63 5.10
CA SER G 209 -44.25 -33.72 5.40
C SER G 209 -43.99 -32.26 5.03
N ILE G 210 -45.01 -31.44 5.14
CA ILE G 210 -44.90 -29.99 4.81
C ILE G 210 -45.52 -29.18 5.94
N PHE G 211 -44.78 -28.23 6.52
CA PHE G 211 -45.31 -27.36 7.54
C PHE G 211 -46.00 -26.21 6.79
N VAL G 212 -47.28 -26.00 6.98
CA VAL G 212 -47.92 -24.92 6.26
C VAL G 212 -47.41 -23.61 6.80
N ALA G 213 -46.78 -22.79 5.96
CA ALA G 213 -46.09 -21.58 6.46
C ALA G 213 -46.93 -20.33 6.62
N ARG G 214 -48.03 -20.27 5.87
CA ARG G 214 -48.88 -19.08 5.72
C ARG G 214 -50.32 -19.59 5.63
N ASP G 215 -51.29 -18.82 6.11
CA ASP G 215 -52.66 -19.23 6.00
C ASP G 215 -53.04 -19.41 4.52
N LEU G 216 -53.70 -20.54 4.23
CA LEU G 216 -54.13 -20.86 2.87
C LEU G 216 -55.66 -20.79 2.80
N ASP G 217 -56.15 -19.82 2.01
CA ASP G 217 -57.53 -19.42 2.04
C ASP G 217 -58.21 -20.04 0.83
N PHE G 218 -59.18 -20.92 1.07
CA PHE G 218 -59.91 -21.55 0.02
C PHE G 218 -61.31 -20.87 -0.29
N SER G 219 -61.61 -19.78 0.43
CA SER G 219 -62.83 -18.97 0.28
C SER G 219 -63.34 -18.71 -1.13
N GLY G 220 -62.42 -18.54 -2.08
CA GLY G 220 -62.78 -18.25 -3.43
C GLY G 220 -62.99 -19.48 -4.27
N VAL G 221 -62.79 -20.65 -3.67
CA VAL G 221 -62.88 -21.85 -4.45
C VAL G 221 -63.98 -22.77 -3.92
N TYR G 222 -64.13 -22.88 -2.60
CA TYR G 222 -65.08 -23.82 -2.05
C TYR G 222 -66.13 -23.13 -1.23
N THR G 223 -67.27 -23.77 -1.14
CA THR G 223 -68.28 -23.33 -0.26
C THR G 223 -69.01 -24.53 0.27
N LEU G 224 -69.99 -24.27 1.12
CA LEU G 224 -70.66 -25.33 1.86
C LEU G 224 -72.16 -25.37 1.55
N ALA G 225 -72.72 -26.58 1.56
CA ALA G 225 -74.13 -26.81 1.34
C ALA G 225 -74.52 -28.09 2.05
N ASP G 226 -75.76 -28.20 2.52
CA ASP G 226 -76.28 -29.52 2.89
C ASP G 226 -76.83 -30.08 1.59
N ASN G 227 -76.49 -31.32 1.22
CA ASN G 227 -76.06 -32.40 2.11
C ASN G 227 -74.95 -33.31 1.56
N ALA H 2 -76.57 -16.58 2.28
CA ALA H 2 -77.07 -15.70 3.39
C ALA H 2 -76.22 -15.84 4.64
N ALA H 3 -76.32 -14.88 5.54
CA ALA H 3 -75.59 -14.94 6.81
C ALA H 3 -76.25 -15.95 7.73
N ASP H 4 -77.57 -16.09 7.59
CA ASP H 4 -78.34 -17.03 8.40
C ASP H 4 -78.15 -18.43 7.89
N LYS H 5 -77.88 -18.56 6.59
CA LYS H 5 -77.62 -19.85 5.98
C LYS H 5 -76.25 -20.39 6.35
N LYS H 6 -75.26 -19.50 6.33
CA LYS H 6 -73.93 -19.82 6.79
C LYS H 6 -73.94 -20.30 8.25
N ARG H 7 -74.84 -19.75 9.04
CA ARG H 7 -74.93 -20.11 10.44
C ARG H 7 -75.57 -21.49 10.67
N ILE H 8 -76.61 -21.80 9.89
CA ILE H 8 -77.28 -23.10 9.98
C ILE H 8 -76.34 -24.25 9.57
N THR H 9 -75.72 -24.11 8.39
CA THR H 9 -74.78 -25.09 7.85
C THR H 9 -73.63 -25.32 8.83
N GLN H 10 -73.11 -24.24 9.36
CA GLN H 10 -72.03 -24.27 10.32
C GLN H 10 -72.35 -25.08 11.59
N LYS H 11 -73.54 -24.89 12.14
CA LYS H 11 -73.99 -25.64 13.31
C LYS H 11 -74.19 -27.11 12.97
N LEU H 12 -74.87 -27.35 11.84
CA LEU H 12 -75.15 -28.68 11.33
C LEU H 12 -73.85 -29.47 11.24
N LYS H 13 -72.85 -28.83 10.65
CA LYS H 13 -71.55 -29.43 10.50
C LYS H 13 -70.83 -29.62 11.81
N GLN H 14 -70.75 -28.56 12.62
CA GLN H 14 -70.20 -28.68 13.95
C GLN H 14 -70.77 -29.93 14.61
N THR H 15 -71.81 -30.51 14.02
CA THR H 15 -72.13 -31.91 14.30
C THR H 15 -71.94 -33.02 13.21
N ALA H 16 -70.66 -33.37 13.01
CA ALA H 16 -70.29 -34.76 12.80
C ALA H 16 -68.87 -35.26 13.19
N PHE H 17 -68.95 -36.00 14.28
CA PHE H 17 -68.15 -37.11 14.64
C PHE H 17 -69.23 -38.22 14.55
N ALA H 18 -70.16 -38.04 13.63
CA ALA H 18 -71.26 -38.98 13.37
C ALA H 18 -70.79 -40.30 12.83
N GLY H 19 -71.45 -41.36 13.24
CA GLY H 19 -71.25 -42.66 12.64
C GLY H 19 -71.02 -43.74 13.64
N ALA H 20 -71.20 -44.97 13.22
CA ALA H 20 -70.77 -46.11 14.03
C ALA H 20 -69.43 -45.78 14.75
N LYS H 21 -69.37 -46.09 16.02
CA LYS H 21 -68.22 -45.75 16.86
C LYS H 21 -67.41 -46.99 17.15
N ASN H 22 -66.13 -46.85 17.40
CA ASN H 22 -65.23 -47.95 17.82
C ASN H 22 -64.57 -47.56 19.15
N TYR H 23 -64.62 -48.47 20.11
CA TYR H 23 -64.10 -48.21 21.44
C TYR H 23 -63.00 -49.18 21.77
N GLN H 24 -62.60 -49.97 20.78
CA GLN H 24 -61.69 -51.06 21.04
C GLN H 24 -60.23 -50.58 21.14
N TYR H 25 -59.88 -49.90 22.25
CA TYR H 25 -58.54 -49.33 22.39
C TYR H 25 -57.93 -49.82 23.62
N VAL H 26 -56.64 -50.15 23.54
CA VAL H 26 -55.85 -50.50 24.71
C VAL H 26 -54.64 -49.58 24.81
N MSE H 27 -54.05 -49.47 26.03
CA MSE H 27 -52.89 -48.60 26.26
C MSE H 27 -51.83 -49.26 27.14
O MSE H 27 -52.11 -50.16 27.86
CB MSE H 27 -53.32 -47.30 26.88
CG MSE H 27 -53.90 -47.45 28.24
SE MSE H 27 -54.39 -45.79 29.21
CE MSE H 27 -55.65 -45.05 28.06
N SER H 28 -50.59 -48.82 27.06
CA SER H 28 -49.59 -49.25 28.02
C SER H 28 -50.04 -48.67 29.33
N GLU H 29 -49.71 -49.36 30.42
CA GLU H 29 -50.02 -48.90 31.77
C GLU H 29 -48.71 -48.89 32.55
N GLN H 30 -48.17 -47.71 32.78
CA GLN H 30 -46.98 -47.50 33.58
C GLN H 30 -47.31 -46.43 34.60
N PRO H 31 -47.12 -46.70 35.89
CA PRO H 31 -47.57 -45.72 36.89
C PRO H 31 -46.94 -44.35 36.75
N GLU H 32 -45.64 -44.25 36.42
CA GLU H 32 -45.03 -42.93 36.14
C GLU H 32 -45.73 -42.12 35.07
N MSE H 33 -46.58 -42.73 34.24
CA MSE H 33 -47.15 -42.05 33.09
C MSE H 33 -48.62 -41.78 33.27
O MSE H 33 -49.27 -41.32 32.34
CB MSE H 33 -46.97 -42.85 31.82
CG MSE H 33 -45.59 -43.42 31.59
SE MSE H 33 -44.11 -42.13 31.44
CE MSE H 33 -42.73 -43.38 30.76
N ARG H 34 -49.18 -42.03 34.45
CA ARG H 34 -50.60 -41.77 34.65
C ARG H 34 -51.00 -40.29 34.48
N SER H 35 -50.04 -39.38 34.67
CA SER H 35 -50.33 -37.97 34.61
C SER H 35 -50.69 -37.48 33.22
N ILE H 36 -50.47 -38.31 32.21
CA ILE H 36 -50.89 -37.97 30.86
C ILE H 36 -51.80 -39.01 30.22
N GLN H 37 -52.24 -40.00 30.97
CA GLN H 37 -53.12 -41.00 30.42
C GLN H 37 -54.46 -40.39 30.06
N PRO H 38 -55.09 -40.87 28.96
CA PRO H 38 -56.42 -40.42 28.61
C PRO H 38 -57.45 -41.18 29.36
N VAL H 39 -58.63 -40.60 29.53
CA VAL H 39 -59.79 -41.25 30.15
C VAL H 39 -60.52 -42.03 29.06
N HIS H 40 -60.67 -41.43 27.89
CA HIS H 40 -61.24 -42.14 26.73
C HIS H 40 -60.42 -42.00 25.46
N VAL H 41 -60.49 -43.05 24.65
CA VAL H 41 -60.00 -42.95 23.29
C VAL H 41 -61.02 -43.66 22.48
N TRP H 42 -61.54 -43.01 21.44
CA TRP H 42 -62.46 -43.64 20.56
C TRP H 42 -62.51 -43.02 19.20
N ASP H 43 -63.14 -43.71 18.26
CA ASP H 43 -63.23 -43.13 16.94
C ASP H 43 -64.52 -43.42 16.22
N ASN H 44 -64.58 -42.80 15.06
CA ASN H 44 -65.63 -42.64 14.10
C ASN H 44 -65.39 -43.49 12.86
N TYR H 45 -64.28 -44.23 12.81
CA TYR H 45 -63.71 -44.65 11.53
C TYR H 45 -63.19 -43.50 10.62
N ARG H 46 -63.31 -42.24 11.04
CA ARG H 46 -62.69 -41.10 10.31
C ARG H 46 -61.75 -40.23 11.18
N PHE H 47 -62.26 -39.75 12.32
CA PHE H 47 -61.51 -38.93 13.26
C PHE H 47 -61.38 -39.77 14.52
N THR H 48 -60.38 -39.45 15.34
CA THR H 48 -60.15 -40.17 16.61
C THR H 48 -60.17 -39.18 17.76
N ARG H 49 -60.93 -39.50 18.81
CA ARG H 49 -60.91 -38.61 19.99
C ARG H 49 -60.09 -39.14 21.14
N PHE H 50 -59.22 -38.29 21.69
CA PHE H 50 -58.48 -38.59 22.89
C PHE H 50 -59.00 -37.66 23.96
N GLU H 51 -59.64 -38.23 24.99
CA GLU H 51 -60.22 -37.44 26.05
C GLU H 51 -59.44 -37.47 27.35
N PHE H 52 -59.15 -36.29 27.90
CA PHE H 52 -58.40 -36.13 29.13
C PHE H 52 -59.28 -35.58 30.25
N PRO H 53 -58.86 -35.73 31.54
CA PRO H 53 -59.65 -35.12 32.60
C PRO H 53 -59.83 -33.62 32.32
N ALA H 54 -60.99 -33.10 32.69
CA ALA H 54 -61.37 -31.72 32.43
C ALA H 54 -60.28 -30.69 32.68
N ASN H 55 -59.60 -30.77 33.82
CA ASN H 55 -58.60 -29.76 34.17
C ASN H 55 -57.17 -30.27 34.05
N ALA H 56 -56.97 -31.43 33.43
CA ALA H 56 -55.61 -31.91 33.23
C ALA H 56 -54.90 -31.07 32.15
N GLU H 57 -53.60 -30.94 32.26
CA GLU H 57 -52.80 -30.38 31.20
C GLU H 57 -52.95 -31.22 29.96
N LEU H 58 -53.05 -30.59 28.78
CA LEU H 58 -53.17 -31.28 27.50
C LEU H 58 -51.83 -31.76 27.02
N PRO H 59 -51.63 -33.09 26.91
CA PRO H 59 -50.39 -33.60 26.29
C PRO H 59 -50.60 -33.63 24.76
N GLN H 60 -49.67 -34.21 24.03
CA GLN H 60 -49.65 -34.00 22.62
C GLN H 60 -49.78 -35.40 22.03
N VAL H 61 -50.36 -35.56 20.84
CA VAL H 61 -50.57 -36.91 20.31
C VAL H 61 -49.94 -37.18 18.94
N TYR H 62 -49.41 -38.38 18.76
CA TYR H 62 -48.68 -38.71 17.54
C TYR H 62 -49.26 -40.00 16.99
N MSE H 63 -49.25 -40.16 15.68
CA MSE H 63 -49.74 -41.42 15.10
C MSE H 63 -48.65 -42.30 14.47
O MSE H 63 -47.62 -41.79 13.99
CB MSE H 63 -50.83 -41.16 14.11
CG MSE H 63 -50.38 -40.68 12.76
SE MSE H 63 -51.89 -40.80 11.45
CE MSE H 63 -50.87 -41.64 10.03
N ILE H 64 -48.82 -43.61 14.48
CA ILE H 64 -47.92 -44.44 13.73
C ILE H 64 -48.51 -44.57 12.34
N SER H 65 -47.81 -44.01 11.37
CA SER H 65 -48.35 -43.98 10.02
C SER H 65 -48.26 -45.35 9.34
N ALA H 66 -48.95 -45.50 8.21
CA ALA H 66 -48.80 -46.64 7.33
C ALA H 66 -47.31 -46.94 6.97
N SER H 67 -46.48 -45.89 7.02
CA SER H 67 -45.07 -45.99 6.64
C SER H 67 -44.23 -46.60 7.73
N GLY H 68 -44.78 -46.80 8.92
CA GLY H 68 -44.02 -47.35 10.03
C GLY H 68 -43.44 -46.29 10.96
N LYS H 69 -43.44 -45.03 10.54
CA LYS H 69 -42.89 -43.93 11.35
C LYS H 69 -43.89 -43.20 12.27
N GLU H 70 -43.45 -42.80 13.47
CA GLU H 70 -44.25 -41.92 14.27
C GLU H 70 -44.42 -40.60 13.53
N THR H 71 -45.63 -40.05 13.49
CA THR H 71 -45.96 -38.90 12.64
C THR H 71 -46.79 -37.88 13.34
N LEU H 72 -46.53 -36.61 13.08
CA LEU H 72 -47.36 -35.54 13.62
C LEU H 72 -48.63 -35.36 12.76
N PRO H 73 -49.80 -35.63 13.32
CA PRO H 73 -51.04 -35.43 12.57
C PRO H 73 -51.65 -34.04 12.81
N ASN H 74 -52.78 -33.75 12.21
CA ASN H 74 -53.53 -32.52 12.48
C ASN H 74 -54.69 -32.81 13.39
N SER H 75 -55.02 -31.88 14.30
CA SER H 75 -56.07 -32.10 15.27
C SER H 75 -56.61 -30.82 15.89
N HIS H 76 -57.81 -30.83 16.43
CA HIS H 76 -58.37 -29.60 17.02
C HIS H 76 -58.98 -30.06 18.37
N VAL H 77 -59.13 -29.16 19.38
CA VAL H 77 -59.79 -29.58 20.60
C VAL H 77 -61.26 -29.31 20.63
N VAL H 78 -62.03 -30.27 21.16
CA VAL H 78 -63.48 -30.11 21.27
C VAL H 78 -63.85 -30.15 22.71
N GLY H 79 -65.07 -29.73 23.05
CA GLY H 79 -65.52 -29.75 24.46
C GLY H 79 -65.43 -28.40 25.16
N GLU H 80 -66.35 -28.20 26.11
CA GLU H 80 -66.46 -27.06 26.97
C GLU H 80 -65.20 -26.92 27.81
N ASN H 81 -64.53 -28.04 28.02
CA ASN H 81 -63.38 -28.06 28.89
C ASN H 81 -62.09 -28.14 28.14
N ARG H 82 -62.17 -28.18 26.80
CA ARG H 82 -61.00 -28.13 25.94
C ARG H 82 -60.11 -29.34 26.26
N ASN H 83 -60.71 -30.48 26.56
CA ASN H 83 -59.97 -31.58 27.10
C ASN H 83 -60.02 -32.79 26.21
N ILE H 84 -60.59 -32.60 25.02
CA ILE H 84 -60.68 -33.68 24.04
C ILE H 84 -59.91 -33.30 22.75
N ILE H 85 -58.97 -34.13 22.34
CA ILE H 85 -58.20 -33.82 21.12
C ILE H 85 -58.84 -34.70 20.06
N GLU H 86 -59.37 -34.07 19.03
CA GLU H 86 -60.00 -34.78 17.95
C GLU H 86 -59.01 -34.80 16.78
N VAL H 87 -58.41 -35.95 16.51
CA VAL H 87 -57.39 -36.01 15.50
C VAL H 87 -58.12 -36.22 14.20
N GLU H 88 -57.63 -35.58 13.15
CA GLU H 88 -58.35 -35.54 11.89
C GLU H 88 -58.09 -36.75 11.04
N THR H 89 -57.94 -37.91 11.69
CA THR H 89 -57.45 -39.06 11.03
C THR H 89 -57.70 -40.28 11.91
N VAL H 90 -57.42 -41.47 11.39
CA VAL H 90 -57.67 -42.71 12.15
C VAL H 90 -56.47 -43.62 11.98
N ALA H 91 -56.12 -44.47 12.93
CA ALA H 91 -54.83 -45.18 12.77
C ALA H 91 -54.76 -46.38 13.67
N LYS H 92 -53.93 -47.32 13.31
CA LYS H 92 -53.72 -48.51 14.10
C LYS H 92 -53.08 -48.15 15.43
N GLU H 93 -52.19 -47.17 15.47
CA GLU H 93 -51.40 -46.98 16.69
C GLU H 93 -51.00 -45.55 16.94
N TRP H 94 -50.85 -45.21 18.20
CA TRP H 94 -50.69 -43.86 18.64
C TRP H 94 -49.67 -43.72 19.77
N ARG H 95 -49.28 -42.49 20.04
CA ARG H 95 -48.39 -42.16 21.12
C ARG H 95 -48.87 -40.90 21.75
N ILE H 96 -48.88 -40.84 23.06
CA ILE H 96 -49.22 -39.64 23.79
C ILE H 96 -47.99 -39.19 24.51
N ARG H 97 -47.66 -37.92 24.40
CA ARG H 97 -46.40 -37.43 24.89
C ARG H 97 -46.51 -36.07 25.56
N LEU H 98 -45.77 -35.85 26.63
CA LEU H 98 -45.47 -34.53 27.13
C LEU H 98 -44.21 -34.60 27.95
N GLY H 99 -43.20 -33.84 27.60
CA GLY H 99 -41.92 -34.00 28.24
C GLY H 99 -41.37 -35.38 27.97
N ASP H 100 -40.95 -36.07 29.01
CA ASP H 100 -40.46 -37.42 28.86
C ASP H 100 -41.53 -38.50 29.12
N LYS H 101 -42.79 -38.13 29.11
CA LYS H 101 -43.83 -39.07 29.38
C LYS H 101 -44.37 -39.61 28.10
N VAL H 102 -44.69 -40.88 28.08
CA VAL H 102 -45.23 -41.50 26.93
C VAL H 102 -46.27 -42.54 27.32
N VAL H 103 -47.35 -42.58 26.56
CA VAL H 103 -48.38 -43.56 26.69
C VAL H 103 -48.64 -44.13 25.32
N GLY H 104 -48.61 -45.44 25.19
CA GLY H 104 -48.90 -46.06 23.92
C GLY H 104 -50.34 -46.40 23.87
N VAL H 105 -50.99 -46.09 22.78
CA VAL H 105 -52.39 -46.39 22.59
C VAL H 105 -52.62 -47.20 21.32
N ARG H 106 -53.40 -48.27 21.38
CA ARG H 106 -53.57 -49.08 20.21
C ARG H 106 -55.01 -49.31 19.84
N ASN H 107 -55.27 -49.25 18.55
CA ASN H 107 -56.59 -49.44 18.05
C ASN H 107 -56.83 -50.86 17.59
N ASN H 108 -57.58 -51.61 18.39
CA ASN H 108 -57.80 -52.99 18.11
C ASN H 108 -58.84 -53.27 17.01
N ASN H 109 -59.35 -52.22 16.37
CA ASN H 109 -60.26 -52.42 15.28
C ASN H 109 -60.07 -51.36 14.21
N PHE H 110 -58.82 -51.26 13.74
CA PHE H 110 -58.50 -50.35 12.68
C PHE H 110 -59.02 -51.00 11.41
N ALA H 111 -59.91 -50.32 10.72
CA ALA H 111 -60.55 -50.85 9.53
C ALA H 111 -60.63 -49.76 8.46
N PRO H 112 -59.47 -49.37 7.89
CA PRO H 112 -59.49 -48.30 6.91
C PRO H 112 -60.37 -48.90 5.84
N GLY H 113 -61.12 -48.14 5.08
CA GLY H 113 -62.02 -48.98 4.27
C GLY H 113 -63.42 -48.86 4.77
N ARG H 114 -63.58 -48.92 6.10
CA ARG H 114 -64.85 -48.53 6.69
C ARG H 114 -64.92 -47.04 6.97
N GLY H 115 -66.14 -46.55 7.03
CA GLY H 115 -66.42 -45.24 7.54
C GLY H 115 -66.11 -43.99 6.73
N ALA H 116 -65.79 -44.11 5.45
CA ALA H 116 -65.49 -42.90 4.70
C ALA H 116 -66.79 -42.14 4.44
N VAL H 117 -66.71 -40.83 4.28
CA VAL H 117 -67.83 -40.10 3.75
C VAL H 117 -67.25 -39.35 2.59
N ALA H 118 -68.06 -39.08 1.58
CA ALA H 118 -67.51 -38.59 0.33
C ALA H 118 -68.16 -37.24 0.14
N THR H 119 -68.29 -36.54 1.23
CA THR H 119 -69.04 -35.35 1.29
C THR H 119 -68.19 -34.12 1.10
N GLY H 120 -66.89 -34.24 1.38
CA GLY H 120 -65.98 -33.06 1.37
C GLY H 120 -65.93 -32.29 2.68
N THR H 121 -66.61 -32.82 3.72
CA THR H 121 -66.55 -32.24 5.04
C THR H 121 -66.46 -33.33 6.06
N ALA H 122 -66.35 -32.97 7.31
CA ALA H 122 -66.33 -34.01 8.35
C ALA H 122 -67.69 -34.66 8.54
N SER H 123 -68.73 -34.07 7.99
CA SER H 123 -70.09 -34.53 8.25
C SER H 123 -70.75 -35.21 7.06
N PRO H 124 -71.58 -36.23 7.32
CA PRO H 124 -72.35 -36.85 6.24
C PRO H 124 -73.43 -35.93 5.74
N ASP H 125 -73.69 -34.85 6.48
CA ASP H 125 -74.84 -34.00 6.19
C ASP H 125 -74.52 -32.69 5.54
N VAL H 126 -73.25 -32.31 5.50
CA VAL H 126 -72.86 -31.07 4.84
C VAL H 126 -71.85 -31.41 3.75
N ARG H 127 -71.95 -30.74 2.62
CA ARG H 127 -71.03 -31.08 1.56
C ARG H 127 -70.26 -29.91 1.03
N ARG H 128 -69.06 -30.18 0.51
CA ARG H 128 -68.17 -29.12 0.02
C ARG H 128 -68.49 -28.95 -1.45
N VAL H 129 -68.66 -27.72 -1.89
CA VAL H 129 -69.11 -27.50 -3.23
C VAL H 129 -68.12 -26.58 -3.87
N GLN H 130 -67.71 -26.89 -5.09
CA GLN H 130 -66.77 -26.06 -5.78
C GLN H 130 -67.55 -24.88 -6.41
N ILE H 131 -67.32 -23.66 -5.97
CA ILE H 131 -67.81 -22.53 -6.71
C ILE H 131 -66.96 -22.33 -7.97
N GLY I 4 -25.01 -38.02 19.11
CA GLY I 4 -26.03 -39.14 19.03
C GLY I 4 -27.35 -38.80 19.71
N HIS I 5 -28.17 -37.96 19.04
CA HIS I 5 -29.47 -37.58 19.58
C HIS I 5 -30.24 -38.82 20.02
N LYS I 6 -30.72 -38.81 21.24
CA LYS I 6 -31.49 -39.95 21.71
C LYS I 6 -32.99 -39.64 21.59
N PRO I 7 -33.77 -40.54 20.98
CA PRO I 7 -35.18 -40.30 20.65
C PRO I 7 -36.03 -40.31 21.93
N PRO I 8 -37.29 -39.86 21.85
CA PRO I 8 -38.07 -39.83 23.05
C PRO I 8 -38.39 -41.24 23.50
N PRO I 9 -38.85 -41.41 24.75
CA PRO I 9 -39.07 -42.75 25.29
C PRO I 9 -40.17 -43.48 24.54
N GLU I 10 -40.11 -44.80 24.59
CA GLU I 10 -41.14 -45.64 24.03
C GLU I 10 -41.95 -46.25 25.18
N PRO I 11 -43.22 -46.59 24.93
CA PRO I 11 -44.02 -47.10 26.06
C PRO I 11 -43.56 -48.49 26.41
N ASP I 12 -43.79 -48.89 27.66
CA ASP I 12 -43.56 -50.27 28.07
C ASP I 12 -44.91 -50.94 28.10
N TRP I 13 -45.10 -51.98 27.30
CA TRP I 13 -46.39 -52.63 27.21
C TRP I 13 -46.57 -53.83 28.13
N SER I 14 -45.60 -54.16 28.97
CA SER I 14 -45.72 -55.30 29.86
C SER I 14 -47.09 -55.39 30.46
N ASN I 15 -47.61 -54.30 30.91
CA ASN I 15 -48.95 -54.28 31.37
C ASN I 15 -49.79 -53.40 30.41
N THR I 16 -50.68 -54.04 29.64
CA THR I 16 -51.53 -53.35 28.69
C THR I 16 -52.93 -53.52 29.19
N VAL I 17 -53.77 -52.53 28.96
CA VAL I 17 -54.98 -52.33 29.74
C VAL I 17 -56.04 -51.63 28.85
N PRO I 18 -57.34 -51.91 29.05
CA PRO I 18 -58.25 -51.19 28.17
C PRO I 18 -58.35 -49.73 28.55
N VAL I 19 -58.52 -48.85 27.55
CA VAL I 19 -58.58 -47.43 27.80
C VAL I 19 -59.94 -47.11 28.39
N ASN I 20 -61.01 -47.59 27.78
CA ASN I 20 -62.32 -47.17 28.19
C ASN I 20 -62.89 -48.00 29.34
N LYS I 21 -62.74 -47.51 30.57
CA LYS I 21 -63.40 -48.15 31.71
C LYS I 21 -64.93 -47.95 31.62
N THR I 22 -65.38 -46.93 30.88
CA THR I 22 -66.78 -46.69 30.61
C THR I 22 -66.89 -46.19 29.19
N ILE I 23 -68.11 -46.22 28.63
CA ILE I 23 -68.34 -45.84 27.25
C ILE I 23 -68.48 -44.32 27.15
N PRO I 24 -67.62 -43.68 26.34
CA PRO I 24 -67.73 -42.22 26.20
C PRO I 24 -69.00 -41.79 25.47
N VAL I 25 -69.38 -40.53 25.59
CA VAL I 25 -70.52 -39.99 24.86
C VAL I 25 -70.14 -38.75 24.06
N ASP I 26 -70.69 -38.61 22.85
CA ASP I 26 -70.47 -37.41 22.04
C ASP I 26 -71.59 -36.43 22.37
N THR I 27 -71.21 -35.34 23.02
CA THR I 27 -72.19 -34.35 23.46
C THR I 27 -72.54 -33.35 22.36
N GLN I 28 -72.52 -33.80 21.10
CA GLN I 28 -73.12 -33.02 20.02
C GLN I 28 -73.95 -33.95 19.13
N GLU J 12 -29.98 6.71 21.60
CA GLU J 12 -29.57 6.10 22.91
C GLU J 12 -30.65 5.28 23.68
N THR J 13 -31.30 4.35 23.02
CA THR J 13 -31.87 3.24 23.75
C THR J 13 -30.85 2.11 23.74
N SER J 14 -30.91 1.21 24.71
CA SER J 14 -29.94 0.12 24.84
C SER J 14 -29.79 -0.74 23.59
N GLU J 15 -28.58 -0.92 23.15
CA GLU J 15 -28.26 -1.87 22.09
C GLU J 15 -28.75 -3.27 22.29
N GLY J 16 -28.45 -3.83 23.46
CA GLY J 16 -28.94 -5.13 23.80
C GLY J 16 -30.44 -5.16 23.71
N SER J 17 -31.07 -4.19 24.30
CA SER J 17 -32.53 -4.14 24.23
C SER J 17 -33.07 -4.06 22.80
N SER J 18 -32.44 -3.27 21.95
CA SER J 18 -32.86 -3.22 20.55
C SER J 18 -32.64 -4.53 19.84
N ALA J 19 -31.47 -5.12 20.05
CA ALA J 19 -31.17 -6.35 19.35
C ALA J 19 -32.27 -7.38 19.69
N LEU J 20 -32.70 -7.38 20.96
CA LEU J 20 -33.70 -8.34 21.35
C LEU J 20 -35.04 -8.01 20.74
N ALA J 21 -35.38 -6.71 20.69
CA ALA J 21 -36.68 -6.31 20.20
C ALA J 21 -36.71 -6.64 18.74
N LYS J 22 -35.61 -6.40 18.05
CA LYS J 22 -35.59 -6.76 16.62
C LYS J 22 -35.79 -8.29 16.44
N ASN J 23 -35.07 -9.09 17.22
CA ASN J 23 -35.27 -10.54 17.07
C ASN J 23 -36.67 -11.03 17.42
N LEU J 24 -37.50 -10.16 18.00
CA LEU J 24 -38.86 -10.58 18.38
C LEU J 24 -39.86 -10.03 17.34
N THR J 25 -39.33 -9.40 16.29
CA THR J 25 -40.13 -8.88 15.22
C THR J 25 -40.03 -9.72 13.97
N PRO J 26 -41.01 -10.57 13.70
CA PRO J 26 -40.94 -11.46 12.56
C PRO J 26 -41.32 -10.82 11.24
N ALA J 27 -40.79 -11.33 10.14
CA ALA J 27 -41.25 -10.95 8.81
C ALA J 27 -42.61 -11.60 8.60
N ARG J 28 -43.72 -10.87 8.55
CA ARG J 28 -45.00 -11.55 8.41
C ARG J 28 -45.17 -12.10 7.03
N LEU J 29 -45.44 -13.37 6.89
CA LEU J 29 -45.69 -13.98 5.57
C LEU J 29 -47.12 -13.66 5.13
N LYS J 30 -47.31 -13.37 3.84
CA LYS J 30 -48.63 -13.17 3.25
C LYS J 30 -49.41 -14.46 3.11
N ALA J 31 -50.69 -14.43 3.52
CA ALA J 31 -51.61 -15.54 3.26
C ALA J 31 -51.69 -15.71 1.77
N SER J 32 -52.20 -16.85 1.34
CA SER J 32 -52.26 -17.19 -0.05
C SER J 32 -53.65 -17.68 -0.41
N ARG J 33 -54.17 -17.23 -1.56
CA ARG J 33 -55.51 -17.61 -2.01
C ARG J 33 -55.52 -18.78 -3.00
N ALA J 34 -56.27 -19.83 -2.71
CA ALA J 34 -56.45 -20.87 -3.72
C ALA J 34 -57.20 -20.35 -4.92
N GLY J 35 -56.97 -20.94 -6.08
CA GLY J 35 -57.73 -20.62 -7.25
C GLY J 35 -58.05 -21.91 -7.99
N VAL J 36 -58.36 -21.84 -9.28
CA VAL J 36 -58.49 -23.07 -10.02
C VAL J 36 -57.81 -23.06 -11.38
N MSE J 37 -57.27 -24.20 -11.78
CA MSE J 37 -56.60 -24.27 -13.03
C MSE J 37 -57.57 -24.11 -14.24
O MSE J 37 -58.57 -24.80 -14.30
CB MSE J 37 -55.81 -25.56 -13.10
CG MSE J 37 -55.02 -25.65 -14.36
SE MSE J 37 -53.74 -27.07 -14.40
CE MSE J 37 -52.36 -26.12 -13.33
N ALA J 38 -57.25 -23.25 -15.18
CA ALA J 38 -58.14 -22.94 -16.31
C ALA J 38 -58.44 -24.08 -17.30
N ASN J 39 -57.44 -24.75 -17.83
CA ASN J 39 -57.76 -25.75 -18.85
C ASN J 39 -57.16 -27.08 -18.51
N PRO J 40 -57.63 -27.71 -17.44
CA PRO J 40 -56.90 -28.88 -16.96
C PRO J 40 -56.82 -30.00 -17.96
N SER J 41 -57.76 -30.09 -18.91
CA SER J 41 -57.70 -31.17 -19.92
C SER J 41 -56.76 -30.79 -21.03
N LEU J 42 -56.34 -29.54 -21.11
CA LEU J 42 -55.47 -29.13 -22.20
C LEU J 42 -54.13 -28.56 -21.72
N THR J 43 -53.71 -28.95 -20.50
CA THR J 43 -52.48 -28.48 -19.88
C THR J 43 -51.69 -29.65 -19.33
N VAL J 44 -50.39 -29.69 -19.63
CA VAL J 44 -49.49 -30.57 -18.87
C VAL J 44 -48.92 -29.71 -17.71
N PRO J 45 -49.28 -30.01 -16.45
CA PRO J 45 -48.87 -29.14 -15.33
C PRO J 45 -47.50 -29.50 -14.72
N LYS J 46 -46.91 -28.55 -14.01
CA LYS J 46 -45.66 -28.71 -13.25
C LYS J 46 -45.61 -30.04 -12.54
N GLY J 47 -44.49 -30.72 -12.57
CA GLY J 47 -44.35 -31.86 -11.73
C GLY J 47 -44.57 -33.15 -12.46
N LYS J 48 -45.25 -33.11 -13.61
CA LYS J 48 -45.39 -34.34 -14.33
C LYS J 48 -44.02 -34.75 -14.92
N MSE J 49 -43.82 -36.03 -15.19
CA MSE J 49 -42.60 -36.50 -15.80
C MSE J 49 -42.80 -36.87 -17.27
O MSE J 49 -43.83 -37.38 -17.67
CB MSE J 49 -42.08 -37.73 -15.05
CG MSE J 49 -42.02 -37.53 -13.56
SE MSE J 49 -40.74 -36.11 -13.01
CE MSE J 49 -39.14 -36.90 -13.82
N ILE J 50 -41.80 -36.59 -18.10
CA ILE J 50 -41.78 -36.94 -19.49
C ILE J 50 -40.65 -37.98 -19.60
N PRO J 51 -40.99 -39.25 -19.73
CA PRO J 51 -39.97 -40.24 -19.86
C PRO J 51 -39.40 -40.17 -21.29
N CYS J 52 -38.10 -40.36 -21.41
CA CYS J 52 -37.39 -39.99 -22.65
C CYS J 52 -36.28 -41.01 -22.89
N GLY J 53 -35.90 -41.22 -24.13
CA GLY J 53 -34.71 -41.98 -24.45
C GLY J 53 -33.75 -41.10 -25.25
N THR J 54 -32.52 -40.95 -24.76
CA THR J 54 -31.60 -40.02 -25.37
C THR J 54 -31.26 -40.52 -26.76
N GLY J 55 -31.27 -39.59 -27.72
CA GLY J 55 -30.80 -39.91 -29.04
C GLY J 55 -29.29 -39.72 -29.08
N THR J 56 -28.83 -38.49 -28.87
CA THR J 56 -27.37 -38.25 -28.77
C THR J 56 -26.68 -38.85 -27.53
N GLU J 57 -25.55 -39.49 -27.73
CA GLU J 57 -24.58 -39.69 -26.66
C GLU J 57 -24.33 -38.35 -25.99
N LEU J 58 -23.74 -38.37 -24.82
CA LEU J 58 -23.42 -37.16 -24.07
C LEU J 58 -22.02 -37.29 -23.47
N ASP J 59 -21.29 -36.20 -23.46
CA ASP J 59 -19.92 -36.18 -22.99
C ASP J 59 -19.70 -34.72 -22.57
N THR J 60 -19.56 -34.42 -21.29
CA THR J 60 -19.43 -33.07 -20.84
C THR J 60 -18.08 -32.43 -21.08
N THR J 61 -17.18 -33.01 -21.86
CA THR J 61 -15.89 -32.32 -22.14
C THR J 61 -16.07 -30.98 -22.84
N VAL J 62 -17.00 -30.92 -23.83
CA VAL J 62 -17.25 -29.66 -24.56
C VAL J 62 -18.71 -29.31 -24.45
N PRO J 63 -19.06 -28.08 -24.05
CA PRO J 63 -20.48 -27.78 -23.85
C PRO J 63 -21.16 -27.99 -25.17
N GLY J 64 -22.39 -28.45 -25.23
CA GLY J 64 -23.14 -28.52 -26.46
C GLY J 64 -24.59 -28.92 -26.22
N GLN J 65 -25.13 -29.68 -27.17
CA GLN J 65 -26.56 -29.98 -27.23
C GLN J 65 -26.82 -31.47 -27.06
N VAL J 66 -28.05 -31.83 -26.71
CA VAL J 66 -28.51 -33.20 -26.55
C VAL J 66 -29.90 -33.30 -27.18
N SER J 67 -30.26 -34.51 -27.58
CA SER J 67 -31.63 -34.78 -27.97
C SER J 67 -32.17 -35.97 -27.23
N CYS J 68 -33.50 -36.08 -27.11
CA CYS J 68 -34.14 -37.34 -26.70
C CYS J 68 -35.52 -37.41 -27.32
N ARG J 69 -36.08 -38.62 -27.39
CA ARG J 69 -37.37 -38.82 -27.99
C ARG J 69 -38.33 -39.34 -26.95
N VAL J 70 -39.48 -38.66 -26.77
CA VAL J 70 -40.44 -39.06 -25.75
C VAL J 70 -40.82 -40.53 -25.90
N SER J 71 -40.71 -41.25 -24.81
CA SER J 71 -40.80 -42.67 -24.76
C SER J 71 -42.19 -43.23 -24.58
N GLN J 72 -43.09 -42.43 -24.00
CA GLN J 72 -44.44 -42.82 -23.73
C GLN J 72 -45.30 -41.55 -23.71
N ASP J 73 -46.60 -41.68 -23.96
CA ASP J 73 -47.47 -40.53 -24.02
C ASP J 73 -47.54 -39.90 -22.67
N VAL J 74 -47.73 -38.59 -22.66
CA VAL J 74 -47.99 -37.87 -21.45
C VAL J 74 -49.32 -37.09 -21.57
N TYR J 75 -50.19 -37.34 -20.60
CA TYR J 75 -51.53 -36.79 -20.58
C TYR J 75 -51.63 -35.52 -19.78
N SER J 76 -52.79 -34.88 -19.96
CA SER J 76 -53.14 -33.59 -19.35
C SER J 76 -53.22 -33.63 -17.82
N ALA J 77 -53.46 -32.48 -17.20
CA ALA J 77 -53.57 -32.35 -15.73
C ALA J 77 -54.52 -33.34 -15.06
N ASP J 78 -55.64 -33.67 -15.72
CA ASP J 78 -56.63 -34.63 -15.20
C ASP J 78 -56.46 -36.05 -15.73
N GLY J 79 -55.49 -36.29 -16.58
CA GLY J 79 -55.23 -37.68 -17.03
C GLY J 79 -56.07 -38.04 -18.24
N LEU J 80 -56.88 -37.10 -18.71
CA LEU J 80 -57.88 -37.46 -19.68
C LEU J 80 -57.50 -37.30 -21.16
N VAL J 81 -56.63 -36.33 -21.45
CA VAL J 81 -56.26 -36.03 -22.82
C VAL J 81 -54.76 -36.22 -23.03
N ARG J 82 -54.39 -36.95 -24.08
CA ARG J 82 -52.98 -37.13 -24.51
C ARG J 82 -52.47 -35.81 -25.10
N LEU J 83 -51.39 -35.26 -24.51
CA LEU J 83 -50.86 -34.00 -24.96
C LEU J 83 -49.43 -34.04 -25.46
N ILE J 84 -48.54 -34.72 -24.73
CA ILE J 84 -47.18 -34.86 -25.24
C ILE J 84 -47.09 -36.28 -25.79
N ASP J 85 -46.97 -36.37 -27.09
CA ASP J 85 -47.10 -37.63 -27.79
C ASP J 85 -45.79 -38.45 -27.82
N LYS J 86 -45.91 -39.70 -27.46
CA LYS J 86 -44.83 -40.65 -27.63
C LYS J 86 -44.28 -40.42 -29.02
N GLY J 87 -42.96 -40.36 -29.11
CA GLY J 87 -42.29 -40.24 -30.38
C GLY J 87 -41.85 -38.83 -30.63
N SER J 88 -42.33 -37.86 -29.86
CA SER J 88 -41.87 -36.49 -30.06
C SER J 88 -40.40 -36.30 -29.77
N TRP J 89 -39.74 -35.42 -30.51
CA TRP J 89 -38.33 -35.14 -30.26
C TRP J 89 -38.17 -33.94 -29.33
N VAL J 90 -37.18 -34.00 -28.44
CA VAL J 90 -36.87 -32.91 -27.54
C VAL J 90 -35.41 -32.51 -27.77
N ASP J 91 -35.16 -31.24 -27.86
CA ASP J 91 -33.81 -30.80 -28.07
C ASP J 91 -33.43 -30.00 -26.85
N GLY J 92 -32.22 -30.20 -26.33
CA GLY J 92 -31.77 -29.52 -25.12
C GLY J 92 -30.29 -29.23 -25.20
N GLN J 93 -29.70 -28.81 -24.09
CA GLN J 93 -28.32 -28.39 -24.10
C GLN J 93 -27.69 -28.75 -22.77
N ILE J 94 -26.41 -29.08 -22.82
CA ILE J 94 -25.64 -29.32 -21.60
C ILE J 94 -24.49 -28.34 -21.70
N THR J 95 -24.52 -27.23 -20.92
CA THR J 95 -23.56 -26.16 -21.18
C THR J 95 -22.49 -25.99 -20.19
N GLY J 96 -22.42 -26.85 -19.20
CA GLY J 96 -21.33 -26.83 -18.27
C GLY J 96 -20.86 -28.25 -18.01
N GLY J 97 -19.91 -28.42 -17.12
CA GLY J 97 -19.39 -29.79 -16.91
C GLY J 97 -19.64 -30.21 -15.47
N ILE J 98 -18.90 -31.19 -14.99
CA ILE J 98 -19.08 -31.75 -13.65
C ILE J 98 -17.82 -31.47 -12.88
N LYS J 99 -17.90 -31.63 -11.57
CA LYS J 99 -16.85 -31.29 -10.65
C LYS J 99 -16.53 -32.60 -9.94
N ASP J 100 -15.35 -32.75 -9.36
CA ASP J 100 -15.05 -33.96 -8.57
C ASP J 100 -16.10 -34.09 -7.48
N GLY J 101 -16.54 -35.30 -7.19
CA GLY J 101 -17.63 -35.46 -6.22
C GLY J 101 -18.99 -35.43 -6.91
N GLN J 102 -19.04 -35.28 -8.23
CA GLN J 102 -20.34 -35.38 -8.95
C GLN J 102 -20.40 -36.49 -9.99
N ALA J 103 -21.54 -37.14 -10.14
CA ALA J 103 -21.61 -38.19 -11.13
C ALA J 103 -22.82 -38.01 -12.03
N ARG J 104 -23.27 -36.75 -12.10
CA ARG J 104 -24.43 -36.40 -12.89
C ARG J 104 -24.45 -34.92 -13.21
N VAL J 105 -25.11 -34.56 -14.32
CA VAL J 105 -24.97 -33.22 -14.85
C VAL J 105 -26.32 -32.51 -15.20
N PHE J 106 -26.37 -31.21 -14.98
CA PHE J 106 -27.55 -30.40 -15.21
C PHE J 106 -27.79 -30.40 -16.69
N VAL J 107 -29.02 -30.62 -17.12
CA VAL J 107 -29.39 -30.64 -18.54
C VAL J 107 -30.62 -29.78 -18.76
N LEU J 108 -30.57 -28.87 -19.71
CA LEU J 108 -31.75 -27.95 -19.94
C LEU J 108 -32.50 -28.42 -21.19
N TRP J 109 -33.66 -29.02 -20.99
CA TRP J 109 -34.44 -29.47 -22.16
C TRP J 109 -35.28 -28.35 -22.63
N GLU J 110 -35.13 -27.99 -23.89
CA GLU J 110 -35.75 -26.75 -24.37
C GLU J 110 -37.13 -26.94 -25.01
N ARG J 111 -37.18 -27.62 -26.14
CA ARG J 111 -38.41 -27.66 -26.93
C ARG J 111 -38.82 -29.08 -27.23
N ILE J 112 -40.10 -29.37 -27.17
CA ILE J 112 -40.64 -30.64 -27.63
C ILE J 112 -41.21 -30.38 -29.04
N ARG J 113 -40.97 -31.32 -29.95
CA ARG J 113 -41.50 -31.20 -31.29
C ARG J 113 -42.19 -32.49 -31.69
N ASN J 114 -43.47 -32.37 -32.06
CA ASN J 114 -44.21 -33.56 -32.44
C ASN J 114 -43.99 -33.67 -33.94
N ASP J 115 -43.34 -34.72 -34.41
CA ASP J 115 -43.03 -34.80 -35.80
C ASP J 115 -44.21 -35.33 -36.66
N GLN J 116 -45.29 -35.80 -36.05
CA GLN J 116 -46.45 -36.21 -36.86
C GLN J 116 -47.26 -34.98 -37.23
N ASP J 117 -47.28 -34.04 -36.30
CA ASP J 117 -48.26 -33.02 -36.09
C ASP J 117 -47.76 -31.59 -36.23
N GLY J 118 -46.48 -31.38 -35.91
CA GLY J 118 -45.90 -30.04 -35.86
C GLY J 118 -46.03 -29.27 -34.56
N THR J 119 -46.70 -29.83 -33.56
CA THR J 119 -46.89 -29.12 -32.31
C THR J 119 -45.54 -28.94 -31.69
N ILE J 120 -45.27 -27.73 -31.23
CA ILE J 120 -44.02 -27.39 -30.61
C ILE J 120 -44.31 -26.66 -29.34
N VAL J 121 -43.54 -26.91 -28.29
CA VAL J 121 -43.68 -26.15 -27.05
C VAL J 121 -42.33 -26.00 -26.39
N ASN J 122 -42.01 -24.81 -25.93
CA ASN J 122 -40.80 -24.58 -25.19
C ASN J 122 -41.04 -24.99 -23.75
N ILE J 123 -40.54 -26.16 -23.35
CA ILE J 123 -40.75 -26.58 -21.97
C ILE J 123 -39.75 -25.98 -20.97
N ASP J 124 -38.59 -25.54 -21.47
CA ASP J 124 -37.49 -25.03 -20.64
C ASP J 124 -37.42 -25.70 -19.24
N SER J 125 -37.12 -27.01 -19.24
CA SER J 125 -37.22 -27.84 -18.06
C SER J 125 -35.97 -28.69 -17.83
N ALA J 126 -35.71 -29.09 -16.60
CA ALA J 126 -34.46 -29.76 -16.25
C ALA J 126 -34.62 -31.25 -16.50
N GLY J 127 -33.60 -31.87 -17.04
CA GLY J 127 -33.61 -33.31 -17.17
C GLY J 127 -33.35 -34.01 -15.86
N THR J 128 -33.79 -35.25 -15.78
CA THR J 128 -33.59 -36.08 -14.57
C THR J 128 -33.30 -37.51 -14.95
N ASN J 129 -33.01 -38.32 -13.94
CA ASN J 129 -33.28 -39.76 -13.79
C ASN J 129 -34.63 -40.18 -14.27
N SER J 130 -34.78 -41.49 -14.45
CA SER J 130 -36.07 -42.12 -14.40
C SER J 130 -36.91 -41.98 -13.08
N LEU J 131 -36.27 -41.79 -11.95
CA LEU J 131 -36.98 -41.60 -10.70
C LEU J 131 -37.14 -40.11 -10.30
N GLY J 132 -36.72 -39.19 -11.15
CA GLY J 132 -36.98 -37.75 -10.97
C GLY J 132 -35.95 -36.87 -10.30
N SER J 133 -34.85 -37.43 -9.81
CA SER J 133 -33.85 -36.62 -9.19
C SER J 133 -33.03 -35.86 -10.28
N ALA J 134 -32.37 -34.77 -9.86
CA ALA J 134 -31.90 -33.75 -10.74
C ALA J 134 -30.67 -34.12 -11.51
N GLY J 135 -30.70 -33.88 -12.81
CA GLY J 135 -29.52 -34.07 -13.68
C GLY J 135 -29.46 -35.47 -14.27
N ILE J 136 -28.74 -35.65 -15.36
CA ILE J 136 -28.66 -36.99 -15.93
C ILE J 136 -27.45 -37.73 -15.36
N PRO J 137 -27.65 -38.93 -14.79
CA PRO J 137 -26.44 -39.66 -14.30
C PRO J 137 -25.53 -40.14 -15.43
N GLY J 138 -24.22 -40.13 -15.21
CA GLY J 138 -23.29 -40.71 -16.19
C GLY J 138 -22.09 -41.39 -15.58
N GLN J 139 -21.11 -41.69 -16.40
CA GLN J 139 -19.93 -42.37 -15.96
C GLN J 139 -18.81 -41.33 -15.88
N VAL J 140 -18.05 -41.32 -14.78
CA VAL J 140 -17.12 -40.26 -14.54
C VAL J 140 -15.72 -40.69 -15.04
N ASP J 141 -15.06 -39.80 -15.78
CA ASP J 141 -13.65 -39.96 -16.06
C ASP J 141 -12.86 -38.88 -15.28
N ALA J 142 -12.16 -39.28 -14.22
CA ALA J 142 -11.48 -38.32 -13.37
C ALA J 142 -10.24 -37.74 -14.00
N HIS J 143 -9.81 -38.23 -15.15
CA HIS J 143 -8.52 -37.81 -15.72
C HIS J 143 -7.31 -37.77 -14.77
N MSE J 144 -7.16 -38.77 -13.88
CA MSE J 144 -6.09 -38.75 -12.85
C MSE J 144 -4.69 -38.68 -13.47
O MSE J 144 -3.88 -37.84 -13.10
CB MSE J 144 -6.16 -39.94 -11.89
CG MSE J 144 -7.34 -39.95 -10.97
SE MSE J 144 -7.42 -38.38 -9.86
CE MSE J 144 -5.88 -38.83 -8.72
N TRP J 145 -4.42 -39.56 -14.41
CA TRP J 145 -3.13 -39.55 -15.07
C TRP J 145 -2.78 -38.17 -15.57
N GLU J 146 -3.61 -37.59 -16.44
CA GLU J 146 -3.33 -36.24 -16.94
C GLU J 146 -3.19 -35.25 -15.80
N ARG J 147 -3.96 -35.42 -14.74
CA ARG J 147 -3.92 -34.49 -13.63
C ARG J 147 -2.68 -34.67 -12.75
N LEU J 148 -1.96 -35.78 -12.95
CA LEU J 148 -0.85 -36.12 -12.10
C LEU J 148 0.49 -36.23 -12.83
N ARG J 149 0.47 -36.44 -14.15
CA ARG J 149 1.69 -36.85 -14.87
C ARG J 149 2.85 -35.84 -14.77
N GLY J 150 2.55 -34.56 -14.72
CA GLY J 150 3.57 -33.53 -14.64
C GLY J 150 4.39 -33.71 -13.38
N ALA J 151 3.73 -33.56 -12.23
CA ALA J 151 4.39 -33.80 -10.94
C ALA J 151 5.10 -35.19 -10.85
N ILE J 152 4.43 -36.25 -11.31
CA ILE J 152 5.04 -37.56 -11.29
C ILE J 152 6.35 -37.55 -12.06
N MSE J 153 6.31 -37.11 -13.32
CA MSE J 153 7.49 -37.05 -14.17
C MSE J 153 8.61 -36.23 -13.54
O MSE J 153 9.75 -36.71 -13.44
CB MSE J 153 7.15 -36.43 -15.51
CG MSE J 153 7.66 -37.27 -16.63
SE MSE J 153 6.44 -38.77 -16.75
CE MSE J 153 7.68 -40.20 -17.29
N ILE J 154 8.28 -35.01 -13.12
CA ILE J 154 9.24 -34.13 -12.50
C ILE J 154 9.91 -34.82 -11.28
N SER J 155 9.10 -35.17 -10.29
CA SER J 155 9.63 -35.76 -9.07
C SER J 155 10.49 -36.98 -9.40
N LEU J 156 10.15 -37.72 -10.45
CA LEU J 156 10.93 -38.89 -10.81
C LEU J 156 12.37 -38.51 -11.10
N PHE J 157 12.58 -37.32 -11.64
CA PHE J 157 13.96 -36.80 -11.71
C PHE J 157 14.42 -36.53 -10.29
N SER J 158 13.81 -35.56 -9.60
CA SER J 158 14.17 -35.26 -8.20
C SER J 158 14.60 -36.51 -7.42
N ASP J 159 13.89 -37.62 -7.64
CA ASP J 159 14.23 -38.90 -7.02
C ASP J 159 15.54 -39.41 -7.59
N THR J 160 15.59 -39.58 -8.90
CA THR J 160 16.84 -39.94 -9.58
C THR J 160 17.89 -38.82 -9.47
N LEU J 161 17.53 -37.73 -8.79
CA LEU J 161 18.42 -36.59 -8.62
C LEU J 161 19.09 -36.69 -7.28
N THR J 162 18.28 -37.01 -6.26
CA THR J 162 18.81 -37.48 -4.98
C THR J 162 19.47 -38.85 -5.21
N ALA J 163 19.19 -39.44 -6.38
CA ALA J 163 19.86 -40.66 -6.83
C ALA J 163 20.64 -40.41 -8.12
N GLY J 183 6.13 -29.19 1.11
CA GLY J 183 6.80 -29.08 -0.18
C GLY J 183 6.36 -27.87 -0.99
N GLN J 184 7.08 -27.59 -2.07
CA GLN J 184 6.70 -26.49 -2.96
C GLN J 184 6.14 -27.05 -4.27
N LEU J 185 6.71 -28.19 -4.68
CA LEU J 185 6.27 -28.89 -5.87
C LEU J 185 4.92 -29.59 -5.64
N ALA J 186 4.86 -30.40 -4.59
CA ALA J 186 3.65 -31.12 -4.20
C ALA J 186 2.46 -30.17 -4.07
N SER J 187 2.70 -29.02 -3.45
CA SER J 187 1.64 -28.02 -3.28
C SER J 187 1.25 -27.39 -4.60
N GLU J 188 2.23 -27.22 -5.48
CA GLU J 188 1.96 -26.76 -6.84
C GLU J 188 1.20 -27.84 -7.61
N ALA J 189 1.59 -29.09 -7.38
CA ALA J 189 0.96 -30.25 -8.02
C ALA J 189 -0.55 -30.23 -7.81
N LEU J 190 -0.95 -30.21 -6.53
CA LEU J 190 -2.35 -30.24 -6.15
C LEU J 190 -3.12 -29.10 -6.82
N ARG J 191 -2.48 -27.93 -6.90
CA ARG J 191 -3.03 -26.77 -7.60
C ARG J 191 -3.35 -27.12 -9.05
N SER J 192 -2.38 -27.74 -9.73
CA SER J 192 -2.50 -28.16 -11.13
C SER J 192 -3.54 -29.29 -11.28
N TYR J 193 -3.54 -30.20 -10.31
CA TYR J 193 -4.50 -31.29 -10.21
C TYR J 193 -5.95 -30.80 -10.22
N MSE J 194 -6.17 -29.61 -9.68
CA MSE J 194 -7.51 -29.09 -9.53
C MSE J 194 -7.91 -28.28 -10.76
O MSE J 194 -9.08 -27.94 -10.95
CB MSE J 194 -7.58 -28.22 -8.30
CG MSE J 194 -7.61 -28.98 -6.97
SE MSE J 194 -7.53 -27.58 -5.54
CE MSE J 194 -9.32 -26.76 -5.90
N SER J 195 -6.96 -27.96 -11.61
CA SER J 195 -7.26 -27.10 -12.73
C SER J 195 -7.98 -27.88 -13.83
N ILE J 196 -7.90 -29.22 -13.84
CA ILE J 196 -8.62 -29.97 -14.87
C ILE J 196 -9.78 -30.75 -14.30
N PRO J 197 -10.99 -30.58 -14.87
CA PRO J 197 -12.12 -31.23 -14.23
C PRO J 197 -12.28 -32.70 -14.65
N PRO J 198 -13.00 -33.49 -13.85
CA PRO J 198 -13.40 -34.80 -14.40
C PRO J 198 -14.45 -34.55 -15.53
N THR J 199 -14.77 -35.54 -16.37
CA THR J 199 -15.81 -35.32 -17.37
C THR J 199 -16.77 -36.50 -17.32
N LEU J 200 -17.99 -36.28 -17.78
CA LEU J 200 -19.02 -37.28 -17.62
C LEU J 200 -19.43 -37.73 -18.99
N TYR J 201 -19.67 -39.04 -19.13
CA TYR J 201 -20.15 -39.58 -20.38
C TYR J 201 -21.43 -40.33 -20.06
N ASP J 202 -22.33 -40.40 -21.04
CA ASP J 202 -23.52 -41.26 -20.92
C ASP J 202 -23.86 -41.73 -22.30
N GLN J 203 -23.93 -43.05 -22.45
CA GLN J 203 -24.31 -43.73 -23.71
C GLN J 203 -25.52 -43.17 -24.43
N GLN J 204 -25.55 -43.33 -25.75
CA GLN J 204 -26.76 -43.06 -26.56
C GLN J 204 -27.88 -43.98 -26.12
N GLY J 205 -29.12 -43.53 -26.19
CA GLY J 205 -30.26 -44.42 -25.96
C GLY J 205 -30.53 -44.65 -24.49
N ASP J 206 -30.05 -43.78 -23.63
CA ASP J 206 -30.25 -43.98 -22.18
C ASP J 206 -31.71 -43.67 -21.85
N ALA J 207 -32.22 -44.31 -20.79
CA ALA J 207 -33.62 -44.09 -20.40
C ALA J 207 -33.51 -43.10 -19.29
N VAL J 208 -34.22 -41.99 -19.48
CA VAL J 208 -33.96 -40.77 -18.77
C VAL J 208 -35.29 -39.97 -18.76
N SER J 209 -35.41 -38.96 -17.91
CA SER J 209 -36.67 -38.30 -17.83
C SER J 209 -36.55 -36.76 -17.76
N ILE J 210 -37.70 -36.07 -17.79
CA ILE J 210 -37.74 -34.59 -17.73
C ILE J 210 -38.80 -34.18 -16.72
N PHE J 211 -38.48 -33.29 -15.79
CA PHE J 211 -39.44 -32.87 -14.77
C PHE J 211 -40.12 -31.64 -15.33
N VAL J 212 -41.41 -31.66 -15.61
CA VAL J 212 -41.98 -30.48 -16.28
C VAL J 212 -41.91 -29.30 -15.32
N ALA J 213 -41.25 -28.20 -15.69
CA ALA J 213 -40.97 -27.15 -14.71
C ALA J 213 -42.05 -26.12 -14.57
N ARG J 214 -42.89 -26.00 -15.58
CA ARG J 214 -43.80 -24.85 -15.71
C ARG J 214 -45.03 -25.42 -16.43
N ASP J 215 -46.21 -24.86 -16.19
CA ASP J 215 -47.43 -25.39 -16.81
C ASP J 215 -47.31 -25.28 -18.33
N LEU J 216 -47.63 -26.36 -19.04
CA LEU J 216 -47.62 -26.35 -20.49
C LEU J 216 -49.03 -26.33 -21.07
N ASP J 217 -49.38 -25.25 -21.74
CA ASP J 217 -50.74 -24.98 -22.13
C ASP J 217 -50.91 -25.32 -23.59
N PHE J 218 -51.64 -26.38 -23.87
CA PHE J 218 -51.95 -26.76 -25.24
C PHE J 218 -53.33 -26.20 -25.82
N SER J 219 -54.03 -25.38 -25.06
CA SER J 219 -55.28 -24.68 -25.43
C SER J 219 -55.38 -24.08 -26.81
N GLY J 220 -54.27 -23.54 -27.31
CA GLY J 220 -54.25 -22.90 -28.60
C GLY J 220 -53.98 -23.89 -29.71
N VAL J 221 -53.68 -25.13 -29.36
CA VAL J 221 -53.35 -26.09 -30.40
C VAL J 221 -54.40 -27.22 -30.51
N TYR J 222 -54.87 -27.74 -29.39
CA TYR J 222 -55.77 -28.87 -29.45
C TYR J 222 -57.13 -28.54 -28.89
N THR J 223 -58.11 -29.26 -29.38
CA THR J 223 -59.40 -29.15 -28.80
C THR J 223 -60.03 -30.51 -28.78
N LEU J 224 -61.23 -30.62 -28.24
CA LEU J 224 -61.89 -31.91 -28.06
C LEU J 224 -63.17 -32.03 -28.86
N ALA J 225 -63.48 -33.24 -29.34
CA ALA J 225 -64.69 -33.55 -30.09
C ALA J 225 -65.02 -35.02 -29.90
N ASP J 226 -66.30 -35.38 -29.85
CA ASP J 226 -66.65 -36.80 -30.01
C ASP J 226 -66.64 -37.03 -31.51
N ASN J 227 -65.98 -38.08 -32.02
CA ASN J 227 -65.66 -39.32 -31.30
C ASN J 227 -64.30 -39.91 -31.65
N ALA K 2 -69.21 -24.32 -27.44
CA ALA K 2 -70.19 -23.84 -26.42
C ALA K 2 -69.75 -24.27 -25.02
N ALA K 3 -70.29 -23.61 -23.99
CA ALA K 3 -69.97 -23.96 -22.62
C ALA K 3 -70.68 -25.24 -22.23
N ASP K 4 -71.85 -25.47 -22.82
CA ASP K 4 -72.61 -26.67 -22.59
C ASP K 4 -72.00 -27.84 -23.31
N LYS K 5 -71.38 -27.57 -24.46
CA LYS K 5 -70.69 -28.59 -25.25
C LYS K 5 -69.42 -29.06 -24.56
N LYS K 6 -68.66 -28.10 -24.04
CA LYS K 6 -67.48 -28.40 -23.26
C LYS K 6 -67.84 -29.31 -22.07
N ARG K 7 -69.03 -29.12 -21.51
CA ARG K 7 -69.47 -29.86 -20.33
C ARG K 7 -69.85 -31.30 -20.65
N ILE K 8 -70.56 -31.48 -21.78
CA ILE K 8 -70.95 -32.83 -22.23
C ILE K 8 -69.73 -33.68 -22.60
N THR K 9 -68.84 -33.12 -23.43
CA THR K 9 -67.61 -33.78 -23.84
C THR K 9 -66.78 -34.21 -22.63
N GLN K 10 -66.64 -33.28 -21.69
CA GLN K 10 -65.88 -33.50 -20.46
C GLN K 10 -66.39 -34.63 -19.59
N LYS K 11 -67.72 -34.72 -19.46
CA LYS K 11 -68.38 -35.81 -18.74
C LYS K 11 -68.17 -37.12 -19.47
N LEU K 12 -68.42 -37.11 -20.78
CA LEU K 12 -68.27 -38.28 -21.61
C LEU K 12 -66.89 -38.87 -21.41
N LYS K 13 -65.91 -37.98 -21.49
CA LYS K 13 -64.52 -38.39 -21.34
C LYS K 13 -64.19 -38.88 -19.96
N GLN K 14 -64.65 -38.14 -18.96
CA GLN K 14 -64.47 -38.54 -17.58
C GLN K 14 -64.98 -39.99 -17.46
N THR K 15 -65.68 -40.48 -18.47
CA THR K 15 -65.76 -41.93 -18.65
C THR K 15 -65.07 -42.66 -19.85
N ALA K 16 -63.73 -42.77 -19.76
CA ALA K 16 -63.08 -44.01 -20.16
C ALA K 16 -61.77 -44.42 -19.44
N PHE K 17 -62.00 -45.41 -18.59
CA PHE K 17 -61.16 -46.52 -18.26
C PHE K 17 -61.89 -47.65 -18.98
N ALA K 18 -62.45 -47.37 -20.16
CA ALA K 18 -63.30 -48.29 -20.90
C ALA K 18 -62.44 -49.37 -21.50
N GLY K 19 -62.99 -50.58 -21.62
CA GLY K 19 -62.42 -51.59 -22.47
C GLY K 19 -62.25 -52.90 -21.75
N ALA K 20 -61.94 -53.95 -22.49
CA ALA K 20 -61.67 -55.23 -21.88
C ALA K 20 -60.74 -54.99 -20.68
N LYS K 21 -61.02 -55.63 -19.56
CA LYS K 21 -60.23 -55.44 -18.36
C LYS K 21 -59.33 -56.62 -18.12
N ASN K 22 -58.20 -56.37 -17.45
CA ASN K 22 -57.29 -57.41 -17.00
C ASN K 22 -57.15 -57.38 -15.48
N TYR K 23 -57.34 -58.54 -14.85
CA TYR K 23 -57.28 -58.68 -13.39
C TYR K 23 -56.16 -59.61 -12.95
N GLN K 24 -55.32 -59.96 -13.90
CA GLN K 24 -54.33 -60.98 -13.65
C GLN K 24 -53.11 -60.39 -12.96
N TYR K 25 -53.25 -60.04 -11.68
CA TYR K 25 -52.12 -59.43 -10.95
C TYR K 25 -51.76 -60.23 -9.72
N VAL K 26 -50.47 -60.36 -9.46
CA VAL K 26 -50.03 -60.95 -8.18
C VAL K 26 -49.14 -59.97 -7.46
N MSE K 27 -48.89 -60.19 -6.19
CA MSE K 27 -48.06 -59.29 -5.37
C MSE K 27 -47.18 -60.09 -4.41
O MSE K 27 -47.49 -61.23 -4.10
CB MSE K 27 -48.92 -58.28 -4.60
CG MSE K 27 -49.82 -58.87 -3.60
SE MSE K 27 -50.75 -57.57 -2.45
CE MSE K 27 -51.91 -56.72 -3.73
N SER K 28 -46.07 -59.51 -3.95
CA SER K 28 -45.35 -60.08 -2.81
C SER K 28 -46.25 -60.00 -1.60
N GLU K 29 -46.13 -60.95 -0.68
CA GLU K 29 -46.90 -60.94 0.56
C GLU K 29 -45.88 -60.95 1.67
N GLN K 30 -45.71 -59.82 2.35
CA GLN K 30 -44.86 -59.69 3.56
C GLN K 30 -45.71 -59.03 4.62
N PRO K 31 -45.93 -59.70 5.73
CA PRO K 31 -46.81 -59.08 6.74
C PRO K 31 -46.42 -57.63 7.13
N GLU K 32 -45.13 -57.31 7.31
CA GLU K 32 -44.69 -55.92 7.61
C GLU K 32 -45.29 -54.87 6.67
N MSE K 33 -45.65 -55.29 5.45
CA MSE K 33 -46.00 -54.38 4.37
C MSE K 33 -47.49 -54.27 4.13
O MSE K 33 -47.92 -53.59 3.20
CB MSE K 33 -45.32 -54.78 3.06
CG MSE K 33 -43.89 -55.20 3.14
SE MSE K 33 -42.70 -53.79 3.80
CE MSE K 33 -41.02 -54.70 3.39
N ARG K 34 -48.30 -54.91 4.98
CA ARG K 34 -49.75 -54.90 4.74
C ARG K 34 -50.31 -53.48 4.78
N SER K 35 -49.65 -52.59 5.49
CA SER K 35 -50.19 -51.24 5.69
C SER K 35 -50.26 -50.40 4.39
N ILE K 36 -49.56 -50.87 3.36
CA ILE K 36 -49.60 -50.23 2.07
C ILE K 36 -50.03 -51.17 0.91
N GLN K 37 -50.53 -52.36 1.23
CA GLN K 37 -50.97 -53.27 0.19
C GLN K 37 -52.27 -52.75 -0.44
N PRO K 38 -52.44 -52.96 -1.77
CA PRO K 38 -53.67 -52.53 -2.44
C PRO K 38 -54.77 -53.56 -2.26
N VAL K 39 -56.03 -53.10 -2.36
CA VAL K 39 -57.16 -54.01 -2.35
C VAL K 39 -57.38 -54.54 -3.76
N HIS K 40 -57.19 -53.70 -4.77
CA HIS K 40 -57.26 -54.18 -6.15
C HIS K 40 -56.16 -53.55 -7.02
N VAL K 41 -55.78 -54.30 -8.04
CA VAL K 41 -54.94 -53.78 -9.09
C VAL K 41 -55.50 -54.33 -10.41
N TRP K 42 -55.81 -53.44 -11.33
CA TRP K 42 -56.30 -53.93 -12.57
C TRP K 42 -56.07 -52.93 -13.66
N ASP K 43 -56.23 -53.37 -14.90
CA ASP K 43 -56.06 -52.43 -15.98
C ASP K 43 -56.98 -52.69 -17.11
N ASN K 44 -56.87 -51.73 -18.00
CA ASN K 44 -57.58 -51.40 -19.22
C ASN K 44 -56.83 -51.85 -20.44
N TYR K 45 -55.59 -52.33 -20.28
CA TYR K 45 -54.62 -52.35 -21.38
C TYR K 45 -54.09 -50.98 -21.79
N ARG K 46 -54.54 -49.91 -21.13
CA ARG K 46 -53.99 -48.58 -21.35
C ARG K 46 -53.49 -47.89 -20.06
N PHE K 47 -54.39 -47.83 -19.05
CA PHE K 47 -54.19 -47.26 -17.75
C PHE K 47 -54.28 -48.37 -16.71
N THR K 48 -53.67 -48.19 -15.55
CA THR K 48 -53.67 -49.26 -14.52
C THR K 48 -54.13 -48.65 -13.25
N ARG K 49 -55.11 -49.27 -12.60
CA ARG K 49 -55.62 -48.75 -11.33
C ARG K 49 -55.08 -49.51 -10.13
N PHE K 50 -54.68 -48.75 -9.14
CA PHE K 50 -54.25 -49.29 -7.82
C PHE K 50 -55.25 -48.79 -6.79
N GLU K 51 -56.00 -49.70 -6.20
CA GLU K 51 -57.03 -49.31 -5.30
C GLU K 51 -56.66 -49.67 -3.87
N PHE K 52 -56.77 -48.70 -2.96
CA PHE K 52 -56.43 -48.86 -1.54
C PHE K 52 -57.70 -48.69 -0.68
N PRO K 53 -57.66 -49.12 0.61
CA PRO K 53 -58.83 -48.94 1.43
C PRO K 53 -59.20 -47.47 1.48
N ALA K 54 -60.50 -47.19 1.48
CA ALA K 54 -61.05 -45.84 1.51
C ALA K 54 -60.32 -44.81 2.33
N ASN K 55 -59.96 -45.15 3.56
CA ASN K 55 -59.35 -44.15 4.46
C ASN K 55 -57.88 -44.40 4.70
N ALA K 56 -57.27 -45.35 3.97
CA ALA K 56 -55.84 -45.61 4.18
C ALA K 56 -55.02 -44.44 3.59
N GLU K 57 -53.81 -44.26 4.10
CA GLU K 57 -52.86 -43.34 3.55
C GLU K 57 -52.46 -43.80 2.15
N LEU K 58 -52.34 -42.86 1.21
CA LEU K 58 -51.97 -43.17 -0.17
C LEU K 58 -50.47 -43.36 -0.28
N PRO K 59 -50.03 -44.56 -0.65
CA PRO K 59 -48.63 -44.77 -0.89
C PRO K 59 -48.33 -44.35 -2.32
N GLN K 60 -47.09 -44.54 -2.76
CA GLN K 60 -46.71 -43.96 -4.04
C GLN K 60 -46.47 -45.16 -4.97
N VAL K 61 -46.65 -45.02 -6.29
CA VAL K 61 -46.40 -46.16 -7.16
C VAL K 61 -45.30 -45.96 -8.24
N TYR K 62 -44.51 -47.00 -8.50
CA TYR K 62 -43.43 -46.95 -9.48
C TYR K 62 -43.58 -48.09 -10.48
N MSE K 63 -43.15 -47.89 -11.71
CA MSE K 63 -43.22 -48.95 -12.70
C MSE K 63 -41.84 -49.44 -13.07
O MSE K 63 -40.87 -48.64 -13.01
CB MSE K 63 -43.96 -48.53 -13.96
CG MSE K 63 -43.19 -47.67 -14.94
SE MSE K 63 -44.26 -47.39 -16.59
CE MSE K 63 -42.74 -47.69 -17.75
N ILE K 64 -41.74 -50.74 -13.39
CA ILE K 64 -40.55 -51.20 -14.05
C ILE K 64 -40.71 -50.96 -15.55
N SER K 65 -39.95 -50.01 -16.08
CA SER K 65 -39.99 -49.72 -17.50
C SER K 65 -39.45 -50.85 -18.42
N ALA K 66 -39.74 -50.74 -19.71
CA ALA K 66 -39.02 -51.55 -20.74
C ALA K 66 -37.47 -51.51 -20.62
N SER K 67 -36.95 -50.48 -19.97
CA SER K 67 -35.51 -50.34 -19.90
C SER K 67 -34.90 -51.20 -18.82
N GLY K 68 -35.74 -51.81 -17.99
CA GLY K 68 -35.32 -52.54 -16.81
C GLY K 68 -35.26 -51.75 -15.51
N LYS K 69 -35.43 -50.44 -15.55
CA LYS K 69 -35.23 -49.58 -14.39
C LYS K 69 -36.55 -49.23 -13.73
N GLU K 70 -36.56 -49.13 -12.40
CA GLU K 70 -37.75 -48.59 -11.71
C GLU K 70 -37.95 -47.14 -12.11
N THR K 71 -39.18 -46.71 -12.36
CA THR K 71 -39.42 -45.39 -13.02
C THR K 71 -40.61 -44.66 -12.44
N LEU K 72 -40.50 -43.38 -12.24
CA LEU K 72 -41.64 -42.57 -11.82
C LEU K 72 -42.61 -42.29 -13.01
N PRO K 73 -43.87 -42.80 -12.93
CA PRO K 73 -44.82 -42.59 -13.99
C PRO K 73 -45.69 -41.37 -13.64
N ASN K 74 -46.65 -41.03 -14.50
CA ASN K 74 -47.66 -39.99 -14.19
C ASN K 74 -49.02 -40.65 -13.87
N SER K 75 -49.77 -40.09 -12.93
CA SER K 75 -50.98 -40.72 -12.46
C SER K 75 -51.85 -39.72 -11.74
N HIS K 76 -53.14 -40.00 -11.66
CA HIS K 76 -54.09 -39.08 -11.00
C HIS K 76 -54.96 -39.99 -10.09
N VAL K 77 -55.58 -39.46 -9.05
CA VAL K 77 -56.49 -40.30 -8.26
C VAL K 77 -57.95 -40.17 -8.67
N VAL K 78 -58.67 -41.28 -8.67
CA VAL K 78 -60.08 -41.27 -9.00
C VAL K 78 -60.86 -41.80 -7.81
N GLY K 79 -62.17 -41.63 -7.83
CA GLY K 79 -63.00 -42.10 -6.72
C GLY K 79 -63.36 -40.98 -5.72
N GLU K 80 -64.57 -41.10 -5.18
CA GLU K 80 -65.10 -40.36 -4.05
C GLU K 80 -64.17 -40.34 -2.83
N ASN K 81 -63.37 -41.38 -2.69
CA ASN K 81 -62.59 -41.50 -1.51
C ASN K 81 -61.13 -41.25 -1.81
N ARG K 82 -60.83 -40.89 -3.06
CA ARG K 82 -59.47 -40.51 -3.43
C ARG K 82 -58.53 -41.63 -3.09
N ASN K 83 -58.99 -42.86 -3.29
CA ASN K 83 -58.26 -44.00 -2.87
C ASN K 83 -57.77 -44.89 -3.98
N ILE K 84 -57.96 -44.43 -5.20
CA ILE K 84 -57.58 -45.19 -6.38
C ILE K 84 -56.59 -44.37 -7.19
N ILE K 85 -55.41 -44.95 -7.44
CA ILE K 85 -54.40 -44.27 -8.26
C ILE K 85 -54.51 -44.87 -9.60
N GLU K 86 -54.85 -44.04 -10.58
CA GLU K 86 -54.93 -44.47 -11.97
C GLU K 86 -53.68 -44.02 -12.71
N VAL K 87 -52.80 -44.99 -12.98
CA VAL K 87 -51.51 -44.66 -13.59
C VAL K 87 -51.77 -44.62 -15.08
N GLU K 88 -51.23 -43.58 -15.72
CA GLU K 88 -51.52 -43.26 -17.12
C GLU K 88 -50.77 -44.16 -18.06
N THR K 89 -50.59 -45.43 -17.68
CA THR K 89 -49.69 -46.26 -18.42
C THR K 89 -49.90 -47.72 -18.02
N VAL K 90 -49.25 -48.64 -18.72
CA VAL K 90 -49.45 -50.06 -18.39
C VAL K 90 -48.09 -50.74 -18.30
N ALA K 91 -47.89 -51.80 -17.56
CA ALA K 91 -46.53 -52.34 -17.44
C ALA K 91 -46.48 -53.76 -16.90
N LYS K 92 -45.38 -54.43 -17.13
CA LYS K 92 -45.21 -55.78 -16.67
C LYS K 92 -45.10 -55.82 -15.16
N GLU K 93 -44.52 -54.80 -14.54
CA GLU K 93 -44.20 -54.91 -13.13
C GLU K 93 -44.19 -53.59 -12.43
N TRP K 94 -44.57 -53.59 -11.16
CA TRP K 94 -44.71 -52.35 -10.38
C TRP K 94 -44.09 -52.41 -8.96
N ARG K 95 -43.94 -51.23 -8.36
CA ARG K 95 -43.59 -51.17 -6.94
C ARG K 95 -44.53 -50.18 -6.32
N ILE K 96 -45.02 -50.54 -5.14
CA ILE K 96 -45.77 -49.62 -4.30
C ILE K 96 -44.85 -49.31 -3.11
N ARG K 97 -44.70 -48.03 -2.80
CA ARG K 97 -43.75 -47.59 -1.81
C ARG K 97 -44.30 -46.47 -0.93
N LEU K 98 -43.95 -46.52 0.34
CA LEU K 98 -44.10 -45.39 1.28
C LEU K 98 -43.05 -45.56 2.38
N GLY K 99 -42.17 -44.58 2.56
CA GLY K 99 -41.09 -44.75 3.51
C GLY K 99 -40.37 -46.02 3.15
N ASP K 100 -40.11 -46.88 4.10
CA ASP K 100 -39.33 -48.07 3.79
C ASP K 100 -40.23 -49.27 3.48
N LYS K 101 -41.52 -49.05 3.33
CA LYS K 101 -42.38 -50.16 3.00
C LYS K 101 -42.42 -50.31 1.51
N VAL K 102 -42.48 -51.56 1.03
CA VAL K 102 -42.52 -51.83 -0.40
C VAL K 102 -43.37 -53.04 -0.66
N VAL K 103 -44.07 -53.02 -1.79
CA VAL K 103 -44.85 -54.17 -2.27
C VAL K 103 -44.60 -54.30 -3.77
N GLY K 104 -44.11 -55.45 -4.20
CA GLY K 104 -43.96 -55.72 -5.61
C GLY K 104 -45.29 -56.18 -6.17
N VAL K 105 -45.70 -55.66 -7.33
CA VAL K 105 -46.93 -56.07 -7.97
C VAL K 105 -46.60 -56.43 -9.41
N ARG K 106 -47.05 -57.60 -9.84
CA ARG K 106 -46.66 -58.08 -11.15
C ARG K 106 -47.88 -58.31 -11.99
N ASN K 107 -47.75 -58.02 -13.27
CA ASN K 107 -48.89 -58.13 -14.17
C ASN K 107 -48.69 -59.38 -14.93
N ASN K 108 -49.55 -60.37 -14.70
CA ASN K 108 -49.43 -61.63 -15.44
C ASN K 108 -50.03 -61.66 -16.85
N ASN K 109 -50.55 -60.54 -17.34
CA ASN K 109 -51.04 -60.51 -18.67
C ASN K 109 -50.76 -59.14 -19.30
N PHE K 110 -49.48 -58.78 -19.29
CA PHE K 110 -49.03 -57.59 -19.93
C PHE K 110 -49.09 -57.85 -21.43
N ALA K 111 -49.88 -57.07 -22.15
CA ALA K 111 -49.98 -57.28 -23.60
C ALA K 111 -49.89 -55.97 -24.35
N PRO K 112 -48.70 -55.33 -24.33
CA PRO K 112 -48.65 -54.09 -25.07
C PRO K 112 -49.07 -54.47 -26.48
N GLY K 113 -49.65 -53.59 -27.25
CA GLY K 113 -50.08 -54.26 -28.50
C GLY K 113 -51.56 -54.44 -28.46
N ARG K 114 -52.09 -54.88 -27.32
CA ARG K 114 -53.52 -54.82 -27.14
C ARG K 114 -54.00 -53.50 -26.55
N GLY K 115 -55.25 -53.20 -26.74
CA GLY K 115 -55.90 -52.07 -26.08
C GLY K 115 -55.61 -50.64 -26.49
N ALA K 116 -54.85 -50.38 -27.55
CA ALA K 116 -54.61 -48.97 -27.87
C ALA K 116 -55.89 -48.31 -28.39
N VAL K 117 -56.03 -47.00 -28.20
CA VAL K 117 -57.07 -46.26 -28.85
C VAL K 117 -56.36 -45.14 -29.54
N ALA K 118 -56.82 -44.74 -30.71
CA ALA K 118 -56.09 -43.82 -31.54
C ALA K 118 -56.79 -42.49 -31.53
N THR K 119 -57.36 -42.14 -30.42
CA THR K 119 -58.35 -41.08 -30.36
C THR K 119 -57.76 -39.74 -29.94
N GLY K 120 -56.59 -39.78 -29.29
CA GLY K 120 -55.95 -38.62 -28.70
C GLY K 120 -56.41 -38.33 -27.28
N THR K 121 -57.31 -39.14 -26.74
CA THR K 121 -57.72 -39.01 -25.36
C THR K 121 -57.74 -40.36 -24.67
N ALA K 122 -58.01 -40.38 -23.39
CA ALA K 122 -58.11 -41.66 -22.68
C ALA K 122 -59.34 -42.44 -23.15
N SER K 123 -60.25 -41.79 -23.87
CA SER K 123 -61.54 -42.44 -24.16
C SER K 123 -61.71 -42.84 -25.62
N PRO K 124 -62.42 -43.95 -25.88
CA PRO K 124 -62.69 -44.34 -27.28
C PRO K 124 -63.71 -43.43 -27.89
N ASP K 125 -64.38 -42.64 -27.06
CA ASP K 125 -65.51 -41.83 -27.49
C ASP K 125 -65.26 -40.35 -27.59
N VAL K 126 -64.12 -39.87 -27.11
CA VAL K 126 -63.77 -38.45 -27.31
C VAL K 126 -62.43 -38.39 -28.03
N ARG K 127 -62.29 -37.44 -28.93
CA ARG K 127 -61.07 -37.37 -29.70
C ARG K 127 -60.42 -35.99 -29.64
N ARG K 128 -59.10 -36.01 -29.73
CA ARG K 128 -58.29 -34.77 -29.68
C ARG K 128 -58.20 -34.20 -31.07
N VAL K 129 -58.52 -32.94 -31.24
CA VAL K 129 -58.56 -32.41 -32.58
C VAL K 129 -57.60 -31.24 -32.58
N GLN K 130 -56.81 -31.12 -33.64
CA GLN K 130 -55.88 -30.01 -33.78
C GLN K 130 -56.61 -28.81 -34.37
N ILE K 131 -56.75 -27.73 -33.59
CA ILE K 131 -57.23 -26.49 -34.14
C ILE K 131 -56.13 -25.86 -34.99
N CYS L 1 -13.35 -43.43 3.60
CA CYS L 1 -13.80 -43.96 2.27
C CYS L 1 -14.78 -45.15 2.41
N SER L 2 -16.03 -44.93 1.99
CA SER L 2 -17.06 -45.94 2.19
C SER L 2 -18.25 -45.94 1.23
N SER L 3 -18.35 -47.04 0.50
CA SER L 3 -19.56 -47.57 -0.11
C SER L 3 -20.85 -46.71 0.06
N GLY L 4 -21.44 -46.27 -1.07
CA GLY L 4 -22.46 -45.17 -1.10
C GLY L 4 -23.89 -45.30 -0.54
N HIS L 5 -24.76 -44.39 -1.03
CA HIS L 5 -26.19 -44.33 -0.82
C HIS L 5 -26.81 -45.71 -1.02
N LYS L 6 -27.71 -46.10 -0.12
CA LYS L 6 -28.30 -47.41 -0.21
C LYS L 6 -29.73 -47.26 -0.75
N PRO L 7 -30.10 -48.03 -1.80
CA PRO L 7 -31.39 -47.87 -2.50
C PRO L 7 -32.50 -48.35 -1.62
N PRO L 8 -33.75 -48.02 -1.97
CA PRO L 8 -34.88 -48.48 -1.12
C PRO L 8 -35.03 -50.02 -1.16
N PRO L 9 -35.76 -50.59 -0.21
CA PRO L 9 -35.89 -52.03 -0.17
C PRO L 9 -36.58 -52.61 -1.40
N GLU L 10 -36.24 -53.87 -1.69
CA GLU L 10 -36.83 -54.60 -2.79
C GLU L 10 -37.80 -55.58 -2.20
N PRO L 11 -38.89 -55.87 -2.91
CA PRO L 11 -39.82 -56.83 -2.31
C PRO L 11 -39.21 -58.23 -2.19
N ASP L 12 -39.67 -59.00 -1.20
CA ASP L 12 -39.38 -60.42 -1.14
C ASP L 12 -40.56 -61.20 -1.71
N TRP L 13 -40.33 -61.88 -2.83
CA TRP L 13 -41.41 -62.63 -3.48
C TRP L 13 -41.58 -64.11 -3.02
N SER L 14 -40.82 -64.57 -2.03
CA SER L 14 -40.93 -65.97 -1.54
C SER L 14 -42.38 -66.39 -1.48
N ASN L 15 -43.21 -65.49 -1.00
CA ASN L 15 -44.59 -65.79 -0.98
C ASN L 15 -45.24 -64.77 -1.88
N THR L 16 -45.78 -65.22 -3.01
CA THR L 16 -46.45 -64.33 -3.99
C THR L 16 -47.89 -64.78 -3.98
N VAL L 17 -48.83 -63.90 -4.23
CA VAL L 17 -50.22 -64.12 -3.88
C VAL L 17 -51.08 -63.28 -4.84
N PRO L 18 -52.31 -63.72 -5.19
CA PRO L 18 -53.07 -62.85 -6.10
C PRO L 18 -53.50 -61.59 -5.39
N VAL L 19 -53.54 -60.48 -6.11
CA VAL L 19 -53.96 -59.22 -5.56
C VAL L 19 -55.47 -59.30 -5.37
N ASN L 20 -56.21 -59.59 -6.44
CA ASN L 20 -57.67 -59.46 -6.40
C ASN L 20 -58.36 -60.65 -5.77
N LYS L 21 -58.71 -60.53 -4.48
CA LYS L 21 -59.52 -61.57 -3.82
C LYS L 21 -60.95 -61.51 -4.35
N THR L 22 -61.34 -60.37 -4.87
CA THR L 22 -62.63 -60.20 -5.52
C THR L 22 -62.44 -59.31 -6.74
N ILE L 23 -63.38 -59.35 -7.68
CA ILE L 23 -63.28 -58.56 -8.89
C ILE L 23 -63.68 -57.12 -8.61
N PRO L 24 -62.81 -56.15 -8.91
CA PRO L 24 -63.18 -54.74 -8.71
C PRO L 24 -64.26 -54.26 -9.68
N VAL L 25 -64.89 -53.14 -9.36
CA VAL L 25 -65.85 -52.50 -10.27
C VAL L 25 -65.47 -51.05 -10.53
N ASP L 26 -65.66 -50.61 -11.76
CA ASP L 26 -65.48 -49.20 -12.11
C ASP L 26 -66.81 -48.46 -11.93
N THR L 27 -66.87 -47.61 -10.91
CA THR L 27 -68.09 -46.90 -10.61
C THR L 27 -68.18 -45.61 -11.44
N GLN L 28 -67.39 -45.55 -12.51
CA GLN L 28 -67.35 -44.38 -13.40
C GLN L 28 -68.05 -44.64 -14.74
N GLU M 12 -35.74 -2.77 11.04
CA GLU M 12 -35.62 -3.63 12.25
C GLU M 12 -36.69 -4.73 12.39
N THR M 13 -36.87 -5.51 11.33
CA THR M 13 -37.41 -6.82 11.53
C THR M 13 -36.26 -7.86 11.63
N SER M 14 -36.48 -8.95 12.34
CA SER M 14 -35.45 -9.94 12.54
C SER M 14 -34.78 -10.38 11.21
N GLU M 15 -33.44 -10.34 11.18
CA GLU M 15 -32.67 -10.86 10.07
C GLU M 15 -32.91 -12.33 9.79
N GLY M 16 -32.86 -13.15 10.85
CA GLY M 16 -33.18 -14.56 10.68
C GLY M 16 -34.53 -14.71 10.03
N SER M 17 -35.49 -13.97 10.53
CA SER M 17 -36.86 -14.11 10.06
C SER M 17 -36.93 -13.71 8.59
N SER M 18 -36.20 -12.67 8.18
CA SER M 18 -36.27 -12.21 6.80
C SER M 18 -35.58 -13.19 5.91
N ALA M 19 -34.44 -13.69 6.37
CA ALA M 19 -33.72 -14.67 5.56
C ALA M 19 -34.66 -15.86 5.30
N LEU M 20 -35.39 -16.27 6.34
CA LEU M 20 -36.29 -17.39 6.12
C LEU M 20 -37.46 -17.04 5.19
N ALA M 21 -38.04 -15.85 5.33
CA ALA M 21 -39.19 -15.48 4.48
C ALA M 21 -38.71 -15.43 3.05
N LYS M 22 -37.50 -14.93 2.84
CA LYS M 22 -36.96 -14.82 1.51
C LYS M 22 -36.75 -16.21 0.90
N ASN M 23 -36.24 -17.15 1.71
CA ASN M 23 -36.10 -18.49 1.19
C ASN M 23 -37.43 -19.19 0.93
N LEU M 24 -38.54 -18.65 1.46
CA LEU M 24 -39.83 -19.23 1.16
C LEU M 24 -40.53 -18.55 -0.03
N THR M 25 -39.87 -17.57 -0.65
CA THR M 25 -40.44 -16.87 -1.76
C THR M 25 -39.80 -17.33 -3.08
N PRO M 26 -40.50 -18.16 -3.88
CA PRO M 26 -39.89 -18.66 -5.06
C PRO M 26 -39.92 -17.70 -6.21
N ALA M 27 -39.00 -17.86 -7.16
CA ALA M 27 -39.09 -17.20 -8.44
C ALA M 27 -40.20 -17.90 -9.25
N ARG M 28 -41.31 -17.23 -9.53
CA ARG M 28 -42.38 -17.94 -10.31
C ARG M 28 -42.00 -18.12 -11.76
N LEU M 29 -41.96 -19.36 -12.22
CA LEU M 29 -41.73 -19.64 -13.63
C LEU M 29 -42.99 -19.32 -14.45
N LYS M 30 -42.83 -18.69 -15.61
CA LYS M 30 -43.96 -18.49 -16.55
C LYS M 30 -44.42 -19.77 -17.19
N ALA M 31 -45.73 -19.96 -17.24
CA ALA M 31 -46.30 -21.06 -18.07
C ALA M 31 -45.89 -20.85 -19.50
N SER M 32 -45.96 -21.91 -20.31
CA SER M 32 -45.58 -21.82 -21.70
C SER M 32 -46.70 -22.33 -22.65
N ARG M 33 -46.91 -21.65 -23.78
CA ARG M 33 -47.96 -22.04 -24.72
C ARG M 33 -47.42 -22.82 -25.88
N ALA M 34 -48.01 -23.98 -26.16
CA ALA M 34 -47.68 -24.72 -27.35
C ALA M 34 -48.16 -23.96 -28.59
N GLY M 35 -47.49 -24.16 -29.70
CA GLY M 35 -47.88 -23.60 -30.98
C GLY M 35 -47.67 -24.69 -32.02
N VAL M 36 -47.60 -24.28 -33.29
CA VAL M 36 -47.31 -25.26 -34.30
C VAL M 36 -46.26 -24.80 -35.29
N MSE M 37 -45.46 -25.73 -35.76
CA MSE M 37 -44.41 -25.34 -36.68
C MSE M 37 -44.97 -24.99 -38.08
O MSE M 37 -45.75 -25.74 -38.66
CB MSE M 37 -43.38 -26.45 -36.77
CG MSE M 37 -42.23 -26.09 -37.62
SE MSE M 37 -40.74 -27.31 -37.47
CE MSE M 37 -40.04 -26.60 -35.78
N ALA M 38 -44.55 -23.85 -38.63
CA ALA M 38 -45.09 -23.32 -39.88
C ALA M 38 -44.92 -24.19 -41.13
N ASN M 39 -43.70 -24.63 -41.42
CA ASN M 39 -43.49 -25.30 -42.71
C ASN M 39 -42.76 -26.61 -42.50
N PRO M 40 -43.40 -27.53 -41.81
CA PRO M 40 -42.63 -28.71 -41.40
C PRO M 40 -42.08 -29.49 -42.59
N SER M 41 -42.66 -29.37 -43.77
CA SER M 41 -42.15 -30.12 -44.92
C SER M 41 -41.00 -29.39 -45.54
N LEU M 42 -40.81 -28.12 -45.17
CA LEU M 42 -39.73 -27.33 -45.73
C LEU M 42 -38.73 -26.80 -44.70
N THR M 43 -38.65 -27.51 -43.58
CA THR M 43 -37.75 -27.11 -42.50
C THR M 43 -36.91 -28.29 -42.00
N VAL M 44 -35.63 -28.07 -41.80
CA VAL M 44 -34.84 -29.01 -41.02
C VAL M 44 -34.84 -28.48 -39.56
N PRO M 45 -35.53 -29.16 -38.65
CA PRO M 45 -35.58 -28.61 -37.27
C PRO M 45 -34.38 -28.97 -36.34
N LYS M 46 -34.26 -28.21 -35.26
CA LYS M 46 -33.28 -28.41 -34.18
C LYS M 46 -33.22 -29.86 -33.84
N GLY M 47 -32.02 -30.39 -33.61
CA GLY M 47 -31.88 -31.71 -33.06
C GLY M 47 -31.73 -32.77 -34.12
N LYS M 48 -31.98 -32.45 -35.39
CA LYS M 48 -31.67 -33.44 -36.37
C LYS M 48 -30.14 -33.55 -36.54
N MSE M 49 -29.63 -34.70 -36.97
CA MSE M 49 -28.20 -34.83 -37.20
C MSE M 49 -27.85 -34.77 -38.70
O MSE M 49 -28.57 -35.33 -39.52
CB MSE M 49 -27.73 -36.16 -36.65
CG MSE M 49 -28.13 -36.42 -35.23
SE MSE M 49 -27.40 -35.08 -34.01
CE MSE M 49 -25.51 -35.40 -34.42
N ILE M 50 -26.74 -34.11 -39.04
CA ILE M 50 -26.25 -34.12 -40.41
C ILE M 50 -24.97 -34.98 -40.42
N PRO M 51 -25.06 -36.19 -40.96
CA PRO M 51 -23.85 -37.01 -40.98
C PRO M 51 -22.85 -36.49 -42.04
N CYS M 52 -21.55 -36.52 -41.74
CA CYS M 52 -20.61 -35.75 -42.58
C CYS M 52 -19.35 -36.55 -42.62
N GLY M 53 -18.56 -36.38 -43.68
CA GLY M 53 -17.19 -36.95 -43.77
C GLY M 53 -16.19 -35.80 -43.91
N THR M 54 -15.24 -35.71 -42.98
CA THR M 54 -14.40 -34.51 -43.06
C THR M 54 -13.65 -34.47 -44.39
N GLY M 55 -13.54 -33.30 -45.00
CA GLY M 55 -12.65 -33.12 -46.16
C GLY M 55 -11.26 -32.86 -45.61
N THR M 56 -11.07 -31.71 -44.94
CA THR M 56 -9.76 -31.34 -44.33
C THR M 56 -9.38 -32.17 -43.13
N GLU M 57 -8.15 -32.65 -43.07
CA GLU M 57 -7.48 -33.06 -41.82
C GLU M 57 -7.65 -31.95 -40.77
N LEU M 58 -7.54 -32.31 -39.51
CA LEU M 58 -7.65 -31.30 -38.46
C LEU M 58 -6.53 -31.43 -37.43
N ASP M 59 -6.08 -30.28 -36.93
CA ASP M 59 -4.93 -30.20 -36.05
C ASP M 59 -5.10 -28.95 -35.24
N THR M 60 -5.33 -29.06 -33.95
CA THR M 60 -5.61 -27.86 -33.18
C THR M 60 -4.40 -27.03 -32.77
N THR M 61 -3.23 -27.24 -33.32
CA THR M 61 -2.13 -26.35 -33.02
C THR M 61 -2.40 -24.89 -33.39
N VAL M 62 -3.00 -24.68 -34.56
CA VAL M 62 -3.16 -23.31 -35.05
C VAL M 62 -4.61 -23.14 -35.34
N PRO M 63 -5.28 -22.08 -34.84
CA PRO M 63 -6.73 -22.06 -35.06
C PRO M 63 -6.97 -21.92 -36.54
N GLY M 64 -8.01 -22.52 -37.08
CA GLY M 64 -8.29 -22.37 -38.49
C GLY M 64 -9.62 -22.96 -38.92
N GLN M 65 -9.70 -23.43 -40.17
CA GLN M 65 -10.97 -23.80 -40.76
C GLN M 65 -10.96 -25.30 -40.99
N VAL M 66 -12.16 -25.88 -41.16
CA VAL M 66 -12.37 -27.27 -41.51
C VAL M 66 -13.47 -27.34 -42.58
N SER M 67 -13.52 -28.46 -43.30
CA SER M 67 -14.62 -28.74 -44.20
C SER M 67 -15.16 -30.16 -44.06
N CYS M 68 -16.43 -30.38 -44.33
CA CYS M 68 -16.91 -31.74 -44.49
C CYS M 68 -17.96 -31.77 -45.58
N ARG M 69 -18.26 -32.97 -46.07
CA ARG M 69 -19.24 -33.15 -47.14
C ARG M 69 -20.30 -34.02 -46.60
N VAL M 70 -21.56 -33.57 -46.73
CA VAL M 70 -22.68 -34.31 -46.20
C VAL M 70 -22.68 -35.71 -46.78
N SER M 71 -22.83 -36.66 -45.89
CA SER M 71 -22.70 -38.05 -46.20
C SER M 71 -23.97 -38.73 -46.71
N GLN M 72 -25.09 -38.27 -46.21
CA GLN M 72 -26.36 -38.88 -46.56
C GLN M 72 -27.41 -37.78 -46.53
N ASP M 73 -28.52 -37.98 -47.23
CA ASP M 73 -29.53 -36.91 -47.32
C ASP M 73 -30.16 -36.70 -45.98
N VAL M 74 -30.59 -35.46 -45.75
CA VAL M 74 -31.29 -35.10 -44.53
C VAL M 74 -32.64 -34.49 -44.91
N TYR M 75 -33.70 -35.12 -44.41
CA TYR M 75 -35.08 -34.74 -44.72
C TYR M 75 -35.63 -33.73 -43.73
N SER M 76 -36.74 -33.12 -44.13
CA SER M 76 -37.50 -32.15 -43.37
C SER M 76 -38.08 -32.66 -42.01
N ALA M 77 -38.67 -31.74 -41.24
CA ALA M 77 -39.27 -32.03 -39.94
C ALA M 77 -40.16 -33.25 -39.90
N ASP M 78 -40.88 -33.51 -41.00
CA ASP M 78 -41.84 -34.64 -41.04
C ASP M 78 -41.28 -35.84 -41.79
N GLY M 79 -40.08 -35.69 -42.34
CA GLY M 79 -39.39 -36.81 -42.94
C GLY M 79 -39.74 -36.97 -44.39
N LEU M 80 -40.49 -36.04 -44.95
CA LEU M 80 -41.10 -36.26 -46.27
C LEU M 80 -40.34 -35.61 -47.43
N VAL M 81 -39.62 -34.53 -47.14
CA VAL M 81 -38.94 -33.80 -48.18
C VAL M 81 -37.43 -33.76 -47.94
N ARG M 82 -36.66 -34.04 -48.98
CA ARG M 82 -35.21 -34.07 -48.92
C ARG M 82 -34.76 -32.64 -48.96
N LEU M 83 -34.02 -32.17 -47.95
CA LEU M 83 -33.64 -30.76 -47.84
C LEU M 83 -32.14 -30.48 -47.83
N ILE M 84 -31.37 -31.25 -47.05
CA ILE M 84 -29.91 -31.08 -47.07
C ILE M 84 -29.39 -32.26 -47.86
N ASP M 85 -28.83 -31.98 -49.01
CA ASP M 85 -28.58 -33.02 -49.99
C ASP M 85 -27.23 -33.67 -49.77
N LYS M 86 -27.19 -34.99 -49.83
CA LYS M 86 -25.93 -35.75 -49.84
C LYS M 86 -25.01 -35.18 -50.86
N GLY M 87 -23.77 -34.92 -50.50
CA GLY M 87 -22.78 -34.33 -51.39
C GLY M 87 -22.55 -32.86 -51.08
N SER M 88 -23.40 -32.23 -50.27
CA SER M 88 -23.23 -30.81 -50.00
C SER M 88 -21.93 -30.61 -49.23
N TRP M 89 -21.28 -29.47 -49.43
CA TRP M 89 -20.08 -29.15 -48.72
C TRP M 89 -20.43 -28.24 -47.54
N VAL M 90 -19.77 -28.48 -46.39
CA VAL M 90 -19.97 -27.63 -45.22
C VAL M 90 -18.63 -27.03 -44.85
N ASP M 91 -18.62 -25.74 -44.53
CA ASP M 91 -17.34 -25.10 -44.17
C ASP M 91 -17.49 -24.62 -42.75
N GLY M 92 -16.47 -24.81 -41.90
CA GLY M 92 -16.61 -24.43 -40.50
C GLY M 92 -15.27 -24.05 -39.95
N GLN M 93 -15.17 -23.87 -38.65
CA GLN M 93 -13.92 -23.38 -38.08
C GLN M 93 -13.65 -24.05 -36.77
N ILE M 94 -12.38 -24.22 -36.44
CA ILE M 94 -11.94 -24.68 -35.13
C ILE M 94 -11.01 -23.56 -34.65
N THR M 95 -11.44 -22.73 -33.68
CA THR M 95 -10.71 -21.53 -33.39
C THR M 95 -10.01 -21.51 -32.06
N GLY M 96 -10.13 -22.60 -31.30
CA GLY M 96 -9.34 -22.72 -30.09
C GLY M 96 -8.81 -24.11 -30.02
N GLY M 97 -8.10 -24.42 -28.92
CA GLY M 97 -7.41 -25.70 -28.79
C GLY M 97 -8.08 -26.59 -27.75
N ILE M 98 -7.40 -27.67 -27.36
CA ILE M 98 -7.80 -28.54 -26.26
C ILE M 98 -6.88 -28.31 -25.03
N LYS M 99 -7.36 -28.70 -23.87
CA LYS M 99 -6.64 -28.66 -22.62
C LYS M 99 -6.31 -30.08 -22.20
N ASP M 100 -5.41 -30.26 -21.27
CA ASP M 100 -5.14 -31.60 -20.71
C ASP M 100 -6.45 -32.15 -20.12
N GLY M 101 -6.72 -33.42 -20.35
CA GLY M 101 -7.92 -34.03 -19.85
C GLY M 101 -9.05 -33.92 -20.89
N GLN M 102 -8.72 -33.48 -22.10
CA GLN M 102 -9.66 -33.45 -23.22
C GLN M 102 -9.17 -34.21 -24.45
N ALA M 103 -10.03 -34.88 -25.16
CA ALA M 103 -9.59 -35.63 -26.33
C ALA M 103 -10.55 -35.30 -27.47
N ARG M 104 -11.19 -34.16 -27.36
CA ARG M 104 -12.08 -33.73 -28.41
C ARG M 104 -12.20 -32.23 -28.35
N VAL M 105 -12.57 -31.62 -29.47
CA VAL M 105 -12.59 -30.17 -29.61
C VAL M 105 -13.91 -29.62 -30.20
N PHE M 106 -14.31 -28.45 -29.70
CA PHE M 106 -15.44 -27.68 -30.20
C PHE M 106 -15.17 -27.33 -31.66
N VAL M 107 -16.18 -27.43 -32.51
CA VAL M 107 -16.10 -27.15 -33.93
C VAL M 107 -17.38 -26.39 -34.35
N LEU M 108 -17.24 -25.22 -34.99
CA LEU M 108 -18.42 -24.43 -35.41
C LEU M 108 -18.64 -24.65 -36.93
N TRP M 109 -19.71 -25.35 -37.27
CA TRP M 109 -20.05 -25.54 -38.67
C TRP M 109 -20.89 -24.38 -39.15
N GLU M 110 -20.37 -23.72 -40.18
CA GLU M 110 -21.01 -22.46 -40.57
C GLU M 110 -22.06 -22.56 -41.65
N ARG M 111 -21.64 -22.98 -42.85
CA ARG M 111 -22.56 -22.92 -43.98
C ARG M 111 -22.60 -24.23 -44.74
N ILE M 112 -23.78 -24.64 -45.15
CA ILE M 112 -23.93 -25.77 -46.05
C ILE M 112 -24.10 -25.19 -47.47
N ARG M 113 -23.41 -25.76 -48.45
CA ARG M 113 -23.51 -25.30 -49.82
C ARG M 113 -23.75 -26.53 -50.72
N ASN M 114 -24.86 -26.50 -51.44
CA ASN M 114 -25.20 -27.60 -52.29
C ASN M 114 -24.55 -27.26 -53.59
N ASP M 115 -23.65 -28.09 -54.05
CA ASP M 115 -22.92 -27.70 -55.25
C ASP M 115 -23.64 -28.08 -56.56
N GLN M 116 -24.73 -28.82 -56.50
CA GLN M 116 -25.48 -29.10 -57.69
C GLN M 116 -26.37 -27.91 -58.02
N ASP M 117 -26.83 -27.25 -56.98
CA ASP M 117 -28.04 -26.44 -56.88
C ASP M 117 -27.82 -24.96 -56.51
N GLY M 118 -26.74 -24.69 -55.75
CA GLY M 118 -26.49 -23.38 -55.21
C GLY M 118 -27.19 -23.01 -53.91
N THR M 119 -28.03 -23.91 -53.34
CA THR M 119 -28.70 -23.62 -52.08
C THR M 119 -27.62 -23.52 -51.00
N ILE M 120 -27.64 -22.39 -50.29
CA ILE M 120 -26.76 -22.13 -49.15
C ILE M 120 -27.60 -21.87 -47.90
N VAL M 121 -27.11 -22.28 -46.76
CA VAL M 121 -27.76 -21.95 -45.50
C VAL M 121 -26.70 -21.90 -44.40
N ASN M 122 -26.71 -20.82 -43.62
CA ASN M 122 -25.86 -20.67 -42.49
C ASN M 122 -26.46 -21.47 -41.35
N ILE M 123 -25.91 -22.64 -41.06
CA ILE M 123 -26.46 -23.46 -39.99
C ILE M 123 -25.95 -23.06 -38.62
N ASP M 124 -24.82 -22.35 -38.58
CA ASP M 124 -24.14 -22.00 -37.30
C ASP M 124 -24.42 -23.05 -36.17
N SER M 125 -23.92 -24.27 -36.39
CA SER M 125 -24.20 -25.42 -35.52
C SER M 125 -22.93 -26.11 -35.10
N ALA M 126 -22.98 -26.86 -34.02
CA ALA M 126 -21.76 -27.46 -33.45
C ALA M 126 -21.57 -28.81 -34.01
N GLY M 127 -20.33 -29.15 -34.32
CA GLY M 127 -20.01 -30.52 -34.73
C GLY M 127 -19.99 -31.52 -33.59
N THR M 128 -20.13 -32.82 -33.90
CA THR M 128 -20.20 -33.88 -32.90
C THR M 128 -19.59 -35.11 -33.52
N ASN M 129 -19.37 -36.15 -32.71
CA ASN M 129 -19.50 -37.57 -33.02
C ASN M 129 -20.52 -38.02 -34.04
N SER M 130 -20.35 -39.27 -34.47
CA SER M 130 -21.42 -40.01 -35.05
C SER M 130 -22.62 -40.28 -34.17
N LEU M 131 -22.48 -40.20 -32.85
CA LEU M 131 -23.57 -40.57 -31.95
C LEU M 131 -24.10 -39.31 -31.27
N GLY M 132 -23.64 -38.13 -31.73
CA GLY M 132 -24.21 -36.84 -31.25
C GLY M 132 -23.56 -36.07 -30.09
N SER M 133 -22.58 -36.62 -29.42
CA SER M 133 -22.02 -35.93 -28.28
C SER M 133 -21.11 -34.82 -28.80
N ALA M 134 -20.86 -33.83 -27.98
CA ALA M 134 -20.23 -32.57 -28.36
C ALA M 134 -18.76 -32.61 -28.74
N GLY M 135 -18.42 -31.94 -29.86
CA GLY M 135 -17.01 -31.82 -30.28
C GLY M 135 -16.55 -32.98 -31.13
N ILE M 136 -15.55 -32.77 -31.99
CA ILE M 136 -15.06 -33.89 -32.80
C ILE M 136 -13.95 -34.59 -31.99
N PRO M 137 -14.05 -35.92 -31.78
CA PRO M 137 -12.94 -36.66 -31.09
C PRO M 137 -11.70 -36.67 -31.91
N GLY M 138 -10.53 -36.65 -31.26
CA GLY M 138 -9.28 -36.84 -31.99
C GLY M 138 -8.19 -37.55 -31.21
N GLN M 139 -6.97 -37.49 -31.70
CA GLN M 139 -5.86 -38.12 -31.06
C GLN M 139 -5.07 -37.01 -30.39
N VAL M 140 -4.73 -37.18 -29.10
CA VAL M 140 -4.07 -36.17 -28.32
C VAL M 140 -2.54 -36.31 -28.40
N ASP M 141 -1.83 -35.21 -28.65
CA ASP M 141 -0.40 -35.17 -28.48
C ASP M 141 -0.14 -34.29 -27.25
N ALA M 142 0.31 -34.88 -26.13
CA ALA M 142 0.52 -34.13 -24.88
C ALA M 142 1.77 -33.26 -24.85
N HIS M 143 2.64 -33.38 -25.85
CA HIS M 143 3.92 -32.66 -25.89
C HIS M 143 4.71 -32.75 -24.58
N MSE M 144 4.74 -33.92 -23.92
CA MSE M 144 5.48 -34.11 -22.66
C MSE M 144 6.95 -33.72 -22.75
O MSE M 144 7.43 -32.93 -21.95
CB MSE M 144 5.37 -35.54 -22.16
CG MSE M 144 3.98 -35.95 -21.65
SE MSE M 144 3.31 -34.66 -20.35
CE MSE M 144 4.44 -35.30 -18.85
N TRP M 145 7.66 -34.26 -23.72
CA TRP M 145 9.07 -33.95 -23.89
C TRP M 145 9.30 -32.46 -23.93
N GLU M 146 8.64 -31.74 -24.84
CA GLU M 146 8.84 -30.28 -24.91
C GLU M 146 8.43 -29.64 -23.61
N ARG M 147 7.39 -30.15 -22.97
CA ARG M 147 6.94 -29.59 -21.69
C ARG M 147 7.88 -29.92 -20.53
N LEU M 148 8.79 -30.87 -20.70
CA LEU M 148 9.66 -31.30 -19.62
C LEU M 148 11.15 -31.00 -19.84
N ARG M 149 11.59 -30.87 -21.10
CA ARG M 149 13.01 -30.95 -21.44
C ARG M 149 13.89 -29.89 -20.77
N GLY M 150 13.32 -28.73 -20.46
CA GLY M 150 14.11 -27.65 -19.85
C GLY M 150 14.52 -28.10 -18.46
N ALA M 151 13.53 -28.29 -17.59
CA ALA M 151 13.77 -28.86 -16.25
C ALA M 151 14.65 -30.10 -16.29
N ILE M 152 14.37 -31.05 -17.18
CA ILE M 152 15.19 -32.25 -17.26
C ILE M 152 16.66 -31.89 -17.46
N MSE M 153 16.96 -31.18 -18.55
CA MSE M 153 18.30 -30.76 -18.88
C MSE M 153 18.98 -30.02 -17.74
O MSE M 153 20.11 -30.36 -17.35
CB MSE M 153 18.27 -29.84 -20.10
CG MSE M 153 19.22 -30.27 -21.15
SE MSE M 153 18.45 -31.76 -22.13
CE MSE M 153 20.00 -32.89 -22.36
N ILE M 154 18.30 -29.00 -17.21
CA ILE M 154 18.84 -28.21 -16.10
C ILE M 154 19.23 -29.12 -14.94
N SER M 155 18.24 -29.82 -14.37
CA SER M 155 18.49 -30.70 -13.24
C SER M 155 19.63 -31.69 -13.54
N LEU M 156 19.71 -32.19 -14.76
CA LEU M 156 20.81 -33.09 -15.09
C LEU M 156 22.19 -32.50 -14.77
N PHE M 157 22.34 -31.19 -14.93
CA PHE M 157 23.53 -30.54 -14.41
C PHE M 157 23.46 -30.64 -12.89
N SER M 158 22.48 -29.97 -12.26
CA SER M 158 22.36 -30.00 -10.79
C SER M 158 22.76 -31.36 -10.20
N ASP M 159 22.35 -32.44 -10.88
CA ASP M 159 22.76 -33.80 -10.52
C ASP M 159 24.26 -34.00 -10.71
N THR M 160 24.74 -33.77 -11.94
CA THR M 160 26.16 -33.82 -12.23
C THR M 160 26.94 -32.70 -11.54
N LEU M 161 26.24 -31.74 -10.93
CA LEU M 161 26.91 -30.80 -10.02
C LEU M 161 27.14 -31.65 -8.79
N THR M 162 26.01 -32.04 -8.18
CA THR M 162 25.94 -32.95 -7.03
C THR M 162 26.60 -34.32 -7.30
N ALA M 163 27.26 -34.43 -8.46
CA ALA M 163 28.10 -35.57 -8.78
C ALA M 163 29.52 -35.30 -8.26
N GLY M 183 11.56 -28.59 -4.69
CA GLY M 183 12.24 -27.30 -4.75
C GLY M 183 11.62 -26.32 -5.74
N GLN M 184 12.06 -25.06 -5.69
CA GLN M 184 11.54 -24.02 -6.58
C GLN M 184 11.86 -24.22 -8.10
N LEU M 185 12.91 -24.97 -8.45
CA LEU M 185 13.07 -25.38 -9.85
C LEU M 185 11.87 -26.23 -10.25
N ALA M 186 11.70 -27.35 -9.55
CA ALA M 186 10.57 -28.25 -9.75
C ALA M 186 9.21 -27.49 -9.81
N SER M 187 9.04 -26.51 -8.92
CA SER M 187 7.82 -25.73 -8.88
C SER M 187 7.74 -24.77 -10.06
N GLU M 188 8.90 -24.29 -10.50
CA GLU M 188 8.93 -23.51 -11.73
C GLU M 188 8.68 -24.43 -12.93
N ALA M 189 9.24 -25.64 -12.88
CA ALA M 189 9.05 -26.63 -13.92
C ALA M 189 7.57 -26.82 -14.23
N LEU M 190 6.80 -27.18 -13.21
CA LEU M 190 5.38 -27.43 -13.33
C LEU M 190 4.64 -26.26 -13.97
N ARG M 191 5.03 -25.05 -13.56
CA ARG M 191 4.51 -23.82 -14.12
C ARG M 191 4.72 -23.82 -15.63
N SER M 192 5.96 -24.11 -16.05
CA SER M 192 6.34 -24.13 -17.46
C SER M 192 5.61 -25.25 -18.22
N TYR M 193 5.44 -26.36 -17.52
CA TYR M 193 4.76 -27.55 -18.01
C TYR M 193 3.32 -27.24 -18.40
N MSE M 194 2.75 -26.27 -17.72
CA MSE M 194 1.37 -25.93 -17.92
C MSE M 194 1.21 -24.89 -19.00
O MSE M 194 0.10 -24.66 -19.49
CB MSE M 194 0.76 -25.44 -16.61
CG MSE M 194 0.38 -26.55 -15.67
SE MSE M 194 -0.36 -25.79 -14.01
CE MSE M 194 -1.95 -24.93 -14.77
N SER M 195 2.28 -24.22 -19.38
CA SER M 195 2.17 -23.14 -20.34
C SER M 195 1.99 -23.65 -21.77
N ILE M 196 2.35 -24.90 -22.04
CA ILE M 196 2.10 -25.41 -23.36
C ILE M 196 0.96 -26.45 -23.43
N PRO M 197 -0.01 -26.25 -24.34
CA PRO M 197 -1.15 -27.18 -24.31
C PRO M 197 -0.87 -28.46 -25.05
N PRO M 198 -1.62 -29.53 -24.77
CA PRO M 198 -1.62 -30.66 -25.71
C PRO M 198 -2.31 -30.17 -27.00
N THR M 199 -2.18 -30.92 -28.09
CA THR M 199 -2.87 -30.55 -29.31
C THR M 199 -3.60 -31.78 -29.80
N LEU M 200 -4.65 -31.55 -30.59
CA LEU M 200 -5.49 -32.63 -31.08
C LEU M 200 -5.36 -32.73 -32.58
N TYR M 201 -5.30 -33.97 -33.08
CA TYR M 201 -5.29 -34.26 -34.49
C TYR M 201 -6.45 -35.18 -34.86
N ASP M 202 -6.99 -35.00 -36.05
CA ASP M 202 -7.95 -35.98 -36.56
C ASP M 202 -7.76 -36.14 -38.04
N GLN M 203 -7.67 -37.38 -38.50
CA GLN M 203 -7.40 -37.71 -39.90
C GLN M 203 -8.40 -37.10 -40.87
N GLN M 204 -8.01 -36.80 -42.08
CA GLN M 204 -8.92 -36.49 -43.17
C GLN M 204 -9.95 -37.61 -43.35
N GLY M 205 -11.15 -37.28 -43.83
CA GLY M 205 -12.11 -38.29 -44.18
C GLY M 205 -12.77 -38.98 -42.98
N ASP M 206 -12.78 -38.32 -41.84
CA ASP M 206 -13.35 -38.94 -40.65
C ASP M 206 -14.87 -38.91 -40.74
N ALA M 207 -15.52 -39.90 -40.17
CA ALA M 207 -16.98 -39.96 -40.18
C ALA M 207 -17.46 -39.31 -38.91
N VAL M 208 -18.24 -38.24 -39.07
CA VAL M 208 -18.42 -37.27 -37.99
C VAL M 208 -19.83 -36.69 -38.20
N SER M 209 -20.35 -35.93 -37.23
CA SER M 209 -21.67 -35.41 -37.44
C SER M 209 -21.92 -33.95 -37.00
N ILE M 210 -23.08 -33.39 -37.36
CA ILE M 210 -23.45 -32.02 -36.96
C ILE M 210 -24.81 -31.98 -36.31
N PHE M 211 -24.93 -31.42 -35.13
CA PHE M 211 -26.24 -31.35 -34.43
C PHE M 211 -26.91 -30.08 -34.90
N VAL M 212 -28.03 -30.17 -35.61
CA VAL M 212 -28.66 -28.93 -36.07
C VAL M 212 -29.12 -28.06 -34.88
N ALA M 213 -28.52 -26.88 -34.73
CA ALA M 213 -28.79 -26.06 -33.53
C ALA M 213 -30.03 -25.18 -33.60
N ARG M 214 -30.44 -24.86 -34.79
CA ARG M 214 -31.51 -23.88 -34.95
C ARG M 214 -32.31 -24.41 -36.10
N ASP M 215 -33.61 -24.07 -36.15
CA ASP M 215 -34.46 -24.50 -37.28
C ASP M 215 -33.88 -23.86 -38.57
N LEU M 216 -33.91 -24.64 -39.65
CA LEU M 216 -33.38 -24.24 -40.93
C LEU M 216 -34.57 -24.29 -41.89
N ASP M 217 -34.91 -23.12 -42.39
CA ASP M 217 -36.10 -22.92 -43.12
C ASP M 217 -35.70 -22.88 -44.57
N PHE M 218 -36.23 -23.82 -45.37
CA PHE M 218 -35.97 -23.88 -46.81
C PHE M 218 -37.15 -23.32 -47.68
N SER M 219 -38.19 -22.81 -47.00
CA SER M 219 -39.39 -22.13 -47.60
C SER M 219 -39.16 -21.22 -48.77
N GLY M 220 -38.06 -20.50 -48.77
CA GLY M 220 -37.82 -19.52 -49.75
C GLY M 220 -36.96 -20.08 -50.85
N VAL M 221 -36.67 -21.37 -50.80
CA VAL M 221 -35.80 -21.93 -51.80
C VAL M 221 -36.47 -23.10 -52.54
N TYR M 222 -37.15 -23.98 -51.78
CA TYR M 222 -37.80 -25.12 -52.39
C TYR M 222 -39.31 -25.10 -52.29
N THR M 223 -39.93 -25.74 -53.26
CA THR M 223 -41.33 -25.98 -53.17
C THR M 223 -41.68 -27.37 -53.68
N LEU M 224 -42.96 -27.71 -53.62
CA LEU M 224 -43.41 -29.03 -53.94
C LEU M 224 -44.32 -29.04 -55.16
N ALA M 225 -44.24 -30.12 -55.94
CA ALA M 225 -45.14 -30.34 -57.07
C ALA M 225 -45.21 -31.84 -57.34
N ASP M 226 -46.35 -32.33 -57.81
CA ASP M 226 -46.37 -33.66 -58.45
C ASP M 226 -45.87 -33.41 -59.86
N ASN M 227 -44.90 -34.22 -60.36
CA ASN M 227 -44.60 -35.56 -59.88
C ASN M 227 -43.10 -35.87 -59.83
N ALA N 2 -51.83 -22.67 -54.19
CA ALA N 2 -53.12 -22.59 -53.44
C ALA N 2 -53.05 -23.33 -52.11
N ALA N 3 -53.98 -23.03 -51.21
CA ALA N 3 -54.04 -23.72 -49.91
C ALA N 3 -54.59 -25.12 -50.10
N ASP N 4 -55.45 -25.28 -51.11
CA ASP N 4 -56.04 -26.58 -51.41
C ASP N 4 -55.05 -27.43 -52.16
N LYS N 5 -54.16 -26.79 -52.91
CA LYS N 5 -53.10 -27.49 -53.64
C LYS N 5 -52.02 -28.00 -52.67
N LYS N 6 -51.68 -27.17 -51.70
CA LYS N 6 -50.74 -27.54 -50.67
C LYS N 6 -51.24 -28.76 -49.90
N ARG N 7 -52.56 -28.85 -49.76
CA ARG N 7 -53.18 -29.94 -49.01
C ARG N 7 -53.20 -31.27 -49.78
N ILE N 8 -53.46 -31.21 -51.08
CA ILE N 8 -53.45 -32.40 -51.92
C ILE N 8 -52.03 -32.98 -52.02
N THR N 9 -51.07 -32.13 -52.37
CA THR N 9 -49.65 -32.53 -52.47
C THR N 9 -49.15 -33.18 -51.18
N GLN N 10 -49.45 -32.53 -50.06
CA GLN N 10 -49.14 -33.01 -48.73
C GLN N 10 -49.69 -34.40 -48.38
N LYS N 11 -50.94 -34.64 -48.77
CA LYS N 11 -51.58 -35.95 -48.55
C LYS N 11 -50.95 -37.00 -49.43
N LEU N 12 -50.76 -36.64 -50.70
CA LEU N 12 -50.14 -37.52 -51.69
C LEU N 12 -48.81 -37.99 -51.17
N LYS N 13 -48.06 -37.03 -50.63
CA LYS N 13 -46.72 -37.31 -50.17
C LYS N 13 -46.72 -38.13 -48.92
N GLN N 14 -47.56 -37.74 -47.98
CA GLN N 14 -47.72 -38.49 -46.76
C GLN N 14 -47.95 -39.94 -47.12
N THR N 15 -48.23 -40.21 -48.40
CA THR N 15 -47.99 -41.57 -48.92
C THR N 15 -46.85 -41.89 -49.95
N ALA N 16 -45.61 -41.84 -49.42
CA ALA N 16 -44.64 -42.81 -49.84
C ALA N 16 -43.56 -43.34 -48.83
N PHE N 17 -43.88 -44.54 -48.40
CA PHE N 17 -42.97 -45.61 -48.09
C PHE N 17 -43.23 -46.56 -49.28
N ALA N 18 -43.51 -45.97 -50.46
CA ALA N 18 -43.87 -46.74 -51.67
C ALA N 18 -42.69 -47.52 -52.21
N GLY N 19 -42.98 -48.71 -52.75
CA GLY N 19 -42.00 -49.43 -53.55
C GLY N 19 -41.83 -50.84 -53.09
N ALA N 20 -41.15 -51.62 -53.89
CA ALA N 20 -40.84 -52.99 -53.52
C ALA N 20 -40.35 -53.00 -52.07
N LYS N 21 -40.79 -53.95 -51.28
CA LYS N 21 -40.42 -53.97 -49.87
C LYS N 21 -39.43 -55.09 -49.61
N ASN N 22 -38.66 -54.95 -48.53
CA ASN N 22 -37.71 -55.99 -48.07
C ASN N 22 -38.04 -56.37 -46.63
N TYR N 23 -38.19 -57.66 -46.37
CA TYR N 23 -38.58 -58.14 -45.05
C TYR N 23 -37.47 -59.01 -44.49
N GLN N 24 -36.34 -58.98 -45.15
CA GLN N 24 -35.33 -59.97 -44.82
C GLN N 24 -34.49 -59.57 -43.61
N TYR N 25 -35.13 -59.49 -42.44
CA TYR N 25 -34.41 -59.07 -41.24
C TYR N 25 -34.27 -60.16 -40.18
N VAL N 26 -33.11 -60.26 -39.53
CA VAL N 26 -32.98 -61.12 -38.36
C VAL N 26 -32.54 -60.29 -37.16
N MSE N 27 -32.70 -60.83 -35.96
CA MSE N 27 -32.33 -60.13 -34.72
C MSE N 27 -31.70 -61.04 -33.66
O MSE N 27 -31.90 -62.24 -33.70
CB MSE N 27 -33.53 -59.43 -34.12
CG MSE N 27 -34.55 -60.38 -33.66
SE MSE N 27 -36.03 -59.59 -32.66
CE MSE N 27 -36.74 -58.42 -33.99
N SER N 28 -30.89 -60.47 -32.77
CA SER N 28 -30.42 -61.25 -31.63
C SER N 28 -31.64 -61.56 -30.78
N GLU N 29 -31.61 -62.72 -30.12
CA GLU N 29 -32.72 -63.14 -29.28
C GLU N 29 -32.17 -63.38 -27.94
N GLN N 30 -32.47 -62.47 -27.02
CA GLN N 30 -32.01 -62.59 -25.64
C GLN N 30 -33.22 -62.30 -24.75
N PRO N 31 -33.62 -63.26 -23.91
CA PRO N 31 -34.84 -63.03 -23.13
C PRO N 31 -34.83 -61.74 -22.30
N GLU N 32 -33.69 -61.34 -21.72
CA GLU N 32 -33.64 -60.06 -20.98
C GLU N 32 -33.98 -58.83 -21.81
N MSE N 33 -33.93 -58.95 -23.13
CA MSE N 33 -34.11 -57.84 -24.03
C MSE N 33 -35.46 -57.84 -24.71
O MSE N 33 -35.65 -57.03 -25.61
CB MSE N 33 -33.05 -57.84 -25.10
CG MSE N 33 -31.66 -58.04 -24.62
SE MSE N 33 -31.01 -56.71 -23.32
CE MSE N 33 -29.13 -57.24 -23.24
N ARG N 34 -36.39 -58.71 -24.32
CA ARG N 34 -37.68 -58.80 -25.05
C ARG N 34 -38.49 -57.54 -24.91
N SER N 35 -38.27 -56.80 -23.84
CA SER N 35 -39.08 -55.65 -23.57
C SER N 35 -38.87 -54.50 -24.57
N ILE N 36 -37.85 -54.62 -25.43
CA ILE N 36 -37.62 -53.61 -26.46
C ILE N 36 -37.47 -54.22 -27.84
N GLN N 37 -37.75 -55.51 -27.97
CA GLN N 37 -37.81 -56.14 -29.28
C GLN N 37 -38.90 -55.54 -30.18
N PRO N 38 -38.65 -55.48 -31.49
CA PRO N 38 -39.66 -54.98 -32.43
C PRO N 38 -40.50 -56.09 -32.92
N VAL N 39 -41.72 -55.80 -33.33
CA VAL N 39 -42.61 -56.80 -33.88
C VAL N 39 -42.31 -56.91 -35.35
N HIS N 40 -42.05 -55.79 -36.04
CA HIS N 40 -41.60 -55.86 -37.43
C HIS N 40 -40.47 -54.89 -37.71
N VAL N 41 -39.56 -55.30 -38.59
CA VAL N 41 -38.61 -54.40 -39.19
C VAL N 41 -38.67 -54.66 -40.67
N TRP N 42 -38.80 -53.60 -41.45
CA TRP N 42 -38.81 -53.77 -42.92
C TRP N 42 -38.48 -52.48 -43.63
N ASP N 43 -38.19 -52.56 -44.89
CA ASP N 43 -37.81 -51.35 -45.58
C ASP N 43 -38.26 -51.38 -46.99
N ASN N 44 -37.97 -50.24 -47.59
CA ASN N 44 -38.40 -49.68 -48.84
C ASN N 44 -37.24 -49.67 -49.84
N TYR N 45 -36.07 -50.14 -49.43
CA TYR N 45 -34.80 -49.68 -50.06
C TYR N 45 -34.48 -48.14 -49.93
N ARG N 46 -35.30 -47.38 -49.21
CA ARG N 46 -34.99 -45.97 -48.91
C ARG N 46 -35.06 -45.65 -47.39
N PHE N 47 -36.23 -45.91 -46.79
CA PHE N 47 -36.48 -45.71 -45.38
C PHE N 47 -36.64 -47.06 -44.74
N THR N 48 -36.39 -47.18 -43.44
CA THR N 48 -36.57 -48.46 -42.74
C THR N 48 -37.53 -48.28 -41.61
N ARG N 49 -38.48 -49.20 -41.47
CA ARG N 49 -39.45 -49.11 -40.40
C ARG N 49 -39.18 -50.12 -39.31
N PHE N 50 -39.24 -49.65 -38.06
CA PHE N 50 -39.17 -50.50 -36.88
C PHE N 50 -40.49 -50.36 -36.17
N GLU N 51 -41.20 -51.47 -36.03
CA GLU N 51 -42.53 -51.40 -35.46
C GLU N 51 -42.59 -52.09 -34.12
N PHE N 52 -43.10 -51.39 -33.11
CA PHE N 52 -43.21 -51.92 -31.74
C PHE N 52 -44.66 -52.16 -31.34
N PRO N 53 -44.92 -52.93 -30.25
CA PRO N 53 -46.33 -53.11 -29.86
C PRO N 53 -46.98 -51.75 -29.62
N ALA N 54 -48.27 -51.66 -29.93
CA ALA N 54 -49.02 -50.41 -29.86
C ALA N 54 -48.75 -49.56 -28.62
N ASN N 55 -48.75 -50.17 -27.43
CA ASN N 55 -48.61 -49.40 -26.19
C ASN N 55 -47.25 -49.57 -25.56
N ALA N 56 -46.29 -50.14 -26.27
CA ALA N 56 -44.97 -50.32 -25.68
C ALA N 56 -44.24 -48.97 -25.67
N GLU N 57 -43.33 -48.83 -24.71
CA GLU N 57 -42.42 -47.72 -24.66
C GLU N 57 -41.54 -47.73 -25.89
N LEU N 58 -41.35 -46.57 -26.53
CA LEU N 58 -40.50 -46.47 -27.71
C LEU N 58 -39.05 -46.46 -27.30
N PRO N 59 -38.28 -47.49 -27.72
CA PRO N 59 -36.85 -47.46 -27.51
C PRO N 59 -36.24 -46.61 -28.63
N GLN N 60 -34.93 -46.50 -28.65
CA GLN N 60 -34.28 -45.64 -29.59
C GLN N 60 -33.47 -46.53 -30.61
N VAL N 61 -33.26 -46.07 -31.84
CA VAL N 61 -32.57 -46.91 -32.83
C VAL N 61 -31.29 -46.31 -33.45
N TYR N 62 -30.27 -47.13 -33.64
CA TYR N 62 -28.98 -46.66 -34.12
C TYR N 62 -28.60 -47.50 -35.35
N MSE N 63 -27.90 -46.91 -36.30
CA MSE N 63 -27.47 -47.65 -37.48
C MSE N 63 -25.97 -47.88 -37.46
O MSE N 63 -25.23 -47.05 -36.87
CB MSE N 63 -27.90 -46.93 -38.77
CG MSE N 63 -26.99 -45.83 -39.24
SE MSE N 63 -27.52 -45.06 -41.02
CE MSE N 63 -25.71 -45.06 -41.71
N ILE N 64 -25.51 -49.01 -38.02
CA ILE N 64 -24.08 -49.20 -38.27
C ILE N 64 -23.82 -48.60 -39.63
N SER N 65 -23.09 -47.49 -39.67
CA SER N 65 -22.79 -46.79 -40.91
C SER N 65 -21.80 -47.57 -41.81
N ALA N 66 -21.69 -47.12 -43.06
CA ALA N 66 -20.61 -47.54 -43.96
C ALA N 66 -19.19 -47.45 -43.32
N SER N 67 -19.04 -46.54 -42.36
CA SER N 67 -17.73 -46.30 -41.74
C SER N 67 -17.36 -47.39 -40.75
N GLY N 68 -18.36 -48.21 -40.38
CA GLY N 68 -18.19 -49.19 -39.35
C GLY N 68 -18.66 -48.79 -37.97
N LYS N 69 -18.98 -47.50 -37.78
CA LYS N 69 -19.36 -46.98 -36.47
C LYS N 69 -20.86 -47.02 -36.23
N GLU N 70 -21.29 -47.30 -35.00
CA GLU N 70 -22.69 -47.12 -34.67
C GLU N 70 -23.02 -45.62 -34.76
N THR N 71 -24.17 -45.25 -35.32
CA THR N 71 -24.40 -43.83 -35.67
C THR N 71 -25.82 -43.41 -35.38
N LEU N 72 -26.03 -42.16 -34.96
CA LEU N 72 -27.38 -41.66 -34.73
C LEU N 72 -28.01 -41.19 -36.04
N PRO N 73 -29.07 -41.86 -36.53
CA PRO N 73 -29.71 -41.45 -37.75
C PRO N 73 -30.87 -40.47 -37.47
N ASN N 74 -31.58 -40.03 -38.50
CA ASN N 74 -32.78 -39.22 -38.31
C ASN N 74 -34.01 -40.07 -38.58
N SER N 75 -35.10 -39.86 -37.83
CA SER N 75 -36.22 -40.74 -38.00
C SER N 75 -37.41 -40.12 -37.40
N HIS N 76 -38.62 -40.51 -37.81
CA HIS N 76 -39.87 -39.82 -37.34
C HIS N 76 -40.82 -40.97 -37.02
N VAL N 77 -41.82 -40.81 -36.15
CA VAL N 77 -42.78 -41.90 -35.95
C VAL N 77 -44.03 -41.83 -36.84
N VAL N 78 -44.51 -43.00 -37.26
CA VAL N 78 -45.72 -43.05 -38.04
C VAL N 78 -46.70 -43.97 -37.36
N GLY N 79 -47.98 -43.89 -37.78
CA GLY N 79 -49.03 -44.72 -37.20
C GLY N 79 -49.84 -44.00 -36.17
N GLU N 80 -51.09 -44.43 -36.04
CA GLU N 80 -52.09 -44.02 -35.08
C GLU N 80 -51.60 -44.23 -33.67
N ASN N 81 -50.80 -45.25 -33.49
CA ASN N 81 -50.31 -45.59 -32.17
C ASN N 81 -48.89 -45.08 -31.85
N ARG N 82 -48.30 -44.31 -32.77
CA ARG N 82 -46.99 -43.74 -32.58
C ARG N 82 -46.01 -44.87 -32.21
N ASN N 83 -46.16 -46.04 -32.84
CA ASN N 83 -45.37 -47.17 -32.46
C ASN N 83 -44.43 -47.65 -33.53
N ILE N 84 -44.32 -46.88 -34.59
CA ILE N 84 -43.46 -47.25 -35.72
C ILE N 84 -42.43 -46.19 -35.93
N ILE N 85 -41.16 -46.56 -35.85
CA ILE N 85 -40.09 -45.62 -36.11
C ILE N 85 -39.68 -45.78 -37.57
N GLU N 86 -39.88 -44.73 -38.36
CA GLU N 86 -39.46 -44.73 -39.75
C GLU N 86 -38.16 -44.01 -39.92
N VAL N 87 -37.09 -44.76 -40.16
CA VAL N 87 -35.77 -44.15 -40.21
C VAL N 87 -35.54 -43.67 -41.62
N GLU N 88 -35.00 -42.47 -41.76
CA GLU N 88 -34.90 -41.83 -43.06
C GLU N 88 -33.70 -42.36 -43.86
N THR N 89 -33.45 -43.67 -43.78
CA THR N 89 -32.24 -44.20 -44.28
C THR N 89 -32.29 -45.73 -44.26
N VAL N 90 -31.35 -46.39 -44.89
CA VAL N 90 -31.42 -47.85 -45.00
C VAL N 90 -30.02 -48.37 -44.68
N ALA N 91 -29.87 -49.57 -44.18
CA ALA N 91 -28.55 -49.96 -43.70
C ALA N 91 -28.39 -51.44 -43.54
N LYS N 92 -27.13 -51.89 -43.54
CA LYS N 92 -26.80 -53.30 -43.31
C LYS N 92 -27.19 -53.77 -41.92
N GLU N 93 -26.99 -52.92 -40.92
CA GLU N 93 -27.14 -53.34 -39.53
C GLU N 93 -27.62 -52.23 -38.59
N TRP N 94 -28.27 -52.60 -37.50
CA TRP N 94 -28.93 -51.67 -36.60
C TRP N 94 -28.78 -52.07 -35.14
N ARG N 95 -28.96 -51.12 -34.23
CA ARG N 95 -29.09 -51.41 -32.82
C ARG N 95 -30.37 -50.78 -32.37
N ILE N 96 -31.11 -51.48 -31.50
CA ILE N 96 -32.24 -50.88 -30.82
C ILE N 96 -31.80 -50.78 -29.36
N ARG N 97 -31.97 -49.58 -28.76
CA ARG N 97 -31.43 -49.34 -27.41
C ARG N 97 -32.40 -48.61 -26.50
N LEU N 98 -32.41 -48.98 -25.21
CA LEU N 98 -33.12 -48.22 -24.16
C LEU N 98 -32.49 -48.55 -22.85
N GLY N 99 -31.89 -47.56 -22.18
CA GLY N 99 -31.18 -47.91 -20.95
C GLY N 99 -30.12 -48.91 -21.32
N ASP N 100 -30.00 -50.00 -20.60
CA ASP N 100 -28.93 -50.97 -20.92
C ASP N 100 -29.42 -52.15 -21.71
N LYS N 101 -30.59 -52.03 -22.30
CA LYS N 101 -31.10 -53.11 -23.13
C LYS N 101 -30.71 -52.81 -24.54
N VAL N 102 -30.38 -53.84 -25.27
CA VAL N 102 -29.99 -53.67 -26.68
C VAL N 102 -30.48 -54.88 -27.47
N VAL N 103 -30.85 -54.65 -28.72
CA VAL N 103 -31.18 -55.73 -29.64
C VAL N 103 -30.47 -55.41 -30.97
N GLY N 104 -29.73 -56.37 -31.48
CA GLY N 104 -29.04 -56.19 -32.74
C GLY N 104 -30.05 -56.55 -33.84
N VAL N 105 -30.07 -55.80 -34.94
CA VAL N 105 -30.96 -56.14 -36.03
C VAL N 105 -30.18 -56.08 -37.31
N ARG N 106 -30.24 -57.14 -38.10
CA ARG N 106 -29.43 -57.23 -39.30
C ARG N 106 -30.27 -57.34 -40.56
N ASN N 107 -29.88 -56.62 -41.59
CA ASN N 107 -30.63 -56.58 -42.83
C ASN N 107 -29.94 -57.55 -43.76
N ASN N 108 -30.62 -58.64 -44.10
CA ASN N 108 -30.03 -59.67 -44.94
C ASN N 108 -30.20 -59.40 -46.44
N ASN N 109 -30.77 -58.26 -46.83
CA ASN N 109 -30.81 -57.89 -48.23
C ASN N 109 -30.58 -56.37 -48.38
N PHE N 110 -29.43 -55.92 -47.94
CA PHE N 110 -29.05 -54.52 -48.04
C PHE N 110 -28.55 -54.40 -49.47
N ALA N 111 -29.14 -53.50 -50.22
CA ALA N 111 -28.80 -53.35 -51.63
C ALA N 111 -28.82 -51.87 -51.98
N PRO N 112 -27.86 -51.11 -51.42
CA PRO N 112 -27.78 -49.70 -51.76
C PRO N 112 -27.71 -49.67 -53.27
N GLY N 113 -28.17 -48.66 -53.95
CA GLY N 113 -28.14 -49.00 -55.39
C GLY N 113 -29.48 -49.42 -55.92
N ARG N 114 -30.22 -50.22 -55.17
CA ARG N 114 -31.63 -50.36 -55.49
C ARG N 114 -32.46 -49.30 -54.82
N GLY N 115 -33.60 -49.01 -55.40
CA GLY N 115 -34.64 -48.25 -54.71
C GLY N 115 -34.53 -46.76 -54.59
N ALA N 116 -33.58 -46.12 -55.25
CA ALA N 116 -33.51 -44.66 -55.16
C ALA N 116 -34.69 -43.99 -55.89
N VAL N 117 -35.12 -42.82 -55.45
CA VAL N 117 -36.02 -42.04 -56.27
C VAL N 117 -35.30 -40.73 -56.41
N ALA N 118 -35.49 -40.04 -57.52
CA ALA N 118 -34.70 -38.87 -57.82
C ALA N 118 -35.62 -37.68 -57.78
N THR N 119 -36.53 -37.67 -56.83
CA THR N 119 -37.66 -36.81 -56.90
C THR N 119 -37.47 -35.59 -56.01
N GLY N 120 -36.55 -35.74 -55.04
CA GLY N 120 -36.33 -34.74 -54.02
C GLY N 120 -37.25 -34.89 -52.83
N THR N 121 -38.09 -35.92 -52.79
CA THR N 121 -38.96 -36.15 -51.65
C THR N 121 -38.97 -37.59 -51.30
N ALA N 122 -39.64 -37.98 -50.24
CA ALA N 122 -39.71 -39.42 -49.95
C ALA N 122 -40.56 -40.17 -50.96
N SER N 123 -41.28 -39.45 -51.81
CA SER N 123 -42.28 -40.10 -52.67
C SER N 123 -41.92 -40.11 -54.15
N PRO N 124 -42.27 -41.20 -54.86
CA PRO N 124 -42.09 -41.20 -56.32
C PRO N 124 -43.00 -40.23 -57.00
N ASP N 125 -44.02 -39.76 -56.31
CA ASP N 125 -45.11 -39.01 -56.92
C ASP N 125 -45.13 -37.54 -56.58
N VAL N 126 -44.30 -37.10 -55.64
CA VAL N 126 -44.19 -35.66 -55.38
C VAL N 126 -42.74 -35.27 -55.58
N ARG N 127 -42.47 -34.08 -56.12
CA ARG N 127 -41.12 -33.72 -56.40
C ARG N 127 -40.79 -32.37 -55.82
N ARG N 128 -39.51 -32.17 -55.46
CA ARG N 128 -39.04 -30.95 -54.85
C ARG N 128 -38.61 -30.01 -55.95
N VAL N 129 -39.07 -28.79 -55.93
CA VAL N 129 -38.82 -27.88 -57.05
C VAL N 129 -38.14 -26.65 -56.51
N GLN N 130 -37.10 -26.22 -57.20
CA GLN N 130 -36.37 -25.05 -56.76
C GLN N 130 -37.11 -23.78 -57.22
N ILE N 131 -37.66 -23.00 -56.28
CA ILE N 131 -38.20 -21.69 -56.69
C ILE N 131 -37.05 -20.74 -56.95
N HIS O 5 -14.56 -44.78 -19.53
CA HIS O 5 -15.99 -44.92 -19.88
C HIS O 5 -16.20 -46.27 -20.54
N LYS O 6 -17.21 -47.01 -20.10
CA LYS O 6 -17.50 -48.28 -20.71
C LYS O 6 -18.72 -48.09 -21.65
N PRO O 7 -18.62 -48.55 -22.90
CA PRO O 7 -19.64 -48.31 -23.93
C PRO O 7 -20.88 -49.13 -23.64
N PRO O 8 -21.98 -48.86 -24.35
CA PRO O 8 -23.21 -49.59 -24.02
C PRO O 8 -23.12 -51.06 -24.45
N PRO O 9 -24.03 -51.91 -24.00
CA PRO O 9 -23.92 -53.33 -24.29
C PRO O 9 -23.99 -53.65 -25.77
N GLU O 10 -23.40 -54.77 -26.18
CA GLU O 10 -23.50 -55.25 -27.54
C GLU O 10 -24.42 -56.43 -27.55
N PRO O 11 -25.12 -56.68 -28.66
CA PRO O 11 -26.03 -57.82 -28.57
C PRO O 11 -25.28 -59.12 -28.55
N ASP O 12 -25.90 -60.16 -28.02
CA ASP O 12 -25.35 -61.49 -28.18
C ASP O 12 -26.10 -62.19 -29.32
N TRP O 13 -25.41 -62.55 -30.40
CA TRP O 13 -26.05 -63.22 -31.53
C TRP O 13 -26.10 -64.74 -31.49
N SER O 14 -25.67 -65.37 -30.40
CA SER O 14 -25.70 -66.84 -30.29
C SER O 14 -26.99 -67.39 -30.81
N ASN O 15 -28.09 -66.80 -30.41
CA ASN O 15 -29.35 -67.19 -30.98
C ASN O 15 -29.92 -66.01 -31.79
N THR O 16 -29.95 -66.15 -33.11
CA THR O 16 -30.41 -65.12 -34.04
C THR O 16 -31.67 -65.68 -34.66
N VAL O 17 -32.61 -64.82 -35.04
CA VAL O 17 -33.98 -65.26 -35.21
C VAL O 17 -34.64 -64.28 -36.17
N PRO O 18 -35.57 -64.74 -37.02
CA PRO O 18 -36.20 -63.75 -37.91
C PRO O 18 -37.04 -62.74 -37.14
N VAL O 19 -37.08 -61.51 -37.64
CA VAL O 19 -37.84 -60.49 -36.95
C VAL O 19 -39.29 -60.68 -37.29
N ASN O 20 -39.58 -60.87 -38.58
CA ASN O 20 -40.98 -60.89 -39.01
C ASN O 20 -41.60 -62.27 -38.89
N LYS O 21 -42.37 -62.50 -37.83
CA LYS O 21 -43.16 -63.75 -37.74
C LYS O 21 -44.35 -63.67 -38.71
N THR O 22 -44.75 -62.46 -39.08
CA THR O 22 -45.79 -62.24 -40.05
C THR O 22 -45.40 -61.04 -40.92
N ILE O 23 -46.00 -60.90 -42.10
CA ILE O 23 -45.62 -59.85 -43.00
C ILE O 23 -46.35 -58.59 -42.58
N PRO O 24 -45.63 -57.48 -42.33
CA PRO O 24 -46.27 -56.25 -41.91
C PRO O 24 -47.06 -55.60 -43.05
N VAL O 25 -47.94 -54.67 -42.73
CA VAL O 25 -48.69 -53.92 -43.76
C VAL O 25 -48.51 -52.41 -43.60
N ASP O 26 -48.39 -51.68 -44.70
CA ASP O 26 -48.34 -50.21 -44.63
C ASP O 26 -49.74 -49.66 -44.76
N THR O 27 -50.28 -49.15 -43.66
CA THR O 27 -51.65 -48.67 -43.64
C THR O 27 -51.76 -47.27 -44.24
N GLN O 28 -50.90 -46.96 -45.21
CA GLN O 28 -51.11 -45.74 -46.03
C GLN O 28 -51.06 -45.95 -47.53
N GLU P 12 -36.23 -9.32 -2.79
CA GLU P 12 -36.26 -10.46 -1.83
C GLU P 12 -37.07 -11.68 -2.26
N THR P 13 -36.81 -12.19 -3.45
CA THR P 13 -37.20 -13.54 -3.75
C THR P 13 -35.94 -14.40 -3.49
N SER P 14 -36.13 -15.66 -3.15
CA SER P 14 -35.01 -16.56 -2.90
C SER P 14 -33.90 -16.58 -3.97
N GLU P 15 -32.67 -16.43 -3.51
CA GLU P 15 -31.51 -16.52 -4.39
C GLU P 15 -31.36 -17.84 -5.08
N GLY P 16 -31.47 -18.92 -4.30
CA GLY P 16 -31.49 -20.29 -4.83
C GLY P 16 -32.55 -20.41 -5.92
N SER P 17 -33.76 -19.97 -5.59
CA SER P 17 -34.83 -19.97 -6.55
C SER P 17 -34.54 -19.18 -7.82
N SER P 18 -33.95 -18.01 -7.70
CA SER P 18 -33.63 -17.25 -8.87
C SER P 18 -32.56 -17.90 -9.70
N ALA P 19 -31.53 -18.40 -9.04
CA ALA P 19 -30.44 -18.94 -9.81
C ALA P 19 -31.03 -20.09 -10.67
N LEU P 20 -31.94 -20.86 -10.09
CA LEU P 20 -32.45 -22.02 -10.79
C LEU P 20 -33.31 -21.53 -11.95
N ALA P 21 -34.12 -20.49 -11.70
CA ALA P 21 -35.01 -19.96 -12.70
C ALA P 21 -34.22 -19.46 -13.87
N LYS P 22 -33.12 -18.80 -13.56
CA LYS P 22 -32.17 -18.34 -14.57
C LYS P 22 -31.61 -19.51 -15.34
N ASN P 23 -31.22 -20.57 -14.66
CA ASN P 23 -30.60 -21.63 -15.43
C ASN P 23 -31.59 -22.37 -16.30
N LEU P 24 -32.89 -22.14 -16.08
CA LEU P 24 -33.94 -22.79 -16.88
C LEU P 24 -34.39 -21.87 -18.00
N THR P 25 -33.68 -20.75 -18.21
CA THR P 25 -34.04 -19.79 -19.22
C THR P 25 -32.96 -19.76 -20.29
N PRO P 26 -33.23 -20.43 -21.43
CA PRO P 26 -32.17 -20.56 -22.45
C PRO P 26 -32.07 -19.34 -23.30
N ALA P 27 -30.92 -19.13 -23.95
CA ALA P 27 -30.77 -18.07 -24.94
C ALA P 27 -31.43 -18.64 -26.20
N ARG P 28 -32.55 -18.11 -26.67
CA ARG P 28 -33.14 -18.64 -27.92
C ARG P 28 -32.30 -18.40 -29.15
N LEU P 29 -31.87 -19.45 -29.82
CA LEU P 29 -31.21 -19.26 -31.10
C LEU P 29 -32.22 -18.84 -32.23
N LYS P 30 -31.81 -17.93 -33.12
CA LYS P 30 -32.61 -17.57 -34.31
C LYS P 30 -32.56 -18.66 -35.33
N ALA P 31 -33.72 -18.98 -35.88
CA ALA P 31 -33.82 -19.84 -37.07
C ALA P 31 -33.01 -19.21 -38.19
N SER P 32 -32.65 -20.01 -39.19
CA SER P 32 -31.90 -19.52 -40.32
C SER P 32 -32.61 -19.81 -41.65
N ARG P 33 -32.60 -18.86 -42.60
CA ARG P 33 -33.22 -19.10 -43.90
C ARG P 33 -32.22 -19.47 -44.94
N ALA P 34 -32.46 -20.59 -45.64
CA ALA P 34 -31.66 -20.94 -46.80
C ALA P 34 -31.84 -19.91 -47.93
N GLY P 35 -30.86 -19.75 -48.79
CA GLY P 35 -31.01 -18.93 -49.97
C GLY P 35 -30.24 -19.61 -51.08
N VAL P 36 -29.85 -18.85 -52.11
CA VAL P 36 -29.11 -19.47 -53.19
C VAL P 36 -27.93 -18.65 -53.67
N MSE P 37 -26.86 -19.33 -54.03
CA MSE P 37 -25.69 -18.60 -54.38
C MSE P 37 -25.90 -17.94 -55.74
O MSE P 37 -26.35 -18.57 -56.67
CB MSE P 37 -24.46 -19.54 -54.32
CG MSE P 37 -23.16 -18.83 -54.71
SE MSE P 37 -21.55 -19.87 -54.34
CE MSE P 37 -21.48 -19.56 -52.43
N ALA P 38 -25.58 -16.67 -55.85
CA ALA P 38 -25.76 -15.89 -57.05
C ALA P 38 -25.02 -16.34 -58.33
N ASN P 39 -23.70 -16.53 -58.29
CA ASN P 39 -22.97 -16.82 -59.53
C ASN P 39 -22.11 -18.07 -59.40
N PRO P 40 -22.74 -19.22 -59.24
CA PRO P 40 -21.93 -20.36 -58.85
C PRO P 40 -20.89 -20.71 -59.89
N SER P 41 -21.10 -20.34 -61.16
CA SER P 41 -20.12 -20.67 -62.19
C SER P 41 -18.99 -19.68 -62.17
N LEU P 42 -19.15 -18.59 -61.44
CA LEU P 42 -18.11 -17.58 -61.49
C LEU P 42 -17.56 -17.23 -60.13
N THR P 43 -17.75 -18.16 -59.19
CA THR P 43 -17.36 -17.96 -57.81
C THR P 43 -16.49 -19.13 -57.30
N VAL P 44 -15.39 -18.85 -56.60
CA VAL P 44 -14.69 -19.95 -55.90
C VAL P 44 -15.18 -19.85 -54.45
N PRO P 45 -15.95 -20.85 -54.00
CA PRO P 45 -16.64 -20.65 -52.71
C PRO P 45 -15.79 -21.12 -51.52
N LYS P 46 -16.13 -20.64 -50.31
CA LYS P 46 -15.46 -21.05 -49.04
C LYS P 46 -15.22 -22.53 -49.00
N GLY P 47 -14.07 -22.96 -48.54
CA GLY P 47 -13.86 -24.39 -48.31
C GLY P 47 -13.20 -25.15 -49.44
N LYS P 48 -13.13 -24.58 -50.62
CA LYS P 48 -12.31 -25.21 -51.64
C LYS P 48 -10.81 -25.01 -51.30
N MSE P 49 -9.97 -25.89 -51.83
CA MSE P 49 -8.54 -25.85 -51.52
C MSE P 49 -7.78 -25.35 -52.74
O MSE P 49 -8.12 -25.71 -53.89
CB MSE P 49 -8.10 -27.25 -51.18
CG MSE P 49 -8.93 -27.86 -50.08
SE MSE P 49 -8.80 -26.87 -48.34
CE MSE P 49 -6.84 -26.88 -48.23
N ILE P 50 -6.79 -24.52 -52.53
CA ILE P 50 -5.93 -24.13 -53.62
C ILE P 50 -4.59 -24.81 -53.34
N PRO P 51 -4.24 -25.83 -54.12
CA PRO P 51 -2.94 -26.49 -53.93
C PRO P 51 -1.83 -25.60 -54.49
N CYS P 52 -0.71 -25.49 -53.77
CA CYS P 52 0.32 -24.46 -54.02
C CYS P 52 1.66 -25.13 -53.83
N GLY P 53 2.69 -24.58 -54.46
CA GLY P 53 4.10 -24.95 -54.19
C GLY P 53 4.86 -23.68 -53.80
N THR P 54 5.47 -23.69 -52.62
CA THR P 54 6.05 -22.48 -52.09
C THR P 54 7.20 -22.05 -53.01
N GLY P 55 7.35 -20.75 -53.24
CA GLY P 55 8.47 -20.26 -53.96
C GLY P 55 9.54 -20.00 -52.93
N THR P 56 9.26 -19.09 -51.99
CA THR P 56 10.21 -18.72 -50.92
C THR P 56 10.36 -19.82 -49.88
N GLU P 57 11.61 -20.13 -49.54
CA GLU P 57 11.86 -20.77 -48.27
C GLU P 57 11.15 -19.99 -47.12
N LEU P 58 10.99 -20.62 -45.96
CA LEU P 58 10.33 -20.06 -44.82
C LEU P 58 11.15 -20.31 -43.56
N ASP P 59 11.29 -19.27 -42.73
CA ASP P 59 12.03 -19.39 -41.47
C ASP P 59 11.36 -18.46 -40.51
N THR P 60 10.75 -18.96 -39.44
CA THR P 60 10.00 -18.04 -38.56
C THR P 60 10.82 -17.20 -37.59
N THR P 61 12.16 -17.20 -37.68
CA THR P 61 12.96 -16.29 -36.83
C THR P 61 12.62 -14.80 -36.97
N VAL P 62 12.34 -14.32 -38.18
CA VAL P 62 12.02 -12.87 -38.35
C VAL P 62 10.73 -12.75 -39.13
N PRO P 63 9.76 -12.00 -38.63
CA PRO P 63 8.47 -12.00 -39.40
C PRO P 63 8.67 -11.50 -40.80
N GLY P 64 7.99 -12.08 -41.77
CA GLY P 64 8.11 -11.59 -43.12
C GLY P 64 7.06 -12.18 -44.06
N GLN P 65 7.45 -12.31 -45.32
CA GLN P 65 6.53 -12.60 -46.38
C GLN P 65 6.91 -13.95 -46.96
N VAL P 66 5.95 -14.56 -47.69
CA VAL P 66 6.10 -15.83 -48.36
C VAL P 66 5.41 -15.73 -49.72
N SER P 67 5.84 -16.54 -50.68
CA SER P 67 5.09 -16.71 -51.91
C SER P 67 4.88 -18.17 -52.22
N CYS P 68 3.82 -18.47 -52.98
CA CYS P 68 3.65 -19.80 -53.59
C CYS P 68 2.98 -19.63 -54.94
N ARG P 69 2.99 -20.65 -55.78
CA ARG P 69 2.46 -20.54 -57.09
C ARG P 69 1.49 -21.65 -57.19
N VAL P 70 0.26 -21.33 -57.59
CA VAL P 70 -0.81 -22.34 -57.71
C VAL P 70 -0.37 -23.51 -58.59
N SER P 71 -0.58 -24.67 -58.03
CA SER P 71 -0.09 -25.93 -58.54
C SER P 71 -0.97 -26.57 -59.60
N GLN P 72 -2.26 -26.30 -59.53
CA GLN P 72 -3.22 -26.94 -60.35
C GLN P 72 -4.45 -26.00 -60.40
N ASP P 73 -5.24 -26.09 -61.48
CA ASP P 73 -6.34 -25.19 -61.63
C ASP P 73 -7.37 -25.41 -60.56
N VAL P 74 -8.05 -24.33 -60.20
CA VAL P 74 -9.18 -24.46 -59.31
C VAL P 74 -10.43 -23.90 -59.99
N TYR P 75 -11.47 -24.71 -60.00
CA TYR P 75 -12.74 -24.42 -60.66
C TYR P 75 -13.78 -23.84 -59.69
N SER P 76 -14.82 -23.27 -60.33
CA SER P 76 -15.94 -22.58 -59.69
C SER P 76 -16.76 -23.48 -58.77
N ALA P 77 -17.75 -22.91 -58.11
CA ALA P 77 -18.58 -23.62 -57.15
C ALA P 77 -19.21 -24.86 -57.73
N ASP P 78 -19.47 -24.86 -59.03
CA ASP P 78 -20.15 -26.04 -59.63
C ASP P 78 -19.16 -26.96 -60.36
N GLY P 79 -17.91 -26.54 -60.41
CA GLY P 79 -16.88 -27.36 -61.03
C GLY P 79 -16.82 -27.18 -62.52
N LEU P 80 -17.55 -26.22 -63.08
CA LEU P 80 -17.63 -26.10 -64.51
C LEU P 80 -16.71 -25.04 -65.15
N VAL P 81 -16.30 -24.03 -64.38
CA VAL P 81 -15.48 -22.98 -64.93
C VAL P 81 -14.15 -22.85 -64.17
N ARG P 82 -13.04 -22.81 -64.94
CA ARG P 82 -11.73 -22.59 -64.40
C ARG P 82 -11.62 -21.13 -63.95
N LEU P 83 -11.26 -20.90 -62.69
CA LEU P 83 -11.21 -19.54 -62.15
C LEU P 83 -9.88 -19.20 -61.54
N ILE P 84 -9.29 -20.08 -60.72
CA ILE P 84 -7.93 -19.80 -60.21
C ILE P 84 -6.98 -20.67 -61.04
N ASP P 85 -6.21 -19.99 -61.90
CA ASP P 85 -5.38 -20.69 -62.89
C ASP P 85 -4.07 -21.20 -62.35
N LYS P 86 -3.76 -22.43 -62.71
CA LYS P 86 -2.47 -23.02 -62.47
C LYS P 86 -1.39 -22.04 -62.94
N GLY P 87 -0.39 -21.86 -62.10
CA GLY P 87 0.72 -20.99 -62.43
C GLY P 87 0.52 -19.58 -61.87
N SER P 88 -0.64 -19.33 -61.26
CA SER P 88 -0.83 -18.06 -60.58
C SER P 88 0.14 -17.88 -59.38
N TRP P 89 0.50 -16.65 -59.07
CA TRP P 89 1.41 -16.40 -57.93
C TRP P 89 0.59 -15.93 -56.76
N VAL P 90 0.93 -16.40 -55.58
CA VAL P 90 0.20 -15.97 -54.41
C VAL P 90 1.21 -15.30 -53.47
N ASP P 91 0.90 -14.10 -52.96
CA ASP P 91 1.83 -13.53 -52.00
C ASP P 91 1.16 -13.54 -50.62
N GLY P 92 1.91 -13.90 -49.59
CA GLY P 92 1.36 -13.92 -48.22
C GLY P 92 2.41 -13.60 -47.15
N GLN P 93 2.07 -13.72 -45.88
CA GLN P 93 2.97 -13.21 -44.86
C GLN P 93 2.96 -14.19 -43.71
N ILE P 94 4.11 -14.31 -43.05
CA ILE P 94 4.17 -15.05 -41.79
C ILE P 94 4.64 -14.08 -40.74
N THR P 95 3.79 -13.68 -39.77
CA THR P 95 4.14 -12.49 -38.97
C THR P 95 4.36 -12.76 -37.53
N GLY P 96 4.15 -13.98 -37.12
CA GLY P 96 4.51 -14.39 -35.76
C GLY P 96 5.35 -15.61 -35.86
N GLY P 97 5.82 -16.15 -34.75
CA GLY P 97 6.61 -17.39 -34.77
C GLY P 97 5.86 -18.54 -34.12
N ILE P 98 6.59 -19.56 -33.71
CA ILE P 98 6.05 -20.75 -33.05
C ILE P 98 6.46 -20.80 -31.59
N LYS P 99 5.74 -21.60 -30.84
CA LYS P 99 5.99 -21.83 -29.43
C LYS P 99 6.48 -23.28 -29.23
N ASP P 100 7.12 -23.58 -28.11
CA ASP P 100 7.44 -24.98 -27.83
C ASP P 100 6.12 -25.77 -27.91
N GLY P 101 6.17 -27.02 -28.38
CA GLY P 101 4.97 -27.82 -28.56
C GLY P 101 4.27 -27.55 -29.89
N GLN P 102 4.86 -26.76 -30.77
CA GLN P 102 4.27 -26.51 -32.10
C GLN P 102 5.24 -26.79 -33.22
N ALA P 103 4.75 -27.34 -34.32
CA ALA P 103 5.65 -27.72 -35.40
C ALA P 103 5.06 -27.22 -36.69
N ARG P 104 4.24 -26.18 -36.56
CA ARG P 104 3.63 -25.61 -37.74
C ARG P 104 3.20 -24.19 -37.39
N VAL P 105 3.07 -23.31 -38.41
CA VAL P 105 2.83 -21.89 -38.20
C VAL P 105 1.68 -21.30 -39.06
N PHE P 106 0.97 -20.32 -38.49
CA PHE P 106 -0.12 -19.63 -39.17
C PHE P 106 0.47 -18.83 -40.30
N VAL P 107 -0.19 -18.85 -41.47
CA VAL P 107 0.27 -18.17 -42.67
C VAL P 107 -0.95 -17.50 -43.32
N LEU P 108 -0.88 -16.20 -43.55
CA LEU P 108 -1.97 -15.48 -44.17
C LEU P 108 -1.64 -15.27 -45.66
N TRP P 109 -2.35 -15.96 -46.53
CA TRP P 109 -2.16 -15.75 -47.98
C TRP P 109 -3.04 -14.64 -48.43
N GLU P 110 -2.46 -13.65 -49.10
CA GLU P 110 -3.19 -12.41 -49.31
C GLU P 110 -3.81 -12.29 -50.69
N ARG P 111 -2.99 -12.29 -51.73
CA ARG P 111 -3.47 -12.03 -53.07
C ARG P 111 -3.05 -13.12 -54.04
N ILE P 112 -3.96 -13.47 -54.95
CA ILE P 112 -3.63 -14.32 -56.06
C ILE P 112 -3.48 -13.45 -57.31
N ARG P 113 -2.41 -13.63 -58.06
CA ARG P 113 -2.20 -12.85 -59.25
C ARG P 113 -1.90 -13.79 -60.41
N ASN P 114 -2.78 -13.76 -61.40
CA ASN P 114 -2.57 -14.54 -62.58
C ASN P 114 -1.62 -13.78 -63.51
N ASP P 115 -0.50 -14.38 -63.83
CA ASP P 115 0.47 -13.60 -64.59
C ASP P 115 0.30 -13.71 -66.09
N GLN P 116 -0.61 -14.52 -66.56
CA GLN P 116 -0.91 -14.50 -67.98
C GLN P 116 -1.83 -13.31 -68.31
N ASP P 117 -2.70 -13.00 -67.35
CA ASP P 117 -4.02 -12.42 -67.50
C ASP P 117 -4.18 -11.12 -66.73
N GLY P 118 -3.44 -10.96 -65.61
CA GLY P 118 -3.62 -9.82 -64.72
C GLY P 118 -4.77 -9.93 -63.69
N THR P 119 -5.55 -11.03 -63.68
CA THR P 119 -6.60 -11.16 -62.70
C THR P 119 -5.97 -11.20 -61.35
N ILE P 120 -6.50 -10.40 -60.42
CA ILE P 120 -6.01 -10.35 -59.06
C ILE P 120 -7.19 -10.48 -58.17
N VAL P 121 -7.05 -11.20 -57.05
CA VAL P 121 -8.09 -11.26 -56.01
C VAL P 121 -7.44 -11.32 -54.63
N ASN P 122 -7.92 -10.50 -53.68
CA ASN P 122 -7.49 -10.62 -52.28
C ASN P 122 -8.28 -11.76 -51.62
N ILE P 123 -7.60 -12.91 -51.47
CA ILE P 123 -8.26 -14.07 -50.88
C ILE P 123 -8.23 -14.02 -49.36
N ASP P 124 -7.27 -13.27 -48.79
CA ASP P 124 -7.11 -13.17 -47.33
C ASP P 124 -7.48 -14.48 -46.63
N SER P 125 -6.76 -15.55 -46.94
CA SER P 125 -7.10 -16.90 -46.46
C SER P 125 -5.93 -17.59 -45.77
N ALA P 126 -6.22 -18.60 -44.97
CA ALA P 126 -5.16 -19.23 -44.19
C ALA P 126 -4.50 -20.34 -44.98
N GLY P 127 -3.16 -20.41 -44.92
CA GLY P 127 -2.42 -21.57 -45.45
C GLY P 127 -2.60 -22.83 -44.62
N THR P 128 -2.50 -23.98 -45.30
CA THR P 128 -2.60 -25.33 -44.69
C THR P 128 -1.59 -26.26 -45.26
N ASN P 129 -1.51 -27.44 -44.68
CA ASN P 129 -1.23 -28.74 -45.34
C ASN P 129 -1.83 -29.00 -46.70
N SER P 130 -1.30 -30.06 -47.32
CA SER P 130 -1.98 -30.74 -48.37
C SER P 130 -3.28 -31.40 -48.00
N LEU P 131 -3.56 -31.67 -46.75
CA LEU P 131 -4.80 -32.37 -46.40
C LEU P 131 -5.70 -31.36 -45.68
N GLY P 132 -5.27 -30.13 -45.65
CA GLY P 132 -6.19 -29.04 -45.21
C GLY P 132 -6.17 -28.57 -43.77
N SER P 133 -5.35 -29.16 -42.91
CA SER P 133 -5.31 -28.75 -41.55
C SER P 133 -4.52 -27.47 -41.48
N ALA P 134 -4.75 -26.70 -40.44
CA ALA P 134 -4.26 -25.32 -40.29
C ALA P 134 -2.76 -25.09 -40.09
N GLY P 135 -2.18 -24.17 -40.84
CA GLY P 135 -0.76 -23.84 -40.69
C GLY P 135 0.15 -24.64 -41.59
N ILE P 136 1.28 -24.05 -42.02
CA ILE P 136 2.26 -24.84 -42.77
C ILE P 136 3.16 -25.63 -41.78
N PRO P 137 3.18 -26.98 -41.90
CA PRO P 137 4.13 -27.77 -41.10
C PRO P 137 5.55 -27.43 -41.38
N GLY P 138 6.45 -27.58 -40.42
CA GLY P 138 7.88 -27.34 -40.70
C GLY P 138 8.82 -28.09 -39.83
N GLN P 139 10.08 -27.72 -39.86
CA GLN P 139 11.08 -28.36 -39.05
C GLN P 139 11.43 -27.45 -37.84
N VAL P 140 11.41 -28.00 -36.63
CA VAL P 140 11.56 -27.16 -35.47
C VAL P 140 13.01 -27.09 -35.03
N ASP P 141 13.56 -25.90 -34.82
CA ASP P 141 14.86 -25.75 -34.14
C ASP P 141 14.60 -25.19 -32.77
N ALA P 142 14.79 -26.00 -31.74
CA ALA P 142 14.44 -25.64 -30.37
C ALA P 142 15.43 -24.68 -29.73
N HIS P 143 16.55 -24.42 -30.37
CA HIS P 143 17.62 -23.62 -29.77
C HIS P 143 17.98 -23.94 -28.32
N MSE P 144 18.00 -25.24 -27.97
CA MSE P 144 18.37 -25.70 -26.61
C MSE P 144 19.73 -25.13 -26.10
O MSE P 144 19.80 -24.55 -25.01
CB MSE P 144 18.35 -27.23 -26.52
CG MSE P 144 16.98 -27.85 -26.69
SE MSE P 144 15.69 -27.19 -25.36
CE MSE P 144 16.47 -28.09 -23.79
N TRP P 145 20.77 -25.31 -26.89
CA TRP P 145 22.09 -24.86 -26.47
C TRP P 145 22.06 -23.42 -26.07
N GLU P 146 21.63 -22.53 -26.97
CA GLU P 146 21.48 -21.11 -26.63
C GLU P 146 20.56 -20.92 -25.43
N ARG P 147 19.51 -21.71 -25.30
CA ARG P 147 18.61 -21.52 -24.16
C ARG P 147 19.19 -22.04 -22.84
N LEU P 148 20.26 -22.81 -22.92
CA LEU P 148 20.82 -23.41 -21.73
C LEU P 148 22.24 -22.93 -21.39
N ARG P 149 22.99 -22.41 -22.36
CA ARG P 149 24.44 -22.24 -22.20
C ARG P 149 24.84 -21.38 -21.01
N GLY P 150 24.02 -20.38 -20.69
CA GLY P 150 24.35 -19.46 -19.64
C GLY P 150 24.42 -20.23 -18.35
N ALA P 151 23.28 -20.78 -17.95
CA ALA P 151 23.21 -21.64 -16.76
C ALA P 151 24.30 -22.71 -16.75
N ILE P 152 24.47 -23.42 -17.86
CA ILE P 152 25.49 -24.46 -17.93
C ILE P 152 26.87 -23.91 -17.56
N MSE P 153 27.30 -22.87 -18.27
CA MSE P 153 28.59 -22.23 -18.03
C MSE P 153 28.75 -21.77 -16.58
O MSE P 153 29.77 -22.09 -15.93
CB MSE P 153 28.75 -21.02 -18.93
CG MSE P 153 30.04 -21.06 -19.65
SE MSE P 153 29.78 -22.34 -21.06
CE MSE P 153 31.58 -23.12 -21.16
N ILE P 154 27.77 -21.04 -16.10
CA ILE P 154 27.80 -20.53 -14.73
C ILE P 154 27.97 -21.69 -13.75
N SER P 155 27.03 -22.63 -13.77
CA SER P 155 27.06 -23.76 -12.84
C SER P 155 28.39 -24.52 -12.92
N LEU P 156 28.95 -24.60 -14.13
CA LEU P 156 30.25 -25.26 -14.28
C LEU P 156 31.33 -24.66 -13.40
N PHE P 157 31.26 -23.34 -13.17
CA PHE P 157 32.10 -22.74 -12.13
C PHE P 157 31.59 -23.25 -10.78
N SER P 158 30.37 -22.90 -10.39
CA SER P 158 29.82 -23.36 -9.10
C SER P 158 30.29 -24.79 -8.74
N ASP P 159 30.32 -25.66 -9.74
CA ASP P 159 30.83 -27.02 -9.56
C ASP P 159 32.33 -27.01 -9.27
N THR P 160 33.10 -26.43 -10.19
CA THR P 160 34.52 -26.22 -9.96
C THR P 160 34.80 -25.27 -8.77
N LEU P 161 33.73 -24.78 -8.13
CA LEU P 161 33.84 -23.98 -6.90
C LEU P 161 33.71 -24.87 -5.64
N THR P 162 33.48 -26.16 -5.86
CA THR P 162 33.19 -27.10 -4.79
C THR P 162 34.29 -28.16 -4.59
N ALA P 163 34.82 -28.68 -5.71
CA ALA P 163 36.01 -29.54 -5.68
C ALA P 163 36.78 -29.50 -7.01
N GLY P 183 19.56 -23.95 -8.06
CA GLY P 183 18.19 -23.97 -7.53
C GLY P 183 17.46 -22.67 -7.82
N GLN P 184 17.89 -21.62 -7.13
CA GLN P 184 17.52 -20.24 -7.47
C GLN P 184 18.15 -19.83 -8.82
N LEU P 185 19.41 -20.19 -9.02
CA LEU P 185 20.00 -20.13 -10.35
C LEU P 185 19.16 -20.97 -11.32
N ALA P 186 18.95 -22.25 -10.96
CA ALA P 186 18.14 -23.17 -11.76
C ALA P 186 16.77 -22.57 -12.09
N SER P 187 16.15 -21.93 -11.10
CA SER P 187 14.84 -21.30 -11.33
C SER P 187 14.94 -20.07 -12.23
N GLU P 188 16.06 -19.36 -12.12
CA GLU P 188 16.35 -18.27 -13.04
C GLU P 188 16.64 -18.82 -14.43
N ALA P 189 17.35 -19.95 -14.47
CA ALA P 189 17.68 -20.61 -15.73
C ALA P 189 16.42 -20.87 -16.57
N LEU P 190 15.47 -21.57 -15.99
CA LEU P 190 14.20 -21.93 -16.64
C LEU P 190 13.46 -20.69 -17.16
N ARG P 191 13.50 -19.62 -16.39
CA ARG P 191 12.98 -18.33 -16.82
C ARG P 191 13.64 -17.86 -18.12
N SER P 192 14.97 -17.90 -18.15
CA SER P 192 15.76 -17.51 -19.32
C SER P 192 15.50 -18.47 -20.50
N TYR P 193 15.39 -19.76 -20.17
CA TYR P 193 15.09 -20.81 -21.11
C TYR P 193 13.80 -20.54 -21.89
N MSE P 194 12.85 -19.90 -21.23
CA MSE P 194 11.56 -19.62 -21.83
C MSE P 194 11.52 -18.31 -22.59
O MSE P 194 10.57 -18.01 -23.31
CB MSE P 194 10.49 -19.60 -20.75
CG MSE P 194 10.15 -20.98 -20.15
SE MSE P 194 8.78 -20.83 -18.74
CE MSE P 194 7.37 -19.88 -19.78
N SER P 195 12.54 -17.50 -22.44
CA SER P 195 12.51 -16.21 -23.14
C SER P 195 12.89 -16.34 -24.64
N ILE P 196 13.53 -17.45 -25.06
CA ILE P 196 13.83 -17.54 -26.46
C ILE P 196 13.05 -18.64 -27.14
N PRO P 197 12.30 -18.31 -28.21
CA PRO P 197 11.38 -19.31 -28.77
C PRO P 197 12.08 -20.29 -29.68
N PRO P 198 11.49 -21.45 -29.89
CA PRO P 198 11.99 -22.28 -31.00
C PRO P 198 11.67 -21.55 -32.30
N THR P 199 12.25 -21.93 -33.43
CA THR P 199 11.90 -21.30 -34.68
C THR P 199 11.66 -22.42 -35.68
N LEU P 200 10.87 -22.13 -36.72
CA LEU P 200 10.41 -23.12 -37.69
C LEU P 200 11.05 -22.82 -39.02
N TYR P 201 11.49 -23.88 -39.71
CA TYR P 201 11.99 -23.75 -41.08
C TYR P 201 11.15 -24.62 -42.01
N ASP P 202 10.93 -24.19 -43.25
CA ASP P 202 10.40 -25.11 -44.26
C ASP P 202 11.07 -24.77 -45.61
N GLN P 203 11.62 -25.80 -46.26
CA GLN P 203 12.29 -25.74 -47.54
C GLN P 203 11.50 -24.97 -48.63
N GLN P 204 12.22 -24.39 -49.57
CA GLN P 204 11.61 -23.87 -50.77
C GLN P 204 10.90 -24.97 -51.54
N GLY P 205 9.86 -24.63 -52.28
CA GLY P 205 9.27 -25.61 -53.17
C GLY P 205 8.41 -26.66 -52.48
N ASP P 206 7.99 -26.39 -51.24
CA ASP P 206 7.16 -27.36 -50.53
C ASP P 206 5.73 -27.43 -51.18
N ALA P 207 5.09 -28.59 -51.05
CA ALA P 207 3.72 -28.76 -51.53
C ALA P 207 2.81 -28.52 -50.38
N VAL P 208 1.92 -27.58 -50.56
CA VAL P 208 1.22 -26.98 -49.49
C VAL P 208 -0.11 -26.47 -50.03
N SER P 209 -1.02 -26.11 -49.12
CA SER P 209 -2.32 -25.69 -49.64
C SER P 209 -2.91 -24.45 -48.97
N ILE P 210 -4.01 -23.92 -49.54
CA ILE P 210 -4.72 -22.74 -48.99
C ILE P 210 -6.21 -23.04 -48.83
N PHE P 211 -6.77 -22.85 -47.64
CA PHE P 211 -8.19 -23.08 -47.46
C PHE P 211 -8.92 -21.76 -47.84
N VAL P 212 -9.77 -21.78 -48.87
CA VAL P 212 -10.40 -20.55 -49.28
C VAL P 212 -11.36 -20.14 -48.19
N ALA P 213 -11.13 -18.97 -47.55
CA ALA P 213 -11.87 -18.59 -46.33
C ALA P 213 -13.18 -17.88 -46.61
N ARG P 214 -13.30 -17.25 -47.77
CA ARG P 214 -14.42 -16.37 -48.07
C ARG P 214 -14.77 -16.61 -49.53
N ASP P 215 -16.01 -16.38 -49.93
CA ASP P 215 -16.38 -16.53 -51.35
C ASP P 215 -15.57 -15.58 -52.25
N LEU P 216 -15.04 -16.09 -53.36
CA LEU P 216 -14.20 -15.32 -54.27
C LEU P 216 -15.00 -15.18 -55.55
N ASP P 217 -15.36 -13.94 -55.85
CA ASP P 217 -16.33 -13.65 -56.90
C ASP P 217 -15.54 -13.19 -58.07
N PHE P 218 -15.54 -13.96 -59.13
CA PHE P 218 -14.92 -13.55 -60.42
C PHE P 218 -15.92 -12.90 -61.46
N SER P 219 -17.16 -12.65 -61.05
CA SER P 219 -18.21 -12.05 -61.91
C SER P 219 -17.78 -10.84 -62.70
N GLY P 220 -16.94 -10.01 -62.11
CA GLY P 220 -16.61 -8.77 -62.73
C GLY P 220 -15.41 -8.92 -63.63
N VAL P 221 -14.92 -10.15 -63.78
CA VAL P 221 -13.71 -10.33 -64.53
C VAL P 221 -13.89 -11.32 -65.68
N TYR P 222 -14.57 -12.44 -65.45
CA TYR P 222 -14.76 -13.41 -66.48
C TYR P 222 -16.21 -13.55 -66.85
N THR P 223 -16.43 -13.97 -68.08
CA THR P 223 -17.72 -14.36 -68.50
C THR P 223 -17.58 -15.52 -69.43
N LEU P 224 -18.69 -16.04 -69.92
CA LEU P 224 -18.75 -17.30 -70.64
C LEU P 224 -19.31 -17.08 -72.05
N ALA P 225 -18.83 -17.88 -72.99
CA ALA P 225 -19.25 -17.84 -74.36
C ALA P 225 -18.98 -19.19 -74.96
N ASP P 226 -19.79 -19.62 -75.93
CA ASP P 226 -19.36 -20.76 -76.78
C ASP P 226 -18.50 -20.11 -77.84
N ASN P 227 -17.29 -20.62 -78.14
CA ASN P 227 -16.89 -22.01 -77.92
C ASN P 227 -15.43 -22.21 -77.47
N ALA Q 2 -27.75 -11.91 -72.26
CA ALA Q 2 -29.21 -12.14 -72.02
C ALA Q 2 -29.42 -13.22 -70.95
N ALA Q 3 -30.63 -13.28 -70.40
CA ALA Q 3 -30.96 -14.29 -69.40
C ALA Q 3 -31.16 -15.64 -70.05
N ASP Q 4 -31.62 -15.62 -71.29
CA ASP Q 4 -31.82 -16.83 -72.08
C ASP Q 4 -30.49 -17.35 -72.60
N LYS Q 5 -29.56 -16.43 -72.82
CA LYS Q 5 -28.23 -16.79 -73.29
C LYS Q 5 -27.43 -17.44 -72.17
N LYS Q 6 -27.49 -16.85 -70.98
CA LYS Q 6 -26.87 -17.43 -69.80
C LYS Q 6 -27.39 -18.85 -69.52
N ARG Q 7 -28.64 -19.12 -69.86
CA ARG Q 7 -29.25 -20.42 -69.66
C ARG Q 7 -28.77 -21.47 -70.66
N ILE Q 8 -28.65 -21.09 -71.93
CA ILE Q 8 -28.18 -22.01 -72.96
C ILE Q 8 -26.71 -22.39 -72.71
N THR Q 9 -25.84 -21.39 -72.51
CA THR Q 9 -24.42 -21.62 -72.22
C THR Q 9 -24.21 -22.54 -71.00
N GLN Q 10 -24.99 -22.28 -69.96
CA GLN Q 10 -24.99 -23.05 -68.72
C GLN Q 10 -25.36 -24.51 -68.88
N LYS Q 11 -26.36 -24.80 -69.73
CA LYS Q 11 -26.79 -26.15 -70.04
C LYS Q 11 -25.73 -26.84 -70.88
N LEU Q 12 -25.27 -26.14 -71.93
CA LEU Q 12 -24.21 -26.62 -72.82
C LEU Q 12 -23.01 -27.08 -71.96
N LYS Q 13 -22.62 -26.22 -71.03
CA LYS Q 13 -21.50 -26.50 -70.20
C LYS Q 13 -21.72 -27.64 -69.26
N GLN Q 14 -22.86 -27.61 -68.57
CA GLN Q 14 -23.25 -28.70 -67.69
C GLN Q 14 -23.10 -30.00 -68.46
N THR Q 15 -22.90 -29.89 -69.78
CA THR Q 15 -22.27 -31.00 -70.50
C THR Q 15 -20.84 -30.85 -71.13
N ALA Q 16 -19.84 -30.92 -70.21
CA ALA Q 16 -18.64 -31.69 -70.49
C ALA Q 16 -17.85 -32.34 -69.32
N PHE Q 17 -18.02 -33.65 -69.32
CA PHE Q 17 -17.09 -34.65 -68.92
C PHE Q 17 -16.81 -35.26 -70.31
N ALA Q 18 -16.90 -34.43 -71.36
CA ALA Q 18 -16.66 -34.87 -72.73
C ALA Q 18 -15.25 -35.35 -72.94
N GLY Q 19 -15.10 -36.34 -73.80
CA GLY Q 19 -13.80 -36.70 -74.34
C GLY Q 19 -13.55 -38.20 -74.31
N ALA Q 20 -12.50 -38.61 -74.98
CA ALA Q 20 -12.10 -40.01 -74.84
C ALA Q 20 -12.07 -40.33 -73.33
N LYS Q 21 -12.58 -41.49 -72.95
CA LYS Q 21 -12.62 -41.90 -71.57
C LYS Q 21 -11.57 -42.96 -71.26
N ASN Q 22 -11.17 -43.03 -69.98
CA ASN Q 22 -10.28 -44.08 -69.47
C ASN Q 22 -10.99 -44.85 -68.37
N TYR Q 23 -10.88 -46.18 -68.46
CA TYR Q 23 -11.60 -47.08 -67.54
C TYR Q 23 -10.61 -47.93 -66.81
N GLN Q 24 -9.35 -47.69 -67.05
CA GLN Q 24 -8.34 -48.59 -66.60
C GLN Q 24 -8.01 -48.37 -65.12
N TYR Q 25 -8.89 -48.80 -64.23
CA TYR Q 25 -8.68 -48.57 -62.81
C TYR Q 25 -8.71 -49.86 -62.03
N VAL Q 26 -7.84 -49.97 -61.04
CA VAL Q 26 -7.88 -51.14 -60.17
C VAL Q 26 -7.98 -50.64 -58.76
N MSE Q 27 -8.32 -51.52 -57.80
CA MSE Q 27 -8.51 -51.14 -56.38
C MSE Q 27 -8.09 -52.24 -55.49
O MSE Q 27 -8.15 -53.39 -55.89
CB MSE Q 27 -9.96 -50.75 -56.06
CG MSE Q 27 -10.93 -51.86 -56.18
SE MSE Q 27 -12.82 -51.51 -55.65
CE MSE Q 27 -13.27 -50.19 -56.94
N SER Q 28 -7.68 -51.91 -54.26
CA SER Q 28 -7.48 -52.91 -53.21
C SER Q 28 -8.82 -53.55 -52.98
N GLU Q 29 -8.79 -54.82 -52.60
CA GLU Q 29 -10.02 -55.59 -52.30
C GLU Q 29 -9.83 -56.15 -50.92
N GLN Q 30 -10.53 -55.57 -49.95
CA GLN Q 30 -10.52 -56.09 -48.56
C GLN Q 30 -11.97 -56.16 -48.14
N PRO Q 31 -12.41 -57.30 -47.67
CA PRO Q 31 -13.85 -57.41 -47.36
C PRO Q 31 -14.38 -56.39 -46.36
N GLU Q 32 -13.63 -56.09 -45.28
CA GLU Q 32 -14.00 -55.04 -44.32
C GLU Q 32 -14.28 -53.69 -44.96
N MSE Q 33 -13.72 -53.44 -46.15
CA MSE Q 33 -13.88 -52.15 -46.80
C MSE Q 33 -14.92 -52.10 -47.87
O MSE Q 33 -15.01 -51.07 -48.54
CB MSE Q 33 -12.57 -51.67 -47.38
CG MSE Q 33 -11.37 -51.95 -46.45
SE MSE Q 33 -11.47 -50.95 -44.74
CE MSE Q 33 -9.60 -51.31 -44.25
N ARG Q 34 -15.70 -53.15 -48.07
CA ARG Q 34 -16.68 -53.11 -49.16
C ARG Q 34 -17.69 -51.99 -49.00
N SER Q 35 -17.99 -51.58 -47.77
CA SER Q 35 -19.05 -50.62 -47.53
C SER Q 35 -18.78 -49.25 -48.09
N ILE Q 36 -17.55 -48.98 -48.51
CA ILE Q 36 -17.25 -47.72 -49.15
C ILE Q 36 -16.63 -47.89 -50.53
N GLN Q 37 -16.61 -49.12 -51.07
CA GLN Q 37 -16.08 -49.36 -52.40
C GLN Q 37 -16.91 -48.66 -53.47
N PRO Q 38 -16.27 -48.17 -54.53
CA PRO Q 38 -17.04 -47.57 -55.62
C PRO Q 38 -17.49 -48.63 -56.63
N VAL Q 39 -18.56 -48.33 -57.37
CA VAL Q 39 -19.04 -49.19 -58.40
C VAL Q 39 -18.22 -48.90 -59.67
N HIS Q 40 -17.97 -47.62 -59.95
CA HIS Q 40 -17.18 -47.22 -61.10
C HIS Q 40 -16.18 -46.12 -60.72
N VAL Q 41 -15.00 -46.21 -61.34
CA VAL Q 41 -14.09 -45.11 -61.36
C VAL Q 41 -13.62 -44.92 -62.79
N TRP Q 42 -13.71 -43.71 -63.29
CA TRP Q 42 -13.28 -43.46 -64.66
C TRP Q 42 -13.01 -41.97 -64.89
N ASP Q 43 -12.28 -41.67 -65.95
CA ASP Q 43 -11.97 -40.31 -66.18
C ASP Q 43 -12.00 -40.00 -67.66
N ASN Q 44 -11.80 -38.71 -67.84
CA ASN Q 44 -11.91 -37.89 -69.01
C ASN Q 44 -10.53 -37.49 -69.52
N TYR Q 45 -9.46 -37.93 -68.84
CA TYR Q 45 -8.19 -37.22 -68.88
C TYR Q 45 -8.14 -35.78 -68.32
N ARG Q 46 -9.26 -35.26 -67.80
CA ARG Q 46 -9.30 -33.99 -67.08
C ARG Q 46 -9.88 -34.17 -65.65
N PHE Q 47 -11.11 -34.69 -65.53
CA PHE Q 47 -11.79 -34.86 -64.27
C PHE Q 47 -11.91 -36.38 -63.99
N THR Q 48 -12.15 -36.78 -62.77
CA THR Q 48 -12.24 -38.19 -62.47
C THR Q 48 -13.52 -38.49 -61.74
N ARG Q 49 -14.24 -39.53 -62.16
CA ARG Q 49 -15.51 -39.83 -61.50
C ARG Q 49 -15.38 -41.04 -60.61
N PHE Q 50 -15.90 -40.92 -59.39
CA PHE Q 50 -16.03 -42.01 -58.45
C PHE Q 50 -17.48 -42.26 -58.27
N GLU Q 51 -17.97 -43.42 -58.67
CA GLU Q 51 -19.43 -43.66 -58.60
C GLU Q 51 -19.76 -44.69 -57.54
N PHE Q 52 -20.74 -44.39 -56.68
CA PHE Q 52 -21.11 -45.25 -55.55
C PHE Q 52 -22.55 -45.70 -55.73
N PRO Q 53 -22.98 -46.77 -55.03
CA PRO Q 53 -24.36 -47.17 -55.17
C PRO Q 53 -25.28 -46.00 -54.85
N ALA Q 54 -26.41 -45.93 -55.56
CA ALA Q 54 -27.40 -44.83 -55.45
C ALA Q 54 -27.71 -44.37 -54.06
N ASN Q 55 -27.90 -45.29 -53.11
CA ASN Q 55 -28.30 -44.91 -51.73
C ASN Q 55 -27.17 -45.10 -50.73
N ALA Q 56 -25.96 -45.36 -51.18
CA ALA Q 56 -24.90 -45.58 -50.21
C ALA Q 56 -24.47 -44.23 -49.63
N GLU Q 57 -23.93 -44.28 -48.43
CA GLU Q 57 -23.30 -43.13 -47.85
C GLU Q 57 -22.10 -42.71 -48.71
N LEU Q 58 -21.90 -41.41 -48.91
CA LEU Q 58 -20.77 -40.91 -49.68
C LEU Q 58 -19.53 -40.88 -48.81
N PRO Q 59 -18.48 -41.60 -49.23
CA PRO Q 59 -17.25 -41.49 -48.53
C PRO Q 59 -16.49 -40.34 -49.12
N GLN Q 60 -15.25 -40.13 -48.68
CA GLN Q 60 -14.53 -38.93 -49.08
C GLN Q 60 -13.35 -39.40 -49.95
N VAL Q 61 -12.86 -38.60 -50.88
CA VAL Q 61 -11.76 -39.09 -51.75
C VAL Q 61 -10.53 -38.19 -51.77
N TYR Q 62 -9.35 -38.81 -51.74
CA TYR Q 62 -8.08 -38.08 -51.68
C TYR Q 62 -7.20 -38.49 -52.86
N MSE Q 63 -6.39 -37.58 -53.36
CA MSE Q 63 -5.48 -37.96 -54.42
C MSE Q 63 -4.01 -38.12 -53.94
O MSE Q 63 -3.60 -37.48 -52.94
CB MSE Q 63 -5.59 -37.02 -55.60
CG MSE Q 63 -4.75 -35.83 -55.46
SE MSE Q 63 -4.80 -34.69 -57.05
CE MSE Q 63 -2.94 -34.17 -57.03
N ILE Q 64 -3.24 -38.95 -54.62
CA ILE Q 64 -1.80 -38.90 -54.43
C ILE Q 64 -1.21 -37.91 -55.42
N SER Q 65 -0.67 -36.82 -54.91
CA SER Q 65 -0.19 -35.77 -55.78
C SER Q 65 1.19 -36.11 -56.43
N ALA Q 66 1.56 -35.31 -57.42
CA ALA Q 66 2.88 -35.38 -57.97
C ALA Q 66 4.00 -35.33 -56.88
N SER Q 67 3.68 -34.71 -55.74
CA SER Q 67 4.68 -34.51 -54.68
C SER Q 67 4.90 -35.75 -53.84
N GLY Q 68 4.06 -36.77 -54.05
CA GLY Q 68 4.13 -38.00 -53.24
C GLY Q 68 3.16 -38.03 -52.07
N LYS Q 69 2.57 -36.88 -51.73
CA LYS Q 69 1.67 -36.78 -50.56
C LYS Q 69 0.21 -37.00 -50.85
N GLU Q 70 -0.50 -37.70 -49.96
CA GLU Q 70 -1.95 -37.79 -50.09
C GLU Q 70 -2.48 -36.36 -49.96
N THR Q 71 -3.41 -35.94 -50.82
CA THR Q 71 -3.81 -34.55 -50.85
C THR Q 71 -5.29 -34.39 -50.97
N LEU Q 72 -5.87 -33.35 -50.38
CA LEU Q 72 -7.31 -33.10 -50.52
C LEU Q 72 -7.60 -32.33 -51.84
N PRO Q 73 -8.30 -32.92 -52.81
CA PRO Q 73 -8.62 -32.18 -54.05
C PRO Q 73 -9.94 -31.42 -53.93
N ASN Q 74 -10.34 -30.75 -55.00
CA ASN Q 74 -11.69 -30.22 -55.12
C ASN Q 74 -12.58 -31.14 -55.98
N SER Q 75 -13.90 -31.16 -55.70
CA SER Q 75 -14.80 -32.05 -56.36
C SER Q 75 -16.21 -31.68 -56.07
N HIS Q 76 -17.14 -32.09 -56.93
CA HIS Q 76 -18.57 -31.75 -56.77
C HIS Q 76 -19.32 -33.07 -57.02
N VAL Q 77 -20.55 -33.23 -56.52
CA VAL Q 77 -21.30 -34.42 -56.93
C VAL Q 77 -22.23 -34.27 -58.16
N VAL Q 78 -22.29 -35.28 -59.00
CA VAL Q 78 -23.17 -35.26 -60.13
C VAL Q 78 -24.13 -36.44 -60.05
N GLY Q 79 -25.17 -36.40 -60.88
CA GLY Q 79 -26.20 -37.45 -60.81
C GLY Q 79 -27.45 -37.09 -60.02
N GLU Q 80 -28.57 -37.63 -60.48
CA GLU Q 80 -29.87 -37.58 -59.81
C GLU Q 80 -29.82 -38.16 -58.41
N ASN Q 81 -28.88 -39.07 -58.17
CA ASN Q 81 -28.83 -39.73 -56.88
C ASN Q 81 -27.69 -39.20 -56.04
N ARG Q 82 -26.97 -38.18 -56.54
CA ARG Q 82 -25.92 -37.55 -55.74
C ARG Q 82 -24.88 -38.60 -55.31
N ASN Q 83 -24.58 -39.55 -56.19
CA ASN Q 83 -23.75 -40.66 -55.82
C ASN Q 83 -22.45 -40.77 -56.59
N ILE Q 84 -22.14 -39.73 -57.36
CA ILE Q 84 -20.97 -39.69 -58.17
C ILE Q 84 -20.15 -38.47 -57.75
N ILE Q 85 -18.89 -38.70 -57.39
CA ILE Q 85 -18.05 -37.59 -57.01
C ILE Q 85 -17.19 -37.35 -58.25
N GLU Q 86 -17.31 -36.15 -58.81
CA GLU Q 86 -16.50 -35.77 -59.95
C GLU Q 86 -15.40 -34.86 -59.47
N VAL Q 87 -14.17 -35.40 -59.42
CA VAL Q 87 -13.04 -34.69 -58.86
C VAL Q 87 -12.49 -33.85 -59.97
N GLU Q 88 -12.11 -32.62 -59.65
CA GLU Q 88 -11.76 -31.65 -60.68
C GLU Q 88 -10.31 -31.78 -61.19
N THR Q 89 -9.87 -33.03 -61.31
CA THR Q 89 -8.48 -33.29 -61.50
C THR Q 89 -8.24 -34.76 -61.84
N VAL Q 90 -7.02 -35.08 -62.28
CA VAL Q 90 -6.79 -36.45 -62.71
C VAL Q 90 -5.52 -36.91 -61.99
N ALA Q 91 -5.30 -38.20 -61.77
CA ALA Q 91 -4.12 -38.60 -61.02
C ALA Q 91 -3.76 -40.07 -61.14
N LYS Q 92 -2.52 -40.41 -60.80
CA LYS Q 92 -2.06 -41.79 -60.85
C LYS Q 92 -2.74 -42.63 -59.78
N GLU Q 93 -2.97 -42.05 -58.61
CA GLU Q 93 -3.43 -42.85 -57.48
C GLU Q 93 -4.33 -42.14 -56.49
N TRP Q 94 -5.19 -42.91 -55.81
CA TRP Q 94 -6.28 -42.27 -55.02
C TRP Q 94 -6.55 -43.05 -53.75
N ARG Q 95 -7.19 -42.37 -52.78
CA ARG Q 95 -7.68 -43.04 -51.59
C ARG Q 95 -9.11 -42.64 -51.41
N ILE Q 96 -9.93 -43.60 -51.03
CA ILE Q 96 -11.32 -43.39 -50.69
C ILE Q 96 -11.39 -43.66 -49.20
N ARG Q 97 -11.90 -42.72 -48.43
CA ARG Q 97 -11.91 -42.84 -46.96
C ARG Q 97 -13.23 -42.44 -46.35
N LEU Q 98 -13.67 -43.22 -45.37
CA LEU Q 98 -14.69 -42.79 -44.38
C LEU Q 98 -14.38 -43.41 -43.03
N GLY Q 99 -14.19 -42.62 -42.00
CA GLY Q 99 -13.86 -43.21 -40.69
C GLY Q 99 -12.56 -43.95 -40.94
N ASP Q 100 -12.42 -45.14 -40.37
CA ASP Q 100 -11.21 -45.92 -40.55
C ASP Q 100 -11.25 -46.87 -41.71
N LYS Q 101 -12.20 -46.67 -42.62
CA LYS Q 101 -12.25 -47.46 -43.84
C LYS Q 101 -11.45 -46.76 -44.92
N VAL Q 102 -10.70 -47.54 -45.70
CA VAL Q 102 -9.94 -46.98 -46.80
C VAL Q 102 -10.00 -47.96 -47.97
N VAL Q 103 -10.10 -47.43 -49.19
CA VAL Q 103 -9.91 -48.19 -50.38
C VAL Q 103 -8.88 -47.47 -51.24
N GLY Q 104 -7.81 -48.21 -51.65
CA GLY Q 104 -6.77 -47.71 -52.60
C GLY Q 104 -7.34 -47.83 -53.99
N VAL Q 105 -7.17 -46.81 -54.83
CA VAL Q 105 -7.64 -46.89 -56.24
C VAL Q 105 -6.56 -46.35 -57.16
N ARG Q 106 -6.13 -47.19 -58.10
CA ARG Q 106 -5.01 -46.85 -58.91
C ARG Q 106 -5.40 -46.68 -60.37
N ASN Q 107 -4.82 -45.66 -61.01
CA ASN Q 107 -5.15 -45.38 -62.38
C ASN Q 107 -4.05 -45.96 -63.27
N ASN Q 108 -4.36 -47.03 -64.00
CA ASN Q 108 -3.44 -47.71 -64.86
C ASN Q 108 -3.21 -47.07 -66.22
N ASN Q 109 -3.78 -45.91 -66.45
CA ASN Q 109 -3.45 -45.16 -67.67
C ASN Q 109 -3.44 -43.65 -67.40
N PHE Q 110 -2.60 -43.24 -66.45
CA PHE Q 110 -2.48 -41.83 -66.14
C PHE Q 110 -1.60 -41.25 -67.23
N ALA Q 111 -2.14 -40.27 -67.95
CA ALA Q 111 -1.41 -39.69 -69.08
C ALA Q 111 -1.55 -38.19 -69.09
N PRO Q 112 -0.91 -37.51 -68.12
CA PRO Q 112 -1.05 -36.06 -68.03
C PRO Q 112 -0.52 -35.61 -69.35
N GLY Q 113 -0.93 -34.51 -69.90
CA GLY Q 113 -0.40 -34.42 -71.28
C GLY Q 113 -1.42 -34.81 -72.31
N ARG Q 114 -2.20 -35.85 -72.06
CA ARG Q 114 -3.39 -36.01 -72.88
C ARG Q 114 -4.58 -35.24 -72.31
N GLY Q 115 -5.50 -34.86 -73.19
CA GLY Q 115 -6.83 -34.49 -72.75
C GLY Q 115 -7.03 -33.08 -72.28
N ALA Q 116 -6.03 -32.23 -72.36
CA ALA Q 116 -6.25 -30.86 -71.89
C ALA Q 116 -7.28 -30.16 -72.79
N VAL Q 117 -8.05 -29.21 -72.27
CA VAL Q 117 -8.77 -28.32 -73.16
C VAL Q 117 -8.32 -26.92 -72.79
N ALA Q 118 -8.27 -26.00 -73.73
CA ALA Q 118 -7.68 -24.71 -73.48
C ALA Q 118 -8.77 -23.68 -73.54
N THR Q 119 -9.90 -24.03 -72.96
CA THR Q 119 -11.11 -23.31 -73.17
C THR Q 119 -11.43 -22.36 -72.04
N GLY Q 120 -10.87 -22.66 -70.87
CA GLY Q 120 -11.16 -21.93 -69.63
C GLY Q 120 -12.36 -22.46 -68.86
N THR Q 121 -12.97 -23.54 -69.36
CA THR Q 121 -14.04 -24.20 -68.65
C THR Q 121 -13.84 -25.72 -68.66
N ALA Q 122 -14.70 -26.47 -68.00
CA ALA Q 122 -14.60 -27.91 -68.10
C ALA Q 122 -14.97 -28.40 -69.51
N SER Q 123 -15.49 -27.56 -70.39
CA SER Q 123 -16.05 -28.07 -71.62
C SER Q 123 -15.21 -27.65 -72.82
N PRO Q 124 -15.14 -28.49 -73.85
CA PRO Q 124 -14.53 -28.08 -75.11
C PRO Q 124 -15.39 -27.06 -75.86
N ASP Q 125 -16.65 -26.88 -75.46
CA ASP Q 125 -17.60 -26.10 -76.24
C ASP Q 125 -17.97 -24.80 -75.60
N VAL Q 126 -17.61 -24.60 -74.34
CA VAL Q 126 -17.86 -23.29 -73.71
C VAL Q 126 -16.53 -22.66 -73.30
N ARG Q 127 -16.39 -21.35 -73.49
CA ARG Q 127 -15.09 -20.78 -73.18
C ARG Q 127 -15.17 -19.62 -72.21
N ARG Q 128 -14.14 -19.51 -71.35
CA ARG Q 128 -14.07 -18.40 -70.39
C ARG Q 128 -13.54 -17.16 -71.11
N VAL Q 129 -14.18 -16.03 -70.94
CA VAL Q 129 -13.77 -14.83 -71.65
C VAL Q 129 -13.53 -13.75 -70.63
N GLN Q 130 -12.42 -13.03 -70.77
CA GLN Q 130 -12.12 -11.98 -69.85
C GLN Q 130 -12.89 -10.72 -70.28
N ILE Q 131 -13.83 -10.25 -69.46
CA ILE Q 131 -14.44 -8.97 -69.71
C ILE Q 131 -13.44 -7.84 -69.38
N GLY R 4 2.87 -41.29 -30.85
CA GLY R 4 2.36 -39.97 -31.39
C GLY R 4 1.15 -40.20 -32.28
N HIS R 5 0.65 -39.12 -32.96
CA HIS R 5 -0.53 -39.18 -33.83
C HIS R 5 -0.33 -40.27 -34.88
N LYS R 6 -1.24 -41.23 -34.91
CA LYS R 6 -1.12 -42.29 -35.90
C LYS R 6 -1.99 -41.94 -37.13
N PRO R 7 -1.44 -42.08 -38.34
CA PRO R 7 -2.13 -41.68 -39.58
C PRO R 7 -3.20 -42.65 -39.93
N PRO R 8 -4.13 -42.28 -40.82
CA PRO R 8 -5.21 -43.19 -41.16
C PRO R 8 -4.73 -44.47 -41.87
N PRO R 9 -5.53 -45.54 -41.88
CA PRO R 9 -5.10 -46.79 -42.51
C PRO R 9 -4.72 -46.66 -43.97
N GLU R 10 -3.83 -47.52 -44.44
CA GLU R 10 -3.44 -47.59 -45.85
C GLU R 10 -4.05 -48.85 -46.41
N PRO R 11 -4.37 -48.86 -47.68
CA PRO R 11 -5.03 -50.07 -48.18
C PRO R 11 -4.09 -51.25 -48.17
N ASP R 12 -4.63 -52.45 -48.11
CA ASP R 12 -3.81 -53.63 -48.36
C ASP R 12 -4.05 -54.09 -49.81
N TRP R 13 -2.99 -54.13 -50.63
CA TRP R 13 -3.19 -54.45 -52.04
C TRP R 13 -3.04 -55.93 -52.42
N SER R 14 -2.73 -56.77 -51.43
CA SER R 14 -2.54 -58.20 -51.69
C SER R 14 -3.48 -58.71 -52.76
N ASN R 15 -4.73 -58.31 -52.68
CA ASN R 15 -5.70 -58.64 -53.69
C ASN R 15 -6.20 -57.34 -54.30
N THR R 16 -5.78 -57.12 -55.56
CA THR R 16 -6.09 -55.95 -56.32
C THR R 16 -6.95 -56.43 -57.46
N VAL R 17 -7.88 -55.62 -57.93
CA VAL R 17 -9.04 -56.11 -58.63
C VAL R 17 -9.57 -54.96 -59.51
N PRO R 18 -10.11 -55.26 -60.69
CA PRO R 18 -10.55 -54.13 -61.46
C PRO R 18 -11.77 -53.47 -60.83
N VAL R 19 -11.92 -52.18 -61.04
CA VAL R 19 -13.01 -51.43 -60.47
C VAL R 19 -14.23 -51.66 -61.35
N ASN R 20 -14.09 -51.56 -62.64
CA ASN R 20 -15.27 -51.56 -63.49
C ASN R 20 -15.66 -52.94 -63.97
N LYS R 21 -16.59 -53.57 -63.27
CA LYS R 21 -17.12 -54.85 -63.73
C LYS R 21 -17.95 -54.64 -65.01
N THR R 22 -18.44 -53.42 -65.20
CA THR R 22 -19.16 -53.03 -66.40
C THR R 22 -18.75 -51.62 -66.77
N ILE R 23 -19.04 -51.18 -67.98
CA ILE R 23 -18.60 -49.88 -68.45
C ILE R 23 -19.62 -48.84 -67.99
N PRO R 24 -19.16 -47.81 -67.30
CA PRO R 24 -20.11 -46.78 -66.88
C PRO R 24 -20.63 -45.95 -68.05
N VAL R 25 -21.74 -45.25 -67.84
CA VAL R 25 -22.24 -44.30 -68.84
C VAL R 25 -22.41 -42.88 -68.28
N ASP R 26 -22.10 -41.86 -69.08
CA ASP R 26 -22.32 -40.48 -68.67
C ASP R 26 -23.71 -40.07 -69.14
N THR R 27 -24.62 -39.90 -68.20
CA THR R 27 -25.99 -39.57 -68.54
C THR R 27 -26.16 -38.06 -68.81
N GLU S 12 -31.27 -11.89 -17.05
CA GLU S 12 -31.41 -13.25 -16.46
C GLU S 12 -31.80 -14.39 -17.42
N THR S 13 -31.09 -14.51 -18.53
CA THR S 13 -31.08 -15.77 -19.23
C THR S 13 -29.84 -16.52 -18.74
N SER S 14 -29.85 -17.84 -18.84
CA SER S 14 -28.72 -18.65 -18.38
C SER S 14 -27.38 -18.27 -18.98
N GLU S 15 -26.38 -18.14 -18.12
CA GLU S 15 -25.03 -17.84 -18.54
C GLU S 15 -24.39 -18.91 -19.42
N GLY S 16 -24.51 -20.17 -19.01
CA GLY S 16 -24.10 -21.28 -19.81
C GLY S 16 -24.75 -21.22 -21.19
N SER S 17 -26.05 -21.03 -21.22
CA SER S 17 -26.77 -20.94 -22.47
C SER S 17 -26.22 -19.80 -23.33
N SER S 18 -25.99 -18.62 -22.73
CA SER S 18 -25.49 -17.49 -23.51
C SER S 18 -24.11 -17.73 -24.04
N ALA S 19 -23.23 -18.24 -23.18
CA ALA S 19 -21.90 -18.56 -23.64
C ALA S 19 -22.00 -19.50 -24.87
N LEU S 20 -22.89 -20.49 -24.80
CA LEU S 20 -22.96 -21.43 -25.91
C LEU S 20 -23.50 -20.69 -27.13
N ALA S 21 -24.49 -19.82 -26.97
CA ALA S 21 -25.13 -19.20 -28.13
C ALA S 21 -24.08 -18.34 -28.78
N LYS S 22 -23.27 -17.68 -27.96
CA LYS S 22 -22.22 -16.82 -28.48
C LYS S 22 -21.21 -17.65 -29.24
N ASN S 23 -20.93 -18.83 -28.76
CA ASN S 23 -19.90 -19.60 -29.47
C ASN S 23 -20.44 -20.17 -30.75
N LEU S 24 -21.76 -20.14 -30.94
CA LEU S 24 -22.32 -20.60 -32.22
C LEU S 24 -22.55 -19.44 -33.22
N THR S 25 -22.09 -18.24 -32.87
CA THR S 25 -22.29 -17.08 -33.71
C THR S 25 -20.97 -16.67 -34.31
N PRO S 26 -20.70 -17.06 -35.56
CA PRO S 26 -19.43 -16.75 -36.17
C PRO S 26 -19.31 -15.30 -36.61
N ALA S 27 -18.07 -14.84 -36.77
CA ALA S 27 -17.80 -13.59 -37.38
C ALA S 27 -17.96 -13.81 -38.90
N ARG S 28 -18.96 -13.28 -39.57
CA ARG S 28 -19.02 -13.52 -41.04
C ARG S 28 -17.93 -12.82 -41.84
N LEU S 29 -17.20 -13.56 -42.64
CA LEU S 29 -16.17 -12.99 -43.49
C LEU S 29 -16.83 -12.45 -44.75
N LYS S 30 -16.37 -11.31 -45.24
CA LYS S 30 -16.84 -10.70 -46.45
C LYS S 30 -16.27 -11.44 -47.64
N ALA S 31 -17.13 -11.73 -48.64
CA ALA S 31 -16.71 -12.24 -49.95
C ALA S 31 -15.76 -11.23 -50.54
N SER S 32 -14.98 -11.66 -51.52
CA SER S 32 -14.01 -10.78 -52.13
C SER S 32 -14.13 -10.77 -53.68
N ARG S 33 -14.02 -9.59 -54.31
CA ARG S 33 -14.17 -9.52 -55.76
C ARG S 33 -12.87 -9.51 -56.49
N ALA S 34 -12.67 -10.42 -57.43
CA ALA S 34 -11.51 -10.35 -58.31
C ALA S 34 -11.56 -9.08 -59.16
N GLY S 35 -10.40 -8.56 -59.51
CA GLY S 35 -10.26 -7.47 -60.44
C GLY S 35 -9.14 -7.77 -61.40
N VAL S 36 -8.63 -6.74 -62.06
CA VAL S 36 -7.46 -6.95 -62.90
C VAL S 36 -6.39 -5.90 -62.71
N MSE S 37 -5.15 -6.32 -62.78
CA MSE S 37 -4.07 -5.41 -62.60
C MSE S 37 -3.96 -4.41 -63.79
O MSE S 37 -3.96 -4.79 -64.94
CB MSE S 37 -2.80 -6.20 -62.33
CG MSE S 37 -1.65 -5.31 -62.10
SE MSE S 37 -0.03 -6.19 -61.55
CE MSE S 37 -0.56 -6.48 -59.68
N ALA S 38 -3.85 -3.13 -63.48
CA ALA S 38 -3.81 -2.07 -64.50
C ALA S 38 -2.67 -2.09 -65.53
N ASN S 39 -1.42 -2.15 -65.11
CA ASN S 39 -0.33 -2.02 -66.08
C ASN S 39 0.67 -3.14 -65.92
N PRO S 40 0.23 -4.38 -66.19
CA PRO S 40 1.11 -5.51 -65.87
C PRO S 40 2.49 -5.46 -66.55
N SER S 41 2.61 -4.84 -67.71
CA SER S 41 3.91 -4.76 -68.35
C SER S 41 4.76 -3.68 -67.73
N LEU S 42 4.20 -2.85 -66.87
CA LEU S 42 4.98 -1.72 -66.34
C LEU S 42 5.00 -1.68 -64.82
N THR S 43 4.75 -2.84 -64.21
CA THR S 43 4.64 -3.03 -62.77
C THR S 43 5.52 -4.21 -62.32
N VAL S 44 6.32 -4.01 -61.27
CA VAL S 44 6.91 -5.15 -60.59
C VAL S 44 5.96 -5.51 -59.43
N PRO S 45 5.27 -6.66 -59.48
CA PRO S 45 4.24 -6.90 -58.43
C PRO S 45 4.77 -7.62 -57.18
N LYS S 46 3.99 -7.57 -56.10
CA LYS S 46 4.32 -8.21 -54.85
C LYS S 46 4.82 -9.61 -55.11
N GLY S 47 5.87 -10.03 -54.39
CA GLY S 47 6.25 -11.42 -54.40
C GLY S 47 7.39 -11.70 -55.31
N LYS S 48 7.68 -10.82 -56.24
CA LYS S 48 8.86 -11.06 -57.06
C LYS S 48 10.12 -10.84 -56.22
N MSE S 49 11.23 -11.47 -56.63
CA MSE S 49 12.47 -11.36 -55.87
C MSE S 49 13.45 -10.47 -56.62
O MSE S 49 13.56 -10.56 -57.87
CB MSE S 49 13.09 -12.73 -55.65
CG MSE S 49 12.16 -13.77 -55.04
SE MSE S 49 11.49 -13.26 -53.27
CE MSE S 49 13.25 -13.06 -52.42
N ILE S 50 14.15 -9.60 -55.89
CA ILE S 50 15.22 -8.80 -56.47
C ILE S 50 16.53 -9.38 -55.93
N PRO S 51 17.26 -10.16 -56.73
CA PRO S 51 18.56 -10.66 -56.24
C PRO S 51 19.56 -9.55 -56.15
N CYS S 52 20.33 -9.51 -55.08
CA CYS S 52 21.16 -8.37 -54.73
C CYS S 52 22.52 -8.91 -54.24
N GLY S 53 23.57 -8.11 -54.37
CA GLY S 53 24.86 -8.34 -53.72
C GLY S 53 25.22 -7.18 -52.80
N THR S 54 25.53 -7.51 -51.55
CA THR S 54 25.62 -6.44 -50.58
C THR S 54 26.88 -5.65 -50.93
N GLY S 55 26.79 -4.34 -50.87
CA GLY S 55 27.98 -3.51 -50.94
C GLY S 55 28.62 -3.43 -49.57
N THR S 56 27.88 -2.82 -48.62
CA THR S 56 28.40 -2.67 -47.25
C THR S 56 28.43 -3.99 -46.51
N GLU S 57 29.53 -4.22 -45.80
CA GLU S 57 29.57 -5.20 -44.74
C GLU S 57 28.45 -4.86 -43.75
N LEU S 58 28.09 -5.79 -42.86
CA LEU S 58 26.98 -5.58 -41.95
C LEU S 58 27.37 -6.07 -40.57
N ASP S 59 27.06 -5.27 -39.57
CA ASP S 59 27.36 -5.65 -38.20
C ASP S 59 26.28 -5.06 -37.28
N THR S 60 25.42 -5.88 -36.71
CA THR S 60 24.31 -5.37 -35.95
C THR S 60 24.70 -4.80 -34.60
N THR S 61 25.97 -4.59 -34.28
CA THR S 61 26.30 -3.91 -32.98
C THR S 61 25.70 -2.53 -32.84
N VAL S 62 25.77 -1.69 -33.89
CA VAL S 62 25.21 -0.33 -33.84
C VAL S 62 24.21 -0.16 -34.99
N PRO S 63 23.00 0.38 -34.73
CA PRO S 63 21.99 0.37 -35.79
C PRO S 63 22.50 1.29 -36.86
N GLY S 64 22.27 1.02 -38.16
CA GLY S 64 22.71 1.86 -39.23
C GLY S 64 22.17 1.41 -40.57
N GLN S 65 22.97 1.66 -41.61
CA GLN S 65 22.49 1.53 -42.99
C GLN S 65 23.23 0.44 -43.71
N VAL S 66 22.66 -0.06 -44.82
CA VAL S 66 23.22 -1.08 -45.68
C VAL S 66 22.95 -0.66 -47.12
N SER S 67 23.79 -1.14 -48.04
CA SER S 67 23.51 -1.05 -49.46
C SER S 67 23.65 -2.38 -50.17
N CYS S 68 23.01 -2.54 -51.30
CA CYS S 68 23.31 -3.65 -52.19
C CYS S 68 23.11 -3.18 -53.64
N ARG S 69 23.65 -3.92 -54.60
CA ARG S 69 23.47 -3.58 -55.98
C ARG S 69 22.75 -4.73 -56.64
N VAL S 70 21.65 -4.45 -57.35
CA VAL S 70 20.87 -5.47 -58.01
C VAL S 70 21.77 -6.31 -58.91
N SER S 71 21.63 -7.60 -58.80
CA SER S 71 22.51 -8.53 -59.39
C SER S 71 22.11 -8.95 -60.80
N GLN S 72 20.83 -8.89 -61.08
CA GLN S 72 20.31 -9.38 -62.34
C GLN S 72 19.03 -8.59 -62.60
N ASP S 73 18.58 -8.51 -63.84
CA ASP S 73 17.41 -7.70 -64.17
C ASP S 73 16.18 -8.31 -63.59
N VAL S 74 15.24 -7.45 -63.20
CA VAL S 74 13.93 -7.89 -62.83
C VAL S 74 12.86 -7.31 -63.78
N TYR S 75 12.05 -8.23 -64.30
CA TYR S 75 11.01 -7.96 -65.28
C TYR S 75 9.65 -7.71 -64.62
N SER S 76 8.75 -7.14 -65.45
CA SER S 76 7.40 -6.77 -65.07
C SER S 76 6.53 -7.98 -64.72
N ALA S 77 5.32 -7.70 -64.28
CA ALA S 77 4.40 -8.73 -63.87
C ALA S 77 4.23 -9.83 -64.89
N ASP S 78 4.31 -9.52 -66.18
CA ASP S 78 4.07 -10.54 -67.22
C ASP S 78 5.36 -11.10 -67.78
N GLY S 79 6.50 -10.57 -67.33
CA GLY S 79 7.81 -11.09 -67.69
C GLY S 79 8.37 -10.41 -68.93
N LEU S 80 7.62 -9.45 -69.49
CA LEU S 80 7.96 -8.97 -70.82
C LEU S 80 8.82 -7.70 -70.82
N VAL S 81 8.77 -6.89 -69.76
CA VAL S 81 9.50 -5.63 -69.74
C VAL S 81 10.51 -5.60 -68.60
N ARG S 82 11.74 -5.21 -68.91
CA ARG S 82 12.79 -5.06 -67.90
C ARG S 82 12.55 -3.77 -67.13
N LEU S 83 12.40 -3.85 -65.80
CA LEU S 83 11.99 -2.69 -64.98
C LEU S 83 13.02 -2.32 -63.91
N ILE S 84 13.49 -3.32 -63.17
CA ILE S 84 14.53 -3.07 -62.18
C ILE S 84 15.81 -3.55 -62.80
N ASP S 85 16.68 -2.61 -63.12
CA ASP S 85 17.84 -2.93 -63.94
C ASP S 85 19.03 -3.43 -63.13
N LYS S 86 19.59 -4.55 -63.54
CA LYS S 86 20.89 -5.03 -63.08
C LYS S 86 21.81 -3.84 -62.94
N GLY S 87 22.48 -3.74 -61.79
CA GLY S 87 23.40 -2.66 -61.56
C GLY S 87 22.82 -1.59 -60.69
N SER S 88 21.51 -1.61 -60.46
CA SER S 88 20.91 -0.54 -59.66
C SER S 88 21.39 -0.63 -58.22
N TRP S 89 21.44 0.50 -57.53
CA TRP S 89 21.88 0.51 -56.12
C TRP S 89 20.64 0.57 -55.26
N VAL S 90 20.65 -0.17 -54.14
CA VAL S 90 19.55 -0.15 -53.21
C VAL S 90 20.13 0.29 -51.87
N ASP S 91 19.48 1.25 -51.20
CA ASP S 91 19.92 1.67 -49.88
C ASP S 91 18.89 1.18 -48.87
N GLY S 92 19.35 0.72 -47.69
CA GLY S 92 18.42 0.18 -46.69
C GLY S 92 19.01 0.34 -45.29
N GLN S 93 18.30 -0.14 -44.28
CA GLN S 93 18.67 0.13 -42.94
C GLN S 93 18.52 -1.11 -42.10
N ILE S 94 19.38 -1.25 -41.10
CA ILE S 94 19.27 -2.34 -40.14
C ILE S 94 19.23 -1.60 -38.83
N THR S 95 18.07 -1.50 -38.19
CA THR S 95 17.93 -0.56 -37.09
C THR S 95 17.77 -1.24 -35.71
N GLY S 96 17.81 -2.57 -35.69
CA GLY S 96 17.83 -3.26 -34.44
C GLY S 96 18.78 -4.43 -34.49
N GLY S 97 18.88 -5.20 -33.44
CA GLY S 97 19.87 -6.27 -33.51
C GLY S 97 19.27 -7.64 -33.48
N ILE S 98 20.04 -8.62 -33.06
CA ILE S 98 19.57 -10.00 -32.87
C ILE S 98 19.50 -10.36 -31.38
N LYS S 99 18.74 -11.38 -31.10
CA LYS S 99 18.56 -11.95 -29.77
C LYS S 99 19.16 -13.37 -29.77
N ASP S 100 19.47 -13.92 -28.61
CA ASP S 100 20.05 -15.28 -28.54
C ASP S 100 19.03 -16.21 -29.16
N GLY S 101 19.44 -17.21 -29.92
CA GLY S 101 18.52 -18.06 -30.65
C GLY S 101 18.20 -17.53 -32.05
N GLN S 102 18.91 -16.50 -32.52
CA GLN S 102 18.71 -15.96 -33.87
C GLN S 102 20.02 -15.83 -34.61
N ALA S 103 20.03 -16.10 -35.91
CA ALA S 103 21.26 -16.01 -36.69
C ALA S 103 20.99 -15.23 -37.95
N ARG S 104 19.94 -14.43 -37.92
CA ARG S 104 19.63 -13.58 -39.05
C ARG S 104 18.83 -12.39 -38.57
N VAL S 105 18.85 -11.30 -39.34
CA VAL S 105 18.32 -10.01 -38.91
C VAL S 105 17.38 -9.29 -39.93
N PHE S 106 16.31 -8.69 -39.43
CA PHE S 106 15.41 -7.94 -40.25
C PHE S 106 16.15 -6.79 -40.96
N VAL S 107 15.90 -6.62 -42.25
CA VAL S 107 16.56 -5.56 -43.04
C VAL S 107 15.49 -4.77 -43.85
N LEU S 108 15.42 -3.46 -43.66
CA LEU S 108 14.41 -2.70 -44.47
C LEU S 108 15.07 -2.07 -45.69
N TRP S 109 14.78 -2.60 -46.89
CA TRP S 109 15.34 -1.99 -48.08
C TRP S 109 14.44 -0.86 -48.56
N GLU S 110 15.00 0.34 -48.74
CA GLU S 110 14.18 1.46 -48.93
C GLU S 110 14.00 1.84 -50.40
N ARG S 111 15.09 2.19 -51.08
CA ARG S 111 14.93 2.76 -52.42
C ARG S 111 15.87 2.06 -53.39
N ILE S 112 15.39 1.92 -54.63
CA ILE S 112 16.22 1.42 -55.71
C ILE S 112 16.51 2.66 -56.54
N ARG S 113 17.76 2.81 -56.97
CA ARG S 113 18.21 3.91 -57.79
C ARG S 113 19.02 3.33 -58.93
N ASN S 114 18.55 3.63 -60.14
CA ASN S 114 19.21 3.18 -61.37
C ASN S 114 20.25 4.25 -61.71
N ASP S 115 21.52 3.90 -61.74
CA ASP S 115 22.48 4.98 -61.89
C ASP S 115 22.75 5.31 -63.36
N GLN S 116 22.18 4.56 -64.28
CA GLN S 116 22.32 4.87 -65.70
C GLN S 116 21.33 5.95 -66.07
N ASP S 117 20.19 5.93 -65.39
CA ASP S 117 18.91 6.41 -65.86
C ASP S 117 18.25 7.45 -65.00
N GLY S 118 18.55 7.36 -63.69
CA GLY S 118 17.92 8.15 -62.65
C GLY S 118 16.59 7.69 -62.10
N THR S 119 16.08 6.55 -62.57
CA THR S 119 14.81 6.02 -62.04
C THR S 119 15.04 5.61 -60.57
N ILE S 120 14.13 6.08 -59.72
CA ILE S 120 14.15 5.80 -58.32
C ILE S 120 12.78 5.29 -57.93
N VAL S 121 12.74 4.31 -57.05
CA VAL S 121 11.46 3.88 -56.51
C VAL S 121 11.64 3.49 -55.05
N ASN S 122 10.76 3.92 -54.16
CA ASN S 122 10.78 3.50 -52.79
C ASN S 122 10.09 2.16 -52.70
N ILE S 123 10.85 1.09 -52.57
CA ILE S 123 10.27 -0.24 -52.48
C ILE S 123 9.84 -0.61 -51.05
N ASP S 124 10.41 0.08 -50.04
CA ASP S 124 10.13 -0.23 -48.62
C ASP S 124 9.76 -1.74 -48.43
N SER S 125 10.77 -2.61 -48.61
CA SER S 125 10.56 -4.05 -48.64
C SER S 125 11.64 -4.80 -47.80
N ALA S 126 11.35 -6.02 -47.41
CA ALA S 126 12.15 -6.70 -46.45
C ALA S 126 13.24 -7.52 -47.13
N GLY S 127 14.47 -7.43 -46.64
CA GLY S 127 15.52 -8.29 -47.19
C GLY S 127 15.37 -9.77 -46.84
N THR S 128 15.96 -10.66 -47.64
CA THR S 128 15.88 -12.09 -47.44
C THR S 128 17.17 -12.76 -47.88
N ASN S 129 17.33 -14.03 -47.58
CA ASN S 129 18.05 -15.03 -48.34
C ASN S 129 17.88 -14.95 -49.83
N SER S 130 18.78 -15.63 -50.51
CA SER S 130 18.59 -16.05 -51.84
C SER S 130 17.37 -16.91 -52.10
N LEU S 131 16.92 -17.67 -51.11
CA LEU S 131 15.73 -18.53 -51.31
C LEU S 131 14.44 -17.93 -50.69
N GLY S 132 14.45 -16.66 -50.29
CA GLY S 132 13.21 -15.91 -49.94
C GLY S 132 12.81 -15.83 -48.46
N SER S 133 13.53 -16.52 -47.58
CA SER S 133 13.09 -16.54 -46.22
C SER S 133 13.51 -15.23 -45.55
N ALA S 134 12.82 -14.81 -44.52
CA ALA S 134 12.97 -13.48 -43.95
C ALA S 134 14.34 -13.19 -43.25
N GLY S 135 14.89 -12.02 -43.55
CA GLY S 135 16.03 -11.49 -42.81
C GLY S 135 17.28 -11.95 -43.48
N ILE S 136 18.39 -11.22 -43.29
CA ILE S 136 19.68 -11.61 -43.90
C ILE S 136 20.45 -12.56 -42.94
N PRO S 137 20.76 -13.77 -43.38
CA PRO S 137 21.55 -14.62 -42.45
C PRO S 137 22.91 -14.05 -42.18
N GLY S 138 23.46 -14.31 -41.01
CA GLY S 138 24.81 -13.86 -40.70
C GLY S 138 25.51 -14.79 -39.73
N GLN S 139 26.64 -14.35 -39.22
CA GLN S 139 27.48 -15.12 -38.32
C GLN S 139 27.27 -14.48 -36.97
N VAL S 140 26.90 -15.27 -35.98
CA VAL S 140 26.61 -14.77 -34.66
C VAL S 140 27.86 -14.67 -33.74
N ASP S 141 28.06 -13.54 -33.08
CA ASP S 141 29.03 -13.46 -31.97
C ASP S 141 28.27 -13.35 -30.64
N ALA S 142 28.30 -14.43 -29.83
CA ALA S 142 27.51 -14.50 -28.60
C ALA S 142 28.07 -13.68 -27.46
N HIS S 143 29.26 -13.13 -27.63
CA HIS S 143 29.91 -12.37 -26.55
C HIS S 143 29.87 -13.07 -25.18
N MSE S 144 30.06 -14.40 -25.14
CA MSE S 144 30.06 -15.19 -23.87
C MSE S 144 31.04 -14.66 -22.82
O MSE S 144 30.69 -14.44 -21.69
CB MSE S 144 30.32 -16.68 -24.12
CG MSE S 144 29.24 -17.45 -24.89
SE MSE S 144 27.52 -17.31 -24.01
CE MSE S 144 27.89 -18.45 -22.44
N TRP S 145 32.29 -14.46 -23.22
CA TRP S 145 33.29 -14.00 -22.28
C TRP S 145 32.83 -12.72 -21.60
N GLU S 146 32.49 -11.69 -22.40
CA GLU S 146 32.06 -10.43 -21.82
C GLU S 146 30.79 -10.62 -21.02
N ARG S 147 29.97 -11.59 -21.39
CA ARG S 147 28.73 -11.82 -20.65
C ARG S 147 28.97 -12.64 -19.38
N LEU S 148 30.17 -13.21 -19.22
CA LEU S 148 30.47 -14.09 -18.09
C LEU S 148 31.58 -13.60 -17.18
N ARG S 149 32.48 -12.75 -17.67
CA ARG S 149 33.73 -12.47 -16.96
C ARG S 149 33.55 -11.90 -15.55
N GLY S 150 32.49 -11.13 -15.34
CA GLY S 150 32.27 -10.49 -14.05
C GLY S 150 32.14 -11.57 -13.02
N ALA S 151 31.06 -12.35 -13.14
CA ALA S 151 30.82 -13.50 -12.28
C ALA S 151 32.04 -14.43 -12.15
N ILE S 152 32.66 -14.78 -13.26
CA ILE S 152 33.83 -15.65 -13.22
C ILE S 152 34.89 -15.05 -12.29
N MSE S 153 35.32 -13.81 -12.58
CA MSE S 153 36.32 -13.12 -11.78
C MSE S 153 35.95 -13.08 -10.29
O MSE S 153 36.74 -13.49 -9.42
CB MSE S 153 36.48 -11.68 -12.29
CG MSE S 153 37.92 -11.34 -12.50
SE MSE S 153 38.46 -12.15 -14.17
CE MSE S 153 40.24 -12.82 -13.73
N ILE S 154 34.73 -12.61 -10.00
CA ILE S 154 34.26 -12.50 -8.63
C ILE S 154 34.33 -13.85 -7.92
N SER S 155 33.65 -14.86 -8.47
CA SER S 155 33.63 -16.18 -7.85
C SER S 155 35.03 -16.73 -7.67
N LEU S 156 35.94 -16.42 -8.60
CA LEU S 156 37.31 -16.89 -8.44
C LEU S 156 37.94 -16.43 -7.11
N PHE S 157 37.58 -15.25 -6.65
CA PHE S 157 37.93 -14.86 -5.28
C PHE S 157 37.15 -15.78 -4.33
N SER S 158 35.82 -15.67 -4.30
CA SER S 158 35.00 -16.53 -3.42
C SER S 158 35.60 -17.95 -3.27
N ASP S 159 36.11 -18.51 -4.37
CA ASP S 159 36.78 -19.79 -4.36
C ASP S 159 38.09 -19.71 -3.62
N THR S 160 38.94 -18.77 -4.03
CA THR S 160 40.17 -18.52 -3.28
C THR S 160 39.88 -18.00 -1.86
N LEU S 161 38.60 -18.07 -1.49
CA LEU S 161 38.15 -18.09 -0.08
C LEU S 161 37.61 -19.49 0.34
N THR S 162 37.62 -20.45 -0.59
CA THR S 162 37.60 -21.89 -0.25
C THR S 162 39.05 -22.28 0.05
N ALA S 163 39.97 -21.54 -0.55
CA ALA S 163 41.39 -21.60 -0.18
C ALA S 163 41.61 -20.64 0.99
N GLY S 183 24.13 -18.68 -4.51
CA GLY S 183 22.66 -18.58 -4.40
C GLY S 183 22.10 -17.40 -5.16
N GLN S 184 22.66 -16.21 -4.94
CA GLN S 184 22.19 -14.96 -5.55
C GLN S 184 23.21 -14.32 -6.52
N LEU S 185 24.51 -14.58 -6.32
CA LEU S 185 25.54 -14.14 -7.25
C LEU S 185 25.25 -14.77 -8.59
N ALA S 186 25.17 -16.10 -8.60
CA ALA S 186 24.84 -16.87 -9.80
C ALA S 186 23.56 -16.35 -10.46
N SER S 187 22.54 -16.10 -9.65
CA SER S 187 21.28 -15.58 -10.15
C SER S 187 21.43 -14.15 -10.64
N GLU S 188 22.31 -13.40 -10.00
CA GLU S 188 22.64 -12.05 -10.49
C GLU S 188 23.42 -12.14 -11.80
N ALA S 189 24.34 -13.12 -11.86
CA ALA S 189 25.14 -13.37 -13.02
C ALA S 189 24.27 -13.52 -14.26
N LEU S 190 23.30 -14.45 -14.19
CA LEU S 190 22.43 -14.76 -15.32
C LEU S 190 21.67 -13.54 -15.80
N ARG S 191 21.29 -12.71 -14.84
CA ARG S 191 20.64 -11.43 -15.10
C ARG S 191 21.53 -10.55 -15.99
N SER S 192 22.80 -10.42 -15.57
CA SER S 192 23.82 -9.65 -16.27
C SER S 192 24.13 -10.25 -17.64
N TYR S 193 24.18 -11.58 -17.69
CA TYR S 193 24.39 -12.35 -18.89
C TYR S 193 23.36 -12.01 -19.97
N MSE S 194 22.15 -11.73 -19.53
CA MSE S 194 21.08 -11.44 -20.45
C MSE S 194 21.02 -9.99 -20.91
O MSE S 194 20.34 -9.66 -21.86
CB MSE S 194 19.76 -11.80 -19.79
CG MSE S 194 19.45 -13.30 -19.74
SE MSE S 194 17.66 -13.63 -18.92
CE MSE S 194 16.52 -12.65 -20.18
N SER S 195 21.73 -9.11 -20.22
CA SER S 195 21.71 -7.71 -20.53
C SER S 195 22.50 -7.36 -21.80
N ILE S 196 23.43 -8.22 -22.23
CA ILE S 196 24.14 -7.91 -23.44
C ILE S 196 23.76 -8.85 -24.60
N PRO S 197 23.41 -8.30 -25.77
CA PRO S 197 22.92 -9.22 -26.82
C PRO S 197 24.05 -9.80 -27.61
N PRO S 198 23.80 -10.91 -28.31
CA PRO S 198 24.78 -11.39 -29.30
C PRO S 198 24.75 -10.39 -30.44
N THR S 199 25.72 -10.37 -31.33
CA THR S 199 25.61 -9.48 -32.49
C THR S 199 25.83 -10.31 -33.72
N LEU S 200 25.29 -9.85 -34.83
CA LEU S 200 25.43 -10.52 -36.12
C LEU S 200 26.39 -9.77 -37.06
N TYR S 201 27.23 -10.56 -37.76
CA TYR S 201 28.05 -10.00 -38.83
C TYR S 201 27.73 -10.66 -40.17
N ASP S 202 27.89 -9.93 -41.27
CA ASP S 202 27.82 -10.57 -42.58
C ASP S 202 28.79 -9.85 -43.48
N GLN S 203 29.67 -10.62 -44.12
CA GLN S 203 30.67 -10.07 -45.02
C GLN S 203 30.10 -9.13 -46.12
N GLN S 204 30.95 -8.23 -46.63
CA GLN S 204 30.63 -7.46 -47.82
C GLN S 204 30.45 -8.41 -48.96
N GLY S 205 29.63 -8.04 -49.93
CA GLY S 205 29.53 -8.79 -51.17
C GLY S 205 28.73 -10.07 -51.04
N ASP S 206 27.82 -10.12 -50.09
CA ASP S 206 27.08 -11.34 -49.88
C ASP S 206 25.94 -11.39 -50.94
N ALA S 207 25.56 -12.60 -51.34
CA ALA S 207 24.49 -12.79 -52.31
C ALA S 207 23.24 -12.99 -51.50
N VAL S 208 22.23 -12.18 -51.76
CA VAL S 208 21.15 -11.94 -50.83
C VAL S 208 19.97 -11.45 -51.67
N SER S 209 18.80 -11.37 -51.08
CA SER S 209 17.68 -11.04 -51.94
C SER S 209 16.65 -10.10 -51.29
N ILE S 210 15.69 -9.59 -52.08
CA ILE S 210 14.68 -8.67 -51.56
C ILE S 210 13.27 -9.11 -51.99
N PHE S 211 12.35 -9.29 -51.07
CA PHE S 211 11.01 -9.76 -51.42
C PHE S 211 10.19 -8.47 -51.68
N VAL S 212 9.75 -8.25 -52.92
CA VAL S 212 9.01 -7.03 -53.22
C VAL S 212 7.68 -7.06 -52.44
N ALA S 213 7.48 -6.11 -51.53
CA ALA S 213 6.38 -6.17 -50.58
C ALA S 213 5.06 -5.58 -51.13
N ARG S 214 5.19 -4.75 -52.14
CA ARG S 214 4.09 -3.88 -52.58
C ARG S 214 4.29 -3.74 -54.07
N ASP S 215 3.22 -3.62 -54.84
CA ASP S 215 3.37 -3.42 -56.27
C ASP S 215 4.20 -2.13 -56.57
N LEU S 216 5.13 -2.23 -57.50
CA LEU S 216 5.96 -1.12 -57.89
C LEU S 216 5.57 -0.73 -59.29
N ASP S 217 5.09 0.49 -59.44
CA ASP S 217 4.45 0.94 -60.68
C ASP S 217 5.42 1.86 -61.41
N PHE S 218 5.91 1.40 -62.55
CA PHE S 218 6.82 2.17 -63.36
C PHE S 218 6.10 2.99 -64.48
N SER S 219 4.77 2.90 -64.53
CA SER S 219 3.92 3.66 -65.48
C SER S 219 4.31 5.10 -65.80
N GLY S 220 4.79 5.83 -64.80
CA GLY S 220 5.03 7.22 -64.94
C GLY S 220 6.43 7.45 -65.44
N VAL S 221 7.16 6.38 -65.65
CA VAL S 221 8.58 6.57 -65.95
C VAL S 221 8.93 5.91 -67.28
N TYR S 222 8.45 4.69 -67.50
CA TYR S 222 8.76 4.00 -68.73
C TYR S 222 7.58 3.78 -69.64
N THR S 223 7.88 3.73 -70.94
CA THR S 223 6.85 3.35 -71.87
C THR S 223 7.46 2.46 -72.91
N LEU S 224 6.62 1.98 -73.82
CA LEU S 224 7.03 1.00 -74.83
C LEU S 224 6.92 1.55 -76.27
N ALA S 225 7.86 1.15 -77.12
CA ALA S 225 7.89 1.50 -78.52
C ALA S 225 8.57 0.37 -79.29
N ASP S 226 8.16 0.11 -80.52
CA ASP S 226 9.03 -0.67 -81.43
C ASP S 226 10.02 0.35 -81.98
N ASN S 227 11.34 0.06 -81.98
CA ASN S 227 11.91 -1.28 -81.92
C ASN S 227 13.19 -1.39 -81.06
N ALA T 2 -1.72 5.67 -78.25
CA ALA T 2 -3.11 5.22 -78.57
C ALA T 2 -3.42 3.89 -77.90
N ALA T 3 -4.70 3.54 -77.85
CA ALA T 3 -5.14 2.27 -77.27
C ALA T 3 -4.86 1.14 -78.25
N ASP T 4 -4.93 1.45 -79.54
CA ASP T 4 -4.64 0.49 -80.58
C ASP T 4 -3.15 0.28 -80.72
N LYS T 5 -2.38 1.31 -80.40
CA LYS T 5 -0.91 1.21 -80.43
C LYS T 5 -0.39 0.37 -79.27
N LYS T 6 -0.95 0.60 -78.10
CA LYS T 6 -0.63 -0.20 -76.94
C LYS T 6 -0.91 -1.68 -77.19
N ARG T 7 -1.93 -1.98 -77.99
CA ARG T 7 -2.33 -3.35 -78.28
C ARG T 7 -1.40 -4.04 -79.27
N ILE T 8 -0.94 -3.30 -80.29
CA ILE T 8 0.00 -3.85 -81.28
C ILE T 8 1.35 -4.13 -80.62
N THR T 9 1.91 -3.15 -79.91
CA THR T 9 3.20 -3.29 -79.22
C THR T 9 3.19 -4.48 -78.24
N GLN T 10 2.12 -4.58 -77.47
CA GLN T 10 1.88 -5.68 -76.55
C GLN T 10 1.87 -7.08 -77.19
N LYS T 11 1.23 -7.21 -78.35
CA LYS T 11 1.21 -8.47 -79.11
C LYS T 11 2.57 -8.78 -79.69
N LEU T 12 3.18 -7.78 -80.32
CA LEU T 12 4.52 -7.92 -80.84
C LEU T 12 5.43 -8.48 -79.75
N LYS T 13 5.34 -7.87 -78.56
CA LYS T 13 6.24 -8.24 -77.48
C LYS T 13 5.92 -9.61 -76.95
N GLN T 14 4.63 -9.88 -76.77
CA GLN T 14 4.23 -11.19 -76.29
C GLN T 14 4.88 -12.21 -77.23
N THR T 15 5.48 -11.72 -78.31
CA THR T 15 6.47 -12.55 -79.02
C THR T 15 7.97 -12.16 -79.09
N ALA T 16 8.62 -12.37 -77.93
CA ALA T 16 9.98 -12.86 -77.91
C ALA T 16 10.49 -13.69 -76.70
N PHE T 17 10.54 -14.96 -77.03
CA PHE T 17 11.47 -15.93 -76.60
C PHE T 17 12.30 -16.10 -77.90
N ALA T 18 12.44 -15.03 -78.67
CA ALA T 18 13.11 -15.04 -79.98
C ALA T 18 14.57 -15.27 -79.83
N GLY T 19 15.16 -15.93 -80.82
CA GLY T 19 16.61 -16.04 -80.92
C GLY T 19 17.11 -17.46 -81.03
N ALA T 20 18.41 -17.58 -81.27
CA ALA T 20 19.02 -18.90 -81.37
C ALA T 20 18.68 -19.67 -80.09
N LYS T 21 18.26 -20.89 -80.21
CA LYS T 21 17.85 -21.69 -79.08
C LYS T 21 18.93 -22.66 -78.69
N ASN T 22 18.93 -23.08 -77.42
CA ASN T 22 19.80 -24.11 -76.88
C ASN T 22 18.95 -25.20 -76.26
N TYR T 23 19.22 -26.43 -76.66
CA TYR T 23 18.49 -27.57 -76.19
C TYR T 23 19.38 -28.50 -75.43
N GLN T 24 20.59 -28.07 -75.13
CA GLN T 24 21.53 -29.00 -74.56
C GLN T 24 21.34 -29.17 -73.04
N TYR T 25 20.28 -29.83 -72.64
CA TYR T 25 20.01 -30.01 -71.21
C TYR T 25 20.00 -31.46 -70.79
N VAL T 26 20.56 -31.75 -69.61
CA VAL T 26 20.46 -33.11 -69.08
C VAL T 26 19.83 -33.06 -67.69
N MSE T 27 19.37 -34.20 -67.18
CA MSE T 27 18.70 -34.22 -65.88
C MSE T 27 19.00 -35.49 -65.13
O MSE T 27 19.29 -36.51 -65.76
CB MSE T 27 17.19 -34.04 -66.04
CG MSE T 27 16.56 -35.20 -66.72
SE MSE T 27 14.64 -35.25 -66.87
CE MSE T 27 14.30 -33.64 -67.81
N SER T 28 18.96 -35.46 -63.81
CA SER T 28 19.02 -36.69 -63.04
C SER T 28 17.81 -37.49 -63.42
N GLU T 29 17.91 -38.82 -63.37
CA GLU T 29 16.81 -39.71 -63.71
C GLU T 29 16.65 -40.69 -62.55
N GLN T 30 15.61 -40.50 -61.75
CA GLN T 30 15.31 -41.31 -60.56
C GLN T 30 13.83 -41.61 -60.66
N PRO T 31 13.44 -42.86 -60.52
CA PRO T 31 12.05 -43.23 -60.82
C PRO T 31 11.03 -42.60 -59.85
N GLU T 32 11.39 -42.51 -58.57
CA GLU T 32 10.58 -41.78 -57.58
C GLU T 32 10.24 -40.35 -58.02
N MSE T 33 11.08 -39.75 -58.87
CA MSE T 33 10.91 -38.36 -59.20
C MSE T 33 10.25 -38.12 -60.55
O MSE T 33 10.15 -36.97 -60.98
CB MSE T 33 12.22 -37.59 -59.14
CG MSE T 33 13.11 -37.89 -57.95
SE MSE T 33 12.28 -37.56 -56.21
CE MSE T 33 13.92 -37.76 -55.15
N ARG T 34 9.77 -39.16 -61.24
CA ARG T 34 9.19 -38.90 -62.58
C ARG T 34 7.97 -37.99 -62.53
N SER T 35 7.28 -37.99 -61.41
CA SER T 35 6.03 -37.24 -61.35
C SER T 35 6.25 -35.75 -61.45
N ILE T 36 7.49 -35.27 -61.41
CA ILE T 36 7.76 -33.82 -61.59
C ILE T 36 8.81 -33.57 -62.66
N GLN T 37 9.17 -34.62 -63.39
CA GLN T 37 10.14 -34.45 -64.50
C GLN T 37 9.54 -33.57 -65.58
N PRO T 38 10.35 -32.73 -66.23
CA PRO T 38 9.86 -31.90 -67.36
C PRO T 38 9.95 -32.65 -68.66
N VAL T 39 9.12 -32.31 -69.62
CA VAL T 39 9.15 -32.91 -70.94
C VAL T 39 10.22 -32.20 -71.76
N HIS T 40 10.28 -30.88 -71.65
CA HIS T 40 11.35 -30.13 -72.27
C HIS T 40 11.98 -29.11 -71.32
N VAL T 41 13.23 -28.78 -71.57
CA VAL T 41 13.88 -27.64 -71.00
C VAL T 41 14.75 -27.04 -72.06
N TRP T 42 14.57 -25.77 -72.34
CA TRP T 42 15.49 -25.10 -73.23
C TRP T 42 15.53 -23.62 -73.07
N ASP T 43 16.39 -22.98 -73.83
CA ASP T 43 16.48 -21.58 -73.70
C ASP T 43 16.80 -20.82 -74.95
N ASN T 44 16.90 -19.56 -74.69
CA ASN T 44 16.97 -18.48 -75.62
C ASN T 44 18.30 -17.81 -75.41
N TYR T 45 19.16 -18.36 -74.55
CA TYR T 45 20.24 -17.54 -73.98
C TYR T 45 19.80 -16.29 -73.15
N ARG T 46 18.49 -16.02 -72.98
CA ARG T 46 18.04 -14.99 -72.04
C ARG T 46 17.10 -15.53 -70.98
N PHE T 47 16.04 -16.23 -71.42
CA PHE T 47 15.04 -16.85 -70.59
C PHE T 47 15.10 -18.36 -70.77
N THR T 48 14.64 -19.14 -69.80
CA THR T 48 14.71 -20.61 -69.89
C THR T 48 13.33 -21.16 -69.70
N ARG T 49 12.93 -22.12 -70.54
CA ARG T 49 11.60 -22.72 -70.45
C ARG T 49 11.67 -24.14 -69.90
N PHE T 50 10.83 -24.40 -68.89
CA PHE T 50 10.66 -25.73 -68.34
C PHE T 50 9.26 -26.11 -68.66
N GLU T 51 9.11 -27.12 -69.52
CA GLU T 51 7.78 -27.56 -69.98
C GLU T 51 7.35 -28.87 -69.35
N PHE T 52 6.15 -28.90 -68.79
CA PHE T 52 5.60 -30.10 -68.15
C PHE T 52 4.42 -30.65 -68.93
N PRO T 53 4.00 -31.90 -68.68
CA PRO T 53 2.79 -32.36 -69.36
C PRO T 53 1.61 -31.43 -69.11
N ALA T 54 0.75 -31.26 -70.11
CA ALA T 54 -0.38 -30.34 -70.11
C ALA T 54 -1.18 -30.33 -68.86
N ASN T 55 -1.52 -31.49 -68.30
CA ASN T 55 -2.35 -31.55 -67.08
C ASN T 55 -1.59 -31.90 -65.82
N ALA T 56 -0.27 -31.91 -65.88
CA ALA T 56 0.50 -32.23 -64.72
C ALA T 56 0.49 -31.03 -63.71
N GLU T 57 0.55 -31.35 -62.42
CA GLU T 57 0.75 -30.34 -61.40
C GLU T 57 2.05 -29.61 -61.68
N LEU T 58 2.06 -28.29 -61.54
CA LEU T 58 3.28 -27.50 -61.69
C LEU T 58 4.19 -27.60 -60.46
N PRO T 59 5.39 -28.15 -60.65
CA PRO T 59 6.36 -28.06 -59.58
C PRO T 59 7.02 -26.67 -59.60
N GLN T 60 7.97 -26.46 -58.74
CA GLN T 60 8.56 -25.16 -58.62
C GLN T 60 10.04 -25.29 -59.10
N VAL T 61 10.63 -24.22 -59.64
CA VAL T 61 12.00 -24.31 -60.11
C VAL T 61 13.00 -23.33 -59.45
N TYR T 62 14.19 -23.82 -59.13
CA TYR T 62 15.21 -23.00 -58.49
C TYR T 62 16.49 -23.00 -59.35
N MSE T 63 17.28 -21.93 -59.29
CA MSE T 63 18.51 -21.90 -60.07
C MSE T 63 19.76 -21.92 -59.19
O MSE T 63 19.73 -21.46 -58.03
CB MSE T 63 18.52 -20.68 -61.01
CG MSE T 63 18.92 -19.40 -60.35
SE MSE T 63 19.26 -18.04 -61.69
CE MSE T 63 20.85 -17.32 -60.79
N ILE T 64 20.86 -22.46 -59.70
CA ILE T 64 22.12 -22.37 -59.00
C ILE T 64 22.83 -21.13 -59.47
N SER T 65 22.97 -20.16 -58.58
CA SER T 65 23.45 -18.85 -58.97
C SER T 65 24.96 -18.86 -59.18
N ALA T 66 25.49 -17.78 -59.78
CA ALA T 66 26.94 -17.57 -59.87
C ALA T 66 27.63 -17.67 -58.48
N SER T 67 26.86 -17.53 -57.40
CA SER T 67 27.42 -17.45 -56.08
C SER T 67 27.64 -18.82 -55.51
N GLY T 68 27.08 -19.85 -56.15
CA GLY T 68 27.16 -21.20 -55.67
C GLY T 68 25.91 -21.64 -54.96
N LYS T 69 24.99 -20.73 -54.66
CA LYS T 69 23.81 -21.05 -53.86
C LYS T 69 22.56 -21.36 -54.65
N GLU T 70 21.73 -22.31 -54.19
CA GLU T 70 20.42 -22.48 -54.83
C GLU T 70 19.63 -21.19 -54.60
N THR T 71 18.90 -20.69 -55.62
CA THR T 71 18.30 -19.36 -55.55
C THR T 71 16.96 -19.33 -56.15
N LEU T 72 16.01 -18.61 -55.53
CA LEU T 72 14.66 -18.45 -56.08
C LEU T 72 14.68 -17.39 -57.17
N PRO T 73 14.49 -17.75 -58.46
CA PRO T 73 14.45 -16.78 -59.56
C PRO T 73 13.01 -16.19 -59.76
N ASN T 74 12.84 -15.32 -60.74
CA ASN T 74 11.48 -14.89 -61.14
C ASN T 74 11.06 -15.64 -62.41
N SER T 75 9.76 -15.95 -62.56
CA SER T 75 9.28 -16.64 -63.72
C SER T 75 7.78 -16.49 -63.91
N HIS T 76 7.27 -16.76 -65.12
CA HIS T 76 5.83 -16.62 -65.42
C HIS T 76 5.45 -17.83 -66.24
N VAL T 77 4.17 -18.22 -66.25
CA VAL T 77 3.81 -19.38 -67.09
C VAL T 77 3.33 -18.98 -68.47
N VAL T 78 3.66 -19.79 -69.45
CA VAL T 78 3.19 -19.55 -70.80
C VAL T 78 2.48 -20.79 -71.33
N GLY T 79 1.66 -20.62 -72.35
CA GLY T 79 0.98 -21.76 -72.89
C GLY T 79 -0.50 -21.78 -72.55
N GLU T 80 -1.28 -22.28 -73.49
CA GLU T 80 -2.70 -22.60 -73.35
C GLU T 80 -2.98 -23.49 -72.15
N ASN T 81 -2.04 -24.33 -71.82
CA ASN T 81 -2.25 -25.28 -70.77
C ASN T 81 -1.56 -24.90 -69.48
N ARG T 82 -0.92 -23.71 -69.45
CA ARG T 82 -0.27 -23.21 -68.25
C ARG T 82 0.74 -24.21 -67.73
N ASN T 83 1.49 -24.81 -68.65
CA ASN T 83 2.34 -25.92 -68.28
C ASN T 83 3.81 -25.68 -68.57
N ILE T 84 4.12 -24.46 -68.99
CA ILE T 84 5.49 -24.08 -69.28
C ILE T 84 5.91 -22.93 -68.36
N ILE T 85 7.01 -23.15 -67.63
CA ILE T 85 7.54 -22.11 -66.74
C ILE T 85 8.64 -21.42 -67.48
N GLU T 86 8.43 -20.16 -67.79
CA GLU T 86 9.48 -19.40 -68.45
C GLU T 86 10.22 -18.57 -67.43
N VAL T 87 11.45 -19.00 -67.12
CA VAL T 87 12.20 -18.31 -66.06
C VAL T 87 12.90 -17.12 -66.68
N GLU T 88 12.87 -15.99 -65.97
CA GLU T 88 13.37 -14.74 -66.50
C GLU T 88 14.87 -14.61 -66.48
N THR T 89 15.54 -15.72 -66.71
CA THR T 89 16.98 -15.78 -66.50
C THR T 89 17.55 -17.07 -67.07
N VAL T 90 18.87 -17.15 -67.11
CA VAL T 90 19.50 -18.32 -67.73
C VAL T 90 20.60 -18.78 -66.77
N ALA T 91 20.95 -20.04 -66.73
CA ALA T 91 21.86 -20.53 -65.69
C ALA T 91 22.50 -21.87 -66.04
N LYS T 92 23.63 -22.15 -65.42
CA LYS T 92 24.33 -23.40 -65.62
C LYS T 92 23.55 -24.56 -65.07
N GLU T 93 22.86 -24.35 -63.96
CA GLU T 93 22.23 -25.47 -63.26
C GLU T 93 20.93 -25.12 -62.52
N TRP T 94 20.06 -26.11 -62.41
CA TRP T 94 18.66 -25.89 -61.93
C TRP T 94 18.20 -26.99 -61.00
N ARG T 95 17.19 -26.68 -60.19
CA ARG T 95 16.49 -27.71 -59.44
C ARG T 95 15.05 -27.54 -59.67
N ILE T 96 14.37 -28.65 -59.90
CA ILE T 96 12.92 -28.67 -59.93
C ILE T 96 12.44 -29.32 -58.62
N ARG T 97 11.52 -28.68 -57.92
CA ARG T 97 11.09 -29.19 -56.60
C ARG T 97 9.60 -29.10 -56.38
N LEU T 98 9.04 -30.13 -55.74
CA LEU T 98 7.68 -30.11 -55.16
C LEU T 98 7.66 -31.08 -54.00
N GLY T 99 7.34 -30.57 -52.80
CA GLY T 99 7.45 -31.40 -51.59
C GLY T 99 8.86 -31.94 -51.56
N ASP T 100 9.01 -33.24 -51.34
CA ASP T 100 10.34 -33.81 -51.22
C ASP T 100 10.85 -34.42 -52.52
N LYS T 101 10.18 -34.14 -53.63
CA LYS T 101 10.70 -34.57 -54.93
C LYS T 101 11.59 -33.49 -55.50
N VAL T 102 12.65 -33.95 -56.17
CA VAL T 102 13.63 -33.01 -56.75
C VAL T 102 14.18 -33.63 -58.01
N VAL T 103 14.50 -32.80 -58.98
CA VAL T 103 15.11 -33.25 -60.23
C VAL T 103 16.15 -32.23 -60.54
N GLY T 104 17.39 -32.69 -60.70
CA GLY T 104 18.46 -31.78 -61.09
C GLY T 104 18.44 -31.58 -62.59
N VAL T 105 18.67 -30.37 -63.07
CA VAL T 105 18.70 -30.13 -64.51
C VAL T 105 19.94 -29.29 -64.79
N ARG T 106 20.74 -29.75 -65.75
CA ARG T 106 21.99 -29.09 -66.02
C ARG T 106 22.02 -28.57 -67.44
N ASN T 107 22.51 -27.34 -67.62
CA ASN T 107 22.62 -26.74 -68.90
C ASN T 107 24.03 -27.01 -69.44
N ASN T 108 24.13 -27.86 -70.46
CA ASN T 108 25.43 -28.12 -71.05
C ASN T 108 25.95 -27.06 -72.02
N ASN T 109 25.24 -25.95 -72.23
CA ASN T 109 25.77 -24.90 -73.08
C ASN T 109 25.39 -23.55 -72.50
N PHE T 110 25.84 -23.30 -71.28
CA PHE T 110 25.56 -22.04 -70.61
C PHE T 110 26.60 -21.09 -71.14
N ALA T 111 26.14 -20.01 -71.75
CA ALA T 111 27.06 -19.08 -72.40
C ALA T 111 26.63 -17.65 -72.11
N PRO T 112 26.80 -17.22 -70.85
CA PRO T 112 26.45 -15.87 -70.52
C PRO T 112 27.29 -15.02 -71.44
N GLY T 113 26.93 -13.83 -71.82
CA GLY T 113 27.83 -13.36 -72.90
C GLY T 113 27.21 -13.54 -74.26
N ARG T 114 26.58 -14.69 -74.52
CA ARG T 114 25.75 -14.77 -75.71
C ARG T 114 24.32 -14.36 -75.44
N GLY T 115 23.66 -13.91 -76.50
CA GLY T 115 22.21 -13.72 -76.47
C GLY T 115 21.60 -12.55 -75.74
N ALA T 116 22.39 -11.58 -75.25
CA ALA T 116 21.77 -10.36 -74.68
C ALA T 116 20.98 -9.59 -75.71
N VAL T 117 19.95 -8.87 -75.26
CA VAL T 117 19.35 -7.84 -76.12
C VAL T 117 19.37 -6.54 -75.35
N ALA T 118 19.60 -5.43 -76.01
CA ALA T 118 19.79 -4.20 -75.30
C ALA T 118 18.60 -3.32 -75.48
N THR T 119 17.44 -3.92 -75.47
CA THR T 119 16.23 -3.25 -75.86
C THR T 119 15.40 -2.69 -74.65
N GLY T 120 15.62 -3.26 -73.45
CA GLY T 120 14.84 -2.97 -72.26
C GLY T 120 13.57 -3.83 -72.15
N THR T 121 13.35 -4.75 -73.07
CA THR T 121 12.24 -5.68 -72.99
C THR T 121 12.74 -7.08 -73.29
N ALA T 122 11.86 -8.06 -73.18
CA ALA T 122 12.27 -9.42 -73.50
C ALA T 122 12.47 -9.55 -75.00
N SER T 123 12.05 -8.57 -75.78
CA SER T 123 12.02 -8.78 -77.21
C SER T 123 13.04 -7.96 -77.96
N PRO T 124 13.54 -8.49 -79.11
CA PRO T 124 14.47 -7.69 -79.91
C PRO T 124 13.75 -6.57 -80.63
N ASP T 125 12.43 -6.66 -80.68
CA ASP T 125 11.63 -5.81 -81.54
C ASP T 125 10.80 -4.81 -80.82
N VAL T 126 10.76 -4.89 -79.48
CA VAL T 126 10.11 -3.82 -78.69
C VAL T 126 11.15 -3.20 -77.75
N ARG T 127 11.10 -1.90 -77.57
CA ARG T 127 12.08 -1.29 -76.70
C ARG T 127 11.46 -0.47 -75.58
N ARG T 128 12.16 -0.39 -74.43
CA ARG T 128 11.69 0.39 -73.28
C ARG T 128 12.22 1.80 -73.44
N VAL T 129 11.33 2.78 -73.24
CA VAL T 129 11.67 4.16 -73.51
C VAL T 129 11.35 4.94 -72.26
N GLN T 130 12.26 5.79 -71.84
CA GLN T 130 12.09 6.55 -70.64
C GLN T 130 11.29 7.75 -71.05
N ILE T 131 10.06 7.88 -70.55
CA ILE T 131 9.35 9.14 -70.66
C ILE T 131 9.93 10.13 -69.68
N SER U 2 15.90 -30.57 -30.33
CA SER U 2 15.43 -30.27 -31.73
C SER U 2 16.32 -29.19 -32.36
N SER U 3 17.54 -29.59 -32.69
CA SER U 3 18.48 -28.68 -33.31
C SER U 3 18.23 -28.62 -34.80
N GLY U 4 18.18 -27.38 -35.28
CA GLY U 4 18.20 -27.14 -36.70
C GLY U 4 17.21 -27.94 -37.59
N HIS U 5 17.73 -28.11 -38.80
CA HIS U 5 16.91 -28.17 -39.94
C HIS U 5 17.66 -28.92 -41.02
N LYS U 6 17.01 -29.93 -41.60
CA LYS U 6 17.63 -30.72 -42.64
C LYS U 6 17.11 -30.13 -43.96
N PRO U 7 18.00 -29.91 -44.94
CA PRO U 7 17.68 -29.19 -46.20
C PRO U 7 16.95 -30.11 -47.13
N PRO U 8 16.39 -29.57 -48.21
CA PRO U 8 15.56 -30.45 -49.06
C PRO U 8 16.45 -31.46 -49.78
N PRO U 9 15.85 -32.50 -50.40
CA PRO U 9 16.67 -33.56 -51.00
C PRO U 9 17.49 -33.04 -52.16
N GLU U 10 18.55 -33.76 -52.49
CA GLU U 10 19.42 -33.44 -53.63
C GLU U 10 19.21 -34.54 -54.63
N PRO U 11 19.33 -34.23 -55.92
CA PRO U 11 19.01 -35.28 -56.86
C PRO U 11 20.11 -36.35 -56.83
N ASP U 12 19.76 -37.56 -57.23
CA ASP U 12 20.74 -38.55 -57.48
C ASP U 12 21.09 -38.61 -58.96
N TRP U 13 22.33 -38.29 -59.33
CA TRP U 13 22.71 -38.32 -60.74
C TRP U 13 23.28 -39.62 -61.31
N SER U 14 23.29 -40.71 -60.52
CA SER U 14 23.79 -41.99 -61.04
C SER U 14 23.34 -42.26 -62.46
N ASN U 15 22.10 -41.98 -62.74
CA ASN U 15 21.64 -42.18 -64.05
C ASN U 15 21.20 -40.79 -64.51
N THR U 16 21.94 -40.22 -65.45
CA THR U 16 21.69 -38.91 -66.02
C THR U 16 21.30 -39.10 -67.46
N VAL U 17 20.46 -38.22 -68.02
CA VAL U 17 19.66 -38.60 -69.20
C VAL U 17 19.29 -37.31 -69.95
N PRO U 18 19.18 -37.34 -71.28
CA PRO U 18 18.82 -36.06 -71.91
C PRO U 18 17.39 -35.71 -71.61
N VAL U 19 17.13 -34.42 -71.39
CA VAL U 19 15.79 -33.96 -71.16
C VAL U 19 14.97 -34.09 -72.44
N ASN U 20 15.47 -33.58 -73.55
CA ASN U 20 14.66 -33.45 -74.74
C ASN U 20 14.66 -34.73 -75.58
N LYS U 21 13.63 -35.56 -75.49
CA LYS U 21 13.52 -36.70 -76.35
C LYS U 21 13.13 -36.20 -77.74
N THR U 22 12.56 -35.01 -77.81
CA THR U 22 12.19 -34.41 -79.10
C THR U 22 12.47 -32.92 -78.98
N ILE U 23 12.54 -32.21 -80.10
CA ILE U 23 12.87 -30.80 -80.08
C ILE U 23 11.58 -30.04 -79.80
N PRO U 24 11.57 -29.18 -78.76
CA PRO U 24 10.41 -28.36 -78.49
C PRO U 24 10.18 -27.28 -79.55
N VAL U 25 8.97 -26.72 -79.60
CA VAL U 25 8.68 -25.61 -80.50
C VAL U 25 8.13 -24.40 -79.73
N ASP U 26 8.49 -23.20 -80.14
CA ASP U 26 7.92 -22.00 -79.54
C ASP U 26 6.70 -21.58 -80.36
N THR U 27 5.52 -21.73 -79.77
CA THR U 27 4.30 -21.44 -80.50
C THR U 27 3.93 -19.94 -80.56
N GLN U 28 4.91 -19.06 -80.74
CA GLN U 28 4.62 -17.71 -81.26
C GLN U 28 5.77 -17.25 -82.18
N GLU V 12 -21.86 -10.00 -28.96
CA GLU V 12 -21.89 -11.48 -28.76
C GLU V 12 -21.74 -12.30 -30.05
N THR V 13 -20.72 -12.00 -30.85
CA THR V 13 -20.23 -12.98 -31.78
C THR V 13 -19.08 -13.72 -31.08
N SER V 14 -18.82 -14.97 -31.49
CA SER V 14 -17.78 -15.76 -30.85
C SER V 14 -16.43 -15.05 -30.83
N GLU V 15 -15.78 -15.10 -29.68
CA GLU V 15 -14.44 -14.55 -29.57
C GLU V 15 -13.42 -15.24 -30.40
N GLY V 16 -13.45 -16.58 -30.39
CA GLY V 16 -12.60 -17.38 -31.21
C GLY V 16 -12.78 -16.99 -32.66
N SER V 17 -14.03 -16.97 -33.07
CA SER V 17 -14.34 -16.58 -34.47
C SER V 17 -13.81 -15.19 -34.80
N SER V 18 -13.96 -14.23 -33.89
CA SER V 18 -13.45 -12.87 -34.17
C SER V 18 -11.96 -12.87 -34.24
N ALA V 19 -11.33 -13.59 -33.35
CA ALA V 19 -9.88 -13.57 -33.30
C ALA V 19 -9.37 -14.09 -34.62
N LEU V 20 -9.97 -15.19 -35.08
CA LEU V 20 -9.54 -15.74 -36.37
C LEU V 20 -9.85 -14.76 -37.53
N ALA V 21 -10.98 -14.08 -37.52
CA ALA V 21 -11.34 -13.22 -38.67
C ALA V 21 -10.37 -12.09 -38.73
N LYS V 22 -9.99 -11.62 -37.55
CA LYS V 22 -9.02 -10.53 -37.45
C LYS V 22 -7.65 -10.97 -37.96
N ASN V 23 -7.24 -12.19 -37.60
CA ASN V 23 -5.98 -12.66 -38.14
C ASN V 23 -6.00 -12.92 -39.64
N LEU V 24 -7.20 -12.99 -40.24
CA LEU V 24 -7.30 -13.13 -41.70
C LEU V 24 -7.41 -11.80 -42.43
N THR V 25 -7.31 -10.68 -41.71
CA THR V 25 -7.48 -9.35 -42.30
C THR V 25 -6.15 -8.64 -42.31
N PRO V 26 -5.45 -8.60 -43.45
CA PRO V 26 -4.12 -8.02 -43.50
C PRO V 26 -4.13 -6.53 -43.54
N ALA V 27 -3.03 -5.92 -43.16
CA ALA V 27 -2.85 -4.49 -43.36
C ALA V 27 -2.44 -4.34 -44.83
N ARG V 28 -3.30 -3.81 -45.70
CA ARG V 28 -2.88 -3.59 -47.10
C ARG V 28 -1.76 -2.58 -47.27
N LEU V 29 -0.69 -2.97 -47.91
CA LEU V 29 0.42 -2.10 -48.19
C LEU V 29 0.09 -1.28 -49.42
N LYS V 30 0.41 0.00 -49.41
CA LYS V 30 0.25 0.86 -50.60
C LYS V 30 1.25 0.50 -51.68
N ALA V 31 0.80 0.55 -52.95
CA ALA V 31 1.72 0.43 -54.11
C ALA V 31 2.59 1.62 -54.08
N SER V 32 3.66 1.60 -54.83
CA SER V 32 4.61 2.69 -54.85
C SER V 32 4.97 3.07 -56.31
N ARG V 33 5.02 4.37 -56.61
CA ARG V 33 5.28 4.82 -57.96
C ARG V 33 6.72 5.14 -58.17
N ALA V 34 7.33 4.56 -59.18
CA ALA V 34 8.69 5.00 -59.57
C ALA V 34 8.69 6.44 -60.09
N GLY V 35 9.76 7.20 -59.84
CA GLY V 35 9.95 8.51 -60.42
C GLY V 35 11.37 8.64 -60.97
N VAL V 36 11.84 9.87 -61.21
CA VAL V 36 13.21 10.02 -61.63
C VAL V 36 13.96 11.12 -60.89
N MSE V 37 15.24 10.90 -60.63
CA MSE V 37 15.99 11.80 -59.81
C MSE V 37 16.30 13.08 -60.60
O MSE V 37 16.77 13.01 -61.73
CB MSE V 37 17.25 11.11 -59.34
CG MSE V 37 18.09 12.00 -58.51
SE MSE V 37 19.57 11.05 -57.69
CE MSE V 37 18.50 10.28 -56.22
N ALA V 38 16.05 14.24 -60.00
CA ALA V 38 16.13 15.50 -60.71
C ALA V 38 17.52 15.91 -61.23
N ASN V 39 18.56 15.81 -60.43
CA ASN V 39 19.84 16.35 -60.93
C ASN V 39 20.93 15.38 -60.71
N PRO V 40 20.83 14.21 -61.34
CA PRO V 40 21.79 13.17 -61.03
C PRO V 40 23.23 13.59 -61.15
N SER V 41 23.58 14.51 -62.04
CA SER V 41 25.01 14.90 -62.15
C SER V 41 25.41 15.87 -61.06
N LEU V 42 24.43 16.39 -60.31
CA LEU V 42 24.77 17.37 -59.29
C LEU V 42 24.35 16.95 -57.88
N THR V 43 24.17 15.64 -57.68
CA THR V 43 23.70 15.07 -56.43
C THR V 43 24.57 13.89 -56.02
N VAL V 44 24.93 13.86 -54.73
CA VAL V 44 25.53 12.65 -54.15
C VAL V 44 24.37 11.92 -53.50
N PRO V 45 23.97 10.78 -54.05
CA PRO V 45 22.80 10.10 -53.50
C PRO V 45 23.07 9.14 -52.29
N LYS V 46 22.03 8.85 -51.51
CA LYS V 46 22.06 7.88 -50.44
C LYS V 46 22.83 6.67 -50.86
N GLY V 47 23.69 6.16 -49.96
CA GLY V 47 24.28 4.86 -50.16
C GLY V 47 25.68 4.99 -50.67
N LYS V 48 26.08 6.17 -51.17
CA LYS V 48 27.45 6.22 -51.63
C LYS V 48 28.36 6.33 -50.39
N MSE V 49 29.65 6.00 -50.51
CA MSE V 49 30.53 6.02 -49.36
C MSE V 49 31.48 7.19 -49.48
O MSE V 49 31.96 7.47 -50.59
CB MSE V 49 31.28 4.73 -49.26
CG MSE V 49 30.43 3.51 -49.25
SE MSE V 49 29.18 3.46 -47.78
CE MSE V 49 30.54 3.55 -46.33
N ILE V 50 31.71 7.92 -48.40
CA ILE V 50 32.76 8.91 -48.39
C ILE V 50 33.97 8.33 -47.59
N PRO V 51 35.05 7.97 -48.25
CA PRO V 51 36.19 7.47 -47.47
C PRO V 51 36.91 8.64 -46.79
N CYS V 52 37.33 8.41 -45.56
CA CYS V 52 37.80 9.50 -44.70
C CYS V 52 38.98 9.01 -43.89
N GLY V 53 39.87 9.91 -43.50
CA GLY V 53 40.91 9.63 -42.52
C GLY V 53 40.74 10.55 -41.31
N THR V 54 40.63 9.94 -40.13
CA THR V 54 40.23 10.72 -38.94
C THR V 54 41.35 11.69 -38.65
N GLY V 55 41.01 12.94 -38.32
CA GLY V 55 42.02 13.90 -37.84
C GLY V 55 42.19 13.65 -36.34
N THR V 56 41.11 13.86 -35.59
CA THR V 56 41.16 13.67 -34.14
C THR V 56 41.18 12.23 -33.74
N GLU V 57 42.09 11.89 -32.84
CA GLU V 57 41.97 10.67 -32.02
C GLU V 57 40.56 10.61 -31.41
N LEU V 58 40.14 9.45 -30.94
CA LEU V 58 38.78 9.28 -30.41
C LEU V 58 38.87 8.43 -29.14
N ASP V 59 38.06 8.78 -28.15
CA ASP V 59 38.02 8.14 -26.87
C ASP V 59 36.62 8.34 -26.31
N THR V 60 35.84 7.28 -26.18
CA THR V 60 34.47 7.46 -25.76
C THR V 60 34.26 7.70 -24.26
N THR V 61 35.29 7.93 -23.44
CA THR V 61 35.08 8.26 -22.04
C THR V 61 34.20 9.52 -21.85
N VAL V 62 34.44 10.57 -22.62
CA VAL V 62 33.68 11.82 -22.44
C VAL V 62 33.03 12.17 -23.77
N PRO V 63 31.73 12.43 -23.80
CA PRO V 63 31.15 12.78 -25.11
C PRO V 63 31.80 13.99 -25.73
N GLY V 64 32.03 13.98 -27.03
CA GLY V 64 32.58 15.14 -27.69
C GLY V 64 32.52 15.04 -29.20
N GLN V 65 33.46 15.72 -29.85
CA GLN V 65 33.48 15.84 -31.30
C GLN V 65 34.65 15.07 -31.94
N VAL V 66 34.53 14.80 -33.25
CA VAL V 66 35.53 14.17 -34.09
C VAL V 66 35.64 14.96 -35.37
N SER V 67 36.76 14.85 -36.06
CA SER V 67 36.92 15.34 -37.42
C SER V 67 37.54 14.28 -38.31
N CYS V 68 37.25 14.34 -39.61
CA CYS V 68 37.99 13.57 -40.60
C CYS V 68 38.14 14.35 -41.90
N ARG V 69 39.07 13.93 -42.74
CA ARG V 69 39.34 14.63 -43.99
C ARG V 69 39.07 13.64 -45.11
N VAL V 70 38.29 14.08 -46.09
CA VAL V 70 37.93 13.21 -47.17
C VAL V 70 39.18 12.73 -47.90
N SER V 71 39.25 11.43 -48.01
CA SER V 71 40.42 10.74 -48.50
C SER V 71 40.57 10.70 -50.02
N GLN V 72 39.44 10.79 -50.72
CA GLN V 72 39.41 10.57 -52.16
C GLN V 72 38.10 11.18 -52.66
N ASP V 73 38.09 11.61 -53.90
CA ASP V 73 36.93 12.34 -54.43
C ASP V 73 35.72 11.46 -54.48
N VAL V 74 34.57 12.06 -54.26
CA VAL V 74 33.33 11.37 -54.42
C VAL V 74 32.51 12.09 -55.51
N TYR V 75 32.10 11.31 -56.50
CA TYR V 75 31.36 11.79 -57.68
C TYR V 75 29.85 11.64 -57.48
N SER V 76 29.12 12.33 -58.38
CA SER V 76 27.68 12.42 -58.41
C SER V 76 26.98 11.08 -58.66
N ALA V 77 25.65 11.14 -58.67
CA ALA V 77 24.85 9.95 -58.87
C ALA V 77 25.24 9.09 -60.07
N ASP V 78 25.69 9.71 -61.16
CA ASP V 78 25.96 9.00 -62.39
C ASP V 78 27.45 8.79 -62.57
N GLY V 79 28.24 9.36 -61.67
CA GLY V 79 29.67 9.08 -61.66
C GLY V 79 30.42 10.12 -62.47
N LEU V 80 29.73 11.14 -62.96
CA LEU V 80 30.34 11.97 -63.98
C LEU V 80 30.92 13.28 -63.46
N VAL V 81 30.39 13.76 -62.34
CA VAL V 81 30.85 15.01 -61.75
C VAL V 81 31.40 14.83 -60.35
N ARG V 82 32.55 15.45 -60.10
CA ARG V 82 33.20 15.44 -58.82
C ARG V 82 32.45 16.39 -57.95
N LEU V 83 31.95 15.93 -56.80
CA LEU V 83 31.16 16.77 -55.92
C LEU V 83 31.72 16.93 -54.51
N ILE V 84 32.12 15.82 -53.87
CA ILE V 84 32.76 15.91 -52.54
C ILE V 84 34.22 15.73 -52.82
N ASP V 85 34.95 16.83 -52.64
CA ASP V 85 36.35 16.90 -53.05
C ASP V 85 37.30 16.31 -51.99
N LYS V 86 38.27 15.54 -52.47
CA LYS V 86 39.36 15.08 -51.67
C LYS V 86 39.98 16.27 -50.92
N GLY V 87 40.17 16.11 -49.62
CA GLY V 87 40.80 17.14 -48.83
C GLY V 87 39.80 17.92 -48.04
N SER V 88 38.51 17.77 -48.30
CA SER V 88 37.48 18.41 -47.48
C SER V 88 37.51 17.89 -46.04
N TRP V 89 37.13 18.77 -45.11
CA TRP V 89 37.11 18.44 -43.71
C TRP V 89 35.67 18.12 -43.33
N VAL V 90 35.49 17.11 -42.48
CA VAL V 90 34.17 16.77 -41.99
C VAL V 90 34.25 16.88 -40.49
N ASP V 91 33.28 17.56 -39.89
CA ASP V 91 33.19 17.65 -38.42
C ASP V 91 31.99 16.83 -37.94
N GLY V 92 32.17 16.07 -36.87
CA GLY V 92 31.12 15.16 -36.37
C GLY V 92 31.14 15.05 -34.85
N GLN V 93 30.28 14.22 -34.29
CA GLN V 93 30.23 14.11 -32.86
C GLN V 93 30.08 12.68 -32.43
N ILE V 94 30.59 12.37 -31.25
CA ILE V 94 30.42 11.05 -30.64
C ILE V 94 29.80 11.33 -29.29
N THR V 95 28.47 11.23 -29.16
CA THR V 95 27.88 11.70 -27.94
C THR V 95 27.46 10.65 -26.90
N GLY V 96 27.75 9.37 -27.16
CA GLY V 96 27.41 8.32 -26.23
C GLY V 96 28.58 7.38 -26.22
N GLY V 97 28.56 6.35 -25.35
CA GLY V 97 29.72 5.49 -25.18
C GLY V 97 29.43 4.10 -25.68
N ILE V 98 30.22 3.11 -25.30
CA ILE V 98 30.01 1.73 -25.64
C ILE V 98 29.57 0.94 -24.42
N LYS V 99 28.93 -0.17 -24.67
CA LYS V 99 28.53 -1.13 -23.65
C LYS V 99 29.40 -2.41 -23.75
N ASP V 100 29.41 -3.23 -22.70
CA ASP V 100 30.16 -4.52 -22.76
C ASP V 100 29.60 -5.32 -23.91
N GLY V 101 30.43 -5.94 -24.71
CA GLY V 101 29.94 -6.69 -25.86
C GLY V 101 29.93 -5.87 -27.15
N GLN V 102 30.48 -4.64 -27.11
CA GLN V 102 30.63 -3.78 -28.28
C GLN V 102 32.05 -3.35 -28.43
N ALA V 103 32.53 -3.27 -29.64
CA ALA V 103 33.88 -2.84 -29.90
C ALA V 103 33.86 -1.76 -30.97
N ARG V 104 32.71 -1.09 -31.12
CA ARG V 104 32.61 -0.02 -32.06
C ARG V 104 31.51 0.93 -31.60
N VAL V 105 31.56 2.17 -32.07
CA VAL V 105 30.64 3.20 -31.57
C VAL V 105 29.93 4.06 -32.69
N PHE V 106 28.70 4.48 -32.43
CA PHE V 106 27.95 5.31 -33.34
C PHE V 106 28.60 6.69 -33.41
N VAL V 107 28.73 7.24 -34.61
CA VAL V 107 29.38 8.51 -34.86
C VAL V 107 28.50 9.31 -35.85
N LEU V 108 28.16 10.52 -35.47
CA LEU V 108 27.29 11.32 -36.34
C LEU V 108 28.19 12.30 -37.12
N TRP V 109 28.32 12.11 -38.44
CA TRP V 109 29.08 13.11 -39.21
C TRP V 109 28.13 14.23 -39.63
N GLU V 110 28.47 15.47 -39.31
CA GLU V 110 27.53 16.55 -39.52
C GLU V 110 27.76 17.32 -40.81
N ARG V 111 28.92 17.99 -40.95
CA ARG V 111 29.11 18.87 -42.09
C ARG V 111 30.39 18.57 -42.84
N ILE V 112 30.32 18.60 -44.18
CA ILE V 112 31.49 18.58 -45.01
C ILE V 112 31.83 20.02 -45.38
N ARG V 113 33.11 20.40 -45.33
CA ARG V 113 33.56 21.74 -45.67
C ARG V 113 34.79 21.66 -46.60
N ASN V 114 34.63 22.19 -47.81
CA ASN V 114 35.69 22.19 -48.76
C ASN V 114 36.49 23.46 -48.49
N ASP V 115 37.76 23.30 -48.17
CA ASP V 115 38.51 24.45 -47.74
C ASP V 115 39.17 25.15 -48.91
N GLN V 116 39.05 24.64 -50.14
CA GLN V 116 39.61 25.38 -51.27
C GLN V 116 38.57 26.39 -51.67
N ASP V 117 37.31 26.00 -51.53
CA ASP V 117 36.15 26.44 -52.25
C ASP V 117 35.10 27.12 -51.41
N GLY V 118 35.01 26.73 -50.14
CA GLY V 118 33.91 27.16 -49.25
C GLY V 118 32.61 26.37 -49.30
N THR V 119 32.46 25.41 -50.21
CA THR V 119 31.23 24.63 -50.23
C THR V 119 31.07 23.85 -48.89
N ILE V 120 29.87 23.95 -48.34
CA ILE V 120 29.52 23.29 -47.12
C ILE V 120 28.22 22.57 -47.36
N VAL V 121 28.08 21.37 -46.79
CA VAL V 121 26.79 20.66 -46.82
C VAL V 121 26.63 19.86 -45.52
N ASN V 122 25.46 19.95 -44.91
CA ASN V 122 25.16 19.19 -43.75
C ASN V 122 24.75 17.79 -44.18
N ILE V 123 25.67 16.83 -44.11
CA ILE V 123 25.35 15.46 -44.51
C ILE V 123 24.58 14.67 -43.46
N ASP V 124 24.67 15.07 -42.18
CA ASP V 124 24.00 14.38 -41.04
C ASP V 124 23.92 12.87 -41.32
N SER V 125 25.11 12.23 -41.43
CA SER V 125 25.23 10.84 -41.78
C SER V 125 26.10 10.03 -40.80
N ALA V 126 25.95 8.72 -40.82
CA ALA V 126 26.51 7.88 -39.82
C ALA V 126 27.87 7.40 -40.26
N GLY V 127 28.85 7.41 -39.37
CA GLY V 127 30.18 6.92 -39.76
C GLY V 127 30.23 5.40 -39.80
N THR V 128 31.20 4.86 -40.54
CA THR V 128 31.35 3.41 -40.71
C THR V 128 32.82 3.03 -40.81
N ASN V 129 33.08 1.73 -40.75
CA ASN V 129 34.17 1.01 -41.46
C ASN V 129 34.50 1.51 -42.83
N SER V 130 35.68 1.11 -43.28
CA SER V 130 36.00 1.06 -44.65
C SER V 130 35.11 0.16 -45.50
N LEU V 131 34.47 -0.85 -44.92
CA LEU V 131 33.58 -1.75 -45.69
C LEU V 131 32.09 -1.41 -45.49
N GLY V 132 31.78 -0.35 -44.75
CA GLY V 132 30.41 0.14 -44.71
C GLY V 132 29.48 -0.26 -43.57
N SER V 133 29.95 -1.11 -42.68
CA SER V 133 29.17 -1.51 -41.54
C SER V 133 29.17 -0.42 -40.49
N ALA V 134 28.20 -0.44 -39.58
CA ALA V 134 27.84 0.72 -38.80
C ALA V 134 28.79 1.00 -37.62
N GLY V 135 29.14 2.27 -37.39
CA GLY V 135 29.96 2.64 -36.23
C GLY V 135 31.43 2.57 -36.52
N ILE V 136 32.25 3.38 -35.86
CA ILE V 136 33.73 3.24 -36.06
C ILE V 136 34.28 2.17 -35.14
N PRO V 137 34.99 1.18 -35.68
CA PRO V 137 35.63 0.15 -34.75
C PRO V 137 36.71 0.77 -33.95
N GLY V 138 36.93 0.30 -32.72
CA GLY V 138 38.11 0.72 -31.93
C GLY V 138 38.60 -0.34 -30.95
N GLN V 139 39.45 0.09 -30.00
CA GLN V 139 40.05 -0.81 -29.08
C GLN V 139 39.35 -0.63 -27.76
N VAL V 140 38.95 -1.74 -27.11
CA VAL V 140 38.07 -1.65 -25.96
C VAL V 140 38.90 -1.67 -24.69
N ASP V 141 38.66 -0.77 -23.73
CA ASP V 141 39.26 -0.88 -22.39
C ASP V 141 38.14 -1.22 -21.40
N ALA V 142 38.12 -2.47 -20.92
CA ALA V 142 37.00 -2.94 -20.08
C ALA V 142 36.98 -2.38 -18.66
N HIS V 143 38.05 -1.69 -18.25
CA HIS V 143 38.20 -1.21 -16.89
C HIS V 143 37.95 -2.29 -15.81
N MSE V 144 38.39 -3.52 -16.04
CA MSE V 144 38.09 -4.62 -15.10
C MSE V 144 38.61 -4.30 -13.68
O MSE V 144 37.88 -4.45 -12.70
CB MSE V 144 38.67 -5.94 -15.57
CG MSE V 144 38.03 -6.55 -16.75
SE MSE V 144 36.11 -6.73 -16.48
CE MSE V 144 36.21 -8.29 -15.26
N TRP V 145 39.87 -3.90 -13.57
CA TRP V 145 40.43 -3.58 -12.27
C TRP V 145 39.53 -2.61 -11.49
N GLU V 146 39.30 -1.42 -12.06
CA GLU V 146 38.45 -0.44 -11.39
C GLU V 146 37.10 -1.05 -11.11
N ARG V 147 36.58 -1.90 -12.00
CA ARG V 147 35.26 -2.49 -11.81
C ARG V 147 35.26 -3.61 -10.76
N LEU V 148 36.45 -3.99 -10.30
CA LEU V 148 36.55 -5.12 -9.40
C LEU V 148 37.24 -4.81 -8.08
N ARG V 149 38.03 -3.73 -8.03
CA ARG V 149 38.95 -3.50 -6.90
C ARG V 149 38.27 -3.36 -5.54
N GLY V 150 37.08 -2.77 -5.53
CA GLY V 150 36.36 -2.61 -4.27
C GLY V 150 36.13 -3.98 -3.63
N ALA V 151 35.27 -4.78 -4.26
CA ALA V 151 35.00 -6.15 -3.83
C ALA V 151 36.27 -6.94 -3.51
N ILE V 152 37.25 -6.88 -4.39
CA ILE V 152 38.51 -7.58 -4.17
C ILE V 152 39.12 -7.16 -2.83
N MSE V 153 39.34 -5.86 -2.66
CA MSE V 153 39.91 -5.32 -1.44
C MSE V 153 39.12 -5.75 -0.20
O MSE V 153 39.69 -6.26 0.78
CB MSE V 153 39.98 -3.81 -1.51
CG MSE V 153 41.33 -3.29 -1.16
SE MSE V 153 42.47 -3.49 -2.74
CE MSE V 153 44.13 -4.08 -1.86
N ILE V 154 37.80 -5.51 -0.24
CA ILE V 154 36.94 -5.83 0.87
C ILE V 154 37.07 -7.32 1.22
N SER V 155 36.76 -8.19 0.27
CA SER V 155 36.81 -9.63 0.53
C SER V 155 38.18 -10.08 1.05
N LEU V 156 39.26 -9.46 0.57
CA LEU V 156 40.58 -9.76 1.11
C LEU V 156 40.67 -9.61 2.62
N PHE V 157 39.95 -8.64 3.19
CA PHE V 157 39.80 -8.60 4.65
C PHE V 157 38.99 -9.82 5.05
N SER V 158 37.70 -9.88 4.64
CA SER V 158 36.82 -11.04 4.98
C SER V 158 37.59 -12.36 5.00
N ASP V 159 38.49 -12.55 4.02
CA ASP V 159 39.38 -13.71 3.99
C ASP V 159 40.34 -13.68 5.17
N THR V 160 41.11 -12.62 5.27
CA THR V 160 42.01 -12.43 6.42
C THR V 160 41.24 -12.24 7.75
N LEU V 161 39.91 -12.17 7.70
CA LEU V 161 39.12 -12.04 8.94
C LEU V 161 38.97 -13.38 9.63
N THR V 162 38.84 -14.43 8.81
CA THR V 162 38.38 -15.74 9.28
C THR V 162 39.49 -16.79 9.40
N ALA V 163 40.68 -16.48 8.91
CA ALA V 163 41.76 -17.48 8.84
C ALA V 163 42.37 -17.76 10.22
N GLN V 184 24.98 -11.47 -1.79
CA GLN V 184 25.64 -10.81 -0.66
C GLN V 184 26.45 -9.58 -1.11
N LEU V 185 27.68 -9.55 -0.62
CA LEU V 185 28.74 -8.71 -1.15
C LEU V 185 28.94 -8.98 -2.65
N ALA V 186 29.13 -10.26 -2.98
CA ALA V 186 29.33 -10.71 -4.36
C ALA V 186 28.24 -10.17 -5.27
N SER V 187 27.00 -10.22 -4.79
CA SER V 187 25.85 -9.74 -5.58
C SER V 187 25.88 -8.22 -5.70
N GLU V 188 26.34 -7.56 -4.64
CA GLU V 188 26.51 -6.11 -4.68
C GLU V 188 27.65 -5.79 -5.63
N ALA V 189 28.69 -6.62 -5.61
CA ALA V 189 29.87 -6.43 -6.43
C ALA V 189 29.46 -6.30 -7.91
N LEU V 190 28.78 -7.33 -8.40
CA LEU V 190 28.32 -7.39 -9.79
C LEU V 190 27.52 -6.16 -10.17
N ARG V 191 26.67 -5.72 -9.25
CA ARG V 191 25.92 -4.49 -9.41
C ARG V 191 26.89 -3.32 -9.70
N SER V 192 27.94 -3.21 -8.87
CA SER V 192 28.93 -2.13 -8.96
C SER V 192 29.76 -2.27 -10.23
N TYR V 193 30.06 -3.52 -10.56
CA TYR V 193 30.74 -3.92 -11.79
C TYR V 193 30.04 -3.42 -13.05
N MSE V 194 28.72 -3.34 -12.98
CA MSE V 194 27.93 -2.93 -14.13
C MSE V 194 27.73 -1.43 -14.21
O MSE V 194 27.29 -0.92 -15.24
CB MSE V 194 26.59 -3.64 -14.10
CG MSE V 194 26.62 -5.11 -14.48
SE MSE V 194 24.81 -5.92 -14.39
CE MSE V 194 23.90 -4.71 -15.64
N SER V 195 28.06 -0.71 -13.16
CA SER V 195 27.84 0.71 -13.19
C SER V 195 28.93 1.43 -13.99
N ILE V 196 30.07 0.79 -14.24
CA ILE V 196 31.04 1.52 -15.02
C ILE V 196 31.24 0.90 -16.43
N PRO V 197 31.11 1.72 -17.48
CA PRO V 197 31.15 1.11 -18.81
C PRO V 197 32.60 0.90 -19.28
N PRO V 198 32.78 -0.01 -20.26
CA PRO V 198 34.06 -0.04 -20.94
C PRO V 198 34.15 1.26 -21.74
N THR V 199 35.30 1.64 -22.26
CA THR V 199 35.37 2.80 -23.10
C THR V 199 36.18 2.39 -24.33
N LEU V 200 36.02 3.14 -25.43
CA LEU V 200 36.61 2.79 -26.72
C LEU V 200 37.65 3.82 -27.10
N TYR V 201 38.76 3.35 -27.64
CA TYR V 201 39.73 4.29 -28.22
C TYR V 201 39.98 3.95 -29.66
N ASP V 202 40.21 4.96 -30.49
CA ASP V 202 40.70 4.73 -31.84
C ASP V 202 41.73 5.78 -32.16
N GLN V 203 42.93 5.32 -32.54
CA GLN V 203 44.06 6.17 -32.96
C GLN V 203 43.68 7.32 -33.96
N GLN V 204 44.41 8.42 -33.93
CA GLN V 204 44.33 9.49 -34.92
C GLN V 204 44.71 8.91 -36.24
N GLY V 205 44.12 9.43 -37.32
CA GLY V 205 44.53 9.05 -38.65
C GLY V 205 44.00 7.73 -39.13
N ASP V 206 42.89 7.27 -38.55
CA ASP V 206 42.37 5.97 -38.94
C ASP V 206 41.65 6.07 -40.29
N ALA V 207 41.66 4.98 -41.05
CA ALA V 207 41.02 4.94 -42.38
C ALA V 207 39.64 4.42 -42.12
N VAL V 208 38.65 5.26 -42.48
CA VAL V 208 37.30 5.11 -41.97
C VAL V 208 36.35 5.64 -43.06
N SER V 209 35.05 5.39 -42.90
CA SER V 209 34.17 5.83 -43.95
C SER V 209 32.89 6.46 -43.44
N ILE V 210 32.12 7.06 -44.36
CA ILE V 210 30.81 7.63 -44.07
C ILE V 210 29.76 7.14 -45.07
N PHE V 211 28.66 6.56 -44.59
CA PHE V 211 27.57 6.11 -45.44
C PHE V 211 26.64 7.34 -45.67
N VAL V 212 26.54 7.85 -46.88
CA VAL V 212 25.71 9.00 -47.12
C VAL V 212 24.29 8.62 -46.84
N ALA V 213 23.67 9.21 -45.83
CA ALA V 213 22.31 8.85 -45.41
C ALA V 213 21.13 9.44 -46.20
N ARG V 214 21.37 10.57 -46.85
CA ARG V 214 20.28 11.33 -47.46
C ARG V 214 20.85 11.88 -48.73
N ASP V 215 20.02 12.15 -49.76
CA ASP V 215 20.58 12.73 -51.02
C ASP V 215 21.20 14.11 -50.71
N LEU V 216 22.33 14.41 -51.30
CA LEU V 216 23.04 15.67 -51.10
C LEU V 216 23.07 16.43 -52.45
N ASP V 217 22.41 17.57 -52.45
CA ASP V 217 22.11 18.28 -53.66
C ASP V 217 23.08 19.44 -53.76
N PHE V 218 23.94 19.41 -54.77
CA PHE V 218 24.88 20.48 -55.05
C PHE V 218 24.39 21.48 -56.14
N SER V 219 23.19 21.23 -56.69
CA SER V 219 22.51 22.09 -57.68
C SER V 219 22.66 23.57 -57.54
N GLY V 220 22.69 24.07 -56.30
CA GLY V 220 22.75 25.49 -56.05
C GLY V 220 24.16 25.99 -55.92
N VAL V 221 25.14 25.10 -56.05
CA VAL V 221 26.52 25.48 -55.80
C VAL V 221 27.39 25.26 -57.03
N TYR V 222 27.19 24.16 -57.74
CA TYR V 222 27.98 23.87 -58.90
C TYR V 222 27.15 23.81 -60.15
N THR V 223 27.84 24.06 -61.26
CA THR V 223 27.26 23.85 -62.53
C THR V 223 28.33 23.40 -63.48
N LEU V 224 27.91 23.07 -64.69
CA LEU V 224 28.77 22.50 -65.70
C LEU V 224 29.01 23.43 -66.91
N ALA V 225 30.20 23.38 -67.47
CA ALA V 225 30.53 24.09 -68.69
C ALA V 225 31.63 23.34 -69.39
N ASP V 226 31.64 23.33 -70.72
CA ASP V 226 32.89 22.94 -71.42
C ASP V 226 33.79 24.16 -71.34
N ASN V 227 35.08 24.04 -70.96
CA ASN V 227 35.89 22.81 -71.03
C ASN V 227 36.83 22.58 -69.82
N ALA W 2 20.54 26.90 -70.76
CA ALA W 2 19.47 26.37 -71.65
C ALA W 2 19.25 24.86 -71.46
N ALA W 3 18.07 24.38 -71.86
CA ALA W 3 17.77 22.96 -71.78
C ALA W 3 18.56 22.18 -72.81
N ASP W 4 18.80 22.81 -73.96
CA ASP W 4 19.57 22.22 -75.05
C ASP W 4 21.05 22.24 -74.73
N LYS W 5 21.47 23.23 -73.94
CA LYS W 5 22.86 23.32 -73.48
C LYS W 5 23.18 22.26 -72.42
N LYS W 6 22.26 22.08 -71.49
CA LYS W 6 22.37 21.03 -70.51
C LYS W 6 22.48 19.67 -71.19
N ARG W 7 21.84 19.51 -72.34
CA ARG W 7 21.83 18.24 -73.05
C ARG W 7 23.16 17.93 -73.77
N ILE W 8 23.72 18.95 -74.42
CA ILE W 8 24.99 18.81 -75.11
C ILE W 8 26.12 18.53 -74.10
N THR W 9 26.21 19.33 -73.04
CA THR W 9 27.23 19.16 -71.99
C THR W 9 27.18 17.76 -71.38
N GLN W 10 25.95 17.32 -71.10
CA GLN W 10 25.67 16.01 -70.57
C GLN W 10 26.15 14.84 -71.44
N LYS W 11 25.89 14.93 -72.75
CA LYS W 11 26.37 13.94 -73.71
C LYS W 11 27.87 13.94 -73.80
N LEU W 12 28.43 15.15 -73.96
CA LEU W 12 29.88 15.37 -74.04
C LEU W 12 30.56 14.65 -72.86
N LYS W 13 30.00 14.87 -71.67
CA LYS W 13 30.56 14.32 -70.46
C LYS W 13 30.39 12.84 -70.42
N GLN W 14 29.17 12.39 -70.68
CA GLN W 14 28.90 10.97 -70.74
C GLN W 14 30.00 10.30 -71.58
N THR W 15 30.80 11.11 -72.27
CA THR W 15 32.08 10.61 -72.80
C THR W 15 33.41 11.17 -72.26
N ALA W 16 33.71 10.76 -71.01
CA ALA W 16 35.07 10.48 -70.66
C ALA W 16 35.34 9.41 -69.55
N PHE W 17 35.73 8.27 -70.11
CA PHE W 17 36.68 7.35 -69.62
C PHE W 17 37.91 7.64 -70.58
N ALA W 18 37.99 8.89 -71.02
CA ALA W 18 39.04 9.37 -71.94
C ALA W 18 40.45 9.26 -71.36
N GLY W 19 41.43 8.91 -72.19
CA GLY W 19 42.81 8.98 -71.78
C GLY W 19 43.61 7.74 -72.10
N ALA W 20 44.92 7.88 -72.00
CA ALA W 20 45.79 6.74 -72.14
C ALA W 20 45.23 5.63 -71.23
N LYS W 21 45.24 4.39 -71.72
CA LYS W 21 44.59 3.28 -71.05
C LYS W 21 45.65 2.37 -70.50
N ASN W 22 45.33 1.63 -69.43
CA ASN W 22 46.22 0.61 -68.87
C ASN W 22 45.49 -0.72 -68.83
N TYR W 23 46.12 -1.78 -69.29
CA TYR W 23 45.48 -3.07 -69.45
C TYR W 23 46.26 -4.10 -68.68
N GLN W 24 47.19 -3.61 -67.87
CA GLN W 24 48.13 -4.49 -67.25
C GLN W 24 47.54 -5.05 -65.96
N TYR W 25 46.58 -5.97 -66.11
CA TYR W 25 45.95 -6.59 -64.94
C TYR W 25 46.06 -8.09 -64.94
N VAL W 26 46.32 -8.65 -63.77
CA VAL W 26 46.32 -10.10 -63.60
C VAL W 26 45.31 -10.47 -62.51
N MSE W 27 44.92 -11.75 -62.45
CA MSE W 27 43.91 -12.22 -61.48
C MSE W 27 44.23 -13.60 -60.96
O MSE W 27 44.93 -14.37 -61.63
CB MSE W 27 42.52 -12.24 -62.10
CG MSE W 27 42.38 -13.18 -63.24
SE MSE W 27 40.58 -13.44 -63.97
CE MSE W 27 40.20 -11.71 -64.62
N SER W 28 43.78 -13.93 -59.75
CA SER W 28 43.85 -15.32 -59.30
C SER W 28 43.03 -16.14 -60.26
N GLU W 29 43.45 -17.37 -60.50
CA GLU W 29 42.69 -18.31 -61.34
C GLU W 29 42.39 -19.57 -60.53
N GLN W 30 41.13 -19.69 -60.10
CA GLN W 30 40.64 -20.83 -59.32
C GLN W 30 39.37 -21.27 -60.03
N PRO W 31 39.28 -22.54 -60.40
CA PRO W 31 38.11 -22.95 -61.20
C PRO W 31 36.77 -22.78 -60.46
N GLU W 32 36.73 -22.91 -59.14
CA GLU W 32 35.49 -22.64 -58.35
C GLU W 32 35.01 -21.23 -58.43
N MSE W 33 35.86 -20.32 -58.90
CA MSE W 33 35.52 -18.91 -58.92
C MSE W 33 35.26 -18.38 -60.34
O MSE W 33 35.03 -17.15 -60.50
CB MSE W 33 36.64 -18.06 -58.29
CG MSE W 33 37.20 -18.58 -56.95
SE MSE W 33 35.85 -18.84 -55.53
CE MSE W 33 37.08 -19.20 -54.07
N ARG W 34 35.29 -19.24 -61.35
CA ARG W 34 35.08 -18.73 -62.72
C ARG W 34 33.74 -17.99 -62.86
N SER W 35 32.73 -18.39 -62.09
CA SER W 35 31.40 -17.85 -62.30
C SER W 35 31.28 -16.36 -62.03
N ILE W 36 32.32 -15.77 -61.41
CA ILE W 36 32.33 -14.34 -61.16
C ILE W 36 33.56 -13.65 -61.73
N GLN W 37 34.38 -14.39 -62.47
CA GLN W 37 35.54 -13.79 -63.11
C GLN W 37 35.13 -12.69 -64.10
N PRO W 38 35.93 -11.62 -64.23
CA PRO W 38 35.66 -10.62 -65.28
C PRO W 38 36.25 -11.05 -66.62
N VAL W 39 35.70 -10.52 -67.72
CA VAL W 39 36.26 -10.71 -69.05
C VAL W 39 37.33 -9.67 -69.26
N HIS W 40 37.13 -8.46 -68.77
CA HIS W 40 38.16 -7.44 -68.89
C HIS W 40 38.27 -6.63 -67.62
N VAL W 41 39.48 -6.19 -67.32
CA VAL W 41 39.66 -5.15 -66.34
C VAL W 41 40.66 -4.18 -66.91
N TRP W 42 40.31 -2.89 -66.91
CA TRP W 42 41.26 -1.89 -67.38
C TRP W 42 40.92 -0.51 -66.84
N ASP W 43 41.84 0.42 -66.98
CA ASP W 43 41.60 1.74 -66.47
C ASP W 43 42.21 2.78 -67.30
N ASN W 44 41.93 3.97 -66.84
CA ASN W 44 42.02 5.31 -67.38
C ASN W 44 43.12 6.03 -66.64
N TYR W 45 43.75 5.40 -65.65
CA TYR W 45 44.44 6.17 -64.61
C TYR W 45 43.52 7.04 -63.72
N ARG W 46 42.22 7.07 -63.94
CA ARG W 46 41.28 7.73 -63.03
C ARG W 46 40.16 6.77 -62.48
N PHE W 47 39.48 6.10 -63.39
CA PHE W 47 38.39 5.18 -63.14
C PHE W 47 38.84 3.82 -63.62
N THR W 48 38.30 2.75 -63.03
CA THR W 48 38.67 1.37 -63.41
C THR W 48 37.43 0.63 -63.86
N ARG W 49 37.50 -0.06 -64.99
CA ARG W 49 36.35 -0.81 -65.48
C ARG W 49 36.51 -2.31 -65.26
N PHE W 50 35.47 -2.95 -64.74
CA PHE W 50 35.42 -4.40 -64.57
C PHE W 50 34.33 -4.87 -65.46
N GLU W 51 34.67 -5.58 -66.51
CA GLU W 51 33.68 -6.01 -67.48
C GLU W 51 33.33 -7.50 -67.38
N PHE W 52 32.04 -7.81 -67.23
CA PHE W 52 31.54 -9.18 -67.09
C PHE W 52 30.78 -9.65 -68.31
N PRO W 53 30.66 -10.97 -68.54
CA PRO W 53 29.82 -11.37 -69.67
C PRO W 53 28.46 -10.70 -69.63
N ALA W 54 27.94 -10.32 -70.80
CA ALA W 54 26.67 -9.58 -70.97
C ALA W 54 25.50 -10.02 -70.10
N ASN W 55 25.26 -11.33 -69.93
CA ASN W 55 24.11 -11.80 -69.12
C ASN W 55 24.53 -12.43 -67.80
N ALA W 56 25.78 -12.28 -67.43
CA ALA W 56 26.23 -12.78 -66.15
C ALA W 56 25.65 -11.95 -64.98
N GLU W 57 25.49 -12.60 -63.85
CA GLU W 57 25.12 -11.90 -62.62
C GLU W 57 26.25 -10.95 -62.24
N LEU W 58 25.89 -9.73 -61.82
CA LEU W 58 26.90 -8.75 -61.38
C LEU W 58 27.41 -9.08 -59.99
N PRO W 59 28.70 -9.43 -59.83
CA PRO W 59 29.31 -9.55 -58.52
C PRO W 59 29.69 -8.14 -58.04
N GLN W 60 30.27 -8.04 -56.89
CA GLN W 60 30.50 -6.77 -56.26
C GLN W 60 32.03 -6.57 -56.22
N VAL W 61 32.51 -5.34 -56.24
CA VAL W 61 33.95 -5.13 -56.27
C VAL W 61 34.50 -4.27 -55.11
N TYR W 62 35.64 -4.66 -54.58
CA TYR W 62 36.24 -3.95 -53.43
C TYR W 62 37.69 -3.59 -53.77
N MSE W 63 38.20 -2.50 -53.23
CA MSE W 63 39.57 -2.13 -53.47
C MSE W 63 40.45 -2.30 -52.24
O MSE W 63 39.97 -2.22 -51.09
CB MSE W 63 39.66 -0.71 -53.99
CG MSE W 63 39.60 0.35 -52.96
SE MSE W 63 39.91 2.14 -53.77
CE MSE W 63 41.06 2.76 -52.33
N ILE W 64 41.74 -2.55 -52.48
CA ILE W 64 42.69 -2.47 -51.40
C ILE W 64 43.20 -1.04 -51.37
N SER W 65 42.86 -0.33 -50.30
CA SER W 65 43.18 1.07 -50.15
C SER W 65 44.67 1.28 -49.82
N ALA W 66 45.12 2.53 -49.90
CA ALA W 66 46.47 2.90 -49.46
C ALA W 66 46.72 2.54 -47.96
N SER W 67 45.64 2.39 -47.22
CA SER W 67 45.75 2.06 -45.80
C SER W 67 46.09 0.60 -45.54
N GLY W 68 46.03 -0.24 -46.60
CA GLY W 68 46.16 -1.67 -46.51
C GLY W 68 44.86 -2.43 -46.33
N LYS W 69 43.77 -1.74 -46.04
CA LYS W 69 42.48 -2.42 -45.80
C LYS W 69 41.62 -2.65 -47.06
N GLU W 70 40.94 -3.80 -47.16
CA GLU W 70 39.94 -3.94 -48.22
C GLU W 70 38.87 -2.87 -47.98
N THR W 71 38.35 -2.23 -49.03
CA THR W 71 37.48 -1.02 -48.88
C THR W 71 36.36 -0.96 -49.90
N LEU W 72 35.18 -0.50 -49.49
CA LEU W 72 34.04 -0.35 -50.39
C LEU W 72 34.17 0.98 -51.17
N PRO W 73 34.44 0.92 -52.48
CA PRO W 73 34.52 2.17 -53.26
C PRO W 73 33.16 2.62 -53.79
N ASN W 74 33.09 3.71 -54.54
CA ASN W 74 31.91 4.08 -55.28
C ASN W 74 32.01 3.74 -56.75
N SER W 75 30.88 3.35 -57.37
CA SER W 75 30.90 2.86 -58.77
C SER W 75 29.51 2.84 -59.41
N HIS W 76 29.45 2.93 -60.74
CA HIS W 76 28.18 2.95 -61.46
C HIS W 76 28.35 1.93 -62.56
N VAL W 77 27.28 1.41 -63.16
CA VAL W 77 27.46 0.48 -64.29
C VAL W 77 27.29 1.19 -65.64
N VAL W 78 28.11 0.81 -66.63
CA VAL W 78 27.99 1.33 -67.99
C VAL W 78 27.75 0.21 -68.97
N GLY W 79 27.26 0.56 -70.16
CA GLY W 79 27.02 -0.43 -71.19
C GLY W 79 25.53 -0.71 -71.33
N GLU W 80 25.15 -1.08 -72.57
CA GLU W 80 23.81 -1.53 -72.97
C GLU W 80 23.43 -2.76 -72.20
N ASN W 81 24.42 -3.54 -71.77
CA ASN W 81 24.13 -4.78 -71.05
C ASN W 81 24.31 -4.69 -69.54
N ARG W 82 24.61 -3.47 -69.06
CA ARG W 82 24.76 -3.26 -67.59
C ARG W 82 25.79 -4.26 -67.04
N ASN W 83 26.85 -4.54 -67.80
CA ASN W 83 27.76 -5.57 -67.43
C ASN W 83 29.16 -5.08 -67.14
N ILE W 84 29.30 -3.77 -67.14
CA ILE W 84 30.59 -3.15 -66.81
C ILE W 84 30.45 -2.26 -65.56
N ILE W 85 31.30 -2.49 -64.58
CA ILE W 85 31.27 -1.70 -63.38
C ILE W 85 32.40 -0.75 -63.53
N GLU W 86 32.08 0.53 -63.55
CA GLU W 86 33.11 1.56 -63.64
C GLU W 86 33.35 2.15 -62.27
N VAL W 87 34.41 1.73 -61.61
CA VAL W 87 34.71 2.20 -60.30
C VAL W 87 35.31 3.56 -60.41
N GLU W 88 34.86 4.46 -59.56
CA GLU W 88 35.23 5.83 -59.64
C GLU W 88 36.59 6.12 -59.04
N THR W 89 37.46 5.15 -59.06
CA THR W 89 38.78 5.28 -58.50
C THR W 89 39.79 4.33 -59.12
N VAL W 90 41.04 4.40 -58.71
CA VAL W 90 42.05 3.54 -59.29
C VAL W 90 42.85 2.93 -58.13
N ALA W 91 43.41 1.75 -58.29
CA ALA W 91 44.08 1.11 -57.13
C ALA W 91 45.08 0.04 -57.51
N LYS W 92 46.01 -0.22 -56.63
CA LYS W 92 46.97 -1.26 -56.86
C LYS W 92 46.32 -2.65 -56.95
N GLU W 93 45.26 -2.88 -56.17
CA GLU W 93 44.70 -4.20 -55.98
C GLU W 93 43.19 -4.22 -55.69
N TRP W 94 42.52 -5.31 -56.11
CA TRP W 94 41.05 -5.40 -56.00
C TRP W 94 40.59 -6.75 -55.54
N ARG W 95 39.35 -6.83 -55.07
CA ARG W 95 38.68 -8.10 -54.85
C ARG W 95 37.33 -8.04 -55.54
N ILE W 96 36.96 -9.15 -56.18
CA ILE W 96 35.63 -9.29 -56.77
C ILE W 96 34.94 -10.35 -55.92
N ARG W 97 33.72 -10.07 -55.45
CA ARG W 97 33.09 -10.96 -54.48
C ARG W 97 31.59 -11.06 -54.75
N LEU W 98 31.08 -12.28 -54.62
CA LEU W 98 29.65 -12.58 -54.57
C LEU W 98 29.43 -13.81 -53.67
N GLY W 99 28.75 -13.65 -52.56
CA GLY W 99 28.64 -14.80 -51.67
C GLY W 99 30.04 -15.19 -51.24
N ASP W 100 30.33 -16.48 -51.22
CA ASP W 100 31.67 -16.92 -50.84
C ASP W 100 32.66 -17.03 -52.01
N LYS W 101 32.33 -16.47 -53.15
CA LYS W 101 33.26 -16.55 -54.25
C LYS W 101 34.10 -15.35 -54.18
N VAL W 102 35.37 -15.48 -54.52
CA VAL W 102 36.24 -14.31 -54.57
C VAL W 102 37.24 -14.41 -55.69
N VAL W 103 37.51 -13.28 -56.35
CA VAL W 103 38.59 -13.21 -57.34
C VAL W 103 39.53 -12.06 -56.99
N GLY W 104 40.81 -12.34 -56.82
CA GLY W 104 41.77 -11.26 -56.61
C GLY W 104 42.20 -10.69 -57.94
N VAL W 105 42.23 -9.36 -58.05
CA VAL W 105 42.66 -8.69 -59.28
C VAL W 105 43.76 -7.70 -58.94
N ARG W 106 44.88 -7.82 -59.62
CA ARG W 106 46.01 -6.95 -59.35
C ARG W 106 46.34 -6.02 -60.53
N ASN W 107 46.63 -4.77 -60.19
CA ASN W 107 47.01 -3.79 -61.17
C ASN W 107 48.54 -3.70 -61.27
N ASN W 108 49.07 -4.15 -62.40
CA ASN W 108 50.53 -4.14 -62.57
C ASN W 108 51.11 -2.83 -63.05
N ASN W 109 50.28 -1.81 -63.22
CA ASN W 109 50.82 -0.52 -63.57
C ASN W 109 50.01 0.56 -62.86
N PHE W 110 50.02 0.47 -61.52
CA PHE W 110 49.39 1.46 -60.71
C PHE W 110 50.33 2.67 -60.64
N ALA W 111 49.88 3.83 -61.12
CA ALA W 111 50.72 5.02 -61.20
C ALA W 111 49.94 6.26 -60.74
N PRO W 112 49.60 6.30 -59.45
CA PRO W 112 48.85 7.46 -58.98
C PRO W 112 49.75 8.62 -59.34
N GLY W 113 49.27 9.82 -59.55
CA GLY W 113 50.35 10.68 -60.12
C GLY W 113 50.23 10.81 -61.61
N ARG W 114 49.94 9.73 -62.31
CA ARG W 114 49.54 9.87 -63.71
C ARG W 114 48.05 10.09 -63.87
N GLY W 115 47.65 10.72 -64.97
CA GLY W 115 46.26 10.73 -65.39
C GLY W 115 45.24 11.59 -64.68
N ALA W 116 45.66 12.48 -63.81
CA ALA W 116 44.65 13.33 -63.16
C ALA W 116 44.04 14.32 -64.17
N VAL W 117 42.81 14.75 -63.95
CA VAL W 117 42.30 15.88 -64.72
C VAL W 117 41.84 16.85 -63.69
N ALA W 118 41.98 18.13 -63.95
CA ALA W 118 41.74 19.14 -62.95
C ALA W 118 40.50 19.90 -63.34
N THR W 119 39.53 19.18 -63.83
CA THR W 119 38.40 19.77 -64.48
C THR W 119 37.18 19.87 -63.57
N GLY W 120 37.17 19.06 -62.51
CA GLY W 120 36.05 18.92 -61.62
C GLY W 120 35.01 17.91 -62.11
N THR W 121 35.26 17.23 -63.24
CA THR W 121 34.37 16.20 -63.70
C THR W 121 35.18 15.01 -64.15
N ALA W 122 34.53 13.92 -64.54
CA ALA W 122 35.24 12.76 -65.01
C ALA W 122 35.90 13.04 -66.37
N SER W 123 35.58 14.17 -67.00
CA SER W 123 36.01 14.37 -68.38
C SER W 123 37.00 15.49 -68.52
N PRO W 124 37.93 15.39 -69.49
CA PRO W 124 38.87 16.48 -69.74
C PRO W 124 38.17 17.65 -70.41
N ASP W 125 36.98 17.40 -70.93
CA ASP W 125 36.31 18.34 -71.78
C ASP W 125 35.14 19.04 -71.14
N VAL W 126 34.76 18.63 -69.95
CA VAL W 126 33.67 19.33 -69.24
C VAL W 126 34.20 19.73 -67.89
N ARG W 127 33.85 20.93 -67.44
CA ARG W 127 34.39 21.39 -66.20
C ARG W 127 33.32 21.84 -65.19
N ARG W 128 33.61 21.64 -63.91
CA ARG W 128 32.70 22.01 -62.83
C ARG W 128 32.93 23.47 -62.48
N VAL W 129 31.86 24.23 -62.38
CA VAL W 129 32.00 25.64 -62.17
C VAL W 129 31.19 25.99 -60.93
N GLN W 130 31.77 26.78 -60.06
CA GLN W 130 31.06 27.21 -58.90
C GLN W 130 30.15 28.37 -59.25
N ILE W 131 28.83 28.19 -59.13
CA ILE W 131 27.94 29.36 -59.26
C ILE W 131 28.01 30.22 -57.99
N HIS X 5 33.65 -14.01 -35.58
CA HIS X 5 33.32 -13.80 -37.01
C HIS X 5 34.50 -14.17 -37.90
N LYS X 6 34.25 -15.05 -38.86
CA LYS X 6 35.28 -15.38 -39.84
C LYS X 6 35.12 -14.54 -41.13
N PRO X 7 36.19 -13.87 -41.57
CA PRO X 7 36.12 -12.90 -42.72
C PRO X 7 35.91 -13.66 -44.02
N PRO X 8 35.53 -12.96 -45.09
CA PRO X 8 35.24 -13.68 -46.34
C PRO X 8 36.53 -14.29 -46.91
N PRO X 9 36.40 -15.22 -47.87
CA PRO X 9 37.61 -15.89 -48.35
C PRO X 9 38.55 -14.93 -49.05
N GLU X 10 39.79 -15.38 -49.20
CA GLU X 10 40.85 -14.61 -49.83
C GLU X 10 41.21 -15.36 -51.07
N PRO X 11 41.67 -14.67 -52.11
CA PRO X 11 41.95 -15.47 -53.32
C PRO X 11 43.18 -16.31 -53.13
N ASP X 12 43.24 -17.42 -53.86
CA ASP X 12 44.47 -18.21 -53.94
C ASP X 12 45.23 -17.79 -55.21
N TRP X 13 46.46 -17.27 -55.06
CA TRP X 13 47.19 -16.73 -56.24
C TRP X 13 48.14 -17.76 -56.89
N SER X 14 48.16 -18.99 -56.40
CA SER X 14 49.10 -19.98 -56.94
C SER X 14 49.17 -19.89 -58.46
N ASN X 15 48.01 -19.79 -59.10
CA ASN X 15 47.94 -19.61 -60.51
C ASN X 15 47.33 -18.25 -60.76
N THR X 16 48.16 -17.32 -61.23
CA THR X 16 47.79 -15.95 -61.56
C THR X 16 47.92 -15.83 -63.04
N VAL X 17 47.07 -15.05 -63.66
CA VAL X 17 46.79 -15.20 -65.06
C VAL X 17 46.37 -13.81 -65.60
N PRO X 18 46.66 -13.49 -66.86
CA PRO X 18 46.25 -12.15 -67.27
C PRO X 18 44.76 -12.11 -67.41
N VAL X 19 44.16 -10.96 -67.12
CA VAL X 19 42.74 -10.78 -67.20
C VAL X 19 42.39 -10.64 -68.67
N ASN X 20 43.02 -9.71 -69.37
CA ASN X 20 42.62 -9.42 -70.74
C ASN X 20 43.24 -10.41 -71.74
N LYS X 21 42.46 -11.41 -72.16
CA LYS X 21 42.84 -12.26 -73.29
C LYS X 21 42.76 -11.42 -74.60
N THR X 22 41.93 -10.38 -74.63
CA THR X 22 41.86 -9.49 -75.77
C THR X 22 41.74 -8.08 -75.24
N ILE X 23 41.99 -7.07 -76.07
CA ILE X 23 41.96 -5.68 -75.66
C ILE X 23 40.52 -5.23 -75.68
N PRO X 24 40.02 -4.69 -74.56
CA PRO X 24 38.64 -4.20 -74.54
C PRO X 24 38.47 -2.91 -75.36
N VAL X 25 37.24 -2.53 -75.65
CA VAL X 25 36.96 -1.26 -76.36
C VAL X 25 35.93 -0.43 -75.60
N ASP X 26 36.14 0.89 -75.56
CA ASP X 26 35.15 1.79 -74.96
C ASP X 26 34.18 2.23 -76.03
N THR X 27 32.95 1.76 -75.93
CA THR X 27 31.94 2.07 -76.95
C THR X 27 31.23 3.40 -76.68
N GLN X 28 31.90 4.36 -76.03
CA GLN X 28 31.33 5.72 -75.89
C GLN X 28 32.23 6.84 -76.42
N GLU Y 12 -9.91 -3.84 -36.15
CA GLU Y 12 -9.70 -5.32 -36.30
C GLU Y 12 -9.00 -5.74 -37.60
N THR Y 13 -7.87 -5.10 -37.94
CA THR Y 13 -6.95 -5.75 -38.82
C THR Y 13 -5.90 -6.50 -37.99
N SER Y 14 -5.32 -7.56 -38.54
CA SER Y 14 -4.36 -8.37 -37.80
C SER Y 14 -3.22 -7.57 -37.18
N GLU Y 15 -2.98 -7.82 -35.90
CA GLU Y 15 -1.90 -7.20 -35.17
C GLU Y 15 -0.55 -7.51 -35.72
N GLY Y 16 -0.30 -8.79 -35.99
CA GLY Y 16 0.91 -9.19 -36.64
C GLY Y 16 1.08 -8.49 -37.98
N SER Y 17 0.01 -8.46 -38.77
CA SER Y 17 0.06 -7.78 -40.04
C SER Y 17 0.39 -6.30 -39.90
N SER Y 18 -0.18 -5.66 -38.90
CA SER Y 18 0.14 -4.24 -38.69
C SER Y 18 1.56 -4.07 -38.25
N ALA Y 19 1.99 -4.93 -37.36
CA ALA Y 19 3.31 -4.74 -36.80
C ALA Y 19 4.28 -4.81 -37.95
N LEU Y 20 4.03 -5.75 -38.88
CA LEU Y 20 4.97 -5.91 -40.00
C LEU Y 20 4.87 -4.69 -40.96
N ALA Y 21 3.65 -4.22 -41.22
CA ALA Y 21 3.45 -3.10 -42.14
C ALA Y 21 4.16 -1.88 -41.57
N LYS Y 22 4.07 -1.73 -40.27
CA LYS Y 22 4.76 -0.62 -39.61
C LYS Y 22 6.25 -0.75 -39.75
N ASN Y 23 6.79 -1.94 -39.51
CA ASN Y 23 8.23 -2.11 -39.72
C ASN Y 23 8.72 -1.93 -41.17
N LEU Y 24 7.81 -1.98 -42.16
CA LEU Y 24 8.14 -1.73 -43.57
C LEU Y 24 7.99 -0.24 -43.98
N THR Y 25 7.67 0.62 -42.98
CA THR Y 25 7.44 2.03 -43.23
C THR Y 25 8.56 2.87 -42.61
N PRO Y 26 9.54 3.26 -43.43
CA PRO Y 26 10.68 3.99 -42.89
C PRO Y 26 10.37 5.44 -42.62
N ALA Y 27 11.15 6.05 -41.72
CA ALA Y 27 11.12 7.51 -41.50
C ALA Y 27 11.89 8.14 -42.67
N ARG Y 28 11.27 8.83 -43.60
CA ARG Y 28 12.06 9.34 -44.75
C ARG Y 28 12.95 10.47 -44.34
N LEU Y 29 14.23 10.38 -44.61
CA LEU Y 29 15.15 11.45 -44.32
C LEU Y 29 15.05 12.56 -45.35
N LYS Y 30 15.10 13.82 -44.93
CA LYS Y 30 15.15 14.96 -45.88
C LYS Y 30 16.49 15.05 -46.58
N ALA Y 31 16.44 15.31 -47.89
CA ALA Y 31 17.63 15.63 -48.66
C ALA Y 31 18.27 16.85 -48.07
N SER Y 32 19.52 17.12 -48.39
CA SER Y 32 20.16 18.28 -47.89
C SER Y 32 20.79 19.12 -49.03
N ARG Y 33 20.69 20.46 -48.95
CA ARG Y 33 21.29 21.32 -49.97
C ARG Y 33 22.65 21.87 -49.62
N ALA Y 34 23.64 21.69 -50.47
CA ALA Y 34 24.90 22.35 -50.24
C ALA Y 34 24.75 23.87 -50.38
N GLY Y 35 25.61 24.62 -49.71
CA GLY Y 35 25.64 26.07 -49.80
C GLY Y 35 27.09 26.45 -49.83
N VAL Y 36 27.40 27.71 -49.56
CA VAL Y 36 28.79 28.09 -49.44
C VAL Y 36 29.03 29.02 -48.30
N MSE Y 37 30.21 28.93 -47.71
CA MSE Y 37 30.49 29.67 -46.51
C MSE Y 37 30.77 31.13 -46.84
O MSE Y 37 31.54 31.44 -47.72
CB MSE Y 37 31.61 29.02 -45.75
CG MSE Y 37 32.00 29.79 -44.52
SE MSE Y 37 33.31 28.84 -43.46
CE MSE Y 37 32.09 27.49 -42.66
N ALA Y 38 30.11 32.03 -46.12
CA ALA Y 38 30.18 33.46 -46.38
C ALA Y 38 31.57 34.11 -46.32
N ASN Y 39 32.28 34.00 -45.21
CA ASN Y 39 33.52 34.75 -45.12
C ASN Y 39 34.66 33.83 -44.76
N PRO Y 40 35.03 32.93 -45.67
CA PRO Y 40 36.01 31.92 -45.28
C PRO Y 40 37.34 32.48 -44.81
N SER Y 41 37.74 33.66 -45.27
CA SER Y 41 39.01 34.23 -44.83
C SER Y 41 38.86 34.88 -43.46
N LEU Y 42 37.64 35.08 -43.00
CA LEU Y 42 37.50 35.75 -41.73
C LEU Y 42 36.74 34.91 -40.71
N THR Y 43 36.72 33.59 -40.94
CA THR Y 43 36.05 32.64 -40.09
C THR Y 43 36.97 31.49 -39.64
N VAL Y 44 37.01 31.16 -38.34
CA VAL Y 44 37.65 29.89 -37.92
C VAL Y 44 36.52 28.85 -37.84
N PRO Y 45 36.52 27.87 -38.72
CA PRO Y 45 35.35 26.97 -38.78
C PRO Y 45 35.41 25.74 -37.83
N LYS Y 46 34.24 25.16 -37.55
CA LYS Y 46 34.12 23.93 -36.76
C LYS Y 46 35.20 22.97 -37.11
N GLY Y 47 35.81 22.36 -36.10
CA GLY Y 47 36.68 21.27 -36.35
C GLY Y 47 38.14 21.61 -36.34
N LYS Y 48 38.45 22.90 -36.42
CA LYS Y 48 39.85 23.26 -36.37
C LYS Y 48 40.28 23.13 -34.90
N MSE Y 49 41.57 22.95 -34.64
CA MSE Y 49 42.05 22.79 -33.28
C MSE Y 49 42.77 24.05 -32.84
O MSE Y 49 43.43 24.73 -33.64
CB MSE Y 49 43.00 21.60 -33.19
CG MSE Y 49 42.49 20.27 -33.76
SE MSE Y 49 40.89 19.68 -32.80
CE MSE Y 49 41.75 19.46 -31.05
N ILE Y 50 42.62 24.43 -31.58
CA ILE Y 50 43.36 25.53 -31.01
C ILE Y 50 44.30 24.89 -30.01
N PRO Y 51 45.58 24.79 -30.34
CA PRO Y 51 46.52 24.24 -29.36
C PRO Y 51 46.77 25.27 -28.21
N CYS Y 52 46.84 24.77 -27.00
CA CYS Y 52 46.78 25.59 -25.79
C CYS Y 52 47.77 25.00 -24.76
N GLY Y 53 48.30 25.85 -23.88
CA GLY Y 53 49.11 25.45 -22.75
C GLY Y 53 48.39 25.93 -21.51
N THR Y 54 47.98 25.00 -20.63
CA THR Y 54 47.15 25.39 -19.49
C THR Y 54 47.91 26.34 -18.61
N GLY Y 55 47.25 27.34 -18.07
CA GLY Y 55 47.91 28.28 -17.13
C GLY Y 55 47.66 27.71 -15.77
N THR Y 56 46.39 27.63 -15.36
CA THR Y 56 46.01 27.03 -14.04
C THR Y 56 46.22 25.52 -14.00
N GLU Y 57 46.75 25.03 -12.90
CA GLU Y 57 46.67 23.61 -12.51
C GLU Y 57 45.19 23.22 -12.46
N LEU Y 58 44.90 21.92 -12.47
CA LEU Y 58 43.54 21.44 -12.50
C LEU Y 58 43.36 20.32 -11.57
N ASP Y 59 42.23 20.30 -10.85
CA ASP Y 59 41.97 19.28 -9.82
C ASP Y 59 40.46 19.22 -9.72
N THR Y 60 39.87 18.09 -10.07
CA THR Y 60 38.43 18.01 -10.10
C THR Y 60 37.81 17.80 -8.73
N THR Y 61 38.52 17.88 -7.64
CA THR Y 61 37.83 17.79 -6.33
C THR Y 61 36.73 18.78 -6.11
N VAL Y 62 36.98 20.04 -6.48
CA VAL Y 62 35.93 21.11 -6.34
C VAL Y 62 35.68 21.71 -7.68
N PRO Y 63 34.38 21.92 -8.07
CA PRO Y 63 34.17 22.45 -9.44
C PRO Y 63 34.71 23.83 -9.52
N GLY Y 64 35.26 24.23 -10.65
CA GLY Y 64 35.83 25.55 -10.80
C GLY Y 64 36.24 25.86 -12.24
N GLN Y 65 37.22 26.75 -12.36
CA GLN Y 65 37.56 27.41 -13.61
C GLN Y 65 38.95 27.00 -14.00
N VAL Y 66 39.27 27.13 -15.29
CA VAL Y 66 40.57 26.83 -15.81
C VAL Y 66 40.94 27.93 -16.76
N SER Y 67 42.24 28.11 -17.01
CA SER Y 67 42.75 28.96 -18.08
C SER Y 67 43.79 28.24 -18.95
N CYS Y 68 43.95 28.71 -20.18
CA CYS Y 68 45.10 28.31 -21.01
C CYS Y 68 45.39 29.47 -21.96
N ARG Y 69 46.62 29.49 -22.47
CA ARG Y 69 47.05 30.52 -23.43
C ARG Y 69 47.37 29.87 -24.77
N VAL Y 70 46.82 30.43 -25.84
CA VAL Y 70 46.95 29.82 -27.15
C VAL Y 70 48.44 29.69 -27.50
N SER Y 71 48.78 28.51 -27.91
CA SER Y 71 50.15 28.15 -28.10
C SER Y 71 50.71 28.51 -29.42
N GLN Y 72 49.87 28.58 -30.45
CA GLN Y 72 50.32 28.82 -31.80
C GLN Y 72 49.16 29.47 -32.55
N ASP Y 73 49.44 30.21 -33.62
CA ASP Y 73 48.36 30.94 -34.29
C ASP Y 73 47.41 29.96 -34.94
N VAL Y 74 46.17 30.39 -35.07
CA VAL Y 74 45.19 29.64 -35.80
C VAL Y 74 44.62 30.50 -36.89
N TYR Y 75 44.60 29.93 -38.08
CA TYR Y 75 44.20 30.67 -39.28
C TYR Y 75 42.76 30.38 -39.66
N SER Y 76 42.25 31.23 -40.56
CA SER Y 76 40.88 31.16 -41.13
C SER Y 76 40.58 29.87 -41.88
N ALA Y 77 39.30 29.67 -42.24
CA ALA Y 77 38.85 28.50 -42.98
C ALA Y 77 39.70 28.14 -44.18
N ASP Y 78 40.37 29.09 -44.81
CA ASP Y 78 41.12 28.79 -46.05
C ASP Y 78 42.58 28.82 -45.79
N GLY Y 79 42.95 29.17 -44.55
CA GLY Y 79 44.33 29.05 -44.10
C GLY Y 79 45.11 30.31 -44.41
N LEU Y 80 44.41 31.34 -44.88
CA LEU Y 80 45.11 32.52 -45.38
C LEU Y 80 45.24 33.66 -44.40
N VAL Y 81 44.29 33.80 -43.46
CA VAL Y 81 44.33 34.90 -42.51
C VAL Y 81 44.48 34.38 -41.09
N ARG Y 82 45.40 34.96 -40.33
CA ARG Y 82 45.59 34.65 -38.90
C ARG Y 82 44.45 35.26 -38.11
N LEU Y 83 43.72 34.43 -37.34
CA LEU Y 83 42.56 34.93 -36.61
C LEU Y 83 42.61 34.75 -35.10
N ILE Y 84 43.01 33.58 -34.62
CA ILE Y 84 43.19 33.37 -33.21
C ILE Y 84 44.68 33.41 -33.00
N ASP Y 85 45.12 34.45 -32.36
CA ASP Y 85 46.51 34.77 -32.21
C ASP Y 85 47.18 34.01 -31.09
N LYS Y 86 48.36 33.51 -31.39
CA LYS Y 86 49.31 33.02 -30.37
C LYS Y 86 49.41 34.01 -29.20
N GLY Y 87 49.25 33.48 -27.99
CA GLY Y 87 49.34 34.29 -26.81
C GLY Y 87 48.00 34.74 -26.28
N SER Y 88 46.92 34.44 -26.95
CA SER Y 88 45.62 34.85 -26.41
C SER Y 88 45.34 34.00 -25.18
N TRP Y 89 44.54 34.54 -24.26
CA TRP Y 89 44.14 33.80 -23.09
C TRP Y 89 42.77 33.20 -23.34
N VAL Y 90 42.53 31.97 -22.87
CA VAL Y 90 41.23 31.37 -22.90
C VAL Y 90 40.81 31.10 -21.48
N ASP Y 91 39.56 31.43 -21.13
CA ASP Y 91 39.05 31.10 -19.81
C ASP Y 91 37.96 30.07 -19.95
N GLY Y 92 37.96 29.05 -19.08
CA GLY Y 92 37.00 27.95 -19.18
C GLY Y 92 36.62 27.42 -17.81
N GLN Y 93 35.90 26.32 -17.76
CA GLN Y 93 35.37 25.85 -16.49
C GLN Y 93 35.32 24.36 -16.50
N ILE Y 94 35.56 23.76 -15.33
CA ILE Y 94 35.43 22.29 -15.15
C ILE Y 94 34.42 22.14 -14.03
N THR Y 95 33.19 21.73 -14.33
CA THR Y 95 32.15 21.88 -13.35
C THR Y 95 31.61 20.60 -12.78
N GLY Y 96 32.19 19.48 -13.19
CA GLY Y 96 31.87 18.20 -12.58
C GLY Y 96 33.16 17.41 -12.45
N GLY Y 97 33.08 16.20 -11.90
CA GLY Y 97 34.25 15.44 -11.71
C GLY Y 97 34.36 14.20 -12.59
N ILE Y 98 35.19 13.24 -12.17
CA ILE Y 98 35.33 11.98 -12.86
C ILE Y 98 34.73 10.87 -12.05
N LYS Y 99 34.47 9.79 -12.74
CA LYS Y 99 33.96 8.52 -12.16
C LYS Y 99 35.07 7.47 -12.22
N ASP Y 100 35.00 6.43 -11.40
CA ASP Y 100 35.88 5.28 -11.55
C ASP Y 100 35.79 4.76 -12.99
N GLY Y 101 36.92 4.50 -13.63
CA GLY Y 101 36.91 4.04 -14.99
C GLY Y 101 37.19 5.16 -15.98
N GLN Y 102 37.58 6.33 -15.45
CA GLN Y 102 37.82 7.52 -16.26
C GLN Y 102 39.10 8.20 -15.85
N ALA Y 103 39.85 8.72 -16.79
CA ALA Y 103 41.13 9.30 -16.49
C ALA Y 103 41.21 10.59 -17.23
N ARG Y 104 40.05 11.18 -17.52
CA ARG Y 104 40.01 12.46 -18.22
C ARG Y 104 38.66 13.12 -17.97
N VAL Y 105 38.61 14.46 -18.07
CA VAL Y 105 37.42 15.19 -17.68
C VAL Y 105 36.93 16.20 -18.69
N PHE Y 106 35.61 16.32 -18.82
CA PHE Y 106 35.00 17.32 -19.70
C PHE Y 106 35.39 18.74 -19.26
N VAL Y 107 35.76 19.61 -20.21
CA VAL Y 107 36.19 20.97 -19.96
C VAL Y 107 35.50 21.89 -21.00
N LEU Y 108 34.83 22.94 -20.50
CA LEU Y 108 34.17 23.89 -21.36
C LEU Y 108 35.01 25.16 -21.50
N TRP Y 109 35.61 25.35 -22.69
CA TRP Y 109 36.33 26.55 -22.90
C TRP Y 109 35.38 27.63 -23.38
N GLU Y 110 35.37 28.77 -22.69
CA GLU Y 110 34.33 29.74 -22.94
C GLU Y 110 34.75 30.87 -23.88
N ARG Y 111 35.71 31.68 -23.47
CA ARG Y 111 36.08 32.84 -24.23
C ARG Y 111 37.57 32.88 -24.55
N ILE Y 112 37.87 33.38 -25.77
CA ILE Y 112 39.27 33.68 -26.14
C ILE Y 112 39.42 35.19 -26.02
N ARG Y 113 40.52 35.67 -25.44
CA ARG Y 113 40.77 37.09 -25.31
C ARG Y 113 42.17 37.41 -25.79
N ASN Y 114 42.29 38.25 -26.82
CA ASN Y 114 43.59 38.58 -27.36
C ASN Y 114 44.10 39.77 -26.59
N ASP Y 115 45.23 39.62 -25.90
CA ASP Y 115 45.56 40.70 -24.97
C ASP Y 115 46.35 41.83 -25.61
N GLN Y 116 46.76 41.68 -26.88
CA GLN Y 116 47.44 42.75 -27.60
C GLN Y 116 46.38 43.71 -28.08
N ASP Y 117 45.26 43.12 -28.44
CA ASP Y 117 44.27 43.63 -29.38
C ASP Y 117 42.89 43.95 -28.84
N GLY Y 118 42.48 43.22 -27.78
CA GLY Y 118 41.13 43.30 -27.23
C GLY Y 118 40.10 42.41 -27.88
N THR Y 119 40.44 41.70 -28.95
CA THR Y 119 39.45 40.83 -29.64
C THR Y 119 39.01 39.72 -28.65
N ILE Y 120 37.70 39.56 -28.53
CA ILE Y 120 37.15 38.55 -27.69
C ILE Y 120 36.14 37.77 -28.52
N VAL Y 121 36.10 36.45 -28.29
CA VAL Y 121 35.04 35.62 -28.88
C VAL Y 121 34.63 34.52 -27.94
N ASN Y 122 33.33 34.35 -27.73
CA ASN Y 122 32.85 33.25 -26.96
C ASN Y 122 32.87 31.99 -27.81
N ILE Y 123 33.85 31.09 -27.60
CA ILE Y 123 33.94 29.88 -28.45
C ILE Y 123 33.04 28.78 -27.96
N ASP Y 124 32.70 28.82 -26.66
CA ASP Y 124 31.88 27.76 -26.04
C ASP Y 124 32.19 26.35 -26.63
N SER Y 125 33.43 25.90 -26.47
CA SER Y 125 33.92 24.71 -27.13
C SER Y 125 34.59 23.74 -26.13
N ALA Y 126 34.64 22.45 -26.45
CA ALA Y 126 35.12 21.45 -25.51
C ALA Y 126 36.61 21.31 -25.60
N GLY Y 127 37.29 21.17 -24.45
CA GLY Y 127 38.74 20.92 -24.44
C GLY Y 127 39.02 19.49 -24.81
N THR Y 128 40.26 19.26 -25.30
CA THR Y 128 40.75 17.95 -25.73
C THR Y 128 42.25 17.79 -25.44
N ASN Y 129 42.74 16.56 -25.62
CA ASN Y 129 44.10 16.19 -26.00
C ASN Y 129 44.73 17.04 -27.05
N SER Y 130 46.06 16.93 -27.14
CA SER Y 130 46.75 17.30 -28.33
C SER Y 130 46.36 16.62 -29.62
N LEU Y 131 45.74 15.43 -29.57
CA LEU Y 131 45.36 14.73 -30.76
C LEU Y 131 43.85 14.80 -30.97
N GLY Y 132 43.16 15.59 -30.17
CA GLY Y 132 41.74 15.85 -30.44
C GLY Y 132 40.61 15.06 -29.74
N SER Y 133 40.96 14.02 -29.02
CA SER Y 133 39.95 13.25 -28.36
C SER Y 133 39.38 14.01 -27.14
N ALA Y 134 38.18 13.71 -26.72
CA ALA Y 134 37.43 14.51 -25.80
C ALA Y 134 37.93 14.54 -24.38
N GLY Y 135 37.96 15.74 -23.79
CA GLY Y 135 38.32 15.94 -22.37
C GLY Y 135 39.80 16.01 -22.14
N ILE Y 136 40.22 16.64 -21.05
CA ILE Y 136 41.65 16.73 -20.73
C ILE Y 136 42.10 15.50 -19.95
N PRO Y 137 43.08 14.74 -20.45
CA PRO Y 137 43.61 13.63 -19.65
C PRO Y 137 44.27 14.10 -18.40
N GLY Y 138 44.23 13.29 -17.33
CA GLY Y 138 44.92 13.65 -16.07
C GLY Y 138 45.34 12.45 -15.25
N GLN Y 139 45.82 12.67 -14.04
CA GLN Y 139 46.24 11.62 -13.14
C GLN Y 139 45.13 11.36 -12.12
N VAL Y 140 44.71 10.12 -11.97
CA VAL Y 140 43.59 9.78 -11.13
C VAL Y 140 44.02 9.47 -9.71
N ASP Y 141 43.31 9.98 -8.72
CA ASP Y 141 43.49 9.58 -7.34
C ASP Y 141 42.21 8.90 -6.93
N ALA Y 142 42.28 7.60 -6.66
CA ALA Y 142 41.09 6.79 -6.44
C ALA Y 142 40.55 6.93 -5.03
N HIS Y 143 41.32 7.56 -4.14
CA HIS Y 143 40.98 7.64 -2.72
C HIS Y 143 40.59 6.29 -2.11
N MSE Y 144 41.29 5.20 -2.45
CA MSE Y 144 40.98 3.87 -1.90
C MSE Y 144 40.97 3.83 -0.37
O MSE Y 144 40.01 3.38 0.23
CB MSE Y 144 41.93 2.78 -2.42
CG MSE Y 144 41.81 2.41 -3.89
SE MSE Y 144 39.97 1.95 -4.29
CE MSE Y 144 40.04 0.16 -3.51
N TRP Y 145 42.04 4.32 0.26
CA TRP Y 145 42.12 4.32 1.71
C TRP Y 145 40.88 4.95 2.30
N GLU Y 146 40.60 6.20 1.96
CA GLU Y 146 39.42 6.85 2.54
C GLU Y 146 38.19 6.08 2.21
N ARG Y 147 38.14 5.46 1.03
CA ARG Y 147 36.93 4.71 0.62
C ARG Y 147 36.80 3.37 1.36
N LEU Y 148 37.88 2.91 1.99
CA LEU Y 148 37.92 1.61 2.62
C LEU Y 148 38.10 1.64 4.16
N ARG Y 149 38.68 2.72 4.71
CA ARG Y 149 39.15 2.72 6.10
C ARG Y 149 38.09 2.41 7.13
N GLY Y 150 36.84 2.80 6.87
CA GLY Y 150 35.74 2.57 7.82
C GLY Y 150 35.59 1.08 8.04
N ALA Y 151 35.18 0.40 6.97
CA ALA Y 151 35.03 -1.05 6.99
C ALA Y 151 36.28 -1.77 7.50
N ILE Y 152 37.46 -1.36 7.04
CA ILE Y 152 38.68 -1.99 7.52
C ILE Y 152 38.75 -1.87 9.05
N MSE Y 153 38.69 -0.65 9.57
CA MSE Y 153 38.76 -0.43 11.02
C MSE Y 153 37.73 -1.25 11.77
O MSE Y 153 38.06 -1.95 12.73
CB MSE Y 153 38.53 1.04 11.34
CG MSE Y 153 39.58 1.56 12.23
SE MSE Y 153 41.13 1.83 11.12
CE MSE Y 153 42.56 1.40 12.37
N ILE Y 154 36.48 -1.16 11.32
CA ILE Y 154 35.38 -1.86 11.98
C ILE Y 154 35.69 -3.36 12.02
N SER Y 155 35.88 -3.96 10.85
CA SER Y 155 36.12 -5.40 10.77
C SER Y 155 37.31 -5.83 11.60
N LEU Y 156 38.34 -4.98 11.67
CA LEU Y 156 39.48 -5.30 12.54
C LEU Y 156 39.06 -5.58 13.98
N PHE Y 157 38.05 -4.86 14.47
CA PHE Y 157 37.47 -5.25 15.74
C PHE Y 157 36.81 -6.62 15.54
N SER Y 158 35.74 -6.68 14.74
CA SER Y 158 35.05 -7.95 14.48
C SER Y 158 36.02 -9.17 14.48
N ASP Y 159 37.20 -8.97 13.87
CA ASP Y 159 38.27 -9.98 13.87
C ASP Y 159 38.81 -10.18 15.26
N THR Y 160 39.29 -9.09 15.86
CA THR Y 160 39.74 -9.12 17.26
C THR Y 160 38.57 -9.34 18.26
N LEU Y 161 37.33 -9.22 17.78
CA LEU Y 161 36.20 -9.72 18.56
C LEU Y 161 36.39 -11.22 18.60
N THR Y 162 36.47 -11.82 17.42
CA THR Y 162 36.66 -13.26 17.25
C THR Y 162 38.02 -13.76 17.79
N ALA Y 163 39.06 -12.93 17.68
CA ALA Y 163 40.39 -13.27 18.18
C ALA Y 163 40.59 -12.91 19.66
N LEU Y 185 27.78 -5.94 6.58
CA LEU Y 185 28.85 -4.93 6.68
C LEU Y 185 29.55 -4.76 5.33
N ALA Y 186 30.05 -5.86 4.79
CA ALA Y 186 30.76 -5.86 3.51
C ALA Y 186 29.91 -5.24 2.41
N SER Y 187 28.61 -5.54 2.41
CA SER Y 187 27.68 -4.98 1.44
C SER Y 187 27.41 -3.49 1.70
N GLU Y 188 27.40 -3.10 2.97
CA GLU Y 188 27.33 -1.68 3.30
C GLU Y 188 28.65 -1.00 2.93
N ALA Y 189 29.77 -1.67 3.18
CA ALA Y 189 31.09 -1.15 2.81
C ALA Y 189 31.13 -0.68 1.35
N LEU Y 190 30.83 -1.61 0.44
CA LEU Y 190 30.83 -1.35 -1.00
C LEU Y 190 29.94 -0.15 -1.36
N ARG Y 191 28.80 -0.04 -0.67
CA ARG Y 191 27.91 1.11 -0.79
C ARG Y 191 28.68 2.42 -0.48
N SER Y 192 29.37 2.41 0.64
CA SER Y 192 30.15 3.55 1.13
C SER Y 192 31.31 3.87 0.19
N TYR Y 193 31.95 2.80 -0.27
CA TYR Y 193 33.02 2.84 -1.24
C TYR Y 193 32.62 3.60 -2.51
N MSE Y 194 31.36 3.47 -2.89
CA MSE Y 194 30.87 4.09 -4.11
C MSE Y 194 30.41 5.53 -3.92
O MSE Y 194 30.18 6.24 -4.89
CB MSE Y 194 29.72 3.27 -4.67
CG MSE Y 194 30.17 1.98 -5.34
SE MSE Y 194 28.68 0.92 -6.16
CE MSE Y 194 27.92 2.37 -7.30
N SER Y 195 30.31 5.96 -2.67
CA SER Y 195 29.81 7.30 -2.40
C SER Y 195 30.91 8.37 -2.55
N ILE Y 196 32.18 7.97 -2.62
CA ILE Y 196 33.19 8.97 -2.83
C ILE Y 196 33.91 8.79 -4.18
N PRO Y 197 33.93 9.84 -5.01
CA PRO Y 197 34.52 9.67 -6.33
C PRO Y 197 36.03 9.72 -6.33
N PRO Y 198 36.65 9.12 -7.34
CA PRO Y 198 38.06 9.41 -7.56
C PRO Y 198 38.14 10.88 -7.98
N THR Y 199 39.33 11.50 -8.00
CA THR Y 199 39.45 12.86 -8.45
C THR Y 199 40.61 12.92 -9.41
N LEU Y 200 40.63 13.94 -10.28
CA LEU Y 200 41.63 14.03 -11.36
C LEU Y 200 42.48 15.25 -11.20
N TYR Y 201 43.77 15.11 -11.45
CA TYR Y 201 44.70 16.21 -11.32
C TYR Y 201 45.48 16.36 -12.64
N ASP Y 202 45.69 17.59 -13.07
CA ASP Y 202 46.61 17.81 -14.18
C ASP Y 202 47.50 19.03 -13.89
N GLN Y 203 48.79 18.88 -14.15
CA GLN Y 203 49.79 19.85 -13.80
C GLN Y 203 49.52 21.16 -14.55
N GLN Y 204 49.99 22.28 -14.00
CA GLN Y 204 50.00 23.54 -14.69
C GLN Y 204 50.81 23.34 -15.97
N GLY Y 205 50.56 24.14 -17.01
CA GLY Y 205 51.45 24.18 -18.17
C GLY Y 205 51.35 22.96 -19.05
N ASP Y 206 50.24 22.23 -18.96
CA ASP Y 206 50.05 21.09 -19.83
C ASP Y 206 49.75 21.55 -21.26
N ALA Y 207 50.18 20.74 -22.22
CA ALA Y 207 49.94 20.96 -23.65
C ALA Y 207 48.69 20.19 -23.95
N VAL Y 208 47.72 20.91 -24.46
CA VAL Y 208 46.34 20.49 -24.49
C VAL Y 208 45.68 21.26 -25.65
N SER Y 209 44.48 20.83 -26.02
CA SER Y 209 43.90 21.46 -27.16
C SER Y 209 42.39 21.70 -27.07
N ILE Y 210 41.83 22.45 -28.04
CA ILE Y 210 40.42 22.82 -28.01
C ILE Y 210 39.81 22.52 -29.37
N PHE Y 211 38.72 21.79 -29.41
CA PHE Y 211 38.11 21.49 -30.70
C PHE Y 211 37.09 22.62 -30.98
N VAL Y 212 37.29 23.40 -32.02
CA VAL Y 212 36.37 24.47 -32.27
C VAL Y 212 35.00 23.88 -32.60
N ALA Y 213 33.98 24.16 -31.77
CA ALA Y 213 32.68 23.50 -31.91
C ALA Y 213 31.71 24.15 -32.88
N ARG Y 214 31.91 25.41 -33.16
CA ARG Y 214 30.91 26.23 -33.86
C ARG Y 214 31.69 27.25 -34.69
N ASP Y 215 31.16 27.68 -35.82
CA ASP Y 215 31.95 28.62 -36.64
C ASP Y 215 32.21 29.92 -35.86
N LEU Y 216 33.42 30.43 -35.94
CA LEU Y 216 33.77 31.67 -35.24
C LEU Y 216 34.00 32.78 -36.27
N ASP Y 217 33.11 33.76 -36.26
CA ASP Y 217 33.09 34.77 -37.32
C ASP Y 217 33.80 36.00 -36.84
N PHE Y 218 34.89 36.36 -37.49
CA PHE Y 218 35.68 37.53 -37.14
C PHE Y 218 35.38 38.75 -38.09
N SER Y 219 34.45 38.58 -39.01
CA SER Y 219 34.01 39.63 -39.93
C SER Y 219 33.82 41.00 -39.36
N GLY Y 220 33.38 41.08 -38.12
CA GLY Y 220 33.03 42.36 -37.53
C GLY Y 220 34.23 42.97 -36.85
N VAL Y 221 35.34 42.27 -36.87
CA VAL Y 221 36.48 42.73 -36.13
C VAL Y 221 37.68 42.96 -37.04
N TYR Y 222 37.91 42.07 -37.99
CA TYR Y 222 39.07 42.19 -38.83
C TYR Y 222 38.70 42.40 -40.29
N THR Y 223 39.62 43.02 -41.00
CA THR Y 223 39.47 43.16 -42.39
C THR Y 223 40.85 43.12 -43.01
N LEU Y 224 40.91 43.11 -44.33
CA LEU Y 224 42.13 42.88 -45.05
C LEU Y 224 42.52 44.12 -45.87
N ALA Y 225 43.81 44.33 -46.02
CA ALA Y 225 44.37 45.42 -46.81
C ALA Y 225 45.74 44.98 -47.30
N ASP Y 226 46.17 45.42 -48.47
CA ASP Y 226 47.63 45.35 -48.78
C ASP Y 226 48.22 46.59 -48.15
N ASN Y 227 49.31 46.51 -47.37
CA ASN Y 227 50.31 45.43 -47.44
C ASN Y 227 50.89 45.00 -46.06
N ALA Z 2 35.16 47.55 -51.41
CA ALA Z 2 34.50 47.21 -52.72
C ALA Z 2 34.53 45.71 -52.96
N ALA Z 3 33.67 45.26 -53.86
CA ALA Z 3 33.61 43.83 -54.20
C ALA Z 3 34.81 43.49 -55.08
N ASP Z 4 35.25 44.46 -55.86
CA ASP Z 4 36.39 44.28 -56.73
C ASP Z 4 37.68 44.36 -55.95
N LYS Z 5 37.65 45.11 -54.86
CA LYS Z 5 38.80 45.21 -53.96
C LYS Z 5 38.99 43.94 -53.13
N LYS Z 6 37.89 43.42 -52.61
CA LYS Z 6 37.90 42.15 -51.93
C LYS Z 6 38.48 41.04 -52.81
N ARG Z 7 38.25 41.14 -54.12
CA ARG Z 7 38.68 40.13 -55.07
C ARG Z 7 40.17 40.22 -55.36
N ILE Z 8 40.68 41.43 -55.49
CA ILE Z 8 42.12 41.61 -55.73
C ILE Z 8 42.94 41.18 -54.50
N THR Z 9 42.53 41.64 -53.31
CA THR Z 9 43.22 41.28 -52.06
C THR Z 9 43.26 39.76 -51.86
N GLN Z 10 42.12 39.13 -52.14
CA GLN Z 10 41.95 37.69 -52.03
C GLN Z 10 42.87 36.86 -52.94
N LYS Z 11 43.05 37.33 -54.17
CA LYS Z 11 43.94 36.71 -55.13
C LYS Z 11 45.38 36.92 -54.71
N LEU Z 12 45.70 38.16 -54.32
CA LEU Z 12 47.05 38.52 -53.89
C LEU Z 12 47.48 37.57 -52.76
N LYS Z 13 46.56 37.41 -51.81
CA LYS Z 13 46.83 36.59 -50.65
C LYS Z 13 46.95 35.15 -51.02
N GLN Z 14 45.99 34.66 -51.80
CA GLN Z 14 46.02 33.29 -52.26
C GLN Z 14 47.39 33.05 -52.85
N THR Z 15 48.18 34.11 -52.98
CA THR Z 15 49.64 33.90 -53.09
C THR Z 15 50.61 34.43 -52.00
N ALA Z 16 50.59 33.71 -50.87
CA ALA Z 16 51.82 33.45 -50.18
C ALA Z 16 51.93 32.14 -49.34
N PHE Z 17 52.72 31.28 -49.97
CA PHE Z 17 53.65 30.37 -49.40
C PHE Z 17 54.99 31.01 -49.81
N ALA Z 18 55.01 32.34 -49.87
CA ALA Z 18 56.17 33.13 -50.29
C ALA Z 18 57.31 33.06 -49.29
N GLY Z 19 58.53 33.07 -49.79
CA GLY Z 19 59.70 33.26 -48.97
C GLY Z 19 60.74 32.21 -49.23
N ALA Z 20 61.94 32.47 -48.75
CA ALA Z 20 63.01 31.49 -48.78
C ALA Z 20 62.38 30.14 -48.41
N LYS Z 21 62.76 29.08 -49.11
CA LYS Z 21 62.21 27.75 -48.93
C LYS Z 21 63.25 26.83 -48.31
N ASN Z 22 62.78 25.75 -47.69
CA ASN Z 22 63.64 24.76 -47.09
C ASN Z 22 63.20 23.39 -47.59
N TYR Z 23 64.16 22.57 -48.03
CA TYR Z 23 63.83 21.30 -48.67
C TYR Z 23 64.50 20.20 -47.93
N GLN Z 24 65.07 20.57 -46.80
CA GLN Z 24 65.92 19.67 -46.06
C GLN Z 24 65.12 18.63 -45.24
N TYR Z 25 64.44 17.72 -45.92
CA TYR Z 25 63.61 16.74 -45.21
C TYR Z 25 64.02 15.32 -45.51
N VAL Z 26 64.02 14.49 -44.48
CA VAL Z 26 64.25 13.05 -44.66
C VAL Z 26 63.05 12.31 -44.12
N MSE Z 27 62.86 11.07 -44.58
CA MSE Z 27 61.79 10.24 -44.08
C MSE Z 27 62.24 8.79 -43.78
O MSE Z 27 63.23 8.35 -44.35
CB MSE Z 27 60.66 10.26 -45.10
CG MSE Z 27 61.03 9.56 -46.33
SE MSE Z 27 59.63 9.39 -47.70
CE MSE Z 27 59.19 11.18 -48.02
N SER Z 28 61.54 8.06 -42.91
CA SER Z 28 61.71 6.61 -42.79
C SER Z 28 61.33 6.00 -44.11
N GLU Z 29 61.94 4.87 -44.43
CA GLU Z 29 61.69 4.18 -45.68
C GLU Z 29 61.41 2.72 -45.32
N GLN Z 30 60.15 2.34 -45.46
CA GLN Z 30 59.70 1.03 -45.18
C GLN Z 30 58.80 0.65 -46.34
N PRO Z 31 59.08 -0.48 -47.01
CA PRO Z 31 58.33 -0.79 -48.21
C PRO Z 31 56.83 -0.91 -47.95
N GLU Z 32 56.39 -1.50 -46.84
CA GLU Z 32 54.94 -1.58 -46.53
C GLU Z 32 54.23 -0.25 -46.44
N MSE Z 33 54.98 0.87 -46.34
CA MSE Z 33 54.39 2.15 -46.12
C MSE Z 33 54.44 3.03 -47.36
O MSE Z 33 54.14 4.23 -47.27
CB MSE Z 33 55.12 2.86 -45.01
CG MSE Z 33 55.36 2.07 -43.72
SE MSE Z 33 53.69 1.39 -42.90
CE MSE Z 33 54.47 0.75 -41.23
N ARG Z 34 54.87 2.49 -48.51
CA ARG Z 34 55.06 3.37 -49.68
C ARG Z 34 53.77 3.97 -50.16
N SER Z 35 52.65 3.33 -49.88
CA SER Z 35 51.35 3.74 -50.40
C SER Z 35 50.86 5.04 -49.79
N ILE Z 36 51.55 5.50 -48.76
CA ILE Z 36 51.26 6.81 -48.21
C ILE Z 36 52.45 7.73 -48.14
N GLN Z 37 53.56 7.39 -48.79
CA GLN Z 37 54.73 8.27 -48.75
C GLN Z 37 54.44 9.52 -49.53
N PRO Z 38 55.04 10.65 -49.16
CA PRO Z 38 54.90 11.87 -49.97
C PRO Z 38 55.94 11.92 -51.05
N VAL Z 39 55.67 12.69 -52.10
CA VAL Z 39 56.60 12.94 -53.18
C VAL Z 39 57.43 14.11 -52.73
N HIS Z 40 56.82 15.12 -52.12
CA HIS Z 40 57.64 16.24 -51.64
C HIS Z 40 57.21 16.68 -50.26
N VAL Z 41 58.16 17.20 -49.49
CA VAL Z 41 57.83 17.89 -48.26
C VAL Z 41 58.75 19.08 -48.22
N TRP Z 42 58.19 20.25 -48.02
CA TRP Z 42 59.04 21.42 -47.96
C TRP Z 42 58.30 22.51 -47.22
N ASP Z 43 59.02 23.55 -46.82
CA ASP Z 43 58.39 24.63 -46.14
C ASP Z 43 59.01 25.93 -46.47
N ASN Z 44 58.31 26.90 -45.90
CA ASN Z 44 58.36 28.35 -46.02
C ASN Z 44 59.00 28.97 -44.79
N TYR Z 45 59.43 28.15 -43.81
CA TYR Z 45 59.64 28.67 -42.45
C TYR Z 45 58.36 29.19 -41.73
N ARG Z 46 57.18 29.05 -42.36
CA ARG Z 46 55.89 29.37 -41.72
C ARG Z 46 54.90 28.19 -41.83
N PHE Z 47 54.64 27.76 -43.06
CA PHE Z 47 53.72 26.68 -43.42
C PHE Z 47 54.55 25.52 -44.00
N THR Z 48 54.06 24.29 -43.94
CA THR Z 48 54.80 23.16 -44.45
C THR Z 48 53.92 22.44 -45.43
N ARG Z 49 54.43 22.15 -46.61
CA ARG Z 49 53.64 21.40 -47.60
C ARG Z 49 54.03 19.93 -47.65
N PHE Z 50 53.02 19.07 -47.70
CA PHE Z 50 53.22 17.63 -47.94
C PHE Z 50 52.53 17.34 -49.25
N GLU Z 51 53.29 16.96 -50.26
CA GLU Z 51 52.72 16.69 -51.57
C GLU Z 51 52.69 15.21 -51.87
N PHE Z 52 51.54 14.74 -52.33
CA PHE Z 52 51.27 13.32 -52.65
C PHE Z 52 51.04 13.19 -54.16
N PRO Z 53 51.12 11.95 -54.71
CA PRO Z 53 50.79 11.78 -56.11
C PRO Z 53 49.40 12.28 -56.40
N ALA Z 54 49.22 12.95 -57.54
CA ALA Z 54 47.92 13.53 -57.97
C ALA Z 54 46.67 12.74 -57.63
N ASN Z 55 46.62 11.44 -57.91
CA ASN Z 55 45.44 10.61 -57.66
C ASN Z 55 45.59 9.65 -56.45
N ALA Z 56 46.61 9.82 -55.63
CA ALA Z 56 46.69 8.99 -54.43
C ALA Z 56 45.68 9.47 -53.36
N GLU Z 57 45.27 8.55 -52.54
CA GLU Z 57 44.43 8.84 -51.40
C GLU Z 57 45.22 9.73 -50.47
N LEU Z 58 44.57 10.73 -49.90
CA LEU Z 58 45.21 11.64 -48.93
C LEU Z 58 45.31 10.98 -47.57
N PRO Z 59 46.53 10.74 -47.08
CA PRO Z 59 46.64 10.32 -45.70
C PRO Z 59 46.54 11.54 -44.81
N GLN Z 60 46.75 11.35 -43.54
CA GLN Z 60 46.59 12.44 -42.58
C GLN Z 60 47.97 12.83 -41.99
N VAL Z 61 48.16 14.07 -41.54
CA VAL Z 61 49.47 14.45 -41.00
C VAL Z 61 49.51 15.02 -39.56
N TYR Z 62 50.47 14.58 -38.76
CA TYR Z 62 50.54 15.02 -37.37
C TYR Z 62 51.92 15.61 -37.13
N MSE Z 63 52.02 16.63 -36.28
CA MSE Z 63 53.34 17.17 -35.93
C MSE Z 63 53.85 16.73 -34.54
O MSE Z 63 53.06 16.34 -33.66
CB MSE Z 63 53.32 18.68 -36.01
CG MSE Z 63 52.66 19.38 -34.85
SE MSE Z 63 52.87 21.31 -35.02
CE MSE Z 63 53.45 21.61 -33.22
N ILE Z 64 55.16 16.78 -34.36
CA ILE Z 64 55.73 16.60 -33.02
C ILE Z 64 55.94 17.96 -32.38
N SER Z 65 55.13 18.26 -31.40
CA SER Z 65 55.16 19.58 -30.85
C SER Z 65 56.42 19.86 -30.03
N ALA Z 66 56.60 21.14 -29.68
CA ALA Z 66 57.62 21.54 -28.71
C ALA Z 66 57.47 20.78 -27.38
N SER Z 67 56.28 20.30 -27.11
CA SER Z 67 56.04 19.64 -25.86
C SER Z 67 56.57 18.19 -25.83
N GLY Z 68 56.96 17.68 -27.01
CA GLY Z 68 57.37 16.32 -27.19
C GLY Z 68 56.27 15.40 -27.68
N LYS Z 69 55.00 15.83 -27.63
CA LYS Z 69 53.88 14.98 -28.01
C LYS Z 69 53.51 15.08 -29.51
N GLU Z 70 53.02 13.98 -30.11
CA GLU Z 70 52.44 14.01 -31.43
C GLU Z 70 51.18 14.82 -31.33
N THR Z 71 50.94 15.72 -32.26
CA THR Z 71 49.85 16.68 -32.17
C THR Z 71 49.06 16.86 -33.47
N LEU Z 72 47.76 17.04 -33.38
CA LEU Z 72 46.94 17.31 -34.56
C LEU Z 72 47.01 18.81 -34.87
N PRO Z 73 47.62 19.22 -36.01
CA PRO Z 73 47.71 20.63 -36.40
C PRO Z 73 46.53 21.04 -37.23
N ASN Z 74 46.50 22.28 -37.71
CA ASN Z 74 45.49 22.68 -38.72
C ASN Z 74 46.09 22.80 -40.12
N SER Z 75 45.36 22.39 -41.16
CA SER Z 75 45.93 22.42 -42.47
C SER Z 75 44.80 22.50 -43.53
N HIS Z 76 45.09 22.99 -44.75
CA HIS Z 76 44.12 23.00 -45.85
C HIS Z 76 44.81 22.36 -47.04
N VAL Z 77 44.06 21.86 -48.07
CA VAL Z 77 44.73 21.36 -49.28
C VAL Z 77 44.86 22.40 -50.40
N VAL Z 78 45.97 22.37 -51.11
CA VAL Z 78 46.17 23.26 -52.24
C VAL Z 78 46.47 22.43 -53.47
N GLY Z 79 46.27 23.01 -54.65
CA GLY Z 79 46.55 22.31 -55.89
C GLY Z 79 45.27 21.97 -56.63
N GLU Z 80 45.38 21.99 -57.95
CA GLU Z 80 44.38 21.47 -58.88
C GLU Z 80 44.00 20.06 -58.60
N ASN Z 81 44.92 19.29 -58.02
CA ASN Z 81 44.66 17.88 -57.77
C ASN Z 81 44.32 17.54 -56.33
N ARG Z 82 44.24 18.59 -55.49
CA ARG Z 82 43.91 18.41 -54.06
C ARG Z 82 44.89 17.43 -53.42
N ASN Z 83 46.15 17.44 -53.87
CA ASN Z 83 47.10 16.44 -53.41
C ASN Z 83 48.20 16.98 -52.52
N ILE Z 84 48.13 18.27 -52.16
CA ILE Z 84 49.13 18.89 -51.31
C ILE Z 84 48.51 19.36 -50.02
N ILE Z 85 49.05 18.96 -48.90
CA ILE Z 85 48.48 19.38 -47.63
C ILE Z 85 49.36 20.52 -47.15
N GLU Z 86 48.78 21.69 -46.95
CA GLU Z 86 49.58 22.79 -46.47
C GLU Z 86 49.32 22.99 -45.01
N VAL Z 87 50.26 22.58 -44.17
CA VAL Z 87 50.03 22.67 -42.73
C VAL Z 87 50.34 24.06 -42.29
N GLU Z 88 49.50 24.60 -41.42
CA GLU Z 88 49.58 26.01 -41.07
C GLU Z 88 50.61 26.23 -40.00
N THR Z 89 51.71 25.50 -40.10
CA THR Z 89 52.68 25.53 -39.06
C THR Z 89 53.98 24.87 -39.50
N VAL Z 90 55.03 25.02 -38.66
CA VAL Z 90 56.34 24.45 -39.04
C VAL Z 90 56.84 23.58 -37.88
N ALA Z 91 57.63 22.56 -38.15
CA ALA Z 91 58.03 21.68 -37.03
C ALA Z 91 59.28 20.91 -37.27
N LYS Z 92 59.94 20.56 -36.19
CA LYS Z 92 61.09 19.65 -36.25
C LYS Z 92 60.73 18.27 -36.84
N GLU Z 93 59.55 17.74 -36.53
CA GLU Z 93 59.30 16.36 -36.94
C GLU Z 93 57.84 16.09 -37.16
N TRP Z 94 57.52 15.05 -37.94
CA TRP Z 94 56.12 14.85 -38.42
C TRP Z 94 55.76 13.38 -38.51
N ARG Z 95 54.47 13.10 -38.56
CA ARG Z 95 54.04 11.74 -38.85
C ARG Z 95 53.01 11.85 -39.93
N ILE Z 96 53.04 10.92 -40.87
CA ILE Z 96 51.97 10.82 -41.85
C ILE Z 96 51.31 9.49 -41.55
N ARG Z 97 49.98 9.47 -41.50
CA ARG Z 97 49.27 8.28 -41.02
C ARG Z 97 47.99 8.06 -41.84
N LEU Z 98 47.67 6.79 -42.07
CA LEU Z 98 46.38 6.37 -42.61
C LEU Z 98 46.17 4.93 -42.20
N GLY Z 99 45.13 4.64 -41.44
CA GLY Z 99 44.97 3.28 -40.91
C GLY Z 99 46.23 2.98 -40.11
N ASP Z 100 46.82 1.80 -40.31
CA ASP Z 100 48.04 1.45 -39.58
C ASP Z 100 49.32 1.75 -40.31
N LYS Z 101 49.26 2.56 -41.35
CA LYS Z 101 50.46 2.90 -42.07
C LYS Z 101 50.97 4.17 -41.46
N VAL Z 102 52.27 4.31 -41.37
CA VAL Z 102 52.88 5.52 -40.84
C VAL Z 102 54.20 5.76 -41.59
N VAL Z 103 54.52 7.04 -41.81
CA VAL Z 103 55.83 7.45 -42.31
C VAL Z 103 56.33 8.61 -41.42
N GLY Z 104 57.52 8.47 -40.86
CA GLY Z 104 58.10 9.56 -40.09
C GLY Z 104 58.83 10.49 -41.03
N VAL Z 105 58.67 11.79 -40.82
CA VAL Z 105 59.28 12.80 -41.68
C VAL Z 105 59.96 13.82 -40.78
N ARG Z 106 61.24 14.04 -41.04
CA ARG Z 106 62.05 14.89 -40.18
C ARG Z 106 62.56 16.12 -40.90
N ASN Z 107 62.51 17.24 -40.20
CA ASN Z 107 62.95 18.51 -40.77
C ASN Z 107 64.38 18.78 -40.35
N ASN Z 108 65.30 18.69 -41.29
CA ASN Z 108 66.70 18.92 -40.98
C ASN Z 108 67.14 20.34 -40.85
N ASN Z 109 66.22 21.27 -41.03
CA ASN Z 109 66.56 22.68 -40.86
C ASN Z 109 65.41 23.42 -40.23
N PHE Z 110 65.00 22.95 -39.05
CA PHE Z 110 63.94 23.61 -38.33
C PHE Z 110 64.59 24.83 -37.70
N ALA Z 111 64.08 26.03 -38.02
CA ALA Z 111 64.68 27.25 -37.55
C ALA Z 111 63.58 28.23 -37.11
N PRO Z 112 62.84 27.87 -36.05
CA PRO Z 112 61.85 28.81 -35.55
C PRO Z 112 62.61 30.12 -35.32
N GLY Z 113 62.02 31.26 -35.42
CA GLY Z 113 62.96 32.37 -35.37
C GLY Z 113 63.24 32.91 -36.75
N ARG Z 114 63.39 32.03 -37.72
CA ARG Z 114 63.40 32.47 -39.09
C ARG Z 114 62.01 32.52 -39.69
N GLY Z 115 61.84 33.39 -40.66
CA GLY Z 115 60.67 33.39 -41.52
C GLY Z 115 59.34 33.87 -41.00
N ALA Z 116 59.31 34.61 -39.89
CA ALA Z 116 58.01 35.14 -39.44
C ALA Z 116 57.57 36.30 -40.35
N VAL Z 117 56.28 36.51 -40.52
CA VAL Z 117 55.84 37.76 -41.10
C VAL Z 117 54.90 38.34 -40.08
N ALA Z 118 54.85 39.65 -39.95
CA ALA Z 118 54.09 40.25 -38.89
C ALA Z 118 52.93 40.97 -39.50
N THR Z 119 52.29 40.33 -40.45
CA THR Z 119 51.32 40.95 -41.28
C THR Z 119 49.88 40.66 -40.84
N GLY Z 120 49.70 39.58 -40.08
CA GLY Z 120 48.38 39.10 -39.71
C GLY Z 120 47.76 38.17 -40.74
N THR Z 121 48.44 37.95 -41.88
CA THR Z 121 47.98 36.95 -42.85
C THR Z 121 49.10 35.99 -43.23
N ALA Z 122 48.82 35.03 -44.07
CA ALA Z 122 49.86 34.11 -44.49
C ALA Z 122 50.84 34.81 -45.44
N SER Z 123 50.49 36.01 -45.87
CA SER Z 123 51.25 36.68 -46.92
C SER Z 123 52.04 37.88 -46.44
N PRO Z 124 53.25 38.09 -46.97
CA PRO Z 124 53.96 39.35 -46.70
C PRO Z 124 53.26 40.54 -47.29
N ASP Z 125 52.36 40.33 -48.22
CA ASP Z 125 51.81 41.43 -48.99
C ASP Z 125 50.40 41.82 -48.64
N VAL Z 126 49.70 41.04 -47.82
CA VAL Z 126 48.39 41.43 -47.36
C VAL Z 126 48.41 41.51 -45.85
N ARG Z 127 47.68 42.45 -45.28
CA ARG Z 127 47.75 42.58 -43.83
C ARG Z 127 46.39 42.57 -43.16
N ARG Z 128 46.34 42.03 -41.95
CA ARG Z 128 45.09 42.01 -41.19
C ARG Z 128 44.90 43.34 -40.50
N VAL Z 129 43.73 43.93 -40.61
CA VAL Z 129 43.52 45.24 -40.04
C VAL Z 129 42.31 45.16 -39.12
N GLN Z 130 42.43 45.73 -37.92
CA GLN Z 130 41.35 45.70 -36.98
C GLN Z 130 40.39 46.81 -37.34
N ILE Z 131 39.15 46.48 -37.71
CA ILE Z 131 38.14 47.50 -37.84
C ILE Z 131 37.72 47.98 -36.47
N HIS AA 5 44.79 0.18 -24.28
CA HIS AA 5 44.84 0.69 -25.66
C HIS AA 5 46.24 0.73 -26.17
N LYS AA 6 46.47 0.19 -27.34
CA LYS AA 6 47.80 0.22 -27.94
C LYS AA 6 47.86 1.37 -29.00
N PRO AA 7 48.86 2.28 -28.87
CA PRO AA 7 49.00 3.46 -29.72
C PRO AA 7 49.28 3.06 -31.16
N PRO AA 8 49.12 3.99 -32.11
CA PRO AA 8 49.42 3.65 -33.50
C PRO AA 8 50.93 3.38 -33.75
N PRO AA 9 51.27 2.72 -34.84
CA PRO AA 9 52.65 2.34 -35.08
C PRO AA 9 53.58 3.54 -35.13
N GLU AA 10 54.86 3.29 -34.85
CA GLU AA 10 55.88 4.30 -34.95
C GLU AA 10 56.77 3.95 -36.17
N PRO AA 11 57.39 4.95 -36.79
CA PRO AA 11 58.14 4.58 -37.97
C PRO AA 11 59.40 3.84 -37.60
N ASP AA 12 59.91 3.01 -38.50
CA ASP AA 12 61.21 2.42 -38.31
C ASP AA 12 62.25 3.25 -39.08
N TRP AA 13 63.25 3.81 -38.42
CA TRP AA 13 64.15 4.68 -39.12
C TRP AA 13 65.43 4.03 -39.62
N SER AA 14 65.58 2.72 -39.39
CA SER AA 14 66.78 2.00 -39.81
C SER AA 14 67.28 2.50 -41.15
N ASN AA 15 66.36 2.65 -42.09
CA ASN AA 15 66.70 3.20 -43.37
C ASN AA 15 65.97 4.54 -43.52
N THR AA 16 66.74 5.64 -43.45
CA THR AA 16 66.22 7.01 -43.57
C THR AA 16 66.77 7.54 -44.88
N VAL AA 17 66.01 8.38 -45.55
CA VAL AA 17 66.17 8.61 -46.97
C VAL AA 17 65.66 10.01 -47.27
N PRO AA 18 66.29 10.76 -48.20
CA PRO AA 18 65.76 12.14 -48.45
C PRO AA 18 64.41 12.07 -49.09
N VAL AA 19 63.58 13.06 -48.78
CA VAL AA 19 62.21 13.06 -49.27
C VAL AA 19 62.28 13.55 -50.71
N ASN AA 20 62.91 14.69 -50.92
CA ASN AA 20 62.88 15.32 -52.24
C ASN AA 20 63.94 14.73 -53.20
N LYS AA 21 63.52 13.79 -54.04
CA LYS AA 21 64.38 13.33 -55.12
C LYS AA 21 64.57 14.47 -56.17
N THR AA 22 63.63 15.41 -56.22
CA THR AA 22 63.70 16.59 -57.09
C THR AA 22 63.14 17.77 -56.33
N ILE AA 23 63.43 18.97 -56.80
CA ILE AA 23 63.02 20.17 -56.11
C ILE AA 23 61.59 20.48 -56.50
N PRO AA 24 60.69 20.60 -55.50
CA PRO AA 24 59.32 20.97 -55.81
C PRO AA 24 59.18 22.41 -56.31
N VAL AA 25 58.07 22.72 -56.97
CA VAL AA 25 57.74 24.09 -57.40
C VAL AA 25 56.38 24.54 -56.86
N ASP AA 26 56.29 25.81 -56.47
CA ASP AA 26 55.01 26.38 -56.05
C ASP AA 26 54.35 27.02 -57.26
N THR AA 27 53.30 26.38 -57.74
CA THR AA 27 52.59 26.86 -58.91
C THR AA 27 51.62 27.99 -58.54
N GLN AA 28 51.99 28.74 -57.50
CA GLN AA 28 51.19 29.87 -57.03
C GLN AA 28 52.04 31.10 -56.73
N GLU BA 12 2.34 5.18 -37.01
CA GLU BA 12 2.86 3.91 -37.58
C GLU BA 12 3.94 4.02 -38.68
N THR BA 13 4.96 4.83 -38.46
CA THR BA 13 6.22 4.53 -39.10
C THR BA 13 7.06 3.65 -38.15
N SER BA 14 7.97 2.84 -38.70
CA SER BA 14 8.82 1.98 -37.90
C SER BA 14 9.55 2.71 -36.73
N GLU BA 15 9.50 2.10 -35.54
CA GLU BA 15 10.17 2.66 -34.36
C GLU BA 15 11.64 2.69 -34.55
N GLY BA 16 12.20 1.56 -34.98
CA GLY BA 16 13.64 1.42 -35.25
C GLY BA 16 14.08 2.47 -36.24
N SER BA 17 13.26 2.68 -37.27
CA SER BA 17 13.60 3.62 -38.30
C SER BA 17 13.60 5.02 -37.72
N SER BA 18 12.62 5.36 -36.86
CA SER BA 18 12.54 6.73 -36.31
C SER BA 18 13.67 6.93 -35.34
N ALA BA 19 13.97 5.91 -34.54
CA ALA BA 19 15.03 6.06 -33.57
C ALA BA 19 16.29 6.39 -34.35
N LEU BA 20 16.48 5.75 -35.50
CA LEU BA 20 17.72 6.02 -36.19
C LEU BA 20 17.69 7.43 -36.79
N ALA BA 21 16.51 7.87 -37.23
CA ALA BA 21 16.45 9.13 -37.96
C ALA BA 21 16.72 10.21 -36.97
N LYS BA 22 16.16 10.05 -35.79
CA LYS BA 22 16.41 10.96 -34.71
C LYS BA 22 17.90 10.97 -34.36
N ASN BA 23 18.57 9.84 -34.31
CA ASN BA 23 19.96 9.93 -33.93
C ASN BA 23 20.81 10.50 -35.02
N LEU BA 24 20.24 10.63 -36.24
CA LEU BA 24 20.95 11.32 -37.35
C LEU BA 24 20.63 12.83 -37.43
N THR BA 25 19.78 13.34 -36.54
CA THR BA 25 19.44 14.77 -36.49
C THR BA 25 20.14 15.52 -35.35
N PRO BA 26 21.25 16.20 -35.66
CA PRO BA 26 22.03 16.87 -34.60
C PRO BA 26 21.39 18.16 -34.11
N ALA BA 27 21.76 18.59 -32.92
CA ALA BA 27 21.36 19.89 -32.42
C ALA BA 27 22.28 20.88 -33.09
N ARG BA 28 21.78 21.78 -33.94
CA ARG BA 28 22.76 22.71 -34.56
C ARG BA 28 23.25 23.76 -33.61
N LEU BA 29 24.54 23.83 -33.43
CA LEU BA 29 25.17 24.86 -32.62
C LEU BA 29 25.18 26.18 -33.38
N LYS BA 30 24.89 27.28 -32.67
CA LYS BA 30 24.99 28.64 -33.23
C LYS BA 30 26.41 29.09 -33.46
N ALA BA 31 26.70 29.67 -34.62
CA ALA BA 31 27.99 30.34 -34.83
C ALA BA 31 28.13 31.44 -33.80
N SER BA 32 29.34 31.96 -33.66
CA SER BA 32 29.58 32.99 -32.68
C SER BA 32 30.36 34.14 -33.34
N ARG BA 33 30.04 35.38 -32.98
CA ARG BA 33 30.71 36.51 -33.55
C ARG BA 33 31.74 37.07 -32.60
N ALA BA 34 32.96 37.24 -33.08
CA ALA BA 34 33.93 37.97 -32.32
C ALA BA 34 33.55 39.44 -32.13
N GLY BA 35 34.06 40.05 -31.08
CA GLY BA 35 33.83 41.43 -30.77
C GLY BA 35 35.10 41.99 -30.19
N VAL BA 36 35.03 43.17 -29.60
CA VAL BA 36 36.23 43.67 -28.92
C VAL BA 36 35.93 44.26 -27.55
N MSE BA 37 36.85 44.07 -26.63
CA MSE BA 37 36.60 44.48 -25.29
C MSE BA 37 36.64 46.00 -25.20
O MSE BA 37 37.51 46.62 -25.74
CB MSE BA 37 37.61 43.80 -24.38
CG MSE BA 37 37.45 44.23 -22.95
SE MSE BA 37 38.53 43.14 -21.76
CE MSE BA 37 37.38 41.55 -21.74
N ALA BA 38 35.68 46.60 -24.50
CA ALA BA 38 35.53 48.04 -24.43
C ALA BA 38 36.70 48.81 -23.79
N ASN BA 39 37.10 48.45 -22.58
CA ASN BA 39 38.06 49.30 -21.87
C ASN BA 39 39.21 48.46 -21.36
N PRO BA 40 40.03 47.95 -22.27
CA PRO BA 40 41.00 46.94 -21.81
C PRO BA 40 41.98 47.51 -20.80
N SER BA 41 42.27 48.80 -20.83
CA SER BA 41 43.22 49.35 -19.88
C SER BA 41 42.55 49.61 -18.54
N LEU BA 42 41.23 49.51 -18.50
CA LEU BA 42 40.54 49.77 -17.25
C LEU BA 42 39.74 48.59 -16.72
N THR BA 43 40.10 47.38 -17.16
CA THR BA 43 39.39 46.16 -16.87
C THR BA 43 40.33 45.07 -16.41
N VAL BA 44 39.97 44.39 -15.32
CA VAL BA 44 40.65 43.13 -14.97
C VAL BA 44 39.80 41.96 -15.54
N PRO BA 45 40.27 41.27 -16.56
CA PRO BA 45 39.33 40.35 -17.20
C PRO BA 45 39.36 38.95 -16.60
N LYS BA 46 38.36 38.13 -16.89
CA LYS BA 46 38.25 36.75 -16.52
C LYS BA 46 39.58 36.03 -16.68
N GLY BA 47 39.93 35.18 -15.72
CA GLY BA 47 41.06 34.29 -15.96
C GLY BA 47 42.32 34.84 -15.34
N LYS BA 48 42.38 36.15 -15.06
CA LYS BA 48 43.56 36.64 -14.39
C LYS BA 48 43.59 36.15 -12.95
N MSE BA 49 44.77 35.99 -12.36
CA MSE BA 49 44.87 35.58 -10.94
C MSE BA 49 45.16 36.77 -9.97
O MSE BA 49 45.87 37.71 -10.30
CB MSE BA 49 45.92 34.48 -10.76
CG MSE BA 49 45.83 33.36 -11.80
SE MSE BA 49 44.19 32.29 -11.65
CE MSE BA 49 44.58 31.70 -9.81
N ILE BA 50 44.58 36.69 -8.78
CA ILE BA 50 44.88 37.65 -7.74
C ILE BA 50 45.61 36.86 -6.65
N PRO BA 51 46.89 37.05 -6.53
CA PRO BA 51 47.59 36.33 -5.45
C PRO BA 51 47.27 36.97 -4.11
N CYS BA 52 47.09 36.15 -3.09
CA CYS BA 52 46.48 36.61 -1.84
C CYS BA 52 47.21 35.87 -0.71
N GLY BA 53 47.32 36.53 0.45
CA GLY BA 53 47.77 35.89 1.69
C GLY BA 53 46.64 35.91 2.69
N THR BA 54 46.25 34.73 3.20
CA THR BA 54 45.03 34.70 4.03
C THR BA 54 45.28 35.48 5.33
N GLY BA 55 44.29 36.23 5.78
CA GLY BA 55 44.43 36.85 7.07
C GLY BA 55 43.93 35.85 8.13
N THR BA 56 42.67 35.47 8.02
CA THR BA 56 42.06 34.57 8.97
C THR BA 56 42.52 33.12 8.74
N GLU BA 57 42.84 32.45 9.83
CA GLU BA 57 42.91 31.01 9.77
C GLU BA 57 41.58 30.50 9.23
N LEU BA 58 41.53 29.21 8.87
CA LEU BA 58 40.33 28.60 8.25
C LEU BA 58 40.09 27.22 8.82
N ASP BA 59 38.83 26.91 9.17
CA ASP BA 59 38.46 25.66 9.75
C ASP BA 59 37.08 25.34 9.30
N THR BA 60 36.87 24.35 8.43
CA THR BA 60 35.52 24.08 7.93
C THR BA 60 34.53 23.42 8.90
N THR BA 61 34.84 23.31 10.19
CA THR BA 61 33.84 22.74 11.10
C THR BA 61 32.55 23.54 11.10
N VAL BA 62 32.66 24.90 11.15
CA VAL BA 62 31.47 25.78 11.24
C VAL BA 62 31.49 26.75 10.08
N PRO BA 63 30.39 26.84 9.28
CA PRO BA 63 30.50 27.69 8.06
C PRO BA 63 30.74 29.12 8.50
N GLY BA 64 31.57 29.88 7.81
CA GLY BA 64 31.79 31.25 8.17
C GLY BA 64 32.53 31.98 7.09
N GLN BA 65 33.22 33.05 7.49
CA GLN BA 65 33.88 33.96 6.59
C GLN BA 65 35.38 33.78 6.61
N VAL BA 66 36.08 34.29 5.58
CA VAL BA 66 37.53 34.31 5.50
C VAL BA 66 37.95 35.71 5.06
N SER BA 67 39.22 36.07 5.24
CA SER BA 67 39.75 37.23 4.58
C SER BA 67 41.15 36.95 3.98
N CYS BA 68 41.55 37.73 2.98
CA CYS BA 68 42.93 37.73 2.55
C CYS BA 68 43.31 39.12 2.06
N ARG BA 69 44.62 39.36 1.93
CA ARG BA 69 45.10 40.64 1.49
C ARG BA 69 45.86 40.41 0.25
N VAL BA 70 45.61 41.23 -0.77
CA VAL BA 70 46.26 41.06 -2.06
C VAL BA 70 47.76 41.21 -1.91
N SER BA 71 48.45 40.24 -2.42
CA SER BA 71 49.84 40.05 -2.23
C SER BA 71 50.74 40.83 -3.19
N GLN BA 72 50.21 41.16 -4.36
CA GLN BA 72 51.00 41.79 -5.38
C GLN BA 72 50.00 42.45 -6.29
N ASP BA 73 50.43 43.48 -7.04
CA ASP BA 73 49.50 44.28 -7.86
C ASP BA 73 48.99 43.46 -8.96
N VAL BA 74 47.73 43.66 -9.31
CA VAL BA 74 47.15 43.07 -10.52
C VAL BA 74 46.79 44.16 -11.54
N TYR BA 75 47.33 43.99 -12.75
CA TYR BA 75 47.13 44.94 -13.85
C TYR BA 75 45.93 44.59 -14.75
N SER BA 76 45.59 45.58 -15.59
CA SER BA 76 44.46 45.52 -16.55
C SER BA 76 44.63 44.47 -17.62
N ALA BA 77 43.59 44.32 -18.45
CA ALA BA 77 43.60 43.36 -19.57
C ALA BA 77 44.81 43.45 -20.43
N ASP BA 78 45.40 44.64 -20.60
CA ASP BA 78 46.58 44.76 -21.51
C ASP BA 78 47.89 44.77 -20.78
N GLY BA 79 47.85 44.79 -19.46
CA GLY BA 79 49.07 44.79 -18.65
C GLY BA 79 49.57 46.21 -18.34
N LEU BA 80 48.84 47.24 -18.76
CA LEU BA 80 49.38 48.59 -18.68
C LEU BA 80 48.99 49.42 -17.46
N VAL BA 81 47.83 49.14 -16.87
CA VAL BA 81 47.37 49.93 -15.77
C VAL BA 81 47.20 49.05 -14.54
N ARG BA 82 47.75 49.49 -13.40
CA ARG BA 82 47.54 48.83 -12.12
C ARG BA 82 46.11 49.07 -11.63
N LEU BA 83 45.35 47.99 -11.39
CA LEU BA 83 43.93 48.07 -11.01
C LEU BA 83 43.62 47.49 -9.62
N ILE BA 84 44.08 46.28 -9.37
CA ILE BA 84 43.86 45.70 -8.05
C ILE BA 84 45.15 45.85 -7.26
N ASP BA 85 45.14 46.73 -6.29
CA ASP BA 85 46.38 47.15 -5.66
C ASP BA 85 46.82 46.16 -4.56
N LYS BA 86 48.10 45.85 -4.57
CA LYS BA 86 48.75 45.19 -3.47
C LYS BA 86 48.30 45.83 -2.16
N GLY BA 87 47.85 45.00 -1.24
CA GLY BA 87 47.50 45.52 0.07
C GLY BA 87 46.00 45.65 0.25
N SER BA 88 45.24 45.41 -0.81
CA SER BA 88 43.81 45.47 -0.67
C SER BA 88 43.33 44.28 0.13
N TRP BA 89 42.25 44.47 0.85
CA TRP BA 89 41.63 43.40 1.64
C TRP BA 89 40.51 42.78 0.85
N VAL BA 90 40.39 41.45 0.93
CA VAL BA 90 39.33 40.76 0.26
C VAL BA 90 38.56 40.01 1.34
N ASP BA 91 37.25 40.13 1.36
CA ASP BA 91 36.46 39.34 2.31
C ASP BA 91 35.71 38.24 1.55
N GLY BA 92 35.62 37.04 2.15
CA GLY BA 92 34.94 35.94 1.49
C GLY BA 92 34.29 35.01 2.45
N GLN BA 93 33.81 33.87 1.95
CA GLN BA 93 33.03 32.97 2.85
C GLN BA 93 33.28 31.55 2.51
N ILE BA 94 33.24 30.70 3.53
CA ILE BA 94 33.36 29.25 3.34
C ILE BA 94 32.12 28.70 3.99
N THR BA 95 31.18 28.18 3.22
CA THR BA 95 29.86 27.98 3.82
C THR BA 95 29.45 26.56 3.81
N GLY BA 96 30.31 25.70 3.32
CA GLY BA 96 30.08 24.28 3.43
C GLY BA 96 31.38 23.61 3.83
N GLY BA 97 31.34 22.30 4.01
CA GLY BA 97 32.54 21.60 4.52
C GLY BA 97 33.17 20.70 3.48
N ILE BA 98 33.94 19.71 3.93
CA ILE BA 98 34.59 18.78 3.01
C ILE BA 98 34.01 17.40 3.26
N LYS BA 99 34.19 16.53 2.29
CA LYS BA 99 33.74 15.13 2.33
C LYS BA 99 34.99 14.24 2.40
N ASP BA 100 34.87 12.99 2.82
CA ASP BA 100 36.00 12.04 2.76
C ASP BA 100 36.48 11.93 1.33
N GLY BA 101 37.77 11.88 1.10
CA GLY BA 101 38.22 11.92 -0.25
C GLY BA 101 38.52 13.32 -0.76
N GLN BA 102 38.41 14.36 0.08
CA GLN BA 102 38.73 15.73 -0.31
C GLN BA 102 39.70 16.40 0.63
N ALA BA 103 40.60 17.22 0.11
CA ALA BA 103 41.58 17.84 0.97
C ALA BA 103 41.64 19.34 0.62
N ARG BA 104 40.55 19.85 0.08
CA ARG BA 104 40.47 21.26 -0.25
C ARG BA 104 39.03 21.63 -0.34
N VAL BA 105 38.72 22.90 -0.12
CA VAL BA 105 37.35 23.35 0.01
C VAL BA 105 37.01 24.57 -0.87
N PHE BA 106 35.75 24.65 -1.34
CA PHE BA 106 35.26 25.77 -2.15
C PHE BA 106 35.28 27.02 -1.29
N VAL BA 107 35.72 28.14 -1.82
CA VAL BA 107 35.78 29.42 -1.13
C VAL BA 107 35.25 30.50 -2.07
N LEU BA 108 34.27 31.28 -1.59
CA LEU BA 108 33.67 32.35 -2.43
C LEU BA 108 34.23 33.68 -1.93
N TRP BA 109 35.10 34.28 -2.75
CA TRP BA 109 35.64 35.60 -2.46
C TRP BA 109 34.71 36.65 -2.96
N GLU BA 110 34.26 37.53 -2.07
CA GLU BA 110 33.22 38.46 -2.51
C GLU BA 110 33.71 39.82 -2.94
N ARG BA 111 34.41 40.57 -2.08
CA ARG BA 111 34.68 41.96 -2.38
C ARG BA 111 36.10 42.28 -2.14
N ILE BA 112 36.68 43.07 -3.03
CA ILE BA 112 38.00 43.62 -2.82
C ILE BA 112 37.81 45.07 -2.34
N ARG BA 113 38.57 45.49 -1.33
CA ARG BA 113 38.49 46.83 -0.81
C ARG BA 113 39.87 47.43 -0.70
N ASN BA 114 40.09 48.54 -1.37
CA ASN BA 114 41.41 49.13 -1.34
C ASN BA 114 41.43 50.10 -0.17
N ASP BA 115 42.30 49.88 0.81
CA ASP BA 115 42.18 50.69 1.98
C ASP BA 115 42.89 52.00 1.88
N GLN BA 116 43.70 52.22 0.86
CA GLN BA 116 44.29 53.53 0.69
C GLN BA 116 43.27 54.50 0.11
N ASP BA 117 42.44 53.97 -0.77
CA ASP BA 117 41.70 54.61 -1.83
C ASP BA 117 40.18 54.53 -1.73
N GLY BA 118 39.64 53.52 -1.05
CA GLY BA 118 38.21 53.25 -1.01
C GLY BA 118 37.59 52.46 -2.18
N THR BA 119 38.38 52.09 -3.20
CA THR BA 119 37.80 51.43 -4.35
C THR BA 119 37.34 50.07 -3.84
N ILE BA 120 36.14 49.66 -4.23
CA ILE BA 120 35.52 48.43 -3.84
C ILE BA 120 34.97 47.76 -5.11
N VAL BA 121 35.11 46.45 -5.23
CA VAL BA 121 34.46 45.80 -6.32
C VAL BA 121 33.99 44.45 -5.85
N ASN BA 122 32.77 44.05 -6.16
CA ASN BA 122 32.32 42.72 -5.84
C ASN BA 122 32.87 41.78 -6.92
N ILE BA 123 33.86 40.94 -6.57
CA ILE BA 123 34.42 40.07 -7.60
C ILE BA 123 33.66 38.79 -7.73
N ASP BA 124 32.93 38.39 -6.67
CA ASP BA 124 32.22 37.12 -6.64
C ASP BA 124 32.97 35.96 -7.42
N SER BA 125 34.17 35.62 -6.95
CA SER BA 125 35.06 34.70 -7.62
C SER BA 125 35.49 33.61 -6.69
N ALA BA 126 35.96 32.51 -7.26
CA ALA BA 126 36.30 31.33 -6.46
C ALA BA 126 37.76 31.36 -6.13
N GLY BA 127 38.09 30.95 -4.90
CA GLY BA 127 39.47 30.91 -4.42
C GLY BA 127 40.17 29.69 -4.97
N THR BA 128 41.50 29.73 -5.03
CA THR BA 128 42.34 28.66 -5.56
C THR BA 128 43.66 28.56 -4.84
N ASN BA 129 44.39 27.49 -5.10
CA ASN BA 129 45.84 27.42 -5.08
C ASN BA 129 46.58 28.61 -5.62
N SER BA 130 47.87 28.64 -5.32
CA SER BA 130 48.80 29.42 -6.06
C SER BA 130 48.93 29.07 -7.52
N LEU BA 131 48.61 27.86 -7.91
CA LEU BA 131 48.74 27.45 -9.34
C LEU BA 131 47.37 27.40 -10.06
N GLY BA 132 46.33 27.89 -9.38
CA GLY BA 132 45.01 28.10 -10.00
C GLY BA 132 43.93 27.00 -9.92
N SER BA 133 44.25 25.87 -9.34
CA SER BA 133 43.27 24.81 -9.28
C SER BA 133 42.28 25.16 -8.20
N ALA BA 134 41.11 24.56 -8.25
CA ALA BA 134 39.92 25.02 -7.52
C ALA BA 134 39.90 24.69 -6.03
N GLY BA 135 39.52 25.68 -5.21
CA GLY BA 135 39.40 25.48 -3.76
C GLY BA 135 40.73 25.66 -3.02
N ILE BA 136 40.68 26.05 -1.74
CA ILE BA 136 41.91 26.25 -0.96
C ILE BA 136 42.34 24.90 -0.36
N PRO BA 137 43.58 24.42 -0.64
CA PRO BA 137 44.01 23.18 -0.01
C PRO BA 137 44.14 23.39 1.48
N GLY BA 138 43.99 22.31 2.27
CA GLY BA 138 44.25 22.37 3.70
C GLY BA 138 44.56 21.02 4.31
N GLN BA 139 44.54 20.93 5.62
CA GLN BA 139 44.92 19.72 6.30
C GLN BA 139 43.63 19.05 6.78
N VAL BA 140 43.45 17.78 6.45
CA VAL BA 140 42.24 17.09 6.82
C VAL BA 140 42.32 16.42 8.24
N ASP BA 141 41.30 16.63 9.05
CA ASP BA 141 41.06 15.85 10.24
C ASP BA 141 39.86 14.92 10.02
N ALA BA 142 40.14 13.61 9.89
CA ALA BA 142 39.11 12.64 9.57
C ALA BA 142 38.14 12.33 10.71
N HIS BA 143 38.47 12.77 11.91
CA HIS BA 143 37.72 12.41 13.11
C HIS BA 143 37.45 10.88 13.25
N MSE BA 144 38.41 10.03 12.90
CA MSE BA 144 38.22 8.55 13.02
C MSE BA 144 37.77 8.05 14.41
O MSE BA 144 36.80 7.34 14.55
CB MSE BA 144 39.46 7.77 12.59
CG MSE BA 144 39.82 7.88 11.15
SE MSE BA 144 38.35 7.30 10.02
CE MSE BA 144 38.47 5.38 10.40
N TRP BA 145 38.47 8.48 15.47
CA TRP BA 145 38.10 8.09 16.82
C TRP BA 145 36.65 8.40 17.10
N GLU BA 146 36.25 9.69 17.04
CA GLU BA 146 34.82 10.03 17.25
C GLU BA 146 33.91 9.25 16.34
N ARG BA 147 34.33 8.94 15.12
CA ARG BA 147 33.48 8.22 14.16
C ARG BA 147 33.38 6.71 14.47
N LEU BA 148 34.27 6.24 15.34
CA LEU BA 148 34.41 4.82 15.62
C LEU BA 148 34.14 4.44 17.09
N ARG BA 149 34.27 5.37 18.03
CA ARG BA 149 34.33 5.03 19.44
C ARG BA 149 33.08 4.31 19.95
N GLY BA 150 31.93 4.61 19.34
CA GLY BA 150 30.68 4.04 19.81
C GLY BA 150 30.81 2.55 19.63
N ALA BA 151 30.87 2.14 18.36
CA ALA BA 151 30.97 0.74 17.96
C ALA BA 151 32.11 0.04 18.70
N ILE BA 152 33.27 0.69 18.80
CA ILE BA 152 34.38 0.11 19.52
C ILE BA 152 33.98 -0.23 20.96
N MSE BA 153 33.52 0.78 21.69
CA MSE BA 153 33.10 0.62 23.08
C MSE BA 153 32.07 -0.50 23.23
O MSE BA 153 32.24 -1.43 24.03
CB MSE BA 153 32.52 1.92 23.61
CG MSE BA 153 33.14 2.30 24.91
SE MSE BA 153 34.92 2.94 24.49
CE MSE BA 153 35.92 2.36 26.05
N ILE BA 154 31.00 -0.42 22.44
CA ILE BA 154 29.93 -1.40 22.50
C ILE BA 154 30.52 -2.82 22.29
N SER BA 155 31.15 -3.05 21.14
CA SER BA 155 31.66 -4.37 20.82
C SER BA 155 32.64 -4.87 21.89
N LEU BA 156 33.41 -3.97 22.49
CA LEU BA 156 34.29 -4.37 23.60
C LEU BA 156 33.55 -5.08 24.74
N PHE BA 157 32.29 -4.68 25.00
CA PHE BA 157 31.44 -5.48 25.87
C PHE BA 157 31.15 -6.80 25.17
N SER BA 158 30.44 -6.75 24.03
CA SER BA 158 30.11 -7.97 23.26
C SER BA 158 31.25 -8.99 23.31
N ASP BA 159 32.49 -8.51 23.19
CA ASP BA 159 33.67 -9.34 23.31
C ASP BA 159 33.81 -9.88 24.71
N THR BA 160 33.87 -8.97 25.68
CA THR BA 160 33.89 -9.36 27.10
C THR BA 160 32.64 -10.20 27.52
N LEU BA 161 31.99 -10.79 26.51
CA LEU BA 161 31.14 -11.95 26.72
C LEU BA 161 31.25 -12.92 25.55
N GLY BA 183 27.72 -6.81 13.67
CA GLY BA 183 27.33 -7.29 12.34
C GLY BA 183 26.29 -6.36 11.73
N GLN BA 184 25.08 -6.44 12.28
CA GLN BA 184 24.07 -5.39 12.08
C GLN BA 184 24.33 -4.31 13.13
N LEU BA 185 25.30 -4.60 14.01
CA LEU BA 185 26.02 -3.56 14.74
C LEU BA 185 27.05 -2.92 13.80
N ALA BA 186 27.92 -3.77 13.24
CA ALA BA 186 28.93 -3.35 12.26
C ALA BA 186 28.31 -2.51 11.13
N SER BA 187 27.17 -2.95 10.62
CA SER BA 187 26.48 -2.24 9.56
C SER BA 187 25.88 -0.93 10.05
N GLU BA 188 25.44 -0.93 11.30
CA GLU BA 188 24.98 0.31 11.94
C GLU BA 188 26.16 1.23 12.18
N ALA BA 189 27.29 0.64 12.62
CA ALA BA 189 28.53 1.38 12.84
C ALA BA 189 28.89 2.25 11.62
N LEU BA 190 29.01 1.60 10.46
CA LEU BA 190 29.41 2.25 9.21
C LEU BA 190 28.46 3.38 8.84
N ARG BA 191 27.18 3.19 9.12
CA ARG BA 191 26.18 4.22 8.95
C ARG BA 191 26.57 5.44 9.82
N SER BA 192 26.92 5.18 11.08
CA SER BA 192 27.22 6.22 12.06
C SER BA 192 28.52 6.91 11.67
N TYR BA 193 29.47 6.09 11.22
CA TYR BA 193 30.74 6.52 10.72
C TYR BA 193 30.63 7.57 9.60
N MSE BA 194 29.60 7.43 8.78
CA MSE BA 194 29.40 8.32 7.67
C MSE BA 194 28.65 9.58 8.06
O MSE BA 194 28.58 10.53 7.29
CB MSE BA 194 28.64 7.59 6.57
CG MSE BA 194 29.49 6.56 5.84
SE MSE BA 194 28.42 5.63 4.47
CE MSE BA 194 27.84 7.21 3.40
N SER BA 195 28.09 9.60 9.26
CA SER BA 195 27.27 10.77 9.62
C SER BA 195 28.12 11.95 10.08
N ILE BA 196 29.39 11.72 10.40
CA ILE BA 196 30.23 12.84 10.75
C ILE BA 196 31.36 13.14 9.72
N PRO BA 197 31.40 14.38 9.21
CA PRO BA 197 32.34 14.60 8.12
C PRO BA 197 33.77 14.81 8.65
N PRO BA 198 34.78 14.56 7.83
CA PRO BA 198 36.09 15.12 8.23
C PRO BA 198 36.00 16.66 8.19
N THR BA 199 36.98 17.39 8.75
CA THR BA 199 36.99 18.85 8.65
C THR BA 199 38.35 19.32 8.19
N LEU BA 200 38.40 20.48 7.54
CA LEU BA 200 39.63 20.98 6.94
C LEU BA 200 40.10 22.20 7.69
N TYR BA 201 41.42 22.32 7.88
CA TYR BA 201 42.04 23.44 8.53
C TYR BA 201 43.11 23.98 7.61
N ASP BA 202 43.31 25.27 7.61
CA ASP BA 202 44.42 25.87 6.93
C ASP BA 202 44.92 27.06 7.74
N GLN BA 203 46.22 27.04 8.10
CA GLN BA 203 46.88 28.11 8.84
C GLN BA 203 46.55 29.53 8.34
N GLN BA 204 46.64 30.50 9.25
CA GLN BA 204 46.61 31.91 8.91
C GLN BA 204 47.79 32.21 7.98
N GLY BA 205 47.69 33.22 7.13
CA GLY BA 205 48.82 33.66 6.38
C GLY BA 205 49.25 32.73 5.26
N ASP BA 206 48.33 31.91 4.78
CA ASP BA 206 48.66 31.00 3.70
C ASP BA 206 48.70 31.76 2.37
N ALA BA 207 49.55 31.29 1.46
CA ALA BA 207 49.73 31.92 0.15
C ALA BA 207 48.77 31.19 -0.78
N VAL BA 208 47.88 31.97 -1.38
CA VAL BA 208 46.69 31.40 -1.95
C VAL BA 208 46.27 32.34 -3.06
N SER BA 209 45.35 31.90 -3.90
CA SER BA 209 44.99 32.75 -5.03
C SER BA 209 43.53 32.85 -5.37
N ILE BA 210 43.15 33.77 -6.25
CA ILE BA 210 41.74 33.94 -6.66
C ILE BA 210 41.62 34.00 -8.19
N PHE BA 211 40.82 33.15 -8.79
CA PHE BA 211 40.66 33.15 -10.22
C PHE BA 211 39.54 34.14 -10.53
N VAL BA 212 39.87 35.24 -11.24
CA VAL BA 212 38.87 36.25 -11.53
C VAL BA 212 37.79 35.60 -12.44
N ALA BA 213 36.55 35.52 -11.96
CA ALA BA 213 35.51 34.78 -12.65
C ALA BA 213 34.73 35.55 -13.70
N ARG BA 214 34.77 36.89 -13.61
CA ARG BA 214 33.94 37.77 -14.42
C ARG BA 214 34.79 38.99 -14.64
N ASP BA 215 34.57 39.71 -15.75
CA ASP BA 215 35.34 40.91 -16.05
C ASP BA 215 35.03 41.95 -14.96
N LEU BA 216 36.08 42.61 -14.48
CA LEU BA 216 35.98 43.63 -13.44
C LEU BA 216 36.31 44.98 -14.08
N ASP BA 217 35.34 45.86 -14.08
CA ASP BA 217 35.41 47.08 -14.85
C ASP BA 217 35.68 48.24 -13.93
N PHE BA 218 36.85 48.85 -14.07
CA PHE BA 218 37.25 49.97 -13.21
C PHE BA 218 36.99 51.37 -13.90
N SER BA 219 36.41 51.33 -15.10
CA SER BA 219 35.98 52.53 -15.85
C SER BA 219 35.38 53.67 -15.10
N GLY BA 220 34.55 53.38 -14.10
CA GLY BA 220 33.86 54.40 -13.34
C GLY BA 220 34.67 54.92 -12.18
N VAL BA 221 35.86 54.38 -11.94
CA VAL BA 221 36.61 54.75 -10.77
C VAL BA 221 37.99 55.32 -11.13
N TYR BA 222 38.69 54.73 -12.08
CA TYR BA 222 39.97 55.27 -12.49
C TYR BA 222 39.99 55.82 -13.89
N THR BA 223 40.92 56.73 -14.08
CA THR BA 223 41.17 57.21 -15.39
C THR BA 223 42.65 57.49 -15.54
N LEU BA 224 43.08 57.82 -16.75
CA LEU BA 224 44.51 58.00 -17.04
C LEU BA 224 44.87 59.46 -17.35
N ALA BA 225 46.08 59.87 -16.96
CA ALA BA 225 46.63 61.17 -17.28
C ALA BA 225 48.14 61.05 -17.36
N ASP BA 226 48.80 61.86 -18.17
CA ASP BA 226 50.24 62.05 -17.98
C ASP BA 226 50.39 63.11 -16.88
N ASN BA 227 51.21 62.89 -15.84
CA ASN BA 227 52.38 61.99 -15.85
C ASN BA 227 52.62 61.22 -14.53
N ALA CA 2 39.02 63.51 -24.17
CA ALA CA 2 38.85 63.47 -25.66
C ALA CA 2 39.23 62.10 -26.21
N ALA CA 3 38.77 61.80 -27.42
CA ALA CA 3 39.09 60.54 -28.08
C ALA CA 3 40.54 60.58 -28.56
N ASP CA 4 41.01 61.77 -28.91
CA ASP CA 4 42.38 61.94 -29.36
C ASP CA 4 43.34 61.94 -28.19
N LYS CA 5 42.86 62.35 -27.03
CA LYS CA 5 43.64 62.34 -25.80
C LYS CA 5 43.80 60.91 -25.26
N LYS CA 6 42.72 60.15 -25.29
CA LYS CA 6 42.77 58.75 -24.94
C LYS CA 6 43.79 58.00 -25.82
N ARG CA 7 43.94 58.44 -27.06
CA ARG CA 7 44.82 57.78 -28.02
C ARG CA 7 46.30 58.11 -27.76
N ILE CA 8 46.58 59.34 -27.39
CA ILE CA 8 47.96 59.75 -27.10
C ILE CA 8 48.46 59.08 -25.82
N THR CA 9 47.69 59.20 -24.74
CA THR CA 9 47.99 58.57 -23.44
C THR CA 9 48.24 57.05 -23.58
N GLN CA 10 47.37 56.38 -24.33
CA GLN CA 10 47.46 54.98 -24.62
C GLN CA 10 48.74 54.57 -25.33
N LYS CA 11 49.18 55.37 -26.31
CA LYS CA 11 50.42 55.12 -27.03
C LYS CA 11 51.60 55.34 -26.11
N LEU CA 12 51.58 56.45 -25.40
CA LEU CA 12 52.63 56.82 -24.46
C LEU CA 12 52.86 55.68 -23.52
N LYS CA 13 51.77 55.17 -22.98
CA LYS CA 13 51.81 54.07 -22.03
C LYS CA 13 52.29 52.79 -22.65
N GLN CA 14 51.73 52.42 -23.78
CA GLN CA 14 52.15 51.25 -24.49
C GLN CA 14 53.67 51.31 -24.61
N THR CA 15 54.25 52.46 -24.28
CA THR CA 15 55.69 52.49 -23.93
C THR CA 15 56.15 52.80 -22.48
N ALA CA 16 55.96 51.78 -21.63
CA ALA CA 16 56.93 51.50 -20.60
C ALA CA 16 57.06 50.03 -20.07
N PHE CA 17 58.16 49.50 -20.56
CA PHE CA 17 59.02 48.53 -19.97
C PHE CA 17 60.26 49.42 -19.73
N ALA CA 18 60.01 50.72 -19.52
CA ALA CA 18 61.06 51.69 -19.30
C ALA CA 18 61.89 51.42 -18.07
N GLY CA 19 63.18 51.69 -18.13
CA GLY CA 19 63.97 51.74 -16.92
C GLY CA 19 65.28 51.03 -17.04
N ALA CA 20 66.16 51.24 -16.06
CA ALA CA 20 67.39 50.43 -15.96
C ALA CA 20 66.97 48.97 -16.22
N LYS CA 21 67.70 48.24 -17.04
CA LYS CA 21 67.41 46.81 -17.30
C LYS CA 21 68.36 45.87 -16.61
N ASN CA 22 67.91 44.65 -16.34
CA ASN CA 22 68.71 43.59 -15.76
C ASN CA 22 68.70 42.42 -16.72
N TYR CA 23 69.88 41.89 -17.01
CA TYR CA 23 70.06 40.79 -17.96
C TYR CA 23 70.72 39.63 -17.29
N GLN CA 24 70.82 39.71 -15.97
CA GLN CA 24 71.59 38.69 -15.26
C GLN CA 24 70.77 37.44 -15.01
N TYR CA 25 70.44 36.69 -16.06
CA TYR CA 25 69.66 35.46 -15.94
C TYR CA 25 70.40 34.23 -16.37
N VAL CA 26 70.30 33.16 -15.59
CA VAL CA 26 70.82 31.87 -16.00
C VAL CA 26 69.69 30.84 -16.09
N MSE CA 27 69.92 29.72 -16.77
CA MSE CA 27 68.91 28.68 -16.93
C MSE CA 27 69.47 27.24 -16.86
O MSE CA 27 70.65 27.03 -17.12
CB MSE CA 27 68.17 28.85 -18.25
CG MSE CA 27 69.06 28.71 -19.46
SE MSE CA 27 68.07 28.70 -21.16
CE MSE CA 27 67.46 30.46 -21.17
N SER CA 28 68.65 26.27 -16.50
CA SER CA 28 69.09 24.90 -16.62
C SER CA 28 69.28 24.64 -18.10
N GLU CA 29 70.26 23.79 -18.43
CA GLU CA 29 70.50 23.42 -19.81
C GLU CA 29 70.38 21.91 -19.92
N GLN CA 30 69.30 21.42 -20.50
CA GLN CA 30 69.08 20.00 -20.75
C GLN CA 30 68.64 19.88 -22.20
N PRO CA 31 69.30 19.04 -22.97
CA PRO CA 31 68.99 18.94 -24.40
C PRO CA 31 67.55 18.58 -24.71
N GLU CA 32 66.94 17.67 -23.96
CA GLU CA 32 65.51 17.36 -24.17
C GLU CA 32 64.61 18.56 -24.03
N MSE CA 33 65.07 19.65 -23.41
CA MSE CA 33 64.21 20.78 -23.14
C MSE CA 33 64.48 21.97 -24.04
O MSE CA 33 63.92 23.06 -23.80
CB MSE CA 33 64.32 21.21 -21.68
CG MSE CA 33 64.34 20.10 -20.67
SE MSE CA 33 62.63 19.10 -20.67
CE MSE CA 33 62.95 18.05 -19.03
N ARG CA 34 65.35 21.84 -25.04
CA ARG CA 34 65.65 23.00 -25.89
C ARG CA 34 64.44 23.55 -26.63
N SER CA 35 63.43 22.71 -26.90
CA SER CA 35 62.28 23.08 -27.67
C SER CA 35 61.41 24.13 -26.98
N ILE CA 36 61.68 24.40 -25.71
CA ILE CA 36 60.94 25.46 -25.03
C ILE CA 36 61.85 26.51 -24.38
N GLN CA 37 63.15 26.48 -24.68
CA GLN CA 37 64.07 27.38 -24.01
C GLN CA 37 63.78 28.75 -24.56
N PRO CA 38 64.03 29.82 -23.78
CA PRO CA 38 63.87 31.17 -24.29
C PRO CA 38 65.17 31.59 -24.90
N VAL CA 39 65.12 32.52 -25.85
CA VAL CA 39 66.27 33.22 -26.39
C VAL CA 39 66.71 34.35 -25.41
N HIS CA 40 65.77 35.07 -24.84
CA HIS CA 40 66.15 36.12 -23.90
C HIS CA 40 65.21 36.08 -22.69
N VAL CA 41 65.74 36.49 -21.55
CA VAL CA 41 64.95 36.77 -20.40
C VAL CA 41 65.61 37.96 -19.81
N TRP CA 42 64.81 38.95 -19.48
CA TRP CA 42 65.32 40.16 -18.87
C TRP CA 42 64.20 40.94 -18.25
N ASP CA 43 64.56 41.92 -17.43
CA ASP CA 43 63.57 42.71 -16.76
C ASP CA 43 63.99 44.13 -16.59
N ASN CA 44 63.03 44.82 -16.00
CA ASN CA 44 62.83 46.22 -15.78
C ASN CA 44 62.98 46.56 -14.31
N TYR CA 45 63.22 45.55 -13.46
CA TYR CA 45 62.89 45.66 -12.04
C TYR CA 45 61.35 45.79 -11.69
N ARG CA 46 60.47 45.78 -12.69
CA ARG CA 46 59.03 45.69 -12.45
C ARG CA 46 58.37 44.50 -13.15
N PHE CA 47 58.58 44.39 -14.47
CA PHE CA 47 58.01 43.37 -15.31
C PHE CA 47 59.19 42.54 -15.84
N THR CA 48 58.92 41.31 -16.26
CA THR CA 48 59.96 40.41 -16.74
C THR CA 48 59.59 39.85 -18.11
N ARG CA 49 60.52 39.87 -19.05
CA ARG CA 49 60.20 39.41 -20.39
C ARG CA 49 60.90 38.12 -20.64
N PHE CA 50 60.16 37.16 -21.17
CA PHE CA 50 60.69 35.89 -21.66
C PHE CA 50 60.45 35.93 -23.16
N GLU CA 51 61.51 35.92 -23.94
CA GLU CA 51 61.39 35.99 -25.38
C GLU CA 51 61.72 34.66 -26.04
N PHE CA 52 60.82 34.17 -26.89
CA PHE CA 52 61.03 32.88 -27.59
C PHE CA 52 61.26 33.15 -29.08
N PRO CA 53 61.80 32.15 -29.85
CA PRO CA 53 61.92 32.33 -31.30
C PRO CA 53 60.58 32.70 -31.94
N ALA CA 54 60.64 33.55 -32.96
CA ALA CA 54 59.47 34.18 -33.58
C ALA CA 54 58.34 33.22 -33.85
N ASN CA 55 58.64 32.06 -34.43
CA ASN CA 55 57.60 31.08 -34.78
C ASN CA 55 57.54 29.87 -33.84
N ALA CA 56 58.19 29.92 -32.70
CA ALA CA 56 58.13 28.80 -31.78
C ALA CA 56 56.77 28.81 -31.04
N GLU CA 57 56.35 27.62 -30.63
CA GLU CA 57 55.18 27.48 -29.78
C GLU CA 57 55.45 28.19 -28.47
N LEU CA 58 54.47 28.92 -27.96
CA LEU CA 58 54.58 29.60 -26.68
C LEU CA 58 54.38 28.62 -25.51
N PRO CA 59 55.41 28.46 -24.68
CA PRO CA 59 55.23 27.61 -23.52
C PRO CA 59 54.67 28.53 -22.43
N GLN CA 60 54.53 28.03 -21.24
CA GLN CA 60 53.84 28.77 -20.22
C GLN CA 60 54.88 29.09 -19.14
N VAL CA 61 54.71 30.19 -18.37
CA VAL CA 61 55.74 30.53 -17.36
C VAL CA 61 55.20 30.67 -15.94
N TYR CA 62 55.93 30.19 -14.97
CA TYR CA 62 55.49 30.20 -13.58
C TYR CA 62 56.60 30.84 -12.77
N MSE CA 63 56.25 31.54 -11.70
CA MSE CA 63 57.25 32.14 -10.81
C MSE CA 63 57.37 31.42 -9.46
O MSE CA 63 56.41 30.83 -8.99
CB MSE CA 63 56.91 33.59 -10.58
CG MSE CA 63 55.87 33.86 -9.57
SE MSE CA 63 55.82 35.81 -9.14
CE MSE CA 63 55.76 35.59 -7.24
N ILE CA 64 58.56 31.44 -8.86
CA ILE CA 64 58.70 31.01 -7.49
C ILE CA 64 58.45 32.21 -6.55
N SER CA 65 57.35 32.11 -5.82
CA SER CA 65 56.96 33.20 -4.98
C SER CA 65 57.87 33.41 -3.74
N ALA CA 66 57.73 34.58 -3.10
CA ALA CA 66 58.34 34.80 -1.80
C ALA CA 66 57.94 33.68 -0.82
N SER CA 67 56.78 33.05 -1.03
CA SER CA 67 56.30 31.96 -0.14
C SER CA 67 57.04 30.64 -0.28
N GLY CA 68 57.93 30.54 -1.30
CA GLY CA 68 58.58 29.29 -1.63
C GLY CA 68 57.85 28.41 -2.64
N LYS CA 69 56.60 28.73 -2.97
CA LYS CA 69 55.81 27.93 -3.88
C LYS CA 69 55.82 28.39 -5.36
N GLU CA 70 55.81 27.44 -6.29
CA GLU CA 70 55.67 27.77 -7.69
C GLU CA 70 54.28 28.34 -7.84
N THR CA 71 54.11 29.40 -8.64
CA THR CA 71 52.88 30.22 -8.62
C THR CA 71 52.54 30.69 -10.00
N LEU CA 72 51.26 30.71 -10.35
CA LEU CA 72 50.81 31.22 -11.65
C LEU CA 72 50.77 32.73 -11.58
N PRO CA 73 51.60 33.46 -12.35
CA PRO CA 73 51.50 34.93 -12.37
C PRO CA 73 50.55 35.45 -13.45
N ASN CA 74 50.39 36.75 -13.60
CA ASN CA 74 49.68 37.32 -14.76
C ASN CA 74 50.62 37.93 -15.80
N SER CA 75 50.30 37.79 -17.09
CA SER CA 75 51.26 38.18 -18.11
C SER CA 75 50.57 38.38 -19.44
N HIS CA 76 51.16 39.15 -20.34
CA HIS CA 76 50.54 39.40 -21.63
C HIS CA 76 51.63 39.23 -22.69
N VAL CA 77 51.30 38.95 -23.97
CA VAL CA 77 52.37 38.91 -24.99
C VAL CA 77 52.60 40.23 -25.71
N VAL CA 78 53.87 40.54 -25.96
CA VAL CA 78 54.25 41.71 -26.71
C VAL CA 78 55.04 41.27 -27.96
N GLY CA 79 55.15 42.16 -28.92
CA GLY CA 79 55.85 41.84 -30.14
C GLY CA 79 54.92 41.59 -31.31
N GLU CA 80 55.44 41.91 -32.49
CA GLU CA 80 54.88 41.62 -33.79
C GLU CA 80 54.70 40.13 -33.96
N ASN CA 81 55.55 39.39 -33.28
CA ASN CA 81 55.54 37.96 -33.46
C ASN CA 81 54.87 37.19 -32.34
N ARG CA 82 54.39 37.92 -31.33
CA ARG CA 82 53.63 37.36 -30.25
C ARG CA 82 54.51 36.32 -29.55
N ASN CA 83 55.81 36.60 -29.50
CA ASN CA 83 56.74 35.64 -29.03
C ASN CA 83 57.45 36.04 -27.74
N ILE CA 84 57.03 37.16 -27.16
CA ILE CA 84 57.58 37.66 -25.91
C ILE CA 84 56.48 37.70 -24.79
N ILE CA 85 56.73 36.99 -23.68
CA ILE CA 85 55.76 36.96 -22.59
C ILE CA 85 56.22 37.98 -21.57
N GLU CA 86 55.44 39.02 -21.40
CA GLU CA 86 55.82 40.02 -20.44
C GLU CA 86 55.07 39.76 -19.15
N VAL CA 87 55.77 39.25 -18.13
CA VAL CA 87 55.12 38.94 -16.87
C VAL CA 87 54.99 40.21 -16.05
N GLU CA 88 53.86 40.37 -15.42
CA GLU CA 88 53.54 41.60 -14.74
C GLU CA 88 54.15 41.71 -13.36
N THR CA 89 55.34 41.15 -13.21
CA THR CA 89 55.93 40.97 -11.92
C THR CA 89 57.43 40.63 -12.06
N VAL CA 90 58.14 40.59 -10.96
CA VAL CA 90 59.58 40.31 -11.04
C VAL CA 90 59.89 39.27 -9.97
N ALA CA 91 60.88 38.42 -10.12
CA ALA CA 91 61.07 37.31 -9.16
C ALA CA 91 62.49 36.75 -9.18
N LYS CA 92 62.85 36.08 -8.10
CA LYS CA 92 64.12 35.48 -7.98
C LYS CA 92 64.21 34.34 -8.98
N GLU CA 93 63.12 33.62 -9.18
CA GLU CA 93 63.22 32.34 -9.90
C GLU CA 93 61.96 31.99 -10.67
N TRP CA 94 62.13 31.23 -11.76
CA TRP CA 94 61.05 30.96 -12.67
C TRP CA 94 61.06 29.56 -13.18
N ARG CA 95 59.94 29.11 -13.72
CA ARG CA 95 59.93 27.85 -14.48
C ARG CA 95 59.18 28.14 -15.76
N ILE CA 96 59.61 27.50 -16.84
CA ILE CA 96 58.96 27.58 -18.11
C ILE CA 96 58.50 26.17 -18.36
N ARG CA 97 57.28 26.00 -18.79
CA ARG CA 97 56.68 24.67 -18.87
C ARG CA 97 55.77 24.56 -20.09
N LEU CA 98 55.79 23.38 -20.70
CA LEU CA 98 54.79 22.96 -21.70
C LEU CA 98 54.77 21.46 -21.73
N GLY CA 99 53.64 20.84 -21.42
CA GLY CA 99 53.62 19.38 -21.27
C GLY CA 99 54.67 19.01 -20.22
N ASP CA 100 55.52 18.04 -20.50
CA ASP CA 100 56.43 17.60 -19.48
C ASP CA 100 57.78 18.24 -19.68
N LYS CA 101 57.85 19.25 -20.51
CA LYS CA 101 59.13 19.90 -20.62
C LYS CA 101 59.22 21.01 -19.62
N VAL CA 102 60.41 21.19 -19.03
CA VAL CA 102 60.57 22.27 -18.07
C VAL CA 102 61.94 22.90 -18.23
N VAL CA 103 62.05 24.21 -17.99
CA VAL CA 103 63.33 24.90 -17.98
C VAL CA 103 63.33 25.82 -16.77
N GLY CA 104 64.31 25.65 -15.88
CA GLY CA 104 64.48 26.55 -14.74
C GLY CA 104 65.17 27.83 -15.16
N VAL CA 105 64.67 28.98 -14.71
CA VAL CA 105 65.33 30.26 -15.04
C VAL CA 105 65.55 31.03 -13.73
N ARG CA 106 66.75 31.46 -13.51
CA ARG CA 106 67.08 32.11 -12.24
C ARG CA 106 67.54 33.53 -12.43
N ASN CA 107 67.06 34.43 -11.59
CA ASN CA 107 67.42 35.83 -11.72
C ASN CA 107 68.58 36.12 -10.77
N ASN CA 108 69.77 36.40 -11.31
CA ASN CA 108 70.92 36.64 -10.46
C ASN CA 108 71.03 38.04 -9.91
N ASN CA 109 70.06 38.89 -10.16
CA ASN CA 109 70.07 40.23 -9.59
C ASN CA 109 68.67 40.68 -9.21
N PHE CA 110 67.94 39.84 -8.46
CA PHE CA 110 66.63 40.16 -7.97
C PHE CA 110 66.81 41.20 -6.90
N ALA CA 111 66.23 42.37 -7.10
CA ALA CA 111 66.40 43.48 -6.15
C ALA CA 111 65.07 44.18 -5.89
N PRO CA 112 64.14 43.47 -5.20
CA PRO CA 112 62.84 44.08 -4.95
C PRO CA 112 63.19 45.34 -4.18
N GLY CA 113 62.46 46.39 -4.26
CA GLY CA 113 63.17 47.52 -3.61
C GLY CA 113 63.74 48.45 -4.63
N ARG CA 114 64.37 47.91 -5.66
CA ARG CA 114 64.67 48.73 -6.83
C ARG CA 114 63.53 48.78 -7.84
N GLY CA 115 63.51 49.88 -8.58
CA GLY CA 115 62.68 49.98 -9.75
C GLY CA 115 61.18 50.22 -9.64
N ALA CA 116 60.65 50.53 -8.45
CA ALA CA 116 59.20 50.78 -8.37
C ALA CA 116 58.83 52.06 -9.06
N VAL CA 117 57.61 52.16 -9.56
CA VAL CA 117 57.13 53.48 -9.96
C VAL CA 117 55.84 53.66 -9.22
N ALA CA 118 55.50 54.89 -8.87
CA ALA CA 118 54.39 55.14 -7.99
C ALA CA 118 53.34 55.81 -8.79
N THR CA 119 53.15 55.36 -10.01
CA THR CA 119 52.39 56.10 -10.96
C THR CA 119 50.97 55.56 -11.11
N GLY CA 120 50.76 54.31 -10.66
CA GLY CA 120 49.54 53.54 -10.91
C GLY CA 120 49.42 52.94 -12.30
N THR CA 121 50.45 53.03 -13.13
CA THR CA 121 50.47 52.31 -14.39
C THR CA 121 51.80 51.62 -14.58
N ALA CA 122 51.99 50.96 -15.69
CA ALA CA 122 53.31 50.33 -15.97
C ALA CA 122 54.33 51.39 -16.33
N SER CA 123 53.88 52.62 -16.54
CA SER CA 123 54.77 53.63 -17.12
C SER CA 123 55.14 54.76 -16.18
N PRO CA 124 56.40 55.20 -16.22
CA PRO CA 124 56.74 56.35 -15.40
C PRO CA 124 56.05 57.62 -15.87
N ASP CA 125 55.50 57.61 -17.07
CA ASP CA 125 55.02 58.80 -17.74
C ASP CA 125 53.51 58.92 -17.79
N VAL CA 126 52.80 57.82 -17.54
CA VAL CA 126 51.33 57.89 -17.42
C VAL CA 126 50.89 57.58 -16.01
N ARG CA 127 49.84 58.20 -15.52
CA ARG CA 127 49.48 57.99 -14.15
C ARG CA 127 47.99 57.70 -14.01
N ARG CA 128 47.65 56.86 -13.03
CA ARG CA 128 46.28 56.43 -12.79
C ARG CA 128 45.66 57.45 -11.87
N VAL CA 129 44.49 57.94 -12.23
CA VAL CA 129 43.88 59.01 -11.46
C VAL CA 129 42.51 58.54 -11.02
N GLN CA 130 42.18 58.77 -9.78
CA GLN CA 130 40.86 58.41 -9.30
C GLN CA 130 39.84 59.46 -9.72
N ILE CA 131 38.88 59.11 -10.57
CA ILE CA 131 37.78 60.02 -10.81
C ILE CA 131 36.82 60.02 -9.63
N HIS DA 5 49.08 11.73 -6.91
CA HIS DA 5 49.36 12.62 -8.04
C HIS DA 5 50.85 12.99 -8.02
N LYS DA 6 51.51 12.82 -9.17
CA LYS DA 6 52.89 13.19 -9.26
C LYS DA 6 53.04 14.60 -9.92
N PRO DA 7 53.84 15.48 -9.30
CA PRO DA 7 53.96 16.89 -9.74
C PRO DA 7 54.73 16.94 -11.00
N PRO DA 8 54.71 18.09 -11.69
CA PRO DA 8 55.44 18.19 -12.96
C PRO DA 8 56.94 18.12 -12.76
N PRO DA 9 57.72 17.88 -13.83
CA PRO DA 9 59.16 17.71 -13.65
C PRO DA 9 59.80 18.95 -13.13
N GLU DA 10 60.91 18.77 -12.43
CA GLU DA 10 61.73 19.86 -11.95
C GLU DA 10 62.99 19.96 -12.83
N PRO DA 11 63.54 21.17 -12.97
CA PRO DA 11 64.68 21.22 -13.90
C PRO DA 11 65.91 20.58 -13.30
N ASP DA 12 66.85 20.14 -14.11
CA ASP DA 12 68.08 19.60 -13.59
C ASP DA 12 69.07 20.71 -13.81
N TRP DA 13 69.72 21.21 -12.76
CA TRP DA 13 70.67 22.34 -12.89
C TRP DA 13 72.12 21.94 -13.00
N SER DA 14 72.44 20.64 -13.02
CA SER DA 14 73.81 20.21 -13.23
C SER DA 14 74.60 21.09 -14.19
N ASN DA 15 73.99 21.43 -15.31
CA ASN DA 15 74.59 22.35 -16.21
C ASN DA 15 73.67 23.59 -16.25
N THR DA 16 74.16 24.71 -15.74
CA THR DA 16 73.45 25.96 -15.72
C THR DA 16 74.23 26.89 -16.57
N VAL DA 17 73.56 27.79 -17.26
CA VAL DA 17 74.15 28.45 -18.42
C VAL DA 17 73.52 29.83 -18.53
N PRO DA 18 74.25 30.83 -19.04
CA PRO DA 18 73.54 32.12 -19.16
C PRO DA 18 72.48 32.07 -20.24
N VAL DA 19 71.38 32.78 -20.02
CA VAL DA 19 70.26 32.83 -20.95
C VAL DA 19 70.65 33.74 -22.14
N ASN DA 20 71.11 34.95 -21.86
CA ASN DA 20 71.35 35.90 -22.92
C ASN DA 20 72.73 35.77 -23.56
N LYS DA 21 72.78 35.07 -24.70
CA LYS DA 21 74.01 35.01 -25.47
C LYS DA 21 74.25 36.37 -26.12
N THR DA 22 73.20 37.16 -26.31
CA THR DA 22 73.33 38.54 -26.80
C THR DA 22 72.37 39.41 -26.02
N ILE DA 23 72.59 40.71 -26.03
CA ILE DA 23 71.73 41.61 -25.26
C ILE DA 23 70.45 41.86 -26.02
N PRO DA 24 69.29 41.61 -25.40
CA PRO DA 24 68.04 41.89 -26.11
C PRO DA 24 67.79 43.40 -26.29
N VAL DA 25 66.84 43.75 -27.16
CA VAL DA 25 66.43 45.15 -27.36
C VAL DA 25 64.91 45.29 -27.23
N ASP DA 26 64.46 46.37 -26.60
CA ASP DA 26 63.04 46.69 -26.54
C ASP DA 26 62.67 47.53 -27.75
N THR DA 27 61.92 46.95 -28.67
CA THR DA 27 61.56 47.65 -29.90
C THR DA 27 60.35 48.57 -29.66
N GLN DA 28 60.20 49.04 -28.43
CA GLN DA 28 59.10 49.93 -28.06
C GLN DA 28 59.58 51.10 -27.18
N GLU EA 12 12.12 15.58 -31.83
CA GLU EA 12 13.05 14.53 -32.40
C GLU EA 12 14.39 15.02 -32.98
N THR EA 13 15.14 15.80 -32.23
CA THR EA 13 16.54 15.86 -32.50
C THR EA 13 17.25 14.87 -31.56
N SER EA 14 18.41 14.39 -31.94
CA SER EA 14 19.14 13.42 -31.09
C SER EA 14 19.33 13.82 -29.63
N GLU EA 15 18.98 12.93 -28.73
CA GLU EA 15 19.22 13.14 -27.30
C GLU EA 15 20.65 13.40 -26.97
N GLY EA 16 21.50 12.48 -27.43
CA GLY EA 16 22.92 12.61 -27.27
C GLY EA 16 23.36 13.98 -27.72
N SER EA 17 22.86 14.39 -28.87
CA SER EA 17 23.35 15.60 -29.46
C SER EA 17 22.87 16.81 -28.64
N SER EA 18 21.62 16.80 -28.17
CA SER EA 18 21.17 17.89 -27.27
C SER EA 18 21.94 17.89 -25.97
N ALA EA 19 22.23 16.71 -25.43
CA ALA EA 19 22.86 16.69 -24.14
C ALA EA 19 24.19 17.39 -24.33
N LEU EA 20 24.88 17.08 -25.42
CA LEU EA 20 26.19 17.70 -25.62
C LEU EA 20 26.02 19.21 -25.87
N ALA EA 21 24.97 19.61 -26.59
CA ALA EA 21 24.83 21.06 -26.97
C ALA EA 21 24.56 21.85 -25.72
N LYS EA 22 23.75 21.29 -24.84
CA LYS EA 22 23.53 21.90 -23.54
C LYS EA 22 24.81 21.99 -22.75
N ASN EA 23 25.61 20.94 -22.70
CA ASN EA 23 26.84 21.05 -21.91
C ASN EA 23 27.84 22.03 -22.52
N LEU EA 24 27.62 22.43 -23.77
CA LEU EA 24 28.49 23.44 -24.35
C LEU EA 24 27.94 24.87 -24.21
N THR EA 25 26.82 25.03 -23.47
CA THR EA 25 26.19 26.32 -23.29
C THR EA 25 26.37 26.80 -21.85
N PRO EA 26 27.35 27.67 -21.60
CA PRO EA 26 27.63 28.11 -20.23
C PRO EA 26 26.65 29.15 -19.72
N ALA EA 27 26.53 29.25 -18.40
CA ALA EA 27 25.80 30.31 -17.76
C ALA EA 27 26.70 31.54 -17.87
N ARG EA 28 26.30 32.58 -18.61
CA ARG EA 28 27.19 33.74 -18.65
C ARG EA 28 27.21 34.51 -17.36
N LEU EA 29 28.37 34.73 -16.78
CA LEU EA 29 28.51 35.51 -15.54
C LEU EA 29 28.45 36.99 -15.89
N LYS EA 30 27.81 37.80 -15.07
CA LYS EA 30 27.74 39.26 -15.28
C LYS EA 30 29.09 39.89 -14.92
N ALA EA 31 29.56 40.81 -15.76
CA ALA EA 31 30.68 41.67 -15.36
C ALA EA 31 30.32 42.44 -14.13
N SER EA 32 31.31 42.95 -13.40
CA SER EA 32 31.05 43.71 -12.20
C SER EA 32 31.74 45.09 -12.26
N ARG EA 33 31.05 46.13 -11.79
CA ARG EA 33 31.61 47.48 -11.80
C ARG EA 33 32.18 47.89 -10.45
N ALA EA 34 33.44 48.35 -10.44
CA ALA EA 34 34.02 48.92 -9.25
C ALA EA 34 33.35 50.22 -8.84
N GLY EA 35 33.36 50.53 -7.57
CA GLY EA 35 32.76 51.74 -7.08
C GLY EA 35 33.71 52.26 -6.04
N VAL EA 36 33.25 53.22 -5.23
CA VAL EA 36 34.03 53.63 -4.06
C VAL EA 36 33.24 53.74 -2.77
N MSE EA 37 33.90 53.53 -1.65
CA MSE EA 37 33.18 53.40 -0.42
C MSE EA 37 32.94 54.80 0.08
O MSE EA 37 33.84 55.63 0.01
CB MSE EA 37 34.01 52.58 0.56
CG MSE EA 37 33.38 52.54 1.92
SE MSE EA 37 34.21 51.32 3.11
CE MSE EA 37 33.41 49.67 2.39
N ALA EA 38 31.74 55.06 0.58
CA ALA EA 38 31.28 56.42 0.83
C ALA EA 38 31.97 57.13 2.01
N ASN EA 39 32.04 56.52 3.18
CA ASN EA 39 32.61 57.21 4.30
C ASN EA 39 33.70 56.37 4.95
N PRO EA 40 34.81 56.20 4.27
CA PRO EA 40 35.79 55.25 4.81
C PRO EA 40 36.29 55.60 6.19
N SER EA 41 36.29 56.87 6.57
CA SER EA 41 36.82 57.25 7.90
C SER EA 41 35.81 57.02 8.98
N LEU EA 42 34.56 56.77 8.58
CA LEU EA 42 33.50 56.61 9.52
C LEU EA 42 32.78 55.25 9.41
N THR EA 43 33.45 54.29 8.79
CA THR EA 43 32.91 52.97 8.57
C THR EA 43 33.90 51.92 9.05
N VAL EA 44 33.40 50.90 9.78
CA VAL EA 44 34.20 49.70 10.05
C VAL EA 44 33.77 48.67 9.00
N PRO EA 45 34.63 48.36 8.02
CA PRO EA 45 34.20 47.48 6.92
C PRO EA 45 34.32 45.94 7.20
N LYS EA 46 33.61 45.16 6.38
CA LYS EA 46 33.65 43.73 6.35
C LYS EA 46 35.08 43.26 6.46
N GLY EA 47 35.30 42.21 7.24
CA GLY EA 47 36.60 41.59 7.25
C GLY EA 47 37.50 42.03 8.39
N LYS EA 48 37.23 43.17 8.99
CA LYS EA 48 38.00 43.56 10.11
C LYS EA 48 37.69 42.66 11.30
N MSE EA 49 38.63 42.53 12.20
CA MSE EA 49 38.40 41.72 13.40
C MSE EA 49 38.13 42.61 14.63
O MSE EA 49 38.69 43.70 14.77
CB MSE EA 49 39.61 40.81 13.64
CG MSE EA 49 40.04 40.00 12.42
SE MSE EA 49 38.61 38.80 11.80
CE MSE EA 49 38.46 37.73 13.45
N ILE EA 50 37.22 42.20 15.49
CA ILE EA 50 37.04 42.85 16.78
C ILE EA 50 37.53 41.85 17.84
N PRO EA 51 38.67 42.13 18.46
CA PRO EA 51 39.20 41.18 19.44
C PRO EA 51 38.41 41.40 20.73
N CYS EA 52 38.07 40.33 21.42
CA CYS EA 52 37.11 40.38 22.49
C CYS EA 52 37.55 39.44 23.62
N GLY EA 53 37.08 39.71 24.83
CA GLY EA 53 37.33 38.81 25.95
C GLY EA 53 35.98 38.43 26.51
N THR EA 54 35.68 37.12 26.57
CA THR EA 54 34.34 36.73 26.95
C THR EA 54 34.06 37.16 28.37
N GLY EA 55 32.88 37.69 28.62
CA GLY EA 55 32.47 37.86 30.00
C GLY EA 55 31.87 36.59 30.56
N THR EA 56 30.72 36.19 30.06
CA THR EA 56 30.07 34.92 30.39
C THR EA 56 30.88 33.71 29.98
N GLU EA 57 30.98 32.76 30.90
CA GLU EA 57 31.31 31.36 30.56
C GLU EA 57 30.31 30.87 29.50
N LEU EA 58 30.64 29.77 28.85
CA LEU EA 58 29.84 29.19 27.76
C LEU EA 58 29.69 27.68 27.94
N ASP EA 59 28.50 27.16 27.65
CA ASP EA 59 28.30 25.73 27.82
C ASP EA 59 27.18 25.45 26.88
N THR EA 60 27.36 24.63 25.88
CA THR EA 60 26.31 24.49 24.89
C THR EA 60 25.22 23.49 25.28
N THR EA 61 25.10 23.10 26.53
CA THR EA 61 24.02 22.14 26.87
C THR EA 61 22.63 22.75 26.66
N VAL EA 62 22.46 24.03 26.99
CA VAL EA 62 21.18 24.69 26.83
C VAL EA 62 21.38 25.94 26.02
N PRO EA 63 20.55 26.18 24.96
CA PRO EA 63 20.82 27.33 24.11
C PRO EA 63 20.69 28.54 24.97
N GLY EA 64 21.51 29.56 24.75
CA GLY EA 64 21.29 30.87 25.37
C GLY EA 64 22.21 31.94 24.83
N GLN EA 65 22.66 32.79 25.74
CA GLN EA 65 23.31 34.07 25.43
C GLN EA 65 24.73 34.12 25.91
N VAL EA 66 25.56 34.97 25.28
CA VAL EA 66 26.95 35.17 25.66
C VAL EA 66 27.20 36.66 25.67
N SER EA 67 28.22 37.09 26.42
CA SER EA 67 28.74 38.43 26.32
C SER EA 67 30.26 38.46 26.14
N CYS EA 68 30.79 39.52 25.52
CA CYS EA 68 32.23 39.79 25.53
C CYS EA 68 32.48 41.28 25.53
N ARG EA 69 33.68 41.68 25.93
CA ARG EA 69 33.99 43.08 26.00
C ARG EA 69 35.14 43.35 25.04
N VAL EA 70 35.00 44.38 24.20
CA VAL EA 70 36.00 44.64 23.23
C VAL EA 70 37.34 44.89 23.95
N SER EA 71 38.35 44.24 23.45
CA SER EA 71 39.63 44.16 24.08
C SER EA 71 40.60 45.28 23.71
N GLN EA 72 40.38 45.83 22.51
CA GLN EA 72 41.27 46.80 21.93
C GLN EA 72 40.47 47.61 20.90
N ASP EA 73 40.91 48.83 20.61
CA ASP EA 73 40.13 49.68 19.75
C ASP EA 73 40.14 49.15 18.37
N VAL EA 74 39.08 49.37 17.64
CA VAL EA 74 39.04 49.03 16.25
C VAL EA 74 38.75 50.30 15.49
N TYR EA 75 39.61 50.56 14.52
CA TYR EA 75 39.57 51.76 13.69
C TYR EA 75 38.79 51.58 12.37
N SER EA 76 38.46 52.73 11.76
CA SER EA 76 37.76 52.83 10.50
C SER EA 76 38.46 52.16 9.32
N ALA EA 77 37.76 52.08 8.17
CA ALA EA 77 38.27 51.50 6.95
C ALA EA 77 39.67 51.93 6.57
N ASP EA 78 40.01 53.19 6.84
CA ASP EA 78 41.34 53.68 6.45
C ASP EA 78 42.38 53.68 7.58
N GLY EA 79 41.98 53.20 8.76
CA GLY EA 79 42.86 53.15 9.90
C GLY EA 79 42.94 54.45 10.67
N LEU EA 80 42.19 55.47 10.26
CA LEU EA 80 42.40 56.80 10.79
C LEU EA 80 41.53 57.26 11.97
N VAL EA 81 40.34 56.69 12.11
CA VAL EA 81 39.42 57.05 13.16
C VAL EA 81 39.07 55.82 13.98
N ARG EA 82 39.08 56.00 15.30
CA ARG EA 82 38.67 55.01 16.29
C ARG EA 82 37.14 54.94 16.32
N LEU EA 83 36.57 53.76 16.05
CA LEU EA 83 35.12 53.62 15.93
C LEU EA 83 34.48 52.62 16.93
N ILE EA 84 35.11 51.47 17.10
CA ILE EA 84 34.65 50.53 18.08
C ILE EA 84 35.65 50.59 19.25
N ASP EA 85 35.20 51.17 20.34
CA ASP EA 85 36.06 51.51 21.45
C ASP EA 85 36.30 50.32 22.35
N LYS EA 86 37.55 50.19 22.75
CA LYS EA 86 37.98 49.23 23.72
C LYS EA 86 37.07 49.45 24.91
N GLY EA 87 36.59 48.35 25.52
CA GLY EA 87 35.75 48.39 26.69
C GLY EA 87 34.30 48.29 26.33
N SER EA 88 33.97 48.34 25.05
CA SER EA 88 32.56 48.18 24.66
C SER EA 88 32.03 46.78 24.99
N TRP EA 89 30.75 46.66 25.32
CA TRP EA 89 30.18 45.33 25.59
C TRP EA 89 29.45 44.85 24.34
N VAL EA 90 29.62 43.57 24.01
CA VAL EA 90 28.91 42.95 22.94
C VAL EA 90 28.05 41.83 23.54
N ASP EA 91 26.80 41.74 23.10
CA ASP EA 91 25.91 40.71 23.58
C ASP EA 91 25.60 39.84 22.37
N GLY EA 92 25.57 38.52 22.55
CA GLY EA 92 25.31 37.58 21.47
C GLY EA 92 24.63 36.30 21.93
N GLN EA 93 24.51 35.31 21.06
CA GLN EA 93 23.73 34.14 21.41
C GLN EA 93 24.37 32.89 20.85
N ILE EA 94 24.17 31.79 21.56
CA ILE EA 94 24.65 30.50 21.08
C ILE EA 94 23.42 29.67 21.14
N THR EA 95 22.75 29.44 19.99
CA THR EA 95 21.44 28.82 20.03
C THR EA 95 21.38 27.38 19.56
N GLY EA 96 22.49 26.77 19.24
CA GLY EA 96 22.48 25.32 18.98
C GLY EA 96 23.68 24.74 19.65
N GLY EA 97 23.89 23.44 19.49
CA GLY EA 97 25.02 22.79 20.16
C GLY EA 97 26.05 22.28 19.17
N ILE EA 98 26.90 21.35 19.59
CA ILE EA 98 27.94 20.79 18.76
C ILE EA 98 27.55 19.35 18.53
N LYS EA 99 28.13 18.78 17.49
CA LYS EA 99 28.01 17.33 17.13
C LYS EA 99 29.35 16.59 17.43
N ASP EA 100 29.37 15.26 17.38
CA ASP EA 100 30.62 14.53 17.53
C ASP EA 100 31.49 14.89 16.36
N GLY EA 101 32.77 15.00 16.56
CA GLY EA 101 33.65 15.46 15.51
C GLY EA 101 33.77 16.97 15.45
N GLN EA 102 33.16 17.70 16.40
CA GLN EA 102 33.35 19.14 16.48
C GLN EA 102 33.87 19.62 17.82
N ALA EA 103 34.70 20.66 17.82
CA ALA EA 103 35.22 21.14 19.08
C ALA EA 103 35.09 22.66 19.19
N ARG EA 104 34.16 23.17 18.39
CA ARG EA 104 33.91 24.59 18.37
C ARG EA 104 32.49 24.84 17.90
N VAL EA 105 31.95 26.02 18.17
CA VAL EA 105 30.50 26.27 18.03
C VAL EA 105 30.16 27.61 17.39
N PHE EA 106 29.18 27.61 16.52
CA PHE EA 106 28.66 28.88 15.95
C PHE EA 106 28.16 29.87 17.01
N VAL EA 107 28.54 31.10 16.90
CA VAL EA 107 28.16 32.14 17.86
C VAL EA 107 27.76 33.40 17.10
N LEU EA 108 26.55 33.88 17.33
CA LEU EA 108 26.06 35.09 16.65
C LEU EA 108 26.24 36.27 17.58
N TRP EA 109 27.10 37.21 17.19
CA TRP EA 109 27.28 38.42 18.04
C TRP EA 109 26.36 39.48 17.53
N GLU EA 110 25.52 40.03 18.41
CA GLU EA 110 24.45 40.88 17.92
C GLU EA 110 24.72 42.38 17.95
N ARG EA 111 24.94 42.92 19.14
CA ARG EA 111 25.08 44.35 19.25
C ARG EA 111 26.32 44.71 20.05
N ILE EA 112 26.94 45.82 19.67
CA ILE EA 112 28.04 46.39 20.42
C ILE EA 112 27.47 47.59 21.12
N ARG EA 113 27.80 47.77 22.38
CA ARG EA 113 27.30 48.93 23.09
C ARG EA 113 28.47 49.61 23.78
N ASN EA 114 28.68 50.87 23.44
CA ASN EA 114 29.74 51.63 24.10
C ASN EA 114 29.17 52.20 25.41
N ASP EA 115 29.75 51.80 26.55
CA ASP EA 115 29.14 52.21 27.79
C ASP EA 115 29.68 53.54 28.30
N GLN EA 116 30.66 54.14 27.62
CA GLN EA 116 31.02 55.52 27.95
C GLN EA 116 30.02 56.53 27.32
N ASP EA 117 29.54 56.15 26.14
CA ASP EA 117 29.10 56.98 25.08
C ASP EA 117 27.65 56.76 24.68
N GLY EA 118 27.17 55.51 24.82
CA GLY EA 118 25.83 55.12 24.32
C GLY EA 118 25.75 54.66 22.87
N THR EA 119 26.86 54.69 22.12
CA THR EA 119 26.84 54.26 20.72
C THR EA 119 26.50 52.80 20.72
N ILE EA 120 25.60 52.41 19.81
CA ILE EA 120 25.15 51.04 19.69
C ILE EA 120 25.09 50.70 18.22
N VAL EA 121 25.52 49.50 17.86
CA VAL EA 121 25.39 49.07 16.48
C VAL EA 121 25.11 47.58 16.44
N ASN EA 122 24.11 47.16 15.67
CA ASN EA 122 23.85 45.77 15.45
C ASN EA 122 24.83 45.25 14.41
N ILE EA 123 25.87 44.53 14.87
CA ILE EA 123 26.83 44.00 13.95
C ILE EA 123 26.37 42.66 13.30
N ASP EA 124 25.41 41.97 13.93
CA ASP EA 124 24.98 40.66 13.47
C ASP EA 124 26.11 39.88 12.74
N SER EA 125 27.15 39.53 13.49
CA SER EA 125 28.37 38.95 12.97
C SER EA 125 28.77 37.64 13.69
N ALA EA 126 29.53 36.78 13.01
CA ALA EA 126 29.91 35.49 13.61
C ALA EA 126 31.12 35.64 14.52
N GLY EA 127 31.14 34.95 15.65
CA GLY EA 127 32.36 34.92 16.47
C GLY EA 127 33.42 33.96 15.93
N THR EA 128 34.67 34.19 16.30
CA THR EA 128 35.78 33.35 15.86
C THR EA 128 36.79 33.20 16.98
N ASN EA 129 37.77 32.31 16.78
CA ASN EA 129 39.15 32.42 17.19
C ASN EA 129 39.79 33.77 17.25
N SER EA 130 40.91 33.83 17.96
CA SER EA 130 41.85 34.89 17.74
C SER EA 130 42.45 35.01 16.36
N LEU EA 131 42.57 33.91 15.64
CA LEU EA 131 43.15 33.96 14.30
C LEU EA 131 42.08 34.05 13.18
N GLY EA 132 40.80 34.18 13.54
CA GLY EA 132 39.71 34.38 12.59
C GLY EA 132 38.92 33.21 12.01
N SER EA 133 39.24 31.98 12.41
CA SER EA 133 38.49 30.86 11.87
C SER EA 133 37.17 30.76 12.60
N ALA EA 134 36.21 30.12 11.97
CA ALA EA 134 34.80 30.23 12.40
C ALA EA 134 34.42 29.47 13.67
N GLY EA 135 33.65 30.13 14.53
CA GLY EA 135 33.16 29.48 15.77
C GLY EA 135 34.09 29.66 16.95
N ILE EA 136 33.57 29.62 18.17
CA ILE EA 136 34.48 29.69 19.32
C ILE EA 136 35.00 28.27 19.70
N PRO EA 137 36.32 28.08 19.76
CA PRO EA 137 36.79 26.77 20.22
C PRO EA 137 36.49 26.51 21.67
N GLY EA 138 36.34 25.24 22.07
CA GLY EA 138 35.98 24.92 23.45
C GLY EA 138 36.44 23.53 23.85
N GLN EA 139 35.99 23.08 25.02
CA GLN EA 139 36.40 21.78 25.53
C GLN EA 139 35.21 20.88 25.38
N VAL EA 140 35.40 19.73 24.72
CA VAL EA 140 34.29 18.83 24.42
C VAL EA 140 34.03 17.83 25.57
N ASP EA 141 32.80 17.74 26.07
CA ASP EA 141 32.40 16.64 26.91
C ASP EA 141 31.53 15.68 26.08
N ALA EA 142 32.03 14.47 25.77
CA ALA EA 142 31.34 13.50 24.89
C ALA EA 142 30.17 12.79 25.55
N HIS EA 143 30.08 12.90 26.87
CA HIS EA 143 29.07 12.16 27.64
C HIS EA 143 29.04 10.66 27.35
N MSE EA 144 30.22 10.03 27.18
CA MSE EA 144 30.32 8.58 26.85
C MSE EA 144 29.57 7.70 27.84
O MSE EA 144 28.74 6.87 27.46
CB MSE EA 144 31.75 8.08 26.68
CG MSE EA 144 32.50 8.65 25.47
SE MSE EA 144 31.58 8.34 23.77
CE MSE EA 144 31.95 6.40 23.73
N TRP EA 145 29.82 7.89 29.13
CA TRP EA 145 29.18 7.05 30.12
C TRP EA 145 27.67 7.09 29.95
N GLU EA 146 27.07 8.27 30.03
CA GLU EA 146 25.62 8.39 29.85
C GLU EA 146 25.19 7.81 28.52
N ARG EA 147 26.02 7.92 27.50
CA ARG EA 147 25.65 7.40 26.19
C ARG EA 147 25.80 5.86 26.09
N LEU EA 148 26.44 5.26 27.10
CA LEU EA 148 26.73 3.84 27.06
C LEU EA 148 26.09 3.05 28.21
N ARG EA 149 25.73 3.69 29.31
CA ARG EA 149 25.42 2.97 30.55
C ARG EA 149 24.26 2.00 30.45
N GLY EA 150 23.26 2.35 29.64
CA GLY EA 150 22.08 1.51 29.46
C GLY EA 150 22.53 0.17 28.96
N ALA EA 151 23.05 0.15 27.74
CA ALA EA 151 23.57 -1.07 27.10
C ALA EA 151 24.53 -1.82 28.00
N ILE EA 152 25.49 -1.11 28.60
CA ILE EA 152 26.44 -1.75 29.50
C ILE EA 152 25.70 -2.52 30.60
N MSE EA 153 24.82 -1.82 31.32
CA MSE EA 153 24.09 -2.41 32.43
C MSE EA 153 23.31 -3.62 31.95
O MSE EA 153 23.42 -4.71 32.52
CB MSE EA 153 23.14 -1.39 33.02
CG MSE EA 153 23.27 -1.31 34.51
SE MSE EA 153 24.92 -0.36 34.83
CE MSE EA 153 25.52 -1.22 36.48
N ILE EA 154 22.52 -3.42 30.91
CA ILE EA 154 21.69 -4.50 30.39
C ILE EA 154 22.55 -5.73 30.06
N SER EA 155 23.53 -5.56 29.16
CA SER EA 155 24.37 -6.67 28.74
C SER EA 155 25.06 -7.35 29.95
N LEU EA 156 25.43 -6.58 30.97
CA LEU EA 156 26.01 -7.19 32.15
C LEU EA 156 25.10 -8.27 32.76
N PHE EA 157 23.78 -8.08 32.67
CA PHE EA 157 22.89 -9.17 33.02
C PHE EA 157 23.08 -10.26 31.95
N SER EA 158 22.74 -9.96 30.70
CA SER EA 158 22.89 -10.96 29.61
C SER EA 158 24.13 -11.83 29.81
N ASP EA 159 25.22 -11.21 30.25
CA ASP EA 159 26.47 -11.91 30.55
C ASP EA 159 26.28 -12.80 31.77
N THR EA 160 25.90 -12.19 32.89
CA THR EA 160 25.59 -12.95 34.10
C THR EA 160 24.40 -13.92 33.88
N LEU EA 161 23.96 -14.04 32.63
CA LEU EA 161 23.15 -15.18 32.23
C LEU EA 161 24.07 -16.38 32.35
N THR EA 162 25.09 -16.40 31.49
CA THR EA 162 26.12 -17.43 31.51
C THR EA 162 26.59 -17.64 32.93
N ALA EA 163 26.89 -16.54 33.63
CA ALA EA 163 27.34 -16.57 35.02
C ALA EA 163 26.31 -15.96 35.97
N GLN EA 184 18.44 -6.96 18.49
CA GLN EA 184 18.95 -5.61 18.24
C GLN EA 184 19.54 -4.90 19.47
N LEU EA 185 20.31 -5.56 20.34
CA LEU EA 185 20.75 -4.78 21.52
C LEU EA 185 21.85 -3.81 21.13
N ALA EA 186 23.02 -4.35 20.73
CA ALA EA 186 24.16 -3.55 20.27
C ALA EA 186 23.75 -2.51 19.21
N SER EA 187 22.91 -2.94 18.27
CA SER EA 187 22.46 -2.03 17.21
C SER EA 187 21.47 -1.02 17.78
N GLU EA 188 20.71 -1.42 18.79
CA GLU EA 188 19.87 -0.47 19.47
C GLU EA 188 20.72 0.49 20.30
N ALA EA 189 21.77 -0.05 20.92
CA ALA EA 189 22.69 0.73 21.74
C ALA EA 189 23.22 1.93 20.93
N LEU EA 190 23.82 1.64 19.78
CA LEU EA 190 24.43 2.66 18.94
C LEU EA 190 23.41 3.75 18.59
N ARG EA 191 22.18 3.35 18.33
CA ARG EA 191 21.08 4.27 18.07
C ARG EA 191 20.91 5.21 19.26
N SER EA 192 20.91 4.63 20.46
CA SER EA 192 20.75 5.40 21.70
C SER EA 192 21.98 6.30 21.97
N TYR EA 193 23.15 5.77 21.65
CA TYR EA 193 24.40 6.46 21.72
C TYR EA 193 24.42 7.75 20.91
N MSE EA 194 23.67 7.76 19.82
CA MSE EA 194 23.67 8.90 18.91
C MSE EA 194 22.62 9.91 19.28
O MSE EA 194 22.60 11.01 18.77
CB MSE EA 194 23.44 8.44 17.47
CG MSE EA 194 24.64 7.75 16.85
SE MSE EA 194 24.19 7.11 15.05
CE MSE EA 194 23.71 8.87 14.23
N SER EA 195 21.73 9.54 20.20
CA SER EA 195 20.65 10.44 20.55
C SER EA 195 21.11 11.54 21.50
N ILE EA 196 22.25 11.37 22.17
CA ILE EA 196 22.68 12.44 23.04
C ILE EA 196 23.97 13.14 22.56
N PRO EA 197 23.94 14.48 22.44
CA PRO EA 197 25.10 15.09 21.79
C PRO EA 197 26.22 15.37 22.80
N PRO EA 198 27.45 15.50 22.30
CA PRO EA 198 28.50 15.98 23.19
C PRO EA 198 28.15 17.44 23.49
N THR EA 199 28.78 18.07 24.48
CA THR EA 199 28.48 19.47 24.76
C THR EA 199 29.79 20.17 24.86
N LEU EA 200 29.81 21.48 24.59
CA LEU EA 200 31.05 22.27 24.58
C LEU EA 200 31.03 23.26 25.71
N TYR EA 201 32.19 23.46 26.34
CA TYR EA 201 32.35 24.42 27.42
C TYR EA 201 33.50 25.35 27.04
N ASP EA 202 33.40 26.61 27.42
CA ASP EA 202 34.56 27.46 27.32
C ASP EA 202 34.56 28.40 28.49
N GLN EA 203 35.68 28.42 29.22
CA GLN EA 203 35.90 29.30 30.42
C GLN EA 203 35.49 30.76 30.17
N GLN EA 204 35.03 31.44 31.23
CA GLN EA 204 34.85 32.87 31.25
C GLN EA 204 36.17 33.54 30.94
N GLY EA 205 36.17 34.69 30.28
CA GLY EA 205 37.39 35.48 30.18
C GLY EA 205 38.27 35.02 29.04
N ASP EA 206 37.74 34.21 28.12
CA ASP EA 206 38.55 33.68 27.01
C ASP EA 206 38.86 34.80 26.03
N ALA EA 207 40.00 34.71 25.33
CA ALA EA 207 40.38 35.67 24.32
C ALA EA 207 39.91 35.13 22.99
N VAL EA 208 39.03 35.90 22.38
CA VAL EA 208 38.23 35.43 21.26
C VAL EA 208 38.07 36.61 20.30
N SER EA 209 37.54 36.36 19.14
CA SER EA 209 37.36 37.47 18.22
C SER EA 209 36.03 37.46 17.49
N ILE EA 210 35.71 38.54 16.78
CA ILE EA 210 34.51 38.66 15.92
C ILE EA 210 34.89 39.12 14.50
N PHE EA 211 34.41 38.45 13.46
CA PHE EA 211 34.69 38.81 12.10
C PHE EA 211 33.55 39.74 11.65
N VAL EA 212 33.87 40.98 11.31
CA VAL EA 212 32.82 41.94 10.99
C VAL EA 212 32.18 41.53 9.66
N ALA EA 213 30.88 41.17 9.67
CA ALA EA 213 30.27 40.51 8.49
C ALA EA 213 29.72 41.46 7.44
N ARG EA 214 29.52 42.69 7.85
CA ARG EA 214 28.78 43.64 7.06
C ARG EA 214 29.38 45.00 7.45
N ASP EA 215 29.37 45.95 6.51
CA ASP EA 215 29.96 47.29 6.77
C ASP EA 215 29.18 47.93 7.90
N LEU EA 216 29.91 48.57 8.81
CA LEU EA 216 29.30 49.22 9.98
C LEU EA 216 29.48 50.71 9.84
N ASP EA 217 28.39 51.42 9.61
CA ASP EA 217 28.44 52.83 9.29
C ASP EA 217 28.20 53.67 10.54
N PHE EA 218 29.20 54.43 10.96
CA PHE EA 218 29.11 55.29 12.13
C PHE EA 218 28.83 56.79 11.74
N SER EA 219 28.58 57.01 10.44
CA SER EA 219 28.24 58.34 9.86
C SER EA 219 27.23 59.17 10.63
N GLY EA 220 26.21 58.52 11.18
CA GLY EA 220 25.14 59.21 11.85
C GLY EA 220 25.47 59.42 13.31
N VAL EA 221 26.62 58.94 13.77
CA VAL EA 221 26.95 59.11 15.17
C VAL EA 221 28.20 59.94 15.41
N TYR EA 222 29.25 59.74 14.63
CA TYR EA 222 30.49 60.46 14.87
C TYR EA 222 30.81 61.41 13.72
N THR EA 223 31.54 62.45 14.08
CA THR EA 223 32.09 63.30 13.08
C THR EA 223 33.47 63.74 13.52
N LEU EA 224 34.20 64.43 12.64
CA LEU EA 224 35.57 64.83 12.89
C LEU EA 224 35.73 66.34 13.05
N ALA EA 225 36.70 66.74 13.89
CA ALA EA 225 37.03 68.14 14.12
C ALA EA 225 38.46 68.22 14.53
N ASP EA 226 39.19 69.28 14.18
CA ASP EA 226 40.46 69.55 14.89
C ASP EA 226 40.03 70.27 16.15
N ASN EA 227 40.54 69.90 17.35
CA ASN EA 227 41.80 69.16 17.55
C ASN EA 227 41.73 68.12 18.65
N ALA FA 2 31.46 71.47 5.72
CA ALA FA 2 31.75 71.84 4.30
C ALA FA 2 32.54 70.73 3.61
N ALA FA 3 32.55 70.75 2.28
CA ALA FA 3 33.28 69.75 1.52
C ALA FA 3 34.75 70.07 1.57
N ASP FA 4 35.06 71.35 1.67
CA ASP FA 4 36.44 71.81 1.77
C ASP FA 4 37.00 71.58 3.16
N LYS FA 5 36.11 71.58 4.14
CA LYS FA 5 36.48 71.32 5.54
C LYS FA 5 36.76 69.83 5.74
N LYS FA 6 35.91 69.00 5.16
CA LYS FA 6 36.12 67.57 5.20
C LYS FA 6 37.47 67.22 4.59
N ARG FA 7 37.90 67.99 3.59
CA ARG FA 7 39.14 67.70 2.86
C ARG FA 7 40.37 68.08 3.66
N ILE FA 8 40.32 69.24 4.33
CA ILE FA 8 41.42 69.68 5.18
C ILE FA 8 41.63 68.73 6.35
N THR FA 9 40.55 68.41 7.08
CA THR FA 9 40.59 67.52 8.25
C THR FA 9 41.16 66.15 7.86
N GLN FA 10 40.69 65.65 6.73
CA GLN FA 10 41.14 64.39 6.16
C GLN FA 10 42.62 64.33 5.85
N LYS FA 11 43.16 65.40 5.25
CA LYS FA 11 44.60 65.51 4.99
C LYS FA 11 45.39 65.59 6.29
N LEU FA 12 44.99 66.50 7.17
CA LEU FA 12 45.60 66.67 8.48
C LEU FA 12 45.75 65.31 9.14
N LYS FA 13 44.66 64.53 9.11
CA LYS FA 13 44.62 63.25 9.80
C LYS FA 13 45.49 62.23 9.13
N GLN FA 14 45.36 62.15 7.82
CA GLN FA 14 46.21 61.30 7.03
C GLN FA 14 47.64 61.57 7.43
N THR FA 15 47.88 62.62 8.22
CA THR FA 15 49.12 62.70 9.01
C THR FA 15 49.10 62.66 10.58
N ALA FA 16 48.85 61.43 11.07
CA ALA FA 16 49.49 60.96 12.25
C ALA FA 16 49.71 59.43 12.42
N PHE FA 17 50.99 59.14 12.20
CA PHE FA 17 51.78 58.16 12.82
C PHE FA 17 52.71 59.07 13.65
N ALA FA 18 52.16 60.19 14.13
CA ALA FA 18 52.91 61.22 14.85
C ALA FA 18 53.37 60.70 16.19
N GLY FA 19 54.51 61.18 16.66
CA GLY FA 19 54.94 60.97 18.05
C GLY FA 19 56.35 60.43 18.18
N ALA FA 20 56.86 60.44 19.39
CA ALA FA 20 58.10 59.73 19.71
C ALA FA 20 58.07 58.38 19.04
N LYS FA 21 59.12 57.99 18.35
CA LYS FA 21 59.19 56.72 17.66
C LYS FA 21 60.09 55.73 18.38
N ASN FA 22 59.81 54.45 18.21
CA ASN FA 22 60.58 53.34 18.75
C ASN FA 22 61.07 52.44 17.61
N TYR FA 23 62.38 52.20 17.61
CA TYR FA 23 63.04 51.43 16.55
C TYR FA 23 63.67 50.21 17.14
N GLN FA 24 63.41 49.94 18.42
CA GLN FA 24 64.10 48.84 19.09
C GLN FA 24 63.53 47.48 18.73
N TYR FA 25 63.71 47.04 17.50
CA TYR FA 25 63.16 45.76 17.08
C TYR FA 25 64.20 44.74 16.68
N VAL FA 26 64.04 43.51 17.10
CA VAL FA 26 64.89 42.41 16.57
C VAL FA 26 64.06 41.33 15.89
N MSE FA 27 64.70 40.45 15.14
CA MSE FA 27 63.99 39.41 14.40
C MSE FA 27 64.80 38.15 14.29
O MSE FA 27 66.02 38.20 14.30
CB MSE FA 27 63.59 39.89 12.98
CG MSE FA 27 64.77 40.10 12.08
SE MSE FA 27 64.47 40.49 10.20
CE MSE FA 27 63.62 42.17 10.33
N SER FA 28 64.13 37.01 14.15
CA SER FA 28 64.83 35.79 13.84
C SER FA 28 65.47 35.95 12.47
N GLU FA 29 66.63 35.31 12.30
CA GLU FA 29 67.33 35.37 11.05
C GLU FA 29 67.50 33.97 10.57
N GLN FA 30 66.70 33.59 9.59
CA GLN FA 30 66.85 32.29 8.92
C GLN FA 30 66.96 32.52 7.43
N PRO FA 31 68.00 31.97 6.80
CA PRO FA 31 68.17 32.27 5.37
C PRO FA 31 66.98 31.85 4.51
N GLU FA 32 66.36 30.68 4.74
CA GLU FA 32 65.11 30.32 4.01
C GLU FA 32 63.99 31.36 4.11
N MSE FA 33 64.05 32.25 5.09
CA MSE FA 33 62.95 33.14 5.35
C MSE FA 33 63.19 34.57 4.89
O MSE FA 33 62.38 35.41 5.20
CB MSE FA 33 62.61 33.18 6.85
CG MSE FA 33 62.43 31.87 7.49
SE MSE FA 33 61.12 30.66 6.66
CE MSE FA 33 61.14 29.32 8.10
N ARG FA 34 64.31 34.85 4.21
CA ARG FA 34 64.66 36.23 3.83
C ARG FA 34 63.68 36.82 2.84
N SER FA 35 63.01 35.97 2.07
CA SER FA 35 62.08 36.41 1.05
C SER FA 35 60.89 37.12 1.65
N ILE FA 36 60.72 37.04 2.97
CA ILE FA 36 59.60 37.73 3.61
C ILE FA 36 59.99 38.62 4.75
N GLN FA 37 61.29 38.75 4.95
CA GLN FA 37 61.81 39.66 5.98
C GLN FA 37 61.51 41.13 5.69
N PRO FA 38 61.28 41.92 6.73
CA PRO FA 38 61.01 43.32 6.51
C PRO FA 38 62.32 44.06 6.50
N VAL FA 39 62.32 45.27 5.93
CA VAL FA 39 63.44 46.18 5.90
C VAL FA 39 63.33 47.01 7.15
N HIS FA 40 62.14 47.48 7.51
CA HIS FA 40 62.02 48.20 8.75
C HIS FA 40 60.85 47.71 9.54
N VAL FA 41 60.98 47.75 10.89
CA VAL FA 41 59.85 47.65 11.77
C VAL FA 41 60.01 48.72 12.81
N TRP FA 42 58.96 49.50 13.03
CA TRP FA 42 59.01 50.55 14.01
C TRP FA 42 57.61 51.00 14.42
N ASP FA 43 57.54 51.73 15.52
CA ASP FA 43 56.28 52.19 16.01
C ASP FA 43 56.35 53.55 16.62
N ASN FA 44 55.13 53.94 16.93
CA ASN FA 44 54.60 55.18 17.39
C ASN FA 44 54.27 55.11 18.86
N TYR FA 45 54.36 53.92 19.48
CA TYR FA 45 53.64 53.63 20.75
C TYR FA 45 52.12 53.45 20.58
N ARG FA 46 51.59 53.67 19.37
CA ARG FA 46 50.18 53.40 19.07
C ARG FA 46 49.97 52.35 17.96
N PHE FA 47 50.57 52.64 16.78
CA PHE FA 47 50.53 51.84 15.57
C PHE FA 47 51.94 51.33 15.27
N THR FA 48 52.05 50.26 14.51
CA THR FA 48 53.33 49.66 14.23
C THR FA 48 53.45 49.51 12.74
N ARG FA 49 54.58 49.93 12.18
CA ARG FA 49 54.79 49.75 10.76
C ARG FA 49 55.75 48.62 10.46
N PHE FA 50 55.36 47.79 9.50
CA PHE FA 50 56.22 46.79 8.91
C PHE FA 50 56.51 47.17 7.46
N GLU FA 51 57.77 47.46 7.17
CA GLU FA 51 58.12 47.92 5.85
C GLU FA 51 58.87 46.89 5.04
N PHE FA 52 58.39 46.59 3.83
CA PHE FA 52 58.98 45.60 2.93
C PHE FA 52 59.57 46.26 1.71
N PRO FA 53 60.48 45.57 0.98
CA PRO FA 53 60.99 46.18 -0.25
C PRO FA 53 59.86 46.58 -1.17
N ALA FA 54 60.03 47.71 -1.84
CA ALA FA 54 59.03 48.33 -2.73
C ALA FA 54 58.23 47.34 -3.58
N ASN FA 55 58.88 46.40 -4.26
CA ASN FA 55 58.18 45.49 -5.20
C ASN FA 55 58.06 44.07 -4.65
N ALA FA 56 58.36 43.88 -3.37
CA ALA FA 56 58.20 42.59 -2.77
C ALA FA 56 56.70 42.23 -2.58
N GLU FA 57 56.42 40.93 -2.66
CA GLU FA 57 55.13 40.37 -2.30
C GLU FA 57 54.83 40.74 -0.88
N LEU FA 58 53.60 41.18 -0.56
CA LEU FA 58 53.23 41.49 0.82
C LEU FA 58 52.92 40.21 1.61
N PRO FA 59 53.72 39.92 2.66
CA PRO FA 59 53.31 38.83 3.52
C PRO FA 59 52.31 39.38 4.54
N GLN FA 60 51.88 38.54 5.43
CA GLN FA 60 50.80 38.85 6.36
C GLN FA 60 51.43 38.98 7.76
N VAL FA 61 50.83 39.78 8.64
CA VAL FA 61 51.41 39.94 9.99
C VAL FA 61 50.44 39.57 11.13
N TYR FA 62 50.99 38.95 12.18
CA TYR FA 62 50.20 38.48 13.32
C TYR FA 62 50.85 39.00 14.58
N MSE FA 63 50.07 39.34 15.60
CA MSE FA 63 50.63 39.79 16.89
C MSE FA 63 50.47 38.74 17.97
O MSE FA 63 49.54 37.89 17.90
CB MSE FA 63 49.99 41.11 17.32
CG MSE FA 63 48.66 40.96 17.98
SE MSE FA 63 48.07 42.69 18.70
CE MSE FA 63 47.41 42.00 20.38
N ILE FA 64 51.38 38.73 18.94
CA ILE FA 64 51.20 37.93 20.15
C ILE FA 64 50.49 38.79 21.19
N SER FA 65 49.25 38.47 21.46
CA SER FA 65 48.44 39.26 22.33
C SER FA 65 48.85 39.12 23.79
N ALA FA 66 48.33 40.01 24.64
CA ALA FA 66 48.47 39.90 26.07
C ALA FA 66 48.02 38.51 26.59
N SER FA 67 47.18 37.82 25.83
CA SER FA 67 46.65 36.54 26.30
C SER FA 67 47.66 35.42 26.14
N GLY FA 68 48.74 35.69 25.41
CA GLY FA 68 49.67 34.65 25.04
C GLY FA 68 49.45 34.04 23.67
N LYS FA 69 48.31 34.29 23.05
CA LYS FA 69 48.02 33.68 21.75
C LYS FA 69 48.44 34.51 20.50
N GLU FA 70 48.84 33.83 19.43
CA GLU FA 70 48.99 34.50 18.16
C GLU FA 70 47.61 35.05 17.72
N THR FA 71 47.54 36.27 17.21
CA THR FA 71 46.27 36.89 16.96
C THR FA 71 46.23 37.69 15.68
N LEU FA 72 45.14 37.62 14.95
CA LEU FA 72 44.99 38.42 13.72
C LEU FA 72 44.57 39.87 14.09
N PRO FA 73 45.44 40.86 13.83
CA PRO FA 73 45.12 42.25 14.15
C PRO FA 73 44.46 42.96 12.95
N ASN FA 74 44.16 44.24 13.07
CA ASN FA 74 43.69 45.05 11.92
C ASN FA 74 44.79 45.97 11.40
N SER FA 75 44.90 46.18 10.10
CA SER FA 75 45.99 46.95 9.59
C SER FA 75 45.65 47.45 8.18
N HIS FA 76 46.28 48.54 7.72
CA HIS FA 76 46.05 49.08 6.37
C HIS FA 76 47.43 49.31 5.75
N VAL FA 77 47.53 49.45 4.42
CA VAL FA 77 48.87 49.71 3.88
C VAL FA 77 49.11 51.17 3.55
N VAL FA 78 50.32 51.64 3.80
CA VAL FA 78 50.65 53.02 3.50
C VAL FA 78 51.83 53.05 2.53
N GLY FA 79 52.04 54.20 1.91
CA GLY FA 79 53.12 54.36 0.96
C GLY FA 79 52.65 54.23 -0.50
N GLU FA 80 53.33 55.01 -1.36
CA GLU FA 80 53.29 54.99 -2.81
C GLU FA 80 53.51 53.63 -3.37
N ASN FA 81 54.23 52.79 -2.65
CA ASN FA 81 54.55 51.46 -3.15
C ASN FA 81 53.77 50.36 -2.46
N ARG FA 82 52.86 50.73 -1.54
CA ARG FA 82 51.94 49.78 -0.92
C ARG FA 82 52.77 48.68 -0.20
N ASN FA 83 53.91 49.07 0.36
CA ASN FA 83 54.82 48.13 0.86
C ASN FA 83 55.01 48.27 2.35
N ILE FA 84 54.20 49.11 2.97
CA ILE FA 84 54.26 49.28 4.43
C ILE FA 84 52.93 48.88 5.08
N ILE FA 85 52.97 47.95 6.02
CA ILE FA 85 51.77 47.53 6.71
C ILE FA 85 51.78 48.27 8.02
N GLU FA 86 50.75 49.05 8.25
CA GLU FA 86 50.62 49.84 9.44
C GLU FA 86 49.55 49.16 10.27
N VAL FA 87 50.00 48.47 11.31
CA VAL FA 87 49.05 47.74 12.15
C VAL FA 87 48.48 48.72 13.15
N GLU FA 88 47.19 48.59 13.40
CA GLU FA 88 46.50 49.53 14.21
C GLU FA 88 46.68 49.27 15.69
N THR FA 89 47.87 48.87 16.07
CA THR FA 89 48.05 48.37 17.40
C THR FA 89 49.53 48.22 17.69
N VAL FA 90 49.88 48.00 18.95
CA VAL FA 90 51.29 47.89 19.32
C VAL FA 90 51.50 46.64 20.20
N ALA FA 91 52.62 45.95 20.11
CA ALA FA 91 52.72 44.68 20.86
C ALA FA 91 54.16 44.30 21.21
N LYS FA 92 54.30 43.46 22.20
CA LYS FA 92 55.59 42.89 22.52
C LYS FA 92 56.21 42.07 21.39
N GLU FA 93 55.42 41.33 20.65
CA GLU FA 93 55.94 40.33 19.71
C GLU FA 93 55.01 40.06 18.53
N TRP FA 94 55.60 39.65 17.44
CA TRP FA 94 54.88 39.56 16.17
C TRP FA 94 55.33 38.34 15.43
N ARG FA 95 54.54 37.94 14.45
CA ARG FA 95 54.94 36.97 13.44
C ARG FA 95 54.62 37.54 12.07
N ILE FA 96 55.54 37.37 11.13
CA ILE FA 96 55.28 37.67 9.75
C ILE FA 96 55.18 36.31 9.06
N ARG FA 97 54.18 36.11 8.22
CA ARG FA 97 53.88 34.81 7.63
C ARG FA 97 53.39 34.94 6.18
N LEU FA 98 53.90 34.05 5.32
CA LEU FA 98 53.34 33.80 4.00
C LEU FA 98 53.61 32.36 3.65
N GLY FA 99 52.55 31.59 3.41
CA GLY FA 99 52.73 30.16 3.18
C GLY FA 99 53.46 29.55 4.37
N ASP FA 100 54.53 28.81 4.12
CA ASP FA 100 55.21 28.22 5.26
C ASP FA 100 56.41 29.02 5.77
N LYS FA 101 56.58 30.22 5.27
CA LYS FA 101 57.61 31.06 5.73
C LYS FA 101 57.14 31.83 6.93
N VAL FA 102 58.05 32.01 7.88
CA VAL FA 102 57.74 32.79 9.08
C VAL FA 102 58.95 33.58 9.55
N VAL FA 103 58.69 34.77 10.04
CA VAL FA 103 59.73 35.55 10.72
C VAL FA 103 59.17 36.06 12.05
N GLY FA 104 59.87 35.75 13.15
CA GLY FA 104 59.56 36.27 14.46
C GLY FA 104 60.10 37.69 14.55
N VAL FA 105 59.31 38.63 15.08
CA VAL FA 105 59.81 39.99 15.28
C VAL FA 105 59.47 40.40 16.69
N ARG FA 106 60.46 40.90 17.43
CA ARG FA 106 60.23 41.21 18.81
C ARG FA 106 60.43 42.67 19.09
N ASN FA 107 59.56 43.23 19.90
CA ASN FA 107 59.67 44.63 20.25
C ASN FA 107 60.45 44.77 21.55
N ASN FA 108 61.64 45.37 21.52
CA ASN FA 108 62.42 45.53 22.73
C ASN FA 108 62.10 46.70 23.59
N ASN FA 109 61.03 47.42 23.27
CA ASN FA 109 60.65 48.56 24.07
C ASN FA 109 59.16 48.73 24.03
N PHE FA 110 58.48 47.66 24.40
CA PHE FA 110 57.03 47.63 24.50
C PHE FA 110 56.68 48.36 25.77
N ALA FA 111 55.91 49.43 25.64
CA ALA FA 111 55.62 50.29 26.80
C ALA FA 111 54.18 50.74 26.71
N PRO FA 112 53.23 49.79 26.89
CA PRO FA 112 51.84 50.16 26.86
C PRO FA 112 51.69 51.16 27.98
N GLY FA 113 50.82 52.11 27.94
CA GLY FA 113 51.07 53.11 28.99
C GLY FA 113 51.72 54.35 28.46
N ARG FA 114 52.73 54.22 27.60
CA ARG FA 114 53.18 55.36 26.84
C ARG FA 114 52.43 55.51 25.57
N GLY FA 115 52.43 56.74 25.09
CA GLY FA 115 51.93 57.06 23.76
C GLY FA 115 50.46 57.03 23.41
N ALA FA 116 49.57 56.94 24.37
CA ALA FA 116 48.15 57.09 24.05
C ALA FA 116 47.78 58.48 23.58
N VAL FA 117 46.76 58.57 22.73
CA VAL FA 117 46.16 59.85 22.46
C VAL FA 117 44.70 59.68 22.77
N ALA FA 118 44.03 60.71 23.26
CA ALA FA 118 42.69 60.59 23.74
C ALA FA 118 41.78 61.36 22.83
N THR FA 119 42.12 61.35 21.57
CA THR FA 119 41.50 62.19 20.60
C THR FA 119 40.28 61.56 19.87
N GLY FA 120 40.20 60.23 19.90
CA GLY FA 120 39.28 59.49 19.07
C GLY FA 120 39.77 59.24 17.63
N THR FA 121 40.96 59.68 17.25
CA THR FA 121 41.47 59.35 15.96
C THR FA 121 42.88 58.90 16.08
N ALA FA 122 43.48 58.47 14.98
CA ALA FA 122 44.93 58.12 15.01
C ALA FA 122 45.80 59.37 15.26
N SER FA 123 45.23 60.56 15.17
CA SER FA 123 46.06 61.76 15.21
C SER FA 123 45.89 62.59 16.48
N PRO FA 124 46.99 63.21 16.95
CA PRO FA 124 46.87 64.16 18.09
C PRO FA 124 46.14 65.43 17.68
N ASP FA 125 45.97 65.64 16.37
CA ASP FA 125 45.50 66.89 15.90
C ASP FA 125 44.07 66.86 15.37
N VAL FA 126 43.51 65.65 15.20
CA VAL FA 126 42.11 65.58 14.75
C VAL FA 126 41.33 64.82 15.81
N ARG FA 127 40.12 65.25 16.12
CA ARG FA 127 39.37 64.57 17.15
C ARG FA 127 38.01 64.07 16.71
N ARG FA 128 37.54 62.99 17.33
CA ARG FA 128 36.26 62.34 16.99
C ARG FA 128 35.19 62.93 17.85
N VAL FA 129 34.11 63.38 17.24
CA VAL FA 129 33.13 64.17 17.95
C VAL FA 129 31.83 63.46 17.77
N GLN FA 130 31.09 63.31 18.84
CA GLN FA 130 29.79 62.66 18.80
C GLN FA 130 28.74 63.69 18.34
N ILE FA 131 28.20 63.52 17.14
CA ILE FA 131 27.04 64.31 16.76
C ILE FA 131 25.80 63.86 17.57
N GLY GA 4 44.07 17.05 14.51
CA GLY GA 4 45.40 16.42 14.12
C GLY GA 4 46.19 17.41 13.24
N HIS GA 5 45.52 18.51 12.98
CA HIS GA 5 46.03 19.63 12.27
C HIS GA 5 47.38 20.06 12.86
N LYS GA 6 48.36 20.31 11.99
CA LYS GA 6 49.63 20.80 12.45
C LYS GA 6 49.70 22.31 12.22
N PRO GA 7 50.08 23.10 13.25
CA PRO GA 7 50.04 24.58 13.22
C PRO GA 7 51.14 25.13 12.34
N PRO GA 8 51.07 26.43 11.97
CA PRO GA 8 52.14 26.94 11.08
C PRO GA 8 53.51 26.97 11.76
N PRO GA 9 54.57 27.09 10.98
CA PRO GA 9 55.89 27.00 11.58
C PRO GA 9 56.17 28.14 12.52
N GLU GA 10 57.08 27.90 13.46
CA GLU GA 10 57.48 28.89 14.43
C GLU GA 10 58.87 29.39 14.08
N PRO GA 11 59.18 30.65 14.40
CA PRO GA 11 60.52 31.07 13.96
C PRO GA 11 61.60 30.40 14.79
N ASP GA 12 62.77 30.20 14.20
CA ASP GA 12 63.94 29.78 14.92
C ASP GA 12 64.76 30.99 15.25
N TRP GA 13 64.90 31.30 16.54
CA TRP GA 13 65.59 32.52 17.00
C TRP GA 13 67.09 32.35 17.29
N SER GA 14 67.65 31.15 17.03
CA SER GA 14 69.04 30.86 17.28
C SER GA 14 69.90 32.01 16.93
N ASN GA 15 69.70 32.57 15.74
CA ASN GA 15 70.32 33.80 15.36
C ASN GA 15 69.24 34.90 15.28
N THR GA 16 69.31 35.90 16.16
CA THR GA 16 68.36 37.00 16.21
C THR GA 16 69.14 38.26 15.96
N VAL GA 17 68.55 39.23 15.30
CA VAL GA 17 69.33 40.22 14.61
C VAL GA 17 68.50 41.51 14.61
N PRO GA 18 69.13 42.69 14.69
CA PRO GA 18 68.28 43.89 14.62
C PRO GA 18 67.60 44.04 13.26
N VAL GA 19 66.36 44.53 13.27
CA VAL GA 19 65.60 44.69 12.05
C VAL GA 19 66.15 45.90 11.32
N ASN GA 20 66.32 47.01 12.01
CA ASN GA 20 66.62 48.27 11.37
C ASN GA 20 68.09 48.49 11.16
N LYS GA 21 68.60 48.15 9.99
CA LYS GA 21 69.97 48.47 9.64
C LYS GA 21 70.15 49.99 9.44
N THR GA 22 69.07 50.69 9.12
CA THR GA 22 69.08 52.13 9.03
C THR GA 22 67.80 52.63 9.68
N ILE GA 23 67.72 53.93 9.99
CA ILE GA 23 66.54 54.49 10.64
C ILE GA 23 65.49 54.82 9.60
N PRO GA 24 64.27 54.26 9.72
CA PRO GA 24 63.24 54.59 8.75
C PRO GA 24 62.75 56.05 8.82
N VAL GA 25 62.06 56.51 7.79
CA VAL GA 25 61.47 57.87 7.79
C VAL GA 25 59.98 57.86 7.47
N ASP GA 26 59.20 58.66 8.16
CA ASP GA 26 57.79 58.74 7.84
C ASP GA 26 57.61 59.85 6.82
N THR GA 27 57.23 59.47 5.60
CA THR GA 27 57.15 60.44 4.52
C THR GA 27 55.87 61.26 4.55
N GLN GA 28 55.47 61.69 5.75
CA GLN GA 28 54.50 62.79 5.95
C GLN GA 28 54.90 63.67 7.14
N GLU HA 12 17.88 25.10 -21.31
CA GLU HA 12 19.06 24.30 -21.74
C GLU HA 12 20.40 25.04 -21.73
N THR HA 13 20.74 25.69 -20.62
CA THR HA 13 22.11 25.97 -20.38
C THR HA 13 22.63 24.81 -19.51
N SER HA 14 23.93 24.53 -19.57
CA SER HA 14 24.53 23.49 -18.80
C SER HA 14 24.19 23.55 -17.32
N GLU HA 15 23.78 22.42 -16.76
CA GLU HA 15 23.55 22.28 -15.35
C GLU HA 15 24.77 22.51 -14.54
N GLY HA 16 25.86 21.82 -14.88
CA GLY HA 16 27.11 22.08 -14.17
C GLY HA 16 27.41 23.60 -14.13
N SER HA 17 27.25 24.26 -15.27
CA SER HA 17 27.65 25.62 -15.36
C SER HA 17 26.71 26.49 -14.49
N SER HA 18 25.40 26.23 -14.50
CA SER HA 18 24.50 26.92 -13.60
C SER HA 18 24.79 26.69 -12.16
N ALA HA 19 25.08 25.42 -11.78
CA ALA HA 19 25.31 25.11 -10.38
C ALA HA 19 26.49 25.95 -9.94
N LEU HA 20 27.53 26.04 -10.78
CA LEU HA 20 28.70 26.84 -10.42
C LEU HA 20 28.41 28.35 -10.36
N ALA HA 21 27.61 28.84 -11.32
CA ALA HA 21 27.24 30.27 -11.35
C ALA HA 21 26.51 30.58 -10.08
N LYS HA 22 25.64 29.68 -9.64
CA LYS HA 22 24.85 29.95 -8.48
C LYS HA 22 25.80 29.97 -7.27
N ASN HA 23 26.76 29.05 -7.23
CA ASN HA 23 27.62 29.05 -6.06
C ASN HA 23 28.53 30.28 -6.00
N LEU HA 24 28.60 31.03 -7.11
CA LEU HA 24 29.39 32.26 -7.15
C LEU HA 24 28.52 33.52 -6.90
N THR HA 25 27.24 33.30 -6.55
CA THR HA 25 26.36 34.40 -6.30
C THR HA 25 26.01 34.47 -4.82
N PRO HA 26 26.68 35.35 -4.06
CA PRO HA 26 26.44 35.42 -2.63
C PRO HA 26 25.16 36.15 -2.24
N ALA HA 27 24.69 35.90 -1.03
CA ALA HA 27 23.60 36.63 -0.45
C ALA HA 27 24.22 37.89 0.08
N ARG HA 28 23.94 39.03 -0.52
CA ARG HA 28 24.57 40.27 0.02
C ARG HA 28 24.00 40.66 1.34
N LEU HA 29 24.84 40.85 2.35
CA LEU HA 29 24.44 41.22 3.71
C LEU HA 29 24.24 42.72 3.70
N LYS HA 30 23.21 43.22 4.37
CA LYS HA 30 22.99 44.66 4.47
C LYS HA 30 23.96 45.30 5.45
N ALA HA 31 24.49 46.46 5.10
CA ALA HA 31 25.24 47.27 6.04
C ALA HA 31 24.38 47.67 7.19
N SER HA 32 24.98 48.09 8.27
CA SER HA 32 24.25 48.42 9.45
C SER HA 32 24.66 49.80 9.96
N ARG HA 33 23.73 50.59 10.47
CA ARG HA 33 24.05 51.92 10.92
C ARG HA 33 24.11 51.97 12.43
N ALA HA 34 25.20 52.46 12.98
CA ALA HA 34 25.24 52.76 14.39
C ALA HA 34 24.27 53.88 14.79
N GLY HA 35 23.75 53.81 16.01
CA GLY HA 35 22.90 54.80 16.58
C GLY HA 35 23.32 55.04 18.00
N VAL HA 36 22.45 55.67 18.79
CA VAL HA 36 22.78 55.88 20.17
C VAL HA 36 21.66 55.54 21.10
N MSE HA 37 22.00 55.01 22.27
CA MSE HA 37 21.02 54.58 23.21
C MSE HA 37 20.36 55.79 23.86
O MSE HA 37 21.04 56.68 24.34
CB MSE HA 37 21.65 53.64 24.21
CG MSE HA 37 20.66 53.18 25.23
SE MSE HA 37 21.20 51.67 26.31
CE MSE HA 37 21.05 50.28 24.93
N ALA HA 38 19.03 55.81 23.87
CA ALA HA 38 18.24 56.94 24.37
C ALA HA 38 18.41 57.33 25.83
N ASN HA 39 18.26 56.39 26.75
CA ASN HA 39 18.31 56.80 28.16
C ASN HA 39 19.30 55.95 28.93
N PRO HA 40 20.57 56.08 28.63
CA PRO HA 40 21.51 55.15 29.25
C PRO HA 40 21.50 55.16 30.77
N SER HA 41 21.18 56.27 31.42
CA SER HA 41 21.19 56.28 32.87
C SER HA 41 19.92 55.64 33.43
N LEU HA 42 18.95 55.33 32.59
CA LEU HA 42 17.70 54.81 33.10
C LEU HA 42 17.33 53.46 32.45
N THR HA 43 18.32 52.83 31.87
CA THR HA 43 18.15 51.58 31.20
C THR HA 43 19.13 50.55 31.73
N VAL HA 44 18.65 49.34 32.02
CA VAL HA 44 19.54 48.20 32.19
C VAL HA 44 19.64 47.49 30.83
N PRO HA 45 20.82 47.52 30.19
CA PRO HA 45 20.89 46.98 28.84
C PRO HA 45 21.23 45.45 28.75
N LYS HA 46 20.84 44.81 27.64
CA LYS HA 46 21.24 43.47 27.27
C LYS HA 46 22.65 43.15 27.76
N GLY HA 47 22.85 41.95 28.31
CA GLY HA 47 24.16 41.45 28.60
C GLY HA 47 24.53 41.69 30.03
N LYS HA 48 23.86 42.61 30.71
CA LYS HA 48 24.23 42.78 32.11
C LYS HA 48 23.78 41.55 32.92
N MSE HA 49 24.42 41.29 34.06
CA MSE HA 49 23.99 40.15 34.88
C MSE HA 49 23.19 40.60 36.11
O MSE HA 49 23.48 41.63 36.72
CB MSE HA 49 25.17 39.30 35.27
CG MSE HA 49 26.08 38.97 34.09
SE MSE HA 49 25.19 37.82 32.79
CE MSE HA 49 24.79 36.37 34.04
N ILE HA 50 22.16 39.85 36.45
CA ILE HA 50 21.47 40.04 37.71
C ILE HA 50 21.82 38.88 38.64
N PRO HA 51 22.69 39.10 39.63
CA PRO HA 51 23.03 38.00 40.54
C PRO HA 51 21.88 37.79 41.50
N CYS HA 52 21.59 36.55 41.84
CA CYS HA 52 20.31 36.14 42.46
C CYS HA 52 20.57 34.98 43.40
N GLY HA 53 19.79 34.87 44.46
CA GLY HA 53 19.82 33.72 45.34
C GLY HA 53 18.44 33.09 45.25
N THR HA 54 18.39 31.78 44.90
CA THR HA 54 17.10 31.16 44.66
C THR HA 54 16.35 31.10 45.99
N GLY HA 55 15.06 31.36 45.93
CA GLY HA 55 14.21 31.20 47.11
C GLY HA 55 13.74 29.77 47.14
N THR HA 56 12.98 29.37 46.11
CA THR HA 56 12.46 27.99 45.98
C THR HA 56 13.54 27.03 45.61
N GLU HA 57 13.57 25.90 46.29
CA GLU HA 57 14.17 24.70 45.74
C GLU HA 57 13.67 24.42 44.31
N LEU HA 58 14.39 23.60 43.58
CA LEU HA 58 14.04 23.31 42.23
C LEU HA 58 14.13 21.81 41.99
N ASP HA 59 13.21 21.26 41.21
CA ASP HA 59 13.23 19.84 40.92
C ASP HA 59 12.53 19.63 39.61
N THR HA 60 13.23 19.17 38.58
CA THR HA 60 12.59 19.15 37.29
C THR HA 60 11.64 17.94 37.06
N THR HA 61 11.26 17.19 38.07
CA THR HA 61 10.25 16.13 37.85
C THR HA 61 8.92 16.65 37.30
N VAL HA 62 8.43 17.76 37.87
CA VAL HA 62 7.15 18.29 37.43
C VAL HA 62 7.32 19.72 37.03
N PRO HA 63 6.76 20.16 35.89
CA PRO HA 63 7.10 21.53 35.45
C PRO HA 63 6.51 22.51 36.43
N GLY HA 64 7.11 23.67 36.61
CA GLY HA 64 6.51 24.61 37.51
C GLY HA 64 7.31 25.90 37.60
N GLN HA 65 7.27 26.55 38.76
CA GLN HA 65 7.72 27.92 38.95
C GLN HA 65 8.89 27.92 39.89
N VAL HA 66 9.74 28.95 39.81
CA VAL HA 66 10.87 29.24 40.68
C VAL HA 66 10.83 30.72 41.12
N SER HA 67 11.50 31.02 42.23
CA SER HA 67 11.72 32.40 42.60
C SER HA 67 13.17 32.63 42.94
N CYS HA 68 13.64 33.87 42.84
CA CYS HA 68 14.92 34.27 43.42
C CYS HA 68 14.88 35.71 43.83
N ARG HA 69 15.83 36.11 44.67
CA ARG HA 69 15.85 37.47 45.20
C ARG HA 69 17.15 38.08 44.80
N VAL HA 70 17.08 39.24 44.16
CA VAL HA 70 18.29 39.88 43.64
C VAL HA 70 19.25 40.10 44.80
N SER HA 71 20.46 39.69 44.57
CA SER HA 71 21.50 39.56 45.56
C SER HA 71 22.28 40.83 45.81
N GLN HA 72 22.39 41.64 44.75
CA GLN HA 72 23.17 42.86 44.77
C GLN HA 72 22.53 43.87 43.82
N ASP HA 73 22.78 45.16 44.00
CA ASP HA 73 22.19 46.14 43.09
C ASP HA 73 22.77 46.01 41.71
N VAL HA 74 21.93 46.34 40.71
CA VAL HA 74 22.32 46.39 39.34
C VAL HA 74 22.02 47.82 38.78
N TYR HA 75 23.06 48.42 38.23
CA TYR HA 75 23.05 49.78 37.79
C TYR HA 75 22.79 49.88 36.32
N SER HA 76 22.49 51.12 35.88
CA SER HA 76 22.16 51.47 34.49
C SER HA 76 23.28 51.25 33.51
N ALA HA 77 23.00 51.42 32.23
CA ALA HA 77 23.95 51.18 31.13
C ALA HA 77 25.28 51.84 31.37
N ASP HA 78 25.27 53.02 32.00
CA ASP HA 78 26.51 53.78 32.23
C ASP HA 78 27.06 53.63 33.61
N GLY HA 79 26.38 52.86 34.47
CA GLY HA 79 26.93 52.48 35.75
C GLY HA 79 26.60 53.51 36.80
N LEU HA 80 25.81 54.52 36.43
CA LEU HA 80 25.62 55.66 37.33
C LEU HA 80 24.40 55.61 38.23
N VAL HA 81 23.33 54.95 37.77
CA VAL HA 81 22.07 54.91 38.48
C VAL HA 81 21.69 53.50 38.84
N ARG HA 82 21.24 53.34 40.08
CA ARG HA 82 20.82 52.05 40.62
C ARG HA 82 19.42 51.77 40.14
N LEU HA 83 19.22 50.67 39.41
CA LEU HA 83 17.93 50.40 38.77
C LEU HA 83 17.20 49.14 39.23
N ILE HA 84 17.93 48.02 39.30
CA ILE HA 84 17.36 46.82 39.81
C ILE HA 84 17.91 46.71 41.20
N ASP HA 85 17.06 46.83 42.18
CA ASP HA 85 17.49 46.97 43.57
C ASP HA 85 17.72 45.63 44.27
N LYS HA 86 18.81 45.54 45.00
CA LYS HA 86 19.03 44.42 45.90
C LYS HA 86 17.78 44.16 46.73
N GLY HA 87 17.35 42.89 46.79
CA GLY HA 87 16.25 42.52 47.62
C GLY HA 87 14.98 42.36 46.80
N SER HA 88 15.04 42.72 45.50
CA SER HA 88 13.88 42.53 44.66
C SER HA 88 13.62 41.05 44.44
N TRP HA 89 12.36 40.69 44.22
CA TRP HA 89 11.96 39.29 44.03
C TRP HA 89 11.80 39.06 42.55
N VAL HA 90 12.28 37.92 42.06
CA VAL HA 90 12.06 37.58 40.70
C VAL HA 90 11.28 36.28 40.64
N ASP HA 91 10.24 36.23 39.82
CA ASP HA 91 9.49 34.98 39.65
C ASP HA 91 9.72 34.43 38.23
N GLY HA 92 9.85 33.12 38.11
CA GLY HA 92 10.21 32.52 36.84
C GLY HA 92 9.69 31.11 36.81
N GLN HA 93 9.94 30.39 35.73
CA GLN HA 93 9.31 29.09 35.52
C GLN HA 93 10.33 28.14 34.95
N ILE HA 94 10.16 26.84 35.22
CA ILE HA 94 10.99 25.80 34.65
C ILE HA 94 9.95 24.86 34.05
N THR HA 95 9.80 24.82 32.74
CA THR HA 95 8.63 24.13 32.19
C THR HA 95 8.93 22.85 31.45
N GLY HA 96 10.19 22.47 31.33
CA GLY HA 96 10.55 21.19 30.79
C GLY HA 96 11.60 20.61 31.67
N GLY HA 97 12.10 19.43 31.27
CA GLY HA 97 13.08 18.72 32.12
C GLY HA 97 14.47 18.59 31.45
N ILE HA 98 15.28 17.66 31.91
CA ILE HA 98 16.61 17.48 31.41
C ILE HA 98 16.61 16.10 30.73
N LYS HA 99 17.55 15.92 29.82
CA LYS HA 99 17.80 14.69 29.13
C LYS HA 99 19.13 14.09 29.68
N ASP HA 100 19.37 12.79 29.52
CA ASP HA 100 20.69 12.19 29.78
C ASP HA 100 21.72 12.99 29.02
N GLY HA 101 22.90 13.12 29.60
CA GLY HA 101 23.94 14.02 29.09
C GLY HA 101 23.73 15.50 29.44
N GLN HA 102 22.77 15.85 30.29
CA GLN HA 102 22.62 17.22 30.76
C GLN HA 102 22.61 17.37 32.26
N ALA HA 103 23.20 18.44 32.80
CA ALA HA 103 23.25 18.60 34.25
C ALA HA 103 22.81 20.00 34.62
N ARG HA 104 22.13 20.62 33.69
CA ARG HA 104 21.57 21.96 33.94
C ARG HA 104 20.34 22.11 33.10
N VAL HA 105 19.50 23.10 33.42
CA VAL HA 105 18.18 23.24 32.85
C VAL HA 105 17.79 24.68 32.52
N PHE HA 106 17.12 24.86 31.39
CA PHE HA 106 16.64 26.14 30.94
C PHE HA 106 15.66 26.72 31.96
N VAL HA 107 15.75 27.99 32.28
CA VAL HA 107 14.91 28.64 33.27
C VAL HA 107 14.49 29.99 32.71
N LEU HA 108 13.20 30.25 32.64
CA LEU HA 108 12.75 31.57 32.10
C LEU HA 108 12.39 32.51 33.25
N TRP HA 109 13.15 33.56 33.44
CA TRP HA 109 12.83 34.49 34.53
C TRP HA 109 11.91 35.55 34.00
N GLU HA 110 10.78 35.73 34.68
CA GLU HA 110 9.76 36.57 34.11
C GLU HA 110 9.77 38.04 34.58
N ARG HA 111 9.43 38.25 35.84
CA ARG HA 111 9.28 39.59 36.30
C ARG HA 111 10.12 39.83 37.51
N ILE HA 112 10.66 41.03 37.62
CA ILE HA 112 11.32 41.52 38.83
C ILE HA 112 10.31 42.42 39.56
N ARG HA 113 10.18 42.28 40.86
CA ARG HA 113 9.29 43.10 41.63
C ARG HA 113 10.04 43.67 42.83
N ASN HA 114 10.11 45.01 42.91
CA ASN HA 114 10.82 45.66 44.02
C ASN HA 114 9.81 45.77 45.13
N ASP HA 115 10.08 45.17 46.27
CA ASP HA 115 9.05 45.13 47.29
C ASP HA 115 9.11 46.35 48.20
N GLN HA 116 10.14 47.17 48.07
CA GLN HA 116 10.10 48.43 48.81
C GLN HA 116 9.18 49.43 48.14
N ASP HA 117 9.15 49.36 46.81
CA ASP HA 117 8.88 50.44 45.91
C ASP HA 117 7.68 50.21 44.96
N GLY HA 118 7.44 48.94 44.60
CA GLY HA 118 6.44 48.55 43.65
C GLY HA 118 6.86 48.48 42.21
N THR HA 119 8.10 48.87 41.86
CA THR HA 119 8.53 48.79 40.48
C THR HA 119 8.57 47.31 40.07
N ILE HA 120 8.01 47.07 38.90
CA ILE HA 120 7.89 45.79 38.29
C ILE HA 120 8.37 45.95 36.86
N VAL HA 121 9.10 44.95 36.38
CA VAL HA 121 9.45 44.89 34.97
C VAL HA 121 9.45 43.45 34.51
N ASN HA 122 8.90 43.19 33.33
CA ASN HA 122 8.96 41.88 32.77
C ASN HA 122 10.28 41.75 32.04
N ILE HA 123 11.26 41.05 32.63
CA ILE HA 123 12.57 40.91 31.99
C ILE HA 123 12.60 39.78 30.97
N ASP HA 124 11.65 38.84 31.07
CA ASP HA 124 11.63 37.66 30.18
C ASP HA 124 13.05 37.27 29.74
N SER HA 125 13.86 36.84 30.72
CA SER HA 125 15.26 36.53 30.47
C SER HA 125 15.70 35.14 30.98
N ALA HA 126 16.77 34.61 30.43
CA ALA HA 126 17.17 33.25 30.75
C ALA HA 126 18.08 33.23 31.94
N GLY HA 127 17.87 32.31 32.87
CA GLY HA 127 18.72 32.11 34.06
C GLY HA 127 20.05 31.47 33.74
N THR HA 128 21.08 31.77 34.52
CA THR HA 128 22.41 31.23 34.30
C THR HA 128 23.08 30.86 35.62
N ASN HA 129 24.20 30.14 35.58
CA ASN HA 129 25.33 30.26 36.46
C ASN HA 129 25.65 31.66 36.99
N SER HA 130 26.41 31.66 38.09
CA SER HA 130 27.22 32.79 38.43
C SER HA 130 28.20 33.36 37.41
N LEU HA 131 28.67 32.53 36.49
CA LEU HA 131 29.63 32.98 35.49
C LEU HA 131 28.93 33.24 34.14
N GLY HA 132 27.61 33.04 34.07
CA GLY HA 132 26.83 33.47 32.87
C GLY HA 132 26.48 32.43 31.81
N SER HA 133 26.91 31.19 31.99
CA SER HA 133 26.62 30.20 31.01
C SER HA 133 25.19 29.77 31.18
N ALA HA 134 24.61 29.15 30.18
CA ALA HA 134 23.16 29.01 30.11
C ALA HA 134 22.53 27.93 30.99
N GLY HA 135 21.41 28.25 31.64
CA GLY HA 135 20.71 27.22 32.42
C GLY HA 135 21.23 27.13 33.83
N ILE HA 136 20.42 26.68 34.78
CA ILE HA 136 20.88 26.60 36.16
C ILE HA 136 21.49 25.19 36.37
N PRO HA 137 22.75 25.14 36.84
CA PRO HA 137 23.33 23.76 37.12
C PRO HA 137 22.64 23.07 38.27
N GLY HA 138 22.61 21.74 38.29
CA GLY HA 138 21.97 21.03 39.37
C GLY HA 138 22.56 19.63 39.57
N GLN HA 139 21.91 18.84 40.42
CA GLN HA 139 22.34 17.51 40.67
C GLN HA 139 21.44 16.54 39.91
N VAL HA 140 22.01 15.63 39.13
CA VAL HA 140 21.24 14.73 38.31
C VAL HA 140 20.82 13.45 39.02
N ASP HA 141 19.56 13.07 38.92
CA ASP HA 141 19.14 11.74 39.36
C ASP HA 141 18.76 10.92 38.12
N ALA HA 142 19.59 9.93 37.76
CA ALA HA 142 19.38 9.21 36.51
C ALA HA 142 18.22 8.24 36.54
N HIS HA 143 17.69 7.98 37.71
CA HIS HA 143 16.68 6.94 37.90
C HIS HA 143 17.03 5.56 37.29
N MSE HA 144 18.28 5.09 37.45
CA MSE HA 144 18.73 3.86 36.78
C MSE HA 144 17.93 2.66 37.22
O MSE HA 144 17.40 1.92 36.42
CB MSE HA 144 20.22 3.59 36.99
CG MSE HA 144 21.19 4.54 36.29
SE MSE HA 144 20.90 4.50 34.41
CE MSE HA 144 21.63 2.73 34.05
N TRP HA 145 17.83 2.45 38.52
CA TRP HA 145 17.04 1.34 39.03
C TRP HA 145 15.66 1.28 38.40
N GLU HA 146 14.85 2.34 38.56
CA GLU HA 146 13.53 2.36 37.89
C GLU HA 146 13.64 2.12 36.38
N ARG HA 147 14.67 2.60 35.72
CA ARG HA 147 14.80 2.43 34.29
C ARG HA 147 15.24 1.02 33.92
N LEU HA 148 15.67 0.25 34.92
CA LEU HA 148 16.23 -1.05 34.67
C LEU HA 148 15.48 -2.17 35.31
N ARG HA 149 14.69 -1.90 36.35
CA ARG HA 149 14.17 -2.98 37.21
C ARG HA 149 13.31 -4.01 36.50
N GLY HA 150 12.53 -3.56 35.51
CA GLY HA 150 11.64 -4.45 34.77
C GLY HA 150 12.46 -5.56 34.16
N ALA HA 151 13.30 -5.18 33.20
CA ALA HA 151 14.19 -6.11 32.51
C ALA HA 151 14.99 -6.97 33.48
N ILE HA 152 15.55 -6.38 34.53
CA ILE HA 152 16.32 -7.13 35.52
C ILE HA 152 15.46 -8.24 36.13
N MSE HA 153 14.32 -7.87 36.68
CA MSE HA 153 13.37 -8.83 37.26
C MSE HA 153 12.99 -9.93 36.28
O MSE HA 153 13.09 -11.11 36.60
CB MSE HA 153 12.09 -8.13 37.71
CG MSE HA 153 11.76 -8.47 39.11
SE MSE HA 153 13.04 -7.48 40.19
CE MSE HA 153 13.32 -8.70 41.68
N ILE HA 154 12.54 -9.52 35.09
CA ILE HA 154 12.14 -10.49 34.09
C ILE HA 154 13.29 -11.48 33.83
N SER HA 155 14.42 -10.97 33.37
CA SER HA 155 15.55 -11.84 33.00
C SER HA 155 15.96 -12.72 34.17
N LEU HA 156 15.84 -12.22 35.39
CA LEU HA 156 16.15 -13.09 36.55
C LEU HA 156 15.36 -14.38 36.55
N PHE HA 157 14.11 -14.31 36.07
CA PHE HA 157 13.38 -15.55 35.82
C PHE HA 157 14.10 -16.26 34.68
N SER HA 158 14.09 -15.67 33.47
CA SER HA 158 14.74 -16.30 32.30
C SER HA 158 16.03 -17.07 32.68
N ASP HA 159 16.81 -16.47 33.59
CA ASP HA 159 17.99 -17.12 34.14
C ASP HA 159 17.60 -18.31 34.98
N THR HA 160 16.79 -18.08 36.01
CA THR HA 160 16.28 -19.18 36.82
C THR HA 160 15.38 -20.17 36.02
N LEU HA 161 15.33 -20.01 34.70
CA LEU HA 161 14.54 -20.92 33.88
C LEU HA 161 15.26 -22.26 33.71
N GLY HA 183 16.98 -10.90 24.85
CA GLY HA 183 17.50 -10.58 23.51
C GLY HA 183 16.56 -9.62 22.78
N GLN HA 184 15.39 -10.16 22.40
CA GLN HA 184 14.26 -9.34 21.94
C GLN HA 184 13.86 -8.48 23.13
N LEU HA 185 14.20 -9.02 24.30
CA LEU HA 185 13.95 -8.41 25.57
C LEU HA 185 14.90 -7.25 25.81
N ALA HA 186 16.20 -7.54 25.67
CA ALA HA 186 17.26 -6.54 25.87
C ALA HA 186 16.98 -5.30 25.02
N SER HA 187 16.56 -5.52 23.79
CA SER HA 187 16.28 -4.41 22.88
C SER HA 187 15.03 -3.67 23.30
N GLU HA 188 14.09 -4.40 23.88
CA GLU HA 188 12.90 -3.78 24.45
C GLU HA 188 13.27 -3.00 25.72
N ALA HA 189 14.17 -3.60 26.50
CA ALA HA 189 14.65 -2.98 27.73
C ALA HA 189 15.14 -1.57 27.44
N LEU HA 190 16.13 -1.47 26.55
CA LEU HA 190 16.75 -0.20 26.19
C LEU HA 190 15.69 0.83 25.80
N ARG HA 191 14.69 0.40 25.05
CA ARG HA 191 13.56 1.23 24.65
C ARG HA 191 12.89 1.81 25.89
N SER HA 192 12.62 0.94 26.86
CA SER HA 192 11.94 1.29 28.10
C SER HA 192 12.83 2.23 28.94
N TYR HA 193 14.14 1.94 28.87
CA TYR HA 193 15.17 2.67 29.58
C TYR HA 193 15.17 4.13 29.16
N MSE HA 194 14.82 4.38 27.92
CA MSE HA 194 14.87 5.71 27.38
C MSE HA 194 13.57 6.48 27.61
O MSE HA 194 13.50 7.68 27.39
CB MSE HA 194 15.18 5.63 25.89
CG MSE HA 194 16.64 5.29 25.57
SE MSE HA 194 16.96 5.21 23.63
CE MSE HA 194 16.24 6.97 23.10
N SER HA 195 12.53 5.80 28.06
CA SER HA 195 11.22 6.44 28.18
C SER HA 195 11.13 7.23 29.48
N ILE HA 196 12.02 6.98 30.44
CA ILE HA 196 12.02 7.81 31.63
C ILE HA 196 13.24 8.75 31.75
N PRO HA 197 12.99 10.04 31.96
CA PRO HA 197 14.15 10.93 31.93
C PRO HA 197 14.88 10.98 33.27
N PRO HA 198 16.14 11.41 33.25
CA PRO HA 198 16.73 11.81 34.51
C PRO HA 198 16.03 13.06 35.00
N THR HA 199 16.23 13.44 36.24
CA THR HA 199 15.62 14.65 36.77
C THR HA 199 16.68 15.45 37.51
N LEU HA 200 16.51 16.76 37.56
CA LEU HA 200 17.51 17.63 38.11
C LEU HA 200 16.95 18.26 39.37
N TYR HA 201 17.81 18.33 40.41
CA TYR HA 201 17.48 19.02 41.64
C TYR HA 201 18.49 20.12 41.87
N ASP HA 202 18.07 21.19 42.54
CA ASP HA 202 19.04 22.19 43.00
C ASP HA 202 18.48 22.76 44.30
N GLN HA 203 19.32 22.72 45.35
CA GLN HA 203 18.96 23.23 46.68
C GLN HA 203 18.31 24.68 46.67
N GLN HA 204 17.42 24.95 47.63
CA GLN HA 204 17.05 26.30 47.96
C GLN HA 204 18.30 27.16 48.24
N GLY HA 205 18.21 28.48 47.99
CA GLY HA 205 19.25 29.42 48.35
C GLY HA 205 20.48 29.34 47.50
N ASP HA 206 20.37 28.79 46.30
CA ASP HA 206 21.56 28.70 45.45
C ASP HA 206 21.98 30.10 44.93
N ALA HA 207 23.26 30.27 44.66
CA ALA HA 207 23.77 31.51 44.09
C ALA HA 207 23.82 31.34 42.62
N VAL HA 208 23.05 32.16 41.94
CA VAL HA 208 22.69 31.91 40.55
C VAL HA 208 22.56 33.28 39.83
N SER HA 209 22.43 33.27 38.52
CA SER HA 209 22.36 34.57 37.90
C SER HA 209 21.35 34.69 36.75
N ILE HA 210 21.11 35.89 36.25
CA ILE HA 210 20.21 36.14 35.12
C ILE HA 210 20.88 36.99 34.04
N PHE HA 211 20.94 36.52 32.81
CA PHE HA 211 21.47 37.32 31.72
C PHE HA 211 20.34 38.21 31.17
N VAL HA 212 20.46 39.52 31.31
CA VAL HA 212 19.43 40.38 30.83
C VAL HA 212 19.33 40.22 29.29
N ALA HA 213 18.21 39.72 28.79
CA ALA HA 213 18.11 39.44 27.36
C ALA HA 213 17.72 40.63 26.47
N ARG HA 214 17.13 41.65 27.06
CA ARG HA 214 16.49 42.73 26.29
C ARG HA 214 16.72 43.97 27.11
N ASP HA 215 16.79 45.12 26.44
CA ASP HA 215 16.95 46.39 27.15
C ASP HA 215 15.75 46.62 28.12
N LEU HA 216 16.05 47.01 29.36
CA LEU HA 216 15.01 47.25 30.35
C LEU HA 216 14.98 48.74 30.64
N ASP HA 217 13.88 49.38 30.22
CA ASP HA 217 13.76 50.77 30.30
C ASP HA 217 13.04 51.16 31.58
N PHE HA 218 13.71 51.89 32.47
CA PHE HA 218 13.12 52.43 33.68
C PHE HA 218 12.67 53.94 33.57
N SER HA 219 12.79 54.55 32.38
CA SER HA 219 12.38 55.95 32.05
C SER HA 219 11.05 56.38 32.58
N GLY HA 220 10.06 55.51 32.58
CA GLY HA 220 8.74 55.82 33.04
C GLY HA 220 8.54 55.66 34.53
N VAL HA 221 9.57 55.24 35.25
CA VAL HA 221 9.39 54.99 36.63
C VAL HA 221 10.34 55.81 37.47
N TYR HA 222 11.58 55.96 37.04
CA TYR HA 222 12.53 56.73 37.83
C TYR HA 222 13.01 57.94 37.11
N THR HA 223 13.43 58.92 37.90
CA THR HA 223 14.07 60.09 37.37
C THR HA 223 15.15 60.56 38.35
N LEU HA 224 15.88 61.59 37.95
CA LEU HA 224 17.04 62.02 38.71
C LEU HA 224 16.89 63.44 39.25
N ALA HA 225 17.42 63.67 40.45
CA ALA HA 225 17.42 64.98 41.10
C ALA HA 225 18.64 65.07 42.00
N ASP HA 226 19.20 66.26 42.20
CA ASP HA 226 20.14 66.45 43.30
C ASP HA 226 19.24 66.77 44.47
N ASN HA 227 19.42 66.13 45.64
CA ASN HA 227 20.68 65.50 46.08
C ASN HA 227 20.47 64.19 46.84
N ALA IA 2 14.06 69.88 32.32
CA ALA IA 2 14.69 70.66 31.21
C ALA IA 2 15.85 69.88 30.60
N ALA IA 3 16.26 70.29 29.40
CA ALA IA 3 17.37 69.65 28.71
C ALA IA 3 18.68 70.08 29.34
N ASP IA 4 18.69 71.31 29.83
CA ASP IA 4 19.85 71.87 30.50
C ASP IA 4 19.99 71.27 31.90
N LYS IA 5 18.86 70.92 32.49
CA LYS IA 5 18.84 70.35 33.83
C LYS IA 5 19.34 68.89 33.78
N LYS IA 6 18.88 68.16 32.77
CA LYS IA 6 19.34 66.81 32.56
C LYS IA 6 20.86 66.78 32.36
N ARG IA 7 21.40 67.83 31.75
CA ARG IA 7 22.82 67.92 31.46
C ARG IA 7 23.66 68.20 32.71
N ILE IA 8 23.16 69.08 33.59
CA ILE IA 8 23.87 69.41 34.82
C ILE IA 8 23.90 68.22 35.78
N THR IA 9 22.73 67.60 36.00
CA THR IA 9 22.60 66.40 36.85
C THR IA 9 23.53 65.28 36.38
N GLN IA 10 23.51 65.05 35.08
CA GLN IA 10 24.36 64.07 34.40
C GLN IA 10 25.85 64.24 34.60
N LYS IA 11 26.31 65.48 34.54
CA LYS IA 11 27.73 65.80 34.77
C LYS IA 11 28.05 65.61 36.23
N LEU IA 12 27.18 66.13 37.09
CA LEU IA 12 27.35 66.04 38.53
C LEU IA 12 27.55 64.56 38.90
N LYS IA 13 26.69 63.72 38.33
CA LYS IA 13 26.72 62.32 38.64
C LYS IA 13 27.92 61.65 38.07
N GLN IA 14 28.20 61.93 36.81
CA GLN IA 14 29.41 61.43 36.18
C GLN IA 14 30.60 61.69 37.10
N THR IA 15 30.40 62.54 38.13
CA THR IA 15 31.28 62.50 39.33
C THR IA 15 30.75 62.03 40.72
N ALA IA 16 30.60 60.70 40.81
CA ALA IA 16 31.01 60.00 42.01
C ALA IA 16 31.47 58.52 41.89
N PHE IA 17 32.80 58.43 42.08
CA PHE IA 17 33.53 57.39 42.69
C PHE IA 17 33.99 58.16 43.94
N ALA IA 18 33.10 59.02 44.45
CA ALA IA 18 33.36 59.85 45.62
C ALA IA 18 33.49 59.01 46.86
N GLY IA 19 34.37 59.44 47.76
CA GLY IA 19 34.35 58.99 49.15
C GLY IA 19 35.70 58.47 49.59
N ALA IA 20 35.80 58.16 50.87
CA ALA IA 20 37.03 57.63 51.41
C ALA IA 20 37.46 56.50 50.48
N LYS IA 21 38.73 56.44 50.13
CA LYS IA 21 39.27 55.43 49.25
C LYS IA 21 40.05 54.34 50.01
N ASN IA 22 40.11 53.16 49.41
CA ASN IA 22 40.88 52.06 49.91
C ASN IA 22 41.87 51.58 48.85
N TYR IA 23 43.13 51.43 49.25
CA TYR IA 23 44.21 51.09 48.31
C TYR IA 23 44.82 49.80 48.77
N GLN IA 24 44.22 49.18 49.76
CA GLN IA 24 44.89 48.05 50.38
C GLN IA 24 44.74 46.78 49.59
N TYR IA 25 45.38 46.71 48.42
CA TYR IA 25 45.24 45.55 47.53
C TYR IA 25 46.53 44.83 47.32
N VAL IA 26 46.50 43.50 47.33
CA VAL IA 26 47.67 42.73 46.93
C VAL IA 26 47.29 41.78 45.79
N MSE IA 27 48.28 41.23 45.06
CA MSE IA 27 48.01 40.39 43.91
C MSE IA 27 49.04 39.26 43.85
O MSE IA 27 50.15 39.39 44.38
CB MSE IA 27 48.04 41.22 42.61
CG MSE IA 27 49.39 41.75 42.27
SE MSE IA 27 49.62 42.69 40.53
CE MSE IA 27 48.34 44.08 40.75
N SER IA 28 48.67 38.14 43.23
CA SER IA 28 49.67 37.13 42.88
C SER IA 28 50.69 37.72 41.94
N GLU IA 29 51.95 37.30 42.05
CA GLU IA 29 52.98 37.78 41.11
C GLU IA 29 53.54 36.59 40.42
N GLN IA 30 53.19 36.42 39.14
CA GLN IA 30 53.77 35.38 38.34
C GLN IA 30 54.22 36.06 37.04
N PRO IA 31 55.49 35.89 36.66
CA PRO IA 31 56.01 36.63 35.52
C PRO IA 31 55.24 36.36 34.22
N GLU IA 32 54.82 35.09 33.96
CA GLU IA 32 53.94 34.75 32.78
C GLU IA 32 52.64 35.57 32.68
N MSE IA 33 52.25 36.21 33.78
CA MSE IA 33 50.97 36.87 33.86
C MSE IA 33 51.09 38.39 33.80
O MSE IA 33 50.12 39.07 33.95
CB MSE IA 33 50.22 36.46 35.13
CG MSE IA 33 50.08 34.97 35.42
SE MSE IA 33 49.40 33.91 33.92
CE MSE IA 33 49.18 32.21 34.92
N ARG IA 34 52.28 38.93 33.56
CA ARG IA 34 52.46 40.38 33.70
C ARG IA 34 51.70 41.12 32.62
N SER IA 35 51.50 40.45 31.50
CA SER IA 35 50.85 41.08 30.35
C SER IA 35 49.41 41.46 30.64
N ILE IA 36 48.84 40.96 31.75
CA ILE IA 36 47.50 41.33 32.16
C ILE IA 36 47.36 41.91 33.54
N GLN IA 37 48.47 42.14 34.21
CA GLN IA 37 48.49 42.76 35.52
C GLN IA 37 47.97 44.18 35.50
N PRO IA 38 47.30 44.61 36.57
CA PRO IA 38 46.85 45.99 36.62
C PRO IA 38 47.94 46.89 37.21
N VAL IA 39 47.90 48.17 36.89
CA VAL IA 39 48.79 49.16 37.49
C VAL IA 39 48.19 49.59 38.81
N HIS IA 40 46.87 49.68 38.87
CA HIS IA 40 46.18 50.02 40.09
C HIS IA 40 44.90 49.25 40.29
N VAL IA 41 44.62 48.91 41.53
CA VAL IA 41 43.31 48.52 41.95
C VAL IA 41 42.94 49.32 43.16
N TRP IA 42 41.75 49.86 43.19
CA TRP IA 42 41.30 50.58 44.36
C TRP IA 42 39.79 50.69 44.42
N ASP IA 43 39.29 51.13 45.55
CA ASP IA 43 37.87 51.29 45.71
C ASP IA 43 37.44 52.43 46.60
N ASN IA 44 36.14 52.47 46.77
CA ASN IA 44 35.30 53.53 47.12
C ASN IA 44 34.52 53.04 48.29
N TYR IA 45 34.77 51.81 48.68
CA TYR IA 45 33.79 51.06 49.44
C TYR IA 45 32.44 50.81 48.70
N ARG IA 46 32.29 51.23 47.46
CA ARG IA 46 31.07 50.90 46.68
C ARG IA 46 31.41 50.22 45.33
N PHE IA 47 32.30 50.86 44.57
CA PHE IA 47 32.73 50.44 43.23
C PHE IA 47 34.22 50.19 43.31
N THR IA 48 34.76 49.38 42.42
CA THR IA 48 36.18 49.04 42.49
C THR IA 48 36.78 49.32 41.15
N ARG IA 49 37.93 49.98 41.15
CA ARG IA 49 38.60 50.31 39.89
C ARG IA 49 39.79 49.43 39.66
N PHE IA 50 39.85 48.83 38.45
CA PHE IA 50 41.04 48.11 37.98
C PHE IA 50 41.65 48.95 36.83
N GLU IA 51 42.86 49.43 37.03
CA GLU IA 51 43.47 50.27 36.03
C GLU IA 51 44.64 49.56 35.34
N PHE IA 52 44.58 49.50 34.01
CA PHE IA 52 45.60 48.91 33.16
C PHE IA 52 46.39 49.96 32.36
N PRO IA 53 47.62 49.62 31.89
CA PRO IA 53 48.37 50.62 31.12
C PRO IA 53 47.51 51.16 29.99
N ALA IA 54 47.71 52.43 29.62
CA ALA IA 54 46.85 53.15 28.66
C ALA IA 54 46.54 52.41 27.38
N ASN IA 55 47.53 51.79 26.75
CA ASN IA 55 47.30 51.08 25.50
C ASN IA 55 47.27 49.58 25.65
N ALA IA 56 47.16 49.07 26.88
CA ALA IA 56 47.18 47.61 27.04
C ALA IA 56 45.81 47.04 26.63
N GLU IA 57 45.78 45.84 26.12
CA GLU IA 57 44.55 45.08 25.94
C GLU IA 57 43.81 44.94 27.26
N LEU IA 58 42.50 45.18 27.23
CA LEU IA 58 41.64 45.03 28.41
C LEU IA 58 41.35 43.56 28.70
N PRO IA 59 41.84 43.03 29.83
CA PRO IA 59 41.45 41.69 30.25
C PRO IA 59 40.10 41.76 30.93
N GLN IA 60 39.61 40.65 31.44
CA GLN IA 60 38.27 40.63 31.97
C GLN IA 60 38.37 40.44 33.48
N VAL IA 61 37.38 40.92 34.26
CA VAL IA 61 37.49 40.74 35.72
C VAL IA 61 36.36 39.97 36.38
N TYR IA 62 36.67 39.17 37.40
CA TYR IA 62 35.68 38.30 38.04
C TYR IA 62 35.79 38.48 39.53
N MSE IA 63 34.67 38.40 40.24
CA MSE IA 63 34.74 38.55 41.69
C MSE IA 63 34.46 37.27 42.45
O MSE IA 63 33.75 36.40 41.93
CB MSE IA 63 33.77 39.62 42.18
CG MSE IA 63 32.36 39.13 42.34
SE MSE IA 63 31.28 40.55 43.21
CE MSE IA 63 30.32 39.34 44.39
N ILE IA 64 35.07 37.11 43.63
CA ILE IA 64 34.70 36.01 44.48
C ILE IA 64 33.55 36.46 45.34
N SER IA 65 32.38 35.89 45.11
CA SER IA 65 31.19 36.33 45.81
C SER IA 65 31.17 35.87 47.27
N ALA IA 66 30.27 36.46 48.07
CA ALA IA 66 29.94 35.91 49.41
C ALA IA 66 29.61 34.38 49.42
N SER IA 67 29.09 33.87 48.30
CA SER IA 67 28.79 32.45 48.16
C SER IA 67 30.01 31.52 48.09
N GLY IA 68 31.19 32.07 47.84
CA GLY IA 68 32.38 31.33 47.62
C GLY IA 68 32.75 31.14 46.18
N LYS IA 69 31.79 31.38 45.29
CA LYS IA 69 32.03 31.14 43.87
C LYS IA 69 32.62 32.33 43.12
N GLU IA 70 33.45 32.05 42.09
CA GLU IA 70 33.88 33.08 41.14
C GLU IA 70 32.64 33.53 40.38
N THR IA 71 32.48 34.83 40.14
CA THR IA 71 31.22 35.36 39.65
C THR IA 71 31.41 36.47 38.65
N LEU IA 72 30.58 36.52 37.61
CA LEU IA 72 30.67 37.60 36.66
C LEU IA 72 29.93 38.86 37.21
N PRO IA 73 30.66 39.96 37.50
CA PRO IA 73 29.97 41.16 37.95
C PRO IA 73 29.65 42.08 36.77
N ASN IA 74 29.06 43.23 37.05
CA ASN IA 74 28.77 44.26 36.07
C ASN IA 74 29.77 45.43 36.23
N SER IA 75 30.22 46.01 35.11
CA SER IA 75 31.25 47.00 35.16
C SER IA 75 31.27 47.82 33.91
N HIS IA 76 31.85 49.02 33.98
CA HIS IA 76 31.88 49.90 32.77
C HIS IA 76 33.31 50.44 32.73
N VAL IA 77 33.80 50.88 31.56
CA VAL IA 77 35.13 51.49 31.54
C VAL IA 77 35.09 53.01 31.68
N VAL IA 78 36.06 53.54 32.41
CA VAL IA 78 36.21 54.97 32.58
C VAL IA 78 37.60 55.41 32.12
N GLY IA 79 37.72 56.71 31.82
CA GLY IA 79 39.00 57.25 31.39
C GLY IA 79 39.05 57.52 29.91
N GLU IA 80 39.77 58.58 29.55
CA GLU IA 80 40.19 58.94 28.22
C GLU IA 80 40.78 57.80 27.46
N ASN IA 81 41.43 56.89 28.17
CA ASN IA 81 42.14 55.80 27.50
C ASN IA 81 41.42 54.45 27.57
N ARG IA 82 40.20 54.44 28.16
CA ARG IA 82 39.35 53.25 28.27
C ARG IA 82 40.13 52.11 28.93
N ASN IA 83 40.93 52.46 29.92
CA ASN IA 83 41.88 51.51 30.47
C ASN IA 83 41.60 51.24 31.93
N ILE IA 84 40.46 51.73 32.40
CA ILE IA 84 40.07 51.53 33.79
C ILE IA 84 38.73 50.85 33.82
N ILE IA 85 38.67 49.70 34.48
CA ILE IA 85 37.39 49.00 34.62
C ILE IA 85 36.87 49.30 35.98
N GLU IA 86 35.72 49.96 36.01
CA GLU IA 86 35.07 50.30 37.25
C GLU IA 86 33.95 49.28 37.49
N VAL IA 87 34.19 48.38 38.43
CA VAL IA 87 33.20 47.34 38.72
C VAL IA 87 32.18 47.93 39.68
N GLU IA 88 30.91 47.63 39.42
CA GLU IA 88 29.82 48.26 40.14
C GLU IA 88 29.57 47.57 41.47
N THR IA 89 30.66 47.18 42.14
CA THR IA 89 30.55 46.38 43.31
C THR IA 89 31.89 46.32 44.05
N VAL IA 90 31.88 45.74 45.24
CA VAL IA 90 33.12 45.74 46.06
C VAL IA 90 33.25 44.32 46.61
N ALA IA 91 34.44 43.80 46.83
CA ALA IA 91 34.56 42.40 47.20
C ALA IA 91 35.86 42.10 47.93
N LYS IA 92 35.88 40.94 48.61
CA LYS IA 92 37.08 40.49 49.29
C LYS IA 92 38.17 40.07 48.31
N GLU IA 93 37.77 39.47 47.20
CA GLU IA 93 38.75 38.87 46.29
C GLU IA 93 38.30 38.89 44.85
N TRP IA 94 39.28 38.93 43.93
CA TRP IA 94 39.04 39.07 42.49
C TRP IA 94 39.93 38.14 41.67
N ARG IA 95 39.55 37.96 40.40
CA ARG IA 95 40.36 37.33 39.39
C ARG IA 95 40.36 38.23 38.18
N ILE IA 96 41.54 38.42 37.59
CA ILE IA 96 41.70 39.11 36.31
C ILE IA 96 42.05 38.01 35.30
N ARG IA 97 41.35 37.95 34.16
CA ARG IA 97 41.56 36.85 33.23
C ARG IA 97 41.53 37.31 31.78
N LEU IA 98 42.40 36.72 30.97
CA LEU IA 98 42.34 36.80 29.50
C LEU IA 98 42.93 35.54 28.88
N GLY IA 99 42.16 34.75 28.14
CA GLY IA 99 42.64 33.46 27.70
C GLY IA 99 43.08 32.69 28.94
N ASP IA 100 44.26 32.11 28.94
CA ASP IA 100 44.67 31.31 30.07
C ASP IA 100 45.53 32.07 31.06
N LYS IA 101 45.59 33.37 30.92
CA LYS IA 101 46.28 34.17 31.90
C LYS IA 101 45.36 34.51 33.04
N VAL IA 102 45.89 34.50 34.27
CA VAL IA 102 45.08 34.86 35.43
C VAL IA 102 45.96 35.60 36.42
N VAL IA 103 45.38 36.62 37.07
CA VAL IA 103 45.99 37.25 38.22
C VAL IA 103 44.94 37.30 39.38
N GLY IA 104 45.33 36.80 40.56
CA GLY IA 104 44.53 36.91 41.75
C GLY IA 104 44.74 38.28 42.37
N VAL IA 105 43.67 38.90 42.86
CA VAL IA 105 43.76 40.24 43.46
C VAL IA 105 42.89 40.21 44.71
N ARG IA 106 43.51 40.56 45.83
CA ARG IA 106 42.86 40.42 47.11
C ARG IA 106 42.77 41.75 47.80
N ASN IA 107 41.59 41.99 48.38
CA ASN IA 107 41.31 43.25 49.03
C ASN IA 107 41.57 43.09 50.51
N ASN IA 108 42.59 43.75 51.03
CA ASN IA 108 42.94 43.62 52.44
C ASN IA 108 42.13 44.49 53.36
N ASN IA 109 41.18 45.27 52.84
CA ASN IA 109 40.33 46.04 53.70
C ASN IA 109 38.91 46.05 53.19
N PHE IA 110 38.33 44.87 53.08
CA PHE IA 110 36.96 44.67 52.65
C PHE IA 110 36.12 44.95 53.87
N ALA IA 111 35.25 45.93 53.79
CA ALA IA 111 34.47 46.36 54.92
C ALA IA 111 33.04 46.67 54.44
N PRO IA 112 32.27 45.62 54.03
CA PRO IA 112 30.91 45.86 53.56
C PRO IA 112 30.29 46.49 54.78
N GLY IA 113 29.33 47.35 54.68
CA GLY IA 113 29.03 47.97 55.97
C GLY IA 113 29.55 49.36 56.02
N ARG IA 114 30.77 49.57 55.52
CA ARG IA 114 31.20 50.91 55.24
C ARG IA 114 30.85 51.35 53.85
N GLY IA 115 30.73 52.67 53.68
CA GLY IA 115 30.62 53.29 52.36
C GLY IA 115 29.31 53.28 51.62
N ALA IA 116 28.20 52.87 52.21
CA ALA IA 116 26.95 52.87 51.44
C ALA IA 116 26.47 54.28 51.16
N VAL IA 117 25.68 54.48 50.12
CA VAL IA 117 25.00 55.76 49.94
C VAL IA 117 23.58 55.38 49.64
N ALA IA 118 22.63 56.14 50.15
CA ALA IA 118 21.25 55.73 50.12
C ALA IA 118 20.54 56.64 49.11
N THR IA 119 21.26 57.03 48.09
CA THR IA 119 20.80 57.99 47.16
C THR IA 119 20.04 57.41 45.94
N GLY IA 120 20.23 56.13 45.65
CA GLY IA 120 19.72 55.54 44.44
C GLY IA 120 20.62 55.67 43.22
N THR IA 121 21.78 56.32 43.38
CA THR IA 121 22.71 56.48 42.27
C THR IA 121 24.10 56.21 42.76
N ALA IA 122 25.07 56.25 41.86
CA ALA IA 122 26.46 56.05 42.28
C ALA IA 122 26.96 57.20 43.12
N SER IA 123 26.23 58.29 43.18
CA SER IA 123 26.80 59.52 43.73
C SER IA 123 26.11 59.92 45.01
N PRO IA 124 26.84 60.52 45.97
CA PRO IA 124 26.18 61.07 47.16
C PRO IA 124 25.37 62.32 46.86
N ASP IA 125 25.53 62.88 45.66
CA ASP IA 125 24.99 64.18 45.35
C ASP IA 125 23.84 64.18 44.36
N VAL IA 126 23.59 63.03 43.74
CA VAL IA 126 22.42 62.91 42.81
C VAL IA 126 21.57 61.79 43.35
N ARG IA 127 20.26 61.93 43.32
CA ARG IA 127 19.41 60.93 43.89
C ARG IA 127 18.36 60.43 42.90
N ARG IA 128 17.97 59.16 43.05
CA ARG IA 128 16.95 58.56 42.17
C ARG IA 128 15.57 58.84 42.74
N VAL IA 129 14.68 59.31 41.90
CA VAL IA 129 13.37 59.71 42.38
C VAL IA 129 12.35 58.92 41.60
N GLN IA 130 11.37 58.38 42.30
CA GLN IA 130 10.30 57.65 41.66
C GLN IA 130 9.32 58.64 41.12
N ILE IA 131 9.16 58.73 39.80
CA ILE IA 131 8.03 59.48 39.26
C ILE IA 131 6.75 58.65 39.52
N GLY JA 4 33.68 17.04 32.66
CA GLY JA 4 35.14 16.80 32.99
C GLY JA 4 36.03 17.87 32.34
N HIS JA 5 35.33 18.82 31.70
CA HIS JA 5 35.81 20.16 31.43
C HIS JA 5 36.76 20.60 32.53
N LYS JA 6 37.90 21.13 32.14
CA LYS JA 6 38.85 21.60 33.12
C LYS JA 6 38.71 23.13 33.27
N PRO JA 7 38.60 23.61 34.50
CA PRO JA 7 38.30 25.03 34.80
C PRO JA 7 39.51 25.90 34.45
N PRO JA 8 39.33 27.24 34.41
CA PRO JA 8 40.46 28.10 34.05
C PRO JA 8 41.53 28.10 35.15
N PRO JA 9 42.72 28.65 34.88
CA PRO JA 9 43.80 28.48 35.86
C PRO JA 9 43.51 29.27 37.09
N GLU JA 10 44.12 28.89 38.21
CA GLU JA 10 44.04 29.63 39.44
C GLU JA 10 45.37 30.31 39.71
N PRO JA 11 45.33 31.47 40.38
CA PRO JA 11 46.61 32.12 40.57
C PRO JA 11 47.48 31.35 41.53
N ASP JA 12 48.79 31.54 41.43
CA ASP JA 12 49.70 30.98 42.42
C ASP JA 12 50.09 32.14 43.31
N TRP JA 13 49.82 32.01 44.61
CA TRP JA 13 50.10 33.10 45.52
C TRP JA 13 51.45 33.08 46.24
N SER JA 14 52.32 32.11 45.92
CA SER JA 14 53.63 31.96 46.56
C SER JA 14 54.30 33.29 46.73
N ASN JA 15 54.28 34.09 45.69
CA ASN JA 15 54.79 35.43 45.80
C ASN JA 15 53.64 36.39 45.65
N THR JA 16 53.24 37.03 46.75
CA THR JA 16 52.15 37.98 46.74
C THR JA 16 52.77 39.32 46.93
N VAL JA 17 52.18 40.38 46.40
CA VAL JA 17 52.88 41.64 46.22
C VAL JA 17 51.87 42.76 46.21
N PRO JA 18 52.22 43.98 46.69
CA PRO JA 18 51.19 45.03 46.70
C PRO JA 18 50.88 45.46 45.29
N VAL JA 19 49.63 45.82 45.03
CA VAL JA 19 49.25 46.25 43.68
C VAL JA 19 49.73 47.68 43.46
N ASN JA 20 49.45 48.56 44.38
CA ASN JA 20 49.70 49.96 44.14
C ASN JA 20 51.13 50.35 44.52
N LYS JA 21 52.05 50.38 43.54
CA LYS JA 21 53.39 50.93 43.78
C LYS JA 21 53.29 52.42 44.03
N THR JA 22 52.28 53.07 43.48
CA THR JA 22 52.02 54.48 43.75
C THR JA 22 50.52 54.67 44.00
N ILE JA 23 50.12 55.81 44.56
CA ILE JA 23 48.72 56.06 44.88
C ILE JA 23 48.03 56.54 43.61
N PRO JA 24 46.96 55.86 43.18
CA PRO JA 24 46.22 56.34 42.01
C PRO JA 24 45.48 57.65 42.25
N VAL JA 25 45.05 58.31 41.19
CA VAL JA 25 44.23 59.53 41.32
C VAL JA 25 42.95 59.43 40.51
N ASP JA 26 41.84 59.90 41.05
CA ASP JA 26 40.60 59.99 40.29
C ASP JA 26 40.53 61.32 39.56
N THR JA 27 40.70 61.28 38.24
CA THR JA 27 40.73 62.50 37.44
C THR JA 27 39.31 63.05 37.19
N GLN JA 28 38.45 62.92 38.20
CA GLN JA 28 37.13 63.52 38.24
C GLN JA 28 36.79 64.08 39.63
N GLU KA 12 18.24 31.77 -7.61
CA GLU KA 12 19.61 31.27 -7.75
C GLU KA 12 20.72 32.15 -7.11
N THR KA 13 20.56 32.49 -5.84
CA THR KA 13 21.74 32.81 -5.08
C THR KA 13 22.20 31.52 -4.37
N SER KA 14 23.49 31.43 -4.08
CA SER KA 14 24.03 30.28 -3.36
C SER KA 14 23.30 29.83 -2.09
N GLU KA 15 23.00 28.56 -2.00
CA GLU KA 15 22.32 28.01 -0.86
C GLU KA 15 23.16 28.15 0.38
N GLY KA 16 24.42 27.74 0.29
CA GLY KA 16 25.39 27.93 1.36
C GLY KA 16 25.37 29.36 1.85
N SER KA 17 25.44 30.30 0.89
CA SER KA 17 25.50 31.69 1.22
C SER KA 17 24.25 32.16 1.95
N SER KA 18 23.08 31.74 1.50
CA SER KA 18 21.82 32.13 2.16
C SER KA 18 21.72 31.50 3.51
N ALA KA 19 22.17 30.24 3.66
CA ALA KA 19 22.01 29.59 4.96
C ALA KA 19 22.83 30.41 5.97
N LEU KA 20 24.00 30.84 5.53
CA LEU KA 20 24.83 31.57 6.44
C LEU KA 20 24.19 32.96 6.73
N ALA KA 21 23.64 33.61 5.72
CA ALA KA 21 23.07 34.93 5.94
C ALA KA 21 21.92 34.80 6.90
N LYS KA 22 21.11 33.76 6.72
CA LYS KA 22 20.02 33.50 7.62
C LYS KA 22 20.52 33.29 9.06
N ASN KA 23 21.59 32.53 9.23
CA ASN KA 23 22.08 32.34 10.56
C ASN KA 23 22.72 33.56 11.18
N LEU KA 24 22.94 34.61 10.39
CA LEU KA 24 23.48 35.85 10.93
C LEU KA 24 22.36 36.88 11.17
N THR KA 25 21.11 36.47 10.93
CA THR KA 25 19.97 37.34 11.14
C THR KA 25 19.23 36.96 12.43
N PRO KA 26 19.47 37.68 13.51
CA PRO KA 26 18.78 37.33 14.76
C PRO KA 26 17.31 37.80 14.85
N ALA KA 27 16.54 37.12 15.67
CA ALA KA 27 15.20 37.53 16.01
C ALA KA 27 15.39 38.65 17.01
N ARG KA 28 15.10 39.90 16.68
CA ARG KA 28 15.27 40.99 17.66
C ARG KA 28 14.26 40.91 18.79
N LEU KA 29 14.75 40.88 20.01
CA LEU KA 29 13.91 40.93 21.21
C LEU KA 29 13.42 42.38 21.45
N LYS KA 30 12.15 42.53 21.82
CA LYS KA 30 11.62 43.83 22.23
C LYS KA 30 12.16 44.23 23.60
N ALA KA 31 12.56 45.49 23.73
CA ALA KA 31 12.88 46.07 25.01
C ALA KA 31 11.61 46.01 25.80
N SER KA 32 11.74 46.18 27.14
CA SER KA 32 10.64 46.09 28.05
C SER KA 32 10.63 47.33 28.98
N ARG KA 33 9.44 47.83 29.30
CA ARG KA 33 9.31 49.00 30.12
C ARG KA 33 8.93 48.66 31.53
N ALA KA 34 9.68 49.15 32.52
CA ALA KA 34 9.26 49.02 33.90
C ALA KA 34 7.99 49.85 34.19
N GLY KA 35 7.20 49.38 35.15
CA GLY KA 35 5.98 50.04 35.55
C GLY KA 35 5.94 49.95 37.07
N VAL KA 36 4.79 50.25 37.66
CA VAL KA 36 4.67 50.05 39.09
C VAL KA 36 3.39 49.35 39.46
N MSE KA 37 3.46 48.57 40.52
CA MSE KA 37 2.32 47.78 40.92
C MSE KA 37 1.29 48.67 41.59
O MSE KA 37 1.62 49.43 42.47
CB MSE KA 37 2.78 46.67 41.85
CG MSE KA 37 1.67 45.80 42.29
SE MSE KA 37 2.30 44.13 43.13
CE MSE KA 37 2.71 43.18 41.52
N ALA KA 38 0.04 48.57 41.16
CA ALA KA 38 -1.04 49.44 41.60
C ALA KA 38 -1.43 49.41 43.11
N ASN KA 39 -1.70 48.25 43.68
CA ASN KA 39 -2.10 48.24 45.08
C ASN KA 39 -1.25 47.30 45.91
N PRO KA 40 0.01 47.67 46.13
CA PRO KA 40 0.89 46.70 46.76
C PRO KA 40 0.45 46.28 48.15
N SER KA 41 -0.30 47.12 48.85
CA SER KA 41 -0.77 46.78 50.19
C SER KA 41 -1.96 45.87 50.15
N LEU KA 42 -2.54 45.67 48.98
CA LEU KA 42 -3.77 44.93 48.90
C LEU KA 42 -3.70 43.81 47.89
N THR KA 43 -2.47 43.41 47.58
CA THR KA 43 -2.14 42.39 46.59
C THR KA 43 -1.21 41.34 47.16
N VAL KA 44 -1.50 40.07 46.96
CA VAL KA 44 -0.48 39.04 47.17
C VAL KA 44 0.14 38.78 45.80
N PRO KA 45 1.41 39.10 45.63
CA PRO KA 45 1.99 38.98 44.26
C PRO KA 45 2.60 37.59 43.93
N LYS KA 46 2.75 37.27 42.64
CA LYS KA 46 3.45 36.09 42.15
C LYS KA 46 4.70 35.76 42.95
N GLY KA 47 4.91 34.50 43.28
CA GLY KA 47 6.16 34.07 43.86
C GLY KA 47 6.08 33.97 45.35
N LYS KA 48 5.03 34.50 45.98
CA LYS KA 48 4.91 34.35 47.42
C LYS KA 48 4.45 32.91 47.72
N MSE KA 49 4.74 32.40 48.91
CA MSE KA 49 4.43 31.03 49.21
C MSE KA 49 3.30 31.04 50.20
O MSE KA 49 3.26 31.90 51.11
CB MSE KA 49 5.63 30.32 49.83
CG MSE KA 49 6.90 30.35 48.97
SE MSE KA 49 6.62 29.58 47.16
CE MSE KA 49 6.16 27.78 47.82
N ILE KA 50 2.33 30.13 50.00
CA ILE KA 50 1.24 29.94 50.98
C ILE KA 50 1.51 28.60 51.68
N PRO KA 51 1.97 28.62 52.92
CA PRO KA 51 2.24 27.35 53.61
C PRO KA 51 0.90 26.72 54.03
N CYS KA 52 0.79 25.41 53.91
CA CYS KA 52 -0.50 24.71 53.98
C CYS KA 52 -0.29 23.36 54.69
N GLY KA 53 -1.32 22.88 55.39
CA GLY KA 53 -1.38 21.54 55.91
C GLY KA 53 -2.52 20.81 55.23
N THR KA 54 -2.23 19.68 54.57
CA THR KA 54 -3.25 19.00 53.77
C THR KA 54 -4.32 18.48 54.70
N GLY KA 55 -5.58 18.66 54.36
CA GLY KA 55 -6.64 18.03 55.10
C GLY KA 55 -6.83 16.60 54.57
N THR KA 56 -7.27 16.45 53.32
CA THR KA 56 -7.39 15.13 52.70
C THR KA 56 -6.05 14.41 52.53
N GLU KA 57 -6.02 13.13 52.86
CA GLU KA 57 -5.00 12.19 52.37
C GLU KA 57 -4.97 12.23 50.85
N LEU KA 58 -3.93 11.73 50.21
CA LEU KA 58 -3.84 11.78 48.77
C LEU KA 58 -3.37 10.44 48.23
N ASP KA 59 -3.94 10.04 47.13
CA ASP KA 59 -3.58 8.80 46.48
C ASP KA 59 -3.79 8.98 44.98
N THR KA 60 -2.76 8.85 44.18
CA THR KA 60 -2.94 9.14 42.80
C THR KA 60 -3.53 8.04 41.96
N THR KA 61 -4.07 7.01 42.56
CA THR KA 61 -4.69 5.94 41.76
C THR KA 61 -5.85 6.40 40.92
N VAL KA 62 -6.72 7.23 41.52
CA VAL KA 62 -7.95 7.72 40.86
C VAL KA 62 -7.92 9.22 40.91
N PRO KA 63 -8.14 9.90 39.75
CA PRO KA 63 -7.94 11.36 39.78
C PRO KA 63 -8.98 11.86 40.70
N GLY KA 64 -8.67 12.87 41.52
CA GLY KA 64 -9.64 13.51 42.35
C GLY KA 64 -9.23 14.85 42.92
N GLN KA 65 -9.88 15.23 44.03
CA GLN KA 65 -9.69 16.49 44.71
C GLN KA 65 -8.79 16.39 45.93
N VAL KA 66 -8.28 17.54 46.41
CA VAL KA 66 -7.47 17.62 47.62
C VAL KA 66 -7.90 18.91 48.32
N SER KA 67 -7.69 18.98 49.64
CA SER KA 67 -7.84 20.18 50.39
C SER KA 67 -6.62 20.45 51.28
N CYS KA 68 -6.40 21.70 51.65
CA CYS KA 68 -5.43 22.05 52.67
C CYS KA 68 -5.90 23.30 53.35
N ARG KA 69 -5.36 23.58 54.53
CA ARG KA 69 -5.77 24.74 55.31
C ARG KA 69 -4.54 25.54 55.48
N VAL KA 70 -4.65 26.85 55.25
CA VAL KA 70 -3.49 27.72 55.26
C VAL KA 70 -2.92 27.72 56.68
N SER KA 71 -1.63 27.52 56.78
CA SER KA 71 -0.96 27.22 58.03
C SER KA 71 -0.54 28.51 58.79
N GLN KA 72 -0.35 29.60 58.04
CA GLN KA 72 0.19 30.80 58.62
C GLN KA 72 -0.18 31.96 57.74
N ASP KA 73 -0.27 33.16 58.31
CA ASP KA 73 -0.82 34.27 57.54
C ASP KA 73 0.14 34.61 56.41
N VAL KA 74 -0.43 35.07 55.30
CA VAL KA 74 0.32 35.59 54.20
C VAL KA 74 -0.06 37.07 53.95
N TYR KA 75 0.97 37.90 53.88
CA TYR KA 75 0.84 39.33 53.81
C TYR KA 75 1.01 39.78 52.39
N SER KA 76 0.66 41.06 52.17
CA SER KA 76 0.67 41.72 50.90
C SER KA 76 2.07 41.90 50.32
N ALA KA 77 2.13 42.43 49.10
CA ALA KA 77 3.36 42.67 48.37
C ALA KA 77 4.42 43.38 49.18
N ASP KA 78 4.02 44.24 50.10
CA ASP KA 78 4.98 45.06 50.87
C ASP KA 78 5.16 44.51 52.27
N GLY KA 79 4.39 43.50 52.62
CA GLY KA 79 4.57 42.87 53.92
C GLY KA 79 3.70 43.53 54.96
N LEU KA 80 2.93 44.53 54.56
CA LEU KA 80 2.26 45.34 55.59
C LEU KA 80 0.84 44.93 55.99
N VAL KA 81 0.14 44.20 55.13
CA VAL KA 81 -1.27 43.93 55.35
C VAL KA 81 -1.50 42.45 55.22
N ARG KA 82 -2.23 41.89 56.18
CA ARG KA 82 -2.53 40.47 56.21
C ARG KA 82 -3.65 40.22 55.20
N LEU KA 83 -3.44 39.33 54.24
CA LEU KA 83 -4.40 39.10 53.14
C LEU KA 83 -4.94 37.70 53.05
N ILE KA 84 -4.07 36.68 53.11
CA ILE KA 84 -4.53 35.32 53.12
C ILE KA 84 -4.39 34.85 54.57
N ASP KA 85 -5.53 34.72 55.23
CA ASP KA 85 -5.53 34.41 56.65
C ASP KA 85 -5.26 32.94 57.00
N LYS KA 86 -4.41 32.75 57.98
CA LYS KA 86 -4.26 31.51 58.65
C LYS KA 86 -5.65 30.93 58.91
N GLY KA 87 -5.79 29.65 58.57
CA GLY KA 87 -7.03 28.92 58.86
C GLY KA 87 -7.91 28.88 57.64
N SER KA 88 -7.52 29.54 56.57
CA SER KA 88 -8.35 29.50 55.34
C SER KA 88 -8.30 28.10 54.71
N TRP KA 89 -9.37 27.68 54.07
CA TRP KA 89 -9.37 26.39 53.40
C TRP KA 89 -9.06 26.56 51.93
N VAL KA 90 -8.28 25.64 51.37
CA VAL KA 90 -7.99 25.69 49.94
C VAL KA 90 -8.46 24.39 49.34
N ASP KA 91 -9.21 24.46 48.24
CA ASP KA 91 -9.60 23.27 47.56
C ASP KA 91 -8.81 23.17 46.25
N GLY KA 92 -8.36 21.96 45.89
CA GLY KA 92 -7.64 21.77 44.63
C GLY KA 92 -7.84 20.39 44.05
N GLN KA 93 -7.10 20.06 43.00
CA GLN KA 93 -7.36 18.80 42.33
C GLN KA 93 -6.05 18.16 41.94
N ILE KA 94 -6.04 16.83 41.92
CA ILE KA 94 -4.93 16.08 41.36
C ILE KA 94 -5.54 15.23 40.30
N THR KA 95 -5.30 15.51 39.01
CA THR KA 95 -6.09 14.89 37.96
C THR KA 95 -5.34 13.92 37.06
N GLY KA 96 -4.05 13.71 37.35
CA GLY KA 96 -3.25 12.74 36.66
C GLY KA 96 -2.43 12.00 37.68
N GLY KA 97 -1.64 11.04 37.24
CA GLY KA 97 -0.85 10.27 38.19
C GLY KA 97 0.64 10.48 37.96
N ILE KA 98 1.45 9.55 38.44
CA ILE KA 98 2.88 9.65 38.37
C ILE KA 98 3.31 8.55 37.43
N LYS KA 99 4.50 8.68 36.90
CA LYS KA 99 5.17 7.75 36.05
C LYS KA 99 6.39 7.17 36.83
N ASP KA 100 6.93 6.04 36.36
CA ASP KA 100 8.13 5.45 37.00
C ASP KA 100 9.21 6.52 36.94
N GLY KA 101 10.07 6.62 37.93
CA GLY KA 101 11.07 7.67 37.93
C GLY KA 101 10.60 8.98 38.55
N GLN KA 102 9.37 9.01 39.11
CA GLN KA 102 8.78 10.18 39.77
C GLN KA 102 8.31 9.86 41.17
N ALA KA 103 8.55 10.73 42.13
CA ALA KA 103 8.07 10.53 43.49
C ALA KA 103 7.28 11.77 43.94
N ARG KA 104 6.75 12.51 42.99
CA ARG KA 104 5.93 13.66 43.38
C ARG KA 104 4.97 13.93 42.25
N VAL KA 105 3.92 14.69 42.49
CA VAL KA 105 2.81 14.85 41.51
C VAL KA 105 2.31 16.26 41.44
N PHE KA 106 1.97 16.71 40.22
CA PHE KA 106 1.34 17.99 39.98
C PHE KA 106 0.01 18.10 40.72
N VAL KA 107 -0.24 19.25 41.35
CA VAL KA 107 -1.44 19.53 42.11
C VAL KA 107 -1.87 20.95 41.77
N LEU KA 108 -3.13 21.11 41.37
CA LEU KA 108 -3.66 22.45 40.99
C LEU KA 108 -4.52 22.96 42.17
N TRP KA 109 -4.02 23.95 42.91
CA TRP KA 109 -4.84 24.55 43.97
C TRP KA 109 -5.71 25.62 43.38
N GLU KA 110 -7.01 25.52 43.61
CA GLU KA 110 -7.94 26.38 42.91
C GLU KA 110 -8.37 27.60 43.69
N ARG KA 111 -9.08 27.39 44.80
CA ARG KA 111 -9.67 28.49 45.51
C ARG KA 111 -9.30 28.51 47.00
N ILE KA 112 -8.97 29.72 47.50
CA ILE KA 112 -8.86 29.96 48.91
C ILE KA 112 -10.21 30.48 49.45
N ARG KA 113 -10.66 29.97 50.59
CA ARG KA 113 -11.90 30.43 51.17
C ARG KA 113 -11.65 30.67 52.67
N ASN KA 114 -11.86 31.93 53.07
CA ASN KA 114 -11.66 32.32 54.43
C ASN KA 114 -12.94 32.04 55.15
N ASP KA 115 -12.91 31.16 56.15
CA ASP KA 115 -14.19 30.77 56.73
C ASP KA 115 -14.67 31.64 57.88
N GLN KA 116 -13.88 32.60 58.31
CA GLN KA 116 -14.37 33.60 59.24
C GLN KA 116 -15.18 34.68 58.51
N ASP KA 117 -14.74 34.99 57.32
CA ASP KA 117 -14.96 36.22 56.59
C ASP KA 117 -15.70 36.10 55.26
N GLY KA 118 -15.65 34.92 54.63
CA GLY KA 118 -16.23 34.71 53.33
C GLY KA 118 -15.40 35.15 52.13
N THR KA 119 -14.22 35.74 52.34
CA THR KA 119 -13.38 36.13 51.18
C THR KA 119 -12.98 34.87 50.45
N ILE KA 120 -13.20 34.87 49.14
CA ILE KA 120 -12.80 33.82 48.24
C ILE KA 120 -11.93 34.36 47.09
N VAL KA 121 -10.89 33.62 46.72
CA VAL KA 121 -10.12 34.01 45.55
C VAL KA 121 -9.72 32.74 44.81
N ASN KA 122 -9.90 32.70 43.50
CA ASN KA 122 -9.35 31.66 42.65
C ASN KA 122 -7.86 31.89 42.43
N ILE KA 123 -7.02 31.13 43.09
CA ILE KA 123 -5.57 31.35 42.92
C ILE KA 123 -4.99 30.58 41.72
N ASP KA 124 -5.69 29.52 41.29
CA ASP KA 124 -5.25 28.65 40.22
C ASP KA 124 -3.72 28.55 40.20
N SER KA 125 -3.16 27.92 41.24
CA SER KA 125 -1.70 27.89 41.46
C SER KA 125 -1.19 26.49 41.74
N ALA KA 126 0.06 26.23 41.48
CA ALA KA 126 0.58 24.89 41.61
C ALA KA 126 1.08 24.61 43.02
N GLY KA 127 0.79 23.43 43.55
CA GLY KA 127 1.28 23.06 44.88
C GLY KA 127 2.74 22.69 44.82
N THR KA 128 3.41 22.82 45.97
CA THR KA 128 4.82 22.49 46.13
C THR KA 128 5.08 21.85 47.48
N ASN KA 129 6.29 21.31 47.67
CA ASN KA 129 7.08 21.32 48.90
C ASN KA 129 6.95 22.52 49.81
N SER KA 130 7.47 22.34 51.02
CA SER KA 130 7.84 23.40 51.90
C SER KA 130 8.92 24.31 51.42
N LEU KA 131 9.79 23.82 50.55
CA LEU KA 131 10.88 24.65 50.03
C LEU KA 131 10.60 25.17 48.62
N GLY KA 132 9.39 24.95 48.09
CA GLY KA 132 9.03 25.60 46.84
C GLY KA 132 9.19 24.86 45.51
N SER KA 133 9.79 23.70 45.54
CA SER KA 133 9.92 22.95 44.30
C SER KA 133 8.58 22.33 43.89
N ALA KA 134 8.40 22.08 42.61
CA ALA KA 134 7.16 21.66 42.03
C ALA KA 134 6.58 20.30 42.42
N GLY KA 135 5.29 20.29 42.74
CA GLY KA 135 4.56 19.05 43.00
C GLY KA 135 4.63 18.66 44.48
N ILE KA 136 3.63 17.94 44.97
CA ILE KA 136 3.71 17.45 46.31
C ILE KA 136 4.48 16.11 46.35
N PRO KA 137 5.56 16.01 47.15
CA PRO KA 137 6.25 14.74 47.29
C PRO KA 137 5.41 13.67 47.99
N GLY KA 138 5.59 12.39 47.65
CA GLY KA 138 4.88 11.36 48.36
C GLY KA 138 5.58 10.02 48.31
N GLN KA 139 4.88 8.95 48.62
CA GLN KA 139 5.50 7.65 48.75
C GLN KA 139 5.02 6.84 47.55
N VAL KA 140 5.94 6.14 46.89
CA VAL KA 140 5.67 5.54 45.62
C VAL KA 140 5.34 4.06 45.80
N ASP KA 141 4.26 3.57 45.21
CA ASP KA 141 3.98 2.16 45.17
C ASP KA 141 4.16 1.74 43.73
N ALA KA 142 5.18 0.95 43.42
CA ALA KA 142 5.55 0.61 42.03
C ALA KA 142 4.66 -0.47 41.44
N HIS KA 143 3.84 -1.10 42.28
CA HIS KA 143 3.04 -2.25 41.88
C HIS KA 143 3.83 -3.35 41.12
N MSE KA 144 5.03 -3.70 41.58
CA MSE KA 144 5.87 -4.64 40.84
C MSE KA 144 5.18 -6.00 40.69
O MSE KA 144 5.09 -6.54 39.57
CB MSE KA 144 7.25 -4.82 41.48
CG MSE KA 144 8.20 -3.60 41.39
SE MSE KA 144 8.48 -3.07 39.56
CE MSE KA 144 9.67 -4.56 39.06
N TRP KA 145 4.69 -6.55 41.80
CA TRP KA 145 4.03 -7.85 41.75
C TRP KA 145 2.93 -7.93 40.68
N GLU KA 146 1.93 -7.06 40.77
CA GLU KA 146 0.91 -6.99 39.73
C GLU KA 146 1.52 -6.79 38.35
N ARG KA 147 2.57 -5.99 38.24
CA ARG KA 147 3.17 -5.73 36.95
C ARG KA 147 3.97 -6.90 36.44
N LEU KA 148 4.26 -7.88 37.30
CA LEU KA 148 5.11 -9.00 36.93
C LEU KA 148 4.41 -10.38 36.98
N ARG KA 149 3.37 -10.53 37.80
CA ARG KA 149 2.79 -11.85 38.12
C ARG KA 149 2.39 -12.70 36.91
N GLY KA 150 1.92 -12.04 35.85
CA GLY KA 150 1.45 -12.77 34.68
C GLY KA 150 2.61 -13.59 34.15
N ALA KA 151 3.60 -12.88 33.64
CA ALA KA 151 4.82 -13.49 33.10
C ALA KA 151 5.43 -14.49 34.07
N ILE KA 152 5.51 -14.14 35.36
CA ILE KA 152 6.08 -15.04 36.35
C ILE KA 152 5.33 -16.38 36.35
N MSE KA 153 4.02 -16.30 36.51
CA MSE KA 153 3.15 -17.46 36.54
C MSE KA 153 3.28 -18.30 35.27
O MSE KA 153 3.53 -19.51 35.31
CB MSE KA 153 1.69 -17.04 36.69
CG MSE KA 153 1.01 -17.81 37.76
SE MSE KA 153 1.57 -17.02 39.41
CE MSE KA 153 1.77 -18.61 40.54
N ILE KA 154 3.12 -17.63 34.13
CA ILE KA 154 3.25 -18.29 32.85
C ILE KA 154 4.58 -19.03 32.75
N SER KA 155 5.69 -18.30 32.82
CA SER KA 155 7.04 -18.88 32.70
C SER KA 155 7.26 -20.05 33.69
N LEU KA 156 6.70 -19.94 34.90
CA LEU KA 156 6.78 -21.03 35.85
C LEU KA 156 6.27 -22.36 35.28
N PHE KA 157 5.21 -22.31 34.47
CA PHE KA 157 4.85 -23.49 33.69
C PHE KA 157 6.02 -23.76 32.73
N SER KA 158 6.26 -22.86 31.77
CA SER KA 158 7.32 -23.08 30.76
C SER KA 158 8.55 -23.76 31.36
N ASP KA 159 8.91 -23.36 32.59
CA ASP KA 159 9.98 -24.00 33.34
C ASP KA 159 9.63 -25.43 33.71
N THR KA 160 8.53 -25.61 34.43
CA THR KA 160 7.98 -26.94 34.70
C THR KA 160 7.46 -27.61 33.41
N LEU KA 161 7.38 -26.81 32.32
CA LEU KA 161 7.03 -27.28 30.95
C LEU KA 161 8.29 -27.66 30.18
N THR KA 162 9.42 -27.45 30.83
CA THR KA 162 10.68 -28.01 30.40
C THR KA 162 11.09 -29.02 31.46
N ALA KA 163 10.16 -29.30 32.39
CA ALA KA 163 10.38 -30.26 33.48
C ALA KA 163 9.07 -30.75 34.07
N GLN KA 184 9.94 -13.44 22.79
CA GLN KA 184 8.50 -13.35 22.59
C GLN KA 184 7.75 -13.00 23.90
N LEU KA 185 7.82 -13.90 24.88
CA LEU KA 185 7.10 -13.72 26.14
C LEU KA 185 7.69 -12.57 26.96
N ALA KA 186 8.99 -12.67 27.22
CA ALA KA 186 9.72 -11.67 27.98
C ALA KA 186 9.48 -10.29 27.41
N SER KA 187 9.50 -10.18 26.09
CA SER KA 187 9.30 -8.89 25.45
C SER KA 187 7.85 -8.46 25.53
N GLU KA 188 6.94 -9.42 25.58
CA GLU KA 188 5.54 -9.10 25.84
C GLU KA 188 5.37 -8.68 27.30
N ALA KA 189 6.09 -9.38 28.19
CA ALA KA 189 6.06 -9.11 29.62
C ALA KA 189 6.34 -7.61 29.89
N LEU KA 190 7.48 -7.15 29.36
CA LEU KA 190 7.92 -5.77 29.57
C LEU KA 190 6.87 -4.77 29.11
N ARG KA 191 6.24 -5.08 27.97
CA ARG KA 191 5.14 -4.31 27.43
C ARG KA 191 4.01 -4.18 28.47
N SER KA 192 3.61 -5.32 29.03
CA SER KA 192 2.57 -5.39 30.04
C SER KA 192 2.98 -4.66 31.33
N TYR KA 193 4.24 -4.82 31.70
CA TYR KA 193 4.87 -4.18 32.83
C TYR KA 193 4.71 -2.67 32.75
N MSE KA 194 4.74 -2.12 31.56
CA MSE KA 194 4.69 -0.67 31.39
C MSE KA 194 3.27 -0.14 31.31
O MSE KA 194 3.03 1.05 31.34
CB MSE KA 194 5.44 -0.30 30.11
CG MSE KA 194 6.98 -0.37 30.21
SE MSE KA 194 7.88 0.25 28.55
CE MSE KA 194 6.95 1.95 28.25
N SER KA 195 2.29 -1.03 31.20
CA SER KA 195 0.91 -0.62 31.08
C SER KA 195 0.30 -0.24 32.42
N ILE KA 196 0.87 -0.68 33.53
CA ILE KA 196 0.34 -0.18 34.77
C ILE KA 196 1.28 0.81 35.50
N PRO KA 197 0.74 1.98 35.91
CA PRO KA 197 1.66 2.99 36.48
C PRO KA 197 1.90 2.78 37.96
N PRO KA 198 3.04 3.26 38.46
CA PRO KA 198 3.19 3.29 39.93
C PRO KA 198 2.14 4.29 40.44
N THR KA 199 1.87 4.32 41.75
CA THR KA 199 0.91 5.29 42.28
C THR KA 199 1.50 5.97 43.47
N LEU KA 200 1.09 7.19 43.76
CA LEU KA 200 1.71 7.97 44.82
C LEU KA 200 0.72 8.16 45.94
N TYR KA 201 1.21 8.13 47.18
CA TYR KA 201 0.36 8.31 48.36
C TYR KA 201 1.00 9.39 49.22
N ASP KA 202 0.19 10.21 49.86
CA ASP KA 202 0.77 11.12 50.85
C ASP KA 202 -0.22 11.24 52.00
N GLN KA 203 0.29 11.05 53.20
CA GLN KA 203 -0.52 11.10 54.43
C GLN KA 203 -1.38 12.38 54.59
N GLN KA 204 -2.50 12.28 55.30
CA GLN KA 204 -3.24 13.44 55.72
C GLN KA 204 -2.35 14.35 56.56
N GLY KA 205 -2.63 15.64 56.58
CA GLY KA 205 -1.94 16.52 57.49
C GLY KA 205 -0.49 16.80 57.14
N ASP KA 206 -0.11 16.57 55.88
CA ASP KA 206 1.24 16.88 55.44
C ASP KA 206 1.46 18.40 55.38
N ALA KA 207 2.69 18.82 55.60
CA ALA KA 207 3.08 20.23 55.55
C ALA KA 207 3.61 20.41 54.18
N VAL KA 208 3.00 21.34 53.48
CA VAL KA 208 3.15 21.48 52.07
C VAL KA 208 2.96 23.00 51.72
N SER KA 209 3.24 23.39 50.49
CA SER KA 209 3.07 24.76 50.20
C SER KA 209 2.51 25.01 48.84
N ILE KA 210 2.20 26.29 48.57
CA ILE KA 210 1.62 26.72 47.27
C ILE KA 210 2.39 27.92 46.74
N PHE KA 211 2.78 27.87 45.48
CA PHE KA 211 3.55 28.95 44.89
C PHE KA 211 2.52 29.82 44.19
N VAL KA 212 2.31 31.04 44.65
CA VAL KA 212 1.30 31.90 44.07
C VAL KA 212 1.67 32.24 42.62
N ALA KA 213 0.84 31.83 41.68
CA ALA KA 213 1.23 31.88 40.26
C ALA KA 213 0.98 33.22 39.58
N ARG KA 214 0.07 34.01 40.14
CA ARG KA 214 -0.49 35.14 39.46
C ARG KA 214 -0.81 36.13 40.56
N ASP KA 215 -0.73 37.42 40.27
CA ASP KA 215 -1.08 38.42 41.29
C ASP KA 215 -2.52 38.29 41.82
N LEU KA 216 -2.67 38.29 43.14
CA LEU KA 216 -3.98 38.14 43.76
C LEU KA 216 -4.40 39.43 44.38
N ASP KA 217 -5.45 40.03 43.81
CA ASP KA 217 -5.84 41.39 44.13
C ASP KA 217 -6.97 41.35 45.10
N PHE KA 218 -6.77 41.90 46.29
CA PHE KA 218 -7.79 41.97 47.33
C PHE KA 218 -8.47 43.43 47.43
N SER KA 219 -8.03 44.37 46.57
CA SER KA 219 -8.66 45.70 46.39
C SER KA 219 -10.16 45.83 46.52
N GLY KA 220 -10.91 44.92 45.95
CA GLY KA 220 -12.34 45.00 46.02
C GLY KA 220 -12.90 44.33 47.27
N VAL KA 221 -12.07 43.87 48.20
CA VAL KA 221 -12.58 43.17 49.34
C VAL KA 221 -12.13 43.82 50.65
N TYR KA 222 -10.91 44.31 50.71
CA TYR KA 222 -10.37 44.86 51.95
C TYR KA 222 -9.87 46.26 51.77
N THR KA 223 -9.94 47.03 52.83
CA THR KA 223 -9.42 48.35 52.82
C THR KA 223 -8.79 48.63 54.15
N LEU KA 224 -8.22 49.82 54.30
CA LEU KA 224 -7.42 50.12 55.45
C LEU KA 224 -8.00 51.27 56.24
N ALA KA 225 -7.89 51.22 57.56
CA ALA KA 225 -8.32 52.29 58.45
C ALA KA 225 -7.48 52.25 59.73
N ASP KA 226 -7.17 53.40 60.32
CA ASP KA 226 -6.70 53.38 61.72
C ASP KA 226 -7.95 53.24 62.57
N ASN KA 227 -8.00 52.33 63.55
CA ASN KA 227 -6.85 51.75 64.24
C ASN KA 227 -7.00 50.26 64.59
N ALA LA 2 -9.87 59.13 50.49
CA ALA LA 2 -9.11 60.22 49.83
C ALA LA 2 -7.70 59.76 49.46
N ALA LA 3 -7.05 60.49 48.57
CA ALA LA 3 -5.67 60.20 48.18
C ALA LA 3 -4.74 60.58 49.30
N ASP LA 4 -5.11 61.62 50.04
CA ASP LA 4 -4.31 62.10 51.16
C ASP LA 4 -4.47 61.19 52.35
N LYS LA 5 -5.64 60.56 52.44
CA LYS LA 5 -5.92 59.61 53.51
C LYS LA 5 -5.16 58.31 53.29
N LYS LA 6 -5.18 57.84 52.05
CA LYS LA 6 -4.42 56.67 51.69
C LYS LA 6 -2.93 56.85 52.02
N ARG LA 7 -2.45 58.08 51.91
CA ARG LA 7 -1.04 58.39 52.13
C ARG LA 7 -0.71 58.41 53.62
N ILE LA 8 -1.60 58.94 54.44
CA ILE LA 8 -1.35 58.98 55.88
C ILE LA 8 -1.35 57.57 56.47
N THR LA 9 -2.36 56.76 56.12
CA THR LA 9 -2.52 55.40 56.63
C THR LA 9 -1.31 54.57 56.23
N GLN LA 10 -0.91 54.72 54.97
CA GLN LA 10 0.27 54.07 54.42
C GLN LA 10 1.58 54.33 55.14
N LYS LA 11 1.83 55.59 55.49
CA LYS LA 11 3.00 55.98 56.28
C LYS LA 11 2.90 55.44 57.69
N LEU LA 12 1.74 55.61 58.31
CA LEU LA 12 1.48 55.12 59.66
C LEU LA 12 1.83 53.65 59.74
N LYS LA 13 1.33 52.90 58.77
CA LYS LA 13 1.56 51.49 58.71
C LYS LA 13 3.01 51.13 58.47
N GLN LA 14 3.61 51.75 57.46
CA GLN LA 14 5.01 51.56 57.18
C GLN LA 14 5.78 51.68 58.49
N THR LA 15 5.11 52.20 59.51
CA THR LA 15 5.61 51.94 60.89
C THR LA 15 4.81 51.05 61.87
N ALA LA 16 4.88 49.74 61.59
CA ALA LA 16 5.00 48.74 62.64
C ALA LA 16 5.79 47.42 62.37
N PHE LA 17 6.97 47.47 62.98
CA PHE LA 17 7.72 46.39 63.53
C PHE LA 17 7.61 46.81 65.01
N ALA LA 18 6.48 47.42 65.38
CA ALA LA 18 6.22 47.88 66.74
C ALA LA 18 6.10 46.72 67.73
N GLY LA 19 6.60 46.93 68.93
CA GLY LA 19 6.28 46.11 70.08
C GLY LA 19 7.53 45.74 70.85
N ALA LA 20 7.33 45.21 72.05
CA ALA LA 20 8.40 44.57 72.81
C ALA LA 20 9.28 43.76 71.84
N LYS LA 21 10.60 43.97 71.92
CA LYS LA 21 11.54 43.31 71.05
C LYS LA 21 12.21 42.15 71.71
N ASN LA 22 12.69 41.17 70.94
CA ASN LA 22 13.49 40.06 71.43
C ASN LA 22 14.82 39.99 70.66
N TYR LA 23 15.92 39.89 71.39
CA TYR LA 23 17.26 39.95 70.83
C TYR LA 23 17.97 38.67 71.18
N GLN LA 24 17.25 37.71 71.72
CA GLN LA 24 17.92 36.54 72.23
C GLN LA 24 18.22 35.55 71.12
N TYR LA 25 19.20 35.85 70.27
CA TYR LA 25 19.51 34.95 69.15
C TYR LA 25 20.94 34.47 69.20
N VAL LA 26 21.17 33.22 68.88
CA VAL LA 26 22.57 32.75 68.78
C VAL LA 26 22.74 32.14 67.40
N MSE LA 27 23.98 31.94 66.95
CA MSE LA 27 24.26 31.42 65.59
C MSE LA 27 25.45 30.51 65.59
O MSE LA 27 26.32 30.63 66.45
CB MSE LA 27 24.49 32.54 64.59
CG MSE LA 27 25.64 33.40 64.91
SE MSE LA 27 26.24 34.68 63.55
CE MSE LA 27 24.76 35.88 63.59
N SER LA 28 25.50 29.58 64.65
CA SER LA 28 26.72 28.81 64.43
C SER LA 28 27.82 29.77 64.01
N GLU LA 29 29.05 29.46 64.37
CA GLU LA 29 30.18 30.31 64.06
C GLU LA 29 31.15 29.41 63.37
N GLN LA 30 31.31 29.61 62.05
CA GLN LA 30 32.25 28.85 61.28
C GLN LA 30 32.93 29.88 60.39
N PRO LA 31 34.27 29.92 60.39
CA PRO LA 31 34.94 31.00 59.65
C PRO LA 31 34.64 30.99 58.15
N GLU LA 32 34.52 29.81 57.54
CA GLU LA 32 34.14 29.72 56.10
C GLU LA 32 32.83 30.40 55.77
N MSE LA 33 31.96 30.59 56.77
CA MSE LA 33 30.63 31.14 56.56
C MSE LA 33 30.47 32.63 56.92
O MSE LA 33 29.36 33.13 56.91
CB MSE LA 33 29.61 30.34 57.37
CG MSE LA 33 29.76 28.84 57.25
SE MSE LA 33 29.64 28.10 55.43
CE MSE LA 33 29.57 26.24 55.88
N ARG LA 34 31.55 33.32 57.28
CA ARG LA 34 31.43 34.70 57.75
C ARG LA 34 30.88 35.60 56.72
N SER LA 35 31.09 35.27 55.47
CA SER LA 35 30.70 36.13 54.34
C SER LA 35 29.22 36.25 54.19
N ILE LA 36 28.44 35.44 54.93
CA ILE LA 36 26.98 35.51 54.91
C ILE LA 36 26.37 35.63 56.28
N GLN LA 37 27.19 35.81 57.31
CA GLN LA 37 26.66 36.02 58.68
C GLN LA 37 25.95 37.34 58.79
N PRO LA 38 24.92 37.40 59.63
CA PRO LA 38 24.19 38.66 59.83
C PRO LA 38 24.83 39.50 60.93
N VAL LA 39 24.65 40.80 60.86
CA VAL LA 39 25.06 41.65 61.95
C VAL LA 39 24.02 41.60 63.07
N HIS LA 40 22.74 41.66 62.72
CA HIS LA 40 21.72 41.54 63.74
C HIS LA 40 20.63 40.56 63.34
N VAL LA 41 20.05 39.91 64.31
CA VAL LA 41 18.81 39.20 64.14
C VAL LA 41 17.98 39.53 65.37
N TRP LA 42 16.74 39.94 65.14
CA TRP LA 42 15.86 40.24 66.21
C TRP LA 42 14.44 40.22 65.73
N ASP LA 43 13.51 40.18 66.66
CA ASP LA 43 12.13 40.14 66.28
C ASP LA 43 11.28 40.93 67.25
N ASN LA 44 10.03 41.02 66.79
CA ASN LA 44 8.86 41.69 67.28
C ASN LA 44 7.89 40.79 68.03
N TYR LA 45 8.20 39.49 68.16
CA TYR LA 45 7.17 38.45 68.33
C TYR LA 45 6.15 38.27 67.16
N ARG LA 46 6.32 38.98 66.04
CA ARG LA 46 5.48 38.78 64.85
C ARG LA 46 6.32 38.57 63.55
N PHE LA 47 7.25 39.51 63.29
CA PHE LA 47 8.14 39.50 62.16
C PHE LA 47 9.58 39.37 62.70
N THR LA 48 10.51 38.89 61.88
CA THR LA 48 11.87 38.72 62.31
C THR LA 48 12.80 39.43 61.37
N ARG LA 49 13.69 40.26 61.89
CA ARG LA 49 14.60 40.94 61.03
C ARG LA 49 15.95 40.26 61.01
N PHE LA 50 16.51 40.11 59.81
CA PHE LA 50 17.89 39.66 59.60
C PHE LA 50 18.64 40.79 58.99
N GLU LA 51 19.57 41.38 59.71
CA GLU LA 51 20.31 42.53 59.19
C GLU LA 51 21.72 42.17 58.74
N PHE LA 52 22.12 42.62 57.54
CA PHE LA 52 23.45 42.33 56.97
C PHE LA 52 24.24 43.61 56.75
N PRO LA 53 25.57 43.51 56.58
CA PRO LA 53 26.27 44.77 56.33
C PRO LA 53 25.65 45.54 55.15
N ALA LA 54 25.68 46.87 55.22
CA ALA LA 54 25.13 47.76 54.19
C ALA LA 54 25.37 47.36 52.75
N ASN LA 55 26.61 47.01 52.40
CA ASN LA 55 26.99 46.66 51.00
C ASN LA 55 27.24 45.15 50.76
N ALA LA 56 26.89 44.31 51.72
CA ALA LA 56 27.06 42.89 51.52
C ALA LA 56 26.01 42.36 50.57
N GLU LA 57 26.35 41.30 49.88
CA GLU LA 57 25.40 40.55 49.09
C GLU LA 57 24.34 39.96 50.00
N LEU LA 58 23.09 40.03 49.56
CA LEU LA 58 21.96 39.48 50.35
C LEU LA 58 21.87 37.96 50.20
N PRO LA 59 22.07 37.21 51.30
CA PRO LA 59 21.84 35.78 51.24
C PRO LA 59 20.35 35.53 51.39
N GLN LA 60 19.96 34.27 51.41
CA GLN LA 60 18.55 33.93 51.46
C GLN LA 60 18.24 33.31 52.84
N VAL LA 61 17.01 33.47 53.34
CA VAL LA 61 16.73 32.88 54.67
C VAL LA 61 15.59 31.85 54.71
N TYR LA 62 15.78 30.81 55.52
CA TYR LA 62 14.79 29.72 55.63
C TYR LA 62 14.39 29.54 57.11
N MSE LA 63 13.14 29.17 57.36
CA MSE LA 63 12.75 28.85 58.73
C MSE LA 63 12.56 27.36 58.95
O MSE LA 63 12.28 26.62 58.00
CB MSE LA 63 11.49 29.59 59.13
CG MSE LA 63 10.24 29.01 58.62
SE MSE LA 63 8.69 29.95 59.35
CE MSE LA 63 7.67 28.34 59.76
N ILE LA 64 12.75 26.92 60.20
CA ILE LA 64 12.38 25.60 60.61
C ILE LA 64 10.97 25.70 61.13
N SER LA 65 10.07 25.08 60.40
CA SER LA 65 8.67 25.13 60.74
C SER LA 65 8.31 24.29 61.97
N ALA LA 66 7.13 24.55 62.54
CA ALA LA 66 6.52 23.63 63.49
C ALA LA 66 6.51 22.15 63.04
N SER LA 67 6.51 21.93 61.73
CA SER LA 67 6.51 20.58 61.18
C SER LA 67 7.84 19.84 61.30
N GLY LA 68 8.90 20.57 61.64
CA GLY LA 68 10.23 20.05 61.69
C GLY LA 68 11.04 20.27 60.42
N LYS LA 69 10.38 20.64 59.34
CA LYS LA 69 11.06 20.84 58.03
C LYS LA 69 11.60 22.26 57.81
N GLU LA 70 12.71 22.37 57.09
CA GLU LA 70 13.18 23.65 56.62
C GLU LA 70 12.16 24.18 55.63
N THR LA 71 11.86 25.48 55.70
CA THR LA 71 10.72 25.98 54.91
C THR LA 71 10.96 27.35 54.33
N LEU LA 72 10.57 27.58 53.10
CA LEU LA 72 10.67 28.90 52.50
C LEU LA 72 9.57 29.81 53.03
N PRO LA 73 9.93 30.89 53.78
CA PRO LA 73 8.90 31.85 54.25
C PRO LA 73 8.73 33.02 53.29
N ASN LA 74 7.86 33.96 53.63
CA ASN LA 74 7.72 35.18 52.86
C ASN LA 74 8.43 36.32 53.59
N SER LA 75 9.06 37.24 52.85
CA SER LA 75 9.82 38.30 53.48
C SER LA 75 10.05 39.45 52.53
N HIS LA 76 10.26 40.66 53.04
CA HIS LA 76 10.48 41.84 52.18
C HIS LA 76 11.72 42.51 52.77
N VAL LA 77 12.47 43.30 51.99
CA VAL LA 77 13.62 44.01 52.57
C VAL LA 77 13.26 45.41 53.05
N VAL LA 78 13.85 45.83 54.17
CA VAL LA 78 13.66 47.19 54.65
C VAL LA 78 15.00 47.90 54.77
N GLY LA 79 14.97 49.22 54.97
CA GLY LA 79 16.22 49.99 55.03
C GLY LA 79 16.61 50.70 53.74
N GLU LA 80 17.18 51.89 53.91
CA GLU LA 80 17.92 52.64 52.89
C GLU LA 80 18.96 51.81 52.16
N ASN LA 81 19.50 50.80 52.81
CA ASN LA 81 20.57 50.04 52.21
C ASN LA 81 20.12 48.68 51.71
N ARG LA 82 18.82 48.40 51.85
CA ARG LA 82 18.22 47.17 51.35
C ARG LA 82 18.99 45.98 51.97
N ASN LA 83 19.41 46.14 53.21
CA ASN LA 83 20.26 45.16 53.82
C ASN LA 83 19.61 44.40 54.99
N ILE LA 84 18.31 44.65 55.20
CA ILE LA 84 17.57 44.01 56.28
C ILE LA 84 16.44 43.20 55.67
N ILE LA 85 16.40 41.92 55.99
CA ILE LA 85 15.34 41.07 55.50
C ILE LA 85 14.34 40.95 56.63
N GLU LA 86 13.11 41.40 56.40
CA GLU LA 86 12.11 41.31 57.42
C GLU LA 86 11.18 40.18 57.08
N VAL LA 87 11.31 39.06 57.80
CA VAL LA 87 10.54 37.87 57.50
C VAL LA 87 9.17 38.05 58.16
N GLU LA 88 8.12 37.70 57.43
CA GLU LA 88 6.80 37.96 57.84
C GLU LA 88 6.29 36.93 58.80
N THR LA 89 7.16 36.46 59.66
CA THR LA 89 6.87 35.33 60.52
C THR LA 89 7.88 35.24 61.64
N VAL LA 90 7.63 34.37 62.61
CA VAL LA 90 8.55 34.23 63.75
C VAL LA 90 8.85 32.72 63.92
N ALA LA 91 9.99 32.34 64.48
CA ALA LA 91 10.30 30.90 64.58
C ALA LA 91 11.38 30.55 65.57
N LYS LA 92 11.36 29.30 66.00
CA LYS LA 92 12.39 28.80 66.88
C LYS LA 92 13.76 28.77 66.20
N GLU LA 93 13.81 28.48 64.91
CA GLU LA 93 15.11 28.29 64.27
C GLU LA 93 15.13 28.66 62.81
N TRP LA 94 16.32 28.98 62.31
CA TRP LA 94 16.46 29.57 60.97
C TRP LA 94 17.70 29.07 60.30
N ARG LA 95 17.73 29.19 58.97
CA ARG LA 95 18.96 28.96 58.22
C ARG LA 95 19.14 30.13 57.30
N ILE LA 96 20.38 30.55 57.15
CA ILE LA 96 20.76 31.60 56.21
C ILE LA 96 21.58 30.89 55.16
N ARG LA 97 21.27 31.11 53.90
CA ARG LA 97 21.93 30.31 52.85
C ARG LA 97 22.28 31.19 51.65
N LEU LA 98 23.43 30.92 51.03
CA LEU LA 98 23.74 31.39 49.68
C LEU LA 98 24.79 30.44 49.12
N GLY LA 99 24.50 29.83 47.97
CA GLY LA 99 25.34 28.76 47.44
C GLY LA 99 25.52 27.71 48.55
N ASP LA 100 26.74 27.31 48.81
CA ASP LA 100 26.94 26.25 49.77
C ASP LA 100 27.30 26.77 51.12
N LYS LA 101 27.10 28.07 51.33
CA LYS LA 101 27.35 28.64 52.64
C LYS LA 101 26.08 28.58 53.43
N VAL LA 102 26.21 28.32 54.74
CA VAL LA 102 25.02 28.22 55.61
C VAL LA 102 25.38 28.71 56.99
N VAL LA 103 24.44 29.38 57.64
CA VAL LA 103 24.60 29.77 59.02
C VAL LA 103 23.31 29.39 59.75
N GLY LA 104 23.41 28.65 60.83
CA GLY LA 104 22.24 28.33 61.60
C GLY LA 104 21.99 29.45 62.59
N VAL LA 105 20.74 29.80 62.86
CA VAL LA 105 20.44 30.91 63.73
C VAL LA 105 19.29 30.46 64.56
N ARG LA 106 19.47 30.47 65.87
CA ARG LA 106 18.47 29.96 66.77
C ARG LA 106 17.86 31.07 67.62
N ASN LA 107 16.55 31.02 67.84
CA ASN LA 107 15.84 31.95 68.65
C ASN LA 107 15.70 31.38 70.06
N ASN LA 108 16.42 31.95 71.01
CA ASN LA 108 16.34 31.52 72.40
C ASN LA 108 15.13 31.99 73.20
N ASN LA 109 14.23 32.73 72.56
CA ASN LA 109 13.01 33.15 73.27
C ASN LA 109 11.83 33.17 72.32
N PHE LA 110 11.55 32.03 71.72
CA PHE LA 110 10.45 31.89 70.80
C PHE LA 110 9.28 31.70 71.72
N ALA LA 111 8.28 32.57 71.56
CA ALA LA 111 7.14 32.54 72.44
C ALA LA 111 5.89 32.80 71.64
N PRO LA 112 5.47 31.82 70.78
CA PRO LA 112 4.28 32.02 69.94
C PRO LA 112 3.25 32.25 70.98
N GLY LA 113 2.18 32.95 70.71
CA GLY LA 113 1.39 33.15 71.96
C GLY LA 113 1.60 34.53 72.50
N ARG LA 114 2.83 35.02 72.49
CA ARG LA 114 3.02 36.44 72.74
C ARG LA 114 3.02 37.23 71.47
N GLY LA 115 2.73 38.50 71.60
CA GLY LA 115 2.92 39.43 70.49
C GLY LA 115 1.92 39.52 69.37
N ALA LA 116 0.78 38.84 69.43
CA ALA LA 116 -0.11 38.91 68.26
C ALA LA 116 -0.81 40.26 68.19
N VAL LA 117 -1.15 40.73 67.00
CA VAL LA 117 -2.05 41.85 66.91
C VAL LA 117 -3.24 41.39 66.11
N ALA LA 118 -4.43 41.86 66.46
CA ALA LA 118 -5.61 41.37 65.85
C ALA LA 118 -6.17 42.43 64.90
N THR LA 119 -5.29 43.13 64.22
CA THR LA 119 -5.64 44.30 63.50
C THR LA 119 -5.87 44.03 62.04
N GLY LA 120 -5.31 42.92 61.53
CA GLY LA 120 -5.34 42.59 60.10
C GLY LA 120 -4.21 43.22 59.30
N THR LA 121 -3.30 43.94 59.98
CA THR LA 121 -2.12 44.51 59.33
C THR LA 121 -0.90 44.20 60.16
N ALA LA 122 0.28 44.54 59.69
CA ALA LA 122 1.48 44.39 60.51
C ALA LA 122 1.46 45.36 61.72
N SER LA 123 0.55 46.33 61.72
CA SER LA 123 0.61 47.41 62.69
C SER LA 123 -0.49 47.37 63.74
N PRO LA 124 -0.16 47.75 64.99
CA PRO LA 124 -1.20 47.84 66.01
C PRO LA 124 -2.10 49.02 65.74
N ASP LA 125 -1.67 49.91 64.86
CA ASP LA 125 -2.35 51.17 64.66
C ASP LA 125 -3.13 51.29 63.37
N VAL LA 126 -2.97 50.34 62.46
CA VAL LA 126 -3.77 50.35 61.24
C VAL LA 126 -4.54 49.05 61.18
N ARG LA 127 -5.76 49.07 60.66
CA ARG LA 127 -6.54 47.87 60.69
C ARG LA 127 -7.14 47.54 59.35
N ARG LA 128 -7.33 46.24 59.08
CA ARG LA 128 -7.89 45.78 57.80
C ARG LA 128 -9.38 45.72 57.88
N VAL LA 129 -10.07 46.32 56.93
CA VAL LA 129 -11.51 46.47 57.05
C VAL LA 129 -12.12 45.88 55.82
N GLN LA 130 -13.16 45.08 56.03
CA GLN LA 130 -13.79 44.41 54.91
C GLN LA 130 -14.78 45.37 54.30
N ILE LA 131 -14.56 45.79 53.05
CA ILE LA 131 -15.59 46.54 52.34
C ILE LA 131 -16.70 45.61 51.93
N GLY MA 4 22.40 10.95 43.25
CA GLY MA 4 21.37 10.78 44.34
C GLY MA 4 21.39 12.02 45.23
N HIS MA 5 20.35 12.88 45.06
CA HIS MA 5 20.45 14.30 45.40
C HIS MA 5 20.90 14.53 46.82
N LYS MA 6 21.97 15.29 46.99
CA LYS MA 6 22.49 15.54 48.32
C LYS MA 6 21.99 16.93 48.75
N PRO MA 7 21.40 17.04 49.96
CA PRO MA 7 20.80 18.28 50.46
C PRO MA 7 21.84 19.31 50.78
N PRO MA 8 21.45 20.57 50.95
CA PRO MA 8 22.47 21.62 51.18
C PRO MA 8 23.13 21.47 52.54
N PRO MA 9 24.25 22.11 52.77
CA PRO MA 9 24.97 21.86 54.03
C PRO MA 9 24.18 22.23 55.25
N GLU MA 10 24.50 21.63 56.39
CA GLU MA 10 23.90 21.98 57.67
C GLU MA 10 24.94 22.72 58.49
N PRO MA 11 24.53 23.61 59.39
CA PRO MA 11 25.58 24.33 60.12
C PRO MA 11 26.29 23.42 61.11
N ASP MA 12 27.52 23.75 61.46
CA ASP MA 12 28.17 23.10 62.56
C ASP MA 12 28.01 24.02 63.77
N TRP MA 13 27.39 23.53 64.83
CA TRP MA 13 27.17 24.35 66.01
C TRP MA 13 28.27 24.25 67.07
N SER MA 14 29.37 23.53 66.81
CA SER MA 14 30.39 23.33 67.85
C SER MA 14 30.69 24.59 68.55
N ASN MA 15 30.81 25.67 67.81
CA ASN MA 15 30.96 26.96 68.41
C ASN MA 15 29.73 27.79 68.07
N THR MA 16 28.90 28.07 69.06
CA THR MA 16 27.67 28.85 68.92
C THR MA 16 27.90 30.10 69.68
N VAL MA 17 27.35 31.22 69.22
CA VAL MA 17 27.84 32.54 69.57
C VAL MA 17 26.66 33.52 69.49
N PRO MA 18 26.56 34.51 70.39
CA PRO MA 18 25.45 35.41 70.23
C PRO MA 18 25.55 36.22 68.92
N VAL MA 19 24.39 36.48 68.31
CA VAL MA 19 24.33 37.24 67.08
C VAL MA 19 24.54 38.72 67.42
N ASN MA 20 23.81 39.26 68.37
CA ASN MA 20 23.86 40.69 68.57
C ASN MA 20 25.00 41.12 69.48
N LYS MA 21 26.11 41.59 68.89
CA LYS MA 21 27.20 42.13 69.68
C LYS MA 21 26.79 43.50 70.22
N THR MA 22 25.81 44.13 69.58
CA THR MA 22 25.24 45.36 70.07
C THR MA 22 23.73 45.32 69.81
N ILE MA 23 22.97 46.19 70.45
CA ILE MA 23 21.53 46.17 70.31
C ILE MA 23 21.16 46.92 69.03
N PRO MA 24 20.39 46.29 68.13
CA PRO MA 24 19.97 46.98 66.92
C PRO MA 24 18.95 48.07 67.18
N VAL MA 25 18.75 48.98 66.23
CA VAL MA 25 17.69 49.98 66.34
C VAL MA 25 16.74 49.96 65.13
N ASP MA 26 15.44 50.18 65.35
CA ASP MA 26 14.49 50.28 64.27
C ASP MA 26 14.39 51.74 63.88
N THR MA 27 14.92 52.07 62.71
CA THR MA 27 14.92 53.46 62.27
C THR MA 27 13.56 53.94 61.75
N GLN MA 28 12.48 53.57 62.47
CA GLN MA 28 11.16 54.25 62.41
C GLN MA 28 10.51 54.35 63.80
N GLN NA 9 9.66 38.34 -0.08
CA GLN NA 9 10.32 39.29 0.79
C GLN NA 9 11.74 38.86 1.14
N ASP NA 10 11.94 37.60 1.46
CA ASP NA 10 13.25 37.20 1.93
C ASP NA 10 13.51 37.72 3.33
N ASN NA 11 12.58 37.41 4.23
CA ASN NA 11 12.83 37.55 5.66
C ASN NA 11 12.98 36.18 6.30
N GLU NA 12 14.15 35.61 6.15
CA GLU NA 12 14.34 34.41 6.87
C GLU NA 12 15.27 34.82 7.97
N THR NA 13 14.80 34.73 9.18
CA THR NA 13 15.66 35.06 10.24
C THR NA 13 16.09 33.70 10.75
N SER NA 14 17.15 33.64 11.53
CA SER NA 14 17.67 32.41 12.06
C SER NA 14 16.67 31.56 12.85
N GLU NA 15 16.57 30.29 12.50
CA GLU NA 15 15.76 29.35 13.24
C GLU NA 15 16.12 29.23 14.71
N GLY NA 16 17.41 29.02 14.98
CA GLY NA 16 17.95 28.96 16.32
C GLY NA 16 17.54 30.23 17.07
N SER NA 17 17.76 31.35 16.43
CA SER NA 17 17.45 32.59 17.08
C SER NA 17 15.96 32.70 17.42
N SER NA 18 15.07 32.32 16.48
CA SER NA 18 13.65 32.35 16.75
C SER NA 18 13.29 31.39 17.83
N ALA NA 19 13.94 30.21 17.85
CA ALA NA 19 13.50 29.20 18.80
C ALA NA 19 13.75 29.79 20.17
N LEU NA 20 14.88 30.45 20.31
CA LEU NA 20 15.26 30.96 21.60
C LEU NA 20 14.38 32.14 21.99
N ALA NA 21 14.02 32.97 21.01
CA ALA NA 21 13.15 34.12 21.27
C ALA NA 21 11.81 33.62 21.76
N LYS NA 22 11.32 32.57 21.13
CA LYS NA 22 10.06 32.00 21.53
C LYS NA 22 10.17 31.43 22.94
N ASN NA 23 11.28 30.79 23.26
CA ASN NA 23 11.34 30.23 24.61
C ASN NA 23 11.54 31.29 25.68
N LEU NA 24 11.87 32.53 25.24
CA LEU NA 24 11.91 33.68 26.16
C LEU NA 24 10.58 34.42 26.26
N THR NA 25 9.54 33.92 25.60
CA THR NA 25 8.24 34.60 25.60
C THR NA 25 7.20 33.84 26.43
N PRO NA 26 7.01 34.22 27.68
CA PRO NA 26 6.09 33.45 28.50
C PRO NA 26 4.60 33.69 28.22
N ALA NA 27 3.75 32.75 28.59
CA ALA NA 27 2.30 32.94 28.56
C ALA NA 27 1.96 33.76 29.77
N ARG NA 28 1.56 35.01 29.63
CA ARG NA 28 1.26 35.79 30.82
C ARG NA 28 0.01 35.33 31.49
N LEU NA 29 0.09 34.97 32.76
CA LEU NA 29 -1.07 34.56 33.55
C LEU NA 29 -1.85 35.79 33.95
N LYS NA 30 -3.20 35.72 33.86
CA LYS NA 30 -4.09 36.77 34.40
C LYS NA 30 -4.07 36.82 35.92
N ALA NA 31 -3.98 38.03 36.47
CA ALA NA 31 -4.22 38.29 37.89
C ALA NA 31 -5.64 37.88 38.24
N SER NA 32 -5.91 37.69 39.52
CA SER NA 32 -7.17 37.20 39.96
C SER NA 32 -7.69 38.10 41.09
N ARG NA 33 -9.00 38.36 41.10
CA ARG NA 33 -9.58 39.27 42.08
C ARG NA 33 -10.32 38.52 43.13
N ALA NA 34 -10.00 38.72 44.39
CA ALA NA 34 -10.81 38.19 45.45
C ALA NA 34 -12.25 38.76 45.44
N GLY NA 35 -13.16 38.01 46.01
CA GLY NA 35 -14.51 38.43 46.17
C GLY NA 35 -14.95 37.88 47.51
N VAL NA 36 -16.27 37.87 47.73
CA VAL NA 36 -16.78 37.25 48.94
C VAL NA 36 -17.96 36.36 48.68
N MSE NA 37 -18.08 35.34 49.49
CA MSE NA 37 -19.09 34.38 49.27
C MSE NA 37 -20.40 34.95 49.76
O MSE NA 37 -20.47 35.48 50.82
CB MSE NA 37 -18.70 33.09 49.96
CG MSE NA 37 -19.73 32.00 49.79
SE MSE NA 37 -19.10 30.34 50.52
CE MSE NA 37 -18.06 29.80 48.96
N ALA NA 38 -21.44 34.82 48.95
CA ALA NA 38 -22.76 35.36 49.21
C ALA NA 38 -23.50 34.86 50.46
N ASN NA 39 -23.70 33.56 50.63
CA ASN NA 39 -24.53 33.13 51.76
C ASN NA 39 -23.78 32.08 52.59
N PRO NA 40 -22.73 32.51 53.24
CA PRO NA 40 -21.90 31.49 53.89
C PRO NA 40 -22.65 30.64 54.93
N SER NA 41 -23.74 31.15 55.50
CA SER NA 41 -24.46 30.39 56.52
C SER NA 41 -25.40 29.44 55.85
N LEU NA 42 -25.61 29.58 54.56
CA LEU NA 42 -26.58 28.74 53.89
C LEU NA 42 -25.98 27.91 52.75
N THR NA 43 -24.67 27.71 52.80
CA THR NA 43 -23.91 27.09 51.73
C THR NA 43 -22.96 26.06 52.29
N VAL NA 44 -22.93 24.88 51.69
CA VAL NA 44 -21.87 23.90 52.02
C VAL NA 44 -20.84 24.09 50.92
N PRO NA 45 -19.62 24.55 51.25
CA PRO NA 45 -18.69 24.94 50.15
C PRO NA 45 -17.83 23.81 49.74
N LYS NA 46 -17.19 23.95 48.58
CA LYS NA 46 -16.17 23.03 48.07
C LYS NA 46 -15.20 22.60 49.16
N GLY NA 47 -14.87 21.31 49.21
CA GLY NA 47 -13.79 20.81 50.05
C GLY NA 47 -14.29 20.32 51.40
N LYS NA 48 -15.53 20.60 51.76
CA LYS NA 48 -16.01 19.98 52.97
C LYS NA 48 -16.27 18.47 52.70
N MSE NA 49 -16.28 17.67 53.76
CA MSE NA 49 -16.44 16.22 53.63
C MSE NA 49 -17.79 15.82 54.19
O MSE NA 49 -18.29 16.37 55.17
CB MSE NA 49 -15.33 15.48 54.39
CG MSE NA 49 -13.96 15.96 54.10
SE MSE NA 49 -13.43 15.64 52.23
CE MSE NA 49 -13.71 13.68 52.20
N ILE NA 50 -18.41 14.87 53.53
CA ILE NA 50 -19.67 14.32 53.97
C ILE NA 50 -19.36 12.86 54.36
N PRO NA 51 -19.26 12.59 55.67
CA PRO NA 51 -19.04 11.22 56.07
C PRO NA 51 -20.32 10.42 55.83
N CYS NA 52 -20.18 9.18 55.38
CA CYS NA 52 -21.30 8.40 54.85
C CYS NA 52 -21.09 6.94 55.23
N GLY NA 53 -22.14 6.18 55.36
CA GLY NA 53 -22.02 4.72 55.53
C GLY NA 53 -22.77 4.05 54.38
N THR NA 54 -22.06 3.22 53.61
CA THR NA 54 -22.65 2.66 52.39
C THR NA 54 -23.86 1.84 52.78
N GLY NA 55 -24.97 1.95 52.04
CA GLY NA 55 -26.09 1.04 52.22
C GLY NA 55 -25.84 -0.20 51.37
N THR NA 56 -25.81 -0.01 50.05
CA THR NA 56 -25.49 -1.10 49.12
C THR NA 56 -24.06 -1.59 49.19
N GLU NA 57 -23.91 -2.93 49.19
CA GLU NA 57 -22.63 -3.58 48.85
C GLU NA 57 -22.15 -3.05 47.49
N LEU NA 58 -20.86 -3.24 47.19
CA LEU NA 58 -20.33 -2.78 45.91
C LEU NA 58 -19.46 -3.86 45.25
N ASP NA 59 -19.60 -4.00 43.94
CA ASP NA 59 -18.88 -4.99 43.22
C ASP NA 59 -18.68 -4.42 41.80
N THR NA 60 -17.45 -4.14 41.43
CA THR NA 60 -17.27 -3.51 40.13
C THR NA 60 -17.37 -4.42 38.95
N THR NA 61 -17.90 -5.64 39.09
CA THR NA 61 -18.02 -6.53 37.89
C THR NA 61 -18.98 -5.96 36.81
N VAL NA 62 -20.14 -5.46 37.25
CA VAL NA 62 -21.12 -4.87 36.36
C VAL NA 62 -21.39 -3.42 36.77
N PRO NA 63 -21.37 -2.49 35.79
CA PRO NA 63 -21.48 -1.06 36.23
C PRO NA 63 -22.81 -0.90 36.82
N GLY NA 64 -22.94 -0.08 37.86
CA GLY NA 64 -24.25 0.14 38.44
C GLY NA 64 -24.31 1.26 39.46
N GLN NA 65 -25.25 1.15 40.40
CA GLN NA 65 -25.51 2.23 41.35
C GLN NA 65 -25.03 1.87 42.74
N VAL NA 66 -24.85 2.86 43.61
CA VAL NA 66 -24.53 2.72 45.00
C VAL NA 66 -25.41 3.69 45.81
N SER NA 67 -25.58 3.42 47.10
CA SER NA 67 -26.20 4.36 48.00
C SER NA 67 -25.37 4.45 49.29
N CYS NA 68 -25.46 5.59 49.96
CA CYS NA 68 -24.97 5.67 51.36
C CYS NA 68 -25.85 6.64 52.14
N ARG NA 69 -25.74 6.60 53.45
CA ARG NA 69 -26.55 7.43 54.31
C ARG NA 69 -25.62 8.30 55.10
N VAL NA 70 -25.88 9.59 55.09
CA VAL NA 70 -25.02 10.52 55.78
C VAL NA 70 -24.93 10.11 57.25
N SER NA 71 -23.73 10.12 57.74
CA SER NA 71 -23.39 9.58 59.01
C SER NA 71 -23.43 10.59 60.15
N GLN NA 72 -23.23 11.85 59.80
CA GLN NA 72 -23.13 12.89 60.79
C GLN NA 72 -23.48 14.17 60.09
N ASP NA 73 -23.92 15.17 60.83
CA ASP NA 73 -24.40 16.42 60.23
C ASP NA 73 -23.26 17.14 59.56
N VAL NA 74 -23.58 17.84 58.49
CA VAL NA 74 -22.62 18.72 57.86
C VAL NA 74 -23.15 20.17 57.91
N TYR NA 75 -22.30 21.04 58.42
CA TYR NA 75 -22.65 22.46 58.63
C TYR NA 75 -22.20 23.33 57.49
N SER NA 76 -22.77 24.55 57.47
CA SER NA 76 -22.49 25.59 56.44
C SER NA 76 -21.02 26.07 56.41
N ALA NA 77 -20.73 26.94 55.44
CA ALA NA 77 -19.38 27.47 55.26
C ALA NA 77 -18.79 28.05 56.52
N ASP NA 78 -19.61 28.59 57.41
CA ASP NA 78 -19.09 29.21 58.62
C ASP NA 78 -19.22 28.33 59.86
N GLY NA 79 -19.82 27.17 59.69
CA GLY NA 79 -19.89 26.21 60.77
C GLY NA 79 -21.11 26.40 61.66
N LEU NA 80 -21.99 27.34 61.30
CA LEU NA 80 -23.03 27.77 62.19
C LEU NA 80 -24.39 27.15 61.93
N VAL NA 81 -24.67 26.73 60.72
CA VAL NA 81 -25.97 26.22 60.35
C VAL NA 81 -25.83 24.80 59.83
N ARG NA 82 -26.69 23.91 60.34
CA ARG NA 82 -26.77 22.53 59.92
C ARG NA 82 -27.48 22.43 58.58
N LEU NA 83 -26.81 21.94 57.54
CA LEU NA 83 -27.38 21.91 56.19
C LEU NA 83 -27.57 20.51 55.58
N ILE NA 84 -26.58 19.64 55.73
CA ILE NA 84 -26.73 18.30 55.24
C ILE NA 84 -26.93 17.44 56.48
N ASP NA 85 -28.14 16.98 56.64
CA ASP NA 85 -28.55 16.33 57.87
C ASP NA 85 -28.15 14.82 57.93
N LYS NA 86 -27.66 14.44 59.10
CA LYS NA 86 -27.40 13.04 59.44
C LYS NA 86 -28.65 12.29 59.07
N GLY NA 87 -28.46 11.12 58.47
CA GLY NA 87 -29.56 10.30 58.05
C GLY NA 87 -30.05 10.54 56.63
N SER NA 88 -29.52 11.54 55.93
CA SER NA 88 -29.92 11.75 54.55
C SER NA 88 -29.41 10.61 53.67
N TRP NA 89 -30.14 10.27 52.62
CA TRP NA 89 -29.71 9.23 51.68
C TRP NA 89 -28.99 9.84 50.48
N VAL NA 90 -27.91 9.22 50.02
CA VAL NA 90 -27.24 9.74 48.85
C VAL NA 90 -27.25 8.61 47.86
N ASP NA 91 -27.61 8.90 46.61
CA ASP NA 91 -27.61 7.87 45.58
C ASP NA 91 -26.46 8.23 44.63
N GLY NA 92 -25.76 7.23 44.10
CA GLY NA 92 -24.63 7.46 43.23
C GLY NA 92 -24.45 6.30 42.27
N GLN NA 93 -23.32 6.30 41.54
CA GLN NA 93 -23.12 5.30 40.51
C GLN NA 93 -21.67 4.95 40.42
N ILE NA 94 -21.39 3.70 40.07
CA ILE NA 94 -20.03 3.24 39.80
C ILE NA 94 -20.12 2.67 38.41
N THR NA 95 -19.63 3.41 37.39
CA THR NA 95 -19.89 3.02 36.01
C THR NA 95 -18.69 2.45 35.24
N GLY NA 96 -17.53 2.33 35.87
CA GLY NA 96 -16.42 1.64 35.27
C GLY NA 96 -15.79 0.74 36.30
N GLY NA 97 -14.74 0.00 35.93
CA GLY NA 97 -14.18 -0.93 36.89
C GLY NA 97 -12.78 -0.52 37.30
N ILE NA 98 -11.98 -1.46 37.77
CA ILE NA 98 -10.62 -1.22 38.18
C ILE NA 98 -9.68 -1.99 37.24
N LYS NA 99 -8.40 -1.69 37.34
CA LYS NA 99 -7.35 -2.16 36.47
C LYS NA 99 -6.34 -2.84 37.40
N ASP NA 100 -5.51 -3.73 36.89
CA ASP NA 100 -4.45 -4.32 37.74
C ASP NA 100 -3.63 -3.16 38.26
N GLY NA 101 -3.18 -3.23 39.52
CA GLY NA 101 -2.45 -2.13 40.18
C GLY NA 101 -3.35 -1.08 40.84
N GLN NA 102 -4.64 -1.35 40.90
CA GLN NA 102 -5.58 -0.49 41.61
C GLN NA 102 -6.36 -1.23 42.67
N ALA NA 103 -6.66 -0.60 43.78
CA ALA NA 103 -7.45 -1.24 44.84
C ALA NA 103 -8.55 -0.29 45.33
N ARG NA 104 -8.92 0.64 44.46
CA ARG NA 104 -10.01 1.51 44.74
C ARG NA 104 -10.64 2.02 43.45
N VAL NA 105 -11.89 2.49 43.52
CA VAL NA 105 -12.61 2.84 42.32
C VAL NA 105 -13.29 4.21 42.38
N PHE NA 106 -13.27 4.94 41.29
CA PHE NA 106 -14.06 6.16 41.14
C PHE NA 106 -15.56 5.91 41.39
N VAL NA 107 -16.20 6.79 42.16
CA VAL NA 107 -17.58 6.75 42.53
C VAL NA 107 -18.17 8.16 42.40
N LEU NA 108 -19.22 8.28 41.58
CA LEU NA 108 -19.90 9.56 41.41
C LEU NA 108 -21.12 9.57 42.36
N TRP NA 109 -21.08 10.42 43.38
CA TRP NA 109 -22.26 10.67 44.22
C TRP NA 109 -23.16 11.74 43.64
N GLU NA 110 -24.41 11.39 43.36
CA GLU NA 110 -25.25 12.31 42.63
C GLU NA 110 -26.07 13.22 43.50
N ARG NA 111 -27.02 12.66 44.27
CA ARG NA 111 -27.98 13.48 44.94
C ARG NA 111 -28.05 13.10 46.40
N ILE NA 112 -28.13 14.10 47.28
CA ILE NA 112 -28.49 13.92 48.67
C ILE NA 112 -30.02 14.13 48.82
N ARG NA 113 -30.69 13.26 49.56
CA ARG NA 113 -32.11 13.41 49.82
C ARG NA 113 -32.37 13.30 51.32
N ASN NA 114 -32.95 14.33 51.91
CA ASN NA 114 -33.26 14.35 53.32
C ASN NA 114 -34.65 13.73 53.45
N ASP NA 115 -34.76 12.64 54.18
CA ASP NA 115 -36.02 11.95 54.14
C ASP NA 115 -36.99 12.43 55.22
N GLN NA 116 -36.54 13.33 56.09
CA GLN NA 116 -37.45 13.92 57.05
C GLN NA 116 -38.21 15.03 56.38
N ASP NA 117 -37.54 15.70 55.45
CA ASP NA 117 -37.70 17.07 55.05
C ASP NA 117 -38.05 17.28 53.58
N GLY NA 118 -37.59 16.36 52.73
CA GLY NA 118 -37.70 16.52 51.29
C GLY NA 118 -36.59 17.30 50.58
N THR NA 119 -35.62 17.87 51.31
CA THR NA 119 -34.62 18.67 50.66
C THR NA 119 -33.79 17.72 49.82
N ILE NA 120 -33.61 18.10 48.57
CA ILE NA 120 -32.76 17.42 47.64
C ILE NA 120 -31.73 18.39 47.05
N VAL NA 121 -30.50 17.91 46.85
CA VAL NA 121 -29.50 18.67 46.13
C VAL NA 121 -28.65 17.72 45.31
N ASN NA 122 -28.33 18.11 44.08
CA ASN NA 122 -27.46 17.34 43.23
C ASN NA 122 -26.07 17.79 43.56
N ILE NA 123 -25.31 16.97 44.30
CA ILE NA 123 -23.96 17.34 44.67
C ILE NA 123 -22.93 17.02 43.57
N ASP NA 124 -23.25 16.06 42.66
CA ASP NA 124 -22.32 15.62 41.62
C ASP NA 124 -20.86 15.62 42.08
N SER NA 125 -20.55 14.76 43.05
CA SER NA 125 -19.29 14.83 43.77
C SER NA 125 -18.63 13.46 43.87
N ALA NA 126 -17.33 13.41 44.09
CA ALA NA 126 -16.59 12.17 43.98
C ALA NA 126 -16.52 11.55 45.35
N GLY NA 127 -16.72 10.24 45.48
CA GLY NA 127 -16.53 9.54 46.73
C GLY NA 127 -15.08 9.36 47.13
N THR NA 128 -14.86 9.18 48.43
CA THR NA 128 -13.50 9.03 48.97
C THR NA 128 -13.50 8.07 50.15
N ASN NA 129 -12.32 7.68 50.60
CA ASN NA 129 -11.95 7.36 51.98
C ASN NA 129 -12.57 8.22 53.04
N SER NA 130 -12.52 7.70 54.25
CA SER NA 130 -12.58 8.52 55.42
C SER NA 130 -11.56 9.66 55.60
N LEU NA 131 -10.42 9.57 54.94
CA LEU NA 131 -9.40 10.61 55.07
C LEU NA 131 -9.35 11.52 53.81
N GLY NA 132 -10.23 11.28 52.83
CA GLY NA 132 -10.41 12.19 51.67
C GLY NA 132 -9.70 11.87 50.37
N SER NA 133 -8.90 10.83 50.34
CA SER NA 133 -8.28 10.49 49.10
C SER NA 133 -9.30 9.84 48.15
N ALA NA 134 -9.00 9.84 46.87
CA ALA NA 134 -9.96 9.61 45.81
C ALA NA 134 -10.35 8.17 45.64
N GLY NA 135 -11.67 7.96 45.49
CA GLY NA 135 -12.22 6.64 45.16
C GLY NA 135 -12.46 5.84 46.42
N ILE NA 136 -13.34 4.84 46.36
CA ILE NA 136 -13.61 4.01 47.55
C ILE NA 136 -12.64 2.81 47.58
N PRO NA 137 -11.88 2.66 48.66
CA PRO NA 137 -11.03 1.42 48.68
C PRO NA 137 -11.84 0.18 48.73
N GLY NA 138 -11.33 -0.94 48.22
CA GLY NA 138 -12.00 -2.24 48.32
C GLY NA 138 -11.03 -3.43 48.26
N GLN NA 139 -11.58 -4.64 48.21
CA GLN NA 139 -10.80 -5.83 48.14
C GLN NA 139 -10.75 -6.28 46.69
N VAL NA 140 -9.57 -6.65 46.20
CA VAL NA 140 -9.37 -6.88 44.80
C VAL NA 140 -9.46 -8.37 44.53
N ASP NA 141 -10.22 -8.78 43.51
CA ASP NA 141 -10.18 -10.16 43.02
C ASP NA 141 -9.51 -10.15 41.62
N ALA NA 142 -8.29 -10.67 41.53
CA ALA NA 142 -7.51 -10.60 40.29
C ALA NA 142 -8.00 -11.56 39.23
N HIS NA 143 -8.84 -12.52 39.61
CA HIS NA 143 -9.26 -13.55 38.67
C HIS NA 143 -8.11 -14.26 37.95
N MSE NA 144 -7.00 -14.53 38.67
CA MSE NA 144 -5.83 -15.24 38.10
C MSE NA 144 -6.18 -16.57 37.43
O MSE NA 144 -5.81 -16.81 36.28
CB MSE NA 144 -4.73 -15.43 39.15
CG MSE NA 144 -4.02 -14.13 39.60
SE MSE NA 144 -3.27 -13.03 38.14
CE MSE NA 144 -1.81 -14.32 37.71
N TRP NA 145 -6.93 -17.41 38.12
CA TRP NA 145 -7.23 -18.72 37.56
C TRP NA 145 -7.90 -18.59 36.20
N GLU NA 146 -9.01 -17.86 36.15
CA GLU NA 146 -9.69 -17.62 34.89
C GLU NA 146 -8.79 -16.99 33.87
N ARG NA 147 -7.88 -16.15 34.31
CA ARG NA 147 -6.98 -15.48 33.37
C ARG NA 147 -5.82 -16.38 32.91
N LEU NA 148 -5.65 -17.51 33.58
CA LEU NA 148 -4.55 -18.39 33.25
C LEU NA 148 -4.97 -19.79 32.75
N ARG NA 149 -6.21 -20.21 33.04
CA ARG NA 149 -6.59 -21.63 32.87
C ARG NA 149 -6.49 -22.15 31.44
N GLY NA 150 -6.77 -21.30 30.47
CA GLY NA 150 -6.66 -21.70 29.06
C GLY NA 150 -5.25 -22.18 28.75
N ALA NA 151 -4.31 -21.25 28.78
CA ALA NA 151 -2.90 -21.56 28.60
C ALA NA 151 -2.42 -22.74 29.47
N ILE NA 152 -2.81 -22.79 30.74
CA ILE NA 152 -2.36 -23.87 31.62
C ILE NA 152 -2.81 -25.21 31.06
N MSE NA 153 -4.11 -25.32 30.79
CA MSE NA 153 -4.70 -26.53 30.25
C MSE NA 153 -4.04 -26.95 28.94
O MSE NA 153 -3.62 -28.09 28.78
CB MSE NA 153 -6.18 -26.33 30.00
CG MSE NA 153 -7.01 -27.44 30.56
SE MSE NA 153 -7.29 -27.01 32.41
CE MSE NA 153 -7.02 -28.81 33.20
N ILE NA 154 -3.96 -26.01 28.00
CA ILE NA 154 -3.37 -26.27 26.71
C ILE NA 154 -1.93 -26.82 26.88
N SER NA 155 -1.06 -26.02 27.49
CA SER NA 155 0.34 -26.42 27.70
C SER NA 155 0.46 -27.77 28.40
N LEU NA 156 -0.45 -28.06 29.32
CA LEU NA 156 -0.43 -29.36 29.98
C LEU NA 156 -0.49 -30.52 28.99
N PHE NA 157 -1.20 -30.32 27.87
CA PHE NA 157 -1.12 -31.28 26.78
C PHE NA 157 0.29 -31.18 26.21
N SER NA 158 0.63 -30.03 25.63
CA SER NA 158 1.97 -29.83 25.02
C SER NA 158 3.07 -30.54 25.83
N ASP NA 159 2.98 -30.43 27.16
CA ASP NA 159 3.88 -31.15 28.04
C ASP NA 159 3.68 -32.65 27.90
N THR NA 160 2.46 -33.14 28.15
CA THR NA 160 2.14 -34.56 27.99
C THR NA 160 2.24 -34.97 26.51
N GLY NA 183 9.18 -17.18 23.22
CA GLY NA 183 7.87 -17.53 23.76
C GLY NA 183 6.95 -18.10 22.71
N LEU NA 185 2.40 -19.36 22.00
CA LEU NA 185 1.34 -19.63 22.97
C LEU NA 185 1.44 -18.71 24.18
N ALA NA 186 2.60 -18.76 24.85
CA ALA NA 186 2.89 -17.92 26.02
C ALA NA 186 2.59 -16.44 25.75
N SER NA 187 2.98 -15.96 24.58
CA SER NA 187 2.73 -14.58 24.20
C SER NA 187 1.27 -14.34 23.93
N GLU NA 188 0.57 -15.36 23.42
CA GLU NA 188 -0.87 -15.26 23.27
C GLU NA 188 -1.54 -15.31 24.65
N ALA NA 189 -1.00 -16.15 25.52
CA ALA NA 189 -1.51 -16.28 26.89
C ALA NA 189 -1.62 -14.90 27.55
N LEU NA 190 -0.49 -14.19 27.57
CA LEU NA 190 -0.38 -12.90 28.23
C LEU NA 190 -1.37 -11.91 27.68
N ARG NA 191 -1.57 -11.96 26.36
CA ARG NA 191 -2.61 -11.21 25.68
C ARG NA 191 -3.99 -11.50 26.31
N SER NA 192 -4.31 -12.79 26.44
CA SER NA 192 -5.60 -13.23 26.96
C SER NA 192 -5.74 -12.88 28.45
N TYR NA 193 -4.62 -13.05 29.17
CA TYR NA 193 -4.48 -12.64 30.56
C TYR NA 193 -4.88 -11.17 30.81
N MSE NA 194 -4.59 -10.31 29.84
CA MSE NA 194 -4.87 -8.89 29.97
C MSE NA 194 -6.27 -8.53 29.55
O MSE NA 194 -6.73 -7.43 29.83
CB MSE NA 194 -3.89 -8.10 29.13
CG MSE NA 194 -2.48 -8.06 29.69
SE MSE NA 194 -1.29 -7.01 28.48
CE MSE NA 194 -2.28 -5.30 28.54
N SER NA 195 -6.98 -9.44 28.90
CA SER NA 195 -8.30 -9.11 28.43
C SER NA 195 -9.32 -9.20 29.55
N ILE NA 196 -9.02 -9.82 30.69
CA ILE NA 196 -9.99 -9.81 31.77
C ILE NA 196 -9.57 -8.99 33.02
N PRO NA 197 -10.40 -8.03 33.44
CA PRO NA 197 -9.93 -7.18 34.51
C PRO NA 197 -10.07 -7.79 35.88
N PRO NA 198 -9.29 -7.29 36.85
CA PRO NA 198 -9.60 -7.64 38.24
C PRO NA 198 -10.92 -6.98 38.58
N THR NA 199 -11.57 -7.36 39.68
CA THR NA 199 -12.77 -6.68 40.08
C THR NA 199 -12.69 -6.33 41.54
N LEU NA 200 -13.41 -5.30 41.95
CA LEU NA 200 -13.31 -4.78 43.31
C LEU NA 200 -14.61 -5.02 44.05
N TYR NA 201 -14.50 -5.42 45.30
CA TYR NA 201 -15.65 -5.60 46.14
C TYR NA 201 -15.51 -4.69 47.32
N ASP NA 202 -16.61 -4.18 47.87
CA ASP NA 202 -16.56 -3.58 49.20
C ASP NA 202 -17.84 -3.89 49.95
N GLN NA 203 -17.71 -4.40 51.16
CA GLN NA 203 -18.84 -4.74 51.99
C GLN NA 203 -19.94 -3.60 52.15
N GLN NA 204 -21.19 -4.01 52.36
CA GLN NA 204 -22.22 -3.14 52.78
C GLN NA 204 -21.84 -2.49 54.10
N GLY NA 205 -22.30 -1.27 54.34
CA GLY NA 205 -22.10 -0.61 55.61
C GLY NA 205 -20.73 -0.06 55.84
N ASP NA 206 -20.00 0.24 54.77
CA ASP NA 206 -18.60 0.68 54.94
C ASP NA 206 -18.64 2.16 55.34
N ALA NA 207 -17.63 2.57 56.11
CA ALA NA 207 -17.47 3.96 56.52
C ALA NA 207 -16.60 4.64 55.48
N VAL NA 208 -17.17 5.65 54.85
CA VAL NA 208 -16.66 6.17 53.61
C VAL NA 208 -17.00 7.66 53.61
N SER NA 209 -16.47 8.39 52.65
CA SER NA 209 -16.78 9.79 52.62
C SER NA 209 -17.02 10.41 51.23
N ILE NA 210 -17.49 11.66 51.20
CA ILE NA 210 -17.70 12.36 49.91
C ILE NA 210 -17.03 13.74 49.92
N PHE NA 211 -16.20 14.04 48.93
CA PHE NA 211 -15.54 15.36 48.88
C PHE NA 211 -16.52 16.33 48.16
N VAL NA 212 -17.00 17.35 48.81
CA VAL NA 212 -17.96 18.23 48.12
C VAL NA 212 -17.25 19.00 47.03
N ALA NA 213 -17.59 18.71 45.78
CA ALA NA 213 -16.85 19.26 44.64
C ALA NA 213 -17.24 20.70 44.19
N ARG NA 214 -18.38 21.17 44.62
CA ARG NA 214 -18.90 22.40 44.07
C ARG NA 214 -19.68 22.98 45.24
N ASP NA 215 -19.78 24.30 45.32
CA ASP NA 215 -20.60 24.94 46.36
C ASP NA 215 -22.05 24.44 46.25
N LEU NA 216 -22.62 24.07 47.38
CA LEU NA 216 -24.02 23.65 47.50
C LEU NA 216 -24.82 24.73 48.19
N ASP NA 217 -25.74 25.34 47.46
CA ASP NA 217 -26.45 26.49 47.95
C ASP NA 217 -27.82 26.09 48.47
N PHE NA 218 -28.06 26.27 49.77
CA PHE NA 218 -29.34 25.94 50.39
C PHE NA 218 -30.25 27.18 50.61
N SER NA 219 -29.84 28.36 50.08
CA SER NA 219 -30.57 29.63 50.17
C SER NA 219 -32.02 29.56 49.82
N GLY NA 220 -32.37 28.74 48.84
CA GLY NA 220 -33.75 28.70 48.41
C GLY NA 220 -34.56 27.74 49.23
N VAL NA 221 -33.95 27.09 50.22
CA VAL NA 221 -34.65 26.02 50.92
C VAL NA 221 -34.74 26.30 52.40
N TYR NA 222 -33.66 26.80 53.00
CA TYR NA 222 -33.67 27.09 54.43
C TYR NA 222 -33.47 28.53 54.72
N THR NA 223 -33.99 28.94 55.87
CA THR NA 223 -33.71 30.25 56.35
C THR NA 223 -33.54 30.20 57.85
N LEU NA 224 -33.27 31.36 58.47
CA LEU NA 224 -32.92 31.42 59.86
C LEU NA 224 -33.92 32.24 60.66
N ALA NA 225 -34.23 31.79 61.87
CA ALA NA 225 -35.10 32.50 62.81
C ALA NA 225 -34.66 32.25 64.25
N ASP NA 226 -34.80 33.21 65.16
CA ASP NA 226 -34.75 32.86 66.60
C ASP NA 226 -36.12 32.36 66.93
N ASN NA 227 -36.29 31.18 67.55
CA ASN NA 227 -35.30 30.55 68.44
C ASN NA 227 -35.25 29.02 68.33
N ALA OA 2 -35.64 40.94 56.51
CA ALA OA 2 -34.94 42.26 56.47
C ALA OA 2 -33.42 42.09 56.50
N ALA OA 3 -32.70 43.13 56.09
CA ALA OA 3 -31.25 43.12 56.13
C ALA OA 3 -30.75 43.30 57.56
N ASP OA 4 -31.54 44.03 58.36
CA ASP OA 4 -31.21 44.25 59.76
C ASP OA 4 -31.55 43.03 60.59
N LYS OA 5 -32.54 42.26 60.13
CA LYS OA 5 -32.92 41.03 60.79
C LYS OA 5 -31.89 39.93 60.54
N LYS OA 6 -31.45 39.82 59.29
CA LYS OA 6 -30.40 38.91 58.94
C LYS OA 6 -29.13 39.16 59.77
N ARG OA 7 -28.89 40.41 60.13
CA ARG OA 7 -27.71 40.80 60.88
C ARG OA 7 -27.80 40.45 62.37
N ILE OA 8 -28.97 40.63 62.96
CA ILE OA 8 -29.17 40.28 64.36
C ILE OA 8 -29.09 38.76 64.55
N THR OA 9 -29.80 38.00 63.70
CA THR OA 9 -29.81 36.52 63.76
C THR OA 9 -28.38 35.97 63.65
N GLN OA 10 -27.63 36.52 62.69
CA GLN OA 10 -26.25 36.15 62.41
C GLN OA 10 -25.28 36.37 63.56
N LYS OA 11 -25.47 37.48 64.29
CA LYS OA 11 -24.68 37.79 65.47
C LYS OA 11 -25.05 36.88 66.62
N LEU OA 12 -26.35 36.74 66.86
CA LEU OA 12 -26.88 35.85 67.87
C LEU OA 12 -26.27 34.47 67.70
N LYS OA 13 -26.31 33.98 66.46
CA LYS OA 13 -25.81 32.65 66.18
C LYS OA 13 -24.31 32.57 66.33
N GLN OA 14 -23.60 33.53 65.75
CA GLN OA 14 -22.17 33.57 65.91
C GLN OA 14 -21.87 33.44 67.38
N THR OA 15 -22.90 33.47 68.21
CA THR OA 15 -22.73 32.93 69.56
C THR OA 15 -23.59 31.72 70.00
N ALA OA 16 -23.19 30.54 69.47
CA ALA OA 16 -23.17 29.35 70.30
C ALA OA 16 -22.10 28.27 70.00
N PHE OA 17 -21.16 28.29 70.93
CA PHE OA 17 -20.44 27.19 71.43
C PHE OA 17 -21.07 27.08 72.85
N ALA OA 18 -22.36 27.42 72.95
CA ALA OA 18 -23.08 27.46 74.20
C ALA OA 18 -23.30 26.10 74.81
N GLY OA 19 -23.30 26.05 76.14
CA GLY OA 19 -23.70 24.85 76.87
C GLY OA 19 -22.67 24.38 77.89
N ALA OA 20 -23.07 23.45 78.73
CA ALA OA 20 -22.16 22.79 79.64
C ALA OA 20 -20.88 22.43 78.90
N LYS OA 21 -19.73 22.69 79.50
CA LYS OA 21 -18.48 22.45 78.83
C LYS OA 21 -17.82 21.23 79.43
N ASN OA 22 -16.98 20.55 78.65
CA ASN OA 22 -16.11 19.46 79.11
C ASN OA 22 -14.65 19.81 78.85
N TYR OA 23 -13.81 19.63 79.86
CA TYR OA 23 -12.40 19.99 79.79
C TYR OA 23 -11.55 18.77 80.04
N GLN OA 24 -12.19 17.62 80.06
CA GLN OA 24 -11.47 16.43 80.50
C GLN OA 24 -10.69 15.82 79.36
N TYR OA 25 -9.59 16.47 78.97
CA TYR OA 25 -8.80 16.01 77.82
C TYR OA 25 -7.37 15.72 78.24
N VAL OA 26 -6.80 14.63 77.74
CA VAL OA 26 -5.35 14.33 77.98
C VAL OA 26 -4.64 14.17 76.66
N MSE OA 27 -3.34 14.31 76.65
CA MSE OA 27 -2.62 14.21 75.38
C MSE OA 27 -1.31 13.50 75.58
O MSE OA 27 -0.77 13.50 76.70
CB MSE OA 27 -2.36 15.61 74.78
CG MSE OA 27 -1.54 16.46 75.64
SE MSE OA 27 -0.86 18.15 74.94
CE MSE OA 27 -2.47 19.13 74.79
N SER OA 28 -0.78 12.90 74.51
CA SER OA 28 0.57 12.37 74.56
C SER OA 28 1.50 13.54 74.77
N GLU OA 29 2.61 13.30 75.46
CA GLU OA 29 3.61 14.32 75.71
C GLU OA 29 4.96 13.82 75.24
N GLN OA 30 5.42 14.34 74.09
CA GLN OA 30 6.72 13.96 73.49
C GLN OA 30 7.39 15.27 73.14
N PRO OA 31 8.58 15.48 73.66
CA PRO OA 31 9.20 16.77 73.44
C PRO OA 31 9.41 17.16 71.93
N GLU OA 32 9.78 16.23 71.05
CA GLU OA 32 9.79 16.52 69.60
C GLU OA 32 8.48 17.14 69.07
N MSE OA 33 7.36 16.98 69.76
CA MSE OA 33 6.07 17.30 69.18
C MSE OA 33 5.49 18.55 69.80
O MSE OA 33 4.35 18.90 69.49
CB MSE OA 33 5.07 16.17 69.33
CG MSE OA 33 5.55 14.83 68.96
SE MSE OA 33 6.12 14.64 67.10
CE MSE OA 33 6.35 12.69 67.03
N ARG OA 34 6.25 19.25 70.66
CA ARG OA 34 5.70 20.42 71.38
C ARG OA 34 5.31 21.49 70.39
N SER OA 35 5.96 21.47 69.24
CA SER OA 35 5.77 22.57 68.30
C SER OA 35 4.40 22.57 67.69
N ILE OA 36 3.63 21.50 67.92
CA ILE OA 36 2.25 21.45 67.48
C ILE OA 36 1.27 21.09 68.58
N GLN OA 37 1.71 21.16 69.83
CA GLN OA 37 0.78 20.90 70.94
C GLN OA 37 -0.28 21.99 71.10
N PRO OA 38 -1.46 21.65 71.54
CA PRO OA 38 -2.45 22.72 71.76
C PRO OA 38 -2.32 23.26 73.17
N VAL OA 39 -2.81 24.47 73.42
CA VAL OA 39 -2.83 25.03 74.73
C VAL OA 39 -4.10 24.55 75.39
N HIS OA 40 -5.21 24.53 74.67
CA HIS OA 40 -6.47 24.02 75.21
C HIS OA 40 -7.24 23.06 74.30
N VAL OA 41 -8.12 22.28 74.89
CA VAL OA 41 -9.14 21.55 74.15
C VAL OA 41 -10.37 21.45 75.03
N TRP OA 42 -11.44 22.26 74.90
CA TRP OA 42 -12.61 21.79 75.54
C TRP OA 42 -13.65 21.39 74.52
N ASP OA 43 -14.82 21.02 74.98
CA ASP OA 43 -15.96 20.83 74.12
C ASP OA 43 -17.25 21.21 74.81
N ASN OA 44 -18.31 21.02 74.07
CA ASN OA 44 -19.59 21.63 74.11
C ASN OA 44 -20.55 20.49 74.09
N TYR OA 45 -20.00 19.30 73.98
CA TYR OA 45 -20.75 18.10 73.68
C TYR OA 45 -21.31 18.12 72.27
N ARG OA 46 -21.05 19.18 71.51
CA ARG OA 46 -21.44 19.24 70.09
C ARG OA 46 -20.22 19.50 69.18
N PHE OA 47 -19.45 20.57 69.50
CA PHE OA 47 -18.30 21.01 68.75
C PHE OA 47 -17.08 20.91 69.66
N THR OA 48 -15.87 20.78 69.09
CA THR OA 48 -14.66 20.64 69.92
C THR OA 48 -13.67 21.71 69.54
N ARG OA 49 -13.09 22.39 70.52
CA ARG OA 49 -12.13 23.43 70.22
C ARG OA 49 -10.73 23.02 70.52
N PHE OA 50 -9.83 23.29 69.57
CA PHE OA 50 -8.41 23.04 69.74
C PHE OA 50 -7.80 24.40 69.67
N GLU OA 51 -7.21 24.83 70.76
CA GLU OA 51 -6.64 26.15 70.79
C GLU OA 51 -5.12 26.14 70.81
N PHE OA 52 -4.49 26.90 69.90
CA PHE OA 52 -3.03 26.91 69.75
C PHE OA 52 -2.50 28.27 70.16
N PRO OA 53 -1.18 28.40 70.44
CA PRO OA 53 -0.68 29.76 70.71
C PRO OA 53 -1.05 30.76 69.57
N ALA OA 54 -1.28 32.01 69.95
CA ALA OA 54 -1.69 33.08 69.02
C ALA OA 54 -1.01 33.10 67.67
N ASN OA 55 0.31 32.98 67.67
CA ASN OA 55 1.10 33.13 66.45
C ASN OA 55 1.70 31.85 66.00
N ALA OA 56 1.27 30.73 66.56
CA ALA OA 56 1.81 29.43 66.13
C ALA OA 56 1.18 29.02 64.79
N GLU OA 57 1.96 28.28 64.02
CA GLU OA 57 1.44 27.68 62.81
C GLU OA 57 0.27 26.74 63.13
N LEU OA 58 -0.77 26.76 62.30
CA LEU OA 58 -1.93 25.88 62.51
C LEU OA 58 -1.67 24.46 62.02
N PRO OA 59 -1.62 23.49 62.93
CA PRO OA 59 -1.53 22.12 62.44
C PRO OA 59 -2.92 21.64 62.08
N GLN OA 60 -3.05 20.39 61.68
CA GLN OA 60 -4.31 19.92 61.15
C GLN OA 60 -4.90 18.91 62.13
N VAL OA 61 -6.23 18.77 62.25
CA VAL OA 61 -6.75 17.79 63.24
C VAL OA 61 -7.64 16.68 62.64
N TYR OA 62 -7.49 15.47 63.20
CA TYR OA 62 -8.21 14.28 62.69
C TYR OA 62 -8.94 13.61 63.84
N MSE OA 63 -10.12 13.04 63.56
CA MSE OA 63 -10.85 12.35 64.64
C MSE OA 63 -10.81 10.82 64.50
O MSE OA 63 -10.66 10.32 63.39
CB MSE OA 63 -12.27 12.85 64.76
CG MSE OA 63 -13.19 12.21 63.78
SE MSE OA 63 -15.08 12.70 64.09
CE MSE OA 63 -15.79 10.93 63.91
N ILE OA 64 -10.87 10.10 65.64
CA ILE OA 64 -11.08 8.68 65.60
C ILE OA 64 -12.58 8.40 65.62
N SER OA 65 -13.08 7.88 64.51
CA SER OA 65 -14.51 7.72 64.32
C SER OA 65 -15.05 6.53 65.07
N ALA OA 66 -16.36 6.45 65.21
CA ALA OA 66 -17.04 5.23 65.68
C ALA OA 66 -16.68 3.96 64.90
N SER OA 67 -16.20 4.14 63.69
CA SER OA 67 -15.82 2.97 62.87
C SER OA 67 -14.46 2.41 63.29
N GLY OA 68 -13.73 3.13 64.15
CA GLY OA 68 -12.33 2.80 64.45
C GLY OA 68 -11.26 3.49 63.61
N LYS OA 69 -11.64 4.13 62.50
CA LYS OA 69 -10.68 4.75 61.60
C LYS OA 69 -10.35 6.23 61.90
N GLU OA 70 -9.12 6.66 61.60
CA GLU OA 70 -8.78 8.05 61.68
C GLU OA 70 -9.52 8.69 60.55
N THR OA 71 -10.18 9.84 60.76
CA THR OA 71 -11.11 10.42 59.81
C THR OA 71 -11.00 11.91 59.71
N LEU OA 72 -11.09 12.45 58.48
CA LEU OA 72 -11.06 13.91 58.28
C LEU OA 72 -12.41 14.52 58.66
N PRO OA 73 -12.46 15.34 59.71
CA PRO OA 73 -13.75 16.00 60.01
C PRO OA 73 -13.87 17.33 59.29
N ASN OA 74 -14.95 18.06 59.53
CA ASN OA 74 -15.06 19.49 59.06
C ASN OA 74 -14.87 20.42 60.24
N SER OA 75 -14.30 21.61 60.02
CA SER OA 75 -14.01 22.53 61.10
C SER OA 75 -13.72 23.92 60.56
N HIS OA 76 -13.85 24.96 61.37
CA HIS OA 76 -13.61 26.37 60.95
C HIS OA 76 -12.73 26.98 62.03
N VAL OA 77 -11.98 28.04 61.74
CA VAL OA 77 -11.26 28.70 62.81
C VAL OA 77 -12.01 29.90 63.46
N VAL OA 78 -11.81 30.06 64.76
CA VAL OA 78 -12.43 31.12 65.50
C VAL OA 78 -11.37 31.90 66.22
N GLY OA 79 -11.71 33.12 66.64
CA GLY OA 79 -10.76 33.97 67.34
C GLY OA 79 -10.06 35.01 66.48
N GLU OA 80 -9.75 36.12 67.15
CA GLU OA 80 -9.02 37.25 66.61
C GLU OA 80 -7.69 36.83 66.02
N ASN OA 81 -7.15 35.75 66.58
CA ASN OA 81 -5.83 35.34 66.18
C ASN OA 81 -5.86 34.10 65.30
N ARG OA 82 -7.04 33.69 64.87
CA ARG OA 82 -7.19 32.54 63.99
C ARG OA 82 -6.41 31.33 64.58
N ASN OA 83 -6.47 31.14 65.89
CA ASN OA 83 -5.66 30.13 66.50
C ASN OA 83 -6.45 29.01 67.16
N ILE OA 84 -7.76 29.01 66.98
CA ILE OA 84 -8.62 28.02 67.55
C ILE OA 84 -9.37 27.31 66.43
N ILE OA 85 -9.20 25.99 66.36
CA ILE OA 85 -9.91 25.18 65.38
C ILE OA 85 -11.13 24.63 66.08
N GLU OA 86 -12.31 25.01 65.62
CA GLU OA 86 -13.54 24.53 66.18
C GLU OA 86 -14.08 23.41 65.26
N VAL OA 87 -14.01 22.18 65.72
CA VAL OA 87 -14.36 21.09 64.85
C VAL OA 87 -15.84 20.92 64.99
N GLU OA 88 -16.51 20.63 63.90
CA GLU OA 88 -17.95 20.59 63.93
C GLU OA 88 -18.48 19.28 64.44
N THR OA 89 -17.79 18.68 65.39
CA THR OA 89 -18.13 17.38 65.82
C THR OA 89 -17.47 17.09 67.16
N VAL OA 90 -17.78 15.95 67.77
CA VAL OA 90 -17.24 15.59 69.09
C VAL OA 90 -16.82 14.13 69.04
N ALA OA 91 -15.76 13.76 69.72
CA ALA OA 91 -15.25 12.37 69.57
C ALA OA 91 -14.45 11.88 70.75
N LYS OA 92 -14.31 10.57 70.83
CA LYS OA 92 -13.57 9.95 71.88
C LYS OA 92 -12.11 10.29 71.79
N GLU OA 93 -11.58 10.44 70.58
CA GLU OA 93 -10.12 10.55 70.42
C GLU OA 93 -9.73 11.28 69.15
N TRP OA 94 -8.53 11.87 69.17
CA TRP OA 94 -8.13 12.84 68.16
C TRP OA 94 -6.66 12.70 67.82
N ARG OA 95 -6.25 13.10 66.62
CA ARG OA 95 -4.87 13.27 66.31
C ARG OA 95 -4.70 14.67 65.79
N ILE OA 96 -3.59 15.30 66.20
CA ILE OA 96 -3.20 16.60 65.67
C ILE OA 96 -1.94 16.30 64.85
N ARG OA 97 -1.89 16.83 63.62
CA ARG OA 97 -0.80 16.46 62.69
C ARG OA 97 -0.36 17.64 61.85
N LEU OA 98 0.96 17.79 61.69
CA LEU OA 98 1.61 18.65 60.68
C LEU OA 98 2.90 18.00 60.23
N GLY OA 99 3.01 17.68 58.95
CA GLY OA 99 4.20 16.93 58.51
C GLY OA 99 4.30 15.63 59.29
N ASP OA 100 5.46 15.26 59.78
CA ASP OA 100 5.55 14.05 60.56
C ASP OA 100 5.36 14.25 62.05
N LYS OA 101 4.87 15.40 62.45
CA LYS OA 101 4.59 15.61 63.85
C LYS OA 101 3.20 15.13 64.18
N VAL OA 102 3.04 14.56 65.37
CA VAL OA 102 1.70 14.10 65.77
C VAL OA 102 1.52 14.20 67.26
N VAL OA 103 0.31 14.56 67.66
CA VAL OA 103 -0.06 14.56 69.08
C VAL OA 103 -1.40 13.87 69.25
N GLY OA 104 -1.45 12.83 70.06
CA GLY OA 104 -2.68 12.13 70.35
C GLY OA 104 -3.41 12.91 71.43
N VAL OA 105 -4.72 13.08 71.26
CA VAL OA 105 -5.52 13.77 72.23
C VAL OA 105 -6.70 12.86 72.51
N ARG OA 106 -6.94 12.60 73.79
CA ARG OA 106 -8.05 11.77 74.15
C ARG OA 106 -9.09 12.50 75.03
N ASN OA 107 -10.35 12.21 74.76
CA ASN OA 107 -11.44 12.83 75.45
C ASN OA 107 -11.91 11.90 76.59
N ASN OA 108 -11.60 12.24 77.84
CA ASN OA 108 -12.03 11.40 78.93
C ASN OA 108 -13.51 11.48 79.35
N ASN OA 109 -14.32 12.31 78.69
CA ASN OA 109 -15.71 12.37 79.00
C ASN OA 109 -16.52 12.50 77.71
N PHE OA 110 -16.35 11.55 76.80
CA PHE OA 110 -17.11 11.50 75.57
C PHE OA 110 -18.50 10.95 75.88
N ALA OA 111 -19.55 11.75 75.69
CA ALA OA 111 -20.90 11.37 76.08
C ALA OA 111 -21.86 11.67 74.94
N PRO OA 112 -21.78 10.88 73.86
CA PRO OA 112 -22.71 11.13 72.75
C PRO OA 112 -24.03 10.89 73.38
N GLY OA 113 -25.11 11.49 72.95
CA GLY OA 113 -26.23 11.34 73.88
C GLY OA 113 -26.39 12.58 74.71
N ARG OA 114 -25.30 13.18 75.19
CA ARG OA 114 -25.44 14.45 75.86
C ARG OA 114 -25.30 15.57 74.88
N GLY OA 115 -25.90 16.71 75.22
CA GLY OA 115 -25.66 17.95 74.51
C GLY OA 115 -26.11 18.18 73.09
N ALA OA 116 -27.00 17.37 72.55
CA ALA OA 116 -27.61 17.71 71.24
C ALA OA 116 -28.52 18.93 71.33
N VAL OA 117 -28.62 19.68 70.25
CA VAL OA 117 -29.69 20.72 70.17
C VAL OA 117 -30.49 20.43 68.91
N ALA OA 118 -31.77 20.74 68.91
CA ALA OA 118 -32.62 20.23 67.88
C ALA OA 118 -33.08 21.37 67.06
N THR OA 119 -32.18 22.29 66.83
CA THR OA 119 -32.53 23.60 66.40
C THR OA 119 -32.27 23.76 64.91
N GLY OA 120 -31.41 22.90 64.34
CA GLY OA 120 -30.93 23.05 62.96
C GLY OA 120 -29.79 24.06 62.80
N THR OA 121 -29.31 24.64 63.91
CA THR OA 121 -28.09 25.43 63.86
C THR OA 121 -27.10 25.04 64.95
N ALA OA 122 -25.94 25.65 64.98
CA ALA OA 122 -25.01 25.42 66.10
C ALA OA 122 -25.53 25.97 67.42
N SER OA 123 -26.63 26.70 67.41
CA SER OA 123 -27.01 27.47 68.59
C SER OA 123 -28.36 27.04 69.15
N PRO OA 124 -28.50 27.07 70.48
CA PRO OA 124 -29.80 26.78 71.05
C PRO OA 124 -30.79 27.87 70.75
N ASP OA 125 -30.30 29.02 70.29
CA ASP OA 125 -31.14 30.23 70.19
C ASP OA 125 -31.49 30.67 68.79
N VAL OA 126 -30.91 30.00 67.78
CA VAL OA 126 -31.32 30.24 66.41
C VAL OA 126 -31.76 28.92 65.78
N ARG OA 127 -32.75 28.98 64.90
CA ARG OA 127 -33.25 27.73 64.39
C ARG OA 127 -33.35 27.75 62.90
N ARG OA 128 -33.06 26.61 62.27
CA ARG OA 128 -33.18 26.48 60.82
C ARG OA 128 -34.65 26.23 60.44
N VAL OA 129 -35.15 26.98 59.48
CA VAL OA 129 -36.54 26.88 59.09
C VAL OA 129 -36.63 26.57 57.64
N GLN OA 130 -37.44 25.59 57.30
CA GLN OA 130 -37.62 25.26 55.88
C GLN OA 130 -38.56 26.29 55.25
N ILE OA 131 -38.07 27.05 54.27
CA ILE OA 131 -38.99 27.88 53.46
C ILE OA 131 -39.77 27.03 52.46
N HIS PA 5 3.22 1.64 51.16
CA HIS PA 5 2.99 2.98 51.75
C HIS PA 5 3.03 2.92 53.27
N LYS PA 6 3.84 3.76 53.90
CA LYS PA 6 3.92 3.70 55.34
C LYS PA 6 2.99 4.82 55.89
N PRO PA 7 2.09 4.49 56.84
CA PRO PA 7 1.14 5.45 57.42
C PRO PA 7 1.83 6.52 58.25
N PRO PA 8 1.11 7.57 58.64
CA PRO PA 8 1.76 8.67 59.37
C PRO PA 8 2.04 8.24 60.78
N PRO PA 9 2.89 8.96 61.50
CA PRO PA 9 3.32 8.45 62.79
C PRO PA 9 2.17 8.33 63.77
N GLU PA 10 2.32 7.47 64.78
CA GLU PA 10 1.37 7.39 65.89
C GLU PA 10 1.97 8.02 67.15
N PRO PA 11 1.14 8.58 68.02
CA PRO PA 11 1.78 9.25 69.14
C PRO PA 11 2.39 8.22 70.09
N ASP PA 12 3.37 8.66 70.87
CA ASP PA 12 3.85 7.81 71.94
C ASP PA 12 3.21 8.26 73.23
N TRP PA 13 2.42 7.40 73.88
CA TRP PA 13 1.70 7.83 75.08
C TRP PA 13 2.41 7.62 76.44
N SER PA 14 3.66 7.15 76.41
CA SER PA 14 4.45 6.86 77.64
C SER PA 14 4.28 7.94 78.63
N ASN PA 15 4.32 9.16 78.18
CA ASN PA 15 4.04 10.23 79.08
C ASN PA 15 2.78 10.95 78.61
N THR PA 16 1.66 10.76 79.32
CA THR PA 16 0.37 11.37 78.96
C THR PA 16 0.05 12.36 80.04
N VAL PA 17 -0.63 13.43 79.72
CA VAL PA 17 -0.52 14.66 80.49
C VAL PA 17 -1.82 15.46 80.24
N PRO PA 18 -2.36 16.14 81.24
CA PRO PA 18 -3.57 16.90 80.93
C PRO PA 18 -3.29 18.04 79.96
N VAL PA 19 -4.24 18.29 79.08
CA VAL PA 19 -4.12 19.35 78.09
C VAL PA 19 -4.29 20.74 78.78
N ASN PA 20 -5.38 20.89 79.52
CA ASN PA 20 -5.74 22.16 80.09
C ASN PA 20 -5.01 22.47 81.42
N LYS PA 21 -3.88 23.18 81.35
CA LYS PA 21 -3.22 23.64 82.53
C LYS PA 21 -4.08 24.72 83.17
N THR PA 22 -4.96 25.37 82.38
CA THR PA 22 -5.88 26.39 82.90
C THR PA 22 -7.19 26.18 82.17
N ILE PA 23 -8.29 26.76 82.71
CA ILE PA 23 -9.60 26.57 82.14
C ILE PA 23 -9.78 27.57 81.02
N PRO PA 24 -10.13 27.11 79.80
CA PRO PA 24 -10.34 28.03 78.70
C PRO PA 24 -11.61 28.86 78.87
N VAL PA 25 -11.72 29.96 78.14
CA VAL PA 25 -12.96 30.74 78.12
C VAL PA 25 -13.53 30.92 76.69
N ASP PA 26 -14.85 30.86 76.55
CA ASP PA 26 -15.48 31.13 75.27
C ASP PA 26 -15.79 32.62 75.22
N THR PA 27 -15.05 33.35 74.40
CA THR PA 27 -15.23 34.79 74.29
C THR PA 27 -16.42 35.14 73.39
C1 MPD QA . -37.85 -34.02 27.29
C2 MPD QA . -36.72 -33.16 27.82
O2 MPD QA . -35.84 -34.04 28.55
CM MPD QA . -37.27 -32.14 28.78
C3 MPD QA . -35.95 -32.48 26.69
C4 MPD QA . -34.44 -32.76 26.53
O4 MPD QA . -33.84 -31.69 25.82
C5 MPD QA . -33.64 -32.97 27.80
N1 LDA RA . -29.66 -9.03 22.45
O1 LDA RA . -29.45 -9.16 23.66
CM1 LDA RA . -30.12 -7.68 22.43
CM2 LDA RA . -28.42 -9.22 21.66
C1 LDA RA . -30.80 -9.90 22.13
C2 LDA RA . -30.77 -10.47 20.71
C3 LDA RA . -31.96 -11.40 20.62
C4 LDA RA . -31.90 -12.66 21.52
C5 LDA RA . -31.59 -13.99 20.84
C6 LDA RA . -30.48 -13.97 19.76
C7 LDA RA . -29.31 -14.92 20.05
C8 LDA RA . -29.67 -16.26 20.70
C9 LDA RA . -29.08 -17.41 19.91
C10 LDA RA . -29.92 -18.74 19.94
C11 LDA RA . -30.48 -19.26 18.59
C12 LDA RA . -29.88 -19.06 17.15
C1 MPD SA . 25.49 22.97 41.18
C2 MPD SA . 25.13 22.39 42.53
O2 MPD SA . 26.25 21.55 42.85
CM MPD SA . 23.84 21.60 42.43
C3 MPD SA . 24.88 23.47 43.61
C4 MPD SA . 26.15 23.89 44.35
O4 MPD SA . 27.16 24.19 43.41
C5 MPD SA . 25.91 25.07 45.27
C1 MPD TA . 7.47 13.76 51.87
C2 MPD TA . 6.75 12.69 52.67
O2 MPD TA . 7.72 11.69 53.01
CM MPD TA . 5.79 11.96 51.77
C3 MPD TA . 6.09 13.27 53.94
C4 MPD TA . 7.00 13.55 55.16
O4 MPD TA . 8.20 14.22 54.84
C5 MPD TA . 6.39 14.51 56.17
#